data_3BLX
#
_entry.id   3BLX
#
_cell.length_a   112.444
_cell.length_b   115.208
_cell.length_c   159.247
_cell.angle_alpha   111.03
_cell.angle_beta   96.08
_cell.angle_gamma   107.13
#
_symmetry.space_group_name_H-M   'P 1'
#
loop_
_entity.id
_entity.type
_entity.pdbx_description
1 polymer 'Isocitrate dehydrogenase [NAD] subunit 1'
2 polymer 'Isocitrate dehydrogenase [NAD] subunit 2'
#
loop_
_entity_poly.entity_id
_entity_poly.type
_entity_poly.pdbx_seq_one_letter_code
_entity_poly.pdbx_strand_id
1 'polypeptide(L)'
;ATAAQAERTLPKKYGGRFTVTLIPGDGVGKEITDSVRTIFEAENIPIDWETINIKQTDHKEGVYEAVESLKRNKIGLKGL
WHTPADQTGHGSLNVALRKQLDIYANVALFKSLKGVKTRIPDIDLIVIRENTEGEFSGLEHESVPGVVESLKVMTRPKTE
RIARFAFDFAKKYNRKSVTAVHKANIMKLGDGLFRNIITEIGQKEYPDIDVSSIIVDNASMQAVAKPHQFDVLVTPSMYG
TILGNIGAALIGGPGLVAGANFGRDYAVFEPGSRHVGLDIKGQNVANPTAMILSSTLMLNHLGLNEYATRISKAVHETIA
EGKHTTRDIGGSSSTTDFTNEIINKLSTM
;
A,C,E,G,I,K,M,O
2 'polypeptide(L)'
;ATVKQPSIGRYTGKPNPSTGKYTVSFIEGDGIGPEISKSVKKIFSAANVPIEWESCDVSPIFVNGLTTIPDPAVQSITKN
LVALKGPLATPIGKGHRSLNLTLRKTFGLFANVRPAKSIEGFKTTYENVDLVLIRENTEGEYSGIEHIVCPGVVQSIKLI
TRDASERVIRYAFEYARAIGRPRVIVVHKSTIQRLADGLFVNVAKELSKEYPDLTLETELIDNSVLKVVTNPSAYTDAVS
VCPNLYGDILSDLNSGLSAGSLGLTPSANIGHKISIFEAVHGSAPDIAGQDKANPTALLLSSVMMLNHMGLTNHADQIQN
AVLSTIASGPENRTGDLAGTATTSSFTEAVIKRL
;
B,D,F,H,J,L,N,P
#
# COMPACT_ATOMS: atom_id res chain seq x y z
N LYS A 13 24.98 -21.53 37.50
CA LYS A 13 26.17 -22.12 36.88
C LYS A 13 25.90 -22.54 35.43
N TYR A 14 25.32 -21.62 34.65
CA TYR A 14 24.71 -21.91 33.33
C TYR A 14 25.68 -22.45 32.22
N GLY A 15 25.27 -22.32 30.95
CA GLY A 15 26.05 -22.85 29.84
C GLY A 15 25.69 -22.28 28.46
N GLY A 16 25.15 -21.06 28.44
CA GLY A 16 24.81 -20.40 27.18
C GLY A 16 24.65 -18.88 27.20
N ARG A 17 24.79 -18.29 26.01
CA ARG A 17 24.48 -16.88 25.83
C ARG A 17 23.24 -16.72 24.95
N PHE A 18 22.21 -16.09 25.51
CA PHE A 18 21.04 -15.67 24.74
C PHE A 18 21.41 -14.60 23.73
N THR A 19 20.99 -14.77 22.48
CA THR A 19 21.07 -13.66 21.55
C THR A 19 19.75 -12.90 21.56
N VAL A 20 19.77 -11.64 21.98
CA VAL A 20 18.54 -10.85 21.93
C VAL A 20 18.66 -9.59 21.07
N THR A 21 17.63 -9.33 20.28
CA THR A 21 17.58 -8.22 19.36
C THR A 21 17.58 -6.92 20.13
N LEU A 22 18.39 -5.96 19.66
CA LEU A 22 18.48 -4.66 20.31
C LEU A 22 18.24 -3.58 19.27
N ILE A 23 17.24 -2.76 19.51
CA ILE A 23 16.82 -1.73 18.56
C ILE A 23 16.85 -0.42 19.32
N PRO A 24 17.95 0.33 19.21
CA PRO A 24 18.21 1.45 20.11
C PRO A 24 17.35 2.63 19.83
N GLY A 25 17.03 2.87 18.59
CA GLY A 25 16.20 4.03 18.31
C GLY A 25 16.97 5.28 17.93
N ASP A 26 16.42 6.43 18.30
CA ASP A 26 17.06 7.68 17.94
C ASP A 26 18.21 8.00 18.90
N GLY A 27 18.60 9.27 18.96
CA GLY A 27 19.68 9.73 19.82
C GLY A 27 19.47 9.39 21.28
N VAL A 28 18.36 9.84 21.86
CA VAL A 28 18.01 9.55 23.26
C VAL A 28 17.82 8.06 23.51
N GLY A 29 17.22 7.39 22.54
CA GLY A 29 17.06 5.96 22.62
C GLY A 29 18.40 5.30 22.71
N LYS A 30 19.38 5.82 21.98
CA LYS A 30 20.71 5.26 22.05
C LYS A 30 21.34 5.54 23.42
N GLU A 31 21.12 6.74 23.96
CA GLU A 31 21.64 7.05 25.28
C GLU A 31 21.13 6.04 26.31
N ILE A 32 19.81 5.89 26.40
CA ILE A 32 19.23 5.01 27.43
C ILE A 32 19.49 3.52 27.14
N THR A 33 19.53 3.15 25.87
CA THR A 33 19.92 1.78 25.52
C THR A 33 21.34 1.49 25.98
N ASP A 34 22.23 2.46 25.79
CA ASP A 34 23.62 2.28 26.17
C ASP A 34 23.76 2.13 27.68
N SER A 35 22.95 2.85 28.42
CA SER A 35 22.93 2.65 29.86
C SER A 35 22.72 1.17 30.18
N VAL A 36 21.80 0.51 29.49
CA VAL A 36 21.49 -0.86 29.80
C VAL A 36 22.65 -1.75 29.37
N ARG A 37 23.13 -1.57 28.15
CA ARG A 37 24.33 -2.26 27.68
C ARG A 37 25.48 -2.17 28.71
N THR A 38 25.67 -0.97 29.28
CA THR A 38 26.73 -0.72 30.25
C THR A 38 26.47 -1.50 31.52
N ILE A 39 25.29 -1.35 32.12
CA ILE A 39 24.95 -2.13 33.30
C ILE A 39 25.06 -3.65 33.06
N PHE A 40 24.77 -4.09 31.84
CA PHE A 40 24.72 -5.52 31.58
C PHE A 40 26.11 -6.13 31.49
N GLU A 41 27.04 -5.43 30.85
CA GLU A 41 28.42 -5.93 30.75
C GLU A 41 29.08 -5.92 32.13
N ALA A 42 28.74 -4.91 32.92
CA ALA A 42 29.28 -4.75 34.25
C ALA A 42 28.84 -5.87 35.17
N GLU A 43 27.66 -6.42 34.89
CA GLU A 43 27.12 -7.49 35.71
C GLU A 43 27.51 -8.82 35.07
N ASN A 44 28.15 -8.72 33.92
CA ASN A 44 28.57 -9.87 33.13
C ASN A 44 27.44 -10.86 32.83
N ILE A 45 26.40 -10.36 32.16
CA ILE A 45 25.20 -11.16 31.91
C ILE A 45 25.39 -11.93 30.60
N PRO A 46 24.97 -13.20 30.57
CA PRO A 46 25.17 -14.04 29.38
C PRO A 46 24.24 -13.61 28.23
N ILE A 47 24.30 -12.32 27.86
CA ILE A 47 23.48 -11.84 26.76
C ILE A 47 24.33 -11.19 25.69
N ASP A 48 24.18 -11.66 24.45
CA ASP A 48 24.81 -11.06 23.29
C ASP A 48 23.75 -10.27 22.51
N TRP A 49 23.97 -8.98 22.37
CA TRP A 49 23.08 -8.15 21.60
C TRP A 49 23.27 -8.35 20.10
N GLU A 50 22.16 -8.45 19.39
CA GLU A 50 22.19 -8.43 17.94
C GLU A 50 21.62 -7.09 17.57
N THR A 51 22.46 -6.07 17.58
CA THR A 51 21.96 -4.71 17.45
C THR A 51 21.61 -4.31 16.00
N ILE A 52 20.42 -3.76 15.82
CA ILE A 52 19.89 -3.44 14.51
C ILE A 52 19.78 -1.94 14.35
N ASN A 53 20.25 -1.38 13.24
CA ASN A 53 20.04 0.05 13.03
C ASN A 53 18.87 0.33 12.09
N ILE A 54 17.82 0.95 12.62
CA ILE A 54 16.84 1.60 11.78
C ILE A 54 17.09 3.10 11.89
N LYS A 55 16.93 3.82 10.78
CA LYS A 55 17.02 5.29 10.82
C LYS A 55 15.69 5.93 11.27
N GLN A 56 14.87 6.37 10.31
CA GLN A 56 13.53 6.87 10.59
C GLN A 56 12.74 5.75 11.28
N THR A 57 11.58 6.06 11.86
CA THR A 57 10.69 4.99 12.32
C THR A 57 10.10 4.20 11.14
N ASP A 58 10.41 4.63 9.91
CA ASP A 58 9.86 4.08 8.66
C ASP A 58 10.92 3.55 7.65
N HIS A 59 12.19 3.61 8.04
CA HIS A 59 13.30 3.13 7.18
C HIS A 59 13.09 1.67 6.76
N LYS A 60 12.73 1.47 5.51
CA LYS A 60 12.16 0.20 5.12
C LYS A 60 13.08 -1.01 5.31
N GLU A 61 14.36 -0.84 5.02
CA GLU A 61 15.33 -1.92 5.12
C GLU A 61 15.67 -2.29 6.57
N GLY A 62 15.48 -1.33 7.47
CA GLY A 62 15.79 -1.49 8.89
C GLY A 62 14.66 -2.23 9.60
N VAL A 63 13.43 -1.86 9.24
CA VAL A 63 12.27 -2.53 9.78
C VAL A 63 12.29 -4.02 9.38
N TYR A 64 12.56 -4.28 8.10
CA TYR A 64 12.69 -5.64 7.64
C TYR A 64 13.77 -6.39 8.42
N GLU A 65 14.87 -5.72 8.73
CA GLU A 65 15.98 -6.38 9.41
C GLU A 65 15.67 -6.66 10.86
N ALA A 66 14.86 -5.79 11.46
CA ALA A 66 14.52 -5.91 12.85
C ALA A 66 13.54 -7.08 12.96
N VAL A 67 12.55 -7.10 12.05
CA VAL A 67 11.57 -8.16 12.07
C VAL A 67 12.31 -9.49 11.92
N GLU A 68 13.21 -9.54 10.96
CA GLU A 68 13.92 -10.79 10.66
C GLU A 68 14.76 -11.24 11.88
N SER A 69 15.31 -10.27 12.58
CA SER A 69 16.10 -10.57 13.76
C SER A 69 15.26 -11.10 14.93
N LEU A 70 14.03 -10.57 15.09
CA LEU A 70 13.10 -11.04 16.14
C LEU A 70 12.60 -12.43 15.77
N LYS A 71 12.34 -12.65 14.48
CA LYS A 71 11.98 -14.00 14.04
C LYS A 71 13.05 -15.00 14.47
N ARG A 72 14.31 -14.60 14.39
CA ARG A 72 15.35 -15.54 14.81
C ARG A 72 15.49 -15.64 16.31
N ASN A 73 15.53 -14.50 17.00
CA ASN A 73 15.84 -14.50 18.42
C ASN A 73 14.63 -14.54 19.36
N LYS A 74 13.45 -14.20 18.86
CA LYS A 74 12.19 -14.20 19.66
C LYS A 74 12.09 -13.10 20.75
N ILE A 75 13.23 -12.69 21.34
CA ILE A 75 13.22 -11.66 22.37
C ILE A 75 13.89 -10.36 21.89
N GLY A 76 13.44 -9.22 22.38
CA GLY A 76 13.95 -7.97 21.87
C GLY A 76 13.86 -6.87 22.90
N LEU A 77 14.82 -5.97 22.84
CA LEU A 77 14.82 -4.79 23.71
C LEU A 77 14.89 -3.58 22.78
N LYS A 78 14.02 -2.60 23.00
CA LYS A 78 13.75 -1.57 22.00
C LYS A 78 13.70 -0.23 22.68
N GLY A 79 14.36 0.75 22.08
CA GLY A 79 14.42 2.09 22.62
C GLY A 79 13.35 2.94 21.99
N LEU A 80 13.61 4.23 21.87
CA LEU A 80 12.59 5.14 21.39
C LEU A 80 12.96 5.85 20.10
N TRP A 81 11.93 6.19 19.32
CA TRP A 81 11.97 7.34 18.43
C TRP A 81 11.00 8.37 18.98
N HIS A 82 11.44 9.62 19.07
CA HIS A 82 10.55 10.64 19.62
C HIS A 82 9.86 11.40 18.51
N THR A 83 9.61 10.69 17.41
CA THR A 83 8.67 11.15 16.40
C THR A 83 7.28 10.89 16.94
N PRO A 84 6.27 11.63 16.47
CA PRO A 84 4.90 11.39 16.96
C PRO A 84 4.43 9.95 16.65
N ALA A 85 4.91 9.38 15.55
CA ALA A 85 4.53 8.03 15.14
C ALA A 85 4.91 6.92 16.13
N ASP A 86 6.17 6.85 16.56
CA ASP A 86 6.58 5.85 17.54
C ASP A 86 5.80 5.97 18.85
N GLN A 87 5.56 7.21 19.30
CA GLN A 87 4.91 7.43 20.61
C GLN A 87 3.45 6.98 20.65
N THR A 88 2.81 6.89 19.51
CA THR A 88 1.38 6.56 19.47
C THR A 88 1.10 5.09 19.08
N GLY A 89 2.12 4.38 18.61
CA GLY A 89 1.97 3.00 18.25
C GLY A 89 1.92 2.77 16.75
N HIS A 90 2.08 3.83 15.98
CA HIS A 90 2.12 3.68 14.53
C HIS A 90 3.56 3.76 13.99
N GLY A 91 3.72 4.02 12.71
CA GLY A 91 5.07 3.99 12.17
C GLY A 91 5.55 2.58 11.89
N SER A 92 6.32 2.43 10.82
CA SER A 92 6.61 1.13 10.22
C SER A 92 6.97 -0.03 11.15
N LEU A 93 7.74 0.25 12.20
CA LEU A 93 8.26 -0.79 13.04
C LEU A 93 7.10 -1.36 13.84
N ASN A 94 6.39 -0.49 14.53
CA ASN A 94 5.23 -0.89 15.30
C ASN A 94 4.18 -1.64 14.48
N VAL A 95 3.96 -1.24 13.23
CA VAL A 95 2.95 -1.97 12.49
C VAL A 95 3.51 -3.30 12.02
N ALA A 96 4.81 -3.36 11.80
CA ALA A 96 5.43 -4.63 11.39
C ALA A 96 5.39 -5.60 12.54
N LEU A 97 5.68 -5.11 13.75
CA LEU A 97 5.67 -5.96 14.93
C LEU A 97 4.26 -6.52 15.17
N ARG A 98 3.27 -5.68 14.92
CA ARG A 98 1.88 -6.04 15.12
C ARG A 98 1.31 -6.92 14.00
N LYS A 99 1.61 -6.61 12.74
CA LYS A 99 1.06 -7.38 11.62
C LYS A 99 1.84 -8.67 11.36
N GLN A 100 3.17 -8.58 11.35
CA GLN A 100 3.99 -9.75 11.03
C GLN A 100 4.26 -10.69 12.20
N LEU A 101 4.52 -10.12 13.36
CA LEU A 101 4.83 -10.97 14.49
C LEU A 101 3.60 -11.26 15.35
N ASP A 102 2.47 -10.64 15.03
CA ASP A 102 1.26 -10.74 15.84
C ASP A 102 1.50 -10.46 17.34
N ILE A 103 2.12 -9.34 17.65
CA ILE A 103 2.34 -8.99 19.03
C ILE A 103 1.12 -8.21 19.43
N TYR A 104 0.26 -8.86 20.21
CA TYR A 104 -1.07 -8.32 20.46
C TYR A 104 -1.30 -7.66 21.82
N ALA A 105 -0.35 -7.76 22.76
CA ALA A 105 -0.61 -7.24 24.09
C ALA A 105 0.48 -6.30 24.51
N ASN A 106 0.09 -5.07 24.85
CA ASN A 106 1.01 -4.09 25.35
C ASN A 106 0.80 -3.98 26.86
N VAL A 107 1.86 -4.07 27.65
CA VAL A 107 1.78 -3.97 29.11
C VAL A 107 2.58 -2.78 29.57
N ALA A 108 2.03 -1.97 30.47
CA ALA A 108 2.75 -0.87 31.06
C ALA A 108 2.61 -0.93 32.60
N LEU A 109 3.71 -0.80 33.33
CA LEU A 109 3.69 -0.91 34.79
C LEU A 109 3.88 0.43 35.44
N PHE A 110 2.91 0.88 36.20
CA PHE A 110 3.03 2.17 36.87
C PHE A 110 3.18 2.04 38.38
N LYS A 111 4.37 1.67 38.85
CA LYS A 111 4.66 1.69 40.28
C LYS A 111 5.38 2.95 40.71
N SER A 112 4.89 3.60 41.77
CA SER A 112 5.52 4.76 42.42
C SER A 112 6.87 4.41 43.00
N LEU A 113 7.83 5.33 42.88
CA LEU A 113 9.20 5.04 43.33
C LEU A 113 9.58 5.77 44.61
N LYS A 114 10.39 5.10 45.44
CA LYS A 114 10.65 5.56 46.80
C LYS A 114 11.07 7.02 46.95
N GLY A 115 11.96 7.53 46.11
CA GLY A 115 12.36 8.92 46.31
C GLY A 115 11.87 9.95 45.30
N VAL A 116 10.66 9.77 44.77
CA VAL A 116 10.15 10.71 43.77
C VAL A 116 8.95 11.46 44.29
N LYS A 117 9.07 12.78 44.32
CA LYS A 117 8.03 13.64 44.88
C LYS A 117 6.81 13.61 43.97
N THR A 118 5.77 12.95 44.44
CA THR A 118 4.53 12.88 43.69
C THR A 118 3.36 13.38 44.53
N ARG A 119 2.40 14.02 43.88
CA ARG A 119 1.18 14.50 44.51
C ARG A 119 0.33 13.37 45.14
N ILE A 120 0.31 12.19 44.52
CA ILE A 120 -0.37 11.06 45.10
C ILE A 120 0.57 9.89 45.23
N PRO A 121 0.73 9.40 46.46
CA PRO A 121 1.78 8.44 46.81
C PRO A 121 1.37 6.98 46.59
N ASP A 122 2.37 6.12 46.50
CA ASP A 122 2.16 4.68 46.56
C ASP A 122 1.16 4.17 45.54
N ILE A 123 1.48 4.38 44.28
CA ILE A 123 0.62 3.93 43.20
C ILE A 123 1.09 2.60 42.67
N ASP A 124 0.15 1.74 42.32
CA ASP A 124 0.52 0.47 41.75
C ASP A 124 -0.53 -0.09 40.80
N LEU A 125 -0.57 0.49 39.60
CA LEU A 125 -1.43 -0.06 38.57
C LEU A 125 -0.71 -0.56 37.33
N ILE A 126 -1.34 -1.53 36.70
CA ILE A 126 -0.89 -2.10 35.47
C ILE A 126 -1.95 -1.85 34.41
N VAL A 127 -1.53 -1.43 33.22
CA VAL A 127 -2.45 -1.19 32.13
C VAL A 127 -2.07 -2.10 30.99
N ILE A 128 -2.95 -3.00 30.61
CA ILE A 128 -2.74 -3.92 29.50
C ILE A 128 -3.64 -3.49 28.34
N ARG A 129 -3.09 -3.33 27.15
CA ARG A 129 -3.91 -2.80 26.07
C ARG A 129 -3.84 -3.64 24.81
N GLU A 130 -4.99 -3.83 24.16
CA GLU A 130 -5.06 -4.63 22.95
C GLU A 130 -4.32 -3.90 21.81
N ASN A 131 -3.52 -4.63 21.04
CA ASN A 131 -2.63 -3.98 20.11
C ASN A 131 -2.73 -4.37 18.59
N THR A 132 -3.82 -4.99 18.15
CA THR A 132 -3.89 -5.39 16.75
C THR A 132 -5.17 -4.95 16.03
N GLU A 133 -6.04 -4.24 16.74
CA GLU A 133 -7.40 -4.02 16.26
C GLU A 133 -7.81 -2.60 16.64
N GLY A 134 -9.08 -2.27 16.48
CA GLY A 134 -9.54 -0.93 16.78
C GLY A 134 -8.76 0.15 16.04
N GLU A 135 -8.11 1.01 16.81
CA GLU A 135 -7.25 2.05 16.26
C GLU A 135 -6.20 1.49 15.27
N PHE A 136 -5.70 0.30 15.54
CA PHE A 136 -4.59 -0.23 14.73
C PHE A 136 -4.94 -1.01 13.46
N SER A 137 -6.23 -1.14 13.14
CA SER A 137 -6.62 -1.87 11.94
C SER A 137 -7.78 -1.23 11.17
N GLY A 138 -8.02 0.05 11.36
CA GLY A 138 -9.16 0.63 10.66
C GLY A 138 -9.17 0.64 9.12
N LEU A 139 -10.10 1.43 8.61
CA LEU A 139 -9.96 2.03 7.31
C LEU A 139 -10.44 3.47 7.47
N GLU A 140 -9.77 4.43 6.84
CA GLU A 140 -10.33 5.80 6.79
C GLU A 140 -10.41 6.28 5.39
N HIS A 141 -11.47 6.98 5.07
CA HIS A 141 -11.58 7.51 3.73
C HIS A 141 -12.31 8.86 3.64
N GLU A 142 -11.91 9.66 2.66
CA GLU A 142 -12.61 10.88 2.35
C GLU A 142 -13.20 10.68 0.96
N SER A 143 -14.48 10.36 0.90
CA SER A 143 -15.10 9.96 -0.35
C SER A 143 -15.89 11.10 -0.95
N VAL A 144 -16.49 11.92 -0.09
CA VAL A 144 -16.96 13.24 -0.53
C VAL A 144 -16.13 14.32 0.18
N PRO A 145 -15.76 15.38 -0.54
CA PRO A 145 -14.82 16.37 0.03
C PRO A 145 -15.32 17.02 1.33
N GLY A 146 -14.43 17.06 2.33
CA GLY A 146 -14.79 17.55 3.64
C GLY A 146 -15.51 16.56 4.56
N VAL A 147 -15.52 15.28 4.22
CA VAL A 147 -16.14 14.29 5.07
C VAL A 147 -15.21 13.10 5.24
N VAL A 148 -14.76 12.85 6.45
CA VAL A 148 -13.91 11.71 6.69
C VAL A 148 -14.67 10.65 7.46
N GLU A 149 -14.55 9.42 7.01
CA GLU A 149 -15.26 8.31 7.62
C GLU A 149 -14.29 7.26 8.10
N SER A 150 -14.47 6.83 9.34
CA SER A 150 -13.66 5.75 9.95
C SER A 150 -14.47 4.45 10.05
N LEU A 151 -13.84 3.34 9.76
CA LEU A 151 -14.47 2.04 9.88
C LEU A 151 -13.54 1.17 10.67
N LYS A 152 -13.88 0.89 11.91
CA LYS A 152 -13.01 0.10 12.80
C LYS A 152 -13.69 -1.24 13.22
N VAL A 153 -12.91 -2.29 13.48
CA VAL A 153 -13.51 -3.54 13.90
C VAL A 153 -13.09 -3.94 15.31
N MET A 154 -13.99 -4.59 16.02
CA MET A 154 -13.71 -5.24 17.29
C MET A 154 -14.17 -6.71 17.10
N THR A 155 -13.31 -7.69 17.34
CA THR A 155 -13.72 -9.08 17.10
C THR A 155 -13.57 -9.97 18.31
N ARG A 156 -14.34 -11.03 18.37
CA ARG A 156 -14.35 -11.79 19.60
C ARG A 156 -13.07 -12.58 19.88
N PRO A 157 -12.46 -13.17 18.85
CA PRO A 157 -11.18 -13.87 19.09
C PRO A 157 -10.04 -12.95 19.59
N LYS A 158 -9.88 -11.79 18.98
CA LYS A 158 -8.91 -10.83 19.48
C LYS A 158 -9.19 -10.41 20.92
N THR A 159 -10.45 -10.22 21.28
CA THR A 159 -10.73 -9.79 22.65
C THR A 159 -10.64 -10.95 23.69
N GLU A 160 -10.95 -12.17 23.25
CA GLU A 160 -10.69 -13.32 24.07
C GLU A 160 -9.21 -13.47 24.42
N ARG A 161 -8.34 -13.36 23.42
CA ARG A 161 -6.88 -13.36 23.67
C ARG A 161 -6.46 -12.36 24.76
N ILE A 162 -6.85 -11.10 24.57
CA ILE A 162 -6.39 -10.05 25.43
C ILE A 162 -6.94 -10.27 26.85
N ALA A 163 -8.19 -10.70 26.97
CA ALA A 163 -8.75 -11.12 28.26
C ALA A 163 -7.92 -12.20 28.96
N ARG A 164 -7.67 -13.33 28.27
CA ARG A 164 -6.89 -14.40 28.87
C ARG A 164 -5.51 -13.92 29.24
N PHE A 165 -4.93 -13.10 28.37
CA PHE A 165 -3.61 -12.54 28.65
C PHE A 165 -3.61 -11.76 29.97
N ALA A 166 -4.60 -10.90 30.15
CA ALA A 166 -4.68 -10.06 31.32
C ALA A 166 -4.94 -10.91 32.56
N PHE A 167 -5.79 -11.92 32.46
CA PHE A 167 -6.08 -12.74 33.63
C PHE A 167 -4.86 -13.57 33.96
N ASP A 168 -4.25 -14.15 32.94
CA ASP A 168 -3.07 -14.96 33.14
C ASP A 168 -1.95 -14.14 33.78
N PHE A 169 -1.93 -12.85 33.47
CA PHE A 169 -0.94 -11.94 33.99
C PHE A 169 -1.24 -11.64 35.45
N ALA A 170 -2.47 -11.26 35.74
CA ALA A 170 -2.90 -11.09 37.11
C ALA A 170 -2.52 -12.31 37.97
N LYS A 171 -2.85 -13.51 37.50
CA LYS A 171 -2.54 -14.77 38.19
C LYS A 171 -1.05 -14.83 38.54
N LYS A 172 -0.21 -14.64 37.53
CA LYS A 172 1.22 -14.85 37.66
C LYS A 172 1.90 -13.85 38.60
N TYR A 173 1.35 -12.64 38.72
CA TYR A 173 1.98 -11.60 39.52
C TYR A 173 1.14 -11.26 40.74
N ASN A 174 0.28 -12.20 41.12
CA ASN A 174 -0.61 -12.07 42.28
C ASN A 174 -1.29 -10.71 42.36
N ARG A 175 -1.98 -10.36 41.27
CA ARG A 175 -2.88 -9.21 41.31
C ARG A 175 -4.28 -9.75 41.58
N LYS A 176 -5.11 -8.94 42.24
CA LYS A 176 -6.41 -9.44 42.68
C LYS A 176 -7.60 -8.87 41.92
N SER A 177 -7.37 -7.81 41.16
CA SER A 177 -8.43 -7.13 40.41
C SER A 177 -8.09 -6.91 38.94
N VAL A 178 -9.03 -7.21 38.08
CA VAL A 178 -8.91 -6.89 36.67
C VAL A 178 -10.16 -6.12 36.27
N THR A 179 -10.00 -4.89 35.81
CA THR A 179 -11.13 -4.06 35.46
C THR A 179 -11.08 -3.81 33.97
N ALA A 180 -12.13 -4.16 33.24
CA ALA A 180 -12.21 -3.81 31.83
C ALA A 180 -12.65 -2.37 31.69
N VAL A 181 -11.93 -1.63 30.87
CA VAL A 181 -12.28 -0.24 30.61
C VAL A 181 -12.81 -0.10 29.19
N HIS A 182 -14.00 0.47 29.03
CA HIS A 182 -14.71 0.43 27.76
C HIS A 182 -15.63 1.65 27.68
N LYS A 183 -16.33 1.81 26.57
CA LYS A 183 -17.32 2.83 26.42
C LYS A 183 -18.63 2.22 25.95
N ALA A 184 -19.12 1.20 26.66
CA ALA A 184 -20.29 0.41 26.22
C ALA A 184 -21.62 1.13 26.36
N ASN A 185 -21.61 2.30 27.00
CA ASN A 185 -22.80 3.11 27.16
C ASN A 185 -23.24 3.72 25.81
N ILE A 186 -22.27 4.05 24.96
CA ILE A 186 -22.55 4.63 23.65
C ILE A 186 -22.39 3.59 22.54
N MET A 187 -21.22 2.94 22.51
CA MET A 187 -20.90 1.85 21.61
C MET A 187 -21.39 0.55 22.21
N LYS A 188 -22.71 0.41 22.30
CA LYS A 188 -23.38 -0.70 22.96
C LYS A 188 -23.00 -2.07 22.40
N LEU A 189 -22.66 -2.10 21.12
CA LEU A 189 -22.39 -3.36 20.43
C LEU A 189 -20.94 -3.81 20.52
N GLY A 190 -20.03 -2.96 20.05
CA GLY A 190 -18.61 -3.26 20.03
C GLY A 190 -17.96 -3.23 21.40
N ASP A 191 -18.18 -2.16 22.15
CA ASP A 191 -17.58 -2.11 23.49
C ASP A 191 -18.34 -2.95 24.46
N GLY A 192 -19.60 -3.23 24.13
CA GLY A 192 -20.40 -4.16 24.89
C GLY A 192 -19.85 -5.57 24.76
N LEU A 193 -19.49 -5.94 23.55
CA LEU A 193 -18.82 -7.21 23.32
C LEU A 193 -17.57 -7.33 24.19
N PHE A 194 -16.81 -6.25 24.26
CA PHE A 194 -15.56 -6.19 25.02
C PHE A 194 -15.79 -6.38 26.51
N ARG A 195 -16.67 -5.56 27.08
CA ARG A 195 -17.03 -5.71 28.49
C ARG A 195 -17.53 -7.12 28.82
N ASN A 196 -18.41 -7.65 27.98
CA ASN A 196 -18.97 -8.99 28.23
C ASN A 196 -17.96 -10.12 28.15
N ILE A 197 -17.16 -10.15 27.11
CA ILE A 197 -16.18 -11.20 26.98
C ILE A 197 -15.19 -11.21 28.14
N ILE A 198 -14.74 -10.03 28.58
CA ILE A 198 -13.84 -9.93 29.72
C ILE A 198 -14.52 -10.51 30.96
N THR A 199 -15.75 -10.07 31.25
CA THR A 199 -16.39 -10.49 32.48
C THR A 199 -16.78 -11.97 32.48
N GLU A 200 -17.14 -12.51 31.34
CA GLU A 200 -17.42 -13.94 31.22
C GLU A 200 -16.18 -14.79 31.43
N ILE A 201 -15.11 -14.50 30.71
CA ILE A 201 -13.85 -15.22 30.87
C ILE A 201 -13.37 -15.12 32.31
N GLY A 202 -13.66 -14.02 32.97
CA GLY A 202 -13.35 -13.90 34.37
C GLY A 202 -14.11 -14.92 35.23
N GLN A 203 -15.42 -15.02 35.04
CA GLN A 203 -16.26 -15.83 35.92
C GLN A 203 -16.14 -17.33 35.71
N LYS A 204 -16.04 -17.75 34.46
CA LYS A 204 -15.83 -19.17 34.14
C LYS A 204 -14.40 -19.67 34.26
N GLU A 205 -13.41 -18.85 33.91
CA GLU A 205 -12.03 -19.37 33.86
C GLU A 205 -11.08 -18.88 34.97
N TYR A 206 -11.43 -17.79 35.65
CA TYR A 206 -10.55 -17.21 36.66
C TYR A 206 -11.35 -16.69 37.87
N PRO A 207 -11.91 -17.62 38.66
CA PRO A 207 -12.85 -17.28 39.72
C PRO A 207 -12.18 -16.54 40.88
N ASP A 208 -10.91 -16.83 41.09
CA ASP A 208 -10.13 -16.25 42.20
C ASP A 208 -9.81 -14.78 41.98
N ILE A 209 -10.10 -14.30 40.78
CA ILE A 209 -9.82 -12.91 40.43
C ILE A 209 -11.08 -12.09 40.28
N ASP A 210 -11.08 -10.90 40.86
CA ASP A 210 -12.23 -10.02 40.81
C ASP A 210 -12.30 -9.32 39.48
N VAL A 211 -13.36 -9.54 38.73
CA VAL A 211 -13.59 -8.83 37.49
C VAL A 211 -14.49 -7.64 37.80
N SER A 212 -14.33 -6.55 37.03
CA SER A 212 -15.24 -5.39 37.10
C SER A 212 -15.22 -4.56 35.80
N SER A 213 -16.07 -3.56 35.69
CA SER A 213 -16.11 -2.78 34.47
C SER A 213 -16.16 -1.33 34.86
N ILE A 214 -15.70 -0.47 33.99
CA ILE A 214 -15.81 0.95 34.24
C ILE A 214 -15.85 1.63 32.90
N ILE A 215 -16.78 2.55 32.74
CA ILE A 215 -16.82 3.39 31.55
C ILE A 215 -15.61 4.32 31.51
N VAL A 216 -14.98 4.44 30.35
CA VAL A 216 -13.66 5.05 30.26
C VAL A 216 -13.61 6.49 30.77
N ASP A 217 -14.64 7.29 30.51
CA ASP A 217 -14.63 8.67 31.01
C ASP A 217 -14.62 8.76 32.54
N ASN A 218 -15.44 7.95 33.20
CA ASN A 218 -15.38 7.78 34.64
C ASN A 218 -14.03 7.20 35.13
N ALA A 219 -13.40 6.34 34.35
CA ALA A 219 -12.12 5.77 34.75
C ALA A 219 -11.03 6.82 34.68
N SER A 220 -11.15 7.78 33.76
CA SER A 220 -10.18 8.86 33.67
C SER A 220 -10.26 9.74 34.89
N MET A 221 -11.48 10.16 35.23
CA MET A 221 -11.69 10.97 36.42
C MET A 221 -11.24 10.21 37.67
N GLN A 222 -11.62 8.96 37.75
CA GLN A 222 -11.26 8.13 38.89
C GLN A 222 -9.75 7.93 39.00
N ALA A 223 -9.03 7.93 37.89
CA ALA A 223 -7.60 7.62 37.92
C ALA A 223 -6.75 8.78 38.44
N VAL A 224 -7.18 10.00 38.19
CA VAL A 224 -6.43 11.16 38.65
C VAL A 224 -6.83 11.57 40.05
N ALA A 225 -7.98 11.09 40.51
CA ALA A 225 -8.47 11.46 41.83
C ALA A 225 -8.23 10.36 42.86
N LYS A 226 -8.55 9.12 42.52
CA LYS A 226 -8.41 8.01 43.46
C LYS A 226 -7.84 6.76 42.80
N PRO A 227 -6.59 6.83 42.34
CA PRO A 227 -5.88 5.77 41.62
C PRO A 227 -5.81 4.45 42.36
N HIS A 228 -5.94 4.48 43.68
CA HIS A 228 -5.64 3.28 44.47
C HIS A 228 -6.65 2.16 44.30
N GLN A 229 -7.86 2.55 43.91
CA GLN A 229 -8.96 1.60 43.68
C GLN A 229 -8.70 0.64 42.50
N PHE A 230 -7.74 0.99 41.65
CA PHE A 230 -7.44 0.16 40.48
C PHE A 230 -6.25 -0.73 40.72
N ASP A 231 -6.21 -1.82 39.97
CA ASP A 231 -5.16 -2.83 40.07
C ASP A 231 -4.65 -3.19 38.65
N VAL A 232 -5.33 -4.07 37.93
CA VAL A 232 -5.06 -4.25 36.51
C VAL A 232 -6.18 -3.65 35.63
N LEU A 233 -5.84 -2.70 34.76
CA LEU A 233 -6.77 -2.20 33.75
C LEU A 233 -6.56 -2.89 32.39
N VAL A 234 -7.60 -3.43 31.77
CA VAL A 234 -7.54 -4.01 30.42
C VAL A 234 -8.38 -3.11 29.52
N THR A 235 -7.81 -2.62 28.41
CA THR A 235 -8.58 -1.76 27.53
C THR A 235 -8.31 -2.01 26.06
N PRO A 236 -9.28 -1.66 25.20
CA PRO A 236 -9.04 -1.61 23.76
C PRO A 236 -7.92 -0.61 23.42
N SER A 237 -7.39 -0.69 22.20
CA SER A 237 -6.34 0.20 21.75
C SER A 237 -6.60 1.68 22.04
N MET A 238 -7.81 2.15 21.76
CA MET A 238 -8.06 3.57 21.74
C MET A 238 -8.00 4.29 23.08
N TYR A 239 -8.16 3.56 24.18
CA TYR A 239 -8.19 4.20 25.49
C TYR A 239 -6.93 3.95 26.29
N GLY A 240 -6.06 3.10 25.78
CA GLY A 240 -4.90 2.67 26.54
C GLY A 240 -3.86 3.76 26.68
N THR A 241 -3.68 4.50 25.60
CA THR A 241 -2.77 5.60 25.58
C THR A 241 -3.19 6.65 26.60
N ILE A 242 -4.47 7.00 26.65
CA ILE A 242 -4.91 8.00 27.61
C ILE A 242 -4.73 7.50 29.04
N LEU A 243 -5.22 6.30 29.36
CA LEU A 243 -5.00 5.76 30.68
C LEU A 243 -3.51 5.64 31.06
N GLY A 244 -2.67 5.32 30.09
CA GLY A 244 -1.24 5.15 30.33
C GLY A 244 -0.53 6.46 30.64
N ASN A 245 -1.05 7.55 30.11
CA ASN A 245 -0.42 8.82 30.35
C ASN A 245 -0.84 9.40 31.67
N ILE A 246 -2.05 9.09 32.11
CA ILE A 246 -2.44 9.46 33.45
C ILE A 246 -1.53 8.70 34.40
N GLY A 247 -1.34 7.41 34.12
CA GLY A 247 -0.42 6.58 34.88
C GLY A 247 1.00 7.11 34.96
N ALA A 248 1.49 7.68 33.87
CA ALA A 248 2.83 8.16 33.87
C ALA A 248 2.91 9.45 34.72
N ALA A 249 1.94 10.35 34.56
CA ALA A 249 1.91 11.55 35.35
C ALA A 249 1.81 11.28 36.85
N LEU A 250 0.94 10.34 37.21
CA LEU A 250 0.79 9.88 38.60
C LEU A 250 2.07 9.50 39.32
N ILE A 251 3.00 8.82 38.63
CA ILE A 251 4.23 8.35 39.27
C ILE A 251 5.51 9.15 39.04
N GLY A 252 5.38 10.31 38.39
CA GLY A 252 6.47 11.23 38.18
C GLY A 252 7.07 11.36 36.78
N GLY A 253 6.43 10.76 35.78
CA GLY A 253 6.80 10.93 34.39
C GLY A 253 7.13 9.65 33.63
N PRO A 254 7.21 9.78 32.30
CA PRO A 254 7.43 8.68 31.36
C PRO A 254 8.75 8.01 31.62
N GLY A 255 9.68 8.76 32.21
CA GLY A 255 10.99 8.24 32.51
C GLY A 255 11.01 7.08 33.47
N LEU A 256 9.87 6.78 34.08
CA LEU A 256 9.82 5.82 35.20
C LEU A 256 9.03 4.56 34.93
N VAL A 257 8.51 4.45 33.72
CA VAL A 257 7.48 3.48 33.39
C VAL A 257 7.98 2.31 32.59
N ALA A 258 8.11 1.14 33.21
CA ALA A 258 8.50 -0.07 32.49
C ALA A 258 7.40 -0.55 31.55
N GLY A 259 7.78 -1.40 30.59
CA GLY A 259 6.86 -1.86 29.58
C GLY A 259 7.27 -3.14 28.89
N ALA A 260 6.31 -3.79 28.25
CA ALA A 260 6.59 -5.04 27.55
C ALA A 260 5.49 -5.25 26.56
N ASN A 261 5.81 -5.99 25.51
CA ASN A 261 4.86 -6.26 24.44
C ASN A 261 4.93 -7.73 24.13
N PHE A 262 3.80 -8.43 24.15
CA PHE A 262 3.88 -9.86 23.94
C PHE A 262 3.04 -10.32 22.82
N GLY A 263 3.53 -11.34 22.16
CA GLY A 263 2.74 -12.13 21.25
C GLY A 263 2.85 -13.58 21.70
N ARG A 264 2.31 -14.51 20.93
CA ARG A 264 2.44 -15.88 21.34
C ARG A 264 3.91 -16.29 21.34
N ASP A 265 4.62 -15.95 20.25
CA ASP A 265 6.00 -16.45 20.08
C ASP A 265 7.10 -15.42 20.33
N TYR A 266 6.72 -14.16 20.55
CA TYR A 266 7.68 -13.09 20.59
C TYR A 266 7.42 -12.17 21.75
N ALA A 267 8.47 -11.60 22.28
CA ALA A 267 8.32 -10.57 23.28
C ALA A 267 9.31 -9.44 23.00
N VAL A 268 8.86 -8.22 23.16
CA VAL A 268 9.71 -7.08 22.92
C VAL A 268 9.51 -6.16 24.08
N PHE A 269 10.60 -5.86 24.79
CA PHE A 269 10.56 -4.98 25.95
C PHE A 269 10.94 -3.53 25.64
N GLU A 270 10.26 -2.58 26.24
CA GLU A 270 10.43 -1.19 25.88
C GLU A 270 9.65 -0.32 26.86
N PRO A 271 10.09 0.92 27.05
CA PRO A 271 9.42 1.81 28.01
C PRO A 271 7.94 1.95 27.70
N GLY A 272 7.12 1.77 28.74
CA GLY A 272 5.68 1.77 28.60
C GLY A 272 4.96 3.03 28.18
N SER A 273 5.60 4.19 28.27
CA SER A 273 4.95 5.43 27.86
C SER A 273 5.51 6.00 26.58
N ARG A 274 6.52 5.34 26.04
CA ARG A 274 7.17 5.81 24.82
C ARG A 274 7.75 7.21 25.05
N HIS A 275 8.06 7.52 26.32
CA HIS A 275 8.71 8.78 26.68
C HIS A 275 7.97 9.99 26.09
N VAL A 276 6.67 9.86 25.94
CA VAL A 276 5.82 10.79 25.19
C VAL A 276 6.19 12.28 25.28
N GLY A 277 6.45 12.75 26.52
CA GLY A 277 6.64 14.17 26.81
C GLY A 277 8.08 14.53 27.14
N LEU A 278 8.76 13.64 27.87
CA LEU A 278 10.23 13.62 28.01
C LEU A 278 10.88 14.05 26.69
N LYS A 281 15.28 17.53 26.95
CA LYS A 281 16.02 17.90 25.74
C LYS A 281 17.45 18.44 26.03
N GLY A 282 18.46 17.72 25.51
CA GLY A 282 19.86 18.07 25.67
C GLY A 282 20.71 16.80 25.62
N GLN A 283 22.02 16.93 25.64
CA GLN A 283 22.87 15.74 25.57
C GLN A 283 22.98 15.11 26.95
N ASN A 284 22.94 13.79 26.99
CA ASN A 284 23.19 13.06 28.23
C ASN A 284 22.39 13.48 29.46
N VAL A 285 21.13 13.85 29.29
CA VAL A 285 20.29 14.25 30.41
C VAL A 285 19.09 13.33 30.69
N ALA A 286 18.69 12.55 29.70
CA ALA A 286 17.50 11.70 29.79
C ALA A 286 17.54 10.64 30.90
N ASN A 287 16.39 10.37 31.50
CA ASN A 287 16.28 9.29 32.49
C ASN A 287 16.24 7.88 31.86
N PRO A 288 17.22 7.02 32.18
CA PRO A 288 17.31 5.66 31.64
C PRO A 288 16.47 4.62 32.44
N THR A 289 15.77 5.06 33.49
CA THR A 289 15.07 4.14 34.40
C THR A 289 14.02 3.24 33.71
N ALA A 290 13.15 3.84 32.90
CA ALA A 290 12.16 3.06 32.17
C ALA A 290 12.82 1.99 31.33
N MET A 291 13.90 2.33 30.64
CA MET A 291 14.60 1.34 29.82
C MET A 291 15.25 0.28 30.70
N ILE A 292 15.74 0.66 31.86
CA ILE A 292 16.45 -0.30 32.70
C ILE A 292 15.47 -1.27 33.33
N LEU A 293 14.37 -0.72 33.85
CA LEU A 293 13.29 -1.53 34.41
C LEU A 293 12.66 -2.44 33.36
N SER A 294 12.52 -1.95 32.13
CA SER A 294 12.00 -2.82 31.06
C SER A 294 13.00 -3.90 30.82
N SER A 295 14.26 -3.53 30.95
CA SER A 295 15.37 -4.48 30.85
C SER A 295 15.22 -5.61 31.88
N THR A 296 14.78 -5.29 33.09
CA THR A 296 14.64 -6.35 34.07
C THR A 296 13.42 -7.26 33.81
N LEU A 297 12.31 -6.69 33.34
CA LEU A 297 11.20 -7.52 32.83
C LEU A 297 11.73 -8.52 31.83
N MET A 298 12.57 -8.06 30.91
CA MET A 298 13.17 -9.00 29.96
C MET A 298 13.93 -10.11 30.66
N LEU A 299 14.69 -9.75 31.69
CA LEU A 299 15.53 -10.73 32.38
C LEU A 299 14.68 -11.80 33.05
N ASN A 300 13.68 -11.37 33.82
CA ASN A 300 12.69 -12.29 34.39
C ASN A 300 12.20 -13.25 33.29
N HIS A 301 11.76 -12.68 32.18
CA HIS A 301 11.20 -13.49 31.12
C HIS A 301 12.22 -14.51 30.63
N LEU A 302 13.48 -14.12 30.55
CA LEU A 302 14.51 -15.02 30.02
C LEU A 302 14.88 -16.13 31.02
N GLY A 303 14.40 -15.98 32.25
CA GLY A 303 14.66 -16.99 33.27
C GLY A 303 15.90 -16.67 34.09
N LEU A 304 16.63 -15.63 33.70
CA LEU A 304 17.66 -15.08 34.56
C LEU A 304 16.97 -14.56 35.83
N ASN A 305 16.95 -13.26 36.04
CA ASN A 305 16.11 -12.66 37.12
C ASN A 305 16.67 -12.69 38.56
N GLU A 306 17.69 -13.51 38.78
CA GLU A 306 18.55 -13.25 39.91
C GLU A 306 19.17 -11.92 39.55
N TYR A 307 19.76 -11.86 38.34
CA TYR A 307 20.31 -10.61 37.80
C TYR A 307 19.30 -9.47 37.85
N ALA A 308 18.03 -9.81 37.61
CA ALA A 308 16.96 -8.83 37.55
C ALA A 308 16.65 -8.24 38.92
N THR A 309 16.73 -9.07 39.96
CA THR A 309 16.43 -8.59 41.30
C THR A 309 17.52 -7.61 41.74
N ARG A 310 18.76 -7.95 41.41
CA ARG A 310 19.91 -7.09 41.77
C ARG A 310 19.84 -5.75 41.06
N ILE A 311 19.62 -5.78 39.75
CA ILE A 311 19.59 -4.56 38.98
C ILE A 311 18.46 -3.68 39.44
N SER A 312 17.35 -4.33 39.78
CA SER A 312 16.17 -3.59 40.21
C SER A 312 16.42 -2.92 41.55
N LYS A 313 17.05 -3.66 42.45
CA LYS A 313 17.37 -3.13 43.79
C LYS A 313 18.28 -1.93 43.65
N ALA A 314 19.29 -2.08 42.80
CA ALA A 314 20.25 -1.02 42.54
C ALA A 314 19.61 0.27 42.07
N VAL A 315 18.63 0.21 41.16
CA VAL A 315 18.12 1.47 40.67
C VAL A 315 17.16 2.09 41.66
N HIS A 316 16.44 1.25 42.42
CA HIS A 316 15.48 1.80 43.39
C HIS A 316 16.24 2.50 44.50
N GLU A 317 17.35 1.87 44.89
CA GLU A 317 18.23 2.38 45.94
C GLU A 317 18.86 3.69 45.49
N THR A 318 19.41 3.68 44.29
CA THR A 318 19.95 4.90 43.71
C THR A 318 18.95 6.04 43.66
N ILE A 319 17.71 5.80 43.24
CA ILE A 319 16.80 6.95 43.06
C ILE A 319 16.22 7.32 44.43
N ALA A 320 16.21 6.35 45.34
CA ALA A 320 15.75 6.61 46.72
C ALA A 320 16.56 7.72 47.45
N GLU A 321 17.90 7.64 47.32
CA GLU A 321 18.82 8.67 47.79
C GLU A 321 18.97 9.74 46.73
N GLY A 322 18.49 10.95 47.01
CA GLY A 322 18.42 12.01 46.01
C GLY A 322 19.70 12.40 45.26
N LYS A 323 20.79 11.67 45.49
CA LYS A 323 22.11 11.98 44.93
C LYS A 323 22.32 11.21 43.64
N HIS A 324 22.83 11.88 42.60
CA HIS A 324 23.06 11.21 41.31
C HIS A 324 21.80 10.98 40.47
N THR A 325 20.67 11.39 41.01
CA THR A 325 19.40 11.33 40.32
C THR A 325 19.41 12.26 39.09
N THR A 326 18.69 11.87 38.05
CA THR A 326 18.64 12.61 36.78
C THR A 326 17.69 13.86 36.89
N ARG A 327 17.75 14.81 35.95
CA ARG A 327 17.12 16.12 36.22
C ARG A 327 15.58 16.13 36.26
N ASP A 328 14.97 15.13 35.64
CA ASP A 328 13.50 15.07 35.57
C ASP A 328 12.82 14.61 36.86
N ILE A 329 13.56 13.95 37.73
CA ILE A 329 13.02 13.62 39.04
C ILE A 329 13.67 14.47 40.13
N GLY A 330 14.00 15.70 39.77
CA GLY A 330 14.60 16.66 40.71
C GLY A 330 16.11 16.63 40.96
N GLY A 331 16.84 15.68 40.36
CA GLY A 331 18.30 15.64 40.43
C GLY A 331 18.97 16.62 39.48
N SER A 332 20.27 16.47 39.27
CA SER A 332 21.02 17.35 38.38
C SER A 332 22.16 16.62 37.65
N SER A 333 22.28 15.32 37.93
CA SER A 333 23.25 14.46 37.28
C SER A 333 22.87 14.04 35.86
N SER A 334 23.86 13.61 35.07
CA SER A 334 23.65 13.20 33.68
C SER A 334 23.24 11.72 33.67
N THR A 335 22.80 11.19 32.52
CA THR A 335 22.36 9.80 32.49
C THR A 335 23.53 8.86 32.80
N THR A 336 24.71 9.25 32.32
CA THR A 336 25.96 8.57 32.61
C THR A 336 26.26 8.49 34.12
N ASP A 337 26.10 9.61 34.83
CA ASP A 337 26.37 9.66 36.28
C ASP A 337 25.49 8.68 37.02
N PHE A 338 24.21 8.70 36.64
CA PHE A 338 23.17 7.83 37.17
C PHE A 338 23.49 6.37 36.88
N THR A 339 23.92 6.07 35.66
CA THR A 339 24.28 4.72 35.34
C THR A 339 25.45 4.26 36.20
N ASN A 340 26.46 5.11 36.32
CA ASN A 340 27.66 4.74 37.05
C ASN A 340 27.37 4.53 38.53
N GLU A 341 26.55 5.40 39.11
CA GLU A 341 26.09 5.20 40.47
C GLU A 341 25.45 3.83 40.66
N ILE A 342 24.64 3.42 39.69
CA ILE A 342 23.95 2.13 39.76
C ILE A 342 24.96 1.01 39.69
N ILE A 343 25.83 1.07 38.68
CA ILE A 343 26.92 0.09 38.56
C ILE A 343 27.78 -0.01 39.83
N ASN A 344 27.98 1.14 40.47
CA ASN A 344 28.73 1.19 41.70
C ASN A 344 28.06 0.40 42.82
N LYS A 345 26.76 0.57 43.00
CA LYS A 345 26.07 -0.16 44.08
C LYS A 345 25.99 -1.65 43.76
N LEU A 346 26.20 -1.97 42.49
CA LEU A 346 26.15 -3.34 42.01
C LEU A 346 27.40 -4.15 42.40
N SER A 347 28.57 -3.52 42.29
CA SER A 347 29.83 -4.18 42.65
C SER A 347 29.91 -4.48 44.16
N THR A 348 29.42 -3.54 44.96
CA THR A 348 29.41 -3.69 46.42
C THR A 348 28.26 -4.57 46.96
N MET A 349 27.36 -4.98 46.08
CA MET A 349 26.31 -5.93 46.44
C MET A 349 26.65 -7.33 45.88
N GLN B 5 -18.21 39.54 24.01
CA GLN B 5 -19.05 38.34 23.89
C GLN B 5 -18.97 37.63 22.52
N PRO B 6 -18.97 36.27 22.51
CA PRO B 6 -18.85 35.52 21.25
C PRO B 6 -19.95 35.81 20.24
N SER B 7 -19.57 36.14 19.01
CA SER B 7 -20.53 36.40 17.93
C SER B 7 -21.24 35.12 17.45
N ILE B 8 -20.62 33.98 17.72
CA ILE B 8 -21.11 32.68 17.25
C ILE B 8 -22.50 32.29 17.76
N GLY B 9 -22.63 32.15 19.07
CA GLY B 9 -23.95 31.86 19.61
C GLY B 9 -24.54 33.03 20.37
N ARG B 10 -24.46 34.22 19.80
CA ARG B 10 -24.88 35.47 20.47
C ARG B 10 -26.29 35.44 21.01
N TYR B 11 -26.47 35.95 22.23
CA TYR B 11 -27.80 36.09 22.81
C TYR B 11 -28.58 37.28 22.22
N THR B 12 -29.71 37.00 21.58
CA THR B 12 -30.63 38.04 21.14
C THR B 12 -31.37 38.59 22.36
N GLY B 13 -31.04 39.81 22.76
CA GLY B 13 -31.49 40.36 24.03
C GLY B 13 -33.00 40.47 24.23
N LYS B 14 -33.47 41.70 24.41
CA LYS B 14 -34.90 41.97 24.58
C LYS B 14 -35.45 41.50 25.94
N PRO B 15 -35.46 42.41 26.95
CA PRO B 15 -36.20 42.15 28.18
C PRO B 15 -37.69 42.10 27.90
N ASN B 16 -38.50 41.64 28.85
CA ASN B 16 -39.95 41.70 28.70
C ASN B 16 -40.39 43.16 28.53
N PRO B 17 -41.18 43.45 27.48
CA PRO B 17 -41.65 44.81 27.17
C PRO B 17 -42.26 45.49 28.39
N SER B 18 -43.00 44.73 29.20
CA SER B 18 -43.69 45.26 30.37
C SER B 18 -42.86 45.22 31.66
N THR B 19 -42.45 44.02 32.07
CA THR B 19 -41.78 43.82 33.37
C THR B 19 -40.33 44.36 33.42
N GLY B 20 -39.70 44.53 32.27
CA GLY B 20 -38.30 44.91 32.20
C GLY B 20 -37.42 43.77 32.67
N LYS B 21 -37.95 42.57 32.55
CA LYS B 21 -37.30 41.35 33.01
C LYS B 21 -37.17 40.35 31.86
N TYR B 22 -35.97 39.82 31.68
CA TYR B 22 -35.71 38.79 30.66
C TYR B 22 -36.42 37.48 30.97
N THR B 23 -36.99 36.87 29.94
CA THR B 23 -37.61 35.55 30.07
C THR B 23 -36.57 34.42 29.93
N VAL B 24 -36.55 33.51 30.90
CA VAL B 24 -35.64 32.37 30.90
C VAL B 24 -36.32 31.03 31.25
N SER B 25 -36.34 30.09 30.31
CA SER B 25 -36.94 28.77 30.56
C SER B 25 -36.21 28.09 31.69
N PHE B 26 -36.85 27.19 32.41
CA PHE B 26 -36.13 26.50 33.47
C PHE B 26 -35.85 24.99 33.28
N ILE B 27 -36.84 24.14 33.50
CA ILE B 27 -36.58 22.70 33.52
C ILE B 27 -35.89 22.37 34.82
N GLU B 28 -36.65 22.24 35.89
CA GLU B 28 -36.09 21.98 37.18
C GLU B 28 -35.59 20.56 37.30
N GLY B 29 -36.04 19.69 36.40
CA GLY B 29 -35.65 18.29 36.46
C GLY B 29 -36.17 17.60 37.70
N ASP B 30 -35.52 16.51 38.08
CA ASP B 30 -36.00 15.68 39.18
C ASP B 30 -34.92 15.26 40.15
N GLY B 31 -35.28 14.38 41.08
CA GLY B 31 -34.37 14.01 42.14
C GLY B 31 -34.10 15.25 42.97
N ILE B 32 -32.83 15.61 43.10
CA ILE B 32 -32.48 16.80 43.85
C ILE B 32 -32.74 18.05 43.02
N GLY B 33 -33.30 17.85 41.83
CA GLY B 33 -33.58 18.96 40.92
C GLY B 33 -34.37 20.08 41.55
N PRO B 34 -35.59 19.77 42.02
CA PRO B 34 -36.46 20.77 42.66
C PRO B 34 -35.74 21.65 43.68
N GLU B 35 -35.10 21.08 44.70
CA GLU B 35 -34.50 21.88 45.78
C GLU B 35 -33.28 22.68 45.35
N ILE B 36 -32.63 22.25 44.29
CA ILE B 36 -31.50 23.00 43.78
C ILE B 36 -31.97 24.15 42.91
N SER B 37 -33.08 23.96 42.22
CA SER B 37 -33.64 25.04 41.42
C SER B 37 -34.19 26.10 42.34
N LYS B 38 -34.75 25.66 43.47
CA LYS B 38 -35.37 26.57 44.42
C LYS B 38 -34.30 27.52 44.90
N SER B 39 -33.13 26.96 45.20
CA SER B 39 -32.00 27.75 45.68
C SER B 39 -31.50 28.76 44.66
N VAL B 40 -31.67 28.47 43.37
CA VAL B 40 -31.18 29.38 42.36
C VAL B 40 -32.11 30.58 42.25
N LYS B 41 -33.40 30.34 42.42
CA LYS B 41 -34.39 31.39 42.34
C LYS B 41 -34.29 32.36 43.52
N LYS B 42 -34.04 31.82 44.71
CA LYS B 42 -33.90 32.62 45.94
C LYS B 42 -32.65 33.52 45.93
N ILE B 43 -31.64 33.12 45.17
CA ILE B 43 -30.40 33.87 45.06
C ILE B 43 -30.48 34.82 43.87
N PHE B 44 -31.39 34.55 42.94
CA PHE B 44 -31.56 35.41 41.79
C PHE B 44 -32.53 36.53 42.14
N SER B 45 -33.48 36.23 43.02
CA SER B 45 -34.41 37.24 43.53
C SER B 45 -33.68 38.14 44.55
N ALA B 46 -32.95 37.51 45.46
CA ALA B 46 -32.21 38.22 46.50
C ALA B 46 -31.07 39.13 46.00
N ALA B 47 -30.61 38.91 44.77
CA ALA B 47 -29.58 39.78 44.20
C ALA B 47 -30.22 40.70 43.17
N ASN B 48 -31.54 40.64 43.10
CA ASN B 48 -32.33 41.42 42.16
C ASN B 48 -31.75 41.39 40.76
N VAL B 49 -32.00 40.29 40.05
CA VAL B 49 -31.60 40.16 38.65
C VAL B 49 -32.84 40.16 37.76
N PRO B 50 -32.75 40.80 36.58
CA PRO B 50 -33.81 41.02 35.59
C PRO B 50 -34.33 39.74 34.91
N ILE B 51 -34.80 38.78 35.69
CA ILE B 51 -35.20 37.49 35.13
C ILE B 51 -36.48 36.92 35.74
N GLU B 52 -37.41 36.54 34.87
CA GLU B 52 -38.60 35.80 35.25
C GLU B 52 -38.52 34.39 34.66
N TRP B 53 -38.76 33.38 35.49
CA TRP B 53 -38.66 31.99 35.04
C TRP B 53 -39.84 31.50 34.22
N GLU B 54 -39.90 30.20 33.96
CA GLU B 54 -40.93 29.64 33.09
C GLU B 54 -40.76 28.12 33.01
N SER B 55 -40.77 27.46 34.15
CA SER B 55 -40.44 26.03 34.22
C SER B 55 -41.06 25.19 33.11
N CYS B 56 -40.21 24.46 32.40
CA CYS B 56 -40.63 23.59 31.29
C CYS B 56 -40.57 22.12 31.69
N ASP B 57 -41.38 21.31 31.04
CA ASP B 57 -41.24 19.87 31.18
C ASP B 57 -40.68 19.33 29.86
N VAL B 58 -39.65 18.49 29.96
CA VAL B 58 -39.02 17.91 28.77
C VAL B 58 -39.14 16.38 28.76
N SER B 59 -40.05 15.85 29.57
CA SER B 59 -40.30 14.41 29.57
C SER B 59 -40.41 13.89 28.15
N PRO B 60 -39.63 12.86 27.84
CA PRO B 60 -39.51 12.29 26.49
C PRO B 60 -40.83 11.78 25.94
N ILE B 61 -41.45 12.53 25.04
CA ILE B 61 -42.57 12.03 24.25
C ILE B 61 -42.04 11.17 23.10
N PHE B 62 -42.81 10.17 22.69
CA PHE B 62 -42.39 9.33 21.57
C PHE B 62 -43.24 9.60 20.32
N VAL B 63 -42.59 9.83 19.17
CA VAL B 63 -43.28 10.03 17.89
C VAL B 63 -42.61 9.20 16.80
N ASN B 64 -43.29 8.14 16.35
CA ASN B 64 -42.68 7.13 15.46
C ASN B 64 -41.57 6.27 16.12
N GLY B 65 -41.58 6.18 17.45
CA GLY B 65 -40.57 5.43 18.18
C GLY B 65 -39.30 6.23 18.39
N LEU B 66 -39.14 7.25 17.55
CA LEU B 66 -38.06 8.23 17.66
C LEU B 66 -38.41 9.20 18.79
N THR B 67 -37.59 9.22 19.84
CA THR B 67 -37.83 10.12 20.98
C THR B 67 -37.88 11.59 20.56
N THR B 68 -38.95 12.27 20.97
CA THR B 68 -39.19 13.65 20.60
C THR B 68 -39.43 14.50 21.85
N ILE B 69 -39.13 15.78 21.75
CA ILE B 69 -39.25 16.68 22.89
C ILE B 69 -40.59 17.39 22.85
N PRO B 70 -41.35 17.34 23.95
CA PRO B 70 -42.69 17.94 24.08
C PRO B 70 -42.78 19.36 23.50
N ASP B 71 -43.90 19.66 22.83
CA ASP B 71 -44.07 20.95 22.15
C ASP B 71 -44.19 22.17 23.09
N PRO B 72 -44.80 21.98 24.28
CA PRO B 72 -44.83 23.06 25.28
C PRO B 72 -43.44 23.63 25.56
N ALA B 73 -42.48 22.75 25.86
CA ALA B 73 -41.10 23.15 26.12
C ALA B 73 -40.37 23.67 24.88
N VAL B 74 -40.52 23.00 23.73
CA VAL B 74 -39.91 23.46 22.49
C VAL B 74 -40.20 24.95 22.22
N GLN B 75 -41.48 25.32 22.24
CA GLN B 75 -41.91 26.69 21.95
C GLN B 75 -41.37 27.66 22.99
N SER B 76 -41.45 27.26 24.25
CA SER B 76 -40.93 28.08 25.34
C SER B 76 -39.45 28.42 25.19
N ILE B 77 -38.63 27.42 24.87
CA ILE B 77 -37.19 27.60 24.80
C ILE B 77 -36.78 28.27 23.49
N THR B 78 -37.47 27.93 22.40
CA THR B 78 -37.19 28.56 21.09
C THR B 78 -37.44 30.06 21.18
N LYS B 79 -38.41 30.44 22.00
CA LYS B 79 -38.78 31.82 22.16
C LYS B 79 -37.84 32.58 23.08
N ASN B 80 -37.50 31.97 24.22
CA ASN B 80 -36.66 32.62 25.22
C ASN B 80 -35.17 32.66 24.84
N LEU B 81 -34.75 31.67 24.05
CA LEU B 81 -33.37 31.58 23.54
C LEU B 81 -32.36 31.15 24.61
N VAL B 82 -32.83 31.00 25.85
CA VAL B 82 -32.00 30.54 26.95
C VAL B 82 -32.77 29.63 27.88
N ALA B 83 -32.08 28.62 28.43
CA ALA B 83 -32.67 27.71 29.41
C ALA B 83 -31.62 27.34 30.44
N LEU B 84 -32.06 26.93 31.62
CA LEU B 84 -31.17 26.51 32.68
C LEU B 84 -31.68 25.25 33.36
N LYS B 85 -31.23 24.08 32.92
CA LYS B 85 -31.79 22.83 33.44
C LYS B 85 -30.96 22.19 34.55
N GLY B 86 -31.63 21.52 35.47
CA GLY B 86 -30.97 20.70 36.47
C GLY B 86 -30.96 19.27 35.99
N PRO B 87 -30.63 18.32 36.87
CA PRO B 87 -30.46 16.89 36.59
C PRO B 87 -31.75 16.22 36.16
N LEU B 88 -31.64 15.10 35.42
CA LEU B 88 -32.79 14.24 35.15
C LEU B 88 -32.39 12.79 34.91
N ALA B 89 -33.19 11.88 35.47
CA ALA B 89 -32.90 10.45 35.45
C ALA B 89 -32.94 9.83 34.04
N THR B 90 -32.54 8.55 33.98
CA THR B 90 -32.34 7.82 32.73
C THR B 90 -33.51 6.91 32.37
N PRO B 91 -34.43 7.42 31.52
CA PRO B 91 -35.53 6.61 30.96
C PRO B 91 -34.95 5.54 30.04
N HIS B 96 -36.22 5.70 25.36
CA HIS B 96 -35.56 4.82 24.39
C HIS B 96 -34.24 5.46 23.92
N ARG B 97 -34.32 6.47 23.05
CA ARG B 97 -33.14 7.25 22.66
C ARG B 97 -32.68 8.13 23.82
N SER B 98 -31.55 8.81 23.66
CA SER B 98 -30.95 9.56 24.77
C SER B 98 -31.65 10.91 24.98
N LEU B 99 -31.97 11.22 26.24
CA LEU B 99 -32.71 12.42 26.55
C LEU B 99 -31.87 13.67 26.26
N ASN B 100 -30.60 13.61 26.64
CA ASN B 100 -29.66 14.67 26.36
C ASN B 100 -29.36 14.76 24.87
N LEU B 101 -29.33 13.63 24.19
CA LEU B 101 -28.98 13.61 22.78
C LEU B 101 -30.06 14.28 21.91
N THR B 102 -31.33 14.08 22.25
CA THR B 102 -32.41 14.70 21.46
C THR B 102 -32.53 16.17 21.79
N LEU B 103 -32.20 16.52 23.03
CA LEU B 103 -32.18 17.91 23.44
C LEU B 103 -31.22 18.71 22.54
N ARG B 104 -29.99 18.20 22.34
CA ARG B 104 -29.01 18.87 21.50
C ARG B 104 -29.41 18.93 20.03
N LYS B 105 -30.07 17.88 19.55
CA LYS B 105 -30.46 17.81 18.15
C LYS B 105 -31.57 18.80 17.82
N THR B 106 -32.59 18.89 18.68
CA THR B 106 -33.72 19.77 18.40
C THR B 106 -33.38 21.27 18.48
N PHE B 107 -32.48 21.66 19.38
CA PHE B 107 -32.12 23.08 19.55
C PHE B 107 -30.87 23.53 18.83
N GLY B 108 -30.26 22.64 18.05
CA GLY B 108 -29.09 22.96 17.27
C GLY B 108 -27.87 23.27 18.10
N LEU B 109 -27.72 22.56 19.22
CA LEU B 109 -26.58 22.74 20.11
C LEU B 109 -25.35 22.01 19.59
N PHE B 110 -24.29 22.76 19.28
CA PHE B 110 -23.15 22.16 18.61
C PHE B 110 -21.90 22.16 19.50
N ALA B 111 -21.86 23.04 20.49
CA ALA B 111 -20.66 23.15 21.34
C ALA B 111 -21.01 22.95 22.80
N ASN B 112 -20.17 22.22 23.49
CA ASN B 112 -20.31 21.99 24.92
C ASN B 112 -19.11 22.64 25.63
N VAL B 113 -19.37 23.63 26.49
CA VAL B 113 -18.31 24.32 27.22
C VAL B 113 -18.19 23.79 28.63
N ARG B 114 -17.02 23.28 28.98
CA ARG B 114 -16.81 22.63 30.28
C ARG B 114 -15.61 23.21 31.02
N PRO B 115 -15.85 24.18 31.92
CA PRO B 115 -14.85 24.78 32.82
C PRO B 115 -14.52 23.83 33.95
N ALA B 116 -13.25 23.71 34.34
CA ALA B 116 -12.93 23.05 35.59
C ALA B 116 -11.98 23.89 36.44
N LYS B 117 -12.52 24.61 37.43
CA LYS B 117 -11.71 25.48 38.28
C LYS B 117 -11.64 25.00 39.74
N SER B 118 -10.47 25.16 40.35
CA SER B 118 -10.29 24.95 41.78
C SER B 118 -11.08 26.00 42.57
N ILE B 119 -11.51 25.62 43.78
CA ILE B 119 -12.20 26.54 44.67
C ILE B 119 -11.21 27.10 45.68
N GLU B 120 -11.08 28.43 45.70
CA GLU B 120 -10.17 29.11 46.64
C GLU B 120 -10.57 28.88 48.09
N GLY B 121 -9.62 28.41 48.89
CA GLY B 121 -9.90 28.10 50.28
C GLY B 121 -10.38 26.69 50.57
N PHE B 122 -10.69 25.92 49.52
CA PHE B 122 -11.13 24.54 49.70
C PHE B 122 -10.03 23.59 49.24
N LYS B 123 -9.52 22.80 50.19
CA LYS B 123 -8.39 21.92 49.97
C LYS B 123 -8.78 20.67 49.19
N THR B 124 -8.40 20.64 47.92
CA THR B 124 -8.55 19.45 47.11
C THR B 124 -7.17 18.93 46.76
N THR B 125 -7.11 17.75 46.15
CA THR B 125 -5.82 17.12 45.90
C THR B 125 -4.97 17.84 44.84
N TYR B 126 -5.60 18.45 43.84
CA TYR B 126 -4.86 19.26 42.88
C TYR B 126 -5.13 20.74 43.15
N GLU B 127 -4.17 21.59 42.84
CA GLU B 127 -4.31 23.03 43.13
C GLU B 127 -4.06 23.92 41.93
N ASN B 128 -4.72 25.07 41.95
CA ASN B 128 -4.51 26.10 40.93
C ASN B 128 -4.88 25.64 39.54
N VAL B 129 -5.87 24.79 39.46
CA VAL B 129 -6.37 24.38 38.17
C VAL B 129 -7.48 25.32 37.68
N ASP B 130 -7.35 25.80 36.46
CA ASP B 130 -8.39 26.61 35.86
C ASP B 130 -8.47 26.28 34.36
N LEU B 131 -9.20 25.20 34.07
CA LEU B 131 -9.19 24.64 32.73
C LEU B 131 -10.46 24.96 31.98
N VAL B 132 -10.35 25.18 30.67
CA VAL B 132 -11.53 25.37 29.83
C VAL B 132 -11.44 24.45 28.60
N LEU B 133 -12.43 23.55 28.44
CA LEU B 133 -12.50 22.64 27.31
C LEU B 133 -13.78 22.82 26.49
N ILE B 134 -13.65 23.06 25.20
CA ILE B 134 -14.81 23.12 24.32
C ILE B 134 -14.81 21.85 23.46
N ARG B 135 -15.90 21.09 23.47
CA ARG B 135 -15.95 19.88 22.68
C ARG B 135 -17.12 19.91 21.68
N GLU B 136 -16.93 19.29 20.52
CA GLU B 136 -17.99 19.18 19.52
C GLU B 136 -19.10 18.22 20.01
N ASN B 137 -20.36 18.52 19.69
CA ASN B 137 -21.47 17.70 20.18
C ASN B 137 -22.34 17.01 19.12
N THR B 138 -22.23 17.47 17.88
CA THR B 138 -23.03 17.01 16.76
C THR B 138 -22.69 15.58 16.31
N GLU B 139 -21.50 15.42 15.75
CA GLU B 139 -21.14 14.18 15.10
C GLU B 139 -20.31 13.27 15.99
N GLY B 140 -19.39 12.51 15.41
CA GLY B 140 -18.55 11.62 16.17
C GLY B 140 -19.31 10.37 16.56
N GLU B 141 -19.04 9.88 17.75
CA GLU B 141 -19.71 8.69 18.25
C GLU B 141 -21.17 8.94 18.65
N TYR B 142 -21.58 10.20 18.67
CA TYR B 142 -22.99 10.53 18.93
C TYR B 142 -23.88 10.20 17.73
N SER B 143 -23.43 10.55 16.53
CA SER B 143 -24.12 10.17 15.29
C SER B 143 -23.56 8.83 14.70
N GLY B 144 -22.99 8.00 15.57
CA GLY B 144 -22.33 6.78 15.14
C GLY B 144 -23.24 5.57 14.88
N ILE B 145 -22.75 4.67 14.02
CA ILE B 145 -23.51 3.50 13.64
C ILE B 145 -22.72 2.22 13.94
N GLU B 146 -23.36 1.28 14.60
CA GLU B 146 -22.69 0.00 14.80
C GLU B 146 -23.48 -1.09 14.12
N HIS B 147 -22.77 -2.03 13.52
CA HIS B 147 -23.46 -3.24 13.08
C HIS B 147 -22.60 -4.48 13.02
N ILE B 148 -23.25 -5.63 13.01
CA ILE B 148 -22.55 -6.89 12.98
C ILE B 148 -22.23 -7.26 11.54
N VAL B 149 -20.95 -7.40 11.23
CA VAL B 149 -20.52 -7.69 9.87
C VAL B 149 -20.45 -9.19 9.55
N CYS B 150 -19.51 -9.88 10.20
CA CYS B 150 -19.52 -11.34 10.29
C CYS B 150 -19.83 -11.77 11.75
N PRO B 151 -20.05 -13.07 11.99
CA PRO B 151 -20.71 -13.52 13.23
C PRO B 151 -20.15 -13.03 14.59
N GLY B 152 -18.83 -12.90 14.70
CA GLY B 152 -18.28 -12.30 15.92
C GLY B 152 -17.63 -10.92 15.76
N VAL B 153 -18.13 -10.09 14.87
CA VAL B 153 -17.38 -8.92 14.48
C VAL B 153 -18.22 -7.67 14.40
N VAL B 154 -18.01 -6.75 15.33
CA VAL B 154 -18.73 -5.50 15.28
C VAL B 154 -17.90 -4.52 14.48
N GLN B 155 -18.51 -3.87 13.54
CA GLN B 155 -17.89 -2.71 12.90
C GLN B 155 -18.57 -1.41 13.32
N SER B 156 -17.78 -0.36 13.54
CA SER B 156 -18.29 0.93 13.98
C SER B 156 -18.08 1.91 12.85
N ILE B 157 -19.01 2.82 12.66
CA ILE B 157 -18.88 3.83 11.62
C ILE B 157 -19.06 5.17 12.29
N LYS B 158 -18.07 6.04 12.13
CA LYS B 158 -18.09 7.38 12.76
C LYS B 158 -17.76 8.47 11.72
N LEU B 159 -18.42 9.61 11.85
CA LEU B 159 -18.31 10.66 10.87
C LEU B 159 -17.73 11.91 11.49
N ILE B 160 -16.88 12.59 10.72
CA ILE B 160 -16.46 13.94 11.09
C ILE B 160 -16.51 14.86 9.85
N THR B 161 -17.06 16.06 9.98
CA THR B 161 -17.19 16.96 8.82
C THR B 161 -16.48 18.29 9.05
N ARG B 162 -16.00 18.88 7.95
CA ARG B 162 -15.40 20.21 7.96
C ARG B 162 -16.38 21.23 8.55
N ASP B 163 -17.63 21.23 8.11
CA ASP B 163 -18.62 22.20 8.60
C ASP B 163 -18.77 22.19 10.12
N ALA B 164 -19.02 21.03 10.71
CA ALA B 164 -19.28 20.96 12.13
C ALA B 164 -18.05 21.35 12.91
N SER B 165 -16.88 21.07 12.35
CA SER B 165 -15.61 21.39 12.97
C SER B 165 -15.29 22.90 12.93
N GLU B 166 -15.52 23.53 11.78
CA GLU B 166 -15.34 24.97 11.62
C GLU B 166 -16.55 25.61 12.21
N ARG B 167 -16.61 25.61 13.54
CA ARG B 167 -17.83 26.00 14.20
C ARG B 167 -17.69 25.82 15.69
N VAL B 168 -17.26 24.63 16.12
CA VAL B 168 -16.68 24.51 17.46
C VAL B 168 -15.34 25.22 17.50
N ILE B 169 -14.63 25.25 16.38
CA ILE B 169 -13.33 25.87 16.38
C ILE B 169 -13.47 27.39 16.35
N ARG B 170 -14.36 27.92 15.51
CA ARG B 170 -14.67 29.35 15.58
C ARG B 170 -15.06 29.73 17.00
N TYR B 171 -16.00 29.00 17.56
CA TYR B 171 -16.50 29.31 18.88
C TYR B 171 -15.38 29.27 19.89
N ALA B 172 -14.41 28.38 19.70
CA ALA B 172 -13.33 28.24 20.67
C ALA B 172 -12.47 29.47 20.65
N PHE B 173 -12.25 29.99 19.46
CA PHE B 173 -11.49 31.23 19.31
C PHE B 173 -12.22 32.42 19.97
N GLU B 174 -13.44 32.67 19.54
CA GLU B 174 -14.29 33.75 20.05
C GLU B 174 -14.56 33.68 21.56
N TYR B 175 -14.42 32.51 22.12
CA TYR B 175 -14.60 32.33 23.54
C TYR B 175 -13.27 32.57 24.26
N ALA B 176 -12.16 32.31 23.60
CA ALA B 176 -10.88 32.59 24.21
C ALA B 176 -10.68 34.11 24.27
N ARG B 177 -10.95 34.77 23.15
CA ARG B 177 -10.97 36.23 23.11
C ARG B 177 -11.91 36.80 24.18
N ALA B 178 -13.14 36.33 24.22
CA ALA B 178 -14.14 36.78 25.19
C ALA B 178 -13.85 36.56 26.70
N ILE B 179 -12.91 35.72 27.06
CA ILE B 179 -12.56 35.56 28.46
C ILE B 179 -11.10 35.91 28.68
N GLY B 180 -10.47 36.51 27.66
CA GLY B 180 -9.08 36.94 27.75
C GLY B 180 -8.02 35.85 27.91
N ARG B 181 -7.97 34.93 26.95
CA ARG B 181 -6.91 33.95 26.97
C ARG B 181 -6.19 33.97 25.63
N PRO B 182 -4.86 33.96 25.69
CA PRO B 182 -3.97 34.05 24.52
C PRO B 182 -4.06 32.82 23.60
N ARG B 183 -3.97 31.61 24.15
CA ARG B 183 -3.83 30.37 23.35
C ARG B 183 -5.10 29.57 23.20
N VAL B 184 -5.38 29.10 21.99
CA VAL B 184 -6.32 27.99 21.85
C VAL B 184 -5.54 26.78 21.38
N ILE B 185 -5.67 25.71 22.13
CA ILE B 185 -5.01 24.46 21.84
C ILE B 185 -5.98 23.44 21.24
N VAL B 186 -5.73 23.04 20.00
CA VAL B 186 -6.46 21.93 19.41
C VAL B 186 -5.81 20.63 19.85
N VAL B 187 -6.60 19.77 20.48
CA VAL B 187 -6.18 18.44 20.92
C VAL B 187 -6.65 17.37 19.92
N HIS B 188 -5.75 16.47 19.53
CA HIS B 188 -6.06 15.50 18.51
C HIS B 188 -5.18 14.28 18.71
N LYS B 189 -5.44 13.22 17.94
CA LYS B 189 -4.64 11.99 17.98
C LYS B 189 -3.76 11.92 16.70
N SER B 190 -2.75 11.05 16.71
CA SER B 190 -1.69 11.05 15.67
C SER B 190 -2.16 11.51 14.30
N THR B 191 -1.82 12.74 13.95
CA THR B 191 -2.34 13.43 12.76
C THR B 191 -2.10 12.72 11.39
N ILE B 192 -1.04 11.91 11.29
CA ILE B 192 -0.70 11.28 10.00
C ILE B 192 -1.32 9.88 9.80
N GLN B 193 -1.66 9.22 10.92
CA GLN B 193 -2.27 7.89 10.88
C GLN B 193 -3.79 7.93 11.04
N ARG B 194 -4.31 9.14 11.21
CA ARG B 194 -5.74 9.42 11.12
C ARG B 194 -5.97 10.76 10.44
N LEU B 195 -6.41 10.71 9.19
CA LEU B 195 -6.80 11.89 8.47
C LEU B 195 -8.15 12.51 8.92
N ALA B 196 -8.77 11.95 9.94
CA ALA B 196 -9.94 12.60 10.55
C ALA B 196 -9.46 13.70 11.48
N ASP B 197 -8.34 13.44 12.14
CA ASP B 197 -7.76 14.46 12.98
C ASP B 197 -7.02 15.46 12.12
N GLY B 198 -6.45 14.98 11.03
CA GLY B 198 -5.86 15.88 10.05
C GLY B 198 -6.85 16.92 9.55
N LEU B 199 -8.13 16.57 9.44
CA LEU B 199 -9.12 17.51 8.90
C LEU B 199 -9.47 18.54 9.94
N PHE B 200 -9.54 18.09 11.19
CA PHE B 200 -9.87 18.95 12.29
C PHE B 200 -8.78 19.98 12.52
N VAL B 201 -7.52 19.55 12.46
CA VAL B 201 -6.37 20.45 12.60
C VAL B 201 -6.28 21.45 11.44
N ASN B 202 -6.51 21.00 10.22
CA ASN B 202 -6.47 21.88 9.06
C ASN B 202 -7.50 22.97 9.15
N VAL B 203 -8.69 22.62 9.61
CA VAL B 203 -9.76 23.57 9.77
C VAL B 203 -9.38 24.62 10.82
N ALA B 204 -8.65 24.20 11.83
CA ALA B 204 -8.18 25.10 12.88
C ALA B 204 -7.13 26.07 12.37
N LYS B 205 -6.27 25.60 11.48
CA LYS B 205 -5.20 26.43 10.92
C LYS B 205 -5.74 27.49 9.95
N GLU B 206 -6.86 27.19 9.32
CA GLU B 206 -7.50 28.07 8.34
C GLU B 206 -8.16 29.23 9.06
N LEU B 207 -8.66 28.95 10.26
CA LEU B 207 -9.35 29.96 11.06
C LEU B 207 -8.34 30.76 11.85
N SER B 208 -7.14 30.21 11.99
CA SER B 208 -6.07 30.81 12.77
C SER B 208 -5.78 32.26 12.32
N LYS B 209 -5.93 32.48 11.01
CA LYS B 209 -5.59 33.75 10.39
C LYS B 209 -6.66 34.81 10.57
N GLU B 210 -7.88 34.39 10.83
CA GLU B 210 -8.95 35.34 11.15
C GLU B 210 -8.98 35.73 12.60
N TYR B 211 -8.02 35.23 13.38
CA TYR B 211 -7.93 35.61 14.78
C TYR B 211 -6.46 35.78 15.17
N PRO B 212 -5.90 36.94 14.80
CA PRO B 212 -4.47 37.21 14.92
C PRO B 212 -4.09 37.47 16.36
N ASP B 213 -5.04 37.93 17.17
CA ASP B 213 -4.82 38.17 18.61
C ASP B 213 -4.66 36.87 19.39
N LEU B 214 -4.97 35.77 18.74
CA LEU B 214 -4.93 34.48 19.41
C LEU B 214 -3.84 33.58 18.84
N THR B 215 -3.15 32.87 19.73
CA THR B 215 -2.14 31.89 19.33
C THR B 215 -2.76 30.48 19.26
N LEU B 216 -2.66 29.86 18.09
CA LEU B 216 -3.07 28.47 17.92
C LEU B 216 -1.92 27.50 18.13
N GLU B 217 -2.03 26.64 19.14
CA GLU B 217 -1.12 25.50 19.26
C GLU B 217 -1.90 24.23 19.02
N THR B 218 -1.22 23.20 18.51
CA THR B 218 -1.82 21.87 18.43
C THR B 218 -1.07 20.93 19.36
N GLU B 219 -1.81 19.97 19.94
CA GLU B 219 -1.16 19.04 20.86
C GLU B 219 -1.72 17.62 20.78
N LEU B 220 -0.86 16.60 20.84
CA LEU B 220 -1.30 15.21 20.82
C LEU B 220 -2.06 14.98 22.10
N ILE B 221 -3.19 14.30 22.03
CA ILE B 221 -3.96 14.06 23.23
C ILE B 221 -3.11 13.33 24.27
N ASP B 222 -2.22 12.44 23.84
CA ASP B 222 -1.27 11.79 24.76
C ASP B 222 -0.50 12.83 25.59
N ASN B 223 0.04 13.84 24.93
CA ASN B 223 0.89 14.82 25.63
C ASN B 223 0.06 15.70 26.54
N SER B 224 -1.08 16.15 26.05
CA SER B 224 -1.97 16.96 26.83
C SER B 224 -2.31 16.30 28.15
N VAL B 225 -2.66 15.02 28.16
CA VAL B 225 -3.01 14.46 29.45
C VAL B 225 -1.81 14.31 30.36
N LEU B 226 -0.63 14.08 29.78
CA LEU B 226 0.58 13.94 30.59
C LEU B 226 0.89 15.29 31.23
N LYS B 227 0.76 16.36 30.45
CA LYS B 227 1.09 17.68 30.96
C LYS B 227 0.06 18.13 31.99
N VAL B 228 -1.21 18.14 31.58
CA VAL B 228 -2.29 18.61 32.44
C VAL B 228 -2.31 17.92 33.79
N VAL B 229 -1.98 16.63 33.86
CA VAL B 229 -2.02 15.96 35.13
C VAL B 229 -0.80 16.25 36.01
N THR B 230 0.36 16.46 35.38
CA THR B 230 1.55 16.77 36.17
C THR B 230 1.43 18.21 36.66
N ASN B 231 0.85 19.08 35.85
CA ASN B 231 0.77 20.48 36.21
C ASN B 231 -0.37 21.28 35.57
N PRO B 232 -1.56 21.20 36.18
CA PRO B 232 -2.77 21.77 35.61
C PRO B 232 -2.65 23.27 35.32
N SER B 233 -1.85 23.97 36.11
CA SER B 233 -1.80 25.43 36.00
C SER B 233 -1.29 25.89 34.62
N ALA B 234 -0.48 25.03 33.99
CA ALA B 234 0.14 25.32 32.69
C ALA B 234 -0.87 25.57 31.58
N TYR B 235 -2.15 25.36 31.88
CA TYR B 235 -3.19 25.46 30.85
C TYR B 235 -4.22 26.51 31.18
N THR B 236 -3.99 27.26 32.25
CA THR B 236 -4.97 28.28 32.66
C THR B 236 -4.91 29.55 31.82
N ASP B 237 -4.02 29.58 30.84
CA ASP B 237 -3.98 30.67 29.86
C ASP B 237 -4.47 30.18 28.51
N ALA B 238 -5.16 29.04 28.50
CA ALA B 238 -5.56 28.45 27.24
C ALA B 238 -6.97 27.94 27.24
N VAL B 239 -7.52 27.86 26.04
CA VAL B 239 -8.77 27.21 25.79
C VAL B 239 -8.56 26.01 24.85
N SER B 240 -8.86 24.81 25.33
CA SER B 240 -8.75 23.61 24.49
C SER B 240 -10.01 23.30 23.66
N VAL B 241 -9.84 23.00 22.37
CA VAL B 241 -10.91 22.33 21.62
C VAL B 241 -10.55 20.90 21.19
N CYS B 242 -11.53 20.03 21.12
CA CYS B 242 -11.27 18.69 20.58
C CYS B 242 -12.47 18.17 19.83
N PRO B 243 -12.23 17.16 18.97
CA PRO B 243 -13.34 16.49 18.26
C PRO B 243 -14.21 15.73 19.26
N ASN B 244 -15.45 15.43 18.88
CA ASN B 244 -16.38 14.80 19.82
C ASN B 244 -15.83 13.52 20.50
N LEU B 245 -15.00 12.77 19.76
CA LEU B 245 -14.39 11.53 20.23
C LEU B 245 -13.77 11.52 21.64
N TYR B 246 -12.93 12.52 21.92
CA TYR B 246 -12.22 12.56 23.18
C TYR B 246 -12.85 13.53 24.17
N GLY B 247 -13.87 14.24 23.72
CA GLY B 247 -14.51 15.24 24.57
C GLY B 247 -15.01 14.73 25.91
N ASP B 248 -15.75 13.63 25.90
CA ASP B 248 -16.26 12.98 27.09
C ASP B 248 -15.15 12.73 28.12
N ILE B 249 -14.09 12.07 27.67
CA ILE B 249 -12.97 11.65 28.51
C ILE B 249 -12.14 12.81 29.07
N LEU B 250 -11.82 13.78 28.22
CA LEU B 250 -11.04 14.92 28.65
C LEU B 250 -11.77 15.78 29.66
N SER B 251 -13.02 16.12 29.39
CA SER B 251 -13.75 16.96 30.30
C SER B 251 -13.95 16.30 31.69
N ASP B 252 -14.08 14.98 31.72
CA ASP B 252 -14.24 14.26 32.99
C ASP B 252 -12.91 14.12 33.75
N LEU B 253 -11.82 14.10 33.02
CA LEU B 253 -10.50 14.13 33.61
C LEU B 253 -10.18 15.52 34.19
N ASN B 254 -10.61 16.57 33.51
CA ASN B 254 -10.48 17.92 34.03
C ASN B 254 -11.23 18.10 35.35
N SER B 255 -12.43 17.58 35.42
CA SER B 255 -13.23 17.69 36.63
C SER B 255 -12.63 16.86 37.76
N GLY B 256 -11.89 15.82 37.41
CA GLY B 256 -11.16 15.04 38.41
C GLY B 256 -9.99 15.83 38.95
N LEU B 257 -9.46 16.75 38.15
CA LEU B 257 -8.34 17.55 38.58
C LEU B 257 -8.84 18.65 39.51
N SER B 258 -9.94 19.27 39.13
CA SER B 258 -10.44 20.43 39.88
C SER B 258 -11.12 20.05 41.19
N ALA B 259 -11.78 18.90 41.22
CA ALA B 259 -12.66 18.57 42.34
C ALA B 259 -12.67 17.11 42.79
N GLY B 260 -12.31 16.20 41.90
CA GLY B 260 -12.36 14.78 42.22
C GLY B 260 -13.72 14.18 41.93
N SER B 261 -14.56 14.92 41.20
CA SER B 261 -15.89 14.46 40.82
C SER B 261 -16.62 15.47 39.99
N LEU B 262 -17.78 15.10 39.47
CA LEU B 262 -18.60 16.03 38.67
C LEU B 262 -19.44 16.99 39.52
N GLY B 263 -19.29 16.89 40.85
CA GLY B 263 -20.14 17.57 41.80
C GLY B 263 -20.18 19.09 41.71
N LEU B 264 -19.08 19.70 41.29
CA LEU B 264 -19.00 21.14 41.28
C LEU B 264 -18.87 21.70 39.87
N THR B 265 -19.27 20.91 38.88
CA THR B 265 -18.98 21.26 37.50
C THR B 265 -20.19 21.79 36.72
N PRO B 266 -20.03 23.00 36.18
CA PRO B 266 -20.97 23.70 35.30
C PRO B 266 -20.70 23.29 33.86
N SER B 267 -21.70 23.46 33.00
CA SER B 267 -21.53 23.16 31.59
C SER B 267 -22.50 23.99 30.79
N ALA B 268 -22.09 24.31 29.57
CA ALA B 268 -22.90 25.09 28.68
C ALA B 268 -23.04 24.35 27.37
N ASN B 269 -24.24 24.39 26.81
CA ASN B 269 -24.48 23.79 25.51
C ASN B 269 -24.91 24.86 24.55
N ILE B 270 -24.01 25.27 23.66
CA ILE B 270 -24.26 26.45 22.85
C ILE B 270 -24.77 26.08 21.48
N GLY B 271 -25.89 26.68 21.08
CA GLY B 271 -26.39 26.58 19.73
C GLY B 271 -26.35 27.90 18.99
N HIS B 272 -26.73 27.89 17.71
CA HIS B 272 -26.69 29.10 16.88
C HIS B 272 -27.54 30.21 17.49
N LYS B 273 -28.67 29.85 18.08
CA LYS B 273 -29.51 30.85 18.76
C LYS B 273 -29.83 30.45 20.20
N ILE B 274 -30.24 29.20 20.41
CA ILE B 274 -30.55 28.73 21.76
C ILE B 274 -29.28 28.27 22.49
N SER B 275 -29.30 28.34 23.82
CA SER B 275 -28.20 27.84 24.64
C SER B 275 -28.71 27.36 25.99
N ILE B 276 -28.36 26.14 26.36
CA ILE B 276 -28.86 25.54 27.57
C ILE B 276 -27.70 25.35 28.53
N PHE B 277 -27.95 25.59 29.82
CA PHE B 277 -26.90 25.58 30.82
C PHE B 277 -27.29 24.64 31.91
N GLU B 278 -26.38 23.79 32.34
CA GLU B 278 -26.73 22.71 33.25
C GLU B 278 -25.57 22.25 34.09
N ALA B 279 -25.88 21.71 35.25
CA ALA B 279 -24.89 20.96 36.00
C ALA B 279 -24.75 19.59 35.32
N VAL B 280 -23.65 18.90 35.54
CA VAL B 280 -23.44 17.62 34.89
C VAL B 280 -23.52 16.44 35.84
N HIS B 281 -23.81 16.70 37.11
CA HIS B 281 -23.97 15.60 38.05
C HIS B 281 -25.33 14.97 37.90
N GLY B 282 -25.58 13.89 38.63
CA GLY B 282 -26.81 13.13 38.51
C GLY B 282 -28.04 13.64 39.24
N SER B 283 -29.11 12.86 39.18
CA SER B 283 -30.33 13.21 39.89
C SER B 283 -30.12 12.92 41.36
N ALA B 284 -29.33 11.88 41.63
CA ALA B 284 -29.08 11.43 43.00
C ALA B 284 -30.36 11.38 43.83
N PRO B 285 -31.25 10.43 43.51
CA PRO B 285 -32.60 10.35 44.12
C PRO B 285 -32.55 9.96 45.60
N ASP B 286 -31.58 9.13 45.95
CA ASP B 286 -31.48 8.62 47.30
C ASP B 286 -31.08 9.70 48.32
N ILE B 287 -30.89 10.93 47.85
CA ILE B 287 -30.59 12.06 48.73
C ILE B 287 -31.58 13.20 48.50
N ALA B 288 -32.60 12.91 47.70
CA ALA B 288 -33.64 13.89 47.41
C ALA B 288 -34.60 14.06 48.59
N GLY B 289 -35.09 15.28 48.76
CA GLY B 289 -35.98 15.63 49.85
C GLY B 289 -35.27 15.90 51.16
N GLN B 290 -34.19 15.14 51.42
CA GLN B 290 -33.46 15.22 52.68
C GLN B 290 -32.68 16.55 52.88
N ASP B 291 -32.76 17.44 51.88
CA ASP B 291 -32.12 18.75 51.94
C ASP B 291 -30.58 18.72 52.00
N LYS B 292 -29.97 17.71 51.40
CA LYS B 292 -28.52 17.58 51.45
C LYS B 292 -27.86 18.00 50.13
N ALA B 293 -28.66 18.35 49.14
CA ALA B 293 -28.17 18.64 47.78
C ALA B 293 -27.19 19.79 47.75
N ASN B 294 -26.32 19.83 46.74
CA ASN B 294 -25.38 20.91 46.59
C ASN B 294 -25.58 21.72 45.31
N PRO B 295 -26.11 22.93 45.44
CA PRO B 295 -26.54 23.81 44.34
C PRO B 295 -25.41 24.57 43.65
N THR B 296 -24.17 24.35 44.09
CA THR B 296 -23.03 25.05 43.52
C THR B 296 -22.89 24.89 42.01
N ALA B 297 -23.01 23.63 41.57
CA ALA B 297 -22.87 23.28 40.16
C ALA B 297 -23.92 24.00 39.35
N LEU B 298 -25.18 23.89 39.76
CA LEU B 298 -26.23 24.61 39.04
C LEU B 298 -26.06 26.14 39.16
N LEU B 299 -25.63 26.62 40.34
CA LEU B 299 -25.37 28.06 40.52
C LEU B 299 -24.32 28.61 39.56
N LEU B 300 -23.25 27.84 39.38
CA LEU B 300 -22.16 28.28 38.53
C LEU B 300 -22.57 28.25 37.07
N SER B 301 -23.55 27.42 36.74
CA SER B 301 -24.07 27.40 35.37
C SER B 301 -24.92 28.64 35.17
N SER B 302 -25.48 29.14 36.27
CA SER B 302 -26.26 30.38 36.27
C SER B 302 -25.33 31.52 35.88
N VAL B 303 -24.16 31.55 36.52
CA VAL B 303 -23.15 32.50 36.17
C VAL B 303 -22.83 32.47 34.69
N MET B 304 -22.58 31.27 34.15
CA MET B 304 -22.27 31.13 32.75
C MET B 304 -23.41 31.64 31.88
N MET B 305 -24.64 31.41 32.33
CA MET B 305 -25.82 31.87 31.63
C MET B 305 -25.94 33.41 31.65
N LEU B 306 -25.79 34.00 32.84
CA LEU B 306 -25.77 35.45 32.98
C LEU B 306 -24.77 36.05 32.00
N ASN B 307 -23.52 35.64 32.13
CA ASN B 307 -22.45 36.08 31.22
C ASN B 307 -22.79 35.91 29.75
N HIS B 308 -23.64 34.95 29.43
CA HIS B 308 -23.96 34.72 28.02
C HIS B 308 -25.04 35.72 27.60
N MET B 309 -25.74 36.25 28.60
CA MET B 309 -26.84 37.17 28.38
C MET B 309 -26.37 38.62 28.43
N GLY B 310 -25.26 38.89 29.09
CA GLY B 310 -24.70 40.23 29.16
C GLY B 310 -24.79 40.86 30.55
N LEU B 311 -25.53 40.21 31.44
CA LEU B 311 -25.65 40.65 32.82
C LEU B 311 -24.36 40.35 33.60
N THR B 312 -23.25 40.91 33.13
CA THR B 312 -21.93 40.70 33.72
C THR B 312 -21.87 41.13 35.20
N ASN B 313 -22.55 42.22 35.55
CA ASN B 313 -22.51 42.75 36.91
C ASN B 313 -23.13 41.76 37.87
N HIS B 314 -24.31 41.27 37.52
CA HIS B 314 -24.98 40.26 38.31
C HIS B 314 -24.19 38.93 38.31
N ALA B 315 -23.55 38.61 37.18
CA ALA B 315 -22.75 37.40 37.07
C ALA B 315 -21.65 37.33 38.12
N ASP B 316 -20.86 38.40 38.19
CA ASP B 316 -19.76 38.49 39.15
C ASP B 316 -20.28 38.62 40.57
N GLN B 317 -21.34 39.40 40.76
CA GLN B 317 -21.97 39.51 42.07
C GLN B 317 -22.26 38.11 42.61
N ILE B 318 -23.03 37.33 41.83
CA ILE B 318 -23.50 36.01 42.25
C ILE B 318 -22.43 34.94 42.25
N GLN B 319 -21.27 35.25 41.70
CA GLN B 319 -20.22 34.25 41.60
C GLN B 319 -19.04 34.63 42.47
N ASN B 320 -18.60 35.88 42.27
CA ASN B 320 -17.38 36.45 42.83
C ASN B 320 -17.38 36.35 44.34
N ALA B 321 -18.32 37.03 44.96
CA ALA B 321 -18.52 36.85 46.37
C ALA B 321 -19.19 35.48 46.53
N VAL B 322 -20.41 35.51 47.05
CA VAL B 322 -21.30 34.36 47.07
C VAL B 322 -20.64 33.02 47.34
N LEU B 323 -21.17 32.01 46.66
CA LEU B 323 -20.80 30.60 46.84
C LEU B 323 -19.31 30.32 46.73
N SER B 324 -18.63 31.08 45.89
CA SER B 324 -17.19 30.93 45.78
C SER B 324 -16.52 31.15 47.14
N THR B 325 -16.83 32.30 47.75
CA THR B 325 -16.29 32.64 49.07
C THR B 325 -16.99 31.90 50.21
N ILE B 326 -18.29 31.62 50.08
CA ILE B 326 -19.00 30.90 51.12
C ILE B 326 -18.53 29.45 51.19
N ALA B 327 -17.89 28.96 50.12
CA ALA B 327 -17.36 27.59 50.18
C ALA B 327 -16.13 27.56 51.08
N SER B 328 -15.84 28.71 51.71
CA SER B 328 -14.80 28.83 52.75
C SER B 328 -15.33 28.91 54.23
N GLY B 329 -15.00 27.88 55.01
CA GLY B 329 -15.57 27.67 56.34
C GLY B 329 -16.43 26.41 56.37
N PRO B 330 -15.91 25.32 56.97
CA PRO B 330 -16.51 23.97 57.02
C PRO B 330 -17.96 23.85 57.52
N GLU B 331 -18.42 24.81 58.31
CA GLU B 331 -19.81 24.79 58.78
C GLU B 331 -20.76 25.18 57.65
N ASN B 332 -20.16 25.49 56.50
CA ASN B 332 -20.91 25.60 55.26
C ASN B 332 -20.68 24.37 54.39
N ARG B 333 -20.37 24.56 53.11
CA ARG B 333 -20.14 23.41 52.24
C ARG B 333 -21.39 22.54 52.23
N THR B 334 -21.20 21.22 52.18
CA THR B 334 -22.29 20.27 52.25
C THR B 334 -21.68 18.89 52.41
N GLY B 335 -22.51 17.88 52.64
CA GLY B 335 -22.04 16.54 52.93
C GLY B 335 -20.99 15.98 51.97
N ASP B 336 -21.09 16.41 50.72
CA ASP B 336 -20.18 15.94 49.67
C ASP B 336 -18.76 16.48 49.83
N LEU B 337 -18.67 17.74 50.27
CA LEU B 337 -17.39 18.41 50.49
C LEU B 337 -16.92 18.32 51.94
N ALA B 338 -17.22 17.19 52.60
CA ALA B 338 -16.95 17.03 54.04
C ALA B 338 -17.35 18.29 54.81
N GLY B 339 -18.58 18.71 54.61
CA GLY B 339 -19.14 19.88 55.26
C GLY B 339 -20.33 19.50 56.12
N THR B 340 -21.01 20.49 56.68
CA THR B 340 -22.06 20.21 57.64
C THR B 340 -23.35 20.95 57.30
N ALA B 341 -23.25 21.93 56.40
CA ALA B 341 -24.40 22.74 56.02
C ALA B 341 -25.47 21.96 55.29
N THR B 342 -26.61 22.61 55.13
CA THR B 342 -27.76 22.02 54.49
C THR B 342 -28.06 22.87 53.27
N THR B 343 -28.83 22.35 52.32
CA THR B 343 -29.05 23.11 51.09
C THR B 343 -29.77 24.43 51.37
N SER B 344 -30.55 24.49 52.44
CA SER B 344 -31.21 25.72 52.87
C SER B 344 -30.23 26.68 53.55
N SER B 345 -29.46 26.15 54.50
CA SER B 345 -28.51 26.99 55.22
C SER B 345 -27.44 27.53 54.30
N PHE B 346 -27.11 26.77 53.25
CA PHE B 346 -26.14 27.20 52.25
C PHE B 346 -26.70 28.37 51.43
N THR B 347 -27.94 28.27 50.99
CA THR B 347 -28.49 29.27 50.08
C THR B 347 -28.46 30.68 50.67
N GLU B 348 -28.81 30.82 51.94
CA GLU B 348 -28.84 32.14 52.57
C GLU B 348 -27.45 32.53 53.07
N ALA B 349 -26.62 31.54 53.38
CA ALA B 349 -25.22 31.79 53.71
C ALA B 349 -24.56 32.50 52.53
N VAL B 350 -25.04 32.20 51.33
CA VAL B 350 -24.58 32.84 50.11
C VAL B 350 -25.24 34.19 49.95
N ILE B 351 -26.52 34.27 50.28
CA ILE B 351 -27.24 35.54 50.19
C ILE B 351 -26.64 36.56 51.16
N LYS B 352 -25.99 36.05 52.22
CA LYS B 352 -25.29 36.87 53.21
C LYS B 352 -24.23 37.75 52.53
N ARG B 353 -23.24 37.10 51.93
CA ARG B 353 -22.18 37.82 51.23
C ARG B 353 -22.54 38.15 49.78
N LEU B 354 -23.83 38.08 49.47
CA LEU B 354 -24.32 38.28 48.11
C LEU B 354 -23.95 39.65 47.54
N ARG C 8 -34.82 -37.38 11.04
CA ARG C 8 -35.39 -36.10 11.50
C ARG C 8 -34.95 -34.83 10.71
N THR C 9 -33.96 -34.93 9.82
CA THR C 9 -33.68 -33.81 8.90
C THR C 9 -34.20 -34.15 7.51
N LEU C 10 -35.02 -35.20 7.47
CA LEU C 10 -35.73 -35.52 6.25
C LEU C 10 -37.07 -34.76 6.19
N PRO C 11 -37.60 -34.58 4.99
CA PRO C 11 -39.00 -34.16 4.90
C PRO C 11 -39.89 -34.94 5.87
N LYS C 12 -40.94 -34.31 6.35
CA LYS C 12 -41.88 -34.90 7.29
C LYS C 12 -42.73 -35.89 6.52
N LYS C 13 -42.76 -37.14 6.99
CA LYS C 13 -43.41 -38.20 6.25
C LYS C 13 -43.98 -39.26 7.18
N TYR C 14 -45.27 -39.53 7.03
CA TYR C 14 -45.91 -40.54 7.85
C TYR C 14 -46.64 -41.50 6.95
N GLY C 15 -46.36 -42.78 7.16
CA GLY C 15 -46.92 -43.84 6.37
C GLY C 15 -46.90 -43.60 4.87
N GLY C 16 -45.83 -43.02 4.36
CA GLY C 16 -45.82 -42.75 2.94
C GLY C 16 -46.45 -41.43 2.50
N ARG C 17 -47.05 -40.66 3.42
CA ARG C 17 -47.55 -39.33 3.05
C ARG C 17 -46.69 -38.19 3.56
N PHE C 18 -46.39 -37.26 2.68
CA PHE C 18 -45.62 -36.08 3.03
C PHE C 18 -46.48 -34.91 3.47
N THR C 19 -46.10 -34.23 4.56
CA THR C 19 -46.70 -32.93 4.86
C THR C 19 -45.82 -31.83 4.28
N VAL C 20 -46.33 -31.06 3.32
CA VAL C 20 -45.56 -29.94 2.80
C VAL C 20 -46.24 -28.59 3.03
N THR C 21 -45.45 -27.60 3.43
CA THR C 21 -45.89 -26.23 3.60
C THR C 21 -46.37 -25.62 2.30
N LEU C 22 -47.56 -25.02 2.34
CA LEU C 22 -48.11 -24.33 1.19
C LEU C 22 -48.37 -22.88 1.55
N ILE C 23 -47.68 -21.96 0.87
CA ILE C 23 -47.84 -20.52 1.10
C ILE C 23 -48.35 -19.89 -0.20
N PRO C 24 -49.67 -19.73 -0.33
CA PRO C 24 -50.28 -19.40 -1.63
C PRO C 24 -49.97 -17.98 -2.09
N GLY C 25 -49.91 -17.02 -1.19
CA GLY C 25 -49.60 -15.66 -1.61
C GLY C 25 -50.83 -14.80 -1.75
N ASP C 26 -50.79 -13.87 -2.71
CA ASP C 26 -51.90 -12.95 -2.91
C ASP C 26 -52.99 -13.61 -3.75
N GLY C 27 -53.83 -12.79 -4.37
CA GLY C 27 -54.92 -13.29 -5.19
C GLY C 27 -54.51 -14.19 -6.35
N VAL C 28 -53.59 -13.71 -7.18
CA VAL C 28 -53.06 -14.48 -8.31
C VAL C 28 -52.25 -15.70 -7.82
N GLY C 29 -51.47 -15.50 -6.76
CA GLY C 29 -50.79 -16.61 -6.12
C GLY C 29 -51.77 -17.71 -5.70
N LYS C 30 -52.91 -17.32 -5.18
CA LYS C 30 -53.90 -18.30 -4.80
C LYS C 30 -54.51 -18.98 -6.02
N GLU C 31 -54.73 -18.26 -7.11
CA GLU C 31 -55.23 -18.87 -8.35
C GLU C 31 -54.28 -19.98 -8.85
N ILE C 32 -53.01 -19.64 -9.07
CA ILE C 32 -52.05 -20.61 -9.55
C ILE C 32 -51.75 -21.73 -8.54
N THR C 33 -51.77 -21.39 -7.27
CA THR C 33 -51.59 -22.39 -6.23
C THR C 33 -52.71 -23.41 -6.30
N ASP C 34 -53.92 -22.92 -6.51
CA ASP C 34 -55.10 -23.79 -6.56
C ASP C 34 -55.06 -24.70 -7.76
N SER C 35 -54.55 -24.20 -8.88
CA SER C 35 -54.26 -25.05 -10.01
C SER C 35 -53.43 -26.28 -9.62
N VAL C 36 -52.38 -26.07 -8.84
CA VAL C 36 -51.55 -27.19 -8.41
C VAL C 36 -52.32 -28.14 -7.46
N ARG C 37 -52.96 -27.57 -6.45
CA ARG C 37 -53.80 -28.31 -5.54
C ARG C 37 -54.78 -29.21 -6.30
N THR C 38 -55.43 -28.65 -7.31
CA THR C 38 -56.37 -29.36 -8.17
C THR C 38 -55.74 -30.52 -8.97
N ILE C 39 -54.67 -30.24 -9.68
CA ILE C 39 -53.95 -31.31 -10.37
C ILE C 39 -53.48 -32.40 -9.41
N PHE C 40 -53.09 -32.00 -8.20
CA PHE C 40 -52.52 -32.94 -7.25
C PHE C 40 -53.56 -33.90 -6.69
N GLU C 41 -54.74 -33.41 -6.35
CA GLU C 41 -55.81 -34.27 -5.85
C GLU C 41 -56.31 -35.18 -6.96
N ALA C 42 -56.31 -34.67 -8.19
CA ALA C 42 -56.75 -35.44 -9.33
C ALA C 42 -55.84 -36.62 -9.63
N GLU C 43 -54.57 -36.47 -9.30
CA GLU C 43 -53.58 -37.48 -9.58
C GLU C 43 -53.44 -38.33 -8.32
N ASN C 44 -54.17 -37.95 -7.28
CA ASN C 44 -54.14 -38.61 -5.97
C ASN C 44 -52.74 -38.82 -5.39
N ILE C 45 -52.02 -37.71 -5.26
CA ILE C 45 -50.64 -37.75 -4.78
C ILE C 45 -50.62 -37.73 -3.26
N PRO C 46 -49.70 -38.50 -2.66
CA PRO C 46 -49.62 -38.64 -1.20
C PRO C 46 -49.03 -37.41 -0.53
N ILE C 47 -49.65 -36.25 -0.75
CA ILE C 47 -49.18 -35.02 -0.16
C ILE C 47 -50.32 -34.35 0.57
N ASP C 48 -50.09 -34.06 1.84
CA ASP C 48 -50.98 -33.21 2.61
C ASP C 48 -50.41 -31.80 2.74
N TRP C 49 -51.18 -30.82 2.28
CA TRP C 49 -50.77 -29.43 2.43
C TRP C 49 -50.98 -28.93 3.85
N GLU C 50 -49.96 -28.27 4.40
CA GLU C 50 -50.14 -27.50 5.60
C GLU C 50 -50.16 -26.05 5.15
N THR C 51 -51.33 -25.54 4.80
CA THR C 51 -51.43 -24.26 4.17
C THR C 51 -51.37 -23.09 5.18
N ILE C 52 -50.48 -22.13 4.90
CA ILE C 52 -50.26 -20.99 5.76
C ILE C 52 -50.83 -19.74 5.09
N ASN C 53 -51.89 -19.16 5.62
CA ASN C 53 -52.33 -17.92 4.99
C ASN C 53 -51.61 -16.72 5.58
N ILE C 54 -50.91 -16.01 4.73
CA ILE C 54 -50.26 -14.83 5.20
C ILE C 54 -51.12 -13.66 4.79
N LYS C 55 -51.82 -13.10 5.79
CA LYS C 55 -52.75 -12.01 5.62
C LYS C 55 -52.05 -10.67 5.79
N GLN C 56 -52.62 -9.64 5.17
CA GLN C 56 -52.16 -8.25 5.29
C GLN C 56 -52.87 -7.58 6.48
N THR C 57 -53.19 -8.39 7.49
CA THR C 57 -54.00 -7.97 8.64
C THR C 57 -53.61 -8.87 9.81
N ASP C 58 -52.46 -9.53 9.64
CA ASP C 58 -51.78 -10.38 10.61
C ASP C 58 -50.57 -10.97 9.86
N HIS C 59 -49.55 -10.13 9.70
CA HIS C 59 -48.47 -10.39 8.74
C HIS C 59 -47.14 -10.82 9.37
N LYS C 60 -46.56 -10.03 10.26
CA LYS C 60 -45.47 -10.53 11.09
C LYS C 60 -45.81 -11.93 11.66
N GLU C 61 -47.09 -12.14 11.98
CA GLU C 61 -47.54 -13.41 12.56
C GLU C 61 -47.61 -14.52 11.53
N GLY C 62 -47.76 -14.15 10.26
CA GLY C 62 -47.82 -15.10 9.17
C GLY C 62 -46.44 -15.55 8.73
N VAL C 63 -45.50 -14.62 8.70
CA VAL C 63 -44.13 -14.97 8.40
C VAL C 63 -43.58 -15.91 9.46
N TYR C 64 -43.87 -15.62 10.72
CA TYR C 64 -43.45 -16.48 11.81
C TYR C 64 -44.03 -17.89 11.64
N GLU C 65 -45.30 -17.98 11.24
CA GLU C 65 -45.99 -19.24 11.07
C GLU C 65 -45.49 -20.05 9.87
N ALA C 66 -45.00 -19.38 8.86
CA ALA C 66 -44.52 -20.04 7.69
C ALA C 66 -43.14 -20.57 7.96
N VAL C 67 -42.32 -19.78 8.65
CA VAL C 67 -41.00 -20.22 9.03
C VAL C 67 -41.13 -21.47 9.92
N GLU C 68 -42.06 -21.43 10.86
CA GLU C 68 -42.21 -22.47 11.84
C GLU C 68 -42.69 -23.75 11.18
N SER C 69 -43.57 -23.59 10.19
CA SER C 69 -44.05 -24.68 9.37
C SER C 69 -42.96 -25.32 8.52
N LEU C 70 -42.07 -24.52 7.92
CA LEU C 70 -40.93 -25.04 7.18
C LEU C 70 -39.91 -25.75 8.06
N LYS C 71 -39.69 -25.23 9.27
CA LYS C 71 -38.84 -25.92 10.22
C LYS C 71 -39.36 -27.33 10.52
N ARG C 72 -40.67 -27.50 10.61
CA ARG C 72 -41.24 -28.79 10.82
C ARG C 72 -41.20 -29.68 9.58
N ASN C 73 -41.63 -29.14 8.44
CA ASN C 73 -41.85 -29.93 7.25
C ASN C 73 -40.64 -30.04 6.33
N LYS C 74 -39.77 -29.04 6.38
CA LYS C 74 -38.57 -28.98 5.53
C LYS C 74 -38.78 -28.68 4.05
N ILE C 75 -39.96 -28.92 3.52
CA ILE C 75 -40.26 -28.68 2.11
C ILE C 75 -41.44 -27.72 2.00
N GLY C 76 -41.41 -26.85 1.02
CA GLY C 76 -42.48 -25.88 0.84
C GLY C 76 -42.74 -25.54 -0.60
N LEU C 77 -43.99 -25.17 -0.87
CA LEU C 77 -44.41 -24.68 -2.16
C LEU C 77 -44.98 -23.28 -1.92
N LYS C 78 -44.50 -22.32 -2.67
CA LYS C 78 -44.79 -20.91 -2.39
C LYS C 78 -45.27 -20.18 -3.63
N GLY C 79 -46.36 -19.43 -3.49
CA GLY C 79 -46.91 -18.64 -4.59
C GLY C 79 -46.31 -17.25 -4.62
N LEU C 80 -47.04 -16.29 -5.17
CA LEU C 80 -46.50 -14.95 -5.30
C LEU C 80 -47.25 -13.88 -4.53
N TRP C 81 -46.53 -12.84 -4.12
CA TRP C 81 -47.10 -11.52 -3.90
C TRP C 81 -46.58 -10.63 -5.01
N HIS C 82 -47.47 -9.87 -5.63
CA HIS C 82 -47.03 -9.00 -6.69
C HIS C 82 -46.80 -7.56 -6.21
N THR C 83 -46.38 -7.46 -4.93
CA THR C 83 -45.76 -6.25 -4.42
C THR C 83 -44.33 -6.22 -4.95
N PRO C 84 -43.71 -5.02 -5.03
CA PRO C 84 -42.35 -4.94 -5.55
C PRO C 84 -41.36 -5.70 -4.65
N ALA C 85 -41.66 -5.78 -3.36
CA ALA C 85 -40.79 -6.47 -2.39
C ALA C 85 -40.61 -7.98 -2.70
N ASP C 86 -41.71 -8.73 -2.85
CA ASP C 86 -41.63 -10.16 -3.13
C ASP C 86 -40.87 -10.45 -4.44
N GLN C 87 -41.09 -9.62 -5.46
CA GLN C 87 -40.49 -9.83 -6.78
C GLN C 87 -38.97 -9.63 -6.81
N THR C 88 -38.43 -8.88 -5.86
CA THR C 88 -36.99 -8.60 -5.84
C THR C 88 -36.18 -9.46 -4.85
N GLY C 89 -36.89 -10.15 -3.96
CA GLY C 89 -36.25 -11.00 -2.97
C GLY C 89 -36.21 -10.40 -1.57
N HIS C 90 -36.86 -9.26 -1.39
CA HIS C 90 -36.91 -8.65 -0.06
C HIS C 90 -38.30 -8.85 0.54
N GLY C 91 -38.65 -8.07 1.56
CA GLY C 91 -39.93 -8.32 2.20
C GLY C 91 -39.85 -9.47 3.18
N SER C 92 -40.62 -9.36 4.27
CA SER C 92 -40.40 -10.17 5.47
C SER C 92 -40.17 -11.67 5.27
N LEU C 93 -40.93 -12.27 4.35
CA LEU C 93 -40.89 -13.70 4.14
C LEU C 93 -39.55 -14.12 3.58
N ASN C 94 -39.17 -13.49 2.48
CA ASN C 94 -37.88 -13.75 1.87
C ASN C 94 -36.70 -13.53 2.79
N VAL C 95 -36.75 -12.55 3.68
CA VAL C 95 -35.59 -12.34 4.53
C VAL C 95 -35.59 -13.38 5.62
N ALA C 96 -36.78 -13.74 6.08
CA ALA C 96 -36.93 -14.79 7.08
C ALA C 96 -36.38 -16.14 6.55
N LEU C 97 -36.75 -16.49 5.31
CA LEU C 97 -36.27 -17.69 4.68
C LEU C 97 -34.76 -17.70 4.56
N ARG C 98 -34.20 -16.54 4.27
CA ARG C 98 -32.78 -16.39 4.09
C ARG C 98 -31.99 -16.27 5.41
N LYS C 99 -32.50 -15.52 6.38
CA LYS C 99 -31.79 -15.35 7.65
C LYS C 99 -32.01 -16.50 8.62
N GLN C 100 -33.25 -16.95 8.77
CA GLN C 100 -33.56 -18.02 9.71
C GLN C 100 -33.34 -19.43 9.18
N LEU C 101 -33.68 -19.68 7.92
CA LEU C 101 -33.54 -21.02 7.37
C LEU C 101 -32.27 -21.18 6.58
N ASP C 102 -31.51 -20.11 6.39
CA ASP C 102 -30.26 -20.14 5.62
C ASP C 102 -30.44 -20.79 4.24
N ILE C 103 -31.46 -20.37 3.53
CA ILE C 103 -31.69 -20.84 2.19
C ILE C 103 -30.86 -19.97 1.27
N TYR C 104 -29.81 -20.54 0.70
CA TYR C 104 -28.74 -19.75 0.12
C TYR C 104 -28.63 -19.84 -1.38
N ALA C 105 -29.40 -20.70 -2.00
CA ALA C 105 -29.30 -20.90 -3.44
C ALA C 105 -30.65 -20.77 -4.14
N ASN C 106 -30.73 -19.82 -5.04
CA ASN C 106 -31.92 -19.65 -5.84
C ASN C 106 -31.65 -20.23 -7.22
N VAL C 107 -32.54 -21.07 -7.73
CA VAL C 107 -32.38 -21.69 -9.03
C VAL C 107 -33.54 -21.34 -9.91
N ALA C 108 -33.27 -20.94 -11.13
CA ALA C 108 -34.33 -20.68 -12.09
C ALA C 108 -34.09 -21.45 -13.39
N LEU C 109 -35.11 -22.11 -13.90
CA LEU C 109 -34.95 -22.91 -15.11
C LEU C 109 -35.59 -22.25 -16.33
N PHE C 110 -34.81 -21.95 -17.35
CA PHE C 110 -35.35 -21.30 -18.53
C PHE C 110 -35.31 -22.21 -19.75
N LYS C 111 -36.26 -23.12 -19.84
CA LYS C 111 -36.37 -24.00 -21.02
C LYS C 111 -37.51 -23.53 -21.90
N SER C 112 -37.21 -23.40 -23.20
CA SER C 112 -38.19 -23.03 -24.23
C SER C 112 -39.27 -24.10 -24.34
N LEU C 113 -40.52 -23.69 -24.57
CA LEU C 113 -41.62 -24.64 -24.64
C LEU C 113 -42.12 -24.86 -26.06
N LYS C 114 -42.52 -26.10 -26.35
CA LYS C 114 -42.83 -26.52 -27.72
C LYS C 114 -43.80 -25.64 -28.49
N GLY C 115 -44.91 -25.22 -27.89
CA GLY C 115 -45.82 -24.37 -28.63
C GLY C 115 -45.87 -22.88 -28.30
N VAL C 116 -44.74 -22.28 -27.96
CA VAL C 116 -44.72 -20.85 -27.65
C VAL C 116 -43.89 -20.07 -28.64
N LYS C 117 -44.52 -19.09 -29.28
CA LYS C 117 -43.86 -18.26 -30.30
C LYS C 117 -42.80 -17.36 -29.65
N THR C 118 -41.54 -17.68 -29.88
CA THR C 118 -40.43 -16.88 -29.36
C THR C 118 -39.47 -16.48 -30.48
N ARG C 119 -38.92 -15.28 -30.34
CA ARG C 119 -37.95 -14.77 -31.30
C ARG C 119 -36.67 -15.63 -31.41
N ILE C 120 -36.22 -16.21 -30.30
CA ILE C 120 -35.12 -17.16 -30.36
C ILE C 120 -35.52 -18.52 -29.82
N PRO C 121 -35.37 -19.56 -30.62
CA PRO C 121 -35.91 -20.88 -30.33
C PRO C 121 -34.97 -21.74 -29.49
N ASP C 122 -35.53 -22.77 -28.85
CA ASP C 122 -34.75 -23.83 -28.23
C ASP C 122 -33.73 -23.32 -27.24
N ILE C 123 -34.23 -22.64 -26.21
CA ILE C 123 -33.34 -22.15 -25.18
C ILE C 123 -33.30 -23.11 -24.01
N ASP C 124 -32.13 -23.27 -23.42
CA ASP C 124 -32.01 -24.11 -22.24
C ASP C 124 -30.92 -23.66 -21.29
N LEU C 125 -31.21 -22.63 -20.53
CA LEU C 125 -30.26 -22.21 -19.51
C LEU C 125 -30.81 -22.26 -18.11
N ILE C 126 -29.90 -22.42 -17.18
CA ILE C 126 -30.17 -22.44 -15.76
C ILE C 126 -29.40 -21.31 -15.11
N VAL C 127 -30.07 -20.50 -14.29
CA VAL C 127 -29.42 -19.42 -13.56
C VAL C 127 -29.46 -19.74 -12.07
N ILE C 128 -28.29 -19.86 -11.45
CA ILE C 128 -28.20 -20.13 -10.02
C ILE C 128 -27.66 -18.87 -9.36
N ARG C 129 -28.37 -18.32 -8.39
CA ARG C 129 -27.92 -17.10 -7.76
C ARG C 129 -27.73 -17.18 -6.24
N GLU C 130 -26.66 -16.57 -5.74
CA GLU C 130 -26.39 -16.58 -4.31
C GLU C 130 -27.42 -15.72 -3.56
N ASN C 131 -27.91 -16.20 -2.43
CA ASN C 131 -29.08 -15.62 -1.81
C ASN C 131 -28.93 -15.12 -0.36
N THR C 132 -27.72 -14.98 0.15
CA THR C 132 -27.59 -14.55 1.53
C THR C 132 -26.69 -13.36 1.77
N GLU C 133 -26.08 -12.86 0.72
CA GLU C 133 -24.98 -11.89 0.85
C GLU C 133 -25.15 -10.83 -0.21
N GLY C 134 -24.14 -9.97 -0.37
CA GLY C 134 -24.22 -8.89 -1.33
C GLY C 134 -25.44 -7.99 -1.12
N GLU C 135 -26.29 -7.91 -2.13
CA GLU C 135 -27.53 -7.17 -2.04
C GLU C 135 -28.34 -7.49 -0.78
N PHE C 136 -28.33 -8.75 -0.35
CA PHE C 136 -29.21 -9.19 0.73
C PHE C 136 -28.68 -9.06 2.17
N SER C 137 -27.47 -8.55 2.33
CA SER C 137 -26.93 -8.38 3.65
C SER C 137 -26.15 -7.05 3.85
N GLY C 138 -26.45 -6.06 3.04
CA GLY C 138 -25.73 -4.80 3.20
C GLY C 138 -25.85 -4.02 4.52
N LEU C 139 -25.43 -2.77 4.45
CA LEU C 139 -25.85 -1.74 5.35
C LEU C 139 -25.95 -0.50 4.48
N GLU C 140 -26.98 0.31 4.65
CA GLU C 140 -27.03 1.57 3.94
C GLU C 140 -27.27 2.67 4.93
N HIS C 141 -26.61 3.80 4.74
CA HIS C 141 -26.86 4.92 5.63
C HIS C 141 -26.71 6.25 4.93
N GLU C 142 -27.47 7.24 5.42
CA GLU C 142 -27.35 8.63 5.01
C GLU C 142 -26.85 9.40 6.23
N SER C 143 -25.55 9.64 6.27
CA SER C 143 -24.93 10.22 7.46
C SER C 143 -24.71 11.72 7.31
N VAL C 144 -24.42 12.17 6.10
CA VAL C 144 -24.55 13.58 5.80
C VAL C 144 -25.67 13.72 4.77
N PRO C 145 -26.50 14.75 4.92
CA PRO C 145 -27.70 14.88 4.08
C PRO C 145 -27.38 14.94 2.59
N GLY C 146 -28.12 14.15 1.82
CA GLY C 146 -27.88 14.03 0.39
C GLY C 146 -26.77 13.08 -0.04
N VAL C 147 -26.27 12.27 0.89
CA VAL C 147 -25.26 11.30 0.56
C VAL C 147 -25.59 9.94 1.11
N VAL C 148 -25.86 8.99 0.23
CA VAL C 148 -26.13 7.62 0.66
C VAL C 148 -24.95 6.71 0.43
N GLU C 149 -24.59 5.96 1.45
CA GLU C 149 -23.47 5.03 1.38
C GLU C 149 -23.87 3.57 1.58
N SER C 150 -23.42 2.70 0.69
CA SER C 150 -23.70 1.27 0.80
C SER C 150 -22.45 0.54 1.25
N LEU C 151 -22.62 -0.44 2.14
CA LEU C 151 -21.53 -1.30 2.58
C LEU C 151 -21.95 -2.76 2.41
N LYS C 152 -21.39 -3.46 1.45
CA LYS C 152 -21.84 -4.81 1.15
C LYS C 152 -20.66 -5.78 1.33
N VAL C 153 -20.92 -7.03 1.69
CA VAL C 153 -19.84 -8.00 1.83
C VAL C 153 -19.96 -9.18 0.88
N MET C 154 -18.80 -9.72 0.51
CA MET C 154 -18.68 -10.94 -0.29
C MET C 154 -17.69 -11.76 0.49
N THR C 155 -18.05 -13.00 0.86
CA THR C 155 -17.17 -13.80 1.71
C THR C 155 -16.85 -15.14 1.09
N ARG C 156 -15.71 -15.71 1.44
CA ARG C 156 -15.29 -16.90 0.75
C ARG C 156 -16.15 -18.11 1.11
N PRO C 157 -16.55 -18.27 2.37
CA PRO C 157 -17.38 -19.45 2.66
C PRO C 157 -18.75 -19.41 1.96
N LYS C 158 -19.42 -18.27 1.96
CA LYS C 158 -20.64 -18.18 1.18
C LYS C 158 -20.41 -18.48 -0.32
N THR C 159 -19.31 -18.01 -0.89
CA THR C 159 -19.13 -18.25 -2.30
C THR C 159 -18.66 -19.67 -2.64
N GLU C 160 -17.96 -20.31 -1.73
CA GLU C 160 -17.68 -21.73 -1.84
C GLU C 160 -18.95 -22.60 -1.86
N ARG C 161 -19.88 -22.34 -0.96
CA ARG C 161 -21.17 -23.04 -0.96
C ARG C 161 -21.87 -22.94 -2.31
N ILE C 162 -21.99 -21.73 -2.82
CA ILE C 162 -22.76 -21.52 -4.02
C ILE C 162 -22.07 -22.16 -5.20
N ALA C 163 -20.74 -22.12 -5.21
CA ALA C 163 -19.96 -22.85 -6.22
C ALA C 163 -20.24 -24.35 -6.19
N ARG C 164 -20.11 -24.96 -5.01
CA ARG C 164 -20.33 -26.41 -4.91
C ARG C 164 -21.76 -26.73 -5.28
N PHE C 165 -22.68 -25.89 -4.85
CA PHE C 165 -24.04 -26.11 -5.20
C PHE C 165 -24.22 -26.17 -6.72
N ALA C 166 -23.65 -25.20 -7.43
CA ALA C 166 -23.83 -25.09 -8.85
C ALA C 166 -23.18 -26.25 -9.58
N PHE C 167 -21.99 -26.66 -9.15
CA PHE C 167 -21.32 -27.78 -9.77
C PHE C 167 -22.07 -29.08 -9.47
N ASP C 168 -22.48 -29.27 -8.21
CA ASP C 168 -23.24 -30.44 -7.85
C ASP C 168 -24.51 -30.56 -8.67
N PHE C 169 -25.05 -29.40 -9.06
CA PHE C 169 -26.32 -29.32 -9.79
C PHE C 169 -26.09 -29.67 -11.25
N ALA C 170 -25.04 -29.11 -11.83
CA ALA C 170 -24.59 -29.48 -13.14
C ALA C 170 -24.35 -31.00 -13.24
N LYS C 171 -23.61 -31.57 -12.30
CA LYS C 171 -23.38 -33.03 -12.23
C LYS C 171 -24.71 -33.80 -12.26
N LYS C 172 -25.61 -33.47 -11.35
CA LYS C 172 -26.84 -34.22 -11.19
C LYS C 172 -27.74 -34.19 -12.42
N TYR C 173 -27.75 -33.08 -13.15
CA TYR C 173 -28.66 -32.92 -14.27
C TYR C 173 -27.92 -32.93 -15.58
N ASN C 174 -26.72 -33.51 -15.58
CA ASN C 174 -25.89 -33.67 -16.79
C ASN C 174 -25.75 -32.40 -17.62
N ARG C 175 -25.39 -31.31 -16.96
CA ARG C 175 -25.05 -30.10 -17.64
C ARG C 175 -23.54 -30.12 -17.80
N LYS C 176 -23.04 -29.52 -18.87
CA LYS C 176 -21.61 -29.63 -19.16
C LYS C 176 -20.81 -28.35 -18.96
N SER C 177 -21.50 -27.21 -18.80
CA SER C 177 -20.85 -25.93 -18.63
C SER C 177 -21.37 -25.16 -17.45
N VAL C 178 -20.45 -24.63 -16.66
CA VAL C 178 -20.79 -23.70 -15.60
C VAL C 178 -20.00 -22.41 -15.83
N THR C 179 -20.72 -21.30 -16.00
CA THR C 179 -20.07 -20.01 -16.20
C THR C 179 -20.35 -19.09 -15.02
N ALA C 180 -19.29 -18.60 -14.37
CA ALA C 180 -19.44 -17.62 -13.32
C ALA C 180 -19.61 -16.25 -13.94
N VAL C 181 -20.64 -15.52 -13.52
CA VAL C 181 -20.91 -14.18 -14.01
C VAL C 181 -20.57 -13.19 -12.93
N HIS C 182 -19.70 -12.23 -13.24
CA HIS C 182 -19.16 -11.32 -12.22
C HIS C 182 -18.84 -9.97 -12.82
N LYS C 183 -18.36 -9.05 -11.99
CA LYS C 183 -17.86 -7.76 -12.47
C LYS C 183 -16.42 -7.51 -11.95
N ALA C 184 -15.54 -8.49 -12.16
CA ALA C 184 -14.19 -8.40 -11.59
C ALA C 184 -13.27 -7.38 -12.28
N ASN C 185 -13.69 -6.84 -13.41
CA ASN C 185 -12.93 -5.80 -14.09
C ASN C 185 -12.90 -4.49 -13.30
N ILE C 186 -13.99 -4.20 -12.57
CA ILE C 186 -14.09 -3.00 -11.74
C ILE C 186 -13.91 -3.32 -10.25
N MET C 187 -14.71 -4.27 -9.74
CA MET C 187 -14.61 -4.77 -8.37
C MET C 187 -13.56 -5.87 -8.32
N LYS C 188 -12.29 -5.49 -8.49
CA LYS C 188 -11.20 -6.45 -8.65
C LYS C 188 -11.03 -7.41 -7.47
N LEU C 189 -11.38 -6.92 -6.29
CA LEU C 189 -11.22 -7.67 -5.06
C LEU C 189 -12.38 -8.64 -4.79
N GLY C 190 -13.58 -8.07 -4.66
CA GLY C 190 -14.77 -8.84 -4.31
C GLY C 190 -15.26 -9.76 -5.40
N ASP C 191 -15.45 -9.22 -6.60
CA ASP C 191 -15.91 -10.06 -7.68
C ASP C 191 -14.74 -10.89 -8.22
N GLY C 192 -13.52 -10.44 -7.93
CA GLY C 192 -12.34 -11.23 -8.24
C GLY C 192 -12.33 -12.49 -7.40
N LEU C 193 -12.60 -12.32 -6.11
CA LEU C 193 -12.75 -13.47 -5.23
C LEU C 193 -13.77 -14.48 -5.78
N PHE C 194 -14.90 -13.98 -6.24
CA PHE C 194 -15.97 -14.81 -6.74
C PHE C 194 -15.58 -15.59 -7.96
N ARG C 195 -15.08 -14.91 -8.98
CA ARG C 195 -14.56 -15.59 -10.18
C ARG C 195 -13.51 -16.67 -9.84
N ASN C 196 -12.57 -16.31 -8.96
CA ASN C 196 -11.48 -17.22 -8.62
C ASN C 196 -11.95 -18.45 -7.88
N ILE C 197 -12.77 -18.25 -6.85
CA ILE C 197 -13.26 -19.40 -6.11
C ILE C 197 -14.04 -20.35 -7.00
N ILE C 198 -14.88 -19.83 -7.87
CA ILE C 198 -15.66 -20.68 -8.75
C ILE C 198 -14.74 -21.46 -9.64
N THR C 199 -13.76 -20.80 -10.26
CA THR C 199 -12.91 -21.49 -11.23
C THR C 199 -11.97 -22.50 -10.56
N GLU C 200 -11.51 -22.20 -9.35
CA GLU C 200 -10.67 -23.16 -8.59
C GLU C 200 -11.45 -24.42 -8.19
N ILE C 201 -12.63 -24.22 -7.61
CA ILE C 201 -13.47 -25.34 -7.20
C ILE C 201 -13.83 -26.20 -8.40
N GLY C 202 -13.88 -25.58 -9.57
CA GLY C 202 -14.14 -26.30 -10.79
C GLY C 202 -13.00 -27.20 -11.19
N GLN C 203 -11.78 -26.70 -11.16
CA GLN C 203 -10.62 -27.45 -11.64
C GLN C 203 -10.17 -28.57 -10.67
N LYS C 204 -10.21 -28.30 -9.37
CA LYS C 204 -9.83 -29.30 -8.38
C LYS C 204 -10.93 -30.32 -8.07
N GLU C 205 -12.20 -29.91 -8.00
CA GLU C 205 -13.24 -30.83 -7.52
C GLU C 205 -14.22 -31.36 -8.58
N TYR C 206 -14.29 -30.71 -9.74
CA TYR C 206 -15.25 -31.09 -10.79
C TYR C 206 -14.61 -30.96 -12.18
N PRO C 207 -13.68 -31.86 -12.49
CA PRO C 207 -12.86 -31.72 -13.70
C PRO C 207 -13.65 -32.00 -14.97
N ASP C 208 -14.66 -32.86 -14.85
CA ASP C 208 -15.54 -33.24 -15.97
C ASP C 208 -16.45 -32.11 -16.45
N ILE C 209 -16.45 -31.01 -15.70
CA ILE C 209 -17.30 -29.87 -16.02
C ILE C 209 -16.48 -28.66 -16.46
N ASP C 210 -16.87 -28.07 -17.58
CA ASP C 210 -16.22 -26.87 -18.11
C ASP C 210 -16.55 -25.64 -17.28
N VAL C 211 -15.54 -25.04 -16.69
CA VAL C 211 -15.71 -23.76 -15.99
C VAL C 211 -15.34 -22.63 -16.92
N SER C 212 -15.96 -21.47 -16.74
CA SER C 212 -15.60 -20.27 -17.50
C SER C 212 -16.05 -19.01 -16.77
N SER C 213 -15.70 -17.84 -17.30
CA SER C 213 -16.05 -16.60 -16.64
C SER C 213 -16.51 -15.64 -17.68
N ILE C 214 -17.38 -14.73 -17.27
CA ILE C 214 -17.83 -13.72 -18.18
C ILE C 214 -18.18 -12.51 -17.36
N ILE C 215 -17.78 -11.33 -17.84
CA ILE C 215 -18.13 -10.09 -17.21
C ILE C 215 -19.62 -9.86 -17.44
N VAL C 216 -20.31 -9.36 -16.42
CA VAL C 216 -21.76 -9.35 -16.43
C VAL C 216 -22.37 -8.50 -17.55
N ASP C 217 -21.77 -7.37 -17.87
CA ASP C 217 -22.29 -6.54 -18.95
C ASP C 217 -22.22 -7.27 -20.30
N ASN C 218 -21.08 -7.90 -20.58
CA ASN C 218 -20.95 -8.74 -21.75
C ASN C 218 -21.94 -9.92 -21.71
N ALA C 219 -22.19 -10.50 -20.53
CA ALA C 219 -23.10 -11.61 -20.45
C ALA C 219 -24.52 -11.18 -20.78
N SER C 220 -24.89 -9.95 -20.42
CA SER C 220 -26.21 -9.43 -20.76
C SER C 220 -26.39 -9.32 -22.27
N MET C 221 -25.42 -8.69 -22.94
CA MET C 221 -25.42 -8.58 -24.37
C MET C 221 -25.47 -9.97 -25.00
N GLN C 222 -24.59 -10.84 -24.55
CA GLN C 222 -24.50 -12.20 -25.06
C GLN C 222 -25.80 -13.00 -24.84
N ALA C 223 -26.53 -12.71 -23.80
CA ALA C 223 -27.71 -13.50 -23.48
C ALA C 223 -28.89 -13.17 -24.38
N VAL C 224 -29.03 -11.91 -24.78
CA VAL C 224 -30.14 -11.55 -25.64
C VAL C 224 -29.82 -11.80 -27.11
N ALA C 225 -28.54 -11.93 -27.44
CA ALA C 225 -28.12 -12.09 -28.81
C ALA C 225 -27.83 -13.55 -29.16
N LYS C 226 -27.09 -14.25 -28.30
CA LYS C 226 -26.71 -15.64 -28.56
C LYS C 226 -26.78 -16.48 -27.29
N PRO C 227 -27.99 -16.69 -26.78
CA PRO C 227 -28.27 -17.44 -25.56
C PRO C 227 -27.73 -18.88 -25.56
N HIS C 228 -27.49 -19.46 -26.73
CA HIS C 228 -27.22 -20.89 -26.81
C HIS C 228 -25.88 -21.27 -26.26
N GLN C 229 -24.98 -20.31 -26.23
CA GLN C 229 -23.63 -20.54 -25.75
C GLN C 229 -23.57 -20.80 -24.25
N PHE C 230 -24.65 -20.46 -23.54
CA PHE C 230 -24.69 -20.62 -22.09
C PHE C 230 -25.38 -21.88 -21.67
N ASP C 231 -24.98 -22.40 -20.52
CA ASP C 231 -25.57 -23.63 -19.96
C ASP C 231 -26.03 -23.37 -18.50
N VAL C 232 -25.12 -23.43 -17.54
CA VAL C 232 -25.43 -23.03 -16.18
C VAL C 232 -24.69 -21.72 -15.86
N LEU C 233 -25.43 -20.66 -15.51
CA LEU C 233 -24.86 -19.41 -15.00
C LEU C 233 -24.91 -19.34 -13.48
N VAL C 234 -23.78 -19.11 -12.81
CA VAL C 234 -23.73 -18.85 -11.37
C VAL C 234 -23.38 -17.38 -11.16
N THR C 235 -24.14 -16.68 -10.33
CA THR C 235 -23.90 -15.25 -10.10
C THR C 235 -24.20 -14.83 -8.67
N PRO C 236 -23.56 -13.74 -8.24
CA PRO C 236 -23.89 -13.06 -6.99
C PRO C 236 -25.33 -12.58 -7.01
N SER C 237 -25.84 -12.21 -5.85
CA SER C 237 -27.21 -11.72 -5.74
C SER C 237 -27.53 -10.62 -6.73
N MET C 238 -26.64 -9.65 -6.89
CA MET C 238 -26.99 -8.43 -7.61
C MET C 238 -27.22 -8.57 -9.11
N TYR C 239 -26.66 -9.61 -9.73
CA TYR C 239 -26.79 -9.78 -11.18
C TYR C 239 -27.78 -10.84 -11.58
N GLY C 240 -28.29 -11.57 -10.61
CA GLY C 240 -29.13 -12.72 -10.91
C GLY C 240 -30.50 -12.32 -11.38
N THR C 241 -31.04 -11.27 -10.79
CA THR C 241 -32.33 -10.75 -11.17
C THR C 241 -32.31 -10.29 -12.62
N ILE C 242 -31.27 -9.57 -13.02
CA ILE C 242 -31.15 -9.12 -14.39
C ILE C 242 -31.03 -10.29 -15.36
N LEU C 243 -30.06 -11.15 -15.16
CA LEU C 243 -29.94 -12.35 -16.01
C LEU C 243 -31.22 -13.17 -16.07
N GLY C 244 -31.92 -13.31 -14.94
CA GLY C 244 -33.14 -14.06 -14.90
C GLY C 244 -34.27 -13.45 -15.69
N ASN C 245 -34.32 -12.14 -15.76
CA ASN C 245 -35.37 -11.51 -16.54
C ASN C 245 -35.11 -11.54 -18.03
N ILE C 246 -33.85 -11.57 -18.43
CA ILE C 246 -33.54 -11.81 -19.83
C ILE C 246 -33.98 -13.22 -20.16
N GLY C 247 -33.67 -14.14 -19.25
CA GLY C 247 -34.09 -15.52 -19.39
C GLY C 247 -35.58 -15.67 -19.57
N ALA C 248 -36.34 -14.94 -18.78
CA ALA C 248 -37.79 -15.03 -18.85
C ALA C 248 -38.31 -14.52 -20.20
N ALA C 249 -37.85 -13.34 -20.61
CA ALA C 249 -38.23 -12.81 -21.89
C ALA C 249 -37.89 -13.78 -23.04
N LEU C 250 -36.67 -14.33 -23.03
CA LEU C 250 -36.24 -15.33 -24.02
C LEU C 250 -37.18 -16.52 -24.29
N ILE C 251 -37.87 -17.01 -23.26
CA ILE C 251 -38.74 -18.19 -23.43
C ILE C 251 -40.23 -17.90 -23.45
N GLY C 252 -40.60 -16.63 -23.42
CA GLY C 252 -41.99 -16.23 -23.52
C GLY C 252 -42.69 -15.66 -22.29
N GLY C 253 -41.91 -15.32 -21.27
CA GLY C 253 -42.44 -14.66 -20.09
C GLY C 253 -42.35 -15.42 -18.79
N PRO C 254 -42.51 -14.69 -17.68
CA PRO C 254 -42.37 -15.16 -16.30
C PRO C 254 -43.29 -16.31 -16.00
N GLY C 255 -44.42 -16.38 -16.72
CA GLY C 255 -45.39 -17.45 -16.52
C GLY C 255 -44.89 -18.85 -16.87
N LEU C 256 -43.69 -18.96 -17.44
CA LEU C 256 -43.18 -20.25 -17.93
C LEU C 256 -41.94 -20.77 -17.22
N VAL C 257 -41.51 -20.04 -16.18
CA VAL C 257 -40.23 -20.24 -15.55
C VAL C 257 -40.26 -20.96 -14.20
N ALA C 258 -39.83 -22.22 -14.17
CA ALA C 258 -39.78 -22.98 -12.91
C ALA C 258 -38.67 -22.47 -12.02
N GLY C 259 -38.79 -22.72 -10.71
CA GLY C 259 -37.81 -22.26 -9.78
C GLY C 259 -37.74 -23.07 -8.50
N ALA C 260 -36.64 -22.92 -7.79
CA ALA C 260 -36.47 -23.61 -6.52
C ALA C 260 -35.44 -22.89 -5.70
N ASN C 261 -35.56 -23.01 -4.39
CA ASN C 261 -34.66 -22.36 -3.47
C ASN C 261 -34.19 -23.37 -2.47
N PHE C 262 -32.88 -23.50 -2.32
CA PHE C 262 -32.34 -24.53 -1.43
C PHE C 262 -31.48 -24.01 -0.34
N GLY C 263 -31.62 -24.66 0.81
CA GLY C 263 -30.67 -24.51 1.89
C GLY C 263 -30.11 -25.90 2.19
N ARG C 264 -29.29 -26.04 3.20
CA ARG C 264 -28.82 -27.36 3.54
C ARG C 264 -29.99 -28.26 3.98
N ASP C 265 -30.87 -27.73 4.84
CA ASP C 265 -31.94 -28.51 5.41
C ASP C 265 -33.32 -28.25 4.84
N TYR C 266 -33.46 -27.24 4.00
CA TYR C 266 -34.77 -26.80 3.57
C TYR C 266 -34.81 -26.60 2.09
N ALA C 267 -35.98 -26.78 1.52
CA ALA C 267 -36.20 -26.46 0.12
C ALA C 267 -37.56 -25.82 -0.05
N VAL C 268 -37.61 -24.77 -0.85
CA VAL C 268 -38.85 -24.09 -1.10
C VAL C 268 -38.98 -23.88 -2.59
N PHE C 269 -40.07 -24.35 -3.16
CA PHE C 269 -40.26 -24.28 -4.60
C PHE C 269 -41.23 -23.18 -4.96
N GLU C 270 -40.94 -22.48 -6.05
CA GLU C 270 -41.66 -21.27 -6.40
C GLU C 270 -41.21 -20.77 -7.77
N PRO C 271 -42.11 -20.13 -8.50
CA PRO C 271 -41.77 -19.60 -9.83
C PRO C 271 -40.50 -18.76 -9.82
N GLY C 272 -39.61 -19.04 -10.76
CA GLY C 272 -38.27 -18.51 -10.80
C GLY C 272 -38.15 -17.05 -11.17
N SER C 273 -39.22 -16.43 -11.66
CA SER C 273 -39.14 -15.03 -12.02
C SER C 273 -39.96 -14.13 -11.12
N ARG C 274 -40.66 -14.74 -10.18
CA ARG C 274 -41.54 -14.00 -9.28
C ARG C 274 -42.62 -13.26 -10.06
N HIS C 275 -42.94 -13.77 -11.25
CA HIS C 275 -44.01 -13.24 -12.10
C HIS C 275 -43.89 -11.72 -12.31
N VAL C 276 -42.64 -11.27 -12.36
CA VAL C 276 -42.33 -9.86 -12.56
C VAL C 276 -42.92 -9.33 -13.86
N LYS C 281 -53.66 -8.23 -14.63
CA LYS C 281 -54.50 -8.57 -13.49
C LYS C 281 -56.00 -8.42 -13.74
N GLY C 282 -56.57 -9.54 -14.13
CA GLY C 282 -58.00 -9.77 -14.21
C GLY C 282 -58.24 -11.07 -13.45
N GLN C 283 -59.50 -11.49 -13.33
CA GLN C 283 -59.80 -12.73 -12.61
C GLN C 283 -59.58 -13.94 -13.49
N ASN C 284 -59.00 -14.99 -12.92
CA ASN C 284 -58.83 -16.26 -13.59
C ASN C 284 -58.17 -16.22 -14.97
N VAL C 285 -57.16 -15.39 -15.14
CA VAL C 285 -56.46 -15.29 -16.43
C VAL C 285 -54.97 -15.66 -16.39
N ALA C 286 -54.39 -15.71 -15.20
CA ALA C 286 -52.95 -15.92 -15.02
C ALA C 286 -52.45 -17.29 -15.46
N ASN C 287 -51.23 -17.35 -15.97
CA ASN C 287 -50.62 -18.64 -16.35
C ASN C 287 -50.07 -19.43 -15.15
N PRO C 288 -50.59 -20.64 -14.91
CA PRO C 288 -50.18 -21.45 -13.77
C PRO C 288 -48.96 -22.32 -14.07
N THR C 289 -48.46 -22.27 -15.31
CA THR C 289 -47.36 -23.15 -15.74
C THR C 289 -46.11 -23.13 -14.84
N ALA C 290 -45.64 -21.93 -14.50
CA ALA C 290 -44.47 -21.79 -13.66
C ALA C 290 -44.68 -22.48 -12.31
N MET C 291 -45.84 -22.27 -11.72
CA MET C 291 -46.15 -22.87 -10.45
C MET C 291 -46.24 -24.39 -10.58
N ILE C 292 -46.78 -24.87 -11.68
CA ILE C 292 -46.97 -26.30 -11.85
C ILE C 292 -45.64 -26.98 -12.06
N LEU C 293 -44.82 -26.40 -12.93
CA LEU C 293 -43.48 -26.90 -13.19
C LEU C 293 -42.59 -26.86 -11.94
N SER C 294 -42.72 -25.80 -11.14
CA SER C 294 -42.01 -25.73 -9.87
C SER C 294 -42.53 -26.85 -8.98
N SER C 295 -43.82 -27.08 -9.05
CA SER C 295 -44.45 -28.18 -8.38
C SER C 295 -43.80 -29.55 -8.71
N THR C 296 -43.38 -29.74 -9.96
CA THR C 296 -42.78 -30.99 -10.35
C THR C 296 -41.33 -31.08 -9.90
N LEU C 297 -40.61 -29.94 -9.85
CA LEU C 297 -39.30 -29.92 -9.21
C LEU C 297 -39.42 -30.40 -7.78
N MET C 298 -40.45 -29.95 -7.09
CA MET C 298 -40.68 -30.43 -5.75
C MET C 298 -40.94 -31.96 -5.70
N LEU C 299 -41.70 -32.49 -6.65
CA LEU C 299 -42.00 -33.91 -6.68
C LEU C 299 -40.73 -34.72 -6.87
N ASN C 300 -39.90 -34.34 -7.86
CA ASN C 300 -38.57 -34.92 -8.03
C ASN C 300 -37.78 -34.97 -6.73
N HIS C 301 -37.70 -33.84 -6.07
CA HIS C 301 -37.00 -33.75 -4.82
C HIS C 301 -37.56 -34.70 -3.75
N LEU C 302 -38.88 -34.86 -3.70
CA LEU C 302 -39.50 -35.68 -2.69
C LEU C 302 -39.31 -37.18 -2.99
N GLY C 303 -38.81 -37.50 -4.17
CA GLY C 303 -38.60 -38.85 -4.58
C GLY C 303 -39.79 -39.46 -5.29
N LEU C 304 -40.90 -38.72 -5.38
CA LEU C 304 -42.00 -39.14 -6.19
C LEU C 304 -41.51 -39.14 -7.61
N ASN C 305 -42.00 -38.24 -8.44
CA ASN C 305 -41.35 -38.01 -9.76
C ASN C 305 -41.72 -38.96 -10.92
N GLU C 306 -42.35 -40.08 -10.60
CA GLU C 306 -43.14 -40.78 -11.59
C GLU C 306 -44.28 -39.81 -11.82
N TYR C 307 -44.90 -39.37 -10.73
CA TYR C 307 -45.93 -38.35 -10.78
C TYR C 307 -45.43 -37.07 -11.48
N ALA C 308 -44.16 -36.77 -11.32
CA ALA C 308 -43.59 -35.56 -11.88
C ALA C 308 -43.44 -35.65 -13.39
N THR C 309 -43.07 -36.82 -13.88
CA THR C 309 -42.93 -37.02 -15.31
C THR C 309 -44.27 -36.89 -16.01
N ARG C 310 -45.30 -37.45 -15.39
CA ARG C 310 -46.64 -37.40 -15.94
C ARG C 310 -47.20 -35.99 -16.00
N ILE C 311 -47.13 -35.29 -14.88
CA ILE C 311 -47.63 -33.93 -14.82
C ILE C 311 -46.87 -33.04 -15.79
N SER C 312 -45.57 -33.26 -15.90
CA SER C 312 -44.77 -32.47 -16.80
C SER C 312 -45.14 -32.71 -18.26
N LYS C 313 -45.38 -33.97 -18.63
CA LYS C 313 -45.76 -34.32 -19.99
C LYS C 313 -47.11 -33.70 -20.33
N ALA C 314 -48.05 -33.78 -19.39
CA ALA C 314 -49.36 -33.20 -19.53
C ALA C 314 -49.33 -31.70 -19.83
N VAL C 315 -48.52 -30.93 -19.11
CA VAL C 315 -48.55 -29.50 -19.37
C VAL C 315 -47.80 -29.15 -20.66
N HIS C 316 -46.75 -29.91 -20.98
CA HIS C 316 -46.03 -29.63 -22.22
C HIS C 316 -46.90 -29.92 -23.42
N GLU C 317 -47.64 -31.03 -23.34
CA GLU C 317 -48.56 -31.45 -24.38
C GLU C 317 -49.69 -30.46 -24.54
N THR C 318 -50.29 -30.04 -23.41
CA THR C 318 -51.34 -29.04 -23.43
C THR C 318 -50.91 -27.72 -24.06
N ILE C 319 -49.70 -27.24 -23.79
CA ILE C 319 -49.31 -25.94 -24.33
C ILE C 319 -48.83 -26.09 -25.77
N ALA C 320 -48.37 -27.29 -26.12
CA ALA C 320 -47.95 -27.60 -27.50
C ALA C 320 -49.09 -27.45 -28.51
N GLU C 321 -50.26 -27.95 -28.18
CA GLU C 321 -51.46 -27.73 -28.97
C GLU C 321 -52.13 -26.43 -28.54
N GLY C 322 -52.16 -25.45 -29.42
CA GLY C 322 -52.59 -24.11 -29.06
C GLY C 322 -53.96 -23.92 -28.43
N LYS C 323 -54.65 -25.03 -28.16
CA LYS C 323 -56.02 -25.01 -27.63
C LYS C 323 -55.98 -25.02 -26.10
N HIS C 324 -56.81 -24.19 -25.47
CA HIS C 324 -56.88 -24.16 -24.00
C HIS C 324 -55.70 -23.45 -23.32
N THR C 325 -54.78 -22.98 -24.13
CA THR C 325 -53.67 -22.16 -23.69
C THR C 325 -54.14 -20.83 -23.07
N THR C 326 -53.41 -20.33 -22.08
CA THR C 326 -53.79 -19.11 -21.36
C THR C 326 -53.43 -17.83 -22.17
N ARG C 327 -53.97 -16.67 -21.82
CA ARG C 327 -53.85 -15.53 -22.76
C ARG C 327 -52.43 -14.97 -23.02
N ASP C 328 -51.51 -15.20 -22.10
CA ASP C 328 -50.16 -14.62 -22.21
C ASP C 328 -49.25 -15.36 -23.20
N ILE C 329 -49.59 -16.59 -23.54
CA ILE C 329 -48.87 -17.29 -24.58
C ILE C 329 -49.73 -17.44 -25.84
N GLY C 330 -50.62 -16.48 -26.04
CA GLY C 330 -51.42 -16.42 -27.27
C GLY C 330 -52.77 -17.15 -27.31
N GLY C 331 -53.14 -17.82 -26.22
CA GLY C 331 -54.44 -18.46 -26.13
C GLY C 331 -55.48 -17.47 -25.61
N SER C 332 -56.62 -17.99 -25.18
CA SER C 332 -57.72 -17.13 -24.70
C SER C 332 -58.51 -17.77 -23.57
N SER C 333 -58.05 -18.95 -23.15
CA SER C 333 -58.66 -19.68 -22.04
C SER C 333 -58.25 -19.15 -20.66
N SER C 334 -59.09 -19.44 -19.67
CA SER C 334 -58.85 -19.05 -18.29
C SER C 334 -57.86 -20.02 -17.61
N THR C 335 -57.36 -19.69 -16.44
CA THR C 335 -56.40 -20.58 -15.79
C THR C 335 -57.09 -21.91 -15.45
N THR C 336 -58.35 -21.81 -15.06
CA THR C 336 -59.21 -22.97 -14.83
C THR C 336 -59.37 -23.90 -16.03
N ASP C 337 -59.59 -23.32 -17.22
CA ASP C 337 -59.73 -24.11 -18.46
C ASP C 337 -58.44 -24.88 -18.72
N PHE C 338 -57.32 -24.18 -18.56
CA PHE C 338 -55.99 -24.72 -18.76
C PHE C 338 -55.76 -25.89 -17.80
N THR C 339 -56.05 -25.67 -16.53
CA THR C 339 -55.92 -26.70 -15.52
C THR C 339 -56.73 -27.93 -15.89
N ASN C 340 -57.99 -27.72 -16.25
CA ASN C 340 -58.88 -28.83 -16.57
C ASN C 340 -58.44 -29.63 -17.79
N GLU C 341 -57.89 -28.94 -18.79
CA GLU C 341 -57.30 -29.61 -19.95
C GLU C 341 -56.15 -30.51 -19.54
N ILE C 342 -55.31 -30.02 -18.63
CA ILE C 342 -54.17 -30.81 -18.15
C ILE C 342 -54.65 -32.04 -17.40
N ILE C 343 -55.57 -31.84 -16.46
CA ILE C 343 -56.17 -32.94 -15.72
C ILE C 343 -56.82 -33.97 -16.64
N ASN C 344 -57.40 -33.48 -17.74
CA ASN C 344 -57.99 -34.31 -18.74
C ASN C 344 -57.01 -35.24 -19.44
N LYS C 345 -55.87 -34.71 -19.86
CA LYS C 345 -54.87 -35.55 -20.51
C LYS C 345 -54.23 -36.51 -19.52
N LEU C 346 -54.38 -36.20 -18.24
CA LEU C 346 -53.83 -37.02 -17.18
C LEU C 346 -54.63 -38.31 -16.97
N SER C 347 -55.95 -38.21 -16.98
CA SER C 347 -56.81 -39.38 -16.79
C SER C 347 -56.66 -40.38 -17.94
N THR C 348 -56.52 -39.87 -19.15
CA THR C 348 -56.34 -40.73 -20.32
C THR C 348 -54.90 -41.20 -20.48
N MET C 349 -54.01 -40.76 -19.60
CA MET C 349 -52.59 -41.07 -19.75
C MET C 349 -52.22 -42.50 -19.36
N GLN D 5 -32.48 21.85 -27.51
CA GLN D 5 -31.03 21.69 -27.31
C GLN D 5 -30.61 21.92 -25.84
N PRO D 6 -30.02 20.86 -25.20
CA PRO D 6 -29.82 20.86 -23.74
C PRO D 6 -29.01 22.03 -23.19
N SER D 7 -29.60 22.73 -22.23
CA SER D 7 -28.92 23.81 -21.54
C SER D 7 -27.80 23.32 -20.62
N ILE D 8 -27.89 22.05 -20.21
CA ILE D 8 -26.97 21.49 -19.23
C ILE D 8 -25.51 21.46 -19.67
N GLY D 9 -25.22 20.81 -20.79
CA GLY D 9 -23.85 20.76 -21.25
C GLY D 9 -23.69 21.49 -22.57
N ARG D 10 -24.30 22.67 -22.66
CA ARG D 10 -24.32 23.48 -23.88
C ARG D 10 -22.96 23.73 -24.50
N TYR D 11 -22.91 23.62 -25.82
CA TYR D 11 -21.68 23.90 -26.54
C TYR D 11 -21.47 25.41 -26.72
N THR D 12 -20.37 25.92 -26.18
CA THR D 12 -19.95 27.31 -26.41
C THR D 12 -19.36 27.43 -27.82
N GLY D 13 -20.14 28.02 -28.73
CA GLY D 13 -19.85 28.02 -30.16
C GLY D 13 -18.49 28.57 -30.58
N LYS D 14 -18.53 29.65 -31.36
CA LYS D 14 -17.31 30.31 -31.82
C LYS D 14 -16.53 29.46 -32.85
N PRO D 15 -16.77 29.71 -34.15
CA PRO D 15 -15.88 29.20 -35.20
C PRO D 15 -14.49 29.87 -35.12
N ASN D 16 -13.50 29.33 -35.84
CA ASN D 16 -12.20 29.99 -35.92
C ASN D 16 -12.39 31.38 -36.51
N PRO D 17 -11.87 32.42 -35.80
CA PRO D 17 -12.02 33.82 -36.27
C PRO D 17 -11.64 33.98 -37.75
N SER D 18 -10.58 33.28 -38.16
CA SER D 18 -10.06 33.38 -39.53
C SER D 18 -10.74 32.40 -40.51
N THR D 19 -10.59 31.10 -40.27
CA THR D 19 -10.99 30.05 -41.22
C THR D 19 -12.52 29.87 -41.34
N GLY D 20 -13.27 30.35 -40.35
CA GLY D 20 -14.71 30.14 -40.30
C GLY D 20 -15.04 28.68 -40.00
N LYS D 21 -14.06 28.00 -39.41
CA LYS D 21 -14.12 26.57 -39.12
C LYS D 21 -13.96 26.32 -37.63
N TYR D 22 -14.86 25.50 -37.08
CA TYR D 22 -14.80 25.13 -35.67
C TYR D 22 -13.63 24.21 -35.40
N THR D 23 -12.97 24.43 -34.26
CA THR D 23 -11.86 23.58 -33.82
C THR D 23 -12.37 22.39 -32.98
N VAL D 24 -11.89 21.19 -33.31
CA VAL D 24 -12.33 19.96 -32.66
C VAL D 24 -11.17 18.98 -32.43
N SER D 25 -10.82 18.73 -31.17
CA SER D 25 -9.74 17.78 -30.84
C SER D 25 -10.06 16.41 -31.40
N PHE D 26 -9.06 15.56 -31.60
CA PHE D 26 -9.37 14.25 -32.14
C PHE D 26 -9.06 13.09 -31.21
N ILE D 27 -7.80 12.70 -31.13
CA ILE D 27 -7.41 11.45 -30.45
C ILE D 27 -7.84 10.30 -31.33
N GLU D 28 -6.99 9.93 -32.27
CA GLU D 28 -7.34 8.88 -33.22
C GLU D 28 -7.22 7.51 -32.57
N GLY D 29 -6.50 7.44 -31.46
CA GLY D 29 -6.37 6.19 -30.75
C GLY D 29 -5.53 5.21 -31.55
N ASP D 30 -5.66 3.93 -31.25
CA ASP D 30 -4.80 2.92 -31.85
C ASP D 30 -5.56 1.67 -32.32
N GLY D 31 -4.84 0.64 -32.75
CA GLY D 31 -5.46 -0.49 -33.40
C GLY D 31 -6.12 -0.07 -34.70
N ILE D 32 -7.43 -0.28 -34.83
CA ILE D 32 -8.15 0.16 -36.02
C ILE D 32 -8.50 1.63 -35.93
N GLY D 33 -7.94 2.30 -34.94
CA GLY D 33 -8.20 3.71 -34.70
C GLY D 33 -7.84 4.60 -35.87
N PRO D 34 -6.54 4.58 -36.28
CA PRO D 34 -6.05 5.36 -37.43
C PRO D 34 -6.97 5.30 -38.65
N GLU D 35 -7.21 4.10 -39.18
CA GLU D 35 -8.01 3.94 -40.39
C GLU D 35 -9.51 4.32 -40.27
N ILE D 36 -10.05 4.29 -39.05
CA ILE D 36 -11.43 4.70 -38.84
C ILE D 36 -11.54 6.21 -38.70
N SER D 37 -10.50 6.83 -38.14
CA SER D 37 -10.42 8.28 -38.06
C SER D 37 -10.26 8.85 -39.47
N LYS D 38 -9.44 8.19 -40.27
CA LYS D 38 -9.19 8.60 -41.65
C LYS D 38 -10.51 8.70 -42.41
N SER D 39 -11.34 7.68 -42.27
CA SER D 39 -12.65 7.68 -42.90
C SER D 39 -13.55 8.82 -42.44
N VAL D 40 -13.41 9.24 -41.18
CA VAL D 40 -14.28 10.28 -40.65
C VAL D 40 -13.92 11.62 -41.26
N LYS D 41 -12.62 11.83 -41.46
CA LYS D 41 -12.13 13.09 -42.03
C LYS D 41 -12.51 13.23 -43.50
N LYS D 42 -12.42 12.11 -44.24
CA LYS D 42 -12.76 12.08 -45.66
C LYS D 42 -14.24 12.31 -45.92
N ILE D 43 -15.07 12.01 -44.93
CA ILE D 43 -16.51 12.18 -45.07
C ILE D 43 -16.92 13.55 -44.52
N PHE D 44 -16.07 14.10 -43.66
CA PHE D 44 -16.31 15.43 -43.10
C PHE D 44 -15.84 16.51 -44.07
N SER D 45 -14.77 16.20 -44.81
CA SER D 45 -14.29 17.06 -45.89
C SER D 45 -15.23 17.01 -47.10
N ALA D 46 -15.56 15.80 -47.52
CA ALA D 46 -16.43 15.57 -48.67
C ALA D 46 -17.86 16.10 -48.50
N ALA D 47 -18.29 16.34 -47.26
CA ALA D 47 -19.62 16.90 -47.04
C ALA D 47 -19.49 18.37 -46.70
N ASN D 48 -18.24 18.84 -46.78
CA ASN D 48 -17.90 20.22 -46.45
C ASN D 48 -18.54 20.67 -45.15
N VAL D 49 -17.91 20.31 -44.05
CA VAL D 49 -18.38 20.73 -42.74
C VAL D 49 -17.32 21.63 -42.10
N PRO D 50 -17.78 22.67 -41.39
CA PRO D 50 -17.01 23.75 -40.74
C PRO D 50 -16.07 23.28 -39.62
N ILE D 51 -15.19 22.31 -39.89
CA ILE D 51 -14.38 21.72 -38.83
C ILE D 51 -12.95 21.44 -39.24
N GLU D 52 -12.02 21.93 -38.41
CA GLU D 52 -10.60 21.61 -38.53
C GLU D 52 -10.16 20.78 -37.33
N TRP D 53 -9.47 19.67 -37.59
CA TRP D 53 -9.07 18.74 -36.54
C TRP D 53 -7.88 19.24 -35.71
N GLU D 54 -7.32 18.37 -34.88
CA GLU D 54 -6.22 18.76 -34.00
C GLU D 54 -5.76 17.56 -33.17
N SER D 55 -5.45 16.46 -33.84
CA SER D 55 -5.20 15.18 -33.15
C SER D 55 -4.37 15.28 -31.86
N CYS D 56 -4.94 14.71 -30.79
CA CYS D 56 -4.32 14.75 -29.46
C CYS D 56 -3.75 13.39 -29.09
N ASP D 57 -2.77 13.39 -28.22
CA ASP D 57 -2.31 12.15 -27.64
C ASP D 57 -2.71 12.16 -26.17
N VAL D 58 -3.31 11.07 -25.72
CA VAL D 58 -3.78 10.94 -24.35
C VAL D 58 -3.06 9.81 -23.60
N SER D 59 -1.97 9.31 -24.17
CA SER D 59 -1.19 8.26 -23.50
C SER D 59 -0.99 8.60 -22.02
N PRO D 60 -1.34 7.66 -21.15
CA PRO D 60 -1.36 7.84 -19.69
C PRO D 60 0.01 8.21 -19.10
N ILE D 61 0.18 9.47 -18.74
CA ILE D 61 1.36 9.90 -17.99
C ILE D 61 1.12 9.55 -16.52
N PHE D 62 2.17 9.25 -15.78
CA PHE D 62 2.03 8.99 -14.34
C PHE D 62 2.61 10.13 -13.47
N VAL D 63 1.81 10.66 -12.54
CA VAL D 63 2.24 11.73 -11.64
C VAL D 63 1.85 11.36 -10.20
N ASN D 64 2.83 10.92 -9.42
CA ASN D 64 2.60 10.40 -8.06
C ASN D 64 1.98 8.99 -8.04
N GLY D 65 2.19 8.24 -9.13
CA GLY D 65 1.60 6.92 -9.28
C GLY D 65 0.16 6.99 -9.72
N LEU D 66 -0.48 8.13 -9.45
CA LEU D 66 -1.84 8.44 -9.90
C LEU D 66 -1.81 8.79 -11.39
N THR D 67 -2.50 8.00 -12.20
CA THR D 67 -2.51 8.23 -13.65
C THR D 67 -3.09 9.60 -14.02
N THR D 68 -2.31 10.38 -14.78
CA THR D 68 -2.69 11.72 -15.18
C THR D 68 -2.72 11.82 -16.71
N ILE D 69 -3.50 12.75 -17.22
CA ILE D 69 -3.62 12.94 -18.65
C ILE D 69 -2.66 14.04 -19.13
N PRO D 70 -1.86 13.76 -20.18
CA PRO D 70 -0.87 14.68 -20.75
C PRO D 70 -1.37 16.12 -20.95
N ASP D 71 -0.53 17.09 -20.65
CA ASP D 71 -0.93 18.50 -20.69
C ASP D 71 -1.22 19.03 -22.11
N PRO D 72 -0.50 18.52 -23.13
CA PRO D 72 -0.79 18.88 -24.52
C PRO D 72 -2.26 18.65 -24.87
N ALA D 73 -2.74 17.46 -24.54
CA ALA D 73 -4.15 17.11 -24.77
C ALA D 73 -5.12 17.88 -23.87
N VAL D 74 -4.80 18.00 -22.59
CA VAL D 74 -5.67 18.73 -21.66
C VAL D 74 -6.00 20.12 -22.21
N GLN D 75 -4.96 20.87 -22.57
CA GLN D 75 -5.12 22.26 -23.03
C GLN D 75 -5.92 22.33 -24.32
N SER D 76 -5.60 21.42 -25.23
CA SER D 76 -6.28 21.33 -26.52
C SER D 76 -7.77 21.12 -26.36
N ILE D 77 -8.15 20.19 -25.49
CA ILE D 77 -9.55 19.82 -25.29
C ILE D 77 -10.31 20.83 -24.41
N THR D 78 -9.62 21.36 -23.40
CA THR D 78 -10.22 22.39 -22.56
C THR D 78 -10.59 23.59 -23.40
N LYS D 79 -9.76 23.86 -24.40
CA LYS D 79 -9.95 25.02 -25.29
C LYS D 79 -11.06 24.77 -26.31
N ASN D 80 -11.00 23.63 -26.99
CA ASN D 80 -11.96 23.33 -28.06
C ASN D 80 -13.38 23.01 -27.58
N LEU D 81 -13.44 22.50 -26.35
CA LEU D 81 -14.72 22.14 -25.71
C LEU D 81 -15.37 20.86 -26.28
N VAL D 82 -14.77 20.30 -27.33
CA VAL D 82 -15.28 19.10 -27.98
C VAL D 82 -14.13 18.19 -28.44
N ALA D 83 -14.33 16.88 -28.33
CA ALA D 83 -13.36 15.89 -28.79
C ALA D 83 -14.08 14.66 -29.37
N LEU D 84 -13.42 13.95 -30.27
CA LEU D 84 -13.99 12.77 -30.88
C LEU D 84 -12.93 11.68 -30.90
N LYS D 85 -12.93 10.80 -29.91
CA LYS D 85 -11.90 9.78 -29.81
C LYS D 85 -12.33 8.41 -30.33
N GLY D 86 -11.38 7.68 -30.90
CA GLY D 86 -11.61 6.30 -31.29
C GLY D 86 -11.10 5.38 -30.18
N PRO D 87 -10.97 4.10 -30.50
CA PRO D 87 -10.60 3.07 -29.52
C PRO D 87 -9.19 3.26 -28.99
N LEU D 88 -8.89 2.67 -27.83
CA LEU D 88 -7.52 2.56 -27.34
C LEU D 88 -7.34 1.36 -26.41
N ALA D 89 -6.17 0.72 -26.49
CA ALA D 89 -5.91 -0.54 -25.79
C ALA D 89 -5.70 -0.38 -24.29
N THR D 90 -5.60 -1.49 -23.59
CA THR D 90 -5.56 -1.49 -22.13
C THR D 90 -4.11 -1.69 -21.64
N PRO D 91 -3.30 -0.60 -21.60
CA PRO D 91 -1.88 -0.74 -21.18
C PRO D 91 -1.84 -1.31 -19.77
N ARG D 97 -4.86 3.72 -14.14
CA ARG D 97 -5.66 3.23 -13.04
C ARG D 97 -6.91 2.75 -13.78
N SER D 98 -7.42 3.63 -14.65
CA SER D 98 -8.23 3.29 -15.82
C SER D 98 -8.18 4.47 -16.76
N LEU D 99 -7.88 4.22 -18.03
CA LEU D 99 -7.68 5.28 -18.99
C LEU D 99 -8.94 6.11 -19.18
N ASN D 100 -10.05 5.40 -19.33
CA ASN D 100 -11.34 6.05 -19.52
C ASN D 100 -11.81 6.74 -18.25
N LEU D 101 -11.44 6.18 -17.10
CA LEU D 101 -11.87 6.74 -15.82
C LEU D 101 -11.21 8.11 -15.52
N THR D 102 -9.92 8.25 -15.81
CA THR D 102 -9.26 9.53 -15.58
C THR D 102 -9.72 10.54 -16.58
N LEU D 103 -10.00 10.08 -17.79
CA LEU D 103 -10.51 10.95 -18.82
C LEU D 103 -11.77 11.64 -18.33
N ARG D 104 -12.66 10.89 -17.68
CA ARG D 104 -13.93 11.45 -17.22
C ARG D 104 -13.74 12.37 -16.01
N LYS D 105 -12.73 12.06 -15.21
CA LYS D 105 -12.48 12.84 -14.01
C LYS D 105 -11.93 14.21 -14.35
N THR D 106 -10.95 14.25 -15.27
CA THR D 106 -10.28 15.50 -15.58
C THR D 106 -11.19 16.51 -16.29
N PHE D 107 -12.07 16.04 -17.16
CA PHE D 107 -12.92 16.93 -17.95
C PHE D 107 -14.31 17.13 -17.36
N GLY D 108 -14.54 16.58 -16.19
CA GLY D 108 -15.82 16.73 -15.51
C GLY D 108 -17.01 16.17 -16.28
N LEU D 109 -16.84 14.98 -16.86
CA LEU D 109 -17.89 14.33 -17.63
C LEU D 109 -18.76 13.56 -16.66
N PHE D 110 -20.03 13.90 -16.61
CA PHE D 110 -20.89 13.32 -15.61
C PHE D 110 -21.99 12.44 -16.17
N ALA D 111 -22.22 12.54 -17.47
CA ALA D 111 -23.29 11.77 -18.11
C ALA D 111 -22.79 11.03 -19.34
N ASN D 112 -23.23 9.78 -19.48
CA ASN D 112 -22.89 8.96 -20.63
C ASN D 112 -24.18 8.69 -21.37
N VAL D 113 -24.24 9.06 -22.66
CA VAL D 113 -25.46 8.88 -23.46
C VAL D 113 -25.25 7.75 -24.45
N ARG D 114 -26.10 6.73 -24.35
CA ARG D 114 -25.91 5.52 -25.16
C ARG D 114 -27.17 5.17 -25.90
N PRO D 115 -27.26 5.59 -27.16
CA PRO D 115 -28.38 5.23 -28.06
C PRO D 115 -28.18 3.83 -28.58
N ALA D 116 -29.27 3.10 -28.80
CA ALA D 116 -29.20 1.82 -29.47
C ALA D 116 -30.33 1.75 -30.49
N LYS D 117 -30.00 1.91 -31.78
CA LYS D 117 -30.99 1.87 -32.85
C LYS D 117 -30.75 0.79 -33.90
N SER D 118 -31.85 0.19 -34.35
CA SER D 118 -31.79 -0.79 -35.44
C SER D 118 -31.37 -0.08 -36.73
N ILE D 119 -30.68 -0.80 -37.60
CA ILE D 119 -30.35 -0.25 -38.92
C ILE D 119 -31.42 -0.66 -39.95
N GLU D 120 -32.06 0.32 -40.58
CA GLU D 120 -33.10 0.04 -41.58
C GLU D 120 -32.51 -0.69 -42.78
N GLY D 121 -33.07 -1.86 -43.07
CA GLY D 121 -32.63 -2.65 -44.21
C GLY D 121 -31.62 -3.71 -43.86
N PHE D 122 -31.12 -3.68 -42.63
CA PHE D 122 -30.18 -4.70 -42.15
C PHE D 122 -30.86 -5.66 -41.16
N LYS D 123 -30.94 -6.93 -41.55
CA LYS D 123 -31.67 -7.93 -40.78
C LYS D 123 -30.88 -8.38 -39.55
N THR D 124 -31.34 -7.94 -38.38
CA THR D 124 -30.80 -8.42 -37.11
C THR D 124 -31.90 -9.17 -36.39
N THR D 125 -31.54 -9.83 -35.31
CA THR D 125 -32.50 -10.69 -34.62
C THR D 125 -33.66 -9.91 -33.96
N TYR D 126 -33.39 -8.72 -33.42
CA TYR D 126 -34.46 -7.86 -32.89
C TYR D 126 -34.77 -6.72 -33.86
N GLU D 127 -36.01 -6.23 -33.83
CA GLU D 127 -36.44 -5.23 -34.79
C GLU D 127 -37.13 -4.02 -34.18
N ASN D 128 -36.96 -2.89 -34.84
CA ASN D 128 -37.62 -1.65 -34.46
C ASN D 128 -37.21 -1.15 -33.11
N VAL D 129 -35.96 -1.39 -32.75
CA VAL D 129 -35.44 -0.91 -31.49
C VAL D 129 -34.82 0.48 -31.67
N ASP D 130 -35.24 1.41 -30.83
CA ASP D 130 -34.66 2.73 -30.80
C ASP D 130 -34.61 3.20 -29.34
N LEU D 131 -33.54 2.83 -28.63
CA LEU D 131 -33.47 3.04 -27.19
C LEU D 131 -32.47 4.10 -26.87
N VAL D 132 -32.79 4.91 -25.87
CA VAL D 132 -31.84 5.89 -25.37
C VAL D 132 -31.66 5.74 -23.88
N LEU D 133 -30.42 5.54 -23.45
CA LEU D 133 -30.10 5.39 -22.03
C LEU D 133 -29.04 6.40 -21.53
N ILE D 134 -29.40 7.22 -20.55
CA ILE D 134 -28.42 8.10 -19.92
C ILE D 134 -28.01 7.58 -18.54
N ARG D 135 -26.72 7.40 -18.32
CA ARG D 135 -26.27 6.89 -17.05
C ARG D 135 -25.31 7.85 -16.37
N GLU D 136 -25.28 7.81 -15.05
CA GLU D 136 -24.35 8.61 -14.26
C GLU D 136 -22.93 8.04 -14.38
N ASN D 137 -21.91 8.90 -14.40
CA ASN D 137 -20.53 8.43 -14.60
C ASN D 137 -19.56 8.74 -13.47
N THR D 138 -19.96 9.67 -12.60
CA THR D 138 -19.14 10.15 -11.49
C THR D 138 -18.92 9.11 -10.39
N GLU D 139 -19.98 8.82 -9.66
CA GLU D 139 -19.88 8.04 -8.44
C GLU D 139 -20.21 6.59 -8.68
N GLY D 140 -20.87 5.97 -7.71
CA GLY D 140 -21.18 4.54 -7.78
C GLY D 140 -19.94 3.67 -7.63
N GLU D 141 -19.89 2.61 -8.44
CA GLU D 141 -18.77 1.67 -8.36
C GLU D 141 -17.49 2.22 -8.95
N TYR D 142 -17.57 3.35 -9.64
CA TYR D 142 -16.40 3.98 -10.23
C TYR D 142 -15.55 4.66 -9.15
N SER D 143 -16.22 5.31 -8.20
CA SER D 143 -15.54 5.90 -7.05
C SER D 143 -15.59 4.95 -5.84
N GLY D 144 -15.71 3.66 -6.13
CA GLY D 144 -15.86 2.66 -5.09
C GLY D 144 -14.56 2.26 -4.41
N ILE D 145 -14.69 1.78 -3.18
CA ILE D 145 -13.56 1.32 -2.38
C ILE D 145 -13.76 -0.14 -1.95
N GLU D 146 -12.74 -0.96 -2.09
CA GLU D 146 -12.85 -2.34 -1.61
C GLU D 146 -11.77 -2.59 -0.58
N HIS D 147 -12.11 -3.33 0.46
CA HIS D 147 -11.08 -3.77 1.39
C HIS D 147 -11.38 -5.06 2.12
N ILE D 148 -10.33 -5.63 2.69
CA ILE D 148 -10.47 -6.87 3.40
C ILE D 148 -10.72 -6.53 4.87
N VAL D 149 -11.90 -6.93 5.37
CA VAL D 149 -12.27 -6.68 6.75
C VAL D 149 -11.77 -7.76 7.72
N CYS D 150 -12.26 -8.98 7.56
CA CYS D 150 -11.71 -10.17 8.22
C CYS D 150 -11.11 -11.05 7.12
N PRO D 151 -10.38 -12.12 7.49
CA PRO D 151 -9.50 -12.81 6.53
C PRO D 151 -10.12 -13.30 5.22
N GLY D 152 -11.38 -13.74 5.21
CA GLY D 152 -11.95 -14.09 3.92
C GLY D 152 -13.09 -13.20 3.43
N VAL D 153 -13.07 -11.93 3.82
CA VAL D 153 -14.25 -11.12 3.68
C VAL D 153 -13.97 -9.79 3.00
N VAL D 154 -14.50 -9.60 1.80
CA VAL D 154 -14.30 -8.34 1.12
C VAL D 154 -15.48 -7.45 1.35
N GLN D 155 -15.23 -6.23 1.72
CA GLN D 155 -16.33 -5.31 1.90
C GLN D 155 -16.22 -4.22 0.82
N SER D 156 -17.35 -3.86 0.22
CA SER D 156 -17.42 -2.83 -0.85
C SER D 156 -18.09 -1.58 -0.28
N ILE D 157 -17.55 -0.41 -0.59
CA ILE D 157 -18.15 0.84 -0.15
C ILE D 157 -18.44 1.71 -1.37
N LYS D 158 -19.70 2.06 -1.56
CA LYS D 158 -20.14 2.73 -2.77
C LYS D 158 -20.95 3.94 -2.37
N LEU D 159 -20.81 5.02 -3.15
CA LEU D 159 -21.42 6.28 -2.79
C LEU D 159 -22.39 6.79 -3.83
N ILE D 160 -23.52 7.30 -3.38
CA ILE D 160 -24.36 8.05 -4.30
C ILE D 160 -24.77 9.41 -3.66
N THR D 161 -24.76 10.50 -4.42
CA THR D 161 -25.11 11.83 -3.88
C THR D 161 -26.29 12.48 -4.60
N ARG D 162 -27.04 13.30 -3.87
CA ARG D 162 -28.09 14.14 -4.45
C ARG D 162 -27.53 15.01 -5.59
N ASP D 163 -26.40 15.65 -5.35
CA ASP D 163 -25.82 16.54 -6.35
C ASP D 163 -25.54 15.89 -7.70
N ALA D 164 -24.84 14.77 -7.68
CA ALA D 164 -24.48 14.08 -8.92
C ALA D 164 -25.72 13.53 -9.65
N SER D 165 -26.71 13.14 -8.86
CA SER D 165 -27.97 12.63 -9.35
C SER D 165 -28.87 13.69 -9.98
N GLU D 166 -28.99 14.84 -9.31
CA GLU D 166 -29.70 15.99 -9.85
C GLU D 166 -28.79 16.68 -10.86
N ARG D 167 -28.70 16.13 -12.06
CA ARG D 167 -27.66 16.53 -12.97
C ARG D 167 -27.59 15.56 -14.12
N VAL D 168 -27.52 14.26 -13.85
CA VAL D 168 -27.82 13.31 -14.90
C VAL D 168 -29.31 13.37 -15.11
N ILE D 169 -30.06 13.59 -14.04
CA ILE D 169 -31.51 13.61 -14.18
C ILE D 169 -31.98 14.85 -14.94
N ARG D 170 -31.50 16.03 -14.53
CA ARG D 170 -31.73 17.24 -15.33
C ARG D 170 -31.39 16.99 -16.80
N TYR D 171 -30.20 16.48 -17.06
CA TYR D 171 -29.76 16.26 -18.44
C TYR D 171 -30.67 15.32 -19.21
N ALA D 172 -31.20 14.32 -18.52
CA ALA D 172 -32.07 13.35 -19.15
C ALA D 172 -33.37 14.03 -19.56
N PHE D 173 -33.90 14.87 -18.70
CA PHE D 173 -35.06 15.68 -19.07
C PHE D 173 -34.78 16.58 -20.27
N GLU D 174 -33.76 17.40 -20.16
CA GLU D 174 -33.41 18.32 -21.23
C GLU D 174 -33.09 17.62 -22.54
N TYR D 175 -32.62 16.38 -22.45
CA TYR D 175 -32.25 15.62 -23.63
C TYR D 175 -33.48 14.99 -24.22
N ALA D 176 -34.50 14.76 -23.40
CA ALA D 176 -35.71 14.13 -23.89
C ALA D 176 -36.51 15.17 -24.65
N ARG D 177 -36.65 16.35 -24.05
CA ARG D 177 -37.17 17.52 -24.75
C ARG D 177 -36.42 17.81 -26.06
N ALA D 178 -35.10 17.92 -26.01
CA ALA D 178 -34.27 18.11 -27.21
C ALA D 178 -34.36 17.08 -28.39
N ILE D 179 -34.87 15.88 -28.13
CA ILE D 179 -34.99 14.90 -29.22
C ILE D 179 -36.45 14.53 -29.39
N GLY D 180 -37.32 15.22 -28.67
CA GLY D 180 -38.76 15.08 -28.78
C GLY D 180 -39.31 13.76 -28.30
N ARG D 181 -39.04 13.44 -27.04
CA ARG D 181 -39.64 12.26 -26.42
C ARG D 181 -40.44 12.66 -25.19
N PRO D 182 -41.66 12.12 -25.07
CA PRO D 182 -42.62 12.46 -24.02
C PRO D 182 -42.18 12.00 -22.64
N ARG D 183 -41.71 10.73 -22.51
CA ARG D 183 -41.41 10.13 -21.19
C ARG D 183 -39.93 10.05 -20.86
N VAL D 184 -39.58 10.37 -19.61
CA VAL D 184 -38.30 9.91 -19.08
C VAL D 184 -38.60 8.88 -18.02
N ILE D 185 -37.98 7.71 -18.15
CA ILE D 185 -38.10 6.63 -17.19
C ILE D 185 -36.86 6.52 -16.27
N VAL D 186 -37.08 6.68 -14.98
CA VAL D 186 -36.00 6.41 -14.06
C VAL D 186 -36.05 4.92 -13.69
N VAL D 187 -34.92 4.24 -13.92
CA VAL D 187 -34.76 2.83 -13.64
C VAL D 187 -33.96 2.62 -12.36
N HIS D 188 -34.53 1.85 -11.43
CA HIS D 188 -33.94 1.67 -10.12
C HIS D 188 -34.25 0.25 -9.59
N LYS D 189 -33.66 -0.09 -8.45
CA LYS D 189 -33.91 -1.38 -7.79
C LYS D 189 -34.78 -1.12 -6.54
N SER D 190 -35.36 -2.17 -5.97
CA SER D 190 -36.43 -2.06 -4.96
C SER D 190 -36.28 -0.85 -4.07
N THR D 191 -37.12 0.14 -4.30
CA THR D 191 -37.05 1.46 -3.66
C THR D 191 -37.09 1.47 -2.11
N ILE D 192 -37.76 0.48 -1.50
CA ILE D 192 -37.93 0.49 -0.04
C ILE D 192 -36.84 -0.28 0.72
N GLN D 193 -36.16 -1.19 0.03
CA GLN D 193 -35.08 -1.99 0.62
C GLN D 193 -33.68 -1.45 0.29
N ARG D 194 -33.63 -0.41 -0.53
CA ARG D 194 -32.43 0.39 -0.76
C ARG D 194 -32.74 1.90 -0.84
N LEU D 195 -32.39 2.64 0.20
CA LEU D 195 -32.64 4.07 0.26
C LEU D 195 -31.62 4.84 -0.59
N ALA D 196 -30.74 4.11 -1.27
CA ALA D 196 -29.89 4.71 -2.30
C ALA D 196 -30.69 4.98 -3.57
N ASP D 197 -31.56 4.05 -3.92
CA ASP D 197 -32.45 4.23 -5.04
C ASP D 197 -33.61 5.12 -4.65
N GLY D 198 -33.91 5.17 -3.37
CA GLY D 198 -34.91 6.12 -2.89
C GLY D 198 -34.47 7.55 -3.12
N LEU D 199 -33.18 7.80 -3.02
CA LEU D 199 -32.66 9.16 -3.14
C LEU D 199 -32.67 9.58 -4.59
N PHE D 200 -32.33 8.64 -5.46
CA PHE D 200 -32.33 8.89 -6.88
C PHE D 200 -33.77 9.14 -7.40
N VAL D 201 -34.73 8.40 -6.89
CA VAL D 201 -36.11 8.56 -7.33
C VAL D 201 -36.70 9.88 -6.81
N ASN D 202 -36.38 10.23 -5.57
CA ASN D 202 -36.90 11.47 -5.03
C ASN D 202 -36.36 12.68 -5.80
N VAL D 203 -35.07 12.65 -6.12
CA VAL D 203 -34.45 13.72 -6.88
C VAL D 203 -35.14 13.89 -8.23
N ALA D 204 -35.53 12.76 -8.83
CA ALA D 204 -36.22 12.77 -10.13
C ALA D 204 -37.63 13.36 -10.03
N LYS D 205 -38.31 13.11 -8.90
CA LYS D 205 -39.66 13.63 -8.72
C LYS D 205 -39.64 15.14 -8.45
N GLU D 206 -38.55 15.61 -7.89
CA GLU D 206 -38.38 17.01 -7.55
C GLU D 206 -38.22 17.82 -8.84
N LEU D 207 -37.53 17.22 -9.82
CA LEU D 207 -37.24 17.93 -11.04
C LEU D 207 -38.42 17.77 -11.99
N SER D 208 -39.30 16.83 -11.66
CA SER D 208 -40.43 16.49 -12.50
C SER D 208 -41.29 17.75 -12.75
N LYS D 209 -41.38 18.61 -11.76
CA LYS D 209 -42.22 19.80 -11.81
C LYS D 209 -41.63 20.93 -12.65
N GLU D 210 -40.31 20.97 -12.77
CA GLU D 210 -39.66 21.96 -13.64
C GLU D 210 -39.73 21.57 -15.12
N TYR D 211 -40.33 20.44 -15.43
CA TYR D 211 -40.41 19.97 -16.81
C TYR D 211 -41.80 19.37 -17.07
N PRO D 212 -42.80 20.25 -17.20
CA PRO D 212 -44.23 19.88 -17.29
C PRO D 212 -44.58 19.28 -18.63
N ASP D 213 -43.76 19.54 -19.65
CA ASP D 213 -43.95 18.96 -20.98
C ASP D 213 -43.55 17.49 -21.03
N LEU D 214 -42.91 17.02 -19.98
CA LEU D 214 -42.38 15.67 -19.92
C LEU D 214 -43.09 14.86 -18.85
N THR D 215 -43.37 13.60 -19.17
CA THR D 215 -43.93 12.63 -18.23
C THR D 215 -42.84 11.78 -17.54
N LEU D 216 -42.78 11.83 -16.21
CA LEU D 216 -41.83 11.01 -15.46
C LEU D 216 -42.45 9.69 -15.01
N GLU D 217 -41.92 8.57 -15.51
CA GLU D 217 -42.25 7.25 -15.00
C GLU D 217 -41.07 6.65 -14.25
N THR D 218 -41.36 5.86 -13.22
CA THR D 218 -40.30 5.07 -12.56
C THR D 218 -40.53 3.59 -12.81
N GLU D 219 -39.46 2.82 -12.93
CA GLU D 219 -39.58 1.39 -13.20
C GLU D 219 -38.51 0.58 -12.50
N LEU D 220 -38.90 -0.55 -11.90
CA LEU D 220 -37.95 -1.49 -11.33
C LEU D 220 -37.10 -2.06 -12.45
N ILE D 221 -35.78 -2.07 -12.24
CA ILE D 221 -34.89 -2.60 -13.26
C ILE D 221 -35.28 -4.02 -13.72
N ASP D 222 -35.86 -4.82 -12.83
CA ASP D 222 -36.36 -6.15 -13.18
C ASP D 222 -37.38 -6.05 -14.31
N ASN D 223 -38.40 -5.24 -14.12
CA ASN D 223 -39.47 -5.11 -15.09
C ASN D 223 -38.96 -4.50 -16.39
N SER D 224 -38.07 -3.51 -16.28
CA SER D 224 -37.51 -2.91 -17.46
C SER D 224 -36.82 -3.93 -18.34
N VAL D 225 -36.04 -4.84 -17.80
CA VAL D 225 -35.38 -5.77 -18.69
C VAL D 225 -36.32 -6.83 -19.24
N LEU D 226 -37.37 -7.13 -18.50
CA LEU D 226 -38.41 -8.04 -19.00
C LEU D 226 -39.15 -7.41 -20.18
N LYS D 227 -39.56 -6.15 -20.04
CA LYS D 227 -40.34 -5.48 -21.06
C LYS D 227 -39.52 -5.21 -22.30
N VAL D 228 -38.33 -4.64 -22.14
CA VAL D 228 -37.46 -4.25 -23.25
C VAL D 228 -37.03 -5.41 -24.11
N VAL D 229 -36.80 -6.57 -23.51
CA VAL D 229 -36.37 -7.72 -24.29
C VAL D 229 -37.53 -8.41 -25.01
N THR D 230 -38.72 -8.42 -24.39
CA THR D 230 -39.89 -8.98 -25.09
C THR D 230 -40.31 -8.01 -26.20
N ASN D 231 -40.22 -6.71 -25.94
CA ASN D 231 -40.69 -5.73 -26.93
C ASN D 231 -39.98 -4.36 -26.92
N PRO D 232 -38.82 -4.27 -27.59
CA PRO D 232 -37.97 -3.07 -27.53
C PRO D 232 -38.69 -1.79 -27.98
N SER D 233 -39.62 -1.93 -28.91
CA SER D 233 -40.24 -0.76 -29.50
C SER D 233 -41.01 0.04 -28.47
N ALA D 234 -41.47 -0.63 -27.42
CA ALA D 234 -42.24 0.03 -26.35
C ALA D 234 -41.50 1.16 -25.63
N TYR D 235 -40.23 1.33 -25.94
CA TYR D 235 -39.44 2.30 -25.23
C TYR D 235 -38.85 3.31 -26.17
N THR D 236 -39.30 3.35 -27.42
CA THR D 236 -38.72 4.28 -28.37
C THR D 236 -39.28 5.70 -28.24
N ASP D 237 -40.27 5.88 -27.39
CA ASP D 237 -40.79 7.20 -27.05
C ASP D 237 -40.31 7.62 -25.68
N ALA D 238 -39.19 7.05 -25.25
CA ALA D 238 -38.73 7.31 -23.89
C ALA D 238 -37.23 7.45 -23.77
N VAL D 239 -36.85 8.18 -22.74
CA VAL D 239 -35.45 8.32 -22.40
C VAL D 239 -35.25 7.74 -21.01
N SER D 240 -34.39 6.74 -20.88
CA SER D 240 -34.13 6.13 -19.56
C SER D 240 -32.92 6.75 -18.86
N VAL D 241 -33.02 6.97 -17.56
CA VAL D 241 -31.84 7.28 -16.76
C VAL D 241 -31.66 6.29 -15.63
N CYS D 242 -30.43 6.02 -15.26
CA CYS D 242 -30.23 5.15 -14.11
C CYS D 242 -28.97 5.54 -13.35
N PRO D 243 -28.83 5.03 -12.11
CA PRO D 243 -27.64 5.33 -11.30
C PRO D 243 -26.47 4.60 -11.87
N ASN D 244 -25.26 5.01 -11.52
CA ASN D 244 -24.08 4.41 -12.13
C ASN D 244 -24.04 2.88 -12.09
N LEU D 245 -24.54 2.31 -11.00
CA LEU D 245 -24.58 0.85 -10.76
C LEU D 245 -25.04 -0.08 -11.91
N TYR D 246 -26.19 0.22 -12.49
CA TYR D 246 -26.77 -0.62 -13.52
C TYR D 246 -26.45 -0.14 -14.95
N GLY D 247 -25.85 1.04 -15.06
CA GLY D 247 -25.57 1.62 -16.36
C GLY D 247 -24.78 0.75 -17.32
N ASP D 248 -23.65 0.24 -16.87
CA ASP D 248 -22.85 -0.68 -17.66
C ASP D 248 -23.72 -1.79 -18.26
N ILE D 249 -24.44 -2.51 -17.40
CA ILE D 249 -25.24 -3.65 -17.76
C ILE D 249 -26.37 -3.32 -18.74
N LEU D 250 -27.14 -2.28 -18.43
CA LEU D 250 -28.29 -1.95 -19.27
C LEU D 250 -27.88 -1.39 -20.63
N SER D 251 -26.81 -0.64 -20.69
CA SER D 251 -26.42 -0.12 -21.99
C SER D 251 -25.88 -1.21 -22.92
N ASP D 252 -25.20 -2.21 -22.35
CA ASP D 252 -24.72 -3.36 -23.14
C ASP D 252 -25.85 -4.32 -23.52
N LEU D 253 -26.88 -4.39 -22.71
CA LEU D 253 -28.06 -5.13 -23.06
C LEU D 253 -28.84 -4.44 -24.20
N ASN D 254 -28.91 -3.11 -24.17
CA ASN D 254 -29.52 -2.34 -25.26
C ASN D 254 -28.81 -2.50 -26.60
N SER D 255 -27.48 -2.57 -26.59
CA SER D 255 -26.72 -2.79 -27.82
C SER D 255 -26.84 -4.22 -28.32
N GLY D 256 -27.20 -5.13 -27.42
CA GLY D 256 -27.40 -6.52 -27.79
C GLY D 256 -28.73 -6.62 -28.49
N LEU D 257 -29.69 -5.80 -28.08
CA LEU D 257 -30.98 -5.78 -28.74
C LEU D 257 -30.86 -5.20 -30.15
N SER D 258 -30.17 -4.08 -30.28
CA SER D 258 -30.12 -3.36 -31.53
C SER D 258 -29.18 -3.98 -32.60
N ALA D 259 -28.13 -4.67 -32.18
CA ALA D 259 -27.12 -5.15 -33.11
C ALA D 259 -26.52 -6.51 -32.80
N GLY D 260 -26.56 -6.94 -31.55
CA GLY D 260 -25.92 -8.19 -31.18
C GLY D 260 -24.45 -8.02 -30.80
N SER D 261 -24.01 -6.78 -30.65
CA SER D 261 -22.65 -6.47 -30.21
C SER D 261 -22.46 -4.97 -30.02
N LEU D 262 -21.26 -4.56 -29.63
CA LEU D 262 -20.96 -3.13 -29.44
C LEU D 262 -20.52 -2.46 -30.75
N GLY D 263 -20.39 -3.26 -31.81
CA GLY D 263 -19.85 -2.83 -33.10
C GLY D 263 -20.40 -1.58 -33.78
N LEU D 264 -21.68 -1.28 -33.57
CA LEU D 264 -22.32 -0.19 -34.28
C LEU D 264 -22.79 0.88 -33.32
N THR D 265 -22.17 0.94 -32.13
CA THR D 265 -22.71 1.74 -31.04
C THR D 265 -21.89 3.00 -30.75
N PRO D 266 -22.57 4.15 -30.82
CA PRO D 266 -22.06 5.49 -30.49
C PRO D 266 -22.26 5.80 -29.01
N SER D 267 -21.37 6.60 -28.45
CA SER D 267 -21.60 7.06 -27.10
C SER D 267 -21.17 8.51 -26.98
N ALA D 268 -21.77 9.21 -26.02
CA ALA D 268 -21.45 10.60 -25.73
C ALA D 268 -21.13 10.73 -24.25
N ASN D 269 -20.05 11.43 -23.96
CA ASN D 269 -19.70 11.72 -22.58
C ASN D 269 -19.82 13.21 -22.29
N ILE D 270 -20.92 13.61 -21.67
CA ILE D 270 -21.23 15.02 -21.50
C ILE D 270 -20.71 15.60 -20.18
N GLY D 271 -19.97 16.71 -20.26
CA GLY D 271 -19.54 17.45 -19.10
C GLY D 271 -20.16 18.83 -19.07
N HIS D 272 -19.89 19.59 -18.01
CA HIS D 272 -20.47 20.93 -17.88
C HIS D 272 -20.08 21.84 -19.04
N LYS D 273 -18.85 21.70 -19.52
CA LYS D 273 -18.39 22.44 -20.68
C LYS D 273 -17.83 21.53 -21.79
N ILE D 274 -16.89 20.65 -21.45
CA ILE D 274 -16.33 19.71 -22.43
C ILE D 274 -17.29 18.55 -22.72
N SER D 275 -17.11 17.88 -23.86
CA SER D 275 -17.93 16.72 -24.25
C SER D 275 -17.20 15.84 -25.26
N ILE D 276 -16.96 14.59 -24.89
CA ILE D 276 -16.19 13.67 -25.73
C ILE D 276 -17.11 12.63 -26.35
N PHE D 277 -16.88 12.30 -27.60
CA PHE D 277 -17.76 11.38 -28.32
C PHE D 277 -16.91 10.25 -28.84
N GLU D 278 -17.40 9.03 -28.70
CA GLU D 278 -16.56 7.87 -29.01
C GLU D 278 -17.39 6.66 -29.36
N ALA D 279 -16.79 5.75 -30.12
CA ALA D 279 -17.35 4.43 -30.33
C ALA D 279 -16.98 3.64 -29.09
N VAL D 280 -17.76 2.60 -28.76
CA VAL D 280 -17.48 1.87 -27.53
C VAL D 280 -16.82 0.54 -27.77
N HIS D 281 -16.58 0.20 -29.04
CA HIS D 281 -15.90 -1.06 -29.35
C HIS D 281 -14.40 -0.93 -29.02
N GLY D 282 -13.69 -2.04 -29.18
CA GLY D 282 -12.27 -2.08 -28.85
C GLY D 282 -11.31 -1.65 -29.95
N SER D 283 -10.02 -1.81 -29.66
CA SER D 283 -8.95 -1.51 -30.60
C SER D 283 -8.91 -2.53 -31.73
N ALA D 284 -9.21 -3.78 -31.37
CA ALA D 284 -9.20 -4.92 -32.30
C ALA D 284 -7.94 -4.93 -33.15
N PRO D 285 -6.79 -5.16 -32.52
CA PRO D 285 -5.47 -5.00 -33.16
C PRO D 285 -5.24 -6.05 -34.23
N ASP D 286 -5.84 -7.22 -34.06
CA ASP D 286 -5.62 -8.34 -34.98
C ASP D 286 -6.34 -8.16 -36.29
N ILE D 287 -7.02 -7.03 -36.44
CA ILE D 287 -7.65 -6.69 -37.71
C ILE D 287 -7.19 -5.32 -38.17
N ALA D 288 -6.13 -4.82 -37.54
CA ALA D 288 -5.58 -3.51 -37.87
C ALA D 288 -4.72 -3.58 -39.11
N GLY D 289 -4.74 -2.48 -39.87
CA GLY D 289 -3.98 -2.38 -41.12
C GLY D 289 -4.67 -3.10 -42.26
N GLN D 290 -5.31 -4.22 -41.97
CA GLN D 290 -5.93 -5.06 -42.98
C GLN D 290 -7.14 -4.42 -43.66
N ASP D 291 -7.44 -3.18 -43.31
CA ASP D 291 -8.52 -2.42 -43.94
C ASP D 291 -9.90 -3.07 -43.82
N LYS D 292 -10.13 -3.82 -42.75
CA LYS D 292 -11.42 -4.47 -42.55
C LYS D 292 -12.30 -3.74 -41.51
N ALA D 293 -11.78 -2.67 -40.92
CA ALA D 293 -12.45 -1.97 -39.83
C ALA D 293 -13.82 -1.44 -40.24
N ASN D 294 -14.71 -1.22 -39.26
CA ASN D 294 -16.02 -0.63 -39.51
C ASN D 294 -16.23 0.73 -38.78
N PRO D 295 -16.18 1.82 -39.53
CA PRO D 295 -16.21 3.20 -39.02
C PRO D 295 -17.60 3.67 -38.66
N THR D 296 -18.60 2.81 -38.75
CA THR D 296 -19.97 3.25 -38.55
C THR D 296 -20.15 3.82 -37.16
N ALA D 297 -19.56 3.12 -36.19
CA ALA D 297 -19.66 3.48 -34.79
C ALA D 297 -19.09 4.87 -34.61
N LEU D 298 -17.84 5.06 -35.03
CA LEU D 298 -17.22 6.36 -34.90
C LEU D 298 -17.98 7.43 -35.70
N LEU D 299 -18.48 7.06 -36.87
CA LEU D 299 -19.29 7.96 -37.70
C LEU D 299 -20.52 8.45 -36.97
N LEU D 300 -21.26 7.53 -36.38
CA LEU D 300 -22.49 7.90 -35.68
C LEU D 300 -22.23 8.76 -34.45
N SER D 301 -21.03 8.62 -33.85
CA SER D 301 -20.62 9.47 -32.74
C SER D 301 -20.33 10.87 -33.26
N SER D 302 -19.92 10.94 -34.52
CA SER D 302 -19.70 12.21 -35.18
C SER D 302 -21.03 12.92 -35.30
N VAL D 303 -22.05 12.20 -35.74
CA VAL D 303 -23.38 12.80 -35.81
C VAL D 303 -23.81 13.37 -34.46
N MET D 304 -23.62 12.61 -33.39
CA MET D 304 -23.99 13.07 -32.06
C MET D 304 -23.23 14.34 -31.72
N MET D 305 -21.96 14.40 -32.12
CA MET D 305 -21.09 15.53 -31.87
C MET D 305 -21.56 16.77 -32.64
N LEU D 306 -21.82 16.58 -33.94
CA LEU D 306 -22.40 17.63 -34.75
C LEU D 306 -23.65 18.19 -34.07
N ASN D 307 -24.65 17.34 -33.85
CA ASN D 307 -25.88 17.77 -33.17
C ASN D 307 -25.65 18.50 -31.85
N HIS D 308 -24.53 18.22 -31.19
CA HIS D 308 -24.22 18.86 -29.92
C HIS D 308 -23.64 20.23 -30.20
N MET D 309 -23.13 20.39 -31.41
CA MET D 309 -22.48 21.64 -31.81
C MET D 309 -23.45 22.59 -32.49
N GLY D 310 -24.56 22.04 -32.99
CA GLY D 310 -25.57 22.85 -33.63
C GLY D 310 -25.65 22.65 -35.13
N LEU D 311 -24.64 21.97 -35.68
CA LEU D 311 -24.58 21.70 -37.12
C LEU D 311 -25.61 20.63 -37.54
N THR D 312 -26.86 20.88 -37.22
CA THR D 312 -27.96 19.94 -37.48
C THR D 312 -28.04 19.51 -38.95
N ASN D 313 -27.79 20.46 -39.85
CA ASN D 313 -27.91 20.19 -41.27
C ASN D 313 -26.87 19.16 -41.72
N HIS D 314 -25.64 19.39 -41.32
CA HIS D 314 -24.55 18.45 -41.61
C HIS D 314 -24.75 17.11 -40.89
N ALA D 315 -25.31 17.16 -39.67
CA ALA D 315 -25.58 15.95 -38.91
C ALA D 315 -26.50 15.00 -39.68
N ASP D 316 -27.67 15.50 -40.09
CA ASP D 316 -28.63 14.70 -40.86
C ASP D 316 -28.06 14.29 -42.21
N GLN D 317 -27.35 15.21 -42.86
CA GLN D 317 -26.69 14.89 -44.13
C GLN D 317 -25.80 13.65 -43.96
N ILE D 318 -24.87 13.70 -43.00
CA ILE D 318 -23.89 12.62 -42.83
C ILE D 318 -24.46 11.38 -42.15
N GLN D 319 -25.73 11.44 -41.72
CA GLN D 319 -26.35 10.34 -41.01
C GLN D 319 -27.51 9.78 -41.79
N ASN D 320 -28.42 10.70 -42.13
CA ASN D 320 -29.71 10.40 -42.76
C ASN D 320 -29.54 9.56 -44.01
N ALA D 321 -28.90 10.14 -45.02
CA ALA D 321 -28.53 9.36 -46.18
C ALA D 321 -27.36 8.50 -45.72
N VAL D 322 -26.21 8.70 -46.33
CA VAL D 322 -24.94 8.13 -45.88
C VAL D 322 -24.99 6.69 -45.38
N LEU D 323 -24.11 6.41 -44.42
CA LEU D 323 -23.91 5.10 -43.83
C LEU D 323 -25.18 4.36 -43.40
N SER D 324 -26.18 5.09 -42.93
CA SER D 324 -27.46 4.47 -42.60
C SER D 324 -28.04 3.75 -43.82
N THR D 325 -28.12 4.47 -44.94
CA THR D 325 -28.66 3.90 -46.17
C THR D 325 -27.66 3.03 -46.94
N ILE D 326 -26.36 3.35 -46.85
CA ILE D 326 -25.35 2.52 -47.50
C ILE D 326 -25.19 1.16 -46.80
N ALA D 327 -25.65 1.06 -45.56
CA ALA D 327 -25.62 -0.21 -44.85
C ALA D 327 -26.67 -1.12 -45.46
N SER D 328 -27.34 -0.64 -46.52
CA SER D 328 -28.24 -1.46 -47.32
C SER D 328 -27.67 -1.92 -48.69
N GLY D 329 -27.50 -3.24 -48.82
CA GLY D 329 -26.80 -3.87 -49.92
C GLY D 329 -25.51 -4.56 -49.45
N PRO D 330 -25.50 -5.90 -49.38
CA PRO D 330 -24.44 -6.78 -48.86
C PRO D 330 -23.02 -6.58 -49.43
N GLU D 331 -22.88 -6.02 -50.63
CA GLU D 331 -21.56 -5.73 -51.21
C GLU D 331 -20.91 -4.53 -50.53
N ASN D 332 -21.68 -3.89 -49.65
CA ASN D 332 -21.16 -2.91 -48.72
C ASN D 332 -20.97 -3.55 -47.35
N ARG D 333 -21.48 -2.91 -46.29
CA ARG D 333 -21.31 -3.49 -44.97
C ARG D 333 -19.83 -3.68 -44.66
N THR D 334 -19.49 -4.73 -43.92
CA THR D 334 -18.09 -5.09 -43.68
C THR D 334 -18.10 -6.51 -43.13
N GLY D 335 -16.92 -7.08 -42.89
CA GLY D 335 -16.80 -8.46 -42.45
C GLY D 335 -17.62 -8.83 -41.23
N ASP D 336 -17.84 -7.84 -40.37
CA ASP D 336 -18.57 -8.02 -39.11
C ASP D 336 -20.07 -8.18 -39.33
N LEU D 337 -20.60 -7.41 -40.27
CA LEU D 337 -22.00 -7.50 -40.64
C LEU D 337 -22.28 -8.46 -41.81
N ALA D 338 -21.50 -9.54 -41.89
CA ALA D 338 -21.59 -10.50 -43.01
C ALA D 338 -21.64 -9.75 -44.35
N GLY D 339 -20.73 -8.81 -44.51
CA GLY D 339 -20.60 -8.05 -45.73
C GLY D 339 -19.30 -8.36 -46.44
N THR D 340 -19.01 -7.61 -47.49
CA THR D 340 -17.86 -7.92 -48.35
C THR D 340 -16.97 -6.70 -48.55
N ALA D 341 -17.51 -5.52 -48.24
CA ALA D 341 -16.80 -4.27 -48.45
C ALA D 341 -15.57 -4.11 -47.57
N THR D 342 -14.79 -3.08 -47.89
CA THR D 342 -13.57 -2.77 -47.18
C THR D 342 -13.77 -1.41 -46.56
N THR D 343 -12.95 -1.05 -45.58
CA THR D 343 -13.14 0.23 -44.91
C THR D 343 -12.96 1.40 -45.89
N SER D 344 -12.12 1.21 -46.90
CA SER D 344 -11.98 2.19 -47.97
C SER D 344 -13.23 2.24 -48.85
N SER D 345 -13.60 1.09 -49.38
CA SER D 345 -14.74 1.02 -50.28
C SER D 345 -16.01 1.50 -49.60
N PHE D 346 -16.08 1.34 -48.28
CA PHE D 346 -17.22 1.79 -47.50
C PHE D 346 -17.26 3.32 -47.46
N THR D 347 -16.12 3.92 -47.17
CA THR D 347 -16.09 5.37 -46.97
C THR D 347 -16.68 6.13 -48.15
N GLU D 348 -16.26 5.75 -49.35
CA GLU D 348 -16.69 6.47 -50.53
C GLU D 348 -18.07 6.02 -51.00
N ALA D 349 -18.41 4.76 -50.69
CA ALA D 349 -19.77 4.30 -50.92
C ALA D 349 -20.73 5.19 -50.13
N VAL D 350 -20.25 5.70 -49.00
CA VAL D 350 -21.02 6.63 -48.20
C VAL D 350 -20.97 8.03 -48.81
N ILE D 351 -19.80 8.43 -49.28
CA ILE D 351 -19.64 9.73 -49.91
C ILE D 351 -20.53 9.82 -51.15
N LYS D 352 -20.78 8.67 -51.78
CA LYS D 352 -21.69 8.57 -52.93
C LYS D 352 -23.05 9.19 -52.61
N ARG D 353 -23.76 8.61 -51.65
CA ARG D 353 -25.10 9.10 -51.29
C ARG D 353 -25.02 10.23 -50.28
N LEU D 354 -23.85 10.86 -50.22
CA LEU D 354 -23.57 11.90 -49.23
C LEU D 354 -24.34 13.20 -49.49
N ARG E 8 -5.34 -21.22 20.27
CA ARG E 8 -6.10 -21.40 21.52
C ARG E 8 -6.75 -22.80 21.69
N THR E 9 -6.63 -23.64 20.66
CA THR E 9 -6.76 -25.07 20.84
C THR E 9 -5.32 -25.50 21.20
N LEU E 10 -4.47 -24.48 21.34
CA LEU E 10 -3.04 -24.65 21.46
C LEU E 10 -2.54 -24.49 22.87
N PRO E 11 -1.36 -25.05 23.14
CA PRO E 11 -0.73 -24.93 24.45
C PRO E 11 -0.46 -23.48 24.82
N LYS E 12 -0.76 -23.12 26.06
CA LYS E 12 -0.64 -21.75 26.59
C LYS E 12 0.80 -21.24 26.42
N LYS E 13 0.95 -20.09 25.77
CA LYS E 13 2.29 -19.60 25.43
C LYS E 13 2.37 -18.06 25.31
N TYR E 14 3.15 -17.44 26.16
CA TYR E 14 3.41 -16.01 26.04
C TYR E 14 4.89 -15.73 25.81
N GLY E 15 5.17 -15.02 24.73
CA GLY E 15 6.53 -14.58 24.45
C GLY E 15 7.57 -15.68 24.48
N GLY E 16 7.27 -16.77 23.82
CA GLY E 16 8.24 -17.86 23.75
C GLY E 16 8.17 -18.83 24.92
N ARG E 17 7.47 -18.45 26.00
CA ARG E 17 7.37 -19.32 27.19
C ARG E 17 6.04 -20.09 27.34
N PHE E 18 6.14 -21.39 27.52
CA PHE E 18 4.94 -22.18 27.77
C PHE E 18 4.59 -22.20 29.24
N THR E 19 3.30 -22.11 29.54
CA THR E 19 2.82 -22.38 30.90
C THR E 19 2.31 -23.81 30.94
N VAL E 20 2.96 -24.70 31.68
CA VAL E 20 2.42 -26.04 31.84
C VAL E 20 2.00 -26.40 33.26
N THR E 21 0.88 -27.10 33.37
CA THR E 21 0.38 -27.57 34.65
C THR E 21 1.34 -28.60 35.26
N LEU E 22 1.63 -28.41 36.55
CA LEU E 22 2.48 -29.37 37.26
C LEU E 22 1.70 -29.86 38.47
N ILE E 23 1.47 -31.17 38.52
CA ILE E 23 0.75 -31.77 39.62
C ILE E 23 1.68 -32.81 40.25
N PRO E 24 2.37 -32.43 41.34
CA PRO E 24 3.50 -33.23 41.83
C PRO E 24 3.06 -34.53 42.51
N GLY E 25 1.95 -34.51 43.21
CA GLY E 25 1.50 -35.73 43.86
C GLY E 25 1.90 -35.80 45.32
N ASP E 26 2.17 -37.01 45.79
CA ASP E 26 2.52 -37.21 47.18
C ASP E 26 4.00 -36.89 47.42
N GLY E 27 4.55 -37.41 48.51
CA GLY E 27 5.93 -37.17 48.86
C GLY E 27 6.95 -37.62 47.85
N VAL E 28 6.86 -38.87 47.39
CA VAL E 28 7.76 -39.40 46.37
C VAL E 28 7.54 -38.69 45.04
N GLY E 29 6.27 -38.44 44.71
CA GLY E 29 5.93 -37.69 43.52
C GLY E 29 6.61 -36.32 43.51
N LYS E 30 6.60 -35.66 44.66
CA LYS E 30 7.31 -34.39 44.79
C LYS E 30 8.83 -34.52 44.63
N GLU E 31 9.43 -35.59 45.13
CA GLU E 31 10.87 -35.82 44.94
C GLU E 31 11.18 -35.94 43.46
N ILE E 32 10.47 -36.81 42.73
CA ILE E 32 10.80 -37.01 41.33
C ILE E 32 10.38 -35.81 40.46
N THR E 33 9.32 -35.14 40.86
CA THR E 33 8.91 -33.93 40.20
C THR E 33 9.98 -32.84 40.34
N ASP E 34 10.57 -32.75 41.53
CA ASP E 34 11.61 -31.75 41.79
C ASP E 34 12.90 -32.03 41.00
N SER E 35 13.21 -33.30 40.82
CA SER E 35 14.26 -33.69 39.90
C SER E 35 14.08 -33.05 38.52
N VAL E 36 12.87 -33.14 37.95
CA VAL E 36 12.59 -32.54 36.66
C VAL E 36 12.69 -31.01 36.73
N ARG E 37 12.02 -30.39 37.68
CA ARG E 37 12.12 -28.95 37.88
C ARG E 37 13.57 -28.48 37.87
N THR E 38 14.42 -29.22 38.59
CA THR E 38 15.85 -28.92 38.73
C THR E 38 16.61 -29.04 37.40
N ILE E 39 16.48 -30.17 36.73
CA ILE E 39 17.06 -30.30 35.40
C ILE E 39 16.57 -29.22 34.43
N PHE E 40 15.30 -28.84 34.55
CA PHE E 40 14.72 -27.86 33.62
C PHE E 40 15.28 -26.45 33.82
N GLU E 41 15.39 -25.99 35.06
CA GLU E 41 16.01 -24.70 35.33
C GLU E 41 17.47 -24.69 34.91
N ALA E 42 18.15 -25.82 35.08
CA ALA E 42 19.57 -25.93 34.78
C ALA E 42 19.82 -25.82 33.29
N GLU E 43 18.85 -26.27 32.51
CA GLU E 43 18.97 -26.26 31.07
C GLU E 43 18.34 -24.97 30.54
N ASN E 44 17.79 -24.19 31.46
CA ASN E 44 17.12 -22.93 31.17
C ASN E 44 16.07 -23.04 30.05
N ILE E 45 15.10 -23.93 30.27
CA ILE E 45 14.04 -24.20 29.31
C ILE E 45 12.91 -23.20 29.52
N PRO E 46 12.28 -22.75 28.41
CA PRO E 46 11.22 -21.72 28.43
C PRO E 46 9.88 -22.27 28.92
N ILE E 47 9.88 -22.83 30.12
CA ILE E 47 8.67 -23.37 30.68
C ILE E 47 8.44 -22.79 32.05
N ASP E 48 7.24 -22.25 32.25
CA ASP E 48 6.79 -21.78 33.56
C ASP E 48 5.80 -22.78 34.15
N TRP E 49 6.08 -23.31 35.33
CA TRP E 49 5.18 -24.25 35.94
C TRP E 49 4.03 -23.55 36.63
N GLU E 50 2.82 -24.05 36.41
CA GLU E 50 1.68 -23.59 37.19
C GLU E 50 1.38 -24.75 38.09
N THR E 51 2.00 -24.74 39.26
CA THR E 51 1.99 -25.90 40.10
C THR E 51 0.72 -26.00 40.96
N ILE E 52 0.12 -27.19 40.98
CA ILE E 52 -1.16 -27.38 41.65
C ILE E 52 -0.99 -28.29 42.86
N ASN E 53 -1.36 -27.76 44.02
CA ASN E 53 -1.22 -28.47 45.30
C ASN E 53 -2.49 -29.19 45.69
N ILE E 54 -2.53 -30.47 45.43
CA ILE E 54 -3.68 -31.29 45.74
C ILE E 54 -3.48 -31.88 47.15
N LYS E 55 -3.94 -31.12 48.16
CA LYS E 55 -3.70 -31.40 49.59
C LYS E 55 -4.60 -32.49 50.17
N GLN E 56 -4.33 -32.97 51.38
CA GLN E 56 -4.99 -34.21 51.70
C GLN E 56 -6.49 -34.36 51.55
N ASP E 58 -7.43 -36.97 46.39
CA ASP E 58 -8.76 -37.31 46.00
C ASP E 58 -9.58 -36.41 46.94
N HIS E 59 -8.97 -35.23 47.11
CA HIS E 59 -9.53 -34.01 47.71
C HIS E 59 -10.06 -33.10 46.59
N LYS E 60 -11.25 -32.58 46.82
CA LYS E 60 -12.14 -32.13 45.76
C LYS E 60 -11.80 -30.77 45.18
N GLU E 61 -11.26 -29.88 46.01
CA GLU E 61 -10.90 -28.53 45.56
C GLU E 61 -9.61 -28.55 44.73
N GLY E 62 -8.76 -29.53 44.98
CA GLY E 62 -7.51 -29.67 44.26
C GLY E 62 -7.74 -30.28 42.90
N VAL E 63 -8.63 -31.26 42.84
CA VAL E 63 -8.96 -31.87 41.57
C VAL E 63 -9.60 -30.84 40.66
N TYR E 64 -10.50 -30.04 41.21
CA TYR E 64 -11.12 -28.99 40.43
C TYR E 64 -10.07 -27.99 39.90
N GLU E 65 -9.10 -27.65 40.74
CA GLU E 65 -8.05 -26.71 40.35
C GLU E 65 -7.09 -27.27 39.29
N ALA E 66 -6.88 -28.57 39.30
CA ALA E 66 -6.03 -29.19 38.32
C ALA E 66 -6.72 -29.28 36.96
N VAL E 67 -7.99 -29.65 36.97
CA VAL E 67 -8.76 -29.72 35.76
C VAL E 67 -8.82 -28.33 35.14
N GLU E 68 -9.12 -27.34 35.96
CA GLU E 68 -9.23 -25.96 35.50
C GLU E 68 -7.89 -25.44 34.93
N SER E 69 -6.80 -25.81 35.58
CA SER E 69 -5.48 -25.47 35.08
C SER E 69 -5.18 -26.14 33.75
N LEU E 70 -5.54 -27.42 33.60
CA LEU E 70 -5.37 -28.12 32.32
C LEU E 70 -6.23 -27.54 31.22
N LYS E 71 -7.42 -27.07 31.55
CA LYS E 71 -8.27 -26.46 30.55
C LYS E 71 -7.63 -25.21 29.97
N ARG E 72 -6.91 -24.47 30.82
CA ARG E 72 -6.23 -23.26 30.41
C ARG E 72 -4.93 -23.57 29.68
N ASN E 73 -4.15 -24.50 30.21
CA ASN E 73 -2.80 -24.69 29.66
C ASN E 73 -2.72 -25.77 28.59
N LYS E 74 -3.60 -26.76 28.67
CA LYS E 74 -3.67 -27.88 27.70
C LYS E 74 -2.61 -28.96 27.86
N ILE E 75 -1.51 -28.65 28.52
CA ILE E 75 -0.41 -29.60 28.72
C ILE E 75 -0.09 -29.73 30.21
N GLY E 76 0.18 -30.95 30.63
CA GLY E 76 0.47 -31.16 32.05
C GLY E 76 1.53 -32.21 32.33
N LEU E 77 2.20 -32.04 33.46
CA LEU E 77 3.17 -33.02 33.94
C LEU E 77 2.68 -33.43 35.32
N LYS E 78 2.54 -34.72 35.51
CA LYS E 78 1.89 -35.22 36.69
C LYS E 78 2.75 -36.27 37.39
N GLY E 79 2.91 -36.12 38.71
CA GLY E 79 3.61 -37.10 39.53
C GLY E 79 2.72 -38.25 40.00
N LEU E 80 3.07 -38.87 41.13
CA LEU E 80 2.28 -40.00 41.60
C LEU E 80 1.68 -39.80 42.98
N TRP E 81 0.54 -40.44 43.21
CA TRP E 81 0.14 -40.85 44.55
C TRP E 81 0.28 -42.35 44.63
N HIS E 82 0.90 -42.83 45.70
CA HIS E 82 1.07 -44.26 45.85
C HIS E 82 -0.03 -44.88 46.72
N THR E 83 -1.22 -44.30 46.64
CA THR E 83 -2.46 -44.95 47.05
C THR E 83 -2.84 -45.96 45.96
N PRO E 84 -3.61 -47.00 46.30
CA PRO E 84 -3.98 -47.99 45.29
C PRO E 84 -4.84 -47.38 44.16
N ALA E 85 -5.61 -46.34 44.48
CA ALA E 85 -6.45 -45.68 43.48
C ALA E 85 -5.66 -45.08 42.31
N ASP E 86 -4.68 -44.21 42.60
CA ASP E 86 -3.88 -43.58 41.54
C ASP E 86 -3.17 -44.59 40.62
N GLN E 87 -2.68 -45.69 41.21
CA GLN E 87 -1.93 -46.70 40.47
C GLN E 87 -2.79 -47.53 39.50
N THR E 88 -4.10 -47.58 39.73
CA THR E 88 -4.98 -48.38 38.89
C THR E 88 -5.75 -47.55 37.85
N GLY E 89 -5.75 -46.22 38.02
CA GLY E 89 -6.42 -45.32 37.09
C GLY E 89 -7.74 -44.79 37.62
N HIS E 90 -8.02 -45.03 38.88
CA HIS E 90 -9.22 -44.52 39.50
C HIS E 90 -8.85 -43.38 40.46
N GLY E 91 -9.77 -43.00 41.34
CA GLY E 91 -9.48 -41.87 42.20
C GLY E 91 -9.74 -40.55 41.49
N SER E 92 -10.17 -39.55 42.26
CA SER E 92 -10.82 -38.37 41.71
C SER E 92 -10.12 -37.70 40.52
N LEU E 93 -8.80 -37.63 40.58
CA LEU E 93 -8.03 -36.93 39.57
C LEU E 93 -8.15 -37.63 38.22
N ASN E 94 -7.89 -38.92 38.23
CA ASN E 94 -7.95 -39.71 37.01
C ASN E 94 -9.34 -39.76 36.39
N VAL E 95 -10.40 -39.75 37.20
CA VAL E 95 -11.69 -39.83 36.59
C VAL E 95 -12.02 -38.46 36.03
N ALA E 96 -11.59 -37.41 36.72
CA ALA E 96 -11.80 -36.06 36.21
C ALA E 96 -11.12 -35.86 34.85
N LEU E 97 -9.88 -36.31 34.72
CA LEU E 97 -9.15 -36.21 33.47
C LEU E 97 -9.84 -36.99 32.38
N ARG E 98 -10.48 -38.07 32.75
CA ARG E 98 -11.10 -38.93 31.77
C ARG E 98 -12.54 -38.47 31.42
N LYS E 99 -13.31 -38.05 32.42
CA LYS E 99 -14.70 -37.60 32.18
C LYS E 99 -14.78 -36.15 31.69
N GLN E 100 -14.01 -35.25 32.28
CA GLN E 100 -14.10 -33.84 31.92
C GLN E 100 -13.19 -33.46 30.76
N LEU E 101 -12.02 -34.07 30.65
CA LEU E 101 -11.10 -33.66 29.59
C LEU E 101 -11.11 -34.64 28.44
N ASP E 102 -11.82 -35.75 28.61
CA ASP E 102 -11.88 -36.78 27.57
C ASP E 102 -10.50 -37.25 27.10
N ILE E 103 -9.61 -37.48 28.05
CA ILE E 103 -8.29 -38.01 27.75
C ILE E 103 -8.40 -39.51 27.63
N TYR E 104 -8.27 -40.03 26.41
CA TYR E 104 -8.75 -41.38 26.10
C TYR E 104 -7.68 -42.38 25.75
N ALA E 105 -6.45 -41.92 25.67
CA ALA E 105 -5.39 -42.81 25.23
C ALA E 105 -4.23 -42.77 26.19
N ASN E 106 -3.98 -43.88 26.85
CA ASN E 106 -2.84 -43.98 27.74
C ASN E 106 -1.70 -44.70 26.99
N VAL E 107 -0.51 -44.13 26.97
CA VAL E 107 0.63 -44.72 26.29
C VAL E 107 1.74 -44.98 27.32
N ALA E 108 2.31 -46.18 27.29
CA ALA E 108 3.47 -46.51 28.10
C ALA E 108 4.62 -47.03 27.22
N LEU E 109 5.80 -46.49 27.42
CA LEU E 109 6.93 -46.93 26.61
C LEU E 109 7.85 -47.84 27.40
N PHE E 110 8.04 -49.05 26.90
CA PHE E 110 8.94 -49.99 27.56
C PHE E 110 10.22 -50.26 26.73
N LYS E 111 11.20 -49.37 26.84
CA LYS E 111 12.49 -49.59 26.21
C LYS E 111 13.53 -49.98 27.25
N SER E 112 14.24 -51.08 26.98
CA SER E 112 15.39 -51.51 27.80
C SER E 112 16.50 -50.45 27.87
N LEU E 113 17.14 -50.31 29.03
CA LEU E 113 18.18 -49.31 29.20
C LEU E 113 19.58 -49.92 29.24
N LYS E 114 20.55 -49.19 28.67
CA LYS E 114 21.88 -49.73 28.42
C LYS E 114 22.56 -50.33 29.66
N GLY E 115 22.50 -49.67 30.81
CA GLY E 115 23.17 -50.23 31.96
C GLY E 115 22.32 -50.88 33.05
N VAL E 116 21.23 -51.55 32.67
CA VAL E 116 20.36 -52.18 33.65
C VAL E 116 20.29 -53.71 33.45
N LYS E 117 20.68 -54.44 34.49
CA LYS E 117 20.72 -55.91 34.42
C LYS E 117 19.31 -56.51 34.34
N THR E 118 18.97 -57.03 33.15
CA THR E 118 17.67 -57.64 32.91
C THR E 118 17.78 -59.05 32.34
N ARG E 119 16.87 -59.91 32.76
CA ARG E 119 16.85 -61.30 32.32
C ARG E 119 16.64 -61.44 30.80
N ILE E 120 15.89 -60.53 30.20
CA ILE E 120 15.75 -60.49 28.75
C ILE E 120 16.15 -59.14 28.23
N PRO E 121 17.13 -59.12 27.33
CA PRO E 121 17.76 -57.89 26.85
C PRO E 121 17.01 -57.24 25.68
N ASP E 122 17.28 -55.96 25.46
CA ASP E 122 16.88 -55.23 24.25
C ASP E 122 15.39 -55.33 23.96
N ILE E 123 14.60 -54.81 24.89
CA ILE E 123 13.16 -54.81 24.73
C ILE E 123 12.73 -53.45 24.20
N ASP E 124 11.75 -53.46 23.30
CA ASP E 124 11.19 -52.21 22.80
C ASP E 124 9.72 -52.31 22.43
N LEU E 125 8.86 -52.33 23.44
CA LEU E 125 7.44 -52.34 23.15
C LEU E 125 6.70 -51.13 23.70
N ILE E 126 5.58 -50.82 23.06
CA ILE E 126 4.72 -49.72 23.40
C ILE E 126 3.33 -50.28 23.64
N VAL E 127 2.74 -49.94 24.78
CA VAL E 127 1.40 -50.39 25.11
C VAL E 127 0.47 -49.19 25.11
N ILE E 128 -0.55 -49.24 24.26
CA ILE E 128 -1.53 -48.16 24.17
C ILE E 128 -2.84 -48.72 24.68
N ARG E 129 -3.39 -48.13 25.73
CA ARG E 129 -4.64 -48.63 26.26
C ARG E 129 -5.80 -47.60 26.25
N GLU E 130 -7.01 -48.08 25.97
CA GLU E 130 -8.19 -47.26 25.93
C GLU E 130 -8.54 -46.84 27.35
N ASN E 131 -8.87 -45.55 27.53
CA ASN E 131 -8.99 -44.99 28.88
C ASN E 131 -10.37 -44.38 29.27
N THR E 132 -11.43 -44.65 28.52
CA THR E 132 -12.70 -44.01 28.87
C THR E 132 -13.88 -44.95 29.06
N GLU E 133 -13.65 -46.24 28.79
CA GLU E 133 -14.72 -47.22 28.66
C GLU E 133 -14.32 -48.50 29.39
N GLY E 134 -15.10 -49.56 29.23
CA GLY E 134 -14.82 -50.82 29.89
C GLY E 134 -14.77 -50.65 31.39
N GLU E 135 -13.60 -50.96 31.95
CA GLU E 135 -13.34 -50.84 33.37
C GLU E 135 -13.70 -49.45 33.93
N PHE E 136 -13.49 -48.42 33.12
CA PHE E 136 -13.62 -47.05 33.60
C PHE E 136 -14.98 -46.38 33.43
N SER E 137 -15.99 -47.11 32.97
CA SER E 137 -17.35 -46.56 32.81
C SER E 137 -18.46 -47.57 33.16
N GLY E 138 -18.13 -48.58 33.93
CA GLY E 138 -19.18 -49.54 34.24
C GLY E 138 -20.38 -49.06 35.06
N LEU E 139 -21.05 -50.04 35.65
CA LEU E 139 -21.96 -49.83 36.76
C LEU E 139 -21.81 -51.13 37.52
N GLU E 140 -21.78 -51.05 38.85
CA GLU E 140 -21.77 -52.27 39.64
C GLU E 140 -22.82 -52.16 40.69
N HIS E 141 -23.51 -53.27 40.95
CA HIS E 141 -24.55 -53.23 41.97
C HIS E 141 -24.68 -54.56 42.68
N GLU E 142 -25.07 -54.46 43.96
CA GLU E 142 -25.47 -55.62 44.74
C GLU E 142 -26.96 -55.49 45.02
N SER E 143 -27.77 -56.19 44.23
CA SER E 143 -29.22 -56.00 44.34
C SER E 143 -29.89 -57.08 45.18
N VAL E 144 -29.36 -58.31 45.12
CA VAL E 144 -29.68 -59.31 46.14
C VAL E 144 -28.40 -59.59 46.90
N PRO E 145 -28.50 -59.70 48.22
CA PRO E 145 -27.32 -59.82 49.08
C PRO E 145 -26.41 -61.00 48.67
N GLY E 146 -25.12 -60.72 48.57
CA GLY E 146 -24.15 -61.74 48.20
C GLY E 146 -23.99 -61.93 46.71
N VAL E 147 -24.59 -61.05 45.93
CA VAL E 147 -24.47 -61.14 44.47
C VAL E 147 -24.11 -59.78 43.86
N VAL E 148 -22.90 -59.70 43.29
CA VAL E 148 -22.47 -58.46 42.65
C VAL E 148 -22.47 -58.57 41.14
N GLU E 149 -23.07 -57.57 40.49
CA GLU E 149 -23.24 -57.59 39.05
C GLU E 149 -22.56 -56.40 38.39
N SER E 150 -21.79 -56.66 37.33
CA SER E 150 -21.10 -55.62 36.60
C SER E 150 -21.72 -55.44 35.23
N LEU E 151 -21.92 -54.18 34.83
CA LEU E 151 -22.42 -53.86 33.50
C LEU E 151 -21.46 -52.92 32.79
N LYS E 152 -20.70 -53.42 31.83
CA LYS E 152 -19.66 -52.62 31.20
C LYS E 152 -19.95 -52.46 29.71
N VAL E 153 -19.55 -51.34 29.11
CA VAL E 153 -19.80 -51.13 27.67
C VAL E 153 -18.55 -51.00 26.81
N MET E 154 -18.67 -51.42 25.58
CA MET E 154 -17.61 -51.30 24.60
C MET E 154 -18.34 -50.72 23.40
N THR E 155 -17.89 -49.58 22.89
CA THR E 155 -18.63 -48.94 21.80
C THR E 155 -17.73 -48.67 20.61
N ARG E 156 -18.31 -48.64 19.43
CA ARG E 156 -17.51 -48.55 18.23
C ARG E 156 -16.82 -47.18 18.06
N PRO E 157 -17.50 -46.08 18.40
CA PRO E 157 -16.77 -44.81 18.27
C PRO E 157 -15.56 -44.73 19.20
N LYS E 158 -15.68 -45.16 20.45
CA LYS E 158 -14.53 -45.15 21.33
C LYS E 158 -13.44 -46.09 20.79
N THR E 159 -13.81 -47.23 20.25
CA THR E 159 -12.75 -48.12 19.76
C THR E 159 -12.13 -47.69 18.43
N GLU E 160 -12.87 -46.94 17.65
CA GLU E 160 -12.31 -46.33 16.44
C GLU E 160 -11.24 -45.29 16.76
N ARG E 161 -11.53 -44.39 17.71
CA ARG E 161 -10.54 -43.42 18.19
C ARG E 161 -9.25 -44.10 18.59
N ILE E 162 -9.37 -45.14 19.42
CA ILE E 162 -8.17 -45.70 20.00
C ILE E 162 -7.38 -46.41 18.90
N ALA E 163 -8.09 -46.99 17.94
CA ALA E 163 -7.43 -47.58 16.77
C ALA E 163 -6.65 -46.53 15.97
N ARG E 164 -7.28 -45.41 15.68
CA ARG E 164 -6.63 -44.43 14.84
C ARG E 164 -5.49 -43.84 15.61
N PHE E 165 -5.68 -43.72 16.92
CA PHE E 165 -4.62 -43.18 17.75
C PHE E 165 -3.37 -44.08 17.66
N ALA E 166 -3.59 -45.37 17.84
CA ALA E 166 -2.53 -46.35 17.81
C ALA E 166 -1.81 -46.37 16.46
N PHE E 167 -2.58 -46.35 15.37
CA PHE E 167 -1.97 -46.39 14.05
C PHE E 167 -1.25 -45.10 13.74
N ASP E 168 -1.85 -43.96 14.08
CA ASP E 168 -1.20 -42.67 13.87
C ASP E 168 0.12 -42.58 14.64
N PHE E 169 0.20 -43.31 15.74
CA PHE E 169 1.36 -43.29 16.63
C PHE E 169 2.46 -44.17 16.05
N ALA E 170 2.07 -45.34 15.56
CA ALA E 170 2.98 -46.21 14.86
C ALA E 170 3.59 -45.49 13.65
N LYS E 171 2.75 -44.81 12.86
CA LYS E 171 3.21 -43.99 11.72
C LYS E 171 4.27 -42.98 12.17
N LYS E 172 3.92 -42.19 13.17
CA LYS E 172 4.77 -41.09 13.59
C LYS E 172 6.13 -41.53 14.12
N TYR E 173 6.18 -42.70 14.75
CA TYR E 173 7.42 -43.15 15.39
C TYR E 173 8.00 -44.35 14.67
N ASN E 174 7.62 -44.50 13.41
CA ASN E 174 8.13 -45.57 12.56
C ASN E 174 8.13 -46.95 13.20
N ARG E 175 6.98 -47.30 13.78
CA ARG E 175 6.76 -48.66 14.24
C ARG E 175 6.08 -49.40 13.11
N LYS E 176 6.31 -50.70 13.00
CA LYS E 176 5.83 -51.44 11.85
C LYS E 176 4.74 -52.44 12.18
N SER E 177 4.53 -52.71 13.46
CA SER E 177 3.52 -53.66 13.89
C SER E 177 2.57 -53.10 14.94
N VAL E 178 1.28 -53.29 14.71
CA VAL E 178 0.28 -52.99 15.71
C VAL E 178 -0.50 -54.25 15.98
N THR E 179 -0.54 -54.69 17.23
CA THR E 179 -1.29 -55.88 17.59
C THR E 179 -2.43 -55.52 18.52
N ALA E 180 -3.66 -55.84 18.15
CA ALA E 180 -4.77 -55.72 19.08
C ALA E 180 -4.83 -56.89 20.06
N VAL E 181 -4.90 -56.57 21.34
CA VAL E 181 -4.99 -57.57 22.39
C VAL E 181 -6.43 -57.61 22.92
N HIS E 182 -7.03 -58.79 22.93
CA HIS E 182 -8.44 -58.89 23.25
C HIS E 182 -8.78 -60.27 23.79
N LYS E 183 -10.03 -60.46 24.17
CA LYS E 183 -10.51 -61.76 24.64
C LYS E 183 -11.75 -62.19 23.83
N ALA E 184 -11.64 -62.13 22.50
CA ALA E 184 -12.80 -62.40 21.63
C ALA E 184 -13.25 -63.87 21.60
N ASN E 185 -12.40 -64.76 22.10
CA ASN E 185 -12.75 -66.17 22.18
C ASN E 185 -13.92 -66.42 23.13
N ILE E 186 -14.01 -65.61 24.19
CA ILE E 186 -15.05 -65.72 25.20
C ILE E 186 -16.09 -64.62 25.04
N MET E 187 -15.64 -63.37 25.07
CA MET E 187 -16.50 -62.20 24.80
C MET E 187 -16.59 -62.00 23.30
N LYS E 188 -17.35 -62.85 22.61
CA LYS E 188 -17.33 -62.87 21.15
C LYS E 188 -17.90 -61.58 20.54
N LEU E 189 -18.79 -60.94 21.28
CA LEU E 189 -19.45 -59.75 20.77
C LEU E 189 -18.61 -58.48 21.02
N GLY E 190 -18.34 -58.22 22.30
CA GLY E 190 -17.64 -57.01 22.72
C GLY E 190 -16.18 -56.95 22.30
N ASP E 191 -15.43 -58.00 22.61
CA ASP E 191 -14.02 -58.03 22.25
C ASP E 191 -13.86 -58.45 20.78
N GLY E 192 -14.90 -59.04 20.22
CA GLY E 192 -14.97 -59.28 18.78
C GLY E 192 -15.02 -57.95 18.04
N LEU E 193 -15.89 -57.07 18.49
CA LEU E 193 -15.98 -55.70 17.97
C LEU E 193 -14.63 -55.00 17.97
N PHE E 194 -13.95 -55.09 19.10
CA PHE E 194 -12.62 -54.51 19.26
C PHE E 194 -11.57 -55.03 18.25
N ARG E 195 -11.35 -56.35 18.22
CA ARG E 195 -10.46 -56.98 17.24
C ARG E 195 -10.82 -56.63 15.80
N ASN E 196 -12.11 -56.65 15.49
CA ASN E 196 -12.54 -56.36 14.11
C ASN E 196 -12.28 -54.93 13.71
N ILE E 197 -12.71 -53.98 14.54
CA ILE E 197 -12.51 -52.58 14.23
C ILE E 197 -11.03 -52.27 14.05
N ILE E 198 -10.17 -52.83 14.90
CA ILE E 198 -8.75 -52.50 14.80
C ILE E 198 -8.20 -53.03 13.48
N THR E 199 -8.50 -54.30 13.17
CA THR E 199 -7.98 -54.89 11.94
C THR E 199 -8.55 -54.23 10.66
N GLU E 200 -9.80 -53.78 10.68
CA GLU E 200 -10.37 -53.10 9.51
C GLU E 200 -9.74 -51.74 9.29
N ILE E 201 -9.61 -50.96 10.35
CA ILE E 201 -9.01 -49.64 10.23
C ILE E 201 -7.56 -49.77 9.80
N GLY E 202 -6.97 -50.91 10.11
CA GLY E 202 -5.61 -51.23 9.68
C GLY E 202 -5.48 -51.43 8.18
N GLN E 203 -6.33 -52.30 7.63
CA GLN E 203 -6.29 -52.61 6.20
C GLN E 203 -6.72 -51.47 5.27
N LYS E 204 -7.75 -50.71 5.68
CA LYS E 204 -8.29 -49.64 4.84
C LYS E 204 -7.53 -48.34 4.97
N GLU E 205 -7.08 -47.98 6.18
CA GLU E 205 -6.50 -46.65 6.37
C GLU E 205 -4.97 -46.62 6.60
N TYR E 206 -4.40 -47.76 6.95
CA TYR E 206 -2.96 -47.82 7.26
C TYR E 206 -2.33 -49.11 6.69
N PRO E 207 -2.15 -49.15 5.38
CA PRO E 207 -1.79 -50.43 4.73
C PRO E 207 -0.32 -50.77 4.98
N ASP E 208 0.49 -49.72 5.15
CA ASP E 208 1.94 -49.84 5.40
C ASP E 208 2.27 -50.42 6.77
N ILE E 209 1.24 -50.61 7.60
CA ILE E 209 1.43 -51.15 8.93
C ILE E 209 0.76 -52.51 9.11
N ASP E 210 1.53 -53.46 9.63
CA ASP E 210 1.05 -54.81 9.88
C ASP E 210 0.11 -54.85 11.06
N VAL E 211 -1.12 -55.25 10.80
CA VAL E 211 -2.09 -55.47 11.88
C VAL E 211 -2.13 -56.94 12.27
N SER E 212 -2.48 -57.23 13.51
CA SER E 212 -2.56 -58.61 13.97
C SER E 212 -3.39 -58.68 15.25
N SER E 213 -3.65 -59.88 15.72
CA SER E 213 -4.52 -60.05 16.87
C SER E 213 -3.93 -61.13 17.75
N ILE E 214 -4.22 -61.02 19.03
CA ILE E 214 -3.77 -62.03 19.94
C ILE E 214 -4.70 -62.04 21.13
N ILE E 215 -5.06 -63.24 21.55
CA ILE E 215 -5.88 -63.39 22.72
C ILE E 215 -5.03 -63.02 23.91
N VAL E 216 -5.66 -62.34 24.87
CA VAL E 216 -4.90 -61.70 25.94
C VAL E 216 -4.11 -62.67 26.84
N ASP E 217 -4.69 -63.81 27.17
CA ASP E 217 -3.97 -64.83 27.95
C ASP E 217 -2.71 -65.34 27.23
N ASN E 218 -2.83 -65.61 25.93
CA ASN E 218 -1.69 -65.97 25.12
C ASN E 218 -0.67 -64.83 25.06
N ALA E 219 -1.14 -63.59 25.02
CA ALA E 219 -0.24 -62.43 24.95
C ALA E 219 0.58 -62.27 26.24
N SER E 220 -0.04 -62.57 27.37
CA SER E 220 0.65 -62.58 28.65
C SER E 220 1.81 -63.57 28.63
N MET E 221 1.52 -64.82 28.26
CA MET E 221 2.52 -65.86 28.16
C MET E 221 3.62 -65.44 27.18
N GLN E 222 3.20 -64.98 26.01
CA GLN E 222 4.13 -64.58 24.98
C GLN E 222 5.00 -63.38 25.42
N ALA E 223 4.46 -62.52 26.26
CA ALA E 223 5.20 -61.32 26.66
C ALA E 223 6.34 -61.58 27.65
N VAL E 224 6.16 -62.56 28.54
CA VAL E 224 7.20 -62.89 29.49
C VAL E 224 8.23 -63.85 28.89
N ALA E 225 7.83 -64.60 27.86
CA ALA E 225 8.71 -65.60 27.24
C ALA E 225 9.44 -65.10 25.99
N LYS E 226 8.74 -64.38 25.11
CA LYS E 226 9.36 -63.88 23.87
C LYS E 226 8.85 -62.49 23.49
N PRO E 227 9.18 -61.49 24.32
CA PRO E 227 8.76 -60.10 24.18
C PRO E 227 9.13 -59.48 22.85
N HIS E 228 10.08 -60.07 22.12
CA HIS E 228 10.64 -59.38 20.94
C HIS E 228 9.70 -59.38 19.74
N GLN E 229 8.74 -60.31 19.76
CA GLN E 229 7.81 -60.45 18.67
C GLN E 229 6.81 -59.30 18.62
N PHE E 230 6.69 -58.55 19.71
CA PHE E 230 5.71 -57.46 19.81
C PHE E 230 6.30 -56.12 19.51
N ASP E 231 5.45 -55.23 19.02
CA ASP E 231 5.87 -53.88 18.71
C ASP E 231 4.96 -52.85 19.42
N VAL E 232 3.82 -52.52 18.82
CA VAL E 232 2.85 -51.71 19.48
C VAL E 232 1.65 -52.58 19.87
N LEU E 233 1.33 -52.64 21.15
CA LEU E 233 0.11 -53.30 21.60
C LEU E 233 -1.03 -52.30 21.87
N VAL E 234 -2.24 -52.57 21.34
CA VAL E 234 -3.44 -51.78 21.64
C VAL E 234 -4.44 -52.63 22.38
N THR E 235 -4.90 -52.20 23.54
CA THR E 235 -5.81 -53.01 24.33
C THR E 235 -6.86 -52.16 25.00
N PRO E 236 -7.99 -52.79 25.33
CA PRO E 236 -9.03 -52.19 26.16
C PRO E 236 -8.46 -51.83 27.53
N SER E 237 -9.21 -51.04 28.28
CA SER E 237 -8.83 -50.70 29.64
C SER E 237 -8.36 -51.90 30.49
N MET E 238 -9.15 -52.98 30.49
CA MET E 238 -8.99 -54.06 31.47
C MET E 238 -7.69 -54.88 31.36
N TYR E 239 -7.08 -54.93 30.18
CA TYR E 239 -5.90 -55.74 30.00
C TYR E 239 -4.60 -54.93 29.94
N GLY E 240 -4.72 -53.62 29.94
CA GLY E 240 -3.57 -52.80 29.72
C GLY E 240 -2.71 -52.70 30.95
N THR E 241 -3.35 -52.72 32.12
CA THR E 241 -2.63 -52.71 33.37
C THR E 241 -1.75 -53.96 33.49
N ILE E 242 -2.31 -55.13 33.17
CA ILE E 242 -1.55 -56.36 33.21
C ILE E 242 -0.40 -56.37 32.21
N LEU E 243 -0.68 -56.09 30.94
CA LEU E 243 0.41 -56.04 29.97
C LEU E 243 1.47 -55.03 30.35
N GLY E 244 1.06 -53.89 30.89
CA GLY E 244 2.00 -52.86 31.30
C GLY E 244 2.91 -53.28 32.42
N ASN E 245 2.39 -54.06 33.36
CA ASN E 245 3.23 -54.51 34.44
C ASN E 245 4.22 -55.59 34.04
N ILE E 246 3.88 -56.39 33.03
CA ILE E 246 4.85 -57.32 32.47
C ILE E 246 5.92 -56.51 31.79
N GLY E 247 5.49 -55.49 31.09
CA GLY E 247 6.42 -54.59 30.45
C GLY E 247 7.42 -54.01 31.43
N ALA E 248 6.93 -53.52 32.56
CA ALA E 248 7.75 -52.87 33.57
C ALA E 248 8.77 -53.83 34.13
N ALA E 249 8.34 -55.03 34.50
CA ALA E 249 9.26 -56.05 34.98
C ALA E 249 10.34 -56.38 33.95
N LEU E 250 9.95 -56.61 32.70
CA LEU E 250 10.90 -56.87 31.60
C LEU E 250 12.12 -55.90 31.48
N ILE E 251 11.94 -54.61 31.80
CA ILE E 251 13.00 -53.63 31.57
C ILE E 251 13.66 -53.15 32.86
N GLY E 252 13.25 -53.70 33.99
CA GLY E 252 13.89 -53.39 35.25
C GLY E 252 13.08 -52.61 36.26
N GLY E 253 11.77 -52.52 36.04
CA GLY E 253 10.87 -51.93 37.02
C GLY E 253 10.22 -50.63 36.60
N PRO E 254 9.18 -50.24 37.33
CA PRO E 254 8.32 -49.08 37.12
C PRO E 254 9.10 -47.79 37.03
N GLY E 255 10.25 -47.74 37.68
CA GLY E 255 11.06 -46.54 37.74
C GLY E 255 11.68 -46.14 36.42
N LEU E 256 11.54 -46.98 35.40
CA LEU E 256 12.17 -46.75 34.10
C LEU E 256 11.21 -46.56 32.92
N VAL E 257 9.91 -46.45 33.23
CA VAL E 257 8.86 -46.47 32.24
C VAL E 257 8.23 -45.13 31.96
N ALA E 258 8.51 -44.55 30.79
CA ALA E 258 7.89 -43.27 30.41
C ALA E 258 6.41 -43.46 30.06
N GLY E 259 5.63 -42.40 30.19
CA GLY E 259 4.22 -42.51 29.88
C GLY E 259 3.63 -41.19 29.44
N ALA E 260 2.50 -41.30 28.71
CA ALA E 260 1.76 -40.12 28.28
C ALA E 260 0.29 -40.44 28.18
N ASN E 261 -0.53 -39.44 28.42
CA ASN E 261 -1.95 -39.58 28.24
C ASN E 261 -2.51 -38.50 27.31
N PHE E 262 -3.20 -38.92 26.27
CA PHE E 262 -3.72 -37.96 25.29
C PHE E 262 -5.22 -37.93 25.14
N GLY E 263 -5.72 -36.73 24.96
CA GLY E 263 -7.08 -36.49 24.48
C GLY E 263 -6.98 -35.68 23.20
N ARG E 264 -8.10 -35.27 22.65
CA ARG E 264 -8.02 -34.45 21.45
C ARG E 264 -7.36 -33.10 21.73
N ASP E 265 -7.73 -32.46 22.82
CA ASP E 265 -7.25 -31.12 23.14
C ASP E 265 -6.22 -31.05 24.26
N TYR E 266 -6.03 -32.16 24.97
CA TYR E 266 -5.20 -32.14 26.16
C TYR E 266 -4.16 -33.25 26.16
N ALA E 267 -3.05 -33.03 26.85
CA ALA E 267 -2.05 -34.07 27.00
C ALA E 267 -1.51 -33.96 28.42
N VAL E 268 -1.32 -35.09 29.05
CA VAL E 268 -0.79 -35.10 30.40
C VAL E 268 0.29 -36.16 30.48
N PHE E 269 1.50 -35.76 30.88
CA PHE E 269 2.64 -36.67 30.89
C PHE E 269 2.94 -37.16 32.29
N GLU E 270 3.29 -38.45 32.40
CA GLU E 270 3.37 -39.12 33.71
C GLU E 270 3.91 -40.50 33.52
N PRO E 271 4.64 -41.00 34.52
CA PRO E 271 5.23 -42.35 34.47
C PRO E 271 4.19 -43.43 34.10
N GLY E 272 4.58 -44.28 33.16
CA GLY E 272 3.66 -45.18 32.53
C GLY E 272 3.16 -46.34 33.37
N SER E 273 3.78 -46.57 34.52
CA SER E 273 3.40 -47.70 35.35
C SER E 273 2.79 -47.27 36.67
N ARG E 274 2.73 -45.97 36.89
CA ARG E 274 2.21 -45.44 38.14
C ARG E 274 3.06 -45.88 39.34
N HIS E 275 4.33 -46.21 39.09
CA HIS E 275 5.29 -46.63 40.12
C HIS E 275 4.71 -47.72 41.02
N VAL E 276 3.92 -48.58 40.38
CA VAL E 276 3.30 -49.73 41.02
C VAL E 276 4.22 -50.33 42.09
N GLY E 277 5.21 -51.12 41.66
CA GLY E 277 6.11 -51.77 42.58
C GLY E 277 7.30 -50.92 42.99
N LEU E 278 7.16 -49.60 42.79
CA LEU E 278 8.13 -48.63 43.32
C LEU E 278 7.82 -48.35 44.77
N ASP E 279 8.06 -49.37 45.60
CA ASP E 279 8.10 -49.25 47.05
C ASP E 279 9.35 -48.43 47.38
N ILE E 280 10.43 -49.15 47.70
CA ILE E 280 11.67 -48.52 48.16
C ILE E 280 11.29 -47.30 49.02
N LYS E 281 10.68 -47.57 50.17
CA LYS E 281 10.22 -46.44 50.97
C LYS E 281 11.35 -45.94 51.85
N GLY E 282 11.65 -44.66 51.65
CA GLY E 282 12.65 -43.96 52.41
C GLY E 282 12.71 -42.57 51.82
N GLN E 283 13.47 -41.68 52.45
CA GLN E 283 13.65 -40.32 51.92
C GLN E 283 14.75 -40.25 50.85
N ASN E 284 14.47 -39.53 49.77
CA ASN E 284 15.44 -39.30 48.71
C ASN E 284 16.06 -40.54 48.09
N VAL E 285 15.28 -41.59 47.88
CA VAL E 285 15.84 -42.82 47.30
C VAL E 285 15.22 -43.24 45.97
N ALA E 286 14.07 -42.63 45.64
CA ALA E 286 13.26 -43.03 44.48
C ALA E 286 13.92 -42.75 43.11
N ASN E 287 13.66 -43.60 42.12
CA ASN E 287 14.21 -43.39 40.78
C ASN E 287 13.39 -42.36 40.01
N PRO E 288 14.00 -41.23 39.59
CA PRO E 288 13.30 -40.16 38.88
C PRO E 288 13.26 -40.38 37.38
N THR E 289 13.90 -41.43 36.88
CA THR E 289 14.01 -41.70 35.45
C THR E 289 12.67 -41.65 34.66
N ALA E 290 11.64 -42.31 35.18
CA ALA E 290 10.35 -42.38 34.52
C ALA E 290 9.76 -41.01 34.38
N MET E 291 9.79 -40.23 35.45
CA MET E 291 9.34 -38.85 35.42
C MET E 291 10.16 -38.00 34.42
N ILE E 292 11.48 -38.13 34.44
CA ILE E 292 12.31 -37.36 33.55
C ILE E 292 12.05 -37.71 32.07
N LEU E 293 12.01 -39.00 31.77
CA LEU E 293 11.73 -39.46 30.42
C LEU E 293 10.33 -39.04 29.94
N SER E 294 9.37 -39.08 30.84
CA SER E 294 8.03 -38.62 30.52
C SER E 294 8.13 -37.14 30.22
N SER E 295 8.98 -36.47 30.99
CA SER E 295 9.26 -35.06 30.83
C SER E 295 9.72 -34.76 29.42
N THR E 296 10.50 -35.67 28.83
CA THR E 296 11.03 -35.43 27.51
C THR E 296 9.99 -35.70 26.45
N LEU E 297 9.10 -36.67 26.68
CA LEU E 297 7.94 -36.87 25.79
C LEU E 297 7.16 -35.57 25.71
N MET E 298 7.00 -34.89 26.83
CA MET E 298 6.33 -33.60 26.88
C MET E 298 7.08 -32.54 26.07
N LEU E 299 8.40 -32.50 26.19
CA LEU E 299 9.21 -31.57 25.43
C LEU E 299 9.00 -31.77 23.91
N ASN E 300 9.12 -33.02 23.47
CA ASN E 300 8.84 -33.38 22.08
C ASN E 300 7.50 -32.83 21.62
N HIS E 301 6.47 -33.04 22.42
CA HIS E 301 5.14 -32.59 22.10
C HIS E 301 5.01 -31.07 22.01
N LEU E 302 5.74 -30.36 22.86
CA LEU E 302 5.70 -28.90 22.86
C LEU E 302 6.48 -28.31 21.69
N GLY E 303 7.19 -29.17 20.95
CA GLY E 303 8.03 -28.74 19.85
C GLY E 303 9.45 -28.32 20.22
N LEU E 304 9.76 -28.37 21.51
CA LEU E 304 11.11 -28.14 21.96
C LEU E 304 11.92 -29.30 21.42
N ASN E 305 12.37 -30.21 22.26
CA ASN E 305 12.93 -31.48 21.76
C ASN E 305 14.39 -31.49 21.24
N GLU E 306 14.97 -30.34 21.01
CA GLU E 306 16.42 -30.25 20.99
C GLU E 306 16.77 -30.49 22.46
N TYR E 307 16.12 -29.72 23.33
CA TYR E 307 16.23 -29.94 24.77
C TYR E 307 15.91 -31.39 25.19
N ALA E 308 14.99 -32.02 24.48
CA ALA E 308 14.58 -33.36 24.84
C ALA E 308 15.65 -34.37 24.48
N THR E 309 16.34 -34.15 23.37
CA THR E 309 17.37 -35.09 22.94
C THR E 309 18.52 -35.04 23.92
N ARG E 310 18.87 -33.83 24.36
CA ARG E 310 19.96 -33.64 25.29
C ARG E 310 19.67 -34.30 26.64
N ILE E 311 18.51 -33.99 27.21
CA ILE E 311 18.12 -34.53 28.50
C ILE E 311 18.05 -36.04 28.44
N SER E 312 17.57 -36.55 27.32
CA SER E 312 17.48 -37.99 27.15
C SER E 312 18.85 -38.67 27.08
N LYS E 313 19.79 -38.05 26.38
CA LYS E 313 21.14 -38.60 26.26
C LYS E 313 21.84 -38.56 27.63
N ALA E 314 21.72 -37.45 28.33
CA ALA E 314 22.22 -37.35 29.68
C ALA E 314 21.76 -38.48 30.62
N VAL E 315 20.47 -38.81 30.65
CA VAL E 315 20.05 -39.82 31.61
C VAL E 315 20.43 -41.22 31.14
N HIS E 316 20.43 -41.46 29.83
CA HIS E 316 20.84 -42.77 29.32
C HIS E 316 22.31 -43.03 29.60
N GLU E 317 23.11 -41.97 29.48
CA GLU E 317 24.55 -42.02 29.71
C GLU E 317 24.81 -42.22 31.19
N THR E 318 24.13 -41.43 32.03
CA THR E 318 24.28 -41.57 33.47
C THR E 318 23.95 -42.98 33.99
N ILE E 319 22.90 -43.59 33.46
CA ILE E 319 22.53 -44.92 33.95
C ILE E 319 23.40 -46.01 33.30
N ALA E 320 23.94 -45.73 32.13
CA ALA E 320 24.85 -46.68 31.46
C ALA E 320 26.15 -46.94 32.25
N GLU E 321 26.72 -45.89 32.82
CA GLU E 321 27.84 -46.02 33.75
C GLU E 321 27.30 -46.20 35.16
N GLY E 322 27.52 -47.38 35.72
CA GLY E 322 26.91 -47.76 37.00
C GLY E 322 27.09 -46.81 38.18
N LYS E 323 27.74 -45.66 37.96
CA LYS E 323 28.04 -44.71 39.03
C LYS E 323 26.90 -43.71 39.16
N HIS E 324 26.53 -43.41 40.41
CA HIS E 324 25.47 -42.42 40.68
C HIS E 324 24.04 -42.91 40.39
N THR E 325 23.93 -44.14 39.91
CA THR E 325 22.67 -44.81 39.71
C THR E 325 21.91 -44.97 41.04
N THR E 326 20.59 -44.95 40.98
CA THR E 326 19.74 -45.04 42.17
C THR E 326 19.60 -46.50 42.66
N ARG E 327 19.10 -46.72 43.86
CA ARG E 327 19.19 -48.07 44.46
C ARG E 327 18.40 -49.21 43.80
N ASP E 328 17.37 -48.87 43.04
CA ASP E 328 16.50 -49.90 42.45
C ASP E 328 17.06 -50.51 41.18
N ILE E 329 18.03 -49.85 40.56
CA ILE E 329 18.74 -50.45 39.43
C ILE E 329 20.17 -50.80 39.79
N GLY E 330 20.39 -51.05 41.08
CA GLY E 330 21.65 -51.60 41.55
C GLY E 330 22.70 -50.61 42.03
N GLY E 331 22.36 -49.33 42.03
CA GLY E 331 23.27 -48.31 42.53
C GLY E 331 23.02 -48.09 44.00
N SER E 332 23.51 -46.98 44.54
CA SER E 332 23.36 -46.72 45.97
C SER E 332 23.24 -45.23 46.24
N SER E 333 23.16 -44.45 45.16
CA SER E 333 23.01 -43.00 45.27
C SER E 333 21.56 -42.58 45.48
N SER E 334 21.38 -41.40 46.06
CA SER E 334 20.07 -40.80 46.28
C SER E 334 19.53 -40.18 44.99
N THR E 335 18.24 -39.82 44.99
CA THR E 335 17.64 -39.28 43.77
C THR E 335 18.34 -37.97 43.43
N THR E 336 18.68 -37.20 44.46
CA THR E 336 19.44 -35.97 44.32
C THR E 336 20.82 -36.16 43.67
N ASP E 337 21.55 -37.19 44.09
CA ASP E 337 22.85 -37.49 43.51
C ASP E 337 22.68 -37.77 42.01
N PHE E 338 21.68 -38.57 41.70
CA PHE E 338 21.41 -38.98 40.33
C PHE E 338 21.07 -37.76 39.48
N THR E 339 20.23 -36.89 40.01
CA THR E 339 19.84 -35.67 39.32
C THR E 339 21.07 -34.81 39.04
N ASN E 340 21.88 -34.58 40.06
CA ASN E 340 23.08 -33.75 39.93
C ASN E 340 24.10 -34.30 38.91
N GLU E 341 24.25 -35.62 38.84
CA GLU E 341 25.09 -36.26 37.85
C GLU E 341 24.57 -35.97 36.44
N ILE E 342 23.26 -36.01 36.27
CA ILE E 342 22.65 -35.73 34.96
C ILE E 342 22.89 -34.28 34.57
N ILE E 343 22.59 -33.36 35.48
CA ILE E 343 22.83 -31.95 35.25
C ILE E 343 24.29 -31.69 34.92
N ASN E 344 25.18 -32.48 35.54
CA ASN E 344 26.62 -32.35 35.32
C ASN E 344 27.04 -32.71 33.90
N LYS E 345 26.49 -33.80 33.36
CA LYS E 345 26.81 -34.19 31.98
C LYS E 345 26.19 -33.22 31.01
N LEU E 346 25.20 -32.47 31.47
CA LEU E 346 24.47 -31.51 30.65
C LEU E 346 25.28 -30.24 30.40
N SER E 347 25.91 -29.69 31.44
CA SER E 347 26.75 -28.50 31.28
C SER E 347 27.95 -28.73 30.36
N THR E 348 28.56 -29.91 30.47
CA THR E 348 29.68 -30.26 29.62
C THR E 348 29.23 -30.77 28.24
N MET E 349 27.91 -30.91 28.06
CA MET E 349 27.37 -31.48 26.82
C MET E 349 27.53 -30.59 25.61
N GLN F 5 -4.94 -83.99 53.09
CA GLN F 5 -5.80 -83.88 51.91
C GLN F 5 -7.04 -82.99 52.16
N PRO F 6 -7.33 -82.05 51.24
CA PRO F 6 -8.43 -81.08 51.39
C PRO F 6 -9.77 -81.74 51.69
N SER F 7 -10.47 -81.25 52.71
CA SER F 7 -11.81 -81.72 53.04
C SER F 7 -12.89 -81.27 52.03
N ILE F 8 -12.57 -80.20 51.28
CA ILE F 8 -13.52 -79.57 50.36
C ILE F 8 -13.99 -80.49 49.24
N GLY F 9 -13.05 -80.95 48.41
CA GLY F 9 -13.38 -81.85 47.32
C GLY F 9 -12.83 -83.24 47.56
N ARG F 10 -13.00 -83.73 48.79
CA ARG F 10 -12.47 -85.02 49.22
C ARG F 10 -12.85 -86.20 48.31
N TYR F 11 -11.87 -87.06 48.03
CA TYR F 11 -12.14 -88.27 47.25
C TYR F 11 -12.79 -89.38 48.10
N THR F 12 -14.00 -89.78 47.72
CA THR F 12 -14.67 -90.94 48.32
C THR F 12 -13.99 -92.22 47.79
N GLY F 13 -13.21 -92.87 48.66
CA GLY F 13 -12.33 -93.96 48.27
C GLY F 13 -13.00 -95.14 47.60
N LYS F 14 -12.90 -96.30 48.24
CA LYS F 14 -13.51 -97.54 47.73
C LYS F 14 -12.86 -98.10 46.45
N PRO F 15 -11.86 -98.99 46.62
CA PRO F 15 -11.33 -99.74 45.46
C PRO F 15 -12.41 -100.70 44.95
N ASN F 16 -12.20 -101.32 43.79
CA ASN F 16 -13.14 -102.34 43.32
C ASN F 16 -13.22 -103.49 44.33
N PRO F 17 -14.45 -103.85 44.75
CA PRO F 17 -14.64 -104.92 45.74
C PRO F 17 -13.89 -106.20 45.37
N SER F 18 -13.85 -106.51 44.07
CA SER F 18 -13.18 -107.71 43.58
C SER F 18 -11.69 -107.52 43.25
N THR F 19 -11.38 -106.62 42.30
CA THR F 19 -10.01 -106.47 41.78
C THR F 19 -9.01 -105.83 42.77
N GLY F 20 -9.54 -105.12 43.76
CA GLY F 20 -8.71 -104.33 44.66
C GLY F 20 -8.12 -103.13 43.94
N LYS F 21 -8.79 -102.74 42.85
CA LYS F 21 -8.33 -101.68 41.96
C LYS F 21 -9.39 -100.58 41.86
N TYR F 22 -8.98 -99.34 42.09
CA TYR F 22 -9.85 -98.18 41.93
C TYR F 22 -10.28 -97.96 40.48
N THR F 23 -11.54 -97.60 40.28
CA THR F 23 -12.08 -97.29 38.96
C THR F 23 -11.87 -95.82 38.60
N VAL F 24 -11.36 -95.56 37.40
CA VAL F 24 -11.06 -94.20 36.96
C VAL F 24 -11.45 -93.96 35.50
N SER F 25 -12.46 -93.11 35.27
CA SER F 25 -12.87 -92.74 33.90
C SER F 25 -11.72 -92.12 33.12
N PHE F 26 -11.73 -92.23 31.79
CA PHE F 26 -10.60 -91.69 31.06
C PHE F 26 -10.93 -90.50 30.17
N ILE F 27 -11.49 -90.75 28.99
CA ILE F 27 -11.67 -89.70 27.97
C ILE F 27 -10.32 -89.41 27.34
N GLU F 28 -9.91 -90.26 26.41
CA GLU F 28 -8.59 -90.11 25.80
C GLU F 28 -8.55 -88.89 24.88
N GLY F 29 -9.72 -88.39 24.50
CA GLY F 29 -9.77 -87.26 23.59
C GLY F 29 -9.20 -87.60 22.22
N ASP F 30 -8.77 -86.58 21.49
CA ASP F 30 -8.34 -86.75 20.10
C ASP F 30 -7.04 -86.01 19.76
N GLY F 31 -6.71 -85.90 18.48
CA GLY F 31 -5.41 -85.41 18.08
C GLY F 31 -4.31 -86.29 18.64
N ILE F 32 -3.43 -85.70 19.45
CA ILE F 32 -2.40 -86.48 20.11
C ILE F 32 -2.92 -87.14 21.39
N GLY F 33 -4.22 -87.06 21.59
CA GLY F 33 -4.85 -87.69 22.73
C GLY F 33 -4.54 -89.17 22.90
N PRO F 34 -4.95 -90.01 21.92
CA PRO F 34 -4.72 -91.46 21.97
C PRO F 34 -3.31 -91.84 22.44
N GLU F 35 -2.28 -91.33 21.76
CA GLU F 35 -0.89 -91.75 22.02
C GLU F 35 -0.34 -91.29 23.38
N ILE F 36 -0.88 -90.17 23.87
CA ILE F 36 -0.53 -89.66 25.18
C ILE F 36 -1.24 -90.46 26.30
N SER F 37 -2.49 -90.87 26.05
CA SER F 37 -3.19 -91.73 27.00
C SER F 37 -2.51 -93.10 27.09
N LYS F 38 -2.04 -93.59 25.94
CA LYS F 38 -1.38 -94.89 25.86
C LYS F 38 -0.17 -94.89 26.77
N SER F 39 0.60 -93.81 26.70
CA SER F 39 1.78 -93.65 27.53
C SER F 39 1.47 -93.63 29.04
N VAL F 40 0.30 -93.11 29.41
CA VAL F 40 -0.08 -93.01 30.82
C VAL F 40 -0.41 -94.37 31.39
N LYS F 41 -1.07 -95.18 30.57
CA LYS F 41 -1.45 -96.54 30.97
C LYS F 41 -0.24 -97.46 31.11
N LYS F 42 0.73 -97.32 30.20
CA LYS F 42 1.95 -98.13 30.21
C LYS F 42 2.83 -97.82 31.43
N ILE F 43 2.69 -96.61 31.96
CA ILE F 43 3.46 -96.16 33.12
C ILE F 43 2.70 -96.43 34.43
N PHE F 44 1.37 -96.58 34.32
CA PHE F 44 0.53 -96.88 35.47
C PHE F 44 0.49 -98.39 35.73
N SER F 45 0.64 -99.14 34.64
CA SER F 45 0.75 -100.58 34.74
C SER F 45 2.16 -100.94 35.20
N ALA F 46 3.18 -100.37 34.54
CA ALA F 46 4.59 -100.65 34.86
C ALA F 46 5.02 -100.24 36.27
N ALA F 47 4.29 -99.33 36.91
CA ALA F 47 4.58 -98.94 38.30
C ALA F 47 3.63 -99.64 39.25
N ASN F 48 2.80 -100.50 38.68
CA ASN F 48 1.78 -101.27 39.42
C ASN F 48 0.95 -100.40 40.35
N VAL F 49 0.02 -99.65 39.75
CA VAL F 49 -0.89 -98.82 40.53
C VAL F 49 -2.30 -99.43 40.47
N PRO F 50 -3.03 -99.36 41.62
CA PRO F 50 -4.38 -99.88 41.87
C PRO F 50 -5.50 -99.21 41.06
N ILE F 51 -5.37 -99.21 39.74
CA ILE F 51 -6.29 -98.47 38.88
C ILE F 51 -6.63 -99.23 37.62
N GLU F 52 -7.94 -99.36 37.39
CA GLU F 52 -8.48 -99.86 36.14
C GLU F 52 -9.25 -98.73 35.43
N TRP F 53 -8.93 -98.54 34.14
CA TRP F 53 -9.52 -97.46 33.34
C TRP F 53 -10.98 -97.73 32.94
N GLU F 54 -11.51 -96.92 32.02
CA GLU F 54 -12.92 -97.01 31.60
C GLU F 54 -13.27 -95.97 30.55
N SER F 55 -12.45 -95.88 29.50
CA SER F 55 -12.52 -94.78 28.55
C SER F 55 -13.94 -94.28 28.22
N CYS F 56 -14.16 -92.98 28.40
CA CYS F 56 -15.47 -92.34 28.15
C CYS F 56 -15.46 -91.48 26.89
N ASP F 57 -16.63 -91.34 26.28
CA ASP F 57 -16.80 -90.41 25.19
C ASP F 57 -17.66 -89.28 25.69
N VAL F 58 -17.21 -88.06 25.42
CA VAL F 58 -17.89 -86.85 25.84
C VAL F 58 -18.29 -85.97 24.66
N SER F 59 -18.20 -86.52 23.44
CA SER F 59 -18.66 -85.81 22.24
C SER F 59 -19.98 -85.10 22.52
N PRO F 60 -20.01 -83.79 22.25
CA PRO F 60 -21.12 -82.90 22.60
C PRO F 60 -22.43 -83.31 21.94
N ILE F 61 -23.32 -83.90 22.74
CA ILE F 61 -24.71 -84.10 22.32
C ILE F 61 -25.48 -82.78 22.47
N PHE F 62 -26.46 -82.54 21.60
CA PHE F 62 -27.27 -81.32 21.70
C PHE F 62 -28.70 -81.62 22.11
N VAL F 63 -29.15 -80.98 23.19
CA VAL F 63 -30.50 -81.18 23.72
C VAL F 63 -31.18 -79.85 23.93
N ASN F 64 -32.10 -79.50 23.04
CA ASN F 64 -32.74 -78.18 23.05
C ASN F 64 -31.79 -77.09 22.54
N GLY F 65 -30.81 -77.49 21.74
CA GLY F 65 -29.81 -76.55 21.22
C GLY F 65 -28.73 -76.25 22.24
N LEU F 66 -29.07 -76.47 23.51
CA LEU F 66 -28.15 -76.37 24.65
C LEU F 66 -27.24 -77.61 24.68
N THR F 67 -25.94 -77.40 24.53
CA THR F 67 -25.00 -78.52 24.48
C THR F 67 -25.02 -79.31 25.79
N THR F 68 -25.22 -80.63 25.65
CA THR F 68 -25.32 -81.53 26.80
C THR F 68 -24.25 -82.60 26.68
N ILE F 69 -23.90 -83.21 27.82
CA ILE F 69 -22.89 -84.25 27.84
C ILE F 69 -23.54 -85.65 27.80
N PRO F 70 -23.07 -86.53 26.91
CA PRO F 70 -23.61 -87.88 26.73
C PRO F 70 -23.81 -88.63 28.04
N ASP F 71 -24.93 -89.34 28.15
CA ASP F 71 -25.27 -90.07 29.37
C ASP F 71 -24.31 -91.23 29.73
N PRO F 72 -23.73 -91.91 28.72
CA PRO F 72 -22.71 -92.93 28.98
C PRO F 72 -21.57 -92.38 29.86
N ALA F 73 -21.02 -91.25 29.44
CA ALA F 73 -19.94 -90.60 30.17
C ALA F 73 -20.38 -90.00 31.52
N VAL F 74 -21.56 -89.38 31.56
CA VAL F 74 -22.08 -88.83 32.83
C VAL F 74 -22.13 -89.87 33.95
N GLN F 75 -22.77 -91.00 33.67
CA GLN F 75 -22.93 -92.07 34.66
C GLN F 75 -21.58 -92.63 35.09
N SER F 76 -20.71 -92.86 34.12
CA SER F 76 -19.36 -93.36 34.38
C SER F 76 -18.60 -92.50 35.38
N ILE F 77 -18.60 -91.19 35.11
CA ILE F 77 -17.83 -90.23 35.89
C ILE F 77 -18.50 -89.89 37.22
N THR F 78 -19.84 -89.86 37.24
CA THR F 78 -20.57 -89.62 38.48
C THR F 78 -20.33 -90.75 39.48
N LYS F 79 -20.09 -91.95 38.94
CA LYS F 79 -19.86 -93.15 39.74
C LYS F 79 -18.42 -93.20 40.23
N ASN F 80 -17.48 -93.05 39.30
CA ASN F 80 -16.06 -93.14 39.60
C ASN F 80 -15.53 -92.00 40.46
N LEU F 81 -16.14 -90.82 40.33
CA LEU F 81 -15.78 -89.64 41.12
C LEU F 81 -14.46 -88.98 40.67
N VAL F 82 -13.79 -89.60 39.69
CA VAL F 82 -12.53 -89.09 39.15
C VAL F 82 -12.42 -89.41 37.66
N ALA F 83 -11.80 -88.51 36.92
CA ALA F 83 -11.59 -88.70 35.49
C ALA F 83 -10.28 -88.06 35.13
N LEU F 84 -9.70 -88.44 33.98
CA LEU F 84 -8.41 -87.91 33.56
C LEU F 84 -8.45 -87.74 32.07
N LYS F 85 -8.77 -86.52 31.62
CA LYS F 85 -8.94 -86.30 30.19
C LYS F 85 -7.75 -85.65 29.50
N GLY F 86 -7.54 -86.01 28.24
CA GLY F 86 -6.54 -85.37 27.43
C GLY F 86 -7.23 -84.32 26.60
N PRO F 87 -6.53 -83.79 25.59
CA PRO F 87 -6.96 -82.72 24.70
C PRO F 87 -8.18 -83.10 23.86
N LEU F 88 -8.88 -82.08 23.36
CA LEU F 88 -9.97 -82.28 22.40
C LEU F 88 -10.25 -81.02 21.60
N ALA F 89 -10.49 -81.20 20.30
CA ALA F 89 -10.63 -80.08 19.36
C ALA F 89 -11.90 -79.26 19.57
N THR F 90 -12.01 -78.17 18.80
CA THR F 90 -13.07 -77.17 18.98
C THR F 90 -14.21 -77.19 17.94
N PRO F 91 -15.38 -77.73 18.32
CA PRO F 91 -16.57 -77.35 17.52
C PRO F 91 -16.90 -75.88 17.84
N ARG F 97 -21.50 -74.72 22.84
CA ARG F 97 -21.53 -73.47 23.57
C ARG F 97 -20.15 -73.30 24.21
N SER F 98 -19.68 -74.37 24.83
CA SER F 98 -18.26 -74.63 25.04
C SER F 98 -18.11 -76.00 25.67
N LEU F 99 -17.26 -76.82 25.06
CA LEU F 99 -17.12 -78.19 25.50
C LEU F 99 -16.69 -78.22 26.96
N ASN F 100 -15.63 -77.48 27.25
CA ASN F 100 -15.09 -77.40 28.59
C ASN F 100 -16.04 -76.73 29.57
N LEU F 101 -16.83 -75.78 29.07
CA LEU F 101 -17.74 -75.06 29.94
C LEU F 101 -18.89 -75.94 30.44
N THR F 102 -19.45 -76.76 29.55
CA THR F 102 -20.52 -77.67 29.97
C THR F 102 -19.98 -78.75 30.91
N LEU F 103 -18.78 -79.24 30.60
CA LEU F 103 -18.12 -80.21 31.46
C LEU F 103 -18.10 -79.72 32.91
N ARG F 104 -17.77 -78.45 33.12
CA ARG F 104 -17.67 -77.91 34.47
C ARG F 104 -19.04 -77.68 35.09
N LYS F 105 -20.02 -77.32 34.28
CA LYS F 105 -21.36 -77.12 34.80
C LYS F 105 -22.00 -78.44 35.28
N THR F 106 -21.91 -79.50 34.47
CA THR F 106 -22.58 -80.77 34.81
C THR F 106 -22.02 -81.44 36.08
N PHE F 107 -20.71 -81.37 36.25
CA PHE F 107 -20.07 -82.10 37.34
C PHE F 107 -19.82 -81.26 38.59
N GLY F 108 -20.29 -80.01 38.54
CA GLY F 108 -20.15 -79.09 39.66
C GLY F 108 -18.71 -78.72 40.00
N LEU F 109 -17.86 -78.60 38.98
CA LEU F 109 -16.46 -78.20 39.17
C LEU F 109 -16.35 -76.70 39.39
N PHE F 110 -15.89 -76.31 40.57
CA PHE F 110 -15.89 -74.91 40.93
C PHE F 110 -14.49 -74.31 41.06
N ALA F 111 -13.48 -75.17 41.17
CA ALA F 111 -12.10 -74.69 41.30
C ALA F 111 -11.17 -75.26 40.23
N ASN F 112 -10.24 -74.44 39.76
CA ASN F 112 -9.27 -74.86 38.78
C ASN F 112 -7.89 -74.68 39.39
N VAL F 113 -7.15 -75.76 39.56
CA VAL F 113 -5.85 -75.65 40.19
C VAL F 113 -4.76 -75.75 39.13
N ARG F 114 -3.96 -74.68 39.02
CA ARG F 114 -2.95 -74.58 37.97
C ARG F 114 -1.55 -74.35 38.54
N PRO F 115 -0.77 -75.42 38.71
CA PRO F 115 0.63 -75.32 39.14
C PRO F 115 1.54 -74.95 37.97
N ALA F 116 2.58 -74.20 38.26
CA ALA F 116 3.59 -73.93 37.24
C ALA F 116 4.96 -74.06 37.87
N LYS F 117 5.63 -75.19 37.61
CA LYS F 117 6.95 -75.45 38.17
C LYS F 117 8.05 -75.61 37.10
N SER F 118 9.22 -75.06 37.38
CA SER F 118 10.40 -75.30 36.55
C SER F 118 10.83 -76.76 36.63
N ILE F 119 11.37 -77.25 35.52
CA ILE F 119 11.92 -78.60 35.50
C ILE F 119 13.41 -78.57 35.85
N GLU F 120 13.78 -79.29 36.90
CA GLU F 120 15.19 -79.40 37.30
C GLU F 120 16.05 -80.02 36.21
N GLY F 121 17.11 -79.32 35.80
CA GLY F 121 18.02 -79.82 34.78
C GLY F 121 17.69 -79.40 33.36
N PHE F 122 16.52 -78.79 33.19
CA PHE F 122 16.10 -78.25 31.90
C PHE F 122 16.18 -76.71 31.89
N LYS F 123 17.05 -76.19 31.03
CA LYS F 123 17.31 -74.76 30.94
C LYS F 123 16.18 -74.02 30.22
N THR F 124 15.39 -73.27 30.99
CA THR F 124 14.39 -72.38 30.44
C THR F 124 14.76 -70.96 30.84
N THR F 125 14.10 -69.97 30.24
CA THR F 125 14.53 -68.59 30.44
C THR F 125 14.34 -68.07 31.88
N TYR F 126 13.32 -68.57 32.58
CA TYR F 126 13.14 -68.25 34.01
C TYR F 126 13.52 -69.45 34.87
N GLU F 127 13.98 -69.20 36.10
CA GLU F 127 14.45 -70.29 36.95
C GLU F 127 13.85 -70.28 38.34
N ASN F 128 13.74 -71.47 38.92
CA ASN F 128 13.28 -71.62 40.30
C ASN F 128 11.84 -71.17 40.54
N VAL F 129 11.00 -71.28 39.51
CA VAL F 129 9.59 -70.94 39.65
C VAL F 129 8.81 -72.15 40.13
N ASP F 130 8.01 -71.93 41.17
CA ASP F 130 7.12 -72.97 41.68
C ASP F 130 5.82 -72.33 42.17
N LEU F 131 4.91 -72.11 41.23
CA LEU F 131 3.74 -71.28 41.49
C LEU F 131 2.49 -72.14 41.53
N VAL F 132 1.57 -71.75 42.41
CA VAL F 132 0.28 -72.40 42.47
C VAL F 132 -0.85 -71.36 42.47
N LEU F 133 -1.71 -71.44 41.45
CA LEU F 133 -2.83 -70.52 41.31
C LEU F 133 -4.16 -71.29 41.27
N ILE F 134 -5.04 -71.01 42.23
CA ILE F 134 -6.41 -71.50 42.21
C ILE F 134 -7.37 -70.41 41.71
N ARG F 135 -8.11 -70.71 40.63
CA ARG F 135 -9.11 -69.77 40.13
C ARG F 135 -10.54 -70.30 40.16
N GLU F 136 -11.50 -69.40 40.40
CA GLU F 136 -12.92 -69.74 40.39
C GLU F 136 -13.35 -70.10 38.95
N ASN F 137 -14.30 -71.02 38.80
CA ASN F 137 -14.70 -71.49 37.46
C ASN F 137 -16.19 -71.34 37.10
N THR F 138 -17.02 -71.19 38.15
CA THR F 138 -18.46 -71.07 38.03
C THR F 138 -18.87 -69.80 37.30
N GLU F 139 -18.68 -68.66 37.96
CA GLU F 139 -19.27 -67.40 37.54
C GLU F 139 -18.28 -66.56 36.74
N GLY F 140 -18.33 -65.22 36.91
CA GLY F 140 -17.52 -64.30 36.13
C GLY F 140 -17.95 -64.26 34.65
N GLU F 141 -16.94 -64.17 33.79
CA GLU F 141 -17.19 -64.04 32.37
C GLU F 141 -17.65 -65.34 31.71
N TYR F 142 -17.65 -66.42 32.49
CA TYR F 142 -18.14 -67.71 32.01
C TYR F 142 -19.67 -67.76 32.04
N SER F 143 -20.28 -67.28 33.12
CA SER F 143 -21.73 -67.06 33.18
C SER F 143 -22.17 -65.65 32.69
N GLY F 144 -21.30 -65.04 31.86
CA GLY F 144 -21.52 -63.70 31.33
C GLY F 144 -22.51 -63.58 30.18
N ILE F 145 -23.11 -62.39 30.08
CA ILE F 145 -24.10 -62.08 29.06
C ILE F 145 -23.66 -60.82 28.33
N GLU F 146 -23.69 -60.88 27.01
CA GLU F 146 -23.49 -59.70 26.18
C GLU F 146 -24.73 -59.32 25.37
N HIS F 147 -24.97 -58.03 25.18
CA HIS F 147 -26.02 -57.60 24.27
C HIS F 147 -25.80 -56.21 23.76
N ILE F 148 -26.47 -55.92 22.66
CA ILE F 148 -26.38 -54.62 22.04
C ILE F 148 -27.43 -53.72 22.62
N VAL F 149 -26.98 -52.61 23.21
CA VAL F 149 -27.91 -51.72 23.87
C VAL F 149 -28.44 -50.70 22.86
N CYS F 150 -27.57 -49.81 22.41
CA CYS F 150 -27.90 -48.91 21.31
C CYS F 150 -27.06 -49.43 20.17
N PRO F 151 -27.18 -48.81 18.99
CA PRO F 151 -26.64 -49.38 17.73
C PRO F 151 -25.14 -49.70 17.65
N GLY F 152 -24.26 -48.93 18.27
CA GLY F 152 -22.86 -49.35 18.23
C GLY F 152 -22.27 -49.73 19.59
N VAL F 153 -23.10 -50.29 20.47
CA VAL F 153 -22.74 -50.33 21.86
C VAL F 153 -23.03 -51.68 22.45
N VAL F 154 -21.97 -52.42 22.78
CA VAL F 154 -22.12 -53.70 23.47
C VAL F 154 -21.98 -53.57 24.97
N GLN F 155 -22.97 -54.07 25.70
CA GLN F 155 -22.92 -54.08 27.15
C GLN F 155 -22.64 -55.52 27.64
N SER F 156 -21.78 -55.67 28.64
CA SER F 156 -21.47 -56.97 29.24
C SER F 156 -22.03 -57.01 30.62
N ILE F 157 -22.57 -58.16 31.00
CA ILE F 157 -23.09 -58.35 32.36
C ILE F 157 -22.34 -59.53 32.98
N LYS F 158 -21.76 -59.34 34.16
CA LYS F 158 -20.94 -60.36 34.81
C LYS F 158 -21.34 -60.40 36.26
N LEU F 159 -21.28 -61.60 36.82
CA LEU F 159 -21.83 -61.83 38.12
C LEU F 159 -20.75 -62.42 39.01
N ILE F 160 -20.70 -61.97 40.26
CA ILE F 160 -19.91 -62.65 41.27
C ILE F 160 -20.75 -62.81 42.56
N THR F 161 -20.68 -63.97 43.21
CA THR F 161 -21.45 -64.22 44.44
C THR F 161 -20.58 -64.62 45.64
N ARG F 162 -21.00 -64.20 46.83
CA ARG F 162 -20.38 -64.64 48.07
C ARG F 162 -20.26 -66.19 48.13
N ASP F 163 -21.34 -66.90 47.80
CA ASP F 163 -21.32 -68.37 47.87
C ASP F 163 -20.21 -69.03 47.06
N ALA F 164 -20.06 -68.64 45.79
CA ALA F 164 -19.07 -69.26 44.94
C ALA F 164 -17.67 -68.85 45.34
N SER F 165 -17.55 -67.66 45.92
CA SER F 165 -16.26 -67.15 46.39
C SER F 165 -15.79 -67.87 47.66
N GLU F 166 -16.70 -68.02 48.62
CA GLU F 166 -16.43 -68.75 49.86
C GLU F 166 -16.49 -70.23 49.54
N ARG F 167 -15.47 -70.72 48.86
CA ARG F 167 -15.53 -72.05 48.29
C ARG F 167 -14.30 -72.30 47.47
N VAL F 168 -13.93 -71.36 46.59
CA VAL F 168 -12.59 -71.43 46.01
C VAL F 168 -11.66 -70.97 47.09
N ILE F 169 -12.14 -70.07 47.93
CA ILE F 169 -11.27 -69.51 48.94
C ILE F 169 -11.06 -70.50 50.06
N ARG F 170 -12.13 -71.16 50.53
CA ARG F 170 -11.93 -72.31 51.41
C ARG F 170 -10.95 -73.31 50.82
N TYR F 171 -11.17 -73.70 49.57
CA TYR F 171 -10.34 -74.71 48.93
C TYR F 171 -8.90 -74.24 48.86
N ALA F 172 -8.69 -72.96 48.63
CA ALA F 172 -7.35 -72.44 48.48
C ALA F 172 -6.59 -72.61 49.79
N PHE F 173 -7.29 -72.32 50.90
CA PHE F 173 -6.76 -72.49 52.25
C PHE F 173 -6.44 -73.96 52.53
N GLU F 174 -7.42 -74.83 52.34
CA GLU F 174 -7.21 -76.22 52.62
C GLU F 174 -6.15 -76.84 51.71
N TYR F 175 -5.91 -76.21 50.56
CA TYR F 175 -4.94 -76.76 49.61
C TYR F 175 -3.57 -76.26 49.95
N ALA F 176 -3.52 -75.13 50.65
CA ALA F 176 -2.24 -74.55 51.04
C ALA F 176 -1.73 -75.33 52.24
N ARG F 177 -2.63 -75.59 53.18
CA ARG F 177 -2.35 -76.49 54.31
C ARG F 177 -1.92 -77.89 53.82
N ALA F 178 -2.66 -78.46 52.89
CA ALA F 178 -2.34 -79.78 52.31
C ALA F 178 -1.01 -79.94 51.56
N ILE F 179 -0.40 -78.85 51.13
CA ILE F 179 0.89 -78.96 50.43
C ILE F 179 1.99 -78.23 51.19
N GLY F 180 1.66 -77.85 52.43
CA GLY F 180 2.60 -77.17 53.28
C GLY F 180 3.10 -75.80 52.79
N ARG F 181 2.18 -74.87 52.62
CA ARG F 181 2.55 -73.50 52.30
C ARG F 181 1.86 -72.57 53.30
N PRO F 182 2.64 -71.64 53.86
CA PRO F 182 2.23 -70.68 54.91
C PRO F 182 1.19 -69.63 54.46
N ARG F 183 1.39 -69.01 53.29
CA ARG F 183 0.54 -67.91 52.84
C ARG F 183 -0.43 -68.28 51.73
N VAL F 184 -1.67 -67.82 51.86
CA VAL F 184 -2.54 -67.70 50.70
C VAL F 184 -2.72 -66.22 50.32
N ILE F 185 -2.42 -65.91 49.07
CA ILE F 185 -2.55 -64.56 48.56
C ILE F 185 -3.81 -64.41 47.70
N VAL F 186 -4.76 -63.62 48.17
CA VAL F 186 -5.86 -63.22 47.32
C VAL F 186 -5.40 -62.11 46.37
N VAL F 187 -5.49 -62.37 45.08
CA VAL F 187 -5.25 -61.35 44.06
C VAL F 187 -6.55 -60.69 43.54
N HIS F 188 -6.56 -59.38 43.44
CA HIS F 188 -7.75 -58.64 43.07
C HIS F 188 -7.38 -57.33 42.37
N LYS F 189 -8.38 -56.58 41.91
CA LYS F 189 -8.18 -55.27 41.30
C LYS F 189 -8.72 -54.16 42.23
N SER F 190 -8.29 -52.91 42.05
CA SER F 190 -8.53 -51.84 43.02
C SER F 190 -9.78 -52.02 43.85
N THR F 191 -9.59 -52.39 45.12
CA THR F 191 -10.68 -52.76 46.03
C THR F 191 -11.78 -51.71 46.27
N ILE F 192 -11.43 -50.44 46.20
CA ILE F 192 -12.39 -49.37 46.53
C ILE F 192 -13.20 -48.89 45.32
N GLN F 193 -12.67 -49.11 44.12
CA GLN F 193 -13.34 -48.68 42.87
C GLN F 193 -14.07 -49.82 42.16
N ARG F 194 -13.97 -51.03 42.73
CA ARG F 194 -14.82 -52.16 42.36
C ARG F 194 -15.24 -52.94 43.61
N LEU F 195 -16.48 -52.76 44.03
CA LEU F 195 -17.01 -53.50 45.17
C LEU F 195 -17.26 -55.00 44.86
N ALA F 196 -16.92 -55.44 43.65
CA ALA F 196 -16.90 -56.87 43.33
C ALA F 196 -15.68 -57.54 43.93
N ASP F 197 -14.54 -56.87 43.87
CA ASP F 197 -13.32 -57.39 44.47
C ASP F 197 -13.34 -57.15 45.98
N GLY F 198 -14.07 -56.13 46.40
CA GLY F 198 -14.31 -55.92 47.81
C GLY F 198 -15.06 -57.08 48.44
N LEU F 199 -15.94 -57.71 47.67
CA LEU F 199 -16.72 -58.83 48.21
C LEU F 199 -15.85 -60.06 48.32
N PHE F 200 -15.00 -60.25 47.32
CA PHE F 200 -14.08 -61.38 47.28
C PHE F 200 -13.06 -61.28 48.41
N VAL F 201 -12.54 -60.09 48.65
CA VAL F 201 -11.56 -59.89 49.70
C VAL F 201 -12.19 -60.03 51.08
N ASN F 202 -13.38 -59.47 51.27
CA ASN F 202 -14.10 -59.64 52.54
C ASN F 202 -14.37 -61.09 52.89
N VAL F 203 -14.74 -61.88 51.89
CA VAL F 203 -15.00 -63.29 52.12
C VAL F 203 -13.74 -64.02 52.56
N ALA F 204 -12.61 -63.59 52.02
CA ALA F 204 -11.31 -64.19 52.33
C ALA F 204 -10.87 -63.86 53.76
N LYS F 205 -11.22 -62.67 54.23
CA LYS F 205 -10.87 -62.25 55.59
C LYS F 205 -11.74 -62.95 56.63
N GLU F 206 -12.96 -63.31 56.22
CA GLU F 206 -13.90 -64.03 57.08
C GLU F 206 -13.42 -65.47 57.35
N LEU F 207 -12.82 -66.07 56.33
CA LEU F 207 -12.34 -67.44 56.42
C LEU F 207 -10.94 -67.49 57.00
N SER F 208 -10.30 -66.32 57.07
CA SER F 208 -8.93 -66.22 57.57
C SER F 208 -8.83 -66.75 59.00
N LYS F 209 -9.90 -66.56 59.77
CA LYS F 209 -9.92 -66.91 61.18
C LYS F 209 -10.15 -68.38 61.44
N GLU F 210 -10.73 -69.08 60.47
CA GLU F 210 -10.90 -70.54 60.60
C GLU F 210 -9.65 -71.30 60.16
N TYR F 211 -8.62 -70.57 59.75
CA TYR F 211 -7.37 -71.20 59.36
C TYR F 211 -6.21 -70.37 59.94
N PRO F 212 -5.94 -70.55 61.24
CA PRO F 212 -4.96 -69.77 62.01
C PRO F 212 -3.52 -70.14 61.61
N ASP F 213 -3.33 -71.36 61.10
CA ASP F 213 -2.01 -71.85 60.67
C ASP F 213 -1.53 -71.22 59.37
N LEU F 214 -2.43 -70.47 58.73
CA LEU F 214 -2.16 -69.89 57.44
C LEU F 214 -2.20 -68.37 57.49
N THR F 215 -1.29 -67.74 56.76
CA THR F 215 -1.23 -66.28 56.67
C THR F 215 -1.93 -65.78 55.40
N LEU F 216 -2.96 -64.95 55.58
CA LEU F 216 -3.68 -64.34 54.45
C LEU F 216 -3.08 -62.99 54.04
N GLU F 217 -2.51 -62.91 52.84
CA GLU F 217 -2.13 -61.61 52.28
C GLU F 217 -3.05 -61.24 51.10
N THR F 218 -3.34 -59.95 50.94
CA THR F 218 -4.01 -59.48 49.74
C THR F 218 -3.04 -58.69 48.87
N GLU F 219 -3.21 -58.77 47.55
CA GLU F 219 -2.35 -58.06 46.61
C GLU F 219 -3.11 -57.56 45.37
N LEU F 220 -2.83 -56.33 44.94
CA LEU F 220 -3.34 -55.82 43.67
C LEU F 220 -2.75 -56.65 42.58
N ILE F 221 -3.57 -57.11 41.65
CA ILE F 221 -3.09 -57.86 40.52
C ILE F 221 -1.94 -57.15 39.75
N ASP F 222 -2.00 -55.82 39.69
CA ASP F 222 -0.90 -55.03 39.15
C ASP F 222 0.43 -55.41 39.79
N ASN F 223 0.51 -55.28 41.12
CA ASN F 223 1.71 -55.59 41.89
C ASN F 223 2.15 -57.04 41.77
N SER F 224 1.19 -57.95 41.81
CA SER F 224 1.49 -59.36 41.63
C SER F 224 2.22 -59.64 40.32
N VAL F 225 1.74 -59.12 39.21
CA VAL F 225 2.43 -59.48 37.98
C VAL F 225 3.80 -58.82 37.89
N LEU F 226 3.95 -57.68 38.53
CA LEU F 226 5.25 -57.00 38.55
C LEU F 226 6.26 -57.81 39.36
N LYS F 227 5.87 -58.21 40.58
CA LYS F 227 6.71 -59.03 41.45
C LYS F 227 7.04 -60.41 40.86
N VAL F 228 6.01 -61.18 40.51
CA VAL F 228 6.19 -62.54 39.99
C VAL F 228 7.09 -62.60 38.76
N VAL F 229 7.05 -61.60 37.89
CA VAL F 229 7.87 -61.66 36.69
C VAL F 229 9.32 -61.28 36.98
N THR F 230 9.53 -60.34 37.89
CA THR F 230 10.90 -59.93 38.20
C THR F 230 11.55 -61.04 39.04
N ASN F 231 10.76 -61.67 39.90
CA ASN F 231 11.28 -62.73 40.76
C ASN F 231 10.27 -63.86 41.12
N PRO F 232 10.13 -64.86 40.24
CA PRO F 232 9.13 -65.91 40.45
C PRO F 232 9.25 -66.63 41.82
N SER F 233 10.48 -66.81 42.29
CA SER F 233 10.71 -67.63 43.47
C SER F 233 10.01 -67.06 44.73
N ALA F 234 9.74 -65.76 44.70
CA ALA F 234 9.18 -65.06 45.85
C ALA F 234 7.78 -65.54 46.20
N TYR F 235 7.24 -66.41 45.35
CA TYR F 235 5.86 -66.88 45.53
C TYR F 235 5.76 -68.40 45.71
N THR F 236 6.91 -69.08 45.77
CA THR F 236 6.87 -70.53 45.91
C THR F 236 6.54 -70.98 47.36
N ASP F 237 6.30 -70.03 48.24
CA ASP F 237 5.79 -70.34 49.58
C ASP F 237 4.32 -69.93 49.73
N ALA F 238 3.66 -69.72 48.60
CA ALA F 238 2.31 -69.18 48.65
C ALA F 238 1.38 -69.81 47.62
N VAL F 239 0.10 -69.80 47.97
CA VAL F 239 -0.96 -70.22 47.08
C VAL F 239 -1.81 -68.98 46.78
N SER F 240 -1.96 -68.66 45.50
CA SER F 240 -2.79 -67.51 45.07
C SER F 240 -4.19 -67.94 44.63
N VAL F 241 -5.22 -67.26 45.13
CA VAL F 241 -6.56 -67.37 44.55
C VAL F 241 -7.00 -66.07 43.91
N CYS F 242 -7.74 -66.16 42.82
CA CYS F 242 -8.37 -64.96 42.26
C CYS F 242 -9.76 -65.26 41.74
N PRO F 243 -10.56 -64.18 41.53
CA PRO F 243 -11.88 -64.36 40.93
C PRO F 243 -11.73 -64.81 39.49
N ASN F 244 -12.81 -65.32 38.90
CA ASN F 244 -12.75 -65.91 37.57
C ASN F 244 -12.17 -64.99 36.51
N LEU F 245 -12.41 -63.68 36.66
CA LEU F 245 -11.98 -62.63 35.72
C LEU F 245 -10.50 -62.66 35.23
N TYR F 246 -9.59 -62.75 36.18
CA TYR F 246 -8.17 -62.67 35.88
C TYR F 246 -7.54 -64.05 35.82
N GLY F 247 -8.32 -65.07 36.18
CA GLY F 247 -7.82 -66.43 36.22
C GLY F 247 -7.13 -66.91 34.94
N ASP F 248 -7.82 -66.77 33.81
CA ASP F 248 -7.26 -67.14 32.51
C ASP F 248 -5.87 -66.53 32.30
N ILE F 249 -5.79 -65.20 32.38
CA ILE F 249 -4.58 -64.43 32.13
C ILE F 249 -3.41 -64.82 33.06
N LEU F 250 -3.68 -64.81 34.37
CA LEU F 250 -2.67 -65.15 35.36
C LEU F 250 -2.10 -66.57 35.21
N SER F 251 -2.95 -67.59 35.16
CA SER F 251 -2.46 -68.94 34.95
C SER F 251 -1.61 -69.11 33.67
N ASP F 252 -1.96 -68.43 32.58
CA ASP F 252 -1.15 -68.50 31.34
C ASP F 252 0.15 -67.72 31.42
N LEU F 253 0.18 -66.74 32.32
CA LEU F 253 1.39 -65.97 32.53
C LEU F 253 2.35 -66.80 33.39
N ASN F 254 1.80 -67.49 34.38
CA ASN F 254 2.56 -68.40 35.20
C ASN F 254 3.22 -69.51 34.37
N SER F 255 2.52 -70.02 33.35
CA SER F 255 3.06 -71.10 32.54
C SER F 255 4.08 -70.58 31.55
N GLY F 256 4.03 -69.28 31.33
CA GLY F 256 5.02 -68.61 30.48
C GLY F 256 6.32 -68.46 31.23
N LEU F 257 6.20 -68.28 32.55
CA LEU F 257 7.37 -68.20 33.42
C LEU F 257 8.08 -69.56 33.56
N SER F 258 7.29 -70.57 33.91
CA SER F 258 7.80 -71.92 34.15
C SER F 258 8.31 -72.64 32.90
N ALA F 259 7.69 -72.42 31.74
CA ALA F 259 8.04 -73.19 30.55
C ALA F 259 8.14 -72.39 29.24
N GLY F 260 7.40 -71.29 29.14
CA GLY F 260 7.30 -70.56 27.88
C GLY F 260 6.21 -71.10 26.96
N SER F 261 5.30 -71.88 27.53
CA SER F 261 4.14 -72.38 26.80
C SER F 261 3.30 -73.29 27.69
N LEU F 262 2.14 -73.71 27.20
CA LEU F 262 1.24 -74.58 27.97
C LEU F 262 1.65 -76.07 27.91
N GLY F 263 2.70 -76.35 27.15
CA GLY F 263 3.19 -77.69 26.88
C GLY F 263 3.43 -78.63 28.05
N LEU F 264 3.88 -78.10 29.19
CA LEU F 264 4.23 -78.92 30.33
C LEU F 264 3.31 -78.70 31.50
N THR F 265 2.10 -78.24 31.22
CA THR F 265 1.25 -77.74 32.30
C THR F 265 0.06 -78.65 32.59
N PRO F 266 -0.01 -79.14 33.85
CA PRO F 266 -1.12 -79.90 34.45
C PRO F 266 -2.19 -78.97 34.95
N SER F 267 -3.42 -79.45 35.03
CA SER F 267 -4.46 -78.70 35.72
C SER F 267 -5.46 -79.65 36.38
N ALA F 268 -6.10 -79.16 37.43
CA ALA F 268 -7.10 -79.94 38.13
C ALA F 268 -8.41 -79.14 38.18
N ASN F 269 -9.52 -79.83 37.96
CA ASN F 269 -10.82 -79.20 38.07
C ASN F 269 -11.62 -79.84 39.19
N ILE F 270 -11.63 -79.21 40.35
CA ILE F 270 -12.20 -79.82 41.54
C ILE F 270 -13.63 -79.43 41.84
N GLY F 271 -14.48 -80.44 41.98
CA GLY F 271 -15.85 -80.21 42.39
C GLY F 271 -16.12 -80.81 43.76
N HIS F 272 -17.36 -80.65 44.23
CA HIS F 272 -17.76 -81.15 45.53
C HIS F 272 -17.53 -82.66 45.68
N LYS F 273 -17.79 -83.42 44.63
CA LYS F 273 -17.50 -84.85 44.65
C LYS F 273 -16.61 -85.31 43.50
N ILE F 274 -16.97 -84.97 42.27
CA ILE F 274 -16.15 -85.33 41.11
C ILE F 274 -14.92 -84.42 40.98
N SER F 275 -13.93 -84.89 40.23
CA SER F 275 -12.72 -84.11 39.98
C SER F 275 -12.01 -84.59 38.70
N ILE F 276 -11.82 -83.68 37.75
CA ILE F 276 -11.28 -84.03 36.45
C ILE F 276 -9.91 -83.42 36.30
N PHE F 277 -8.99 -84.19 35.74
CA PHE F 277 -7.62 -83.77 35.65
C PHE F 277 -7.26 -83.76 34.19
N GLU F 278 -6.53 -82.74 33.75
CA GLU F 278 -6.21 -82.62 32.33
C GLU F 278 -4.96 -81.79 32.09
N ALA F 279 -4.35 -82.03 30.92
CA ALA F 279 -3.32 -81.12 30.42
C ALA F 279 -4.08 -79.97 29.79
N VAL F 280 -3.43 -78.83 29.61
CA VAL F 280 -4.15 -77.67 29.06
C VAL F 280 -3.68 -77.30 27.68
N HIS F 281 -2.78 -78.08 27.10
CA HIS F 281 -2.36 -77.83 25.72
C HIS F 281 -3.47 -78.25 24.75
N GLY F 282 -3.26 -78.04 23.45
CA GLY F 282 -4.26 -78.40 22.45
C GLY F 282 -4.24 -79.83 21.90
N SER F 283 -5.07 -80.09 20.88
CA SER F 283 -5.11 -81.40 20.23
C SER F 283 -3.87 -81.57 19.37
N ALA F 284 -3.46 -80.48 18.75
CA ALA F 284 -2.30 -80.46 17.85
C ALA F 284 -2.37 -81.61 16.85
N PRO F 285 -3.36 -81.54 15.93
CA PRO F 285 -3.66 -82.65 15.01
C PRO F 285 -2.56 -82.91 13.98
N ASP F 286 -1.87 -81.85 13.58
CA ASP F 286 -0.82 -81.90 12.57
C ASP F 286 0.46 -82.63 13.03
N ILE F 287 0.47 -83.07 14.28
CA ILE F 287 1.58 -83.86 14.82
C ILE F 287 1.08 -85.19 15.39
N ALA F 288 -0.20 -85.48 15.12
CA ALA F 288 -0.80 -86.74 15.56
C ALA F 288 -0.33 -87.92 14.69
N GLY F 289 -0.25 -89.09 15.32
CA GLY F 289 0.19 -90.30 14.65
C GLY F 289 1.70 -90.37 14.48
N GLN F 290 2.33 -89.21 14.28
CA GLN F 290 3.77 -89.16 13.99
C GLN F 290 4.65 -89.47 15.20
N ASP F 291 4.01 -89.78 16.34
CA ASP F 291 4.71 -90.22 17.55
C ASP F 291 5.61 -89.12 18.14
N LYS F 292 5.21 -87.86 17.94
CA LYS F 292 6.01 -86.74 18.41
C LYS F 292 5.45 -86.05 19.66
N ALA F 293 4.30 -86.53 20.13
CA ALA F 293 3.61 -85.93 21.27
C ALA F 293 4.41 -85.96 22.58
N ASN F 294 4.09 -85.02 23.48
CA ASN F 294 4.75 -84.98 24.77
C ASN F 294 3.76 -85.19 25.91
N PRO F 295 3.80 -86.38 26.53
CA PRO F 295 2.86 -86.84 27.54
C PRO F 295 3.10 -86.25 28.93
N THR F 296 4.09 -85.36 29.05
CA THR F 296 4.49 -84.87 30.38
C THR F 296 3.34 -84.17 31.06
N ALA F 297 2.63 -83.37 30.26
CA ALA F 297 1.52 -82.61 30.76
C ALA F 297 0.49 -83.55 31.33
N LEU F 298 -0.01 -84.47 30.52
CA LEU F 298 -0.97 -85.44 31.01
C LEU F 298 -0.43 -86.28 32.18
N LEU F 299 0.84 -86.70 32.09
CA LEU F 299 1.50 -87.44 33.16
C LEU F 299 1.43 -86.73 34.50
N LEU F 300 1.76 -85.44 34.49
CA LEU F 300 1.76 -84.64 35.71
C LEU F 300 0.34 -84.40 36.25
N SER F 301 -0.66 -84.45 35.38
CA SER F 301 -2.04 -84.40 35.83
C SER F 301 -2.38 -85.69 36.55
N SER F 302 -1.74 -86.77 36.10
CA SER F 302 -1.91 -88.08 36.71
C SER F 302 -1.44 -88.04 38.15
N VAL F 303 -0.27 -87.46 38.35
CA VAL F 303 0.26 -87.30 39.70
C VAL F 303 -0.71 -86.54 40.59
N MET F 304 -1.29 -85.46 40.06
CA MET F 304 -2.24 -84.65 40.83
C MET F 304 -3.46 -85.50 41.15
N MET F 305 -3.82 -86.35 40.19
CA MET F 305 -4.96 -87.23 40.35
C MET F 305 -4.68 -88.23 41.46
N LEU F 306 -3.55 -88.92 41.33
CA LEU F 306 -3.08 -89.83 42.35
C LEU F 306 -3.14 -89.17 43.73
N ASN F 307 -2.42 -88.06 43.90
CA ASN F 307 -2.42 -87.32 45.18
C ASN F 307 -3.82 -86.95 45.71
N HIS F 308 -4.79 -86.84 44.80
CA HIS F 308 -6.16 -86.50 45.17
C HIS F 308 -6.90 -87.74 45.66
N MET F 309 -6.38 -88.89 45.23
CA MET F 309 -6.94 -90.19 45.57
C MET F 309 -6.34 -90.79 46.84
N GLY F 310 -5.14 -90.36 47.21
CA GLY F 310 -4.48 -90.84 48.40
C GLY F 310 -3.28 -91.73 48.12
N LEU F 311 -3.10 -92.11 46.85
CA LEU F 311 -1.97 -92.95 46.42
C LEU F 311 -0.66 -92.17 46.39
N THR F 312 -0.30 -91.55 47.52
CA THR F 312 0.86 -90.68 47.63
C THR F 312 2.16 -91.37 47.20
N ASN F 313 2.30 -92.65 47.58
CA ASN F 313 3.48 -93.44 47.26
C ASN F 313 3.69 -93.61 45.76
N HIS F 314 2.61 -93.93 45.06
CA HIS F 314 2.64 -94.06 43.61
C HIS F 314 2.79 -92.69 42.94
N ALA F 315 2.21 -91.68 43.56
CA ALA F 315 2.33 -90.31 43.04
C ALA F 315 3.78 -89.91 42.94
N ASP F 316 4.49 -89.98 44.06
CA ASP F 316 5.88 -89.56 44.11
C ASP F 316 6.73 -90.47 43.25
N GLN F 317 6.43 -91.77 43.27
CA GLN F 317 7.11 -92.72 42.41
C GLN F 317 7.07 -92.23 40.94
N ILE F 318 5.86 -92.03 40.43
CA ILE F 318 5.67 -91.69 39.02
C ILE F 318 6.01 -90.24 38.67
N GLN F 319 6.31 -89.43 39.68
CA GLN F 319 6.65 -88.02 39.47
C GLN F 319 8.09 -87.73 39.84
N ASN F 320 8.45 -88.12 41.08
CA ASN F 320 9.74 -87.84 41.72
C ASN F 320 10.94 -88.27 40.88
N ALA F 321 11.04 -89.57 40.64
CA ALA F 321 12.01 -90.05 39.69
C ALA F 321 11.41 -89.75 38.33
N VAL F 322 11.12 -90.80 37.56
CA VAL F 322 10.36 -90.70 36.31
C VAL F 322 10.66 -89.48 35.45
N LEU F 323 9.62 -89.05 34.75
CA LEU F 323 9.65 -87.95 33.77
C LEU F 323 10.35 -86.64 34.22
N SER F 324 10.23 -86.31 35.50
CA SER F 324 10.94 -85.15 36.04
C SER F 324 12.46 -85.31 35.84
N THR F 325 12.99 -86.45 36.26
CA THR F 325 14.42 -86.77 36.10
C THR F 325 14.81 -87.23 34.67
N ILE F 326 13.88 -87.88 33.97
CA ILE F 326 14.13 -88.27 32.58
C ILE F 326 14.16 -87.08 31.64
N ALA F 327 13.54 -85.96 32.04
CA ALA F 327 13.60 -84.75 31.23
C ALA F 327 15.01 -84.13 31.30
N SER F 328 15.93 -84.81 31.99
CA SER F 328 17.35 -84.46 31.99
C SER F 328 18.19 -85.38 31.09
N GLY F 329 18.78 -84.79 30.04
CA GLY F 329 19.47 -85.51 28.98
C GLY F 329 18.72 -85.33 27.66
N PRO F 330 19.29 -84.53 26.73
CA PRO F 330 18.71 -84.10 25.44
C PRO F 330 18.26 -85.20 24.45
N GLU F 331 18.83 -86.40 24.57
CA GLU F 331 18.42 -87.55 23.76
C GLU F 331 17.05 -88.08 24.22
N ASN F 332 16.56 -87.53 25.33
CA ASN F 332 15.17 -87.68 25.75
C ASN F 332 14.36 -86.44 25.34
N ARG F 333 13.58 -85.88 26.27
CA ARG F 333 12.76 -84.72 25.95
C ARG F 333 11.83 -85.07 24.78
N THR F 334 11.53 -84.07 23.95
CA THR F 334 10.76 -84.29 22.71
C THR F 334 11.01 -83.09 21.80
N GLY F 335 10.44 -83.09 20.58
CA GLY F 335 10.69 -82.04 19.61
C GLY F 335 10.43 -80.62 20.12
N ASP F 336 9.43 -80.51 21.00
CA ASP F 336 9.02 -79.25 21.59
C ASP F 336 10.09 -78.63 22.52
N LEU F 337 10.76 -79.49 23.29
CA LEU F 337 11.80 -79.06 24.23
C LEU F 337 13.21 -79.17 23.65
N ALA F 338 13.33 -78.97 22.33
CA ALA F 338 14.60 -79.13 21.62
C ALA F 338 15.27 -80.47 21.97
N GLY F 339 14.49 -81.54 21.89
CA GLY F 339 14.93 -82.89 22.18
C GLY F 339 14.84 -83.74 20.95
N THR F 340 15.17 -85.02 21.10
CA THR F 340 15.29 -85.91 19.95
C THR F 340 14.43 -87.15 20.11
N ALA F 341 13.98 -87.39 21.34
CA ALA F 341 13.21 -88.59 21.66
C ALA F 341 11.81 -88.62 21.01
N THR F 342 11.20 -89.80 21.10
CA THR F 342 9.88 -90.02 20.53
C THR F 342 8.97 -90.30 21.71
N THR F 343 7.65 -90.22 21.49
CA THR F 343 6.72 -90.45 22.59
C THR F 343 6.81 -91.90 23.12
N SER F 344 7.18 -92.85 22.25
CA SER F 344 7.45 -94.20 22.69
C SER F 344 8.75 -94.30 23.50
N SER F 345 9.85 -93.79 22.94
CA SER F 345 11.15 -93.89 23.58
C SER F 345 11.15 -93.17 24.93
N PHE F 346 10.33 -92.13 25.01
CA PHE F 346 10.14 -91.38 26.24
C PHE F 346 9.46 -92.25 27.30
N THR F 347 8.36 -92.90 26.94
CA THR F 347 7.58 -93.63 27.93
C THR F 347 8.40 -94.67 28.69
N GLU F 348 9.23 -95.43 27.99
CA GLU F 348 10.03 -96.46 28.65
C GLU F 348 11.31 -95.91 29.28
N ALA F 349 11.82 -94.82 28.72
CA ALA F 349 12.92 -94.09 29.35
C ALA F 349 12.49 -93.63 30.75
N VAL F 350 11.19 -93.42 30.91
CA VAL F 350 10.60 -93.08 32.21
C VAL F 350 10.39 -94.34 33.04
N ILE F 351 9.91 -95.41 32.40
CA ILE F 351 9.73 -96.68 33.08
C ILE F 351 11.08 -97.17 33.60
N LYS F 352 12.16 -96.78 32.91
CA LYS F 352 13.53 -97.11 33.34
C LYS F 352 13.77 -96.70 34.80
N ARG F 353 13.72 -95.39 35.07
CA ARG F 353 13.96 -94.86 36.42
C ARG F 353 12.68 -94.84 37.25
N LEU F 354 11.66 -95.54 36.75
CA LEU F 354 10.36 -95.61 37.42
C LEU F 354 10.37 -96.52 38.65
N LYS G 13 -62.82 -39.81 -9.13
CA LYS G 13 -61.46 -39.78 -9.67
C LYS G 13 -61.39 -40.44 -11.06
N TYR G 14 -60.44 -41.35 -11.22
CA TYR G 14 -60.24 -42.05 -12.49
C TYR G 14 -59.01 -42.97 -12.44
N GLY G 15 -58.25 -42.87 -11.36
CA GLY G 15 -56.90 -43.44 -11.26
C GLY G 15 -56.55 -44.82 -11.82
N GLY G 16 -56.10 -45.68 -10.92
CA GLY G 16 -55.76 -47.06 -11.23
C GLY G 16 -56.20 -47.78 -9.98
N ARG G 17 -55.39 -48.73 -9.51
CA ARG G 17 -55.77 -49.50 -8.33
C ARG G 17 -54.59 -49.70 -7.39
N PHE G 18 -54.82 -49.46 -6.10
CA PHE G 18 -53.83 -49.71 -5.07
C PHE G 18 -53.75 -51.18 -4.77
N THR G 19 -52.54 -51.69 -4.63
CA THR G 19 -52.38 -53.01 -4.06
C THR G 19 -52.07 -52.83 -2.58
N VAL G 20 -52.94 -53.33 -1.71
CA VAL G 20 -52.61 -53.33 -0.27
C VAL G 20 -52.49 -54.74 0.35
N THR G 21 -51.46 -54.93 1.18
CA THR G 21 -51.26 -56.14 1.93
C THR G 21 -52.42 -56.43 2.87
N LEU G 22 -52.92 -57.67 2.83
CA LEU G 22 -53.98 -58.12 3.73
C LEU G 22 -53.49 -59.30 4.51
N ILE G 23 -53.44 -59.17 5.82
CA ILE G 23 -53.00 -60.24 6.71
C ILE G 23 -54.16 -60.60 7.64
N PRO G 24 -54.96 -61.63 7.28
CA PRO G 24 -56.25 -61.83 7.94
C PRO G 24 -56.14 -62.35 9.35
N GLY G 25 -55.13 -63.17 9.63
CA GLY G 25 -54.98 -63.68 10.98
C GLY G 25 -55.60 -65.06 11.18
N ASP G 26 -56.10 -65.31 12.38
CA ASP G 26 -56.74 -66.60 12.70
C ASP G 26 -58.17 -66.66 12.18
N GLY G 27 -58.98 -67.56 12.77
CA GLY G 27 -60.36 -67.76 12.35
C GLY G 27 -61.27 -66.54 12.50
N VAL G 28 -61.26 -65.92 13.67
CA VAL G 28 -62.02 -64.71 13.88
C VAL G 28 -61.46 -63.56 13.04
N GLY G 29 -60.14 -63.53 12.92
CA GLY G 29 -59.50 -62.50 12.11
C GLY G 29 -59.99 -62.59 10.70
N LYS G 30 -60.11 -63.82 10.20
CA LYS G 30 -60.59 -64.04 8.85
C LYS G 30 -62.07 -63.65 8.71
N GLU G 31 -62.89 -63.90 9.73
CA GLU G 31 -64.30 -63.48 9.70
C GLU G 31 -64.44 -61.96 9.54
N ILE G 32 -63.78 -61.20 10.41
CA ILE G 32 -63.86 -59.74 10.36
C ILE G 32 -63.13 -59.16 9.15
N THR G 33 -62.07 -59.80 8.73
CA THR G 33 -61.39 -59.41 7.50
C THR G 33 -62.31 -59.55 6.31
N ASP G 34 -63.07 -60.63 6.28
CA ASP G 34 -63.95 -60.91 5.15
C ASP G 34 -65.13 -59.97 5.13
N SER G 35 -65.53 -59.50 6.31
CA SER G 35 -66.50 -58.41 6.39
C SER G 35 -66.03 -57.17 5.60
N VAL G 36 -64.76 -56.81 5.77
CA VAL G 36 -64.19 -55.67 5.06
C VAL G 36 -64.08 -55.95 3.56
N ARG G 37 -63.51 -57.10 3.19
CA ARG G 37 -63.44 -57.51 1.79
C ARG G 37 -64.79 -57.42 1.06
N THR G 38 -65.84 -57.83 1.76
CA THR G 38 -67.22 -57.81 1.27
C THR G 38 -67.77 -56.40 1.07
N ILE G 39 -67.67 -55.57 2.10
CA ILE G 39 -68.06 -54.16 1.99
C ILE G 39 -67.30 -53.46 0.87
N PHE G 40 -66.03 -53.82 0.70
CA PHE G 40 -65.17 -53.14 -0.26
C PHE G 40 -65.55 -53.49 -1.69
N GLU G 41 -65.81 -54.77 -1.97
CA GLU G 41 -66.24 -55.16 -3.33
C GLU G 41 -67.63 -54.60 -3.66
N ALA G 42 -68.49 -54.50 -2.64
CA ALA G 42 -69.82 -53.93 -2.80
C ALA G 42 -69.79 -52.44 -3.15
N GLU G 43 -68.76 -51.74 -2.66
CA GLU G 43 -68.65 -50.31 -2.88
C GLU G 43 -67.77 -50.10 -4.11
N ASN G 44 -67.27 -51.20 -4.65
CA ASN G 44 -66.40 -51.20 -5.82
C ASN G 44 -65.19 -50.26 -5.70
N ILE G 45 -64.41 -50.48 -4.65
CA ILE G 45 -63.27 -49.64 -4.33
C ILE G 45 -62.06 -50.15 -5.09
N PRO G 46 -61.24 -49.23 -5.64
CA PRO G 46 -60.08 -49.56 -6.48
C PRO G 46 -58.92 -50.12 -5.65
N ILE G 47 -59.18 -51.17 -4.88
CA ILE G 47 -58.16 -51.82 -4.08
C ILE G 47 -58.04 -53.31 -4.40
N ASP G 48 -56.82 -53.74 -4.70
CA ASP G 48 -56.52 -55.15 -4.89
C ASP G 48 -55.79 -55.67 -3.64
N TRP G 49 -56.37 -56.68 -3.00
CA TRP G 49 -55.71 -57.32 -1.88
C TRP G 49 -54.57 -58.22 -2.35
N GLU G 50 -53.45 -58.14 -1.66
CA GLU G 50 -52.38 -59.11 -1.84
C GLU G 50 -52.39 -59.81 -0.51
N THR G 51 -53.19 -60.86 -0.44
CA THR G 51 -53.49 -61.49 0.82
C THR G 51 -52.41 -62.50 1.20
N ILE G 52 -51.93 -62.39 2.43
CA ILE G 52 -50.82 -63.20 2.90
C ILE G 52 -51.28 -64.23 3.92
N ASN G 53 -50.96 -65.47 3.61
CA ASN G 53 -51.23 -66.64 4.42
C ASN G 53 -50.10 -66.82 5.41
N ILE G 54 -50.37 -66.43 6.65
CA ILE G 54 -49.42 -66.57 7.71
C ILE G 54 -50.07 -67.61 8.60
N LYS G 55 -49.50 -68.80 8.67
CA LYS G 55 -50.08 -69.82 9.54
C LYS G 55 -50.25 -69.26 10.96
N GLN G 56 -49.17 -69.14 11.70
CA GLN G 56 -49.24 -68.54 13.03
C GLN G 56 -48.53 -67.17 13.07
N THR G 57 -48.85 -66.39 14.11
CA THR G 57 -48.21 -65.09 14.34
C THR G 57 -46.71 -65.30 14.62
N ASP G 58 -46.23 -66.47 14.18
CA ASP G 58 -44.91 -67.03 14.46
C ASP G 58 -44.35 -67.74 13.21
N HIS G 59 -45.25 -68.14 12.31
CA HIS G 59 -44.90 -68.95 11.14
C HIS G 59 -43.84 -68.26 10.27
N LYS G 60 -42.61 -68.73 10.39
CA LYS G 60 -41.45 -67.97 9.93
C LYS G 60 -41.48 -67.60 8.45
N GLU G 61 -42.05 -68.46 7.62
CA GLU G 61 -42.11 -68.20 6.19
C GLU G 61 -43.21 -67.20 5.90
N GLY G 62 -44.22 -67.18 6.76
CA GLY G 62 -45.36 -66.30 6.60
C GLY G 62 -45.00 -64.88 7.03
N VAL G 63 -44.30 -64.76 8.14
CA VAL G 63 -43.84 -63.46 8.59
C VAL G 63 -42.89 -62.84 7.58
N TYR G 64 -42.03 -63.65 7.01
CA TYR G 64 -41.14 -63.13 5.98
C TYR G 64 -41.93 -62.65 4.74
N GLU G 65 -43.00 -63.34 4.42
CA GLU G 65 -43.78 -62.98 3.23
C GLU G 65 -44.61 -61.71 3.44
N ALA G 66 -44.95 -61.45 4.70
CA ALA G 66 -45.79 -60.32 5.04
C ALA G 66 -44.91 -59.08 5.04
N VAL G 67 -43.74 -59.19 5.65
CA VAL G 67 -42.78 -58.11 5.66
C VAL G 67 -42.44 -57.72 4.23
N GLU G 68 -42.22 -58.72 3.39
CA GLU G 68 -41.78 -58.48 2.02
C GLU G 68 -42.90 -57.83 1.22
N SER G 69 -44.12 -58.24 1.49
CA SER G 69 -45.28 -57.64 0.84
C SER G 69 -45.46 -56.18 1.26
N LEU G 70 -45.20 -55.88 2.54
CA LEU G 70 -45.32 -54.51 3.04
C LEU G 70 -44.24 -53.64 2.45
N LYS G 71 -43.04 -54.18 2.27
CA LYS G 71 -41.97 -53.40 1.65
C LYS G 71 -42.39 -52.99 0.26
N ARG G 72 -43.12 -53.85 -0.44
CA ARG G 72 -43.53 -53.51 -1.79
C ARG G 72 -44.72 -52.53 -1.77
N ASN G 73 -45.73 -52.81 -0.94
CA ASN G 73 -47.01 -52.10 -1.08
C ASN G 73 -47.12 -50.89 -0.13
N LYS G 74 -46.37 -50.93 0.96
CA LYS G 74 -46.27 -49.82 1.90
C LYS G 74 -47.49 -49.75 2.84
N ILE G 75 -48.65 -50.16 2.36
CA ILE G 75 -49.88 -50.13 3.17
C ILE G 75 -50.48 -51.52 3.46
N GLY G 76 -51.03 -51.70 4.65
CA GLY G 76 -51.49 -53.01 5.04
C GLY G 76 -52.72 -52.96 5.89
N LEU G 77 -53.56 -53.99 5.77
CA LEU G 77 -54.69 -54.21 6.67
C LEU G 77 -54.51 -55.57 7.36
N LYS G 78 -54.60 -55.60 8.66
CA LYS G 78 -54.16 -56.76 9.43
C LYS G 78 -55.22 -57.12 10.47
N GLY G 79 -55.64 -58.40 10.46
CA GLY G 79 -56.59 -58.93 11.42
C GLY G 79 -55.92 -59.37 12.71
N LEU G 80 -56.54 -60.31 13.42
CA LEU G 80 -56.02 -60.71 14.72
C LEU G 80 -55.62 -62.16 14.81
N TRP G 81 -54.66 -62.42 15.69
CA TRP G 81 -54.52 -63.73 16.31
C TRP G 81 -54.88 -63.56 17.75
N HIS G 82 -55.71 -64.45 18.27
CA HIS G 82 -56.10 -64.32 19.66
C HIS G 82 -55.24 -65.18 20.58
N THR G 83 -53.98 -65.35 20.18
CA THR G 83 -52.93 -65.86 21.06
C THR G 83 -52.55 -64.69 21.95
N PRO G 84 -51.99 -64.98 23.15
CA PRO G 84 -51.60 -63.88 24.04
C PRO G 84 -50.51 -63.00 23.43
N ALA G 85 -49.65 -63.59 22.59
CA ALA G 85 -48.58 -62.86 21.93
C ALA G 85 -49.08 -61.70 21.04
N ASP G 86 -49.97 -61.99 20.09
CA ASP G 86 -50.48 -60.93 19.21
C ASP G 86 -51.17 -59.78 19.97
N GLN G 87 -51.91 -60.11 21.02
CA GLN G 87 -52.66 -59.11 21.78
C GLN G 87 -51.78 -58.14 22.59
N THR G 88 -50.55 -58.54 22.90
CA THR G 88 -49.64 -57.71 23.69
C THR G 88 -48.61 -56.93 22.87
N GLY G 89 -48.45 -57.31 21.60
CA GLY G 89 -47.53 -56.65 20.69
C GLY G 89 -46.27 -57.44 20.42
N HIS G 90 -46.20 -58.66 20.94
CA HIS G 90 -45.06 -59.54 20.71
C HIS G 90 -45.40 -60.59 19.67
N GLY G 91 -44.60 -61.63 19.57
CA GLY G 91 -44.84 -62.62 18.54
C GLY G 91 -44.28 -62.15 17.22
N SER G 92 -43.87 -63.10 16.40
CA SER G 92 -42.98 -62.84 15.27
C SER G 92 -43.38 -61.70 14.33
N LEU G 93 -44.66 -61.57 14.04
CA LEU G 93 -45.10 -60.56 13.07
C LEU G 93 -44.87 -59.16 13.63
N ASN G 94 -45.36 -58.93 14.83
CA ASN G 94 -45.22 -57.65 15.48
C ASN G 94 -43.78 -57.23 15.65
N VAL G 95 -42.90 -58.16 15.96
CA VAL G 95 -41.51 -57.73 16.15
C VAL G 95 -40.90 -57.47 14.77
N ALA G 96 -41.32 -58.22 13.75
CA ALA G 96 -40.82 -57.97 12.40
C ALA G 96 -41.22 -56.56 11.91
N LEU G 97 -42.49 -56.20 12.14
CA LEU G 97 -42.99 -54.91 11.72
C LEU G 97 -42.23 -53.81 12.47
N ARG G 98 -41.88 -54.07 13.71
CA ARG G 98 -41.19 -53.06 14.49
C ARG G 98 -39.65 -53.01 14.22
N LYS G 99 -38.97 -54.15 14.11
CA LYS G 99 -37.53 -54.19 13.86
C LYS G 99 -37.16 -53.95 12.38
N GLN G 100 -37.88 -54.57 11.47
CA GLN G 100 -37.53 -54.47 10.07
C GLN G 100 -38.17 -53.28 9.38
N LEU G 101 -39.39 -52.92 9.77
CA LEU G 101 -40.09 -51.85 9.09
C LEU G 101 -40.03 -50.53 9.88
N ASP G 102 -39.51 -50.59 11.08
CA ASP G 102 -39.44 -49.46 11.93
C ASP G 102 -40.79 -48.73 12.02
N ILE G 103 -41.86 -49.48 12.25
CA ILE G 103 -43.15 -48.92 12.54
C ILE G 103 -43.20 -48.61 14.04
N TYR G 104 -43.20 -47.32 14.38
CA TYR G 104 -42.86 -46.92 15.73
C TYR G 104 -44.00 -46.31 16.50
N ALA G 105 -45.14 -46.08 15.83
CA ALA G 105 -46.23 -45.40 16.48
C ALA G 105 -47.51 -46.18 16.34
N ASN G 106 -48.05 -46.59 17.47
CA ASN G 106 -49.33 -47.24 17.50
C ASN G 106 -50.39 -46.22 17.94
N VAL G 107 -51.46 -46.08 17.16
CA VAL G 107 -52.57 -45.21 17.49
C VAL G 107 -53.85 -46.00 17.70
N ALA G 108 -54.52 -45.75 18.80
CA ALA G 108 -55.86 -46.30 19.04
C ALA G 108 -56.93 -45.18 19.25
N LEU G 109 -58.05 -45.28 18.56
CA LEU G 109 -59.11 -44.28 18.67
C LEU G 109 -60.29 -44.80 19.50
N PHE G 110 -60.58 -44.11 20.59
CA PHE G 110 -61.67 -44.47 21.45
C PHE G 110 -62.82 -43.47 21.36
N LYS G 111 -63.65 -43.61 20.34
CA LYS G 111 -64.85 -42.79 20.23
C LYS G 111 -66.10 -43.58 20.61
N SER G 112 -66.90 -43.02 21.54
CA SER G 112 -68.20 -43.60 21.90
C SER G 112 -69.14 -43.68 20.69
N LEU G 113 -69.95 -44.74 20.61
CA LEU G 113 -70.85 -44.91 19.47
C LEU G 113 -72.30 -44.65 19.85
N LYS G 114 -73.04 -44.07 18.91
CA LYS G 114 -74.38 -43.57 19.17
C LYS G 114 -75.35 -44.58 19.82
N GLY G 115 -75.38 -45.81 19.33
CA GLY G 115 -76.30 -46.79 19.90
C GLY G 115 -75.74 -47.83 20.86
N VAL G 116 -74.73 -47.49 21.66
CA VAL G 116 -74.11 -48.45 22.58
C VAL G 116 -74.21 -48.03 24.05
N LYS G 117 -74.86 -48.86 24.85
CA LYS G 117 -75.12 -48.56 26.25
C LYS G 117 -73.82 -48.59 27.05
N THR G 118 -73.38 -47.42 27.46
CA THR G 118 -72.14 -47.28 28.23
C THR G 118 -72.38 -46.49 29.51
N ARG G 119 -71.68 -46.86 30.57
CA ARG G 119 -71.80 -46.21 31.86
C ARG G 119 -71.35 -44.73 31.83
N ILE G 120 -70.38 -44.40 30.97
CA ILE G 120 -70.01 -42.99 30.76
C ILE G 120 -70.10 -42.64 29.28
N PRO G 121 -70.92 -41.63 28.97
CA PRO G 121 -71.29 -41.29 27.60
C PRO G 121 -70.26 -40.38 26.92
N ASP G 122 -70.33 -40.32 25.59
CA ASP G 122 -69.63 -39.31 24.81
C ASP G 122 -68.13 -39.22 25.08
N ILE G 123 -67.44 -40.31 24.82
CA ILE G 123 -66.02 -40.35 25.05
C ILE G 123 -65.30 -40.11 23.74
N ASP G 124 -64.18 -39.40 23.80
CA ASP G 124 -63.39 -39.17 22.61
C ASP G 124 -61.90 -38.99 22.90
N LEU G 125 -61.21 -40.08 23.22
CA LEU G 125 -59.78 -40.01 23.41
C LEU G 125 -59.00 -40.81 22.40
N ILE G 126 -57.75 -40.41 22.24
CA ILE G 126 -56.80 -41.01 21.32
C ILE G 126 -55.57 -41.36 22.14
N VAL G 127 -55.15 -42.61 22.07
CA VAL G 127 -53.95 -43.04 22.78
C VAL G 127 -52.88 -43.33 21.74
N ILE G 128 -51.76 -42.64 21.84
CA ILE G 128 -50.63 -42.86 20.94
C ILE G 128 -49.51 -43.47 21.77
N ARG G 129 -49.01 -44.64 21.37
CA ARG G 129 -47.95 -45.29 22.15
C ARG G 129 -46.69 -45.61 21.35
N GLU G 130 -45.55 -45.44 22.01
CA GLU G 130 -44.27 -45.71 21.38
C GLU G 130 -44.12 -47.22 21.20
N ASN G 131 -43.62 -47.65 20.05
CA ASN G 131 -43.66 -49.05 19.70
C ASN G 131 -42.30 -49.71 19.37
N THR G 132 -41.16 -49.13 19.73
CA THR G 132 -39.90 -49.76 19.36
C THR G 132 -38.92 -49.97 20.51
N GLU G 133 -39.28 -49.47 21.68
CA GLU G 133 -38.35 -49.31 22.78
C GLU G 133 -39.03 -49.78 24.07
N GLY G 134 -38.40 -49.54 25.20
CA GLY G 134 -38.94 -49.95 26.48
C GLY G 134 -39.24 -51.44 26.52
N GLU G 135 -40.51 -51.74 26.73
CA GLU G 135 -40.98 -53.11 26.76
C GLU G 135 -40.53 -53.93 25.55
N PHE G 136 -40.44 -53.30 24.39
CA PHE G 136 -40.18 -54.03 23.13
C PHE G 136 -38.72 -54.17 22.71
N SER G 137 -37.79 -53.71 23.52
CA SER G 137 -36.38 -53.81 23.15
C SER G 137 -35.50 -54.19 24.33
N GLY G 138 -36.10 -54.76 25.36
CA GLY G 138 -35.30 -55.03 26.55
C GLY G 138 -34.17 -56.07 26.41
N LEU G 139 -33.74 -56.54 27.56
CA LEU G 139 -32.99 -57.77 27.69
C LEU G 139 -33.43 -58.30 29.03
N GLU G 140 -33.69 -59.59 29.11
CA GLU G 140 -33.96 -60.19 30.42
C GLU G 140 -33.09 -61.40 30.65
N HIS G 141 -32.62 -61.55 31.86
CA HIS G 141 -31.75 -62.69 32.13
C HIS G 141 -31.92 -63.17 33.55
N GLU G 142 -31.71 -64.47 33.71
CA GLU G 142 -31.64 -65.10 35.03
C GLU G 142 -30.22 -65.61 35.17
N SER G 143 -29.39 -64.86 35.87
CA SER G 143 -27.96 -65.20 35.92
C SER G 143 -27.60 -65.94 37.22
N VAL G 144 -28.30 -65.64 38.31
CA VAL G 144 -28.26 -66.50 39.47
C VAL G 144 -29.67 -67.02 39.66
N PRO G 145 -29.79 -68.30 39.99
CA PRO G 145 -31.11 -68.95 40.04
C PRO G 145 -32.10 -68.22 40.97
N GLY G 146 -33.33 -68.03 40.49
CA GLY G 146 -34.36 -67.36 41.26
C GLY G 146 -34.30 -65.83 41.22
N VAL G 147 -33.47 -65.28 40.33
CA VAL G 147 -33.38 -63.83 40.19
C VAL G 147 -33.44 -63.39 38.74
N VAL G 148 -34.54 -62.73 38.40
CA VAL G 148 -34.68 -62.17 37.05
C VAL G 148 -34.41 -60.66 36.97
N GLU G 149 -33.59 -60.26 36.02
CA GLU G 149 -33.20 -58.86 35.87
C GLU G 149 -33.61 -58.36 34.51
N SER G 150 -34.25 -57.18 34.48
CA SER G 150 -34.63 -56.55 33.21
C SER G 150 -33.76 -55.35 32.94
N LEU G 151 -33.33 -55.22 31.68
CA LEU G 151 -32.58 -54.05 31.24
C LEU G 151 -33.31 -53.41 30.08
N LYS G 152 -33.94 -52.27 30.32
CA LYS G 152 -34.69 -51.58 29.27
C LYS G 152 -34.08 -50.21 28.95
N VAL G 153 -34.23 -49.74 27.70
CA VAL G 153 -33.73 -48.41 27.33
C VAL G 153 -34.82 -47.44 26.90
N MET G 154 -34.60 -46.16 27.18
CA MET G 154 -35.44 -45.07 26.72
C MET G 154 -34.44 -44.12 26.10
N THR G 155 -34.62 -43.75 24.82
CA THR G 155 -33.65 -42.87 24.18
C THR G 155 -34.30 -41.61 23.65
N ARG G 156 -33.53 -40.53 23.58
CA ARG G 156 -34.10 -39.24 23.18
C ARG G 156 -34.59 -39.20 21.72
N PRO G 157 -33.84 -39.80 20.78
CA PRO G 157 -34.33 -39.76 19.39
C PRO G 157 -35.65 -40.50 19.21
N LYS G 158 -35.81 -41.66 19.82
CA LYS G 158 -37.07 -42.37 19.73
C LYS G 158 -38.18 -41.59 20.41
N THR G 159 -37.90 -40.96 21.54
CA THR G 159 -38.96 -40.17 22.15
C THR G 159 -39.29 -38.85 21.45
N GLU G 160 -38.32 -38.24 20.78
CA GLU G 160 -38.58 -37.09 19.91
C GLU G 160 -39.51 -37.43 18.76
N ARG G 161 -39.28 -38.58 18.09
CA ARG G 161 -40.13 -39.08 17.01
C ARG G 161 -41.57 -39.21 17.46
N ILE G 162 -41.75 -39.89 18.60
CA ILE G 162 -43.11 -40.16 19.06
C ILE G 162 -43.79 -38.86 19.49
N ALA G 163 -43.04 -37.95 20.09
CA ALA G 163 -43.52 -36.58 20.35
C ALA G 163 -44.02 -35.84 19.11
N ARG G 164 -43.17 -35.69 18.10
CA ARG G 164 -43.59 -35.03 16.87
C ARG G 164 -44.74 -35.73 16.22
N PHE G 165 -44.77 -37.07 16.30
CA PHE G 165 -45.86 -37.83 15.74
C PHE G 165 -47.17 -37.43 16.39
N ALA G 166 -47.17 -37.39 17.72
CA ALA G 166 -48.37 -37.09 18.47
C ALA G 166 -48.87 -35.67 18.19
N PHE G 167 -47.95 -34.71 18.18
CA PHE G 167 -48.32 -33.33 17.93
C PHE G 167 -48.76 -33.13 16.49
N ASP G 168 -48.07 -33.78 15.56
CA ASP G 168 -48.48 -33.72 14.16
C ASP G 168 -49.86 -34.26 13.92
N PHE G 169 -50.25 -35.20 14.79
CA PHE G 169 -51.52 -35.90 14.71
C PHE G 169 -52.61 -35.04 15.30
N ALA G 170 -52.32 -34.47 16.47
CA ALA G 170 -53.21 -33.46 17.04
C ALA G 170 -53.52 -32.32 16.04
N LYS G 171 -52.49 -31.76 15.42
CA LYS G 171 -52.63 -30.71 14.41
C LYS G 171 -53.56 -31.14 13.28
N LYS G 172 -53.29 -32.30 12.70
CA LYS G 172 -54.03 -32.76 11.55
C LYS G 172 -55.52 -33.06 11.85
N TYR G 173 -55.81 -33.52 13.05
CA TYR G 173 -57.19 -33.89 13.37
C TYR G 173 -57.82 -32.92 14.35
N ASN G 174 -57.24 -31.72 14.43
CA ASN G 174 -57.79 -30.63 15.25
C ASN G 174 -58.08 -31.03 16.68
N ARG G 175 -57.10 -31.69 17.30
CA ARG G 175 -57.16 -31.96 18.70
C ARG G 175 -56.43 -30.82 19.40
N LYS G 176 -56.81 -30.50 20.63
CA LYS G 176 -56.31 -29.30 21.27
C LYS G 176 -55.43 -29.59 22.47
N SER G 177 -55.45 -30.83 22.92
CA SER G 177 -54.65 -31.22 24.07
C SER G 177 -53.81 -32.48 23.82
N VAL G 178 -52.54 -32.41 24.18
CA VAL G 178 -51.69 -33.58 24.20
C VAL G 178 -51.13 -33.76 25.62
N THR G 179 -51.41 -34.89 26.24
CA THR G 179 -50.89 -35.17 27.57
C THR G 179 -49.88 -36.32 27.52
N ALA G 180 -48.68 -36.11 28.05
CA ALA G 180 -47.71 -37.18 28.19
C ALA G 180 -47.97 -37.95 29.46
N VAL G 181 -48.04 -39.27 29.34
CA VAL G 181 -48.30 -40.13 30.49
C VAL G 181 -47.00 -40.85 30.81
N HIS G 182 -46.56 -40.76 32.06
CA HIS G 182 -45.24 -41.26 32.41
C HIS G 182 -45.20 -41.63 33.91
N LYS G 183 -44.07 -42.17 34.36
CA LYS G 183 -43.88 -42.44 35.77
C LYS G 183 -42.60 -41.76 36.25
N ALA G 184 -42.49 -40.45 36.00
CA ALA G 184 -41.25 -39.72 36.34
C ALA G 184 -41.00 -39.52 37.86
N ASN G 185 -42.03 -39.74 38.66
CA ASN G 185 -41.90 -39.64 40.13
C ASN G 185 -40.97 -40.71 40.69
N ILE G 186 -40.92 -41.86 40.04
CA ILE G 186 -40.07 -42.97 40.45
C ILE G 186 -38.88 -43.16 39.54
N MET G 187 -39.15 -43.29 38.24
CA MET G 187 -38.11 -43.35 37.20
C MET G 187 -37.72 -41.92 36.80
N LYS G 188 -37.02 -41.22 37.69
CA LYS G 188 -36.79 -39.78 37.52
C LYS G 188 -35.97 -39.44 36.28
N LEU G 189 -35.12 -40.39 35.91
CA LEU G 189 -34.23 -40.21 34.78
C LEU G 189 -34.91 -40.52 33.45
N GLY G 190 -35.36 -41.77 33.30
CA GLY G 190 -35.92 -42.28 32.05
C GLY G 190 -37.28 -41.72 31.67
N ASP G 191 -38.20 -41.72 32.62
CA ASP G 191 -39.52 -41.17 32.38
C ASP G 191 -39.50 -39.65 32.53
N GLY G 192 -38.49 -39.15 33.23
CA GLY G 192 -38.21 -37.73 33.30
C GLY G 192 -37.84 -37.22 31.90
N LEU G 193 -36.96 -37.97 31.24
CA LEU G 193 -36.57 -37.67 29.89
C LEU G 193 -37.83 -37.57 29.00
N PHE G 194 -38.73 -38.54 29.16
CA PHE G 194 -39.93 -38.65 28.35
C PHE G 194 -40.85 -37.45 28.54
N ARG G 195 -41.20 -37.15 29.78
CA ARG G 195 -41.99 -35.97 30.12
C ARG G 195 -41.37 -34.67 29.57
N ASN G 196 -40.09 -34.48 29.81
CA ASN G 196 -39.39 -33.28 29.37
C ASN G 196 -39.38 -33.10 27.89
N ILE G 197 -38.95 -34.11 27.15
CA ILE G 197 -38.95 -34.02 25.70
C ILE G 197 -40.32 -33.70 25.10
N ILE G 198 -41.37 -34.33 25.61
CA ILE G 198 -42.72 -34.08 25.09
C ILE G 198 -43.12 -32.63 25.35
N THR G 199 -42.86 -32.13 26.57
CA THR G 199 -43.27 -30.78 26.91
C THR G 199 -42.45 -29.69 26.20
N GLU G 200 -41.16 -29.92 26.00
CA GLU G 200 -40.31 -29.01 25.24
C GLU G 200 -40.70 -28.92 23.77
N ILE G 201 -40.87 -30.05 23.12
CA ILE G 201 -41.27 -30.08 21.73
C ILE G 201 -42.63 -29.43 21.56
N GLY G 202 -43.42 -29.45 22.63
CA GLY G 202 -44.71 -28.79 22.64
C GLY G 202 -44.62 -27.28 22.59
N GLN G 203 -43.79 -26.71 23.47
CA GLN G 203 -43.68 -25.27 23.62
C GLN G 203 -42.93 -24.60 22.47
N LYS G 204 -41.87 -25.23 22.00
CA LYS G 204 -41.10 -24.69 20.89
C LYS G 204 -41.70 -24.93 19.52
N GLU G 205 -42.28 -26.11 19.26
CA GLU G 205 -42.68 -26.42 17.90
C GLU G 205 -44.18 -26.43 17.65
N TYR G 206 -44.98 -26.51 18.72
CA TYR G 206 -46.43 -26.63 18.56
C TYR G 206 -47.13 -25.79 19.64
N PRO G 207 -47.09 -24.47 19.49
CA PRO G 207 -47.56 -23.59 20.57
C PRO G 207 -49.09 -23.57 20.69
N ASP G 208 -49.76 -23.74 19.55
CA ASP G 208 -51.21 -23.77 19.47
C ASP G 208 -51.82 -24.99 20.17
N ILE G 209 -50.98 -25.92 20.62
CA ILE G 209 -51.45 -27.11 21.30
C ILE G 209 -51.08 -27.12 22.77
N ASP G 210 -52.04 -27.44 23.62
CA ASP G 210 -51.82 -27.54 25.05
C ASP G 210 -51.07 -28.82 25.40
N VAL G 211 -49.91 -28.68 26.01
CA VAL G 211 -49.14 -29.81 26.51
C VAL G 211 -49.38 -29.93 27.98
N SER G 212 -49.30 -31.15 28.50
CA SER G 212 -49.47 -31.41 29.93
C SER G 212 -48.86 -32.76 30.29
N SER G 213 -48.80 -33.05 31.58
CA SER G 213 -48.19 -34.28 32.05
C SER G 213 -49.06 -34.88 33.12
N ILE G 214 -48.96 -36.18 33.27
CA ILE G 214 -49.73 -36.84 34.28
C ILE G 214 -49.00 -38.13 34.61
N ILE G 215 -48.84 -38.38 35.89
CA ILE G 215 -48.30 -39.64 36.34
C ILE G 215 -49.28 -40.77 35.99
N VAL G 216 -48.75 -41.91 35.57
CA VAL G 216 -49.56 -42.95 34.95
C VAL G 216 -50.61 -43.55 35.91
N ASP G 217 -50.26 -43.73 37.18
CA ASP G 217 -51.24 -44.24 38.13
C ASP G 217 -52.44 -43.29 38.31
N ASN G 218 -52.14 -42.00 38.46
CA ASN G 218 -53.17 -41.01 38.51
C ASN G 218 -53.97 -40.95 37.21
N ALA G 219 -53.34 -41.21 36.08
CA ALA G 219 -54.05 -41.17 34.80
C ALA G 219 -55.02 -42.33 34.70
N SER G 220 -54.65 -43.47 35.26
CA SER G 220 -55.54 -44.64 35.31
C SER G 220 -56.81 -44.30 36.06
N MET G 221 -56.64 -43.81 37.28
CA MET G 221 -57.74 -43.37 38.10
C MET G 221 -58.60 -42.36 37.39
N GLN G 222 -57.94 -41.35 36.83
CA GLN G 222 -58.62 -40.26 36.14
C GLN G 222 -59.36 -40.74 34.91
N ALA G 223 -58.85 -41.78 34.27
CA ALA G 223 -59.46 -42.26 33.02
C ALA G 223 -60.77 -43.01 33.25
N VAL G 224 -60.90 -43.72 34.37
CA VAL G 224 -62.12 -44.48 34.62
C VAL G 224 -63.17 -43.59 35.29
N ALA G 225 -62.72 -42.55 35.96
CA ALA G 225 -63.60 -41.65 36.70
C ALA G 225 -64.07 -40.42 35.90
N LYS G 226 -63.15 -39.77 35.20
CA LYS G 226 -63.45 -38.55 34.44
C LYS G 226 -62.71 -38.49 33.11
N PRO G 227 -63.04 -39.41 32.19
CA PRO G 227 -62.38 -39.55 30.89
C PRO G 227 -62.42 -38.29 30.04
N HIS G 228 -63.29 -37.34 30.37
CA HIS G 228 -63.55 -36.24 29.42
C HIS G 228 -62.46 -35.19 29.42
N GLN G 229 -61.71 -35.14 30.52
CA GLN G 229 -60.61 -34.23 30.65
C GLN G 229 -59.45 -34.51 29.68
N PHE G 230 -59.40 -35.71 29.10
CA PHE G 230 -58.31 -36.11 28.23
C PHE G 230 -58.67 -35.96 26.77
N ASP G 231 -57.64 -35.78 25.96
CA ASP G 231 -57.81 -35.61 24.54
C ASP G 231 -56.87 -36.56 23.77
N VAL G 232 -55.60 -36.21 23.64
CA VAL G 232 -54.62 -37.13 23.08
C VAL G 232 -53.61 -37.55 24.16
N LEU G 233 -53.52 -38.83 24.45
CA LEU G 233 -52.53 -39.34 25.37
C LEU G 233 -51.29 -39.91 24.61
N VAL G 234 -50.09 -39.58 25.06
CA VAL G 234 -48.86 -40.12 24.48
C VAL G 234 -48.13 -40.83 25.58
N THR G 235 -47.80 -42.08 25.35
CA THR G 235 -47.17 -42.88 26.39
C THR G 235 -46.11 -43.81 25.85
N PRO G 236 -45.13 -44.14 26.68
CA PRO G 236 -44.19 -45.23 26.42
C PRO G 236 -44.91 -46.55 26.16
N SER G 237 -44.20 -47.52 25.62
CA SER G 237 -44.74 -48.86 25.39
C SER G 237 -45.49 -49.45 26.58
N MET G 238 -44.87 -49.41 27.75
CA MET G 238 -45.36 -50.13 28.92
C MET G 238 -46.71 -49.71 29.50
N TYR G 239 -47.11 -48.46 29.30
CA TYR G 239 -48.37 -47.99 29.88
C TYR G 239 -49.48 -47.90 28.87
N GLY G 240 -49.16 -48.21 27.61
CA GLY G 240 -50.08 -47.97 26.51
C GLY G 240 -51.19 -48.98 26.52
N THR G 241 -50.79 -50.21 26.85
CA THR G 241 -51.69 -51.33 26.85
C THR G 241 -52.73 -51.16 27.95
N ILE G 242 -52.28 -50.72 29.12
CA ILE G 242 -53.22 -50.45 30.21
C ILE G 242 -54.19 -49.29 29.89
N LEU G 243 -53.68 -48.12 29.49
CA LEU G 243 -54.58 -47.04 29.09
C LEU G 243 -55.53 -47.42 27.96
N GLY G 244 -55.04 -48.19 27.01
CA GLY G 244 -55.87 -48.62 25.90
C GLY G 244 -57.01 -49.51 26.33
N ASN G 245 -56.79 -50.33 27.36
CA ASN G 245 -57.85 -51.22 27.79
C ASN G 245 -58.94 -50.53 28.61
N ILE G 246 -58.54 -49.48 29.34
CA ILE G 246 -59.52 -48.63 29.98
C ILE G 246 -60.36 -47.95 28.93
N GLY G 247 -59.68 -47.46 27.91
CA GLY G 247 -60.36 -46.88 26.77
C GLY G 247 -61.37 -47.80 26.15
N ALA G 248 -61.00 -49.07 25.94
CA ALA G 248 -61.88 -50.04 25.29
C ALA G 248 -63.10 -50.31 26.14
N ALA G 249 -62.90 -50.55 27.42
CA ALA G 249 -64.01 -50.71 28.34
C ALA G 249 -64.95 -49.49 28.28
N LEU G 250 -64.39 -48.29 28.33
CA LEU G 250 -65.20 -47.04 28.38
C LEU G 250 -66.22 -46.89 27.25
N ILE G 251 -65.90 -47.40 26.06
CA ILE G 251 -66.78 -47.23 24.90
C ILE G 251 -67.58 -48.49 24.50
N GLY G 252 -67.50 -49.54 25.33
CA GLY G 252 -68.22 -50.77 25.06
C GLY G 252 -67.45 -51.98 24.54
N GLY G 253 -66.13 -51.97 24.66
CA GLY G 253 -65.33 -53.13 24.36
C GLY G 253 -64.47 -53.03 23.11
N PRO G 254 -63.53 -53.96 23.00
CA PRO G 254 -62.47 -54.00 21.99
C PRO G 254 -63.04 -54.03 20.56
N GLY G 255 -64.25 -54.55 20.42
CA GLY G 255 -64.86 -54.69 19.09
C GLY G 255 -65.19 -53.38 18.43
N LEU G 256 -65.02 -52.26 19.15
CA LEU G 256 -65.39 -50.93 18.67
C LEU G 256 -64.24 -49.96 18.48
N VAL G 257 -63.02 -50.43 18.65
CA VAL G 257 -61.83 -49.60 18.70
C VAL G 257 -60.98 -49.63 17.44
N ALA G 258 -61.00 -48.55 16.65
CA ALA G 258 -60.16 -48.44 15.47
C ALA G 258 -58.68 -48.23 15.81
N GLY G 259 -57.79 -48.58 14.89
CA GLY G 259 -56.37 -48.53 15.20
C GLY G 259 -55.52 -48.40 13.97
N ALA G 260 -54.31 -47.89 14.16
CA ALA G 260 -53.34 -47.78 13.05
C ALA G 260 -51.94 -47.81 13.60
N ASN G 261 -51.01 -48.21 12.76
CA ASN G 261 -49.62 -48.28 13.13
C ASN G 261 -48.80 -47.62 12.06
N PHE G 262 -47.95 -46.69 12.45
CA PHE G 262 -47.20 -45.91 11.46
C PHE G 262 -45.73 -45.99 11.65
N GLY G 263 -45.02 -46.08 10.53
CA GLY G 263 -43.63 -45.77 10.47
C GLY G 263 -43.43 -44.62 9.52
N ARG G 264 -42.20 -44.27 9.20
CA ARG G 264 -41.98 -43.24 8.18
C ARG G 264 -42.52 -43.71 6.81
N ASP G 265 -42.19 -44.92 6.40
CA ASP G 265 -42.49 -45.35 5.02
C ASP G 265 -43.70 -46.26 4.96
N TYR G 266 -44.14 -46.78 6.11
CA TYR G 266 -45.16 -47.81 6.09
C TYR G 266 -46.30 -47.48 7.02
N ALA G 267 -47.46 -48.04 6.73
CA ALA G 267 -48.62 -47.94 7.60
C ALA G 267 -49.36 -49.27 7.59
N VAL G 268 -49.71 -49.74 8.77
CA VAL G 268 -50.50 -50.96 8.92
C VAL G 268 -51.72 -50.69 9.81
N PHE G 269 -52.90 -50.88 9.26
CA PHE G 269 -54.13 -50.65 10.00
C PHE G 269 -54.71 -51.91 10.61
N GLU G 270 -55.24 -51.80 11.82
CA GLU G 270 -55.66 -52.95 12.60
C GLU G 270 -56.37 -52.50 13.85
N PRO G 271 -57.31 -53.29 14.34
CA PRO G 271 -58.06 -52.95 15.55
C PRO G 271 -57.13 -52.55 16.67
N GLY G 272 -57.48 -51.48 17.35
CA GLY G 272 -56.58 -50.86 18.29
C GLY G 272 -56.45 -51.52 19.64
N SER G 273 -57.31 -52.51 19.93
CA SER G 273 -57.22 -53.21 21.21
C SER G 273 -56.81 -54.67 21.08
N ARG G 274 -56.57 -55.09 19.84
CA ARG G 274 -56.17 -56.47 19.57
C ARG G 274 -57.22 -57.46 20.05
N HIS G 275 -58.46 -56.97 20.17
CA HIS G 275 -59.63 -57.78 20.54
C HIS G 275 -59.44 -58.60 21.84
N VAL G 276 -58.86 -58.01 22.88
CA VAL G 276 -58.78 -58.71 24.19
C VAL G 276 -59.97 -59.69 24.50
N GLY G 277 -61.21 -59.19 24.53
CA GLY G 277 -62.41 -60.03 24.62
C GLY G 277 -63.07 -60.28 23.27
N LYS G 281 -66.00 -66.60 22.01
CA LYS G 281 -66.25 -66.97 20.61
C LYS G 281 -67.25 -68.12 20.33
N GLY G 282 -67.40 -68.39 19.03
CA GLY G 282 -68.39 -69.23 18.39
C GLY G 282 -68.25 -68.83 16.92
N GLN G 283 -68.97 -69.48 16.02
CA GLN G 283 -68.84 -69.18 14.59
C GLN G 283 -69.70 -67.98 14.22
N ASN G 284 -69.15 -67.09 13.39
CA ASN G 284 -69.89 -65.95 12.85
C ASN G 284 -70.61 -65.07 13.89
N VAL G 285 -69.95 -64.82 15.03
CA VAL G 285 -70.53 -63.97 16.05
C VAL G 285 -69.75 -62.70 16.40
N ALA G 286 -68.51 -62.60 15.92
CA ALA G 286 -67.61 -61.51 16.29
C ALA G 286 -67.97 -60.14 15.71
N ASN G 287 -67.74 -59.06 16.47
CA ASN G 287 -67.98 -57.72 15.96
C ASN G 287 -66.91 -57.27 14.97
N PRO G 288 -67.30 -57.00 13.71
CA PRO G 288 -66.37 -56.53 12.69
C PRO G 288 -66.11 -55.00 12.70
N THR G 289 -66.74 -54.27 13.61
CA THR G 289 -66.68 -52.82 13.63
C THR G 289 -65.26 -52.24 13.66
N ALA G 290 -64.47 -52.74 14.61
CA ALA G 290 -63.10 -52.27 14.77
C ALA G 290 -62.31 -52.44 13.47
N MET G 291 -62.47 -53.58 12.83
CA MET G 291 -61.78 -53.85 11.60
C MET G 291 -62.27 -52.93 10.49
N ILE G 292 -63.56 -52.70 10.43
CA ILE G 292 -64.12 -51.88 9.38
C ILE G 292 -63.68 -50.42 9.58
N LEU G 293 -63.79 -49.93 10.81
CA LEU G 293 -63.35 -48.57 11.11
C LEU G 293 -61.84 -48.37 10.85
N SER G 294 -61.04 -49.38 11.15
CA SER G 294 -59.61 -49.30 10.87
C SER G 294 -59.47 -49.22 9.38
N SER G 295 -60.36 -49.94 8.71
CA SER G 295 -60.39 -49.98 7.26
C SER G 295 -60.61 -48.59 6.68
N THR G 296 -61.38 -47.76 7.38
CA THR G 296 -61.66 -46.44 6.89
C THR G 296 -60.50 -45.48 7.18
N LEU G 297 -59.83 -45.67 8.33
CA LEU G 297 -58.56 -44.98 8.57
C LEU G 297 -57.61 -45.24 7.39
N MET G 298 -57.56 -46.48 6.92
CA MET G 298 -56.73 -46.80 5.78
C MET G 298 -57.17 -46.07 4.51
N LEU G 299 -58.48 -46.02 4.27
CA LEU G 299 -59.01 -45.29 3.13
C LEU G 299 -58.59 -43.81 3.14
N ASN G 300 -58.81 -43.12 4.27
CA ASN G 300 -58.35 -41.77 4.48
C ASN G 300 -56.90 -41.64 4.05
N HIS G 301 -56.07 -42.52 4.57
CA HIS G 301 -54.64 -42.43 4.32
C HIS G 301 -54.33 -42.59 2.85
N LEU G 302 -55.06 -43.42 2.16
CA LEU G 302 -54.78 -43.67 0.76
C LEU G 302 -55.27 -42.54 -0.13
N GLY G 303 -56.00 -41.61 0.45
CA GLY G 303 -56.53 -40.49 -0.29
C GLY G 303 -57.92 -40.71 -0.87
N LEU G 304 -58.43 -41.92 -0.71
CA LEU G 304 -59.83 -42.20 -1.04
C LEU G 304 -60.70 -41.37 -0.12
N ASN G 305 -61.40 -42.00 0.81
CA ASN G 305 -62.02 -41.24 1.91
C ASN G 305 -63.37 -40.53 1.62
N GLU G 306 -63.72 -40.42 0.35
CA GLU G 306 -65.12 -40.19 0.02
C GLU G 306 -65.74 -41.52 0.38
N TYR G 307 -65.13 -42.60 -0.11
CA TYR G 307 -65.52 -43.95 0.28
C TYR G 307 -65.45 -44.16 1.79
N ALA G 308 -64.50 -43.52 2.45
CA ALA G 308 -64.36 -43.69 3.89
C ALA G 308 -65.51 -43.06 4.64
N THR G 309 -65.96 -41.90 4.17
CA THR G 309 -67.04 -41.17 4.84
C THR G 309 -68.34 -42.00 4.76
N ARG G 310 -68.58 -42.60 3.60
CA ARG G 310 -69.78 -43.39 3.35
C ARG G 310 -69.81 -44.64 4.22
N ILE G 311 -68.74 -45.42 4.17
CA ILE G 311 -68.64 -46.64 4.96
C ILE G 311 -68.73 -46.33 6.44
N SER G 312 -68.17 -45.20 6.85
CA SER G 312 -68.22 -44.83 8.25
C SER G 312 -69.66 -44.49 8.66
N LYS G 313 -70.37 -43.77 7.81
CA LYS G 313 -71.74 -43.35 8.11
C LYS G 313 -72.62 -44.60 8.18
N ALA G 314 -72.43 -45.49 7.22
CA ALA G 314 -73.15 -46.76 7.22
C ALA G 314 -73.01 -47.54 8.54
N VAL G 315 -71.80 -47.76 9.04
CA VAL G 315 -71.70 -48.56 10.25
C VAL G 315 -72.21 -47.81 11.48
N HIS G 316 -72.08 -46.48 11.49
CA HIS G 316 -72.55 -45.72 12.65
C HIS G 316 -74.05 -45.77 12.72
N GLU G 317 -74.67 -45.68 11.55
CA GLU G 317 -76.12 -45.68 11.40
C GLU G 317 -76.67 -47.07 11.75
N THR G 318 -76.02 -48.11 11.23
CA THR G 318 -76.41 -49.48 11.52
C THR G 318 -76.36 -49.81 13.00
N ILE G 319 -75.34 -49.34 13.72
CA ILE G 319 -75.26 -49.69 15.14
C ILE G 319 -76.17 -48.79 15.99
N ALA G 320 -76.47 -47.60 15.45
CA ALA G 320 -77.36 -46.64 16.11
C ALA G 320 -78.78 -47.19 16.28
N GLU G 321 -79.29 -47.83 15.21
CA GLU G 321 -80.55 -48.56 15.27
C GLU G 321 -80.29 -49.98 15.76
N GLY G 322 -80.77 -50.32 16.95
CA GLY G 322 -80.43 -51.59 17.59
C GLY G 322 -80.67 -52.89 16.84
N LYS G 323 -81.14 -52.78 15.59
CA LYS G 323 -81.44 -53.94 14.74
C LYS G 323 -80.21 -54.38 13.96
N HIS G 324 -79.98 -55.69 13.89
CA HIS G 324 -78.84 -56.25 13.14
C HIS G 324 -77.48 -56.08 13.82
N THR G 325 -77.50 -55.48 14.98
CA THR G 325 -76.32 -55.32 15.82
C THR G 325 -75.80 -56.69 16.30
N THR G 326 -74.50 -56.83 16.42
CA THR G 326 -73.87 -58.09 16.81
C THR G 326 -74.00 -58.33 18.35
N ARG G 327 -73.70 -59.53 18.84
CA ARG G 327 -74.14 -59.88 20.20
C ARG G 327 -73.41 -59.16 21.35
N ASP G 328 -72.23 -58.61 21.08
CA ASP G 328 -71.43 -57.99 22.15
C ASP G 328 -71.86 -56.57 22.51
N ILE G 329 -72.63 -55.93 21.63
CA ILE G 329 -73.20 -54.62 21.95
C ILE G 329 -74.71 -54.72 22.13
N GLY G 330 -75.16 -55.92 22.54
CA GLY G 330 -76.55 -56.16 22.90
C GLY G 330 -77.51 -56.66 21.82
N GLY G 331 -77.00 -56.87 20.61
CA GLY G 331 -77.81 -57.41 19.54
C GLY G 331 -77.81 -58.92 19.56
N SER G 332 -78.24 -59.54 18.48
CA SER G 332 -78.26 -61.00 18.45
C SER G 332 -77.92 -61.51 17.06
N SER G 333 -77.54 -60.60 16.17
CA SER G 333 -77.20 -60.94 14.80
C SER G 333 -75.76 -61.47 14.64
N SER G 334 -75.52 -62.20 13.55
CA SER G 334 -74.21 -62.71 13.23
C SER G 334 -73.39 -61.63 12.54
N THR G 335 -72.09 -61.85 12.41
CA THR G 335 -71.25 -60.83 11.79
C THR G 335 -71.68 -60.61 10.34
N THR G 336 -72.10 -61.70 9.71
CA THR G 336 -72.64 -61.65 8.36
C THR G 336 -73.89 -60.79 8.24
N ASP G 337 -74.81 -60.91 9.20
CA ASP G 337 -76.05 -60.14 9.16
C ASP G 337 -75.69 -58.66 9.22
N PHE G 338 -74.79 -58.35 10.14
CA PHE G 338 -74.35 -56.97 10.40
C PHE G 338 -73.72 -56.39 9.14
N THR G 339 -72.83 -57.15 8.52
CA THR G 339 -72.18 -56.76 7.27
C THR G 339 -73.20 -56.47 6.18
N ASN G 340 -74.16 -57.37 6.02
CA ASN G 340 -75.18 -57.22 4.97
C ASN G 340 -76.08 -56.00 5.20
N GLU G 341 -76.38 -55.71 6.47
CA GLU G 341 -77.15 -54.51 6.81
C GLU G 341 -76.39 -53.25 6.38
N ILE G 342 -75.08 -53.23 6.65
CA ILE G 342 -74.23 -52.10 6.28
C ILE G 342 -74.19 -51.94 4.78
N ILE G 343 -73.93 -53.03 4.08
CA ILE G 343 -73.94 -53.02 2.62
C ILE G 343 -75.28 -52.54 2.06
N ASN G 344 -76.35 -52.88 2.76
CA ASN G 344 -77.68 -52.47 2.38
C ASN G 344 -77.91 -50.94 2.46
N LYS G 345 -77.45 -50.31 3.55
CA LYS G 345 -77.59 -48.87 3.69
C LYS G 345 -76.68 -48.15 2.70
N LEU G 346 -75.68 -48.87 2.21
CA LEU G 346 -74.71 -48.33 1.27
C LEU G 346 -75.31 -48.15 -0.13
N SER G 347 -76.02 -49.16 -0.61
CA SER G 347 -76.61 -49.10 -1.95
C SER G 347 -77.67 -48.01 -2.03
N THR G 348 -78.44 -47.84 -0.96
CA THR G 348 -79.45 -46.78 -0.91
C THR G 348 -78.85 -45.39 -0.60
N MET G 349 -77.53 -45.35 -0.35
CA MET G 349 -76.76 -44.11 -0.26
C MET G 349 -76.20 -43.76 -1.63
N GLN H 5 -57.36 -64.41 61.22
CA GLN H 5 -56.25 -63.50 60.89
C GLN H 5 -54.97 -64.22 60.43
N PRO H 6 -54.46 -63.81 59.25
CA PRO H 6 -53.30 -64.32 58.50
C PRO H 6 -52.12 -64.65 59.39
N SER H 7 -51.56 -65.85 59.20
CA SER H 7 -50.40 -66.28 59.97
C SER H 7 -49.14 -65.53 59.54
N ILE H 8 -49.17 -64.94 58.34
CA ILE H 8 -47.98 -64.30 57.76
C ILE H 8 -47.46 -63.10 58.54
N GLY H 9 -48.30 -62.09 58.72
CA GLY H 9 -47.89 -60.91 59.46
C GLY H 9 -48.67 -60.81 60.75
N ARG H 10 -48.77 -61.93 61.47
CA ARG H 10 -49.58 -62.00 62.69
C ARG H 10 -49.23 -60.94 63.74
N TYR H 11 -50.26 -60.39 64.36
CA TYR H 11 -50.08 -59.43 65.44
C TYR H 11 -49.75 -60.13 66.78
N THR H 12 -48.57 -59.85 67.33
CA THR H 12 -48.19 -60.32 68.65
C THR H 12 -48.92 -59.48 69.70
N GLY H 13 -49.98 -60.04 70.28
CA GLY H 13 -50.89 -59.30 71.14
C GLY H 13 -50.30 -58.56 72.34
N LYS H 14 -50.72 -58.96 73.54
CA LYS H 14 -50.21 -58.36 74.78
C LYS H 14 -50.72 -56.93 74.97
N PRO H 15 -51.84 -56.76 75.70
CA PRO H 15 -52.26 -55.42 76.14
C PRO H 15 -51.26 -54.89 77.17
N ASN H 16 -51.38 -53.62 77.56
CA ASN H 16 -50.54 -53.08 78.63
C ASN H 16 -50.81 -53.86 79.92
N PRO H 17 -49.73 -54.38 80.56
CA PRO H 17 -49.86 -55.17 81.79
C PRO H 17 -50.75 -54.47 82.83
N SER H 18 -50.62 -53.14 82.92
CA SER H 18 -51.36 -52.34 83.89
C SER H 18 -52.72 -51.85 83.40
N THR H 19 -52.73 -51.05 82.33
CA THR H 19 -53.95 -50.37 81.87
C THR H 19 -54.96 -51.32 81.20
N GLY H 20 -54.49 -52.48 80.75
CA GLY H 20 -55.32 -53.39 79.99
C GLY H 20 -55.62 -52.81 78.61
N LYS H 21 -54.74 -51.91 78.18
CA LYS H 21 -54.88 -51.22 76.90
C LYS H 21 -53.67 -51.48 76.00
N TYR H 22 -53.94 -51.83 74.75
CA TYR H 22 -52.91 -52.04 73.74
C TYR H 22 -52.21 -50.72 73.36
N THR H 23 -50.88 -50.78 73.27
CA THR H 23 -50.07 -49.63 72.82
C THR H 23 -49.99 -49.55 71.30
N VAL H 24 -50.27 -48.37 70.74
CA VAL H 24 -50.30 -48.16 69.30
C VAL H 24 -49.64 -46.84 68.88
N SER H 25 -48.49 -46.93 68.19
CA SER H 25 -47.79 -45.74 67.69
C SER H 25 -48.72 -44.93 66.80
N PHE H 26 -48.51 -43.61 66.72
CA PHE H 26 -49.39 -42.84 65.86
C PHE H 26 -48.71 -42.23 64.62
N ILE H 27 -47.99 -41.12 64.79
CA ILE H 27 -47.51 -40.35 63.63
C ILE H 27 -48.68 -39.62 63.00
N GLU H 28 -49.03 -38.46 63.56
CA GLU H 28 -50.20 -37.71 63.10
C GLU H 28 -49.96 -37.02 61.75
N GLY H 29 -48.69 -36.92 61.38
CA GLY H 29 -48.31 -36.29 60.13
C GLY H 29 -48.65 -34.83 60.14
N ASP H 30 -48.81 -34.25 58.95
CA ASP H 30 -49.04 -32.81 58.83
C ASP H 30 -50.14 -32.45 57.84
N GLY H 31 -50.24 -31.16 57.56
CA GLY H 31 -51.36 -30.66 56.77
C GLY H 31 -52.65 -30.93 57.51
N ILE H 32 -53.54 -31.69 56.90
CA ILE H 32 -54.79 -32.04 57.56
C ILE H 32 -54.56 -33.22 58.49
N GLY H 33 -53.29 -33.58 58.68
CA GLY H 33 -52.93 -34.68 59.55
C GLY H 33 -53.49 -34.56 60.96
N PRO H 34 -53.11 -33.48 61.67
CA PRO H 34 -53.56 -33.22 63.04
C PRO H 34 -55.07 -33.40 63.24
N GLU H 35 -55.89 -32.66 62.49
CA GLU H 35 -57.34 -32.67 62.71
C GLU H 35 -58.01 -34.00 62.37
N ILE H 36 -57.37 -34.77 61.52
CA ILE H 36 -57.89 -36.08 61.15
C ILE H 36 -57.52 -37.10 62.21
N SER H 37 -56.32 -36.96 62.79
CA SER H 37 -55.91 -37.81 63.91
C SER H 37 -56.79 -37.55 65.14
N LYS H 38 -57.13 -36.28 65.34
CA LYS H 38 -57.97 -35.88 66.46
C LYS H 38 -59.30 -36.60 66.37
N SER H 39 -59.89 -36.63 65.19
CA SER H 39 -61.16 -37.31 64.98
C SER H 39 -61.11 -38.82 65.23
N VAL H 40 -59.94 -39.42 65.03
CA VAL H 40 -59.79 -40.86 65.21
C VAL H 40 -59.75 -41.21 66.71
N LYS H 41 -59.11 -40.34 67.49
CA LYS H 41 -58.99 -40.54 68.92
C LYS H 41 -60.33 -40.34 69.63
N LYS H 42 -61.10 -39.36 69.18
CA LYS H 42 -62.44 -39.07 69.73
C LYS H 42 -63.46 -40.16 69.42
N ILE H 43 -63.19 -40.95 68.39
CA ILE H 43 -64.08 -42.03 68.01
C ILE H 43 -63.58 -43.34 68.61
N PHE H 44 -62.30 -43.37 68.97
CA PHE H 44 -61.71 -44.55 69.60
C PHE H 44 -61.95 -44.54 71.13
N SER H 45 -62.01 -43.34 71.69
CA SER H 45 -62.38 -43.15 73.09
C SER H 45 -63.89 -43.34 73.27
N ALA H 46 -64.67 -42.67 72.42
CA ALA H 46 -66.13 -42.72 72.48
C ALA H 46 -66.73 -44.12 72.25
N ALA H 47 -65.97 -45.02 71.64
CA ALA H 47 -66.43 -46.39 71.41
C ALA H 47 -65.76 -47.33 72.42
N ASN H 48 -64.97 -46.71 73.30
CA ASN H 48 -64.21 -47.42 74.34
C ASN H 48 -63.44 -48.60 73.79
N VAL H 49 -62.31 -48.30 73.16
CA VAL H 49 -61.46 -49.35 72.62
C VAL H 49 -60.15 -49.39 73.39
N PRO H 50 -59.64 -50.61 73.62
CA PRO H 50 -58.45 -50.95 74.41
C PRO H 50 -57.14 -50.41 73.83
N ILE H 51 -57.04 -49.10 73.61
CA ILE H 51 -55.87 -48.54 72.93
C ILE H 51 -55.42 -47.21 73.50
N GLU H 52 -54.12 -47.15 73.83
CA GLU H 52 -53.47 -45.92 74.23
C GLU H 52 -52.42 -45.53 73.17
N TRP H 53 -52.51 -44.29 72.70
CA TRP H 53 -51.65 -43.79 71.61
C TRP H 53 -50.21 -43.54 72.04
N GLU H 54 -49.42 -42.93 71.15
CA GLU H 54 -48.01 -42.68 71.44
C GLU H 54 -47.36 -41.92 70.29
N SER H 55 -47.95 -40.78 69.92
CA SER H 55 -47.56 -40.05 68.71
C SER H 55 -46.05 -40.03 68.43
N CYS H 56 -45.67 -40.51 67.24
CA CYS H 56 -44.26 -40.55 66.83
C CYS H 56 -43.94 -39.48 65.80
N ASP H 57 -42.66 -39.10 65.73
CA ASP H 57 -42.17 -38.23 64.68
C ASP H 57 -41.24 -39.04 63.80
N VAL H 58 -41.49 -38.95 62.49
CA VAL H 58 -40.72 -39.69 61.53
C VAL H 58 -39.99 -38.77 60.57
N SER H 59 -39.95 -37.47 60.88
CA SER H 59 -39.19 -36.51 60.08
C SER H 59 -37.83 -37.09 59.67
N PRO H 60 -37.56 -37.05 58.37
CA PRO H 60 -36.40 -37.73 57.75
C PRO H 60 -35.06 -37.21 58.28
N ILE H 61 -34.40 -37.98 59.13
CA ILE H 61 -33.03 -37.70 59.53
C ILE H 61 -32.10 -38.19 58.43
N PHE H 62 -30.95 -37.55 58.26
CA PHE H 62 -30.00 -37.97 57.24
C PHE H 62 -28.72 -38.54 57.87
N VAL H 63 -28.38 -39.76 57.50
CA VAL H 63 -27.17 -40.42 57.99
C VAL H 63 -26.37 -40.97 56.82
N ASN H 64 -25.26 -40.31 56.50
CA ASN H 64 -24.45 -40.62 55.31
C ASN H 64 -25.12 -40.21 53.99
N GLY H 65 -26.03 -39.22 54.07
CA GLY H 65 -26.78 -38.79 52.90
C GLY H 65 -27.94 -39.72 52.59
N LEU H 66 -27.83 -40.96 53.07
CA LEU H 66 -28.90 -41.96 53.02
C LEU H 66 -29.97 -41.61 54.05
N THR H 67 -31.19 -41.34 53.58
CA THR H 67 -32.30 -40.98 54.48
C THR H 67 -32.58 -42.09 55.50
N THR H 68 -32.54 -41.73 56.78
CA THR H 68 -32.80 -42.67 57.87
C THR H 68 -33.94 -42.19 58.74
N ILE H 69 -34.59 -43.14 59.39
CA ILE H 69 -35.75 -42.82 60.23
C ILE H 69 -35.28 -42.61 61.68
N PRO H 70 -35.75 -41.51 62.32
CA PRO H 70 -35.39 -41.15 63.71
C PRO H 70 -35.52 -42.34 64.66
N ASP H 71 -34.56 -42.47 65.58
CA ASP H 71 -34.56 -43.56 66.54
C ASP H 71 -35.73 -43.56 67.56
N PRO H 72 -36.20 -42.37 67.99
CA PRO H 72 -37.40 -42.27 68.83
C PRO H 72 -38.58 -43.07 68.26
N ALA H 73 -38.89 -42.82 66.99
CA ALA H 73 -39.97 -43.53 66.29
C ALA H 73 -39.65 -45.01 66.02
N VAL H 74 -38.41 -45.30 65.62
CA VAL H 74 -38.04 -46.69 65.35
C VAL H 74 -38.36 -47.56 66.56
N GLN H 75 -37.86 -47.15 67.72
CA GLN H 75 -38.00 -47.93 68.95
C GLN H 75 -39.47 -48.06 69.35
N SER H 76 -40.19 -46.96 69.24
CA SER H 76 -41.61 -46.93 69.54
C SER H 76 -42.38 -47.97 68.72
N ILE H 77 -42.15 -47.96 67.41
CA ILE H 77 -42.90 -48.80 66.49
C ILE H 77 -42.43 -50.25 66.48
N THR H 78 -41.13 -50.48 66.71
CA THR H 78 -40.61 -51.85 66.80
C THR H 78 -41.18 -52.55 68.02
N LYS H 79 -41.45 -51.75 69.06
CA LYS H 79 -42.01 -52.26 70.30
C LYS H 79 -43.52 -52.53 70.21
N ASN H 80 -44.27 -51.55 69.70
CA ASN H 80 -45.72 -51.66 69.65
C ASN H 80 -46.22 -52.62 68.58
N LEU H 81 -45.41 -52.83 67.55
CA LEU H 81 -45.73 -53.73 66.44
C LEU H 81 -46.84 -53.21 65.50
N VAL H 82 -47.45 -52.07 65.86
CA VAL H 82 -48.49 -51.47 65.04
C VAL H 82 -48.34 -49.95 65.04
N ALA H 83 -48.75 -49.31 63.94
CA ALA H 83 -48.72 -47.84 63.79
C ALA H 83 -49.87 -47.42 62.91
N LEU H 84 -50.30 -46.18 63.04
CA LEU H 84 -51.39 -45.67 62.24
C LEU H 84 -51.08 -44.25 61.81
N LYS H 85 -50.48 -44.07 60.63
CA LYS H 85 -50.00 -42.76 60.21
C LYS H 85 -50.95 -42.03 59.26
N GLY H 86 -50.97 -40.70 59.38
CA GLY H 86 -51.72 -39.87 58.46
C GLY H 86 -50.80 -39.38 57.36
N PRO H 87 -51.27 -38.42 56.58
CA PRO H 87 -50.52 -37.87 55.44
C PRO H 87 -49.25 -37.16 55.87
N LEU H 88 -48.32 -36.98 54.94
CA LEU H 88 -47.15 -36.14 55.17
C LEU H 88 -46.56 -35.60 53.84
N ALA H 89 -46.16 -34.34 53.84
CA ALA H 89 -45.71 -33.67 52.62
C ALA H 89 -44.37 -34.19 52.08
N THR H 90 -43.96 -33.66 50.94
CA THR H 90 -42.83 -34.18 50.17
C THR H 90 -41.53 -33.38 50.21
N PRO H 91 -40.47 -33.98 50.79
CA PRO H 91 -39.09 -33.63 50.43
C PRO H 91 -38.73 -34.51 49.23
N ARG H 97 -34.76 -39.11 50.25
CA ARG H 97 -34.74 -40.21 49.29
C ARG H 97 -36.22 -40.34 48.92
N SER H 98 -36.92 -41.32 49.51
CA SER H 98 -38.39 -41.25 49.58
C SER H 98 -38.79 -41.56 51.02
N LEU H 99 -39.68 -40.73 51.56
CA LEU H 99 -40.11 -40.88 52.94
C LEU H 99 -40.81 -42.23 53.13
N ASN H 100 -41.78 -42.50 52.27
CA ASN H 100 -42.50 -43.76 52.31
C ASN H 100 -41.63 -44.97 51.99
N LEU H 101 -40.61 -44.80 51.15
CA LEU H 101 -39.73 -45.90 50.76
C LEU H 101 -38.80 -46.38 51.89
N THR H 102 -38.26 -45.43 52.66
CA THR H 102 -37.42 -45.80 53.80
C THR H 102 -38.25 -46.40 54.92
N LEU H 103 -39.47 -45.88 55.09
CA LEU H 103 -40.41 -46.41 56.05
C LEU H 103 -40.59 -47.93 55.85
N ARG H 104 -40.77 -48.35 54.60
CA ARG H 104 -41.02 -49.77 54.27
C ARG H 104 -39.76 -50.60 54.40
N LYS H 105 -38.62 -49.99 54.10
CA LYS H 105 -37.35 -50.70 54.22
C LYS H 105 -36.93 -50.99 55.67
N THR H 106 -37.10 -50.01 56.57
CA THR H 106 -36.68 -50.20 57.97
C THR H 106 -37.56 -51.20 58.74
N PHE H 107 -38.86 -51.20 58.46
CA PHE H 107 -39.78 -52.07 59.21
C PHE H 107 -40.10 -53.39 58.52
N GLY H 108 -39.44 -53.67 57.41
CA GLY H 108 -39.62 -54.91 56.67
C GLY H 108 -41.03 -55.12 56.14
N LEU H 109 -41.65 -54.05 55.67
CA LEU H 109 -42.98 -54.09 55.07
C LEU H 109 -42.90 -54.60 53.64
N PHE H 110 -43.54 -55.73 53.36
CA PHE H 110 -43.38 -56.37 52.07
C PHE H 110 -44.66 -56.39 51.27
N ALA H 111 -45.80 -56.22 51.95
CA ALA H 111 -47.09 -56.25 51.28
C ALA H 111 -47.92 -55.01 51.52
N ASN H 112 -48.57 -54.53 50.46
CA ASN H 112 -49.45 -53.38 50.56
C ASN H 112 -50.84 -53.85 50.24
N VAL H 113 -51.77 -53.63 51.17
CA VAL H 113 -53.16 -54.06 50.98
C VAL H 113 -54.06 -52.88 50.63
N ARG H 114 -54.73 -52.95 49.47
CA ARG H 114 -55.53 -51.83 48.98
C ARG H 114 -56.97 -52.21 48.64
N PRO H 115 -57.88 -52.03 49.60
CA PRO H 115 -59.31 -52.24 49.37
C PRO H 115 -59.89 -51.08 48.60
N ALA H 116 -60.90 -51.35 47.79
CA ALA H 116 -61.66 -50.28 47.18
C ALA H 116 -63.14 -50.66 47.14
N LYS H 117 -63.89 -50.10 48.09
CA LYS H 117 -65.33 -50.40 48.16
C LYS H 117 -66.23 -49.18 47.97
N SER H 118 -67.33 -49.40 47.25
CA SER H 118 -68.38 -48.41 47.12
C SER H 118 -68.95 -48.12 48.51
N ILE H 119 -69.45 -46.89 48.70
CA ILE H 119 -70.14 -46.51 49.93
C ILE H 119 -71.64 -46.64 49.70
N GLU H 120 -72.30 -47.46 50.51
CA GLU H 120 -73.75 -47.64 50.42
C GLU H 120 -74.52 -46.35 50.69
N GLY H 121 -75.38 -45.96 49.75
CA GLY H 121 -76.16 -44.74 49.89
C GLY H 121 -75.52 -43.49 49.31
N PHE H 122 -74.25 -43.60 48.93
CA PHE H 122 -73.55 -42.50 48.25
C PHE H 122 -73.38 -42.78 46.75
N LYS H 123 -74.06 -41.96 45.94
CA LYS H 123 -74.08 -42.11 44.50
C LYS H 123 -72.74 -41.71 43.86
N THR H 124 -71.98 -42.70 43.43
CA THR H 124 -70.77 -42.47 42.61
C THR H 124 -71.01 -43.06 41.23
N THR H 125 -70.10 -42.84 40.31
CA THR H 125 -70.38 -43.20 38.93
C THR H 125 -70.36 -44.72 38.68
N TYR H 126 -69.53 -45.45 39.44
CA TYR H 126 -69.51 -46.92 39.38
C TYR H 126 -70.20 -47.48 40.61
N GLU H 127 -70.87 -48.62 40.45
CA GLU H 127 -71.63 -49.21 41.56
C GLU H 127 -71.27 -50.64 41.94
N ASN H 128 -71.41 -50.95 43.23
CA ASN H 128 -71.25 -52.31 43.73
C ASN H 128 -69.84 -52.81 43.58
N VAL H 129 -68.89 -51.91 43.76
CA VAL H 129 -67.50 -52.29 43.67
C VAL H 129 -66.97 -52.67 45.03
N ASP H 130 -66.33 -53.84 45.10
CA ASP H 130 -65.68 -54.26 46.32
C ASP H 130 -64.41 -55.03 45.96
N LEU H 131 -63.33 -54.28 45.78
CA LEU H 131 -62.11 -54.84 45.24
C LEU H 131 -61.02 -54.92 46.27
N VAL H 132 -60.21 -55.97 46.20
CA VAL H 132 -59.06 -56.08 47.08
C VAL H 132 -57.85 -56.40 46.23
N LEU H 133 -56.78 -55.63 46.42
CA LEU H 133 -55.54 -55.79 45.68
C LEU H 133 -54.34 -55.78 46.62
N ILE H 134 -53.53 -56.81 46.54
CA ILE H 134 -52.32 -56.89 47.34
C ILE H 134 -51.15 -56.75 46.40
N ARG H 135 -50.26 -55.80 46.66
CA ARG H 135 -49.09 -55.66 45.80
C ARG H 135 -47.80 -55.84 46.56
N GLU H 136 -46.78 -56.32 45.87
CA GLU H 136 -45.46 -56.47 46.47
C GLU H 136 -44.86 -55.06 46.65
N ASN H 137 -44.04 -54.83 47.68
CA ASN H 137 -43.49 -53.50 47.95
C ASN H 137 -41.97 -53.40 47.97
N THR H 138 -41.31 -54.54 48.16
CA THR H 138 -39.87 -54.64 48.28
C THR H 138 -39.14 -54.22 47.01
N GLU H 139 -39.19 -55.10 46.02
CA GLU H 139 -38.37 -54.96 44.82
C GLU H 139 -39.14 -54.27 43.70
N GLY H 140 -38.86 -54.67 42.46
CA GLY H 140 -39.43 -53.99 41.31
C GLY H 140 -38.81 -52.62 41.08
N GLU H 141 -39.63 -51.68 40.63
CA GLU H 141 -39.13 -50.34 40.36
C GLU H 141 -38.72 -49.54 41.60
N TYR H 142 -39.02 -50.08 42.78
CA TYR H 142 -38.64 -49.41 44.03
C TYR H 142 -37.15 -49.60 44.33
N SER H 143 -36.64 -50.79 44.07
CA SER H 143 -35.21 -51.07 44.20
C SER H 143 -34.50 -50.94 42.83
N GLY H 144 -35.13 -50.22 41.91
CA GLY H 144 -34.57 -50.06 40.57
C GLY H 144 -33.39 -49.10 40.42
N ILE H 145 -32.61 -49.34 39.39
CA ILE H 145 -31.45 -48.53 39.12
C ILE H 145 -31.56 -47.96 37.71
N GLU H 146 -31.29 -46.66 37.57
CA GLU H 146 -31.24 -46.04 36.24
C GLU H 146 -29.86 -45.51 35.95
N HIS H 147 -29.42 -45.63 34.70
CA HIS H 147 -28.18 -44.97 34.34
C HIS H 147 -28.10 -44.65 32.86
N ILE H 148 -27.23 -43.72 32.52
CA ILE H 148 -27.01 -43.38 31.13
C ILE H 148 -25.96 -44.29 30.48
N VAL H 149 -26.35 -45.05 29.45
CA VAL H 149 -25.41 -45.97 28.82
C VAL H 149 -24.59 -45.29 27.72
N CYS H 150 -25.23 -44.88 26.64
CA CYS H 150 -24.60 -43.97 25.70
C CYS H 150 -25.29 -42.62 25.82
N PRO H 151 -24.81 -41.61 25.09
CA PRO H 151 -25.19 -40.22 25.36
C PRO H 151 -26.70 -39.91 25.44
N GLY H 152 -27.56 -40.52 24.64
CA GLY H 152 -28.99 -40.20 24.81
C GLY H 152 -29.85 -41.36 25.26
N VAL H 153 -29.25 -42.24 26.06
CA VAL H 153 -29.87 -43.53 26.30
C VAL H 153 -29.90 -43.84 27.77
N VAL H 154 -31.09 -43.95 28.33
CA VAL H 154 -31.26 -44.39 29.71
C VAL H 154 -31.59 -45.86 29.80
N GLN H 155 -30.86 -46.58 30.60
CA GLN H 155 -31.17 -47.99 30.80
C GLN H 155 -31.75 -48.19 32.22
N SER H 156 -32.83 -48.95 32.33
CA SER H 156 -33.42 -49.24 33.65
C SER H 156 -33.07 -50.66 34.03
N ILE H 157 -32.81 -50.88 35.32
CA ILE H 157 -32.53 -52.21 35.81
C ILE H 157 -33.50 -52.49 36.95
N LYS H 158 -34.25 -53.58 36.83
CA LYS H 158 -35.29 -53.90 37.80
C LYS H 158 -35.16 -55.37 38.15
N LEU H 159 -35.46 -55.67 39.41
CA LEU H 159 -35.23 -56.99 39.94
C LEU H 159 -36.51 -57.61 40.47
N ILE H 160 -36.68 -58.92 40.26
CA ILE H 160 -37.74 -59.66 40.93
C ILE H 160 -37.15 -60.99 41.44
N THR H 161 -37.51 -61.38 42.66
CA THR H 161 -37.02 -62.63 43.25
C THR H 161 -38.11 -63.60 43.68
N ARG H 162 -37.81 -64.89 43.61
CA ARG H 162 -38.72 -65.91 44.12
C ARG H 162 -39.09 -65.66 45.59
N ASP H 163 -38.10 -65.39 46.42
CA ASP H 163 -38.35 -65.17 47.85
C ASP H 163 -39.43 -64.10 48.12
N ALA H 164 -39.22 -62.90 47.57
CA ALA H 164 -40.15 -61.79 47.80
C ALA H 164 -41.56 -62.10 47.22
N SER H 165 -41.57 -62.85 46.12
CA SER H 165 -42.82 -63.21 45.49
C SER H 165 -43.60 -64.24 46.31
N GLU H 166 -42.88 -65.24 46.82
CA GLU H 166 -43.45 -66.27 47.69
C GLU H 166 -43.58 -65.67 49.06
N ARG H 167 -44.55 -64.79 49.24
CA ARG H 167 -44.57 -64.00 50.46
C ARG H 167 -45.70 -63.01 50.37
N VAL H 168 -45.74 -62.24 49.29
CA VAL H 168 -46.97 -61.52 48.95
C VAL H 168 -47.97 -62.55 48.53
N ILE H 169 -47.50 -63.59 47.87
CA ILE H 169 -48.46 -64.55 47.35
C ILE H 169 -49.01 -65.39 48.51
N ARG H 170 -48.14 -65.85 49.40
CA ARG H 170 -48.62 -66.49 50.62
C ARG H 170 -49.63 -65.60 51.32
N TYR H 171 -49.28 -64.34 51.51
CA TYR H 171 -50.13 -63.42 52.25
C TYR H 171 -51.46 -63.25 51.55
N ALA H 172 -51.44 -63.25 50.22
CA ALA H 172 -52.65 -63.06 49.42
C ALA H 172 -53.62 -64.20 49.67
N PHE H 173 -53.06 -65.41 49.76
CA PHE H 173 -53.86 -66.60 50.04
C PHE H 173 -54.48 -66.55 51.44
N GLU H 174 -53.64 -66.34 52.45
CA GLU H 174 -54.09 -66.28 53.83
C GLU H 174 -55.03 -65.13 54.09
N TYR H 175 -54.99 -64.11 53.23
CA TYR H 175 -55.82 -62.94 53.42
C TYR H 175 -57.17 -63.22 52.77
N ALA H 176 -57.17 -64.08 51.76
CA ALA H 176 -58.41 -64.37 51.05
C ALA H 176 -59.22 -65.30 51.92
N ARG H 177 -58.54 -66.29 52.47
CA ARG H 177 -59.09 -67.16 53.48
C ARG H 177 -59.64 -66.33 54.65
N ALA H 178 -58.83 -65.42 55.19
CA ALA H 178 -59.22 -64.61 56.36
C ALA H 178 -60.36 -63.61 56.17
N ILE H 179 -60.77 -63.35 54.92
CA ILE H 179 -61.92 -62.48 54.67
C ILE H 179 -63.03 -63.23 53.92
N GLY H 180 -62.83 -64.53 53.76
CA GLY H 180 -63.81 -65.39 53.14
C GLY H 180 -64.01 -65.14 51.67
N ARG H 181 -62.94 -65.22 50.89
CA ARG H 181 -63.06 -65.13 49.45
C ARG H 181 -62.48 -66.39 48.83
N PRO H 182 -63.21 -66.96 47.85
CA PRO H 182 -62.86 -68.19 47.12
C PRO H 182 -61.58 -68.08 46.24
N ARG H 183 -61.49 -67.05 45.39
CA ARG H 183 -60.43 -66.95 44.37
C ARG H 183 -59.30 -65.99 44.72
N VAL H 184 -58.07 -66.37 44.40
CA VAL H 184 -57.01 -65.37 44.31
C VAL H 184 -56.54 -65.28 42.86
N ILE H 185 -56.58 -64.07 42.33
CA ILE H 185 -56.18 -63.84 40.95
C ILE H 185 -54.79 -63.23 40.85
N VAL H 186 -53.87 -63.93 40.20
CA VAL H 186 -52.55 -63.38 39.95
C VAL H 186 -52.58 -62.64 38.63
N VAL H 187 -52.30 -61.35 38.69
CA VAL H 187 -52.30 -60.49 37.51
C VAL H 187 -50.87 -60.31 37.05
N HIS H 188 -50.64 -60.46 35.75
CA HIS H 188 -49.29 -60.43 35.22
C HIS H 188 -49.37 -60.00 33.76
N LYS H 189 -48.21 -59.76 33.15
CA LYS H 189 -48.13 -59.41 31.73
C LYS H 189 -47.62 -60.62 30.92
N SER H 190 -47.82 -60.61 29.60
CA SER H 190 -47.56 -61.79 28.74
C SER H 190 -46.51 -62.73 29.29
N THR H 191 -46.94 -63.84 29.86
CA THR H 191 -46.10 -64.83 30.55
C THR H 191 -44.92 -65.42 29.74
N ILE H 192 -45.07 -65.54 28.43
CA ILE H 192 -44.02 -66.17 27.60
C ILE H 192 -42.96 -65.21 27.06
N GLN H 193 -43.31 -63.91 26.98
CA GLN H 193 -42.40 -62.89 26.48
C GLN H 193 -41.69 -62.11 27.62
N ARG H 194 -42.08 -62.41 28.85
CA ARG H 194 -41.37 -61.95 30.04
C ARG H 194 -41.29 -63.07 31.10
N LEU H 195 -40.13 -63.68 31.21
CA LEU H 195 -39.92 -64.71 32.20
C LEU H 195 -39.88 -64.18 33.64
N ALA H 196 -40.06 -62.86 33.81
CA ALA H 196 -40.17 -62.29 35.15
C ALA H 196 -41.57 -62.52 35.70
N ASP H 197 -42.55 -62.47 34.81
CA ASP H 197 -43.93 -62.78 35.18
C ASP H 197 -44.11 -64.30 35.23
N GLY H 198 -43.32 -65.03 34.44
CA GLY H 198 -43.28 -66.46 34.52
C GLY H 198 -42.86 -66.94 35.89
N LEU H 199 -41.93 -66.24 36.51
CA LEU H 199 -41.46 -66.64 37.84
C LEU H 199 -42.52 -66.36 38.89
N PHE H 200 -43.19 -65.23 38.76
CA PHE H 200 -44.24 -64.88 39.69
C PHE H 200 -45.40 -65.86 39.59
N VAL H 201 -45.77 -66.23 38.36
CA VAL H 201 -46.88 -67.15 38.16
C VAL H 201 -46.52 -68.54 38.68
N ASN H 202 -45.31 -69.00 38.41
CA ASN H 202 -44.88 -70.31 38.89
C ASN H 202 -44.90 -70.44 40.40
N VAL H 203 -44.47 -69.37 41.06
CA VAL H 203 -44.43 -69.35 42.52
C VAL H 203 -45.85 -69.47 43.06
N ALA H 204 -46.79 -68.91 42.32
CA ALA H 204 -48.19 -68.87 42.75
C ALA H 204 -48.82 -70.24 42.60
N LYS H 205 -48.38 -70.98 41.59
CA LYS H 205 -48.88 -72.31 41.33
C LYS H 205 -48.32 -73.30 42.34
N GLU H 206 -47.12 -73.03 42.82
CA GLU H 206 -46.47 -73.86 43.81
C GLU H 206 -47.21 -73.79 45.14
N LEU H 207 -47.74 -72.61 45.46
CA LEU H 207 -48.38 -72.37 46.74
C LEU H 207 -49.83 -72.78 46.64
N SER H 208 -50.28 -73.01 45.41
CA SER H 208 -51.69 -73.29 45.16
C SER H 208 -52.11 -74.52 45.93
N LYS H 209 -51.18 -75.46 46.03
CA LYS H 209 -51.47 -76.76 46.63
C LYS H 209 -51.52 -76.71 48.16
N GLU H 210 -50.85 -75.76 48.76
CA GLU H 210 -50.92 -75.62 50.22
C GLU H 210 -52.20 -74.92 50.65
N TYR H 211 -53.03 -74.54 49.69
CA TYR H 211 -54.27 -73.81 49.98
C TYR H 211 -55.36 -74.35 49.09
N PRO H 212 -55.90 -75.54 49.45
CA PRO H 212 -56.88 -76.30 48.67
C PRO H 212 -58.27 -75.69 48.74
N ASP H 213 -58.56 -74.98 49.83
CA ASP H 213 -59.82 -74.24 49.98
C ASP H 213 -59.93 -73.03 49.06
N LEU H 214 -58.81 -72.66 48.42
CA LEU H 214 -58.77 -71.48 47.56
C LEU H 214 -58.53 -71.84 46.10
N THR H 215 -59.24 -71.18 45.21
CA THR H 215 -59.06 -71.30 43.77
C THR H 215 -58.09 -70.27 43.19
N LEU H 216 -57.01 -70.72 42.57
CA LEU H 216 -56.04 -69.86 41.91
C LEU H 216 -56.34 -69.65 40.44
N GLU H 217 -56.60 -68.40 40.06
CA GLU H 217 -56.75 -68.02 38.65
C GLU H 217 -55.59 -67.11 38.27
N THR H 218 -55.19 -67.11 37.01
CA THR H 218 -54.22 -66.15 36.53
C THR H 218 -54.85 -65.34 35.42
N GLU H 219 -54.51 -64.05 35.36
CA GLU H 219 -55.08 -63.19 34.34
C GLU H 219 -54.07 -62.18 33.77
N LEU H 220 -54.10 -62.00 32.46
CA LEU H 220 -53.35 -60.91 31.81
C LEU H 220 -53.85 -59.54 32.28
N ILE H 221 -52.92 -58.69 32.67
CA ILE H 221 -53.29 -57.39 33.19
C ILE H 221 -54.18 -56.65 32.19
N ASP H 222 -53.94 -56.83 30.90
CA ASP H 222 -54.83 -56.29 29.85
C ASP H 222 -56.29 -56.68 30.11
N ASN H 223 -56.55 -57.97 30.26
CA ASN H 223 -57.90 -58.48 30.43
C ASN H 223 -58.48 -58.03 31.75
N SER H 224 -57.67 -58.03 32.78
CA SER H 224 -58.14 -57.59 34.09
C SER H 224 -58.72 -56.20 34.01
N VAL H 225 -58.03 -55.27 33.36
CA VAL H 225 -58.53 -53.91 33.37
C VAL H 225 -59.75 -53.80 32.48
N LEU H 226 -59.81 -54.60 31.42
CA LEU H 226 -60.98 -54.57 30.55
C LEU H 226 -62.21 -55.03 31.35
N LYS H 227 -62.05 -56.12 32.10
CA LYS H 227 -63.16 -56.70 32.84
C LYS H 227 -63.56 -55.79 33.98
N VAL H 228 -62.63 -55.45 34.86
CA VAL H 228 -62.92 -54.69 36.06
C VAL H 228 -63.64 -53.38 35.73
N VAL H 229 -63.26 -52.72 34.64
CA VAL H 229 -63.89 -51.46 34.33
C VAL H 229 -65.29 -51.63 33.71
N THR H 230 -65.48 -52.66 32.90
CA THR H 230 -66.81 -52.89 32.37
C THR H 230 -67.76 -53.40 33.48
N ASN H 231 -67.24 -54.09 34.49
CA ASN H 231 -68.08 -54.66 35.54
C ASN H 231 -67.33 -55.01 36.81
N PRO H 232 -67.15 -54.03 37.70
CA PRO H 232 -66.33 -54.19 38.91
C PRO H 232 -66.79 -55.30 39.85
N SER H 233 -68.08 -55.62 39.83
CA SER H 233 -68.65 -56.56 40.79
C SER H 233 -68.11 -57.97 40.58
N ALA H 234 -67.76 -58.27 39.33
CA ALA H 234 -67.24 -59.57 38.95
C ALA H 234 -65.96 -59.95 39.71
N TYR H 235 -65.44 -59.05 40.55
CA TYR H 235 -64.19 -59.31 41.28
C TYR H 235 -64.34 -59.16 42.79
N THR H 236 -65.58 -59.04 43.25
CA THR H 236 -65.80 -58.88 44.69
C THR H 236 -65.72 -60.22 45.44
N ASP H 237 -65.53 -61.30 44.69
CA ASP H 237 -65.32 -62.61 45.31
C ASP H 237 -63.86 -63.04 45.18
N ALA H 238 -63.00 -62.07 44.90
CA ALA H 238 -61.61 -62.40 44.62
C ALA H 238 -60.66 -61.44 45.29
N VAL H 239 -59.45 -61.94 45.49
CA VAL H 239 -58.33 -61.15 45.95
C VAL H 239 -57.24 -61.18 44.87
N SER H 240 -56.87 -60.02 44.33
CA SER H 240 -55.81 -59.97 43.31
C SER H 240 -54.44 -59.75 43.96
N VAL H 241 -53.42 -60.43 43.45
CA VAL H 241 -52.04 -60.04 43.73
C VAL H 241 -51.33 -59.67 42.42
N CYS H 242 -50.34 -58.79 42.52
CA CYS H 242 -49.49 -58.53 41.37
C CYS H 242 -48.07 -58.18 41.79
N PRO H 243 -47.14 -58.24 40.84
CA PRO H 243 -45.76 -57.83 41.14
C PRO H 243 -45.73 -56.31 41.35
N ASN H 244 -44.63 -55.81 41.90
CA ASN H 244 -44.54 -54.41 42.25
C ASN H 244 -44.83 -53.45 41.08
N LEU H 245 -44.47 -53.88 39.87
CA LEU H 245 -44.53 -53.08 38.64
C LEU H 245 -45.90 -52.44 38.33
N TYR H 246 -46.96 -53.24 38.39
CA TYR H 246 -48.30 -52.76 38.04
C TYR H 246 -49.11 -52.36 39.28
N GLY H 247 -48.53 -52.52 40.46
CA GLY H 247 -49.25 -52.28 41.69
C GLY H 247 -49.78 -50.86 41.83
N ASP H 248 -48.90 -49.87 41.65
CA ASP H 248 -49.29 -48.47 41.71
C ASP H 248 -50.51 -48.22 40.82
N ILE H 249 -50.39 -48.57 39.54
CA ILE H 249 -51.41 -48.32 38.53
C ILE H 249 -52.77 -48.98 38.82
N LEU H 250 -52.74 -50.28 39.10
CA LEU H 250 -53.96 -51.02 39.38
C LEU H 250 -54.69 -50.52 40.63
N SER H 251 -53.99 -50.37 41.76
CA SER H 251 -54.65 -49.85 42.97
C SER H 251 -55.33 -48.46 42.81
N ASP H 252 -54.68 -47.55 42.07
CA ASP H 252 -55.24 -46.22 41.77
C ASP H 252 -56.42 -46.31 40.80
N LEU H 253 -56.39 -47.29 39.91
CA LEU H 253 -57.52 -47.57 39.01
C LEU H 253 -58.73 -48.08 39.78
N ASN H 254 -58.47 -48.88 40.80
CA ASN H 254 -59.51 -49.44 41.65
C ASN H 254 -60.21 -48.35 42.45
N SER H 255 -59.41 -47.50 43.10
CA SER H 255 -59.94 -46.33 43.80
C SER H 255 -60.70 -45.37 42.88
N GLY H 256 -60.39 -45.38 41.60
CA GLY H 256 -61.10 -44.55 40.63
C GLY H 256 -62.46 -45.15 40.31
N LEU H 257 -62.55 -46.47 40.45
CA LEU H 257 -63.80 -47.17 40.25
C LEU H 257 -64.74 -46.98 41.45
N SER H 258 -64.18 -47.12 42.66
CA SER H 258 -64.98 -47.02 43.88
C SER H 258 -65.43 -45.61 44.25
N ALA H 259 -64.56 -44.60 44.04
CA ALA H 259 -64.80 -43.24 44.54
C ALA H 259 -64.54 -42.12 43.51
N GLY H 260 -63.62 -42.34 42.59
CA GLY H 260 -63.20 -41.30 41.66
C GLY H 260 -62.04 -40.49 42.20
N SER H 261 -61.40 -40.99 43.26
CA SER H 261 -60.22 -40.35 43.84
C SER H 261 -59.66 -41.16 45.02
N LEU H 262 -58.52 -40.73 45.56
CA LEU H 262 -57.88 -41.46 46.65
C LEU H 262 -58.48 -41.06 48.00
N GLY H 263 -59.53 -40.24 47.93
CA GLY H 263 -60.10 -39.60 49.10
C GLY H 263 -60.60 -40.50 50.20
N LEU H 264 -61.21 -41.63 49.81
CA LEU H 264 -61.89 -42.50 50.76
C LEU H 264 -61.15 -43.82 50.88
N THR H 265 -59.86 -43.81 50.57
CA THR H 265 -59.11 -45.07 50.43
C THR H 265 -58.14 -45.37 51.56
N PRO H 266 -58.35 -46.51 52.24
CA PRO H 266 -57.49 -47.07 53.29
C PRO H 266 -56.42 -47.94 52.65
N SER H 267 -55.30 -48.10 53.34
CA SER H 267 -54.24 -48.97 52.88
C SER H 267 -53.49 -49.56 54.07
N ALA H 268 -52.94 -50.75 53.89
CA ALA H 268 -52.22 -51.42 54.95
C ALA H 268 -50.87 -51.85 54.42
N ASN H 269 -49.84 -51.64 55.23
CA ASN H 269 -48.52 -52.05 54.86
C ASN H 269 -48.04 -53.11 55.82
N ILE H 270 -48.10 -54.37 55.40
CA ILE H 270 -47.83 -55.50 56.29
C ILE H 270 -46.39 -55.97 56.24
N GLY H 271 -45.77 -56.08 57.41
CA GLY H 271 -44.42 -56.62 57.55
C GLY H 271 -44.41 -57.88 58.41
N HIS H 272 -43.26 -58.54 58.53
CA HIS H 272 -43.22 -59.83 59.22
C HIS H 272 -43.74 -59.73 60.66
N LYS H 273 -43.47 -58.59 61.29
CA LYS H 273 -43.95 -58.31 62.65
C LYS H 273 -44.67 -56.97 62.74
N ILE H 274 -44.05 -55.92 62.19
CA ILE H 274 -44.68 -54.58 62.21
C ILE H 274 -45.70 -54.42 61.09
N SER H 275 -46.68 -53.54 61.30
CA SER H 275 -47.67 -53.24 60.26
C SER H 275 -48.21 -51.82 60.41
N ILE H 276 -48.10 -51.04 59.34
CA ILE H 276 -48.48 -49.63 59.37
C ILE H 276 -49.71 -49.39 58.54
N PHE H 277 -50.65 -48.61 59.07
CA PHE H 277 -51.94 -48.39 58.42
C PHE H 277 -52.16 -46.90 58.14
N GLU H 278 -52.54 -46.56 56.93
CA GLU H 278 -52.54 -45.17 56.49
C GLU H 278 -53.53 -44.92 55.40
N ALA H 279 -54.00 -43.69 55.32
CA ALA H 279 -54.79 -43.26 54.19
C ALA H 279 -53.77 -42.92 53.09
N VAL H 280 -54.21 -42.87 51.84
CA VAL H 280 -53.27 -42.67 50.75
C VAL H 280 -53.41 -41.30 50.10
N HIS H 281 -54.36 -40.50 50.57
CA HIS H 281 -54.49 -39.13 50.07
C HIS H 281 -53.34 -38.25 50.61
N GLY H 282 -53.24 -37.02 50.10
CA GLY H 282 -52.14 -36.14 50.45
C GLY H 282 -52.33 -35.29 51.70
N SER H 283 -51.35 -34.43 51.97
CA SER H 283 -51.40 -33.53 53.13
C SER H 283 -52.49 -32.48 52.94
N ALA H 284 -52.66 -32.03 51.70
CA ALA H 284 -53.63 -30.99 51.32
C ALA H 284 -53.55 -29.76 52.22
N PRO H 285 -52.42 -29.04 52.20
CA PRO H 285 -52.12 -27.99 53.19
C PRO H 285 -53.07 -26.78 53.07
N ASP H 286 -53.51 -26.54 51.85
CA ASP H 286 -54.37 -25.40 51.55
C ASP H 286 -55.81 -25.57 52.07
N ILE H 287 -56.06 -26.69 52.74
CA ILE H 287 -57.33 -26.89 53.42
C ILE H 287 -57.12 -27.22 54.90
N ALA H 288 -55.89 -27.04 55.38
CA ALA H 288 -55.55 -27.31 56.77
C ALA H 288 -56.04 -26.19 57.68
N GLY H 289 -56.40 -26.56 58.92
CA GLY H 289 -56.92 -25.63 59.89
C GLY H 289 -58.38 -25.28 59.69
N GLN H 290 -58.78 -25.15 58.42
CA GLN H 290 -60.14 -24.72 58.07
C GLN H 290 -61.25 -25.72 58.44
N ASP H 291 -60.85 -26.85 59.04
CA ASP H 291 -61.80 -27.87 59.50
C ASP H 291 -62.64 -28.49 58.37
N LYS H 292 -62.06 -28.60 57.19
CA LYS H 292 -62.79 -29.18 56.05
C LYS H 292 -62.32 -30.60 55.71
N ALA H 293 -61.31 -31.09 56.42
CA ALA H 293 -60.73 -32.41 56.14
C ALA H 293 -61.76 -33.55 56.20
N ASN H 294 -61.45 -34.67 55.53
CA ASN H 294 -62.31 -35.85 55.59
C ASN H 294 -61.56 -37.06 56.18
N PRO H 295 -61.91 -37.43 57.42
CA PRO H 295 -61.19 -38.45 58.18
C PRO H 295 -61.60 -39.88 57.80
N THR H 296 -62.52 -40.02 56.84
CA THR H 296 -63.05 -41.34 56.47
C THR H 296 -61.95 -42.31 56.10
N ALA H 297 -60.99 -41.82 55.31
CA ALA H 297 -59.88 -42.62 54.86
C ALA H 297 -59.08 -43.11 56.07
N LEU H 298 -58.68 -42.20 56.93
CA LEU H 298 -57.87 -42.59 58.07
C LEU H 298 -58.69 -43.47 58.99
N LEU H 299 -60.00 -43.21 59.05
CA LEU H 299 -60.90 -44.01 59.88
C LEU H 299 -60.94 -45.48 59.45
N LEU H 300 -61.08 -45.69 58.15
CA LEU H 300 -61.19 -47.04 57.60
C LEU H 300 -59.87 -47.81 57.74
N SER H 301 -58.75 -47.08 57.80
CA SER H 301 -57.45 -47.72 58.05
C SER H 301 -57.38 -48.13 59.50
N SER H 302 -58.16 -47.45 60.34
CA SER H 302 -58.29 -47.82 61.75
C SER H 302 -58.96 -49.19 61.85
N VAL H 303 -60.07 -49.33 61.14
CA VAL H 303 -60.78 -50.60 61.03
C VAL H 303 -59.86 -51.74 60.63
N MET H 304 -59.09 -51.54 59.56
CA MET H 304 -58.12 -52.55 59.11
C MET H 304 -57.10 -52.85 60.21
N MET H 305 -56.71 -51.81 60.95
CA MET H 305 -55.75 -51.95 62.04
C MET H 305 -56.36 -52.79 63.15
N LEU H 306 -57.56 -52.40 63.58
CA LEU H 306 -58.33 -53.16 64.57
C LEU H 306 -58.38 -54.64 64.17
N ASN H 307 -58.97 -54.91 63.01
CA ASN H 307 -59.06 -56.26 62.49
C ASN H 307 -57.72 -56.99 62.47
N HIS H 308 -56.62 -56.26 62.39
CA HIS H 308 -55.30 -56.91 62.34
C HIS H 308 -54.86 -57.24 63.75
N MET H 309 -55.45 -56.55 64.72
CA MET H 309 -55.12 -56.75 66.12
C MET H 309 -56.03 -57.79 66.80
N GLY H 310 -57.19 -58.04 66.22
CA GLY H 310 -58.12 -59.02 66.76
C GLY H 310 -59.40 -58.41 67.34
N LEU H 311 -59.41 -57.09 67.52
CA LEU H 311 -60.55 -56.38 68.09
C LEU H 311 -61.70 -56.29 67.11
N THR H 312 -62.12 -57.44 66.57
CA THR H 312 -63.15 -57.52 65.55
C THR H 312 -64.43 -56.79 65.93
N ASN H 313 -64.82 -56.91 67.20
CA ASN H 313 -66.06 -56.31 67.69
C ASN H 313 -66.05 -54.80 67.55
N HIS H 314 -64.94 -54.20 67.96
CA HIS H 314 -64.74 -52.77 67.85
C HIS H 314 -64.58 -52.35 66.39
N ALA H 315 -63.93 -53.21 65.61
CA ALA H 315 -63.74 -52.95 64.19
C ALA H 315 -65.10 -52.73 63.50
N ASP H 316 -65.99 -53.72 63.62
CA ASP H 316 -67.31 -53.65 63.02
C ASP H 316 -68.13 -52.52 63.63
N GLN H 317 -68.03 -52.34 64.94
CA GLN H 317 -68.70 -51.24 65.61
C GLN H 317 -68.35 -49.93 64.90
N ILE H 318 -67.05 -49.62 64.83
CA ILE H 318 -66.58 -48.34 64.30
C ILE H 318 -66.63 -48.24 62.77
N GLN H 319 -67.01 -49.32 62.10
CA GLN H 319 -67.08 -49.33 60.65
C GLN H 319 -68.51 -49.54 60.17
N ASN H 320 -69.12 -50.62 60.68
CA ASN H 320 -70.44 -51.12 60.27
C ASN H 320 -71.50 -50.03 60.33
N ALA H 321 -71.79 -49.56 61.54
CA ALA H 321 -72.65 -48.42 61.68
C ALA H 321 -71.81 -47.22 61.25
N VAL H 322 -71.56 -46.31 62.18
CA VAL H 322 -70.58 -45.24 62.03
C VAL H 322 -70.52 -44.57 60.65
N LEU H 323 -69.32 -44.12 60.32
CA LEU H 323 -69.01 -43.38 59.10
C LEU H 323 -69.62 -43.98 57.83
N SER H 324 -69.66 -45.31 57.73
CA SER H 324 -70.27 -45.97 56.57
C SER H 324 -71.72 -45.51 56.42
N THR H 325 -72.49 -45.62 57.49
CA THR H 325 -73.89 -45.20 57.49
C THR H 325 -74.11 -43.68 57.62
N ILE H 326 -73.22 -42.98 58.34
CA ILE H 326 -73.31 -41.52 58.42
C ILE H 326 -72.97 -40.81 57.10
N ALA H 327 -72.25 -41.49 56.20
CA ALA H 327 -71.98 -40.93 54.88
C ALA H 327 -73.27 -40.98 54.04
N SER H 328 -74.37 -41.36 54.69
CA SER H 328 -75.73 -41.23 54.12
C SER H 328 -76.53 -40.04 54.73
N GLY H 329 -76.88 -39.09 53.85
CA GLY H 329 -77.50 -37.83 54.24
C GLY H 329 -76.53 -36.66 54.00
N PRO H 330 -76.78 -35.84 52.95
CA PRO H 330 -75.92 -34.75 52.42
C PRO H 330 -75.47 -33.66 53.40
N GLU H 331 -76.22 -33.44 54.49
CA GLU H 331 -75.83 -32.49 55.54
C GLU H 331 -74.62 -33.00 56.35
N ASN H 332 -74.28 -34.26 56.12
CA ASN H 332 -73.01 -34.81 56.59
C ASN H 332 -72.00 -34.79 55.44
N ARG H 333 -71.32 -35.90 55.18
CA ARG H 333 -70.30 -35.91 54.13
C ARG H 333 -69.23 -34.84 54.44
N THR H 334 -68.68 -34.24 53.40
CA THR H 334 -67.72 -33.13 53.54
C THR H 334 -67.62 -32.46 52.18
N GLY H 335 -66.84 -31.39 52.09
CA GLY H 335 -66.76 -30.59 50.87
C GLY H 335 -66.38 -31.38 49.64
N ASP H 336 -65.55 -32.41 49.84
CA ASP H 336 -65.10 -33.31 48.78
C ASP H 336 -66.22 -34.16 48.17
N LEU H 337 -67.11 -34.67 49.02
CA LEU H 337 -68.22 -35.52 48.56
C LEU H 337 -69.50 -34.72 48.32
N ALA H 338 -69.36 -33.48 47.84
CA ALA H 338 -70.48 -32.55 47.68
C ALA H 338 -71.39 -32.55 48.91
N GLY H 339 -70.77 -32.42 50.08
CA GLY H 339 -71.47 -32.39 51.35
C GLY H 339 -71.36 -31.02 51.98
N THR H 340 -71.85 -30.89 53.20
CA THR H 340 -71.90 -29.59 53.87
C THR H 340 -71.27 -29.63 55.25
N ALA H 341 -71.09 -30.84 55.79
CA ALA H 341 -70.56 -31.00 57.14
C ALA H 341 -69.13 -30.52 57.31
N THR H 342 -68.69 -30.48 58.56
CA THR H 342 -67.34 -30.07 58.90
C THR H 342 -66.67 -31.27 59.55
N THR H 343 -65.34 -31.26 59.64
CA THR H 343 -64.63 -32.41 60.22
C THR H 343 -65.04 -32.66 61.68
N SER H 344 -65.39 -31.59 62.38
CA SER H 344 -65.91 -31.72 63.73
C SER H 344 -67.34 -32.30 63.73
N SER H 345 -68.22 -31.70 62.94
CA SER H 345 -69.63 -32.11 62.90
C SER H 345 -69.76 -33.56 62.43
N PHE H 346 -68.81 -33.97 61.59
CA PHE H 346 -68.73 -35.33 61.09
C PHE H 346 -68.36 -36.32 62.22
N THR H 347 -67.31 -35.99 62.98
CA THR H 347 -66.80 -36.93 63.98
C THR H 347 -67.88 -37.39 64.97
N GLU H 348 -68.69 -36.44 65.45
CA GLU H 348 -69.75 -36.75 66.43
C GLU H 348 -71.03 -37.25 65.77
N ALA H 349 -71.26 -36.85 64.51
CA ALA H 349 -72.36 -37.43 63.72
C ALA H 349 -72.13 -38.94 63.61
N VAL H 350 -70.85 -39.33 63.65
CA VAL H 350 -70.43 -40.72 63.65
C VAL H 350 -70.59 -41.32 65.05
N ILE H 351 -70.12 -40.59 66.06
CA ILE H 351 -70.28 -41.04 67.45
C ILE H 351 -71.76 -41.24 67.79
N LYS H 352 -72.64 -40.49 67.11
CA LYS H 352 -74.09 -40.66 67.23
C LYS H 352 -74.53 -42.11 67.02
N ARG H 353 -74.31 -42.62 65.80
CA ARG H 353 -74.69 -44.01 65.47
C ARG H 353 -73.58 -45.03 65.78
N LEU H 354 -72.60 -44.60 66.57
CA LEU H 354 -71.48 -45.44 67.01
C LEU H 354 -71.94 -46.69 67.78
N ARG I 17 41.35 15.73 -63.60
CA ARG I 17 42.36 14.68 -63.32
C ARG I 17 42.54 14.26 -61.83
N PHE I 18 41.50 13.69 -61.21
CA PHE I 18 41.56 13.23 -59.82
C PHE I 18 42.52 12.08 -59.59
N THR I 19 43.32 12.16 -58.54
CA THR I 19 44.06 10.98 -58.13
C THR I 19 43.25 10.31 -57.01
N VAL I 20 42.81 9.07 -57.20
CA VAL I 20 42.17 8.34 -56.11
C VAL I 20 42.87 7.05 -55.68
N THR I 21 42.96 6.84 -54.38
CA THR I 21 43.61 5.68 -53.81
C THR I 21 42.84 4.42 -54.18
N LEU I 22 43.57 3.38 -54.60
CA LEU I 22 42.95 2.11 -54.97
C LEU I 22 43.61 1.01 -54.19
N ILE I 23 42.84 0.35 -53.35
CA ILE I 23 43.34 -0.75 -52.53
C ILE I 23 42.60 -2.00 -52.93
N PRO I 24 43.20 -2.81 -53.81
CA PRO I 24 42.48 -3.89 -54.47
C PRO I 24 42.15 -5.05 -53.53
N GLY I 25 43.03 -5.37 -52.60
CA GLY I 25 42.76 -6.47 -51.69
C GLY I 25 43.36 -7.81 -52.14
N ASP I 26 42.64 -8.90 -51.85
CA ASP I 26 43.16 -10.22 -52.19
C ASP I 26 42.89 -10.54 -53.65
N GLY I 27 42.89 -11.82 -53.99
CA GLY I 27 42.70 -12.25 -55.36
C GLY I 27 41.36 -11.91 -55.98
N VAL I 28 40.27 -12.22 -55.28
CA VAL I 28 38.94 -11.83 -55.73
C VAL I 28 38.76 -10.31 -55.72
N GLY I 29 39.33 -9.65 -54.72
CA GLY I 29 39.29 -8.20 -54.70
C GLY I 29 39.97 -7.61 -55.92
N LYS I 30 41.07 -8.22 -56.32
CA LYS I 30 41.75 -7.75 -57.51
C LYS I 30 40.93 -8.02 -58.78
N GLU I 31 40.23 -9.15 -58.84
CA GLU I 31 39.37 -9.43 -60.00
C GLU I 31 38.28 -8.35 -60.14
N ILE I 32 37.51 -8.10 -59.07
CA ILE I 32 36.45 -7.10 -59.14
C ILE I 32 36.97 -5.65 -59.27
N THR I 33 38.11 -5.38 -58.66
CA THR I 33 38.75 -4.08 -58.82
C THR I 33 39.12 -3.86 -60.27
N ASP I 34 39.62 -4.91 -60.91
CA ASP I 34 40.06 -4.77 -62.30
C ASP I 34 38.88 -4.52 -63.23
N SER I 35 37.73 -5.09 -62.89
CA SER I 35 36.52 -4.82 -63.62
C SER I 35 36.23 -3.31 -63.65
N VAL I 36 36.37 -2.66 -62.50
CA VAL I 36 36.15 -1.23 -62.43
C VAL I 36 37.23 -0.47 -63.22
N ARG I 37 38.50 -0.79 -63.00
CA ARG I 37 39.58 -0.19 -63.77
C ARG I 37 39.29 -0.26 -65.28
N THR I 38 38.86 -1.43 -65.74
CA THR I 38 38.53 -1.68 -67.15
C THR I 38 37.35 -0.81 -67.66
N ILE I 39 36.21 -0.87 -66.98
CA ILE I 39 35.11 0.02 -67.31
C ILE I 39 35.48 1.51 -67.28
N PHE I 40 36.38 1.90 -66.38
CA PHE I 40 36.75 3.30 -66.27
C PHE I 40 37.63 3.74 -67.41
N GLU I 41 38.61 2.94 -67.82
CA GLU I 41 39.45 3.32 -68.96
C GLU I 41 38.64 3.36 -70.24
N ALA I 42 37.65 2.48 -70.32
CA ALA I 42 36.79 2.36 -71.50
C ALA I 42 35.93 3.59 -71.65
N GLU I 43 35.57 4.17 -70.51
CA GLU I 43 34.67 5.32 -70.51
C GLU I 43 35.52 6.59 -70.54
N ASN I 44 36.83 6.38 -70.48
CA ASN I 44 37.82 7.45 -70.46
C ASN I 44 37.56 8.52 -69.38
N ILE I 45 37.48 8.07 -68.13
CA ILE I 45 37.18 8.93 -66.98
C ILE I 45 38.47 9.52 -66.46
N PRO I 46 38.42 10.81 -66.07
CA PRO I 46 39.61 11.58 -65.65
C PRO I 46 40.07 11.17 -64.26
N ILE I 47 40.32 9.89 -64.05
CA ILE I 47 40.78 9.39 -62.76
C ILE I 47 42.08 8.63 -62.92
N ASP I 48 43.09 9.00 -62.14
CA ASP I 48 44.35 8.26 -62.07
C ASP I 48 44.39 7.48 -60.75
N TRP I 49 44.55 6.18 -60.86
CA TRP I 49 44.65 5.36 -59.67
C TRP I 49 46.02 5.44 -59.05
N GLU I 50 46.06 5.60 -57.74
CA GLU I 50 47.29 5.48 -56.98
C GLU I 50 47.13 4.16 -56.26
N THR I 51 47.48 3.09 -56.92
CA THR I 51 47.18 1.77 -56.41
C THR I 51 48.19 1.31 -55.33
N ILE I 52 47.67 0.79 -54.22
CA ILE I 52 48.48 0.43 -53.08
C ILE I 52 48.40 -1.07 -52.86
N ASN I 53 49.53 -1.75 -52.79
CA ASN I 53 49.49 -3.18 -52.48
C ASN I 53 49.69 -3.46 -50.99
N ILE I 54 48.73 -4.19 -50.44
CA ILE I 54 48.84 -4.79 -49.13
C ILE I 54 48.84 -6.29 -49.37
N LYS I 55 49.41 -7.06 -48.44
CA LYS I 55 49.33 -8.50 -48.50
C LYS I 55 48.05 -8.93 -47.77
N GLN I 56 48.20 -9.43 -46.56
CA GLN I 56 47.05 -9.76 -45.72
C GLN I 56 46.30 -8.47 -45.37
N THR I 57 45.32 -8.57 -44.48
CA THR I 57 44.72 -7.35 -43.94
C THR I 57 45.73 -6.65 -42.99
N ASP I 58 46.79 -7.36 -42.60
CA ASP I 58 47.70 -6.94 -41.51
C ASP I 58 49.03 -6.29 -41.91
N HIS I 59 49.48 -6.52 -43.15
CA HIS I 59 50.78 -6.00 -43.65
C HIS I 59 51.08 -4.57 -43.18
N LYS I 60 51.92 -4.44 -42.16
CA LYS I 60 52.07 -3.15 -41.47
C LYS I 60 52.55 -2.01 -42.39
N GLU I 61 53.42 -2.33 -43.34
CA GLU I 61 53.95 -1.32 -44.26
C GLU I 61 52.93 -0.92 -45.31
N GLY I 62 52.03 -1.85 -45.63
CA GLY I 62 50.98 -1.60 -46.59
C GLY I 62 49.84 -0.77 -46.00
N VAL I 63 49.47 -1.07 -44.76
CA VAL I 63 48.46 -0.28 -44.10
C VAL I 63 48.95 1.17 -43.96
N TYR I 64 50.21 1.35 -43.59
CA TYR I 64 50.76 2.68 -43.45
C TYR I 64 50.74 3.43 -44.79
N GLU I 65 51.05 2.73 -45.86
CA GLU I 65 51.04 3.34 -47.18
C GLU I 65 49.66 3.72 -47.72
N ALA I 66 48.64 2.97 -47.29
CA ALA I 66 47.28 3.24 -47.71
C ALA I 66 46.76 4.45 -46.94
N VAL I 67 47.01 4.47 -45.64
CA VAL I 67 46.60 5.59 -44.82
C VAL I 67 47.24 6.85 -45.40
N GLU I 68 48.53 6.76 -45.71
CA GLU I 68 49.27 7.93 -46.16
C GLU I 68 48.75 8.39 -47.52
N SER I 69 48.40 7.43 -48.37
CA SER I 69 47.78 7.74 -49.66
C SER I 69 46.39 8.38 -49.52
N LEU I 70 45.57 7.92 -48.59
CA LEU I 70 44.28 8.56 -48.34
C LEU I 70 44.45 9.97 -47.77
N LYS I 71 45.46 10.18 -46.93
CA LYS I 71 45.67 11.52 -46.37
C LYS I 71 45.94 12.50 -47.51
N ARG I 72 46.63 12.03 -48.54
CA ARG I 72 46.93 12.90 -49.67
C ARG I 72 45.74 13.05 -50.61
N ASN I 73 45.09 11.93 -50.94
CA ASN I 73 44.06 11.95 -51.97
C ASN I 73 42.63 12.14 -51.48
N LYS I 74 42.38 11.77 -50.21
CA LYS I 74 41.09 11.99 -49.55
C LYS I 74 40.01 11.00 -49.97
N ILE I 75 40.10 10.49 -51.20
CA ILE I 75 39.10 9.55 -51.71
C ILE I 75 39.72 8.20 -52.09
N GLY I 76 39.02 7.11 -51.82
CA GLY I 76 39.58 5.79 -52.00
C GLY I 76 38.55 4.78 -52.46
N LEU I 77 39.03 3.81 -53.22
CA LEU I 77 38.21 2.70 -53.67
C LEU I 77 38.91 1.45 -53.20
N LYS I 78 38.17 0.60 -52.51
CA LYS I 78 38.77 -0.50 -51.77
C LYS I 78 38.07 -1.80 -52.08
N GLY I 79 38.86 -2.83 -52.41
CA GLY I 79 38.35 -4.17 -52.61
C GLY I 79 38.23 -4.98 -51.33
N LEU I 80 38.30 -6.30 -51.44
CA LEU I 80 38.09 -7.14 -50.27
C LEU I 80 39.29 -7.99 -49.91
N TRP I 81 39.40 -8.30 -48.62
CA TRP I 81 40.09 -9.51 -48.16
C TRP I 81 39.03 -10.44 -47.61
N HIS I 82 39.06 -11.70 -48.01
CA HIS I 82 38.04 -12.60 -47.50
C HIS I 82 38.56 -13.40 -46.30
N THR I 83 39.44 -12.77 -45.53
CA THR I 83 39.76 -13.17 -44.17
C THR I 83 38.58 -12.76 -43.27
N PRO I 84 38.37 -13.46 -42.15
CA PRO I 84 37.25 -13.09 -41.26
C PRO I 84 37.41 -11.67 -40.71
N ALA I 85 38.64 -11.21 -40.52
CA ALA I 85 38.90 -9.85 -40.03
C ALA I 85 38.32 -8.73 -40.93
N ASP I 86 38.67 -8.71 -42.22
CA ASP I 86 38.15 -7.69 -43.12
C ASP I 86 36.61 -7.65 -43.19
N GLN I 87 35.98 -8.83 -43.19
CA GLN I 87 34.53 -8.92 -43.32
C GLN I 87 33.76 -8.39 -42.08
N THR I 88 34.41 -8.30 -40.93
CA THR I 88 33.73 -7.89 -39.72
C THR I 88 34.00 -6.43 -39.33
N GLY I 89 35.03 -5.84 -39.95
CA GLY I 89 35.40 -4.46 -39.68
C GLY I 89 36.66 -4.32 -38.83
N HIS I 90 37.33 -5.41 -38.54
CA HIS I 90 38.57 -5.37 -37.80
C HIS I 90 39.76 -5.62 -38.71
N GLY I 91 40.91 -5.93 -38.15
CA GLY I 91 42.08 -6.10 -38.99
C GLY I 91 42.69 -4.75 -39.31
N SER I 92 44.01 -4.72 -39.46
CA SER I 92 44.79 -3.48 -39.44
C SER I 92 44.28 -2.31 -40.29
N LEU I 93 43.84 -2.59 -41.51
CA LEU I 93 43.43 -1.53 -42.41
C LEU I 93 42.20 -0.85 -41.86
N ASN I 94 41.17 -1.63 -41.54
CA ASN I 94 39.95 -1.05 -40.97
C ASN I 94 40.14 -0.25 -39.69
N VAL I 95 41.05 -0.68 -38.81
CA VAL I 95 41.21 0.07 -37.58
C VAL I 95 42.00 1.31 -37.88
N ALA I 96 42.92 1.24 -38.84
CA ALA I 96 43.68 2.45 -39.23
C ALA I 96 42.76 3.51 -39.80
N LEU I 97 41.86 3.10 -40.69
CA LEU I 97 40.89 3.99 -41.29
C LEU I 97 40.03 4.62 -40.21
N ARG I 98 39.71 3.83 -39.20
CA ARG I 98 38.82 4.29 -38.15
C ARG I 98 39.54 5.15 -37.07
N LYS I 99 40.74 4.76 -36.66
CA LYS I 99 41.47 5.51 -35.62
C LYS I 99 42.23 6.71 -36.19
N GLN I 100 42.93 6.53 -37.31
CA GLN I 100 43.72 7.61 -37.88
C GLN I 100 42.94 8.56 -38.77
N LEU I 101 42.00 8.05 -39.55
CA LEU I 101 41.25 8.91 -40.45
C LEU I 101 39.89 9.31 -39.88
N ASP I 102 39.54 8.76 -38.73
CA ASP I 102 38.27 9.05 -38.10
C ASP I 102 37.12 8.94 -39.13
N ILE I 103 37.08 7.81 -39.82
CA ILE I 103 36.00 7.50 -40.72
C ILE I 103 34.93 6.80 -39.91
N TYR I 104 33.81 7.48 -39.69
CA TYR I 104 32.92 7.09 -38.62
C TYR I 104 31.59 6.57 -39.09
N ALA I 105 31.33 6.66 -40.40
CA ALA I 105 30.00 6.28 -40.88
C ALA I 105 30.10 5.28 -42.02
N ASN I 106 29.53 4.10 -41.78
CA ASN I 106 29.51 3.10 -42.80
C ASN I 106 28.11 3.06 -43.38
N VAL I 107 28.01 3.17 -44.71
CA VAL I 107 26.74 3.12 -45.41
C VAL I 107 26.65 1.90 -46.31
N ALA I 108 25.54 1.21 -46.27
CA ALA I 108 25.27 0.13 -47.19
C ALA I 108 23.91 0.31 -47.90
N LEU I 109 23.89 0.17 -49.22
CA LEU I 109 22.67 0.35 -49.98
C LEU I 109 22.11 -0.99 -50.44
N PHE I 110 20.91 -1.32 -49.99
CA PHE I 110 20.25 -2.54 -50.41
C PHE I 110 19.06 -2.27 -51.35
N LYS I 111 19.33 -2.04 -52.62
CA LYS I 111 18.27 -1.96 -53.63
C LYS I 111 18.16 -3.24 -54.46
N SER I 112 16.95 -3.79 -54.53
CA SER I 112 16.62 -4.94 -55.38
C SER I 112 16.93 -4.66 -56.85
N LEU I 113 17.42 -5.66 -57.58
CA LEU I 113 17.79 -5.46 -58.98
C LEU I 113 16.81 -6.11 -59.93
N LYS I 114 16.56 -5.44 -61.06
CA LYS I 114 15.49 -5.82 -61.99
C LYS I 114 15.48 -7.30 -62.39
N GLY I 115 16.64 -7.86 -62.75
CA GLY I 115 16.61 -9.25 -63.19
C GLY I 115 17.11 -10.30 -62.22
N VAL I 116 16.87 -10.11 -60.92
CA VAL I 116 17.35 -11.08 -59.91
C VAL I 116 16.22 -11.73 -59.12
N LYS I 117 16.16 -13.05 -59.21
CA LYS I 117 15.09 -13.79 -58.56
C LYS I 117 15.23 -13.72 -57.04
N THR I 118 14.32 -12.99 -56.43
CA THR I 118 14.30 -12.87 -54.97
C THR I 118 12.93 -13.23 -54.39
N ARG I 119 12.93 -13.80 -53.20
CA ARG I 119 11.70 -14.19 -52.52
C ARG I 119 10.83 -12.99 -52.14
N ILE I 120 11.45 -11.85 -51.84
CA ILE I 120 10.70 -10.62 -51.62
C ILE I 120 11.16 -9.52 -52.57
N PRO I 121 10.23 -8.98 -53.36
CA PRO I 121 10.54 -8.06 -54.45
C PRO I 121 10.65 -6.61 -54.02
N ASP I 122 11.32 -5.81 -54.84
CA ASP I 122 11.31 -4.35 -54.70
C ASP I 122 11.69 -3.84 -53.32
N ILE I 123 12.93 -4.16 -52.93
CA ILE I 123 13.46 -3.72 -51.65
C ILE I 123 14.26 -2.45 -51.86
N ASP I 124 14.17 -1.53 -50.90
CA ASP I 124 14.98 -0.33 -50.96
C ASP I 124 15.30 0.23 -49.57
N LEU I 125 16.23 -0.43 -48.88
CA LEU I 125 16.67 0.11 -47.61
C LEU I 125 18.16 0.47 -47.56
N ILE I 126 18.45 1.42 -46.69
CA ILE I 126 19.79 1.92 -46.47
C ILE I 126 20.12 1.69 -45.00
N VAL I 127 21.28 1.08 -44.72
CA VAL I 127 21.71 0.86 -43.36
C VAL I 127 22.95 1.71 -43.06
N ILE I 128 22.84 2.64 -42.11
CA ILE I 128 23.94 3.49 -41.73
C ILE I 128 24.39 3.05 -40.35
N ARG I 129 25.67 2.73 -40.19
CA ARG I 129 26.15 2.21 -38.92
C ARG I 129 27.35 2.94 -38.38
N GLU I 130 27.34 3.15 -37.06
CA GLU I 130 28.39 3.91 -36.39
C GLU I 130 29.67 3.08 -36.41
N ASN I 131 30.78 3.69 -36.76
CA ASN I 131 32.01 2.92 -36.97
C ASN I 131 33.23 3.18 -36.05
N THR I 132 33.11 3.91 -34.93
CA THR I 132 34.30 4.23 -34.13
C THR I 132 34.21 3.81 -32.65
N GLU I 133 33.09 3.26 -32.26
CA GLU I 133 32.75 3.09 -30.85
C GLU I 133 32.13 1.73 -30.66
N GLY I 134 31.56 1.47 -29.49
CA GLY I 134 30.95 0.19 -29.20
C GLY I 134 31.91 -0.98 -29.44
N GLU I 135 31.50 -1.85 -30.35
CA GLU I 135 32.29 -2.98 -30.76
C GLU I 135 33.73 -2.59 -31.14
N PHE I 136 33.92 -1.40 -31.71
CA PHE I 136 35.21 -1.03 -32.27
C PHE I 136 36.17 -0.27 -31.36
N SER I 137 35.83 -0.10 -30.09
CA SER I 137 36.71 0.65 -29.18
C SER I 137 36.68 0.07 -27.78
N GLY I 138 36.22 -1.17 -27.64
CA GLY I 138 36.17 -1.72 -26.30
C GLY I 138 37.47 -1.85 -25.47
N LEU I 139 37.38 -2.67 -24.44
CA LEU I 139 38.52 -3.29 -23.82
C LEU I 139 38.02 -4.64 -23.37
N GLU I 140 38.79 -5.70 -23.61
CA GLU I 140 38.39 -6.99 -23.08
C GLU I 140 39.52 -7.52 -22.23
N HIS I 141 39.19 -8.15 -21.13
CA HIS I 141 40.24 -8.79 -20.38
C HIS I 141 39.79 -10.06 -19.66
N GLU I 142 40.74 -11.00 -19.49
CA GLU I 142 40.53 -12.19 -18.67
C GLU I 142 41.42 -12.03 -17.46
N SER I 143 40.83 -11.60 -16.34
CA SER I 143 41.62 -11.27 -15.15
C SER I 143 41.58 -12.36 -14.09
N VAL I 144 40.47 -13.08 -14.02
CA VAL I 144 40.52 -14.40 -13.38
C VAL I 144 40.25 -15.48 -14.44
N PRO I 145 40.97 -16.61 -14.37
CA PRO I 145 40.87 -17.62 -15.42
C PRO I 145 39.43 -18.09 -15.63
N GLY I 146 39.01 -18.09 -16.89
CA GLY I 146 37.70 -18.58 -17.24
C GLY I 146 36.62 -17.53 -17.16
N VAL I 147 37.04 -16.27 -17.01
CA VAL I 147 36.08 -15.17 -16.99
C VAL I 147 36.51 -14.04 -17.89
N VAL I 148 35.74 -13.79 -18.94
CA VAL I 148 36.07 -12.70 -19.83
C VAL I 148 35.14 -11.53 -19.61
N GLU I 149 35.71 -10.35 -19.49
CA GLU I 149 34.95 -9.11 -19.26
C GLU I 149 35.13 -8.06 -20.36
N SER I 150 34.01 -7.53 -20.84
CA SER I 150 34.03 -6.51 -21.90
C SER I 150 33.62 -5.16 -21.34
N LEU I 151 34.35 -4.13 -21.70
CA LEU I 151 34.01 -2.74 -21.32
C LEU I 151 33.90 -1.88 -22.54
N LYS I 152 32.67 -1.54 -22.92
CA LYS I 152 32.43 -0.80 -24.16
C LYS I 152 31.82 0.59 -23.87
N VAL I 153 32.11 1.60 -24.70
CA VAL I 153 31.54 2.92 -24.47
C VAL I 153 30.58 3.39 -25.57
N MET I 154 29.58 4.15 -25.15
CA MET I 154 28.68 4.84 -26.05
C MET I 154 28.73 6.31 -25.61
N THR I 155 29.02 7.23 -26.52
CA THR I 155 29.17 8.62 -26.10
C THR I 155 28.30 9.56 -26.89
N ARG I 156 27.93 10.68 -26.28
CA ARG I 156 26.96 11.53 -26.93
C ARG I 156 27.50 12.25 -28.16
N PRO I 157 28.76 12.70 -28.13
CA PRO I 157 29.28 13.32 -29.37
C PRO I 157 29.37 12.36 -30.57
N LYS I 158 29.85 11.14 -30.35
CA LYS I 158 29.86 10.18 -31.45
C LYS I 158 28.46 9.87 -31.93
N THR I 159 27.49 9.76 -31.03
CA THR I 159 26.16 9.45 -31.53
C THR I 159 25.42 10.65 -32.18
N GLU I 160 25.79 11.88 -31.81
CA GLU I 160 25.27 13.04 -32.48
C GLU I 160 25.76 13.10 -33.90
N ARG I 161 27.05 12.85 -34.12
CA ARG I 161 27.61 12.81 -35.48
C ARG I 161 26.85 11.86 -36.38
N ILE I 162 26.65 10.64 -35.88
CA ILE I 162 26.08 9.61 -36.69
C ILE I 162 24.61 9.92 -36.96
N ALA I 163 23.92 10.51 -35.98
CA ALA I 163 22.56 11.05 -36.19
C ALA I 163 22.52 12.07 -37.31
N ARG I 164 23.36 13.09 -37.23
CA ARG I 164 23.33 14.16 -38.22
C ARG I 164 23.72 13.64 -39.59
N PHE I 165 24.66 12.70 -39.61
CA PHE I 165 25.05 12.06 -40.87
C PHE I 165 23.86 11.33 -41.50
N ALA I 166 23.11 10.61 -40.69
CA ALA I 166 21.99 9.85 -41.18
C ALA I 166 20.91 10.78 -41.71
N PHE I 167 20.60 11.83 -40.96
CA PHE I 167 19.54 12.75 -41.37
C PHE I 167 19.98 13.53 -42.60
N ASP I 168 21.22 13.99 -42.63
CA ASP I 168 21.73 14.72 -43.77
C ASP I 168 21.69 13.88 -45.03
N PHE I 169 21.78 12.57 -44.86
CA PHE I 169 21.80 11.61 -45.95
C PHE I 169 20.38 11.37 -46.45
N ALA I 170 19.46 11.19 -45.52
CA ALA I 170 18.06 11.12 -45.89
C ALA I 170 17.64 12.38 -46.68
N LYS I 171 17.99 13.57 -46.19
CA LYS I 171 17.69 14.84 -46.86
C LYS I 171 18.21 14.82 -48.30
N LYS I 172 19.48 14.44 -48.46
CA LYS I 172 20.17 14.55 -49.73
C LYS I 172 19.63 13.58 -50.79
N TYR I 173 19.15 12.42 -50.36
CA TYR I 173 18.66 11.42 -51.30
C TYR I 173 17.15 11.21 -51.18
N ASN I 174 16.47 12.23 -50.66
CA ASN I 174 15.02 12.23 -50.56
C ASN I 174 14.46 10.96 -49.98
N ARG I 175 15.01 10.53 -48.86
CA ARG I 175 14.40 9.49 -48.05
C ARG I 175 13.52 10.16 -47.00
N LYS I 176 12.45 9.50 -46.61
CA LYS I 176 11.46 10.15 -45.76
C LYS I 176 11.40 9.60 -44.34
N SER I 177 12.02 8.45 -44.14
CA SER I 177 12.03 7.79 -42.83
C SER I 177 13.44 7.45 -42.32
N VAL I 178 13.73 7.83 -41.08
CA VAL I 178 14.93 7.36 -40.41
C VAL I 178 14.54 6.64 -39.14
N THR I 179 14.88 5.36 -39.04
CA THR I 179 14.60 4.58 -37.83
C THR I 179 15.87 4.22 -37.07
N ALA I 180 15.95 4.58 -35.80
CA ALA I 180 17.08 4.19 -34.97
C ALA I 180 16.83 2.79 -34.43
N VAL I 181 17.83 1.93 -34.56
CA VAL I 181 17.74 0.54 -34.13
C VAL I 181 18.63 0.39 -32.92
N HIS I 182 18.09 -0.14 -31.84
CA HIS I 182 18.80 -0.11 -30.56
C HIS I 182 18.27 -1.24 -29.69
N LYS I 183 18.89 -1.43 -28.53
CA LYS I 183 18.39 -2.36 -27.54
C LYS I 183 18.13 -1.67 -26.18
N ALA I 184 17.37 -0.58 -26.20
CA ALA I 184 17.21 0.23 -25.00
C ALA I 184 16.32 -0.42 -23.94
N ASN I 185 15.66 -1.51 -24.28
CA ASN I 185 14.86 -2.24 -23.33
C ASN I 185 15.72 -2.93 -22.27
N ILE I 186 16.93 -3.32 -22.66
CA ILE I 186 17.87 -3.97 -21.73
C ILE I 186 18.99 -3.03 -21.31
N MET I 187 19.69 -2.46 -22.29
CA MET I 187 20.72 -1.44 -22.05
C MET I 187 20.03 -0.08 -21.97
N LYS I 188 19.32 0.16 -20.88
CA LYS I 188 18.47 1.35 -20.73
C LYS I 188 19.25 2.66 -20.80
N LEU I 189 20.49 2.61 -20.31
CA LEU I 189 21.33 3.79 -20.25
C LEU I 189 22.01 4.09 -21.58
N GLY I 190 22.83 3.14 -22.07
CA GLY I 190 23.63 3.31 -23.29
C GLY I 190 22.80 3.37 -24.57
N ASP I 191 21.93 2.40 -24.76
CA ASP I 191 21.14 2.39 -25.98
C ASP I 191 19.96 3.32 -25.83
N GLY I 192 19.61 3.65 -24.58
CA GLY I 192 18.65 4.69 -24.30
C GLY I 192 19.18 6.02 -24.82
N LEU I 193 20.43 6.32 -24.50
CA LEU I 193 21.10 7.51 -24.99
C LEU I 193 21.02 7.60 -26.51
N PHE I 194 21.26 6.47 -27.16
CA PHE I 194 21.29 6.37 -28.61
C PHE I 194 19.93 6.71 -29.21
N ARG I 195 18.91 5.97 -28.79
CA ARG I 195 17.52 6.24 -29.21
C ARG I 195 17.11 7.70 -28.97
N ASN I 196 17.41 8.22 -27.78
CA ASN I 196 17.03 9.60 -27.43
C ASN I 196 17.71 10.66 -28.27
N ILE I 197 19.02 10.57 -28.42
CA ILE I 197 19.72 11.55 -29.24
C ILE I 197 19.28 11.52 -30.72
N ILE I 198 18.98 10.34 -31.25
CA ILE I 198 18.53 10.28 -32.63
C ILE I 198 17.17 10.94 -32.76
N THR I 199 16.23 10.59 -31.87
CA THR I 199 14.89 11.15 -31.94
C THR I 199 14.81 12.68 -31.68
N GLU I 200 15.61 13.19 -30.75
CA GLU I 200 15.70 14.62 -30.50
C GLU I 200 16.27 15.39 -31.69
N ILE I 201 17.39 14.93 -32.23
CA ILE I 201 18.01 15.60 -33.36
C ILE I 201 17.06 15.59 -34.54
N GLY I 202 16.18 14.61 -34.55
CA GLY I 202 15.18 14.53 -35.59
C GLY I 202 14.15 15.63 -35.48
N GLN I 203 13.56 15.77 -34.29
CA GLN I 203 12.47 16.72 -34.06
C GLN I 203 12.92 18.19 -34.11
N LYS I 204 14.10 18.48 -33.60
CA LYS I 204 14.62 19.84 -33.58
C LYS I 204 15.30 20.27 -34.89
N GLU I 205 16.03 19.37 -35.54
CA GLU I 205 16.85 19.81 -36.69
C GLU I 205 16.38 19.31 -38.06
N TYR I 206 15.51 18.29 -38.08
CA TYR I 206 15.06 17.72 -39.34
C TYR I 206 13.57 17.35 -39.26
N PRO I 207 12.70 18.37 -39.27
CA PRO I 207 11.28 18.11 -38.95
C PRO I 207 10.58 17.40 -40.10
N ASP I 208 11.08 17.66 -41.32
CA ASP I 208 10.52 17.10 -42.54
C ASP I 208 10.73 15.59 -42.67
N ILE I 209 11.54 15.04 -41.76
CA ILE I 209 11.85 13.63 -41.79
C ILE I 209 11.27 12.87 -40.61
N ASP I 210 10.63 11.74 -40.90
CA ASP I 210 10.00 10.94 -39.86
C ASP I 210 11.06 10.18 -39.08
N VAL I 211 11.13 10.40 -37.77
CA VAL I 211 12.00 9.64 -36.91
C VAL I 211 11.18 8.55 -36.26
N SER I 212 11.81 7.42 -35.94
CA SER I 212 11.17 6.31 -35.21
C SER I 212 12.22 5.42 -34.54
N SER I 213 11.77 4.46 -33.75
CA SER I 213 12.68 3.61 -33.00
C SER I 213 12.18 2.19 -33.08
N ILE I 214 13.11 1.26 -33.00
CA ILE I 214 12.71 -0.11 -33.01
C ILE I 214 13.76 -0.85 -32.25
N ILE I 215 13.31 -1.75 -31.40
CA ILE I 215 14.21 -2.64 -30.72
C ILE I 215 14.82 -3.60 -31.75
N VAL I 216 16.10 -3.92 -31.60
CA VAL I 216 16.86 -4.60 -32.64
C VAL I 216 16.37 -6.01 -32.92
N ASP I 217 15.97 -6.74 -31.89
CA ASP I 217 15.42 -8.08 -32.13
C ASP I 217 14.14 -8.07 -32.96
N ASN I 218 13.24 -7.14 -32.66
CA ASN I 218 12.04 -6.92 -33.44
C ASN I 218 12.37 -6.45 -34.84
N ALA I 219 13.46 -5.70 -35.00
CA ALA I 219 13.81 -5.18 -36.31
C ALA I 219 14.32 -6.32 -37.19
N SER I 220 15.00 -7.28 -36.58
CA SER I 220 15.46 -8.46 -37.29
C SER I 220 14.28 -9.25 -37.85
N MET I 221 13.32 -9.55 -36.99
CA MET I 221 12.11 -10.23 -37.41
C MET I 221 11.36 -9.44 -38.51
N GLN I 222 11.22 -8.15 -38.28
CA GLN I 222 10.53 -7.27 -39.19
C GLN I 222 11.22 -7.16 -40.53
N ALA I 223 12.55 -7.24 -40.54
CA ALA I 223 13.31 -7.09 -41.77
C ALA I 223 13.17 -8.29 -42.71
N VAL I 224 13.10 -9.51 -42.18
CA VAL I 224 13.00 -10.68 -43.02
C VAL I 224 11.57 -10.94 -43.43
N ALA I 225 10.63 -10.43 -42.65
CA ALA I 225 9.21 -10.66 -42.91
C ALA I 225 8.54 -9.54 -43.73
N LYS I 226 8.79 -8.27 -43.36
CA LYS I 226 8.19 -7.12 -44.03
C LYS I 226 9.17 -5.97 -44.16
N PRO I 227 10.19 -6.14 -45.00
CA PRO I 227 11.26 -5.18 -45.25
C PRO I 227 10.79 -3.83 -45.78
N HIS I 228 9.55 -3.73 -46.28
CA HIS I 228 9.13 -2.52 -47.01
C HIS I 228 8.84 -1.34 -46.10
N GLN I 229 8.54 -1.68 -44.85
CA GLN I 229 8.24 -0.69 -43.84
C GLN I 229 9.45 0.17 -43.49
N PHE I 230 10.66 -0.30 -43.79
CA PHE I 230 11.88 0.45 -43.46
C PHE I 230 12.40 1.29 -44.59
N ASP I 231 13.10 2.35 -44.25
CA ASP I 231 13.67 3.24 -45.23
C ASP I 231 15.18 3.44 -44.95
N VAL I 232 15.53 4.30 -43.99
CA VAL I 232 16.91 4.41 -43.55
C VAL I 232 17.02 3.89 -42.12
N LEU I 233 17.88 2.90 -41.90
CA LEU I 233 18.18 2.39 -40.57
C LEU I 233 19.48 2.98 -40.03
N VAL I 234 19.48 3.57 -38.83
CA VAL I 234 20.71 4.01 -38.17
C VAL I 234 20.94 3.12 -36.96
N THR I 235 22.15 2.59 -36.81
CA THR I 235 22.41 1.65 -35.70
C THR I 235 23.83 1.78 -35.22
N PRO I 236 24.03 1.45 -33.94
CA PRO I 236 25.38 1.27 -33.36
C PRO I 236 26.17 0.19 -34.11
N SER I 237 27.48 0.16 -33.88
CA SER I 237 28.35 -0.81 -34.52
C SER I 237 27.85 -2.26 -34.43
N MET I 238 27.39 -2.66 -33.25
CA MET I 238 27.12 -4.06 -32.99
C MET I 238 25.95 -4.70 -33.71
N TYR I 239 24.99 -3.91 -34.15
CA TYR I 239 23.81 -4.49 -34.80
C TYR I 239 23.84 -4.29 -36.31
N GLY I 240 24.79 -3.52 -36.81
CA GLY I 240 24.78 -3.11 -38.21
C GLY I 240 25.15 -4.27 -39.13
N THR I 241 26.07 -5.08 -38.64
CA THR I 241 26.48 -6.25 -39.36
C THR I 241 25.30 -7.18 -39.54
N ILE I 242 24.54 -7.43 -38.49
CA ILE I 242 23.41 -8.33 -38.59
C ILE I 242 22.33 -7.78 -39.52
N LEU I 243 21.92 -6.53 -39.33
CA LEU I 243 20.94 -5.93 -40.22
C LEU I 243 21.41 -5.91 -41.67
N GLY I 244 22.68 -5.61 -41.90
CA GLY I 244 23.25 -5.58 -43.24
C GLY I 244 23.22 -6.93 -43.95
N ASN I 245 23.41 -8.01 -43.22
CA ASN I 245 23.37 -9.33 -43.84
C ASN I 245 21.96 -9.82 -44.16
N ILE I 246 20.98 -9.41 -43.37
CA ILE I 246 19.61 -9.66 -43.74
C ILE I 246 19.37 -8.91 -45.04
N GLY I 247 19.81 -7.65 -45.08
CA GLY I 247 19.75 -6.81 -46.28
C GLY I 247 20.34 -7.45 -47.53
N ALA I 248 21.51 -8.04 -47.38
CA ALA I 248 22.17 -8.69 -48.50
C ALA I 248 21.36 -9.91 -48.97
N ALA I 249 20.97 -10.79 -48.06
CA ALA I 249 20.13 -11.91 -48.43
C ALA I 249 18.84 -11.44 -49.18
N LEU I 250 18.18 -10.43 -48.65
CA LEU I 250 16.95 -9.93 -49.24
C LEU I 250 17.03 -9.57 -50.72
N ILE I 251 18.18 -9.08 -51.18
CA ILE I 251 18.28 -8.61 -52.57
C ILE I 251 19.04 -9.56 -53.48
N GLY I 252 19.46 -10.70 -52.95
CA GLY I 252 20.14 -11.71 -53.74
C GLY I 252 21.63 -11.94 -53.48
N GLY I 253 22.14 -11.41 -52.36
CA GLY I 253 23.50 -11.69 -51.93
C GLY I 253 24.45 -10.52 -51.93
N PRO I 254 25.60 -10.70 -51.29
CA PRO I 254 26.62 -9.69 -51.03
C PRO I 254 27.17 -9.10 -52.32
N GLY I 255 27.11 -9.87 -53.39
CA GLY I 255 27.60 -9.42 -54.69
C GLY I 255 26.86 -8.22 -55.28
N LEU I 256 25.75 -7.83 -54.65
CA LEU I 256 24.87 -6.80 -55.20
C LEU I 256 24.78 -5.50 -54.40
N VAL I 257 25.56 -5.42 -53.33
CA VAL I 257 25.42 -4.40 -52.29
C VAL I 257 26.48 -3.30 -52.37
N ALA I 258 26.09 -2.10 -52.80
CA ALA I 258 27.01 -0.95 -52.81
C ALA I 258 27.29 -0.45 -51.38
N GLY I 259 28.43 0.20 -51.20
CA GLY I 259 28.83 0.65 -49.89
C GLY I 259 29.73 1.87 -49.89
N ALA I 260 29.73 2.59 -48.77
CA ALA I 260 30.59 3.75 -48.67
C ALA I 260 30.92 4.01 -47.22
N ASN I 261 32.07 4.60 -46.99
CA ASN I 261 32.49 4.90 -45.63
C ASN I 261 32.99 6.32 -45.55
N PHE I 262 32.39 7.10 -44.66
CA PHE I 262 32.68 8.53 -44.60
C PHE I 262 33.26 8.97 -43.29
N GLY I 263 34.18 9.91 -43.38
CA GLY I 263 34.59 10.70 -42.25
C GLY I 263 34.40 12.17 -42.62
N ARG I 264 34.87 13.09 -41.79
CA ARG I 264 34.72 14.48 -42.16
C ARG I 264 35.55 14.78 -43.44
N ASP I 265 36.77 14.29 -43.48
CA ASP I 265 37.68 14.73 -44.54
C ASP I 265 37.95 13.65 -45.57
N TYR I 266 37.50 12.44 -45.29
CA TYR I 266 37.84 11.27 -46.11
C TYR I 266 36.66 10.42 -46.46
N ALA I 267 36.72 9.79 -47.62
CA ALA I 267 35.66 8.90 -48.06
C ALA I 267 36.31 7.65 -48.71
N VAL I 268 35.82 6.48 -48.35
CA VAL I 268 36.36 5.25 -48.91
C VAL I 268 35.22 4.37 -49.38
N PHE I 269 35.21 4.03 -50.67
CA PHE I 269 34.09 3.30 -51.21
C PHE I 269 34.43 1.84 -51.39
N GLU I 270 33.47 0.98 -51.10
CA GLU I 270 33.74 -0.44 -51.00
C GLU I 270 32.43 -1.16 -50.83
N PRO I 271 32.35 -2.41 -51.29
CA PRO I 271 31.13 -3.24 -51.16
C PRO I 271 30.59 -3.29 -49.73
N GLY I 272 29.29 -3.09 -49.59
CA GLY I 272 28.70 -2.85 -48.31
C GLY I 272 28.55 -4.05 -47.42
N SER I 273 28.76 -5.23 -47.97
CA SER I 273 28.62 -6.45 -47.19
C SER I 273 29.93 -7.16 -46.95
N ARG I 274 31.00 -6.62 -47.52
CA ARG I 274 32.33 -7.22 -47.41
C ARG I 274 32.35 -8.63 -48.03
N HIS I 275 31.40 -8.88 -48.94
CA HIS I 275 31.29 -10.15 -49.67
C HIS I 275 31.29 -11.35 -48.71
N VAL I 276 30.65 -11.15 -47.55
CA VAL I 276 30.79 -12.05 -46.40
C VAL I 276 30.73 -13.56 -46.72
N GLY I 277 29.53 -14.04 -47.05
CA GLY I 277 29.29 -15.44 -47.30
C GLY I 277 29.80 -15.90 -48.64
N LEU I 278 29.58 -15.07 -49.68
CA LEU I 278 30.19 -15.24 -51.00
C LEU I 278 31.46 -16.08 -50.85
N ASP I 279 31.29 -17.39 -50.90
CA ASP I 279 32.40 -18.34 -50.85
C ASP I 279 32.58 -18.84 -52.27
N ILE I 280 32.35 -17.93 -53.22
CA ILE I 280 32.49 -18.24 -54.64
C ILE I 280 33.98 -18.42 -54.95
N LYS I 281 34.50 -19.60 -54.64
CA LYS I 281 35.92 -19.86 -54.85
C LYS I 281 36.10 -20.54 -56.22
N GLY I 282 36.76 -19.80 -57.09
CA GLY I 282 37.19 -20.28 -58.40
C GLY I 282 37.79 -19.06 -59.08
N GLN I 283 38.43 -19.25 -60.22
CA GLN I 283 39.02 -18.13 -60.94
C GLN I 283 38.00 -17.46 -61.84
N ASN I 284 38.00 -16.14 -61.83
CA ASN I 284 37.14 -15.33 -62.71
C ASN I 284 35.65 -15.63 -62.65
N VAL I 285 35.10 -15.86 -61.47
CA VAL I 285 33.67 -16.17 -61.34
C VAL I 285 32.89 -15.17 -60.48
N ALA I 286 33.60 -14.34 -59.73
CA ALA I 286 32.98 -13.45 -58.73
C ALA I 286 32.13 -12.32 -59.32
N ASN I 287 31.07 -11.92 -58.63
CA ASN I 287 30.24 -10.80 -59.08
C ASN I 287 30.86 -9.43 -58.80
N PRO I 288 31.14 -8.64 -59.84
CA PRO I 288 31.80 -7.34 -59.67
C PRO I 288 30.79 -6.19 -59.42
N THR I 289 29.51 -6.51 -59.37
CA THR I 289 28.47 -5.52 -59.30
C THR I 289 28.60 -4.59 -58.08
N ALA I 290 28.76 -5.17 -56.90
CA ALA I 290 28.95 -4.38 -55.68
C ALA I 290 30.10 -3.40 -55.77
N MET I 291 31.23 -3.85 -56.29
CA MET I 291 32.38 -2.97 -56.52
C MET I 291 32.05 -1.87 -57.53
N ILE I 292 31.37 -2.23 -58.62
CA ILE I 292 31.09 -1.26 -59.67
C ILE I 292 30.12 -0.18 -59.15
N LEU I 293 29.04 -0.63 -58.53
CA LEU I 293 28.06 0.28 -57.94
C LEU I 293 28.70 1.19 -56.86
N SER I 294 29.62 0.65 -56.07
CA SER I 294 30.30 1.46 -55.08
C SER I 294 31.13 2.46 -55.83
N SER I 295 31.68 2.02 -56.95
CA SER I 295 32.45 2.88 -57.83
C SER I 295 31.60 4.08 -58.28
N THR I 296 30.31 3.88 -58.46
CA THR I 296 29.49 4.97 -58.95
C THR I 296 29.10 5.95 -57.83
N LEU I 297 28.85 5.42 -56.63
CA LEU I 297 28.80 6.26 -55.44
C LEU I 297 30.01 7.19 -55.37
N MET I 298 31.20 6.66 -55.62
CA MET I 298 32.39 7.46 -55.63
C MET I 298 32.36 8.53 -56.73
N LEU I 299 31.87 8.16 -57.90
CA LEU I 299 31.77 9.11 -59.01
C LEU I 299 30.86 10.29 -58.63
N ASN I 300 29.68 9.96 -58.11
CA ASN I 300 28.74 10.96 -57.58
C ASN I 300 29.44 11.95 -56.64
N HIS I 301 30.11 11.39 -55.65
CA HIS I 301 30.81 12.16 -54.66
C HIS I 301 31.88 13.06 -55.29
N LEU I 302 32.57 12.59 -56.32
CA LEU I 302 33.62 13.39 -56.95
C LEU I 302 33.05 14.51 -57.83
N GLY I 303 31.74 14.50 -58.04
CA GLY I 303 31.11 15.49 -58.89
C GLY I 303 31.03 15.10 -60.36
N LEU I 304 31.63 13.99 -60.71
CA LEU I 304 31.41 13.41 -62.02
C LEU I 304 29.94 13.05 -62.13
N ASN I 305 29.61 11.77 -62.13
CA ASN I 305 28.20 11.37 -62.02
C ASN I 305 27.27 11.48 -63.25
N GLU I 306 27.71 12.19 -64.29
CA GLU I 306 27.17 11.92 -65.61
C GLU I 306 27.70 10.52 -65.95
N TYR I 307 29.01 10.34 -65.77
CA TYR I 307 29.64 9.05 -65.90
C TYR I 307 29.00 8.00 -65.00
N ALA I 308 28.51 8.44 -63.83
CA ALA I 308 27.94 7.50 -62.88
C ALA I 308 26.56 7.03 -63.27
N THR I 309 25.80 7.90 -63.92
CA THR I 309 24.47 7.53 -64.36
C THR I 309 24.56 6.50 -65.49
N ARG I 310 25.51 6.72 -66.40
CA ARG I 310 25.73 5.84 -67.53
C ARG I 310 26.17 4.45 -67.05
N ILE I 311 27.20 4.41 -66.20
CA ILE I 311 27.75 3.15 -65.72
C ILE I 311 26.70 2.39 -64.93
N SER I 312 25.90 3.13 -64.19
CA SER I 312 24.84 2.52 -63.43
C SER I 312 23.74 1.92 -64.31
N LYS I 313 23.39 2.62 -65.40
CA LYS I 313 22.36 2.13 -66.31
C LYS I 313 22.86 0.88 -67.03
N ALA I 314 24.09 0.95 -67.51
CA ALA I 314 24.75 -0.20 -68.11
C ALA I 314 24.66 -1.46 -67.26
N VAL I 315 25.01 -1.39 -65.97
CA VAL I 315 25.01 -2.63 -65.19
C VAL I 315 23.61 -3.10 -64.86
N HIS I 316 22.68 -2.18 -64.71
CA HIS I 316 21.31 -2.57 -64.39
C HIS I 316 20.67 -3.26 -65.58
N GLU I 317 21.01 -2.74 -66.77
CA GLU I 317 20.52 -3.27 -68.05
C GLU I 317 21.11 -4.65 -68.31
N THR I 318 22.41 -4.76 -68.16
CA THR I 318 23.09 -6.02 -68.30
C THR I 318 22.55 -7.11 -67.39
N ILE I 319 22.24 -6.81 -66.13
CA ILE I 319 21.77 -7.86 -65.24
C ILE I 319 20.28 -8.14 -65.44
N ALA I 320 19.56 -7.13 -65.94
CA ALA I 320 18.14 -7.27 -66.28
C ALA I 320 17.87 -8.32 -67.36
N GLU I 321 18.67 -8.33 -68.42
CA GLU I 321 18.68 -9.41 -69.42
C GLU I 321 19.57 -10.56 -68.95
N GLY I 322 18.98 -11.69 -68.63
CA GLY I 322 19.71 -12.80 -68.02
C GLY I 322 20.95 -13.34 -68.71
N LYS I 323 21.37 -12.69 -69.81
CA LYS I 323 22.53 -13.11 -70.60
C LYS I 323 23.77 -12.42 -70.09
N HIS I 324 24.87 -13.16 -69.99
CA HIS I 324 26.15 -12.60 -69.51
C HIS I 324 26.23 -12.32 -68.00
N THR I 325 25.15 -12.59 -67.30
CA THR I 325 25.09 -12.52 -65.86
C THR I 325 26.06 -13.52 -65.21
N THR I 326 26.63 -13.17 -64.08
CA THR I 326 27.59 -14.01 -63.36
C THR I 326 26.90 -15.18 -62.58
N ARG I 327 27.64 -16.17 -62.11
CA ARG I 327 26.98 -17.41 -61.64
C ARG I 327 26.17 -17.32 -60.37
N ASP I 328 26.39 -16.29 -59.55
CA ASP I 328 25.69 -16.16 -58.27
C ASP I 328 24.27 -15.57 -58.34
N ILE I 329 23.96 -14.91 -59.45
CA ILE I 329 22.60 -14.48 -59.70
C ILE I 329 21.95 -15.30 -60.82
N GLY I 330 22.39 -16.56 -60.97
CA GLY I 330 21.78 -17.48 -61.91
C GLY I 330 22.31 -17.57 -63.33
N GLY I 331 23.31 -16.77 -63.68
CA GLY I 331 23.96 -16.84 -64.98
C GLY I 331 25.09 -17.86 -64.99
N SER I 332 25.94 -17.80 -66.00
CA SER I 332 27.04 -18.79 -66.10
C SER I 332 28.31 -18.17 -66.68
N SER I 333 28.27 -16.87 -66.88
CA SER I 333 29.41 -16.14 -67.40
C SER I 333 30.46 -15.78 -66.34
N SER I 334 31.67 -15.48 -66.81
CA SER I 334 32.77 -15.12 -65.95
C SER I 334 32.69 -13.62 -65.64
N THR I 335 33.50 -13.15 -64.69
CA THR I 335 33.42 -11.76 -64.31
C THR I 335 33.86 -10.92 -65.49
N THR I 336 34.86 -11.40 -66.19
CA THR I 336 35.28 -10.80 -67.44
C THR I 336 34.19 -10.69 -68.52
N ASP I 337 33.40 -11.74 -68.71
CA ASP I 337 32.32 -11.71 -69.68
C ASP I 337 31.33 -10.62 -69.33
N PHE I 338 31.02 -10.55 -68.04
CA PHE I 338 30.06 -9.61 -67.50
C PHE I 338 30.56 -8.16 -67.72
N THR I 339 31.80 -7.92 -67.35
CA THR I 339 32.43 -6.64 -67.57
C THR I 339 32.34 -6.23 -69.04
N ASN I 340 32.71 -7.13 -69.94
CA ASN I 340 32.76 -6.81 -71.35
C ASN I 340 31.40 -6.48 -71.93
N GLU I 341 30.38 -7.19 -71.46
CA GLU I 341 28.98 -6.89 -71.83
C GLU I 341 28.58 -5.46 -71.41
N ILE I 342 29.00 -5.04 -70.22
CA ILE I 342 28.71 -3.73 -69.69
C ILE I 342 29.42 -2.68 -70.54
N ILE I 343 30.71 -2.87 -70.76
CA ILE I 343 31.47 -1.97 -71.61
C ILE I 343 30.85 -1.90 -73.01
N ASN I 344 30.27 -3.00 -73.46
CA ASN I 344 29.64 -3.05 -74.77
C ASN I 344 28.39 -2.15 -74.85
N LYS I 345 27.51 -2.23 -73.85
CA LYS I 345 26.33 -1.36 -73.84
C LYS I 345 26.71 0.10 -73.66
N LEU I 346 27.92 0.34 -73.17
CA LEU I 346 28.43 1.68 -72.92
C LEU I 346 28.83 2.41 -74.19
N SER I 347 29.57 1.73 -75.07
CA SER I 347 29.98 2.33 -76.35
C SER I 347 28.76 2.68 -77.22
N THR I 348 27.74 1.83 -77.20
CA THR I 348 26.53 2.07 -78.01
C THR I 348 25.61 3.09 -77.34
N MET I 349 26.12 3.76 -76.32
CA MET I 349 25.31 4.71 -75.54
C MET I 349 25.97 6.10 -75.49
N GLN J 5 17.06 -38.89 -24.29
CA GLN J 5 16.62 -37.56 -23.82
C GLN J 5 17.58 -36.99 -22.77
N PRO J 6 18.02 -35.74 -23.00
CA PRO J 6 19.20 -35.08 -22.43
C PRO J 6 19.45 -35.37 -20.96
N SER J 7 20.67 -35.78 -20.63
CA SER J 7 21.05 -36.03 -19.24
C SER J 7 21.18 -34.73 -18.43
N ILE J 8 21.37 -33.62 -19.13
CA ILE J 8 21.63 -32.32 -18.50
C ILE J 8 20.49 -31.82 -17.61
N GLY J 9 19.32 -31.60 -18.18
CA GLY J 9 18.20 -31.17 -17.39
C GLY J 9 17.13 -32.24 -17.27
N ARG J 10 17.57 -33.47 -16.98
CA ARG J 10 16.68 -34.65 -16.92
C ARG J 10 15.48 -34.48 -16.01
N TYR J 11 14.32 -34.92 -16.48
CA TYR J 11 13.12 -34.92 -15.67
C TYR J 11 13.09 -36.07 -14.66
N THR J 12 13.05 -35.74 -13.37
CA THR J 12 12.85 -36.72 -12.31
C THR J 12 11.39 -37.15 -12.30
N GLY J 13 11.13 -38.36 -12.79
CA GLY J 13 9.77 -38.82 -13.05
C GLY J 13 8.80 -38.80 -11.88
N LYS J 14 8.31 -40.00 -11.52
CA LYS J 14 7.39 -40.16 -10.40
C LYS J 14 5.98 -39.57 -10.68
N PRO J 15 5.06 -40.41 -11.17
CA PRO J 15 3.64 -40.02 -11.21
C PRO J 15 3.10 -39.90 -9.79
N ASN J 16 1.90 -39.35 -9.64
CA ASN J 16 1.25 -39.31 -8.32
C ASN J 16 1.07 -40.74 -7.80
N PRO J 17 1.54 -41.01 -6.57
CA PRO J 17 1.44 -42.36 -5.98
C PRO J 17 0.02 -42.94 -6.09
N SER J 18 -0.98 -42.08 -5.92
CA SER J 18 -2.38 -42.49 -5.95
C SER J 18 -3.03 -42.45 -7.34
N THR J 19 -3.08 -41.26 -7.95
CA THR J 19 -3.83 -41.05 -9.19
C THR J 19 -3.17 -41.69 -10.43
N GLY J 20 -1.87 -41.97 -10.34
CA GLY J 20 -1.10 -42.45 -11.48
C GLY J 20 -0.92 -41.33 -12.50
N LYS J 21 -1.02 -40.10 -12.01
CA LYS J 21 -0.96 -38.90 -12.85
C LYS J 21 0.16 -37.98 -12.40
N TYR J 22 0.99 -37.55 -13.34
CA TYR J 22 2.07 -36.61 -13.06
C TYR J 22 1.54 -35.23 -12.66
N THR J 23 2.16 -34.62 -11.66
CA THR J 23 1.83 -33.25 -11.24
C THR J 23 2.61 -32.20 -12.06
N VAL J 24 1.89 -31.21 -12.57
CA VAL J 24 2.47 -30.16 -13.41
C VAL J 24 1.91 -28.77 -13.08
N SER J 25 2.76 -27.89 -12.55
CA SER J 25 2.37 -26.52 -12.25
C SER J 25 1.86 -25.82 -13.50
N PHE J 26 1.00 -24.82 -13.36
CA PHE J 26 0.51 -24.14 -14.56
C PHE J 26 0.96 -22.68 -14.73
N ILE J 27 0.32 -21.75 -14.03
CA ILE J 27 0.52 -20.32 -14.29
C ILE J 27 -0.17 -19.98 -15.60
N GLU J 28 -1.48 -19.74 -15.53
CA GLU J 28 -2.25 -19.47 -16.73
C GLU J 28 -1.97 -18.08 -17.27
N GLY J 29 -1.40 -17.22 -16.42
CA GLY J 29 -1.09 -15.87 -16.84
C GLY J 29 -2.35 -15.07 -17.09
N ASP J 30 -2.23 -14.01 -17.89
CA ASP J 30 -3.34 -13.09 -18.09
C ASP J 30 -3.54 -12.70 -19.54
N GLY J 31 -4.42 -11.73 -19.79
CA GLY J 31 -4.81 -11.38 -21.14
C GLY J 31 -5.49 -12.57 -21.77
N ILE J 32 -4.94 -13.05 -22.88
CA ILE J 32 -5.48 -14.24 -23.54
C ILE J 32 -5.00 -15.50 -22.85
N GLY J 33 -4.34 -15.34 -21.71
CA GLY J 33 -3.82 -16.47 -20.96
C GLY J 33 -4.86 -17.49 -20.58
N PRO J 34 -5.87 -17.07 -19.81
CA PRO J 34 -6.96 -17.96 -19.37
C PRO J 34 -7.51 -18.85 -20.49
N GLU J 35 -7.98 -18.25 -21.59
CA GLU J 35 -8.65 -19.01 -22.66
C GLU J 35 -7.73 -19.95 -23.44
N ILE J 36 -6.44 -19.62 -23.45
CA ILE J 36 -5.46 -20.48 -24.10
C ILE J 36 -5.08 -21.65 -23.19
N SER J 37 -5.03 -21.41 -21.89
CA SER J 37 -4.80 -22.49 -20.93
C SER J 37 -5.96 -23.47 -20.94
N LYS J 38 -7.17 -22.91 -21.08
CA LYS J 38 -8.39 -23.71 -21.07
C LYS J 38 -8.32 -24.71 -22.21
N SER J 39 -7.89 -24.22 -23.37
CA SER J 39 -7.75 -25.07 -24.55
C SER J 39 -6.73 -26.19 -24.38
N VAL J 40 -5.70 -25.94 -23.58
CA VAL J 40 -4.64 -26.94 -23.39
C VAL J 40 -5.14 -28.07 -22.50
N LYS J 41 -5.96 -27.73 -21.52
CA LYS J 41 -6.50 -28.71 -20.59
C LYS J 41 -7.53 -29.61 -21.28
N LYS J 42 -8.36 -29.02 -22.14
CA LYS J 42 -9.39 -29.76 -22.88
C LYS J 42 -8.79 -30.74 -23.90
N ILE J 43 -7.57 -30.47 -24.34
CA ILE J 43 -6.89 -31.31 -25.31
C ILE J 43 -6.00 -32.33 -24.59
N PHE J 44 -5.66 -32.02 -23.35
CA PHE J 44 -4.87 -32.93 -22.53
C PHE J 44 -5.77 -33.97 -21.85
N SER J 45 -7.00 -33.57 -21.55
CA SER J 45 -8.00 -34.47 -21.02
C SER J 45 -8.54 -35.36 -22.15
N ALA J 46 -8.89 -34.74 -23.27
CA ALA J 46 -9.45 -35.45 -24.43
C ALA J 46 -8.49 -36.46 -25.08
N ALA J 47 -7.19 -36.33 -24.84
CA ALA J 47 -6.22 -37.29 -25.37
C ALA J 47 -5.77 -38.22 -24.26
N ASN J 48 -6.42 -38.07 -23.11
CA ASN J 48 -6.11 -38.84 -21.90
C ASN J 48 -4.60 -38.92 -21.63
N VAL J 49 -4.07 -37.85 -21.06
CA VAL J 49 -2.66 -37.83 -20.69
C VAL J 49 -2.55 -37.77 -19.16
N PRO J 50 -1.55 -38.48 -18.62
CA PRO J 50 -1.26 -38.68 -17.19
C PRO J 50 -0.86 -37.43 -16.43
N ILE J 51 -1.68 -36.39 -16.46
CA ILE J 51 -1.31 -35.10 -15.89
C ILE J 51 -2.45 -34.40 -15.15
N GLU J 52 -2.16 -34.01 -13.91
CA GLU J 52 -3.06 -33.17 -13.13
C GLU J 52 -2.39 -31.81 -12.91
N TRP J 53 -3.14 -30.74 -13.20
CA TRP J 53 -2.62 -29.37 -13.11
C TRP J 53 -2.48 -28.86 -11.67
N GLU J 54 -2.20 -27.57 -11.51
CA GLU J 54 -1.97 -26.99 -10.19
C GLU J 54 -1.71 -25.49 -10.31
N SER J 55 -2.61 -24.77 -10.97
CA SER J 55 -2.37 -23.37 -11.35
C SER J 55 -1.66 -22.54 -10.26
N CYS J 56 -0.56 -21.91 -10.64
CA CYS J 56 0.24 -21.07 -9.73
C CYS J 56 0.07 -19.59 -10.05
N ASP J 57 0.28 -18.75 -9.03
CA ASP J 57 0.35 -17.32 -9.24
C ASP J 57 1.79 -16.90 -9.01
N VAL J 58 2.31 -16.12 -9.95
CA VAL J 58 3.69 -15.67 -9.90
C VAL J 58 3.77 -14.14 -9.83
N SER J 59 2.64 -13.49 -9.56
CA SER J 59 2.61 -12.03 -9.40
C SER J 59 3.80 -11.57 -8.56
N PRO J 60 4.57 -10.62 -9.09
CA PRO J 60 5.83 -10.16 -8.50
C PRO J 60 5.65 -9.58 -7.10
N ILE J 61 6.05 -10.34 -6.08
CA ILE J 61 6.16 -9.80 -4.73
C ILE J 61 7.48 -9.03 -4.61
N PHE J 62 7.52 -8.00 -3.77
CA PHE J 62 8.75 -7.24 -3.59
C PHE J 62 9.35 -7.47 -2.19
N VAL J 63 10.62 -7.85 -2.14
CA VAL J 63 11.32 -8.08 -0.87
C VAL J 63 12.66 -7.36 -0.88
N ASN J 64 12.75 -6.25 -0.15
CA ASN J 64 13.91 -5.37 -0.18
C ASN J 64 14.03 -4.56 -1.49
N GLY J 65 12.90 -4.35 -2.17
CA GLY J 65 12.88 -3.65 -3.44
C GLY J 65 13.28 -4.54 -4.60
N LEU J 66 14.00 -5.62 -4.25
CA LEU J 66 14.39 -6.68 -5.18
C LEU J 66 13.17 -7.57 -5.45
N THR J 67 12.72 -7.60 -6.70
CA THR J 67 11.55 -8.41 -7.07
C THR J 67 11.76 -9.89 -6.76
N THR J 68 10.82 -10.46 -6.00
CA THR J 68 10.90 -11.86 -5.59
C THR J 68 9.65 -12.60 -6.04
N ILE J 69 9.77 -13.91 -6.20
CA ILE J 69 8.66 -14.72 -6.66
C ILE J 69 7.92 -15.33 -5.46
N PRO J 70 6.59 -15.20 -5.43
CA PRO J 70 5.73 -15.69 -4.34
C PRO J 70 6.05 -17.12 -3.90
N ASP J 71 6.03 -17.36 -2.59
CA ASP J 71 6.38 -18.68 -2.05
C ASP J 71 5.42 -19.82 -2.40
N PRO J 72 4.12 -19.52 -2.54
CA PRO J 72 3.15 -20.53 -3.01
C PRO J 72 3.59 -21.19 -4.33
N ALA J 73 3.92 -20.35 -5.31
CA ALA J 73 4.40 -20.82 -6.61
C ALA J 73 5.79 -21.48 -6.55
N VAL J 74 6.73 -20.89 -5.80
CA VAL J 74 8.07 -21.46 -5.66
C VAL J 74 8.00 -22.93 -5.23
N GLN J 75 7.28 -23.20 -4.14
CA GLN J 75 7.18 -24.54 -3.57
C GLN J 75 6.52 -25.50 -4.54
N SER J 76 5.45 -25.02 -5.17
CA SER J 76 4.72 -25.81 -6.16
C SER J 76 5.62 -26.29 -7.30
N ILE J 77 6.40 -25.36 -7.85
CA ILE J 77 7.22 -25.64 -9.02
C ILE J 77 8.51 -26.39 -8.66
N THR J 78 9.08 -26.09 -7.50
CA THR J 78 10.27 -26.80 -7.03
C THR J 78 9.94 -28.26 -6.81
N LYS J 79 8.70 -28.52 -6.42
CA LYS J 79 8.24 -29.89 -6.15
C LYS J 79 7.92 -30.64 -7.45
N ASN J 80 7.13 -30.02 -8.32
CA ASN J 80 6.69 -30.67 -9.54
C ASN J 80 7.79 -30.85 -10.60
N LEU J 81 8.78 -29.95 -10.55
CA LEU J 81 9.93 -29.99 -11.46
C LEU J 81 9.60 -29.55 -12.90
N VAL J 82 8.33 -29.30 -13.17
CA VAL J 82 7.87 -28.84 -14.47
C VAL J 82 6.75 -27.80 -14.35
N ALA J 83 6.72 -26.83 -15.27
CA ALA J 83 5.67 -25.82 -15.31
C ALA J 83 5.37 -25.48 -16.76
N LEU J 84 4.17 -24.97 -17.01
CA LEU J 84 3.78 -24.58 -18.35
C LEU J 84 3.04 -23.24 -18.29
N LYS J 85 3.75 -22.12 -18.49
CA LYS J 85 3.14 -20.81 -18.34
C LYS J 85 2.72 -20.16 -19.65
N GLY J 86 1.64 -19.40 -19.58
CA GLY J 86 1.22 -18.59 -20.71
C GLY J 86 1.75 -17.18 -20.53
N PRO J 87 1.23 -16.25 -21.34
CA PRO J 87 1.68 -14.86 -21.38
C PRO J 87 1.43 -14.12 -20.06
N LEU J 88 2.14 -13.02 -19.83
CA LEU J 88 1.84 -12.11 -18.73
C LEU J 88 2.36 -10.70 -19.00
N ALA J 89 1.55 -9.70 -18.62
CA ALA J 89 1.84 -8.30 -18.94
C ALA J 89 3.04 -7.73 -18.18
N THR J 90 3.41 -6.49 -18.52
CA THR J 90 4.62 -5.85 -18.03
C THR J 90 4.36 -4.84 -16.91
N PRO J 91 4.41 -5.28 -15.62
CA PRO J 91 4.18 -4.29 -14.54
C PRO J 91 5.40 -3.37 -14.52
N ARG J 97 11.17 -6.17 -11.49
CA ARG J 97 12.50 -5.87 -11.97
C ARG J 97 12.36 -6.22 -13.45
N SER J 98 12.62 -7.48 -13.77
CA SER J 98 11.99 -8.14 -14.91
C SER J 98 11.34 -9.43 -14.43
N LEU J 99 10.08 -9.61 -14.78
CA LEU J 99 9.32 -10.76 -14.33
C LEU J 99 9.96 -12.06 -14.82
N ASN J 100 10.27 -12.10 -16.12
CA ASN J 100 10.91 -13.25 -16.72
C ASN J 100 12.33 -13.46 -16.22
N LEU J 101 13.02 -12.37 -15.88
CA LEU J 101 14.40 -12.46 -15.43
C LEU J 101 14.51 -13.09 -14.03
N THR J 102 13.61 -12.73 -13.12
CA THR J 102 13.64 -13.33 -11.78
C THR J 102 13.20 -14.78 -11.82
N LEU J 103 12.25 -15.07 -12.70
CA LEU J 103 11.80 -16.44 -12.92
C LEU J 103 12.99 -17.36 -13.24
N ARG J 104 13.87 -16.91 -14.13
CA ARG J 104 15.03 -17.71 -14.53
C ARG J 104 16.08 -17.81 -13.42
N LYS J 105 16.20 -16.76 -12.63
CA LYS J 105 17.18 -16.75 -11.57
C LYS J 105 16.80 -17.69 -10.42
N THR J 106 15.54 -17.65 -10.01
CA THR J 106 15.10 -18.47 -8.87
C THR J 106 15.13 -19.97 -9.15
N PHE J 107 14.79 -20.38 -10.37
CA PHE J 107 14.71 -21.81 -10.70
C PHE J 107 15.94 -22.38 -11.39
N GLY J 108 16.99 -21.56 -11.50
CA GLY J 108 18.24 -21.99 -12.10
C GLY J 108 18.13 -22.39 -13.56
N LEU J 109 17.31 -21.65 -14.32
CA LEU J 109 17.15 -21.88 -15.75
C LEU J 109 18.30 -21.27 -16.53
N PHE J 110 19.08 -22.10 -17.20
CA PHE J 110 20.29 -21.62 -17.85
C PHE J 110 20.22 -21.69 -19.36
N ALA J 111 19.31 -22.48 -19.91
CA ALA J 111 19.20 -22.62 -21.35
C ALA J 111 17.80 -22.31 -21.86
N ASN J 112 17.73 -21.64 -23.00
CA ASN J 112 16.46 -21.33 -23.64
C ASN J 112 16.44 -22.02 -24.99
N VAL J 113 15.47 -22.92 -25.21
CA VAL J 113 15.38 -23.64 -26.47
C VAL J 113 14.27 -23.08 -27.33
N ARG J 114 14.63 -22.64 -28.53
CA ARG J 114 13.70 -21.94 -29.42
C ARG J 114 13.67 -22.57 -30.79
N PRO J 115 12.71 -23.45 -31.03
CA PRO J 115 12.46 -24.06 -32.33
C PRO J 115 11.73 -23.10 -33.24
N ALA J 116 12.00 -23.14 -34.53
CA ALA J 116 11.19 -22.40 -35.48
C ALA J 116 10.92 -23.27 -36.71
N LYS J 117 9.71 -23.82 -36.79
CA LYS J 117 9.35 -24.70 -37.90
C LYS J 117 8.20 -24.17 -38.73
N SER J 118 8.29 -24.37 -40.05
CA SER J 118 7.19 -24.08 -40.95
C SER J 118 6.01 -25.00 -40.66
N ILE J 119 4.79 -24.52 -40.91
CA ILE J 119 3.61 -25.35 -40.77
C ILE J 119 3.25 -25.95 -42.13
N GLU J 120 3.20 -27.29 -42.21
CA GLU J 120 2.83 -27.98 -43.45
C GLU J 120 1.41 -27.65 -43.88
N GLY J 121 1.26 -27.16 -45.11
CA GLY J 121 -0.04 -26.80 -45.65
C GLY J 121 -0.43 -25.34 -45.45
N PHE J 122 0.34 -24.62 -44.65
CA PHE J 122 0.10 -23.20 -44.44
C PHE J 122 1.15 -22.35 -45.17
N LYS J 123 0.68 -21.58 -46.14
CA LYS J 123 1.55 -20.78 -47.01
C LYS J 123 2.09 -19.54 -46.28
N THR J 124 3.37 -19.60 -45.93
CA THR J 124 4.09 -18.43 -45.41
C THR J 124 5.16 -18.05 -46.42
N THR J 125 5.78 -16.89 -46.21
CA THR J 125 6.70 -16.37 -47.20
C THR J 125 8.00 -17.22 -47.35
N TYR J 126 8.47 -17.82 -46.27
CA TYR J 126 9.61 -18.73 -46.34
C TYR J 126 9.14 -20.17 -46.20
N GLU J 127 9.86 -21.11 -46.81
CA GLU J 127 9.42 -22.50 -46.80
C GLU J 127 10.48 -23.49 -46.35
N ASN J 128 10.03 -24.57 -45.74
CA ASN J 128 10.88 -25.69 -45.35
C ASN J 128 11.90 -25.31 -44.30
N VAL J 129 11.50 -24.39 -43.43
CA VAL J 129 12.36 -24.00 -42.34
C VAL J 129 12.12 -24.89 -41.12
N ASP J 130 13.19 -25.43 -40.57
CA ASP J 130 13.12 -26.20 -39.34
C ASP J 130 14.37 -25.93 -38.52
N LEU J 131 14.35 -24.84 -37.76
CA LEU J 131 15.53 -24.36 -37.08
C LEU J 131 15.44 -24.59 -35.59
N VAL J 132 16.57 -24.89 -34.98
CA VAL J 132 16.64 -25.03 -33.54
C VAL J 132 17.78 -24.20 -33.00
N LEU J 133 17.49 -23.27 -32.08
CA LEU J 133 18.48 -22.40 -31.46
C LEU J 133 18.48 -22.51 -29.95
N ILE J 134 19.61 -22.82 -29.36
CA ILE J 134 19.75 -22.85 -27.91
C ILE J 134 20.60 -21.67 -27.48
N ARG J 135 20.09 -20.83 -26.59
CA ARG J 135 20.85 -19.67 -26.14
C ARG J 135 21.06 -19.68 -24.62
N GLU J 136 22.19 -19.14 -24.20
CA GLU J 136 22.48 -19.00 -22.78
C GLU J 136 21.55 -17.94 -22.14
N ASN J 137 21.14 -18.12 -20.88
CA ASN J 137 20.20 -17.21 -20.24
C ASN J 137 20.68 -16.53 -18.95
N THR J 138 21.74 -17.08 -18.36
CA THR J 138 22.33 -16.61 -17.11
C THR J 138 22.95 -15.24 -17.23
N GLU J 139 24.08 -15.18 -17.92
CA GLU J 139 24.93 -14.00 -17.92
C GLU J 139 24.68 -13.13 -19.14
N GLY J 140 25.74 -12.50 -19.65
CA GLY J 140 25.61 -11.58 -20.77
C GLY J 140 24.96 -10.25 -20.36
N GLU J 141 24.13 -9.73 -21.24
CA GLU J 141 23.47 -8.46 -20.99
C GLU J 141 22.36 -8.57 -19.96
N TYR J 142 22.02 -9.80 -19.55
CA TYR J 142 21.01 -10.00 -18.51
C TYR J 142 21.59 -9.68 -17.12
N SER J 143 22.82 -10.12 -16.87
CA SER J 143 23.54 -9.77 -15.64
C SER J 143 24.42 -8.51 -15.84
N GLY J 144 24.06 -7.70 -16.82
CA GLY J 144 24.85 -6.53 -17.18
C GLY J 144 24.66 -5.30 -16.30
N ILE J 145 25.69 -4.46 -16.25
CA ILE J 145 25.68 -3.25 -15.45
C ILE J 145 25.96 -2.03 -16.33
N GLU J 146 25.17 -0.98 -16.15
CA GLU J 146 25.41 0.26 -16.88
C GLU J 146 25.67 1.38 -15.91
N HIS J 147 26.61 2.25 -16.24
CA HIS J 147 26.75 3.46 -15.46
C HIS J 147 27.34 4.62 -16.23
N ILE J 148 27.15 5.81 -15.67
CA ILE J 148 27.66 7.02 -16.28
C ILE J 148 29.07 7.29 -15.78
N VAL J 149 30.01 7.31 -16.70
CA VAL J 149 31.41 7.51 -16.34
C VAL J 149 31.80 8.97 -16.28
N CYS J 150 31.81 9.62 -17.44
CA CYS J 150 31.86 11.08 -17.50
C CYS J 150 30.49 11.59 -17.99
N PRO J 151 30.28 12.91 -17.99
CA PRO J 151 28.92 13.46 -18.10
C PRO J 151 28.05 13.00 -19.30
N GLY J 152 28.63 12.74 -20.47
CA GLY J 152 27.79 12.22 -21.55
C GLY J 152 28.13 10.80 -22.00
N VAL J 153 28.58 9.96 -21.08
CA VAL J 153 29.21 8.73 -21.46
C VAL J 153 28.71 7.53 -20.66
N VAL J 154 27.99 6.63 -21.31
CA VAL J 154 27.52 5.44 -20.65
C VAL J 154 28.48 4.31 -20.91
N GLN J 155 28.90 3.63 -19.85
CA GLN J 155 29.73 2.46 -20.00
C GLN J 155 28.93 1.20 -19.62
N SER J 156 29.06 0.15 -20.41
CA SER J 156 28.36 -1.12 -20.18
C SER J 156 29.37 -2.15 -19.71
N ILE J 157 28.99 -2.97 -18.74
CA ILE J 157 29.84 -4.03 -18.28
C ILE J 157 29.07 -5.35 -18.41
N LYS J 158 29.65 -6.28 -19.15
CA LYS J 158 28.99 -7.56 -19.43
C LYS J 158 29.96 -8.70 -19.15
N LEU J 159 29.42 -9.80 -18.65
CA LEU J 159 30.25 -10.90 -18.18
C LEU J 159 29.94 -12.18 -18.93
N ILE J 160 30.97 -12.93 -19.25
CA ILE J 160 30.78 -14.30 -19.74
C ILE J 160 31.74 -15.25 -19.00
N THR J 161 31.25 -16.42 -18.60
CA THR J 161 32.09 -17.39 -17.85
C THR J 161 32.18 -18.75 -18.54
N ARG J 162 33.31 -19.42 -18.34
CA ARG J 162 33.51 -20.79 -18.80
C ARG J 162 32.42 -21.70 -18.24
N ASP J 163 32.14 -21.61 -16.95
CA ASP J 163 31.13 -22.47 -16.33
C ASP J 163 29.76 -22.40 -17.01
N ALA J 164 29.22 -21.20 -17.18
CA ALA J 164 27.90 -21.05 -17.74
C ALA J 164 27.87 -21.47 -19.20
N SER J 165 28.99 -21.29 -19.89
CA SER J 165 29.11 -21.67 -21.29
C SER J 165 29.19 -23.19 -21.49
N GLU J 166 29.99 -23.86 -20.64
CA GLU J 166 30.09 -25.31 -20.63
C GLU J 166 28.87 -25.84 -19.91
N ARG J 167 27.73 -25.80 -20.56
CA ARG J 167 26.49 -26.07 -19.88
C ARG J 167 25.34 -25.81 -20.83
N VAL J 168 25.32 -24.64 -21.47
CA VAL J 168 24.46 -24.50 -22.64
C VAL J 168 25.05 -25.31 -23.75
N ILE J 169 26.38 -25.39 -23.78
CA ILE J 169 27.03 -26.12 -24.86
C ILE J 169 26.87 -27.64 -24.67
N ARG J 170 27.09 -28.13 -23.46
CA ARG J 170 26.74 -29.53 -23.17
C ARG J 170 25.30 -29.82 -23.58
N TYR J 171 24.39 -28.98 -23.13
CA TYR J 171 22.98 -29.21 -23.40
C TYR J 171 22.69 -29.20 -24.90
N ALA J 172 23.39 -28.37 -25.64
CA ALA J 172 23.17 -28.26 -27.06
C ALA J 172 23.55 -29.56 -27.75
N PHE J 173 24.64 -30.15 -27.30
CA PHE J 173 25.09 -31.45 -27.78
C PHE J 173 24.07 -32.54 -27.46
N GLU J 174 23.76 -32.69 -26.19
CA GLU J 174 22.82 -33.71 -25.75
C GLU J 174 21.43 -33.54 -26.36
N TYR J 175 21.10 -32.34 -26.77
CA TYR J 175 19.81 -32.07 -27.36
C TYR J 175 19.86 -32.40 -28.84
N ALA J 176 21.03 -32.29 -29.44
CA ALA J 176 21.16 -32.60 -30.85
C ALA J 176 21.10 -34.10 -31.03
N ARG J 177 21.83 -34.82 -30.18
CA ARG J 177 21.74 -36.25 -30.09
C ARG J 177 20.29 -36.70 -29.84
N ALA J 178 19.64 -36.11 -28.85
CA ALA J 178 18.26 -36.47 -28.51
C ALA J 178 17.18 -36.21 -29.56
N ILE J 179 17.44 -35.40 -30.58
CA ILE J 179 16.45 -35.18 -31.63
C ILE J 179 16.99 -35.63 -32.97
N GLY J 180 18.14 -36.31 -32.93
CA GLY J 180 18.76 -36.87 -34.12
C GLY J 180 19.26 -35.86 -35.14
N ARG J 181 20.15 -34.97 -34.72
CA ARG J 181 20.79 -34.05 -35.65
C ARG J 181 22.31 -34.22 -35.55
N PRO J 182 22.96 -34.32 -36.72
CA PRO J 182 24.41 -34.51 -36.86
C PRO J 182 25.27 -33.34 -36.33
N ARG J 183 24.94 -32.10 -36.73
CA ARG J 183 25.80 -30.94 -36.43
C ARG J 183 25.30 -30.05 -35.31
N VAL J 184 26.20 -29.62 -34.44
CA VAL J 184 25.91 -28.44 -33.62
C VAL J 184 26.81 -27.30 -34.08
N ILE J 185 26.18 -26.19 -34.42
CA ILE J 185 26.89 -25.00 -34.86
C ILE J 185 26.99 -23.96 -33.74
N VAL J 186 28.21 -23.63 -33.33
CA VAL J 186 28.41 -22.51 -32.42
C VAL J 186 28.49 -21.22 -33.23
N VAL J 187 27.60 -20.28 -32.93
CA VAL J 187 27.56 -18.97 -33.56
C VAL J 187 28.20 -17.92 -32.67
N HIS J 188 29.11 -17.12 -33.24
CA HIS J 188 29.91 -16.18 -32.47
C HIS J 188 30.30 -15.02 -33.36
N LYS J 189 30.91 -13.98 -32.77
CA LYS J 189 31.38 -12.81 -33.52
C LYS J 189 32.92 -12.86 -33.58
N SER J 190 33.52 -12.09 -34.49
CA SER J 190 34.96 -12.22 -34.81
C SER J 190 35.82 -12.73 -33.66
N THR J 191 36.21 -13.99 -33.73
CA THR J 191 36.91 -14.70 -32.65
C THR J 191 38.22 -14.07 -32.15
N ILE J 192 38.95 -13.37 -33.03
CA ILE J 192 40.26 -12.83 -32.66
C ILE J 192 40.20 -11.40 -32.07
N GLN J 193 39.14 -10.67 -32.38
CA GLN J 193 38.96 -9.29 -31.90
C GLN J 193 38.03 -9.20 -30.68
N ARG J 194 37.48 -10.35 -30.28
CA ARG J 194 36.79 -10.51 -29.01
C ARG J 194 37.13 -11.86 -28.38
N LEU J 195 37.98 -11.84 -27.35
CA LEU J 195 38.32 -13.04 -26.62
C LEU J 195 37.18 -13.54 -25.71
N ALA J 196 36.02 -12.89 -25.75
CA ALA J 196 34.84 -13.41 -25.08
C ALA J 196 34.23 -14.50 -25.91
N ASP J 197 34.24 -14.33 -27.23
CA ASP J 197 33.76 -15.35 -28.13
C ASP J 197 34.83 -16.44 -28.28
N GLY J 198 36.08 -16.06 -28.11
CA GLY J 198 37.14 -17.03 -28.09
C GLY J 198 36.97 -18.03 -26.96
N LEU J 199 36.43 -17.57 -25.84
CA LEU J 199 36.26 -18.46 -24.69
C LEU J 199 35.10 -19.42 -24.92
N PHE J 200 34.04 -18.90 -25.53
CA PHE J 200 32.88 -19.69 -25.85
C PHE J 200 33.22 -20.77 -26.89
N VAL J 201 34.00 -20.42 -27.89
CA VAL J 201 34.39 -21.37 -28.92
C VAL J 201 35.33 -22.44 -28.38
N ASN J 202 36.28 -22.04 -27.54
CA ASN J 202 37.21 -22.99 -26.93
C ASN J 202 36.49 -24.01 -26.06
N VAL J 203 35.52 -23.54 -25.30
CA VAL J 203 34.73 -24.43 -24.46
C VAL J 203 33.98 -25.46 -25.32
N ALA J 204 33.53 -25.03 -26.49
CA ALA J 204 32.79 -25.90 -27.39
C ALA J 204 33.69 -26.98 -28.02
N LYS J 205 34.94 -26.63 -28.27
CA LYS J 205 35.90 -27.55 -28.85
C LYS J 205 36.34 -28.61 -27.83
N GLU J 206 36.31 -28.22 -26.56
CA GLU J 206 36.71 -29.09 -25.47
C GLU J 206 35.67 -30.19 -25.28
N LEU J 207 34.41 -29.84 -25.49
CA LEU J 207 33.32 -30.77 -25.30
C LEU J 207 33.10 -31.58 -26.56
N SER J 208 33.69 -31.12 -27.65
CA SER J 208 33.54 -31.77 -28.95
C SER J 208 33.94 -33.24 -28.89
N LYS J 209 34.96 -33.52 -28.08
CA LYS J 209 35.55 -34.85 -27.99
C LYS J 209 34.72 -35.81 -27.15
N GLU J 210 33.92 -35.30 -26.24
CA GLU J 210 33.01 -36.15 -25.46
C GLU J 210 31.74 -36.49 -26.22
N TYR J 211 31.62 -36.01 -27.45
CA TYR J 211 30.45 -36.29 -28.28
C TYR J 211 30.90 -36.55 -29.71
N PRO J 212 31.43 -37.77 -29.95
CA PRO J 212 32.05 -38.16 -31.22
C PRO J 212 31.00 -38.39 -32.30
N ASP J 213 29.78 -38.72 -31.89
CA ASP J 213 28.66 -38.89 -32.83
C ASP J 213 28.17 -37.58 -33.45
N LEU J 214 28.65 -36.47 -32.90
CA LEU J 214 28.22 -35.16 -33.33
C LEU J 214 29.36 -34.37 -33.97
N THR J 215 29.03 -33.68 -35.05
CA THR J 215 29.96 -32.78 -35.74
C THR J 215 29.84 -31.33 -35.25
N LEU J 216 30.93 -30.77 -34.73
CA LEU J 216 30.97 -29.37 -34.31
C LEU J 216 31.46 -28.44 -35.41
N GLU J 217 30.59 -27.54 -35.87
CA GLU J 217 31.03 -26.46 -36.75
C GLU J 217 30.95 -25.12 -35.99
N THR J 218 31.82 -24.19 -36.35
CA THR J 218 31.70 -22.82 -35.84
C THR J 218 31.40 -21.87 -36.99
N GLU J 219 30.62 -20.83 -36.72
CA GLU J 219 30.25 -19.89 -37.78
C GLU J 219 30.14 -18.46 -37.27
N LEU J 220 30.65 -17.52 -38.04
CA LEU J 220 30.49 -16.10 -37.74
C LEU J 220 29.01 -15.75 -37.82
N ILE J 221 28.51 -15.03 -36.83
CA ILE J 221 27.11 -14.67 -36.82
C ILE J 221 26.73 -13.95 -38.14
N ASP J 222 27.65 -13.17 -38.69
CA ASP J 222 27.44 -12.52 -39.99
C ASP J 222 27.03 -13.54 -41.06
N ASN J 223 27.85 -14.59 -41.21
CA ASN J 223 27.60 -15.61 -42.23
C ASN J 223 26.33 -16.38 -41.96
N SER J 224 26.13 -16.72 -40.69
CA SER J 224 24.92 -17.43 -40.31
C SER J 224 23.67 -16.70 -40.76
N VAL J 225 23.58 -15.39 -40.56
CA VAL J 225 22.33 -14.77 -40.93
C VAL J 225 22.20 -14.64 -42.43
N LEU J 226 23.32 -14.54 -43.13
CA LEU J 226 23.29 -14.47 -44.58
C LEU J 226 22.79 -15.80 -45.15
N LYS J 227 23.33 -16.90 -44.64
CA LYS J 227 22.97 -18.22 -45.11
C LYS J 227 21.52 -18.55 -44.78
N VAL J 228 21.17 -18.48 -43.50
CA VAL J 228 19.84 -18.84 -43.01
C VAL J 228 18.73 -18.10 -43.73
N VAL J 229 18.95 -16.84 -44.07
CA VAL J 229 17.89 -16.09 -44.72
C VAL J 229 17.79 -16.40 -46.21
N THR J 230 18.92 -16.66 -46.87
CA THR J 230 18.84 -17.04 -48.28
C THR J 230 18.27 -18.45 -48.39
N ASN J 231 18.58 -19.32 -47.45
CA ASN J 231 18.14 -20.71 -47.52
C ASN J 231 18.00 -21.42 -46.18
N PRO J 232 16.85 -21.25 -45.51
CA PRO J 232 16.63 -21.78 -44.16
C PRO J 232 16.85 -23.30 -44.03
N SER J 233 16.55 -24.03 -45.10
CA SER J 233 16.57 -25.49 -45.04
C SER J 233 17.96 -26.03 -44.75
N ALA J 234 18.98 -25.27 -45.14
CA ALA J 234 20.37 -25.67 -44.95
C ALA J 234 20.77 -25.90 -43.48
N TYR J 235 19.87 -25.58 -42.57
CA TYR J 235 20.17 -25.67 -41.15
C TYR J 235 19.24 -26.61 -40.41
N THR J 236 18.40 -27.34 -41.15
CA THR J 236 17.45 -28.24 -40.51
C THR J 236 18.09 -29.55 -40.04
N ASP J 237 19.38 -29.71 -40.30
CA ASP J 237 20.15 -30.85 -39.79
C ASP J 237 21.10 -30.40 -38.70
N ALA J 238 20.83 -29.24 -38.12
CA ALA J 238 21.75 -28.67 -37.15
C ALA J 238 21.05 -28.04 -35.96
N VAL J 239 21.80 -27.99 -34.86
CA VAL J 239 21.39 -27.28 -33.68
C VAL J 239 22.40 -26.16 -33.42
N SER J 240 21.94 -24.91 -33.41
CA SER J 240 22.81 -23.77 -33.10
C SER J 240 22.83 -23.42 -31.62
N VAL J 241 24.00 -23.15 -31.07
CA VAL J 241 24.12 -22.47 -29.78
C VAL J 241 24.83 -21.12 -29.91
N CYS J 242 24.45 -20.15 -29.09
CA CYS J 242 25.16 -18.89 -29.05
C CYS J 242 25.21 -18.31 -27.67
N PRO J 243 26.12 -17.36 -27.44
CA PRO J 243 26.19 -16.69 -26.13
C PRO J 243 24.95 -15.82 -25.95
N ASN J 244 24.66 -15.44 -24.71
CA ASN J 244 23.44 -14.67 -24.43
C ASN J 244 23.23 -13.42 -25.30
N LEU J 245 24.34 -12.75 -25.67
CA LEU J 245 24.35 -11.52 -26.48
C LEU J 245 23.50 -11.50 -27.76
N TYR J 246 23.64 -12.52 -28.58
CA TYR J 246 22.95 -12.57 -29.86
C TYR J 246 21.70 -13.43 -29.81
N GLY J 247 21.47 -14.09 -28.69
CA GLY J 247 20.34 -14.98 -28.55
C GLY J 247 18.99 -14.35 -28.88
N ASP J 248 18.69 -13.23 -28.23
CA ASP J 248 17.45 -12.48 -28.48
C ASP J 248 17.23 -12.28 -29.97
N ILE J 249 18.20 -11.65 -30.63
CA ILE J 249 18.14 -11.30 -32.05
C ILE J 249 17.96 -12.50 -33.01
N LEU J 250 18.80 -13.52 -32.84
CA LEU J 250 18.74 -14.70 -33.68
C LEU J 250 17.44 -15.47 -33.54
N SER J 251 16.98 -15.73 -32.32
CA SER J 251 15.73 -16.47 -32.16
C SER J 251 14.52 -15.75 -32.77
N ASP J 252 14.48 -14.42 -32.69
CA ASP J 252 13.40 -13.63 -33.29
C ASP J 252 13.50 -13.55 -34.81
N LEU J 253 14.71 -13.66 -35.33
CA LEU J 253 14.93 -13.74 -36.76
C LEU J 253 14.47 -15.10 -37.30
N ASN J 254 14.72 -16.16 -36.54
CA ASN J 254 14.27 -17.49 -36.88
C ASN J 254 12.74 -17.58 -36.95
N SER J 255 12.06 -16.98 -35.98
CA SER J 255 10.60 -16.96 -35.96
C SER J 255 10.02 -16.09 -37.08
N GLY J 256 10.81 -15.14 -37.56
CA GLY J 256 10.43 -14.34 -38.70
C GLY J 256 10.51 -15.14 -39.98
N LEU J 257 11.43 -16.10 -40.02
CA LEU J 257 11.57 -16.99 -41.16
C LEU J 257 10.42 -18.00 -41.21
N SER J 258 10.14 -18.62 -40.06
CA SER J 258 9.14 -19.67 -39.98
C SER J 258 7.69 -19.19 -40.10
N ALA J 259 7.39 -18.00 -39.56
CA ALA J 259 6.01 -17.55 -39.42
C ALA J 259 5.76 -16.09 -39.76
N GLY J 260 6.76 -15.25 -39.55
CA GLY J 260 6.58 -13.82 -39.75
C GLY J 260 6.13 -13.12 -38.47
N SER J 261 6.21 -13.84 -37.35
CA SER J 261 5.90 -13.27 -36.03
C SER J 261 6.15 -14.30 -34.93
N LEU J 262 5.98 -13.87 -33.68
CA LEU J 262 6.17 -14.76 -32.53
C LEU J 262 4.94 -15.61 -32.23
N GLY J 263 3.91 -15.45 -33.05
CA GLY J 263 2.60 -16.05 -32.84
C GLY J 263 2.53 -17.55 -32.69
N LEU J 264 3.40 -18.27 -33.39
CA LEU J 264 3.33 -19.72 -33.42
C LEU J 264 4.55 -20.36 -32.79
N THR J 265 5.24 -19.59 -31.94
CA THR J 265 6.53 -20.01 -31.42
C THR J 265 6.53 -20.50 -29.98
N PRO J 266 6.97 -21.74 -29.77
CA PRO J 266 7.19 -22.41 -28.48
C PRO J 266 8.57 -22.10 -27.97
N SER J 267 8.77 -22.21 -26.66
CA SER J 267 10.08 -22.03 -26.08
C SER J 267 10.18 -22.85 -24.82
N ALA J 268 11.40 -23.25 -24.51
CA ALA J 268 11.66 -24.06 -23.33
C ALA J 268 12.77 -23.40 -22.51
N ASN J 269 12.57 -23.34 -21.20
CA ASN J 269 13.58 -22.81 -20.32
C ASN J 269 14.09 -23.89 -19.40
N ILE J 270 15.25 -24.45 -19.73
CA ILE J 270 15.75 -25.62 -19.02
C ILE J 270 16.70 -25.28 -17.89
N GLY J 271 16.40 -25.82 -16.71
CA GLY J 271 17.30 -25.72 -15.56
C GLY J 271 17.82 -27.08 -15.15
N HIS J 272 18.68 -27.10 -14.14
CA HIS J 272 19.29 -28.34 -13.68
C HIS J 272 18.26 -29.38 -13.26
N LYS J 273 17.19 -28.90 -12.63
CA LYS J 273 16.08 -29.78 -12.25
C LYS J 273 14.73 -29.29 -12.78
N ILE J 274 14.41 -28.02 -12.52
CA ILE J 274 13.14 -27.45 -13.00
C ILE J 274 13.22 -27.08 -14.49
N SER J 275 12.07 -27.03 -15.16
CA SER J 275 12.00 -26.61 -16.57
C SER J 275 10.63 -26.02 -16.90
N ILE J 276 10.62 -24.80 -17.39
CA ILE J 276 9.39 -24.09 -17.66
C ILE J 276 9.19 -23.93 -19.15
N PHE J 277 7.97 -24.12 -19.61
CA PHE J 277 7.68 -24.11 -21.04
C PHE J 277 6.63 -23.05 -21.31
N GLU J 278 6.83 -22.25 -22.35
CA GLU J 278 5.97 -21.10 -22.56
C GLU J 278 5.93 -20.68 -24.01
N ALA J 279 4.84 -20.04 -24.40
CA ALA J 279 4.78 -19.36 -25.67
C ALA J 279 5.51 -18.05 -25.47
N VAL J 280 5.96 -17.41 -26.55
CA VAL J 280 6.74 -16.20 -26.40
C VAL J 280 6.00 -14.95 -26.86
N HIS J 281 4.76 -15.13 -27.32
CA HIS J 281 3.95 -13.98 -27.69
C HIS J 281 3.45 -13.23 -26.45
N GLY J 282 2.79 -12.10 -26.67
CA GLY J 282 2.32 -11.26 -25.57
C GLY J 282 0.99 -11.62 -24.94
N SER J 283 0.54 -10.79 -24.00
CA SER J 283 -0.75 -10.98 -23.35
C SER J 283 -1.87 -10.64 -24.32
N ALA J 284 -1.62 -9.65 -25.17
CA ALA J 284 -2.59 -9.14 -26.14
C ALA J 284 -3.97 -8.93 -25.51
N PRO J 285 -4.08 -7.95 -24.60
CA PRO J 285 -5.28 -7.75 -23.78
C PRO J 285 -6.49 -7.30 -24.59
N ASP J 286 -6.22 -6.56 -25.66
CA ASP J 286 -7.27 -5.99 -26.51
C ASP J 286 -7.99 -7.03 -27.36
N ILE J 287 -7.57 -8.30 -27.22
CA ILE J 287 -8.25 -9.40 -27.90
C ILE J 287 -8.68 -10.46 -26.89
N ALA J 288 -8.59 -10.11 -25.61
CA ALA J 288 -8.97 -11.03 -24.54
C ALA J 288 -10.48 -11.08 -24.38
N GLY J 289 -10.97 -12.26 -23.97
CA GLY J 289 -12.38 -12.48 -23.80
C GLY J 289 -13.11 -12.74 -25.11
N GLN J 290 -12.69 -12.06 -26.17
CA GLN J 290 -13.36 -12.12 -27.47
C GLN J 290 -13.20 -13.48 -28.18
N ASP J 291 -12.52 -14.42 -27.54
CA ASP J 291 -12.36 -15.78 -28.06
C ASP J 291 -11.62 -15.85 -29.39
N LYS J 292 -10.70 -14.92 -29.63
CA LYS J 292 -9.95 -14.89 -30.88
C LYS J 292 -8.52 -15.40 -30.74
N ALA J 293 -8.12 -15.76 -29.51
CA ALA J 293 -6.75 -16.16 -29.21
C ALA J 293 -6.30 -17.38 -30.02
N ASN J 294 -4.99 -17.54 -30.20
CA ASN J 294 -4.45 -18.70 -30.87
C ASN J 294 -3.54 -19.55 -29.97
N PRO J 295 -4.03 -20.71 -29.54
CA PRO J 295 -3.38 -21.58 -28.54
C PRO J 295 -2.25 -22.43 -29.11
N THR J 296 -1.96 -22.27 -30.40
CA THR J 296 -0.98 -23.14 -31.06
C THR J 296 0.38 -23.05 -30.38
N ALA J 297 0.77 -21.82 -30.06
CA ALA J 297 2.05 -21.56 -29.43
C ALA J 297 2.12 -22.30 -28.12
N LEU J 298 1.14 -22.05 -27.24
CA LEU J 298 1.14 -22.73 -25.95
C LEU J 298 1.02 -24.26 -26.12
N LEU J 299 0.21 -24.68 -27.08
CA LEU J 299 0.06 -26.11 -27.39
C LEU J 299 1.39 -26.78 -27.72
N LEU J 300 2.16 -26.15 -28.60
CA LEU J 300 3.44 -26.69 -29.04
C LEU J 300 4.49 -26.70 -27.91
N SER J 301 4.33 -25.82 -26.93
CA SER J 301 5.18 -25.84 -25.75
C SER J 301 4.80 -27.02 -24.90
N SER J 302 3.54 -27.42 -24.99
CA SER J 302 3.03 -28.59 -24.28
C SER J 302 3.75 -29.82 -24.82
N VAL J 303 3.83 -29.92 -26.14
CA VAL J 303 4.55 -30.99 -26.79
C VAL J 303 5.98 -31.08 -26.28
N MET J 304 6.67 -29.93 -26.25
CA MET J 304 8.04 -29.89 -25.76
C MET J 304 8.12 -30.35 -24.31
N MET J 305 7.10 -30.00 -23.54
CA MET J 305 7.02 -30.38 -22.15
C MET J 305 6.82 -31.89 -22.02
N LEU J 306 5.85 -32.42 -22.75
CA LEU J 306 5.61 -33.86 -22.80
C LEU J 306 6.93 -34.58 -23.11
N ASN J 307 7.51 -34.26 -24.25
CA ASN J 307 8.79 -34.85 -24.67
C ASN J 307 9.90 -34.76 -23.61
N HIS J 308 9.82 -33.75 -22.75
CA HIS J 308 10.83 -33.57 -21.71
C HIS J 308 10.52 -34.50 -20.55
N MET J 309 9.25 -34.92 -20.46
CA MET J 309 8.78 -35.77 -19.38
C MET J 309 8.86 -37.25 -19.75
N GLY J 310 8.91 -37.55 -21.05
CA GLY J 310 9.01 -38.92 -21.50
C GLY J 310 7.76 -39.45 -22.17
N LEU J 311 6.66 -38.70 -22.05
CA LEU J 311 5.39 -39.07 -22.66
C LEU J 311 5.41 -38.88 -24.18
N THR J 312 6.36 -39.52 -24.84
CA THR J 312 6.58 -39.38 -26.28
C THR J 312 5.35 -39.71 -27.11
N ASN J 313 4.61 -40.73 -26.68
CA ASN J 313 3.41 -41.18 -27.40
C ASN J 313 2.34 -40.10 -27.43
N HIS J 314 2.09 -39.51 -26.26
CA HIS J 314 1.14 -38.42 -26.14
C HIS J 314 1.65 -37.16 -26.84
N ALA J 315 2.96 -36.96 -26.80
CA ALA J 315 3.58 -35.80 -27.48
C ALA J 315 3.25 -35.80 -28.96
N ASP J 316 3.57 -36.91 -29.63
CA ASP J 316 3.33 -37.03 -31.06
C ASP J 316 1.83 -37.05 -31.37
N GLN J 317 1.06 -37.71 -30.52
CA GLN J 317 -0.39 -37.71 -30.67
C GLN J 317 -0.89 -36.26 -30.75
N ILE J 318 -0.58 -35.46 -29.73
CA ILE J 318 -1.09 -34.10 -29.60
C ILE J 318 -0.41 -33.10 -30.53
N GLN J 319 0.63 -33.54 -31.25
CA GLN J 319 1.35 -32.65 -32.14
C GLN J 319 1.21 -33.09 -33.58
N ASN J 320 1.53 -34.37 -33.80
CA ASN J 320 1.63 -35.01 -35.12
C ASN J 320 0.37 -34.81 -35.93
N ALA J 321 -0.73 -35.38 -35.45
CA ALA J 321 -2.01 -35.10 -36.05
C ALA J 321 -2.37 -33.70 -35.58
N VAL J 322 -3.46 -33.59 -34.83
CA VAL J 322 -3.82 -32.37 -34.11
C VAL J 322 -3.59 -31.07 -34.86
N LEU J 323 -3.26 -30.04 -34.08
CA LEU J 323 -3.09 -28.67 -34.52
C LEU J 323 -2.20 -28.48 -35.74
N SER J 324 -1.17 -29.31 -35.85
CA SER J 324 -0.30 -29.26 -37.03
C SER J 324 -1.12 -29.49 -38.31
N THR J 325 -1.91 -30.57 -38.31
CA THR J 325 -2.75 -30.91 -39.45
C THR J 325 -4.05 -30.08 -39.51
N ILE J 326 -4.59 -29.70 -38.35
CA ILE J 326 -5.80 -28.86 -38.32
C ILE J 326 -5.51 -27.44 -38.80
N ALA J 327 -4.24 -27.03 -38.78
CA ALA J 327 -3.88 -25.72 -39.31
C ALA J 327 -3.95 -25.75 -40.84
N SER J 328 -4.41 -26.88 -41.39
CA SER J 328 -4.73 -27.01 -42.82
C SER J 328 -6.26 -26.98 -43.14
N GLY J 329 -6.67 -25.94 -43.86
CA GLY J 329 -8.07 -25.62 -44.10
C GLY J 329 -8.45 -24.30 -43.42
N PRO J 330 -8.63 -23.22 -44.22
CA PRO J 330 -8.86 -21.82 -43.80
C PRO J 330 -10.02 -21.56 -42.84
N GLU J 331 -11.03 -22.43 -42.82
CA GLU J 331 -12.16 -22.30 -41.90
C GLU J 331 -11.74 -22.65 -40.48
N ASN J 332 -10.50 -23.13 -40.35
CA ASN J 332 -9.84 -23.25 -39.06
C ASN J 332 -8.88 -22.07 -38.86
N ARG J 333 -7.64 -22.35 -38.47
CA ARG J 333 -6.70 -21.26 -38.24
C ARG J 333 -7.26 -20.31 -37.18
N THR J 334 -6.96 -19.01 -37.32
CA THR J 334 -7.52 -17.98 -36.46
C THR J 334 -7.28 -16.63 -37.13
N GLY J 335 -7.79 -15.55 -36.55
CA GLY J 335 -7.71 -14.23 -37.17
C GLY J 335 -6.31 -13.81 -37.57
N ASP J 336 -5.32 -14.27 -36.81
CA ASP J 336 -3.92 -13.94 -37.04
C ASP J 336 -3.36 -14.60 -38.32
N LEU J 337 -3.77 -15.83 -38.57
CA LEU J 337 -3.32 -16.58 -39.75
C LEU J 337 -4.29 -16.46 -40.94
N ALA J 338 -4.95 -15.29 -41.06
CA ALA J 338 -6.00 -15.09 -42.07
C ALA J 338 -6.97 -16.27 -42.10
N GLY J 339 -7.47 -16.63 -40.93
CA GLY J 339 -8.42 -17.71 -40.77
C GLY J 339 -9.74 -17.16 -40.26
N THR J 340 -10.66 -18.06 -39.96
CA THR J 340 -12.02 -17.66 -39.58
C THR J 340 -12.46 -18.30 -38.27
N ALA J 341 -11.74 -19.34 -37.85
CA ALA J 341 -12.11 -20.08 -36.64
C ALA J 341 -11.98 -19.26 -35.37
N THR J 342 -12.50 -19.84 -34.29
CA THR J 342 -12.49 -19.22 -32.98
C THR J 342 -11.66 -20.11 -32.08
N THR J 343 -11.21 -19.59 -30.94
CA THR J 343 -10.36 -20.39 -30.07
C THR J 343 -11.09 -21.64 -29.56
N SER J 344 -12.41 -21.55 -29.44
CA SER J 344 -13.22 -22.71 -29.08
C SER J 344 -13.34 -23.70 -30.25
N SER J 345 -13.72 -23.20 -31.42
CA SER J 345 -13.91 -24.05 -32.58
C SER J 345 -12.61 -24.73 -32.99
N PHE J 346 -11.49 -24.05 -32.72
CA PHE J 346 -10.18 -24.60 -32.98
C PHE J 346 -9.88 -25.78 -32.05
N THR J 347 -10.13 -25.61 -30.75
CA THR J 347 -9.75 -26.63 -29.77
C THR J 347 -10.33 -27.99 -30.11
N GLU J 348 -11.61 -28.03 -30.46
CA GLU J 348 -12.28 -29.30 -30.74
C GLU J 348 -12.01 -29.77 -32.16
N ALA J 349 -11.75 -28.83 -33.08
CA ALA J 349 -11.32 -29.18 -34.42
C ALA J 349 -10.01 -29.97 -34.32
N VAL J 350 -9.25 -29.70 -33.27
CA VAL J 350 -8.02 -30.42 -32.98
C VAL J 350 -8.34 -31.74 -32.30
N ILE J 351 -9.29 -31.71 -31.36
CA ILE J 351 -9.72 -32.93 -30.69
C ILE J 351 -10.30 -33.93 -31.70
N LYS J 352 -10.84 -33.41 -32.80
CA LYS J 352 -11.35 -34.23 -33.90
C LYS J 352 -10.29 -35.21 -34.40
N ARG J 353 -9.20 -34.69 -34.94
CA ARG J 353 -8.12 -35.52 -35.47
C ARG J 353 -7.10 -35.90 -34.39
N LEU J 354 -7.46 -35.73 -33.13
CA LEU J 354 -6.55 -36.04 -32.03
C LEU J 354 -5.92 -37.44 -32.19
N ARG K 8 26.04 38.32 -5.74
CA ARG K 8 25.13 37.19 -5.45
C ARG K 8 25.69 35.81 -5.86
N THR K 9 26.96 35.76 -6.21
CA THR K 9 27.71 34.52 -6.13
C THR K 9 28.48 34.75 -4.84
N LEU K 10 28.03 35.76 -4.10
CA LEU K 10 28.67 36.18 -2.87
C LEU K 10 27.90 35.63 -1.70
N PRO K 11 28.58 35.53 -0.56
CA PRO K 11 27.95 35.17 0.71
C PRO K 11 26.70 36.05 0.98
N LYS K 12 25.68 35.43 1.55
CA LYS K 12 24.47 36.15 1.85
C LYS K 12 24.75 37.19 2.95
N LYS K 13 24.42 38.44 2.67
CA LYS K 13 24.76 39.49 3.61
C LYS K 13 23.75 40.59 3.50
N TYR K 14 23.17 40.94 4.63
CA TYR K 14 22.24 42.08 4.68
C TYR K 14 22.69 43.06 5.71
N GLY K 15 22.83 44.32 5.30
CA GLY K 15 23.15 45.39 6.22
C GLY K 15 24.39 45.13 7.08
N GLY K 16 25.40 44.49 6.51
CA GLY K 16 26.60 44.21 7.28
C GLY K 16 26.61 42.91 8.07
N ARG K 17 25.47 42.22 8.19
CA ARG K 17 25.43 40.89 8.80
C ARG K 17 25.35 39.72 7.80
N PHE K 18 26.25 38.75 7.94
CA PHE K 18 26.24 37.53 7.13
C PHE K 18 25.32 36.47 7.72
N THR K 19 24.55 35.80 6.88
CA THR K 19 23.92 34.55 7.28
C THR K 19 24.80 33.36 6.85
N VAL K 20 25.30 32.58 7.81
CA VAL K 20 26.04 31.38 7.46
C VAL K 20 25.38 30.13 7.99
N THR K 21 25.39 29.08 7.17
CA THR K 21 24.88 27.75 7.52
C THR K 21 25.69 27.13 8.66
N LEU K 22 24.99 26.63 9.66
CA LEU K 22 25.66 25.92 10.76
C LEU K 22 25.12 24.50 10.84
N ILE K 23 25.98 23.51 10.67
CA ILE K 23 25.58 22.10 10.74
C ILE K 23 26.37 21.48 11.87
N PRO K 24 25.79 21.42 13.08
CA PRO K 24 26.55 21.09 14.29
C PRO K 24 27.00 19.63 14.35
N GLY K 25 26.21 18.69 13.82
CA GLY K 25 26.59 17.29 13.87
C GLY K 25 26.02 16.54 15.05
N ASP K 26 26.79 15.57 15.57
CA ASP K 26 26.31 14.73 16.67
C ASP K 26 26.57 15.43 17.99
N GLY K 27 26.61 14.65 19.08
CA GLY K 27 26.73 15.20 20.43
C GLY K 27 27.99 15.99 20.66
N VAL K 28 29.13 15.41 20.29
CA VAL K 28 30.43 16.09 20.39
C VAL K 28 30.53 17.27 19.41
N GLY K 29 29.99 17.07 18.21
CA GLY K 29 29.91 18.14 17.22
C GLY K 29 29.14 19.33 17.76
N LYS K 30 28.04 19.04 18.46
CA LYS K 30 27.29 20.11 19.09
C LYS K 30 28.05 20.80 20.22
N GLU K 31 28.82 20.05 21.02
CA GLU K 31 29.66 20.67 22.07
C GLU K 31 30.68 21.67 21.49
N ILE K 32 31.50 21.21 20.55
CA ILE K 32 32.50 22.10 19.93
C ILE K 32 31.86 23.22 19.09
N THR K 33 30.76 22.92 18.42
CA THR K 33 30.00 23.94 17.71
C THR K 33 29.54 25.04 18.67
N ASP K 34 29.04 24.65 19.84
CA ASP K 34 28.57 25.63 20.81
C ASP K 34 29.68 26.49 21.36
N SER K 35 30.86 25.90 21.53
CA SER K 35 32.05 26.67 21.84
C SER K 35 32.25 27.84 20.87
N VAL K 36 32.10 27.60 19.58
CA VAL K 36 32.26 28.67 18.59
C VAL K 36 31.12 29.69 18.70
N ARG K 37 29.89 29.19 18.79
CA ARG K 37 28.72 30.05 18.95
C ARG K 37 28.92 31.02 20.11
N THR K 38 29.41 30.48 21.22
CA THR K 38 29.68 31.24 22.45
C THR K 38 30.78 32.31 22.30
N ILE K 39 31.93 31.92 21.77
CA ILE K 39 32.98 32.90 21.47
C ILE K 39 32.49 33.97 20.49
N PHE K 40 31.61 33.58 19.57
CA PHE K 40 31.16 34.50 18.54
C PHE K 40 30.21 35.56 19.07
N GLU K 41 29.26 35.15 19.91
CA GLU K 41 28.39 36.12 20.56
C GLU K 41 29.15 37.03 21.52
N ALA K 42 30.18 36.50 22.16
CA ALA K 42 30.98 37.25 23.12
C ALA K 42 31.80 38.32 22.43
N GLU K 43 32.14 38.08 21.18
CA GLU K 43 32.96 39.01 20.44
C GLU K 43 32.04 39.89 19.60
N ASN K 44 30.74 39.62 19.72
CA ASN K 44 29.68 40.32 18.99
C ASN K 44 29.93 40.45 17.49
N ILE K 45 30.13 39.30 16.84
CA ILE K 45 30.45 39.23 15.43
C ILE K 45 29.16 39.29 14.62
N PRO K 46 29.17 40.00 13.48
CA PRO K 46 27.98 40.20 12.64
C PRO K 46 27.64 38.96 11.83
N ILE K 47 27.40 37.85 12.52
CA ILE K 47 27.05 36.60 11.88
C ILE K 47 25.78 36.06 12.50
N ASP K 48 24.78 35.82 11.67
CA ASP K 48 23.60 35.07 12.06
C ASP K 48 23.67 33.61 11.59
N TRP K 49 23.59 32.67 12.51
CA TRP K 49 23.59 31.26 12.13
C TRP K 49 22.24 30.86 11.60
N GLU K 50 22.24 30.13 10.50
CA GLU K 50 21.05 29.42 10.05
C GLU K 50 21.32 27.95 10.35
N THR K 51 20.95 27.53 11.55
CA THR K 51 21.36 26.24 12.02
C THR K 51 20.47 25.10 11.49
N ILE K 52 21.11 24.06 10.96
CA ILE K 52 20.41 22.92 10.38
C ILE K 52 20.62 21.69 11.24
N ASN K 53 19.62 21.20 11.96
CA ASN K 53 19.88 19.97 12.71
C ASN K 53 19.62 18.79 11.79
N ILE K 54 20.62 17.98 11.59
CA ILE K 54 20.40 16.78 10.82
C ILE K 54 20.19 15.64 11.81
N LYS K 55 18.94 15.18 11.90
CA LYS K 55 18.50 14.16 12.87
C LYS K 55 18.53 12.74 12.27
N GLN K 56 18.73 11.74 13.15
CA GLN K 56 18.76 10.32 12.76
C GLN K 56 17.36 9.70 12.85
N THR K 57 16.39 10.37 12.24
CA THR K 57 14.96 10.13 12.47
C THR K 57 14.23 10.94 11.40
N ASP K 58 15.03 11.56 10.54
CA ASP K 58 14.58 12.43 9.46
C ASP K 58 15.84 12.99 8.80
N HIS K 59 16.57 12.09 8.15
CA HIS K 59 17.96 12.30 7.75
C HIS K 59 18.07 12.75 6.29
N LYS K 60 17.65 11.92 5.34
CA LYS K 60 17.57 12.38 3.96
C LYS K 60 16.99 13.81 3.87
N GLU K 61 16.09 14.14 4.80
CA GLU K 61 15.46 15.46 4.84
C GLU K 61 16.41 16.54 5.40
N GLY K 62 17.33 16.12 6.25
CA GLY K 62 18.32 17.01 6.81
C GLY K 62 19.43 17.33 5.82
N VAL K 63 19.88 16.34 5.08
CA VAL K 63 20.87 16.57 4.05
C VAL K 63 20.34 17.51 2.98
N TYR K 64 19.10 17.30 2.57
CA TYR K 64 18.47 18.17 1.59
C TYR K 64 18.39 19.62 2.13
N GLU K 65 18.08 19.77 3.42
CA GLU K 65 17.97 21.08 4.03
C GLU K 65 19.29 21.80 4.20
N ALA K 66 20.38 21.04 4.29
CA ALA K 66 21.70 21.60 4.47
C ALA K 66 22.25 22.03 3.14
N VAL K 67 22.01 21.22 2.13
CA VAL K 67 22.41 21.57 0.80
C VAL K 67 21.68 22.84 0.39
N GLU K 68 20.38 22.91 0.67
CA GLU K 68 19.54 24.01 0.25
C GLU K 68 20.00 25.31 0.96
N SER K 69 20.34 25.20 2.23
CA SER K 69 20.84 26.28 3.03
C SER K 69 22.19 26.77 2.51
N LEU K 70 23.06 25.86 2.09
CA LEU K 70 24.32 26.25 1.50
C LEU K 70 24.17 26.91 0.16
N LYS K 71 23.16 26.50 -0.60
CA LYS K 71 22.95 27.11 -1.89
C LYS K 71 22.56 28.56 -1.73
N ARG K 72 21.80 28.84 -0.68
CA ARG K 72 21.38 30.19 -0.38
C ARG K 72 22.54 31.02 0.23
N ASN K 73 23.24 30.45 1.21
CA ASN K 73 24.19 31.22 2.00
C ASN K 73 25.58 31.20 1.43
N LYS K 74 25.92 30.15 0.72
CA LYS K 74 27.26 29.96 0.14
C LYS K 74 28.40 29.64 1.13
N ILE K 75 28.22 29.91 2.42
CA ILE K 75 29.26 29.67 3.41
C ILE K 75 28.70 28.80 4.53
N GLY K 76 29.50 27.89 5.05
CA GLY K 76 29.01 26.98 6.07
C GLY K 76 30.07 26.60 7.08
N LEU K 77 29.60 26.33 8.29
CA LEU K 77 30.45 25.83 9.36
C LEU K 77 29.84 24.49 9.80
N LYS K 78 30.65 23.46 9.82
CA LYS K 78 30.13 22.12 9.98
C LYS K 78 30.88 21.37 11.08
N GLY K 79 30.15 20.76 11.99
CA GLY K 79 30.74 19.91 13.02
C GLY K 79 30.97 18.48 12.58
N LEU K 80 31.01 17.56 13.52
CA LEU K 80 31.30 16.16 13.19
C LEU K 80 30.18 15.19 13.50
N TRP K 81 30.14 14.12 12.72
CA TRP K 81 29.55 12.87 13.16
C TRP K 81 30.69 11.90 13.34
N HIS K 82 30.71 11.20 14.47
CA HIS K 82 31.76 10.22 14.69
C HIS K 82 31.35 8.80 14.31
N THR K 83 30.47 8.71 13.31
CA THR K 83 30.27 7.49 12.55
C THR K 83 31.48 7.32 11.62
N PRO K 84 31.77 6.08 11.19
CA PRO K 84 32.92 5.87 10.29
C PRO K 84 32.73 6.58 8.94
N ALA K 85 31.47 6.72 8.50
CA ALA K 85 31.15 7.40 7.24
C ALA K 85 31.64 8.86 7.18
N ASP K 86 31.22 9.69 8.14
CA ASP K 86 31.64 11.11 8.17
C ASP K 86 33.17 11.30 8.20
N GLN K 87 33.86 10.46 8.96
CA GLN K 87 35.31 10.58 9.12
C GLN K 87 36.11 10.24 7.85
N THR K 88 35.52 9.49 6.93
CA THR K 88 36.23 9.09 5.72
C THR K 88 35.88 9.93 4.49
N GLY K 89 34.80 10.71 4.57
CA GLY K 89 34.36 11.54 3.47
C GLY K 89 33.14 11.00 2.74
N HIS K 90 32.56 9.93 3.26
CA HIS K 90 31.36 9.36 2.65
C HIS K 90 30.13 9.68 3.50
N GLY K 91 29.02 8.98 3.29
CA GLY K 91 27.83 9.32 4.05
C GLY K 91 27.13 10.50 3.41
N SER K 92 25.81 10.53 3.54
CA SER K 92 24.96 11.35 2.68
C SER K 92 25.38 12.81 2.52
N LEU K 93 25.81 13.44 3.61
CA LEU K 93 26.10 14.86 3.61
C LEU K 93 27.30 15.15 2.73
N ASN K 94 28.38 14.44 2.99
CA ASN K 94 29.59 14.59 2.21
C ASN K 94 29.42 14.32 0.73
N VAL K 95 28.60 13.34 0.35
CA VAL K 95 28.44 13.11 -1.07
C VAL K 95 27.59 14.21 -1.68
N ALA K 96 26.60 14.69 -0.94
CA ALA K 96 25.76 15.79 -1.38
C ALA K 96 26.60 17.05 -1.64
N LEU K 97 27.49 17.36 -0.70
CA LEU K 97 28.38 18.51 -0.83
C LEU K 97 29.28 18.38 -2.04
N ARG K 98 29.69 17.15 -2.32
CA ARG K 98 30.57 16.91 -3.44
C ARG K 98 29.86 16.77 -4.79
N LYS K 99 28.72 16.08 -4.84
CA LYS K 99 27.95 15.92 -6.08
C LYS K 99 27.11 17.13 -6.45
N GLN K 100 26.38 17.68 -5.48
CA GLN K 100 25.50 18.82 -5.75
C GLN K 100 26.17 20.19 -5.70
N LEU K 101 27.12 20.35 -4.80
CA LEU K 101 27.74 21.66 -4.69
C LEU K 101 29.09 21.73 -5.40
N ASP K 102 29.57 20.58 -5.89
CA ASP K 102 30.88 20.52 -6.56
C ASP K 102 32.01 21.13 -5.72
N ILE K 103 32.04 20.78 -4.45
CA ILE K 103 33.08 21.21 -3.55
C ILE K 103 34.23 20.24 -3.74
N TYR K 104 35.30 20.71 -4.35
CA TYR K 104 36.29 19.80 -4.91
C TYR K 104 37.64 19.80 -4.22
N ALA K 105 37.83 20.68 -3.26
CA ALA K 105 39.14 20.83 -2.64
C ALA K 105 39.02 20.78 -1.12
N ASN K 106 39.67 19.81 -0.52
CA ASN K 106 39.68 19.71 0.91
C ASN K 106 41.06 20.19 1.36
N VAL K 107 41.10 21.12 2.30
CA VAL K 107 42.34 21.65 2.84
C VAL K 107 42.43 21.36 4.32
N ALA K 108 43.55 20.84 4.75
CA ALA K 108 43.82 20.63 6.18
C ALA K 108 45.11 21.33 6.61
N LEU K 109 45.04 22.08 7.70
CA LEU K 109 46.21 22.81 8.17
C LEU K 109 46.87 22.13 9.38
N PHE K 110 48.13 21.72 9.24
CA PHE K 110 48.82 21.08 10.34
C PHE K 110 49.94 21.95 10.91
N LYS K 111 49.59 22.90 11.78
CA LYS K 111 50.60 23.76 12.42
C LYS K 111 50.75 23.33 13.86
N SER K 112 51.99 23.12 14.29
CA SER K 112 52.33 22.80 15.68
C SER K 112 51.96 23.95 16.62
N LEU K 113 51.49 23.63 17.82
CA LEU K 113 51.02 24.65 18.76
C LEU K 113 51.98 24.84 19.93
N LYS K 114 52.11 26.10 20.36
CA LYS K 114 53.15 26.50 21.30
C LYS K 114 53.22 25.66 22.58
N GLY K 115 52.09 25.40 23.22
CA GLY K 115 52.14 24.62 24.45
C GLY K 115 51.77 23.16 24.38
N VAL K 116 52.11 22.46 23.29
CA VAL K 116 51.72 21.04 23.14
C VAL K 116 52.92 20.12 22.95
N LYS K 117 53.09 19.20 23.90
CA LYS K 117 54.21 18.26 23.90
C LYS K 117 54.13 17.30 22.71
N THR K 118 55.02 17.51 21.74
CA THR K 118 55.08 16.66 20.55
C THR K 118 56.49 16.14 20.34
N ARG K 119 56.59 14.91 19.86
CA ARG K 119 57.86 14.26 19.57
C ARG K 119 58.71 14.97 18.48
N ILE K 120 58.04 15.62 17.52
CA ILE K 120 58.73 16.48 16.55
C ILE K 120 58.15 17.88 16.58
N PRO K 121 58.99 18.88 16.81
CA PRO K 121 58.58 20.26 17.06
C PRO K 121 58.42 21.05 15.77
N ASP K 122 57.70 22.17 15.88
CA ASP K 122 57.64 23.17 14.82
C ASP K 122 57.26 22.63 13.44
N ILE K 123 56.08 22.05 13.36
CA ILE K 123 55.62 21.50 12.08
C ILE K 123 54.73 22.53 11.41
N ASP K 124 54.81 22.59 10.09
CA ASP K 124 53.94 23.49 9.36
C ASP K 124 53.63 23.00 7.94
N LEU K 125 52.80 21.97 7.84
CA LEU K 125 52.38 21.54 6.52
C LEU K 125 50.89 21.68 6.25
N ILE K 126 50.58 21.78 4.97
CA ILE K 126 49.24 21.91 4.46
C ILE K 126 49.01 20.76 3.50
N VAL K 127 47.94 20.00 3.72
CA VAL K 127 47.56 18.94 2.81
C VAL K 127 46.30 19.33 2.04
N ILE K 128 46.41 19.41 0.72
CA ILE K 128 45.26 19.71 -0.12
C ILE K 128 44.89 18.47 -0.90
N ARG K 129 43.66 17.98 -0.75
CA ARG K 129 43.25 16.76 -1.43
C ARG K 129 42.03 16.90 -2.37
N GLU K 130 42.09 16.21 -3.50
CA GLU K 130 41.03 16.24 -4.48
C GLU K 130 39.81 15.52 -3.92
N ASN K 131 38.63 16.09 -4.12
CA ASN K 131 37.46 15.61 -3.43
C ASN K 131 36.27 15.18 -4.30
N THR K 132 36.44 14.97 -5.59
CA THR K 132 35.29 14.59 -6.42
C THR K 132 35.47 13.33 -7.25
N GLU K 133 36.67 12.77 -7.24
CA GLU K 133 37.06 11.73 -8.17
C GLU K 133 37.75 10.62 -7.43
N GLY K 134 38.31 9.66 -8.16
CA GLY K 134 39.02 8.54 -7.56
C GLY K 134 38.15 7.76 -6.60
N GLU K 135 38.56 7.75 -5.32
CA GLU K 135 37.82 7.08 -4.27
C GLU K 135 36.35 7.49 -4.24
N PHE K 136 36.07 8.74 -4.57
CA PHE K 136 34.73 9.30 -4.39
C PHE K 136 33.79 9.23 -5.58
N SER K 137 34.21 8.59 -6.66
CA SER K 137 33.35 8.45 -7.82
C SER K 137 33.49 7.10 -8.51
N GLY K 138 33.97 6.11 -7.80
CA GLY K 138 34.12 4.81 -8.45
C GLY K 138 32.88 4.10 -8.99
N LEU K 139 33.04 2.80 -9.20
CA LEU K 139 31.94 1.86 -9.27
C LEU K 139 32.55 0.61 -8.70
N GLU K 140 31.82 -0.13 -7.89
CA GLU K 140 32.32 -1.42 -7.42
C GLU K 140 31.26 -2.47 -7.67
N HIS K 141 31.68 -3.65 -8.09
CA HIS K 141 30.70 -4.70 -8.29
C HIS K 141 31.28 -6.07 -8.00
N GLU K 142 30.40 -6.97 -7.58
CA GLU K 142 30.71 -8.39 -7.42
C GLU K 142 29.87 -9.11 -8.45
N SER K 143 30.47 -9.45 -9.57
CA SER K 143 29.73 -10.06 -10.66
C SER K 143 29.86 -11.58 -10.71
N VAL K 144 31.01 -12.11 -10.32
CA VAL K 144 31.08 -13.52 -9.98
C VAL K 144 31.38 -13.59 -8.50
N PRO K 145 30.72 -14.52 -7.79
CA PRO K 145 30.82 -14.59 -6.33
C PRO K 145 32.27 -14.72 -5.83
N GLY K 146 32.61 -13.93 -4.83
CA GLY K 146 33.93 -13.91 -4.27
C GLY K 146 34.94 -13.05 -5.03
N VAL K 147 34.47 -12.27 -5.98
CA VAL K 147 35.36 -11.40 -6.73
C VAL K 147 34.83 -9.99 -6.81
N VAL K 148 35.52 -9.05 -6.16
CA VAL K 148 35.13 -7.65 -6.22
C VAL K 148 36.01 -6.85 -7.15
N GLU K 149 35.37 -6.07 -8.00
CA GLU K 149 36.09 -5.24 -8.96
C GLU K 149 35.80 -3.75 -8.79
N SER K 150 36.86 -2.96 -8.78
CA SER K 150 36.75 -1.51 -8.65
C SER K 150 37.07 -0.84 -9.99
N LEU K 151 36.24 0.12 -10.38
CA LEU K 151 36.50 0.95 -11.55
C LEU K 151 36.55 2.43 -11.16
N LYS K 152 37.72 3.03 -11.16
CA LYS K 152 37.85 4.40 -10.69
C LYS K 152 38.39 5.28 -11.79
N VAL K 153 38.06 6.58 -11.81
CA VAL K 153 38.60 7.46 -12.85
C VAL K 153 39.43 8.63 -12.33
N MET K 154 40.40 9.01 -13.13
CA MET K 154 41.21 10.18 -12.89
C MET K 154 41.09 10.99 -14.19
N THR K 155 40.71 12.26 -14.13
CA THR K 155 40.51 13.01 -15.36
C THR K 155 41.28 14.32 -15.37
N ARG K 156 41.66 14.78 -16.55
CA ARG K 156 42.54 15.94 -16.61
C ARG K 156 41.87 17.22 -16.14
N PRO K 157 40.59 17.42 -16.44
CA PRO K 157 40.00 18.69 -15.94
C PRO K 157 39.88 18.73 -14.40
N LYS K 158 39.45 17.63 -13.78
CA LYS K 158 39.46 17.64 -12.33
C LYS K 158 40.86 17.84 -11.78
N THR K 159 41.90 17.28 -12.41
CA THR K 159 43.22 17.42 -11.82
C THR K 159 43.86 18.78 -12.12
N GLU K 160 43.46 19.40 -13.21
CA GLU K 160 43.84 20.78 -13.44
C GLU K 160 43.31 21.75 -12.37
N ARG K 161 42.02 21.62 -12.01
CA ARG K 161 41.39 22.43 -10.97
C ARG K 161 42.16 22.33 -9.66
N ILE K 162 42.38 21.10 -9.23
CA ILE K 162 43.02 20.90 -7.94
C ILE K 162 44.43 21.44 -7.98
N ALA K 163 45.13 21.30 -9.11
CA ALA K 163 46.45 21.90 -9.26
C ALA K 163 46.38 23.43 -9.11
N ARG K 164 45.49 24.09 -9.84
CA ARG K 164 45.45 25.55 -9.80
C ARG K 164 45.05 25.99 -8.39
N PHE K 165 44.17 25.24 -7.76
CA PHE K 165 43.76 25.58 -6.43
C PHE K 165 44.94 25.56 -5.50
N ALA K 166 45.75 24.54 -5.60
CA ALA K 166 46.88 24.36 -4.69
C ALA K 166 47.91 25.45 -4.90
N PHE K 167 48.16 25.79 -6.16
CA PHE K 167 49.15 26.81 -6.44
C PHE K 167 48.60 28.17 -6.01
N ASP K 168 47.35 28.45 -6.35
CA ASP K 168 46.71 29.68 -5.93
C ASP K 168 46.74 29.86 -4.42
N PHE K 169 46.74 28.76 -3.69
CA PHE K 169 46.70 28.75 -2.25
C PHE K 169 48.09 29.00 -1.70
N ALA K 170 49.09 28.36 -2.31
CA ALA K 170 50.47 28.63 -1.98
C ALA K 170 50.80 30.12 -2.19
N LYS K 171 50.40 30.67 -3.33
CA LYS K 171 50.57 32.10 -3.65
C LYS K 171 49.96 32.98 -2.54
N LYS K 172 48.70 32.75 -2.24
CA LYS K 172 47.97 33.60 -1.32
C LYS K 172 48.56 33.57 0.08
N TYR K 173 49.10 32.43 0.52
CA TYR K 173 49.57 32.31 1.90
C TYR K 173 51.08 32.22 1.97
N ASN K 174 51.72 32.71 0.92
CA ASN K 174 53.19 32.76 0.85
C ASN K 174 53.90 31.45 1.20
N ARG K 175 53.42 30.35 0.63
CA ARG K 175 54.09 29.09 0.73
C ARG K 175 55.01 28.99 -0.46
N LYS K 176 56.14 28.31 -0.30
CA LYS K 176 57.12 28.30 -1.39
C LYS K 176 57.30 26.97 -2.08
N SER K 177 56.73 25.90 -1.50
CA SER K 177 56.82 24.58 -2.09
C SER K 177 55.48 23.88 -2.24
N VAL K 178 55.24 23.34 -3.44
CA VAL K 178 54.10 22.48 -3.66
C VAL K 178 54.59 21.13 -4.15
N THR K 179 54.27 20.06 -3.43
CA THR K 179 54.69 18.71 -3.81
C THR K 179 53.47 17.86 -4.17
N ALA K 180 53.42 17.34 -5.40
CA ALA K 180 52.38 16.37 -5.77
C ALA K 180 52.71 14.98 -5.21
N VAL K 181 51.77 14.38 -4.49
CA VAL K 181 51.95 13.04 -3.95
C VAL K 181 51.16 12.04 -4.77
N HIS K 182 51.83 11.04 -5.32
CA HIS K 182 51.17 10.13 -6.25
C HIS K 182 51.76 8.72 -6.17
N LYS K 183 51.26 7.82 -7.01
CA LYS K 183 51.79 6.47 -7.11
C LYS K 183 52.04 6.14 -8.58
N ALA K 184 52.75 7.02 -9.29
CA ALA K 184 52.96 6.85 -10.73
C ALA K 184 53.94 5.72 -11.09
N ASN K 185 54.68 5.21 -10.10
CA ASN K 185 55.54 4.06 -10.32
C ASN K 185 54.79 2.77 -10.68
N ILE K 186 53.57 2.64 -10.13
CA ILE K 186 52.69 1.50 -10.42
C ILE K 186 51.55 1.87 -11.37
N MET K 187 50.77 2.88 -10.99
CA MET K 187 49.69 3.43 -11.84
C MET K 187 50.30 4.44 -12.83
N LYS K 188 51.04 3.94 -13.81
CA LYS K 188 51.83 4.80 -14.70
C LYS K 188 50.98 5.79 -15.50
N LEU K 189 49.77 5.37 -15.81
CA LEU K 189 48.86 6.16 -16.62
C LEU K 189 48.11 7.22 -15.80
N GLY K 190 47.36 6.76 -14.82
CA GLY K 190 46.51 7.62 -14.01
C GLY K 190 47.23 8.53 -13.04
N ASP K 191 48.13 7.97 -12.26
CA ASP K 191 48.87 8.83 -11.33
C ASP K 191 50.00 9.51 -12.08
N GLY K 192 50.36 8.96 -13.25
CA GLY K 192 51.28 9.64 -14.15
C GLY K 192 50.67 10.95 -14.61
N LEU K 193 49.42 10.88 -15.06
CA LEU K 193 48.67 12.07 -15.46
C LEU K 193 48.69 13.13 -14.36
N PHE K 194 48.42 12.70 -13.13
CA PHE K 194 48.38 13.58 -11.98
C PHE K 194 49.70 14.29 -11.75
N ARG K 195 50.78 13.52 -11.59
CA ARG K 195 52.11 14.11 -11.45
C ARG K 195 52.45 15.08 -12.57
N ASN K 196 52.15 14.71 -13.81
CA ASN K 196 52.49 15.53 -14.95
C ASN K 196 51.73 16.84 -15.00
N ILE K 197 50.41 16.76 -14.81
CA ILE K 197 49.61 17.96 -14.82
C ILE K 197 50.05 18.95 -13.74
N ILE K 198 50.33 18.44 -12.54
CA ILE K 198 50.71 19.34 -11.46
C ILE K 198 52.01 20.00 -11.80
N THR K 199 52.98 19.24 -12.32
CA THR K 199 54.31 19.81 -12.57
C THR K 199 54.31 20.76 -13.77
N GLU K 200 53.47 20.50 -14.77
CA GLU K 200 53.35 21.41 -15.92
C GLU K 200 52.70 22.75 -15.53
N ILE K 201 51.58 22.67 -14.83
CA ILE K 201 50.88 23.86 -14.39
C ILE K 201 51.78 24.67 -13.50
N GLY K 202 52.70 24.00 -12.81
CA GLY K 202 53.69 24.66 -11.98
C GLY K 202 54.68 25.51 -12.77
N GLN K 203 55.28 24.93 -13.80
CA GLN K 203 56.32 25.58 -14.59
C GLN K 203 55.78 26.67 -15.51
N LYS K 204 54.62 26.44 -16.11
CA LYS K 204 54.04 27.45 -16.99
C LYS K 204 53.31 28.60 -16.28
N GLU K 205 52.57 28.31 -15.21
CA GLU K 205 51.66 29.32 -14.63
C GLU K 205 52.08 29.87 -13.26
N TYR K 206 53.00 29.19 -12.58
CA TYR K 206 53.43 29.61 -11.23
C TYR K 206 54.93 29.38 -11.04
N PRO K 207 55.75 30.20 -11.71
CA PRO K 207 57.18 29.90 -11.78
C PRO K 207 57.88 30.18 -10.45
N ASP K 208 57.34 31.15 -9.72
CA ASP K 208 57.85 31.54 -8.41
C ASP K 208 57.68 30.47 -7.32
N ILE K 209 56.98 29.39 -7.66
CA ILE K 209 56.74 28.31 -6.71
C ILE K 209 57.43 27.02 -7.12
N ASP K 210 58.15 26.42 -6.16
CA ASP K 210 58.84 25.14 -6.41
C ASP K 210 57.85 23.99 -6.49
N VAL K 211 57.79 23.35 -7.64
CA VAL K 211 57.05 22.11 -7.80
C VAL K 211 57.95 20.90 -7.58
N SER K 212 57.38 19.80 -7.10
CA SER K 212 58.14 18.57 -6.94
C SER K 212 57.19 17.38 -6.86
N SER K 213 57.73 16.16 -6.81
CA SER K 213 56.91 14.97 -6.83
C SER K 213 57.49 13.99 -5.84
N ILE K 214 56.63 13.17 -5.30
CA ILE K 214 57.08 12.17 -4.40
C ILE K 214 56.09 11.01 -4.45
N ILE K 215 56.62 9.81 -4.48
CA ILE K 215 55.79 8.62 -4.48
C ILE K 215 55.20 8.51 -3.11
N VAL K 216 53.95 8.08 -3.04
CA VAL K 216 53.20 8.20 -1.81
C VAL K 216 53.77 7.39 -0.66
N ASP K 217 54.25 6.17 -0.93
CA ASP K 217 54.84 5.34 0.13
C ASP K 217 56.08 6.00 0.75
N ASN K 218 56.96 6.52 -0.10
CA ASN K 218 58.10 7.32 0.36
C ASN K 218 57.65 8.57 1.13
N ALA K 219 56.53 9.17 0.72
CA ALA K 219 56.08 10.38 1.37
C ALA K 219 55.56 10.08 2.77
N SER K 220 54.99 8.90 2.95
CA SER K 220 54.57 8.46 4.28
C SER K 220 55.77 8.31 5.23
N MET K 221 56.79 7.59 4.78
CA MET K 221 58.01 7.42 5.53
C MET K 221 58.61 8.79 5.84
N GLN K 222 58.75 9.60 4.80
CA GLN K 222 59.33 10.91 4.94
C GLN K 222 58.56 11.82 5.90
N ALA K 223 57.25 11.66 5.96
CA ALA K 223 56.42 12.52 6.78
C ALA K 223 56.55 12.24 8.27
N VAL K 224 56.69 10.96 8.65
CA VAL K 224 56.86 10.65 10.07
C VAL K 224 58.31 10.85 10.56
N ALA K 225 59.26 10.83 9.63
CA ALA K 225 60.66 10.91 9.97
C ALA K 225 61.23 12.31 9.84
N LYS K 226 60.92 12.99 8.74
CA LYS K 226 61.43 14.35 8.49
C LYS K 226 60.35 15.26 7.86
N PRO K 227 59.31 15.58 8.63
CA PRO K 227 58.18 16.41 8.21
C PRO K 227 58.57 17.79 7.69
N HIS K 228 59.77 18.27 8.02
CA HIS K 228 60.08 19.70 7.79
C HIS K 228 60.37 20.00 6.34
N GLN K 229 60.68 18.95 5.59
CA GLN K 229 61.03 19.11 4.20
C GLN K 229 59.80 19.44 3.35
N PHE K 230 58.60 19.19 3.89
CA PHE K 230 57.37 19.43 3.15
C PHE K 230 56.73 20.77 3.45
N ASP K 231 56.00 21.29 2.47
CA ASP K 231 55.32 22.56 2.62
C ASP K 231 53.82 22.38 2.32
N VAL K 232 53.45 22.48 1.05
CA VAL K 232 52.11 22.14 0.60
C VAL K 232 52.11 20.79 -0.15
N LEU K 233 51.35 19.82 0.35
CA LEU K 233 51.15 18.56 -0.35
C LEU K 233 49.82 18.55 -1.11
N VAL K 234 49.85 18.21 -2.39
CA VAL K 234 48.63 18.00 -3.20
C VAL K 234 48.49 16.53 -3.54
N THR K 235 47.33 15.94 -3.28
CA THR K 235 47.15 14.50 -3.50
C THR K 235 45.74 14.18 -3.97
N PRO K 236 45.61 13.06 -4.69
CA PRO K 236 44.34 12.45 -5.05
C PRO K 236 43.57 12.09 -3.80
N SER K 237 42.30 11.77 -3.96
CA SER K 237 41.44 11.42 -2.83
C SER K 237 42.06 10.32 -1.95
N MET K 238 42.60 9.27 -2.59
CA MET K 238 42.94 8.05 -1.86
C MET K 238 44.08 8.16 -0.88
N TYR K 239 45.00 9.10 -1.10
CA TYR K 239 46.17 9.24 -0.24
C TYR K 239 46.08 10.37 0.76
N GLY K 240 45.04 11.17 0.68
CA GLY K 240 44.97 12.37 1.48
C GLY K 240 44.60 12.04 2.89
N THR K 241 43.74 11.06 3.06
CA THR K 241 43.34 10.61 4.38
C THR K 241 44.54 10.11 5.17
N ILE K 242 45.38 9.31 4.52
CA ILE K 242 46.57 8.79 5.16
C ILE K 242 47.56 9.90 5.53
N LEU K 243 47.96 10.71 4.56
CA LEU K 243 48.83 11.83 4.85
C LEU K 243 48.28 12.75 5.95
N GLY K 244 46.96 12.99 5.94
CA GLY K 244 46.33 13.84 6.91
C GLY K 244 46.40 13.28 8.32
N ASN K 245 46.35 11.97 8.43
CA ASN K 245 46.40 11.39 9.76
C ASN K 245 47.80 11.34 10.35
N ILE K 246 48.81 11.26 9.48
CA ILE K 246 50.17 11.44 9.92
C ILE K 246 50.32 12.86 10.42
N GLY K 247 49.80 13.79 9.62
CA GLY K 247 49.78 15.19 9.97
C GLY K 247 49.18 15.46 11.34
N ALA K 248 48.04 14.83 11.61
CA ALA K 248 47.35 15.01 12.88
C ALA K 248 48.17 14.48 14.06
N ALA K 249 48.68 13.26 13.93
CA ALA K 249 49.54 12.73 14.98
C ALA K 249 50.73 13.67 15.23
N LEU K 250 51.41 14.12 14.16
CA LEU K 250 52.57 14.99 14.29
C LEU K 250 52.41 16.23 15.17
N ILE K 251 51.21 16.80 15.21
CA ILE K 251 50.99 18.04 15.96
C ILE K 251 50.24 17.85 17.27
N GLY K 252 49.93 16.62 17.61
CA GLY K 252 49.25 16.32 18.86
C GLY K 252 47.79 15.87 18.81
N GLY K 253 47.34 15.47 17.63
CA GLY K 253 46.00 14.92 17.48
C GLY K 253 44.99 15.74 16.72
N PRO K 254 43.88 15.09 16.33
CA PRO K 254 42.80 15.60 15.48
C PRO K 254 42.16 16.84 16.05
N GLY K 255 42.17 16.96 17.36
CA GLY K 255 41.60 18.12 18.03
C GLY K 255 42.25 19.45 17.69
N LEU K 256 43.37 19.46 16.99
CA LEU K 256 44.15 20.67 16.77
C LEU K 256 44.25 21.11 15.31
N VAL K 257 43.54 20.41 14.44
CA VAL K 257 43.69 20.56 12.99
C VAL K 257 42.54 21.33 12.32
N ALA K 258 42.80 22.55 11.87
CA ALA K 258 41.82 23.33 11.16
C ALA K 258 41.60 22.78 9.77
N GLY K 259 40.47 23.12 9.17
CA GLY K 259 40.18 22.60 7.86
C GLY K 259 39.19 23.42 7.09
N ALA K 260 39.21 23.28 5.77
CA ALA K 260 38.22 23.95 4.95
C ALA K 260 37.97 23.16 3.67
N ASN K 261 36.80 23.33 3.10
CA ASN K 261 36.44 22.66 1.87
C ASN K 261 35.90 23.68 0.88
N PHE K 262 36.49 23.76 -0.30
CA PHE K 262 36.08 24.74 -1.27
C PHE K 262 35.55 24.19 -2.55
N GLY K 263 34.59 24.89 -3.10
CA GLY K 263 34.19 24.73 -4.48
C GLY K 263 34.31 26.10 -5.16
N ARG K 264 33.85 26.22 -6.39
CA ARG K 264 33.93 27.52 -7.01
C ARG K 264 33.01 28.53 -6.32
N ASP K 265 31.79 28.11 -6.01
CA ASP K 265 30.78 28.99 -5.44
C ASP K 265 30.54 28.81 -3.94
N TYR K 266 31.07 27.74 -3.35
CA TYR K 266 30.75 27.40 -1.98
C TYR K 266 31.99 27.15 -1.15
N ALA K 267 31.88 27.37 0.16
CA ALA K 267 32.94 27.03 1.07
C ALA K 267 32.32 26.49 2.34
N VAL K 268 32.88 25.42 2.84
CA VAL K 268 32.39 24.83 4.07
C VAL K 268 33.58 24.57 4.99
N PHE K 269 33.54 25.12 6.19
CA PHE K 269 34.64 25.01 7.14
C PHE K 269 34.36 23.98 8.20
N GLU K 270 35.39 23.21 8.54
CA GLU K 270 35.22 22.04 9.39
C GLU K 270 36.60 21.47 9.74
N PRO K 271 36.73 20.86 10.94
CA PRO K 271 37.98 20.27 11.39
C PRO K 271 38.58 19.33 10.32
N GLY K 272 39.87 19.48 10.07
CA GLY K 272 40.53 18.87 8.94
C GLY K 272 40.78 17.39 9.08
N SER K 273 40.60 16.83 10.27
CA SER K 273 40.85 15.42 10.48
C SER K 273 39.60 14.61 10.76
N ARG K 274 38.47 15.31 10.84
CA ARG K 274 37.20 14.66 11.12
C ARG K 274 37.24 13.98 12.49
N HIS K 275 38.12 14.48 13.36
CA HIS K 275 38.25 14.00 14.75
C HIS K 275 38.39 12.48 14.85
N VAL K 276 39.17 11.92 13.93
CA VAL K 276 39.39 10.48 13.85
C VAL K 276 40.02 9.91 15.11
N LYS K 281 34.45 10.10 24.22
CA LYS K 281 33.10 10.68 24.27
C LYS K 281 32.46 10.66 25.66
N GLY K 282 33.14 11.23 26.65
CA GLY K 282 32.51 11.58 27.91
C GLY K 282 31.82 12.92 27.66
N GLN K 283 31.11 13.44 28.65
CA GLN K 283 30.44 14.73 28.48
C GLN K 283 31.37 15.91 28.73
N ASN K 284 31.28 16.91 27.86
CA ASN K 284 32.01 18.15 28.00
C ASN K 284 33.53 18.00 28.16
N VAL K 285 34.14 17.07 27.43
CA VAL K 285 35.58 16.87 27.51
C VAL K 285 36.38 17.14 26.21
N ALA K 286 35.67 17.23 25.09
CA ALA K 286 36.30 17.30 23.78
C ALA K 286 37.06 18.59 23.52
N ASN K 287 38.13 18.54 22.73
CA ASN K 287 38.87 19.74 22.35
C ASN K 287 38.18 20.52 21.22
N PRO K 288 37.81 21.78 21.47
CA PRO K 288 37.10 22.59 20.48
C PRO K 288 38.04 23.36 19.57
N THR K 289 39.35 23.23 19.77
CA THR K 289 40.35 24.00 19.04
C THR K 289 40.24 23.92 17.52
N ALA K 290 40.10 22.71 16.99
CA ALA K 290 39.99 22.50 15.56
C ALA K 290 38.80 23.27 15.00
N MET K 291 37.66 23.15 15.67
CA MET K 291 36.47 23.85 15.25
C MET K 291 36.66 25.37 15.34
N ILE K 292 37.33 25.84 16.37
CA ILE K 292 37.48 27.27 16.53
C ILE K 292 38.41 27.82 15.48
N LEU K 293 39.54 27.14 15.28
CA LEU K 293 40.49 27.53 14.25
C LEU K 293 39.88 27.47 12.84
N SER K 294 39.07 26.45 12.57
CA SER K 294 38.34 26.38 11.30
C SER K 294 37.39 27.58 11.21
N SER K 295 36.79 27.91 12.33
CA SER K 295 35.97 29.10 12.48
C SER K 295 36.71 30.37 12.05
N THR K 296 38.00 30.46 12.35
CA THR K 296 38.75 31.65 11.94
C THR K 296 39.12 31.63 10.47
N LEU K 297 39.39 30.46 9.90
CA LEU K 297 39.52 30.35 8.46
C LEU K 297 38.28 30.88 7.76
N MET K 298 37.11 30.56 8.31
CA MET K 298 35.87 31.14 7.78
C MET K 298 35.79 32.67 7.92
N LEU K 299 36.23 33.21 9.06
CA LEU K 299 36.23 34.66 9.24
C LEU K 299 37.13 35.34 8.21
N ASN K 300 38.34 34.81 8.00
CA ASN K 300 39.24 35.32 6.97
C ASN K 300 38.57 35.38 5.63
N HIS K 301 37.90 34.30 5.29
CA HIS K 301 37.23 34.19 4.01
C HIS K 301 36.11 35.21 3.88
N LEU K 302 35.39 35.46 4.97
CA LEU K 302 34.27 36.39 4.94
C LEU K 302 34.72 37.85 4.90
N GLY K 303 36.01 38.07 5.11
CA GLY K 303 36.59 39.40 5.04
C GLY K 303 36.60 40.07 6.40
N LEU K 304 36.07 39.39 7.43
CA LEU K 304 36.21 39.88 8.78
C LEU K 304 37.67 39.77 9.09
N ASN K 305 38.06 38.88 9.99
CA ASN K 305 39.50 38.57 10.13
C ASN K 305 40.37 39.51 11.00
N GLU K 306 39.86 40.69 11.33
CA GLU K 306 40.36 41.39 12.48
C GLU K 306 39.89 40.50 13.62
N TYR K 307 38.61 40.18 13.61
CA TYR K 307 38.04 39.22 14.55
C TYR K 307 38.78 37.88 14.52
N ALA K 308 39.32 37.50 13.37
CA ALA K 308 39.98 36.21 13.23
C ALA K 308 41.35 36.21 13.88
N THR K 309 42.04 37.34 13.77
CA THR K 309 43.36 37.48 14.37
C THR K 309 43.25 37.44 15.90
N ARG K 310 42.21 38.09 16.42
CA ARG K 310 41.98 38.14 17.87
C ARG K 310 41.63 36.77 18.44
N ILE K 311 40.66 36.10 17.83
CA ILE K 311 40.24 34.78 18.29
C ILE K 311 41.38 33.79 18.19
N SER K 312 42.16 33.91 17.13
CA SER K 312 43.31 33.04 16.95
C SER K 312 44.37 33.25 18.05
N LYS K 313 44.64 34.50 18.38
CA LYS K 313 45.64 34.80 19.41
C LYS K 313 45.18 34.29 20.76
N ALA K 314 43.91 34.51 21.07
CA ALA K 314 43.32 34.01 22.30
C ALA K 314 43.51 32.50 22.46
N VAL K 315 43.22 31.71 21.43
CA VAL K 315 43.31 30.27 21.66
C VAL K 315 44.76 29.82 21.69
N HIS K 316 45.64 30.50 20.96
CA HIS K 316 47.04 30.09 20.98
C HIS K 316 47.64 30.38 22.34
N GLU K 317 47.26 31.53 22.89
CA GLU K 317 47.71 31.98 24.19
C GLU K 317 47.19 31.05 25.28
N THR K 318 45.89 30.76 25.22
CA THR K 318 45.28 29.86 26.20
C THR K 318 45.91 28.49 26.23
N ILE K 319 46.27 27.93 25.07
CA ILE K 319 46.85 26.60 25.07
C ILE K 319 48.34 26.64 25.42
N ALA K 320 48.99 27.77 25.12
CA ALA K 320 50.41 27.97 25.47
C ALA K 320 50.68 27.89 26.99
N GLU K 321 49.82 28.52 27.80
CA GLU K 321 49.84 28.36 29.25
C GLU K 321 49.02 27.14 29.65
N GLY K 322 49.68 26.12 30.18
CA GLY K 322 49.04 24.83 30.42
C GLY K 322 47.79 24.78 31.29
N LYS K 323 47.29 25.95 31.69
CA LYS K 323 46.10 26.06 32.55
C LYS K 323 44.84 26.15 31.70
N HIS K 324 43.81 25.41 32.12
CA HIS K 324 42.52 25.43 31.41
C HIS K 324 42.50 24.62 30.09
N THR K 325 43.63 24.03 29.75
CA THR K 325 43.76 23.19 28.59
C THR K 325 42.88 21.95 28.75
N THR K 326 42.39 21.40 27.64
CA THR K 326 41.47 20.27 27.65
C THR K 326 42.25 18.93 27.79
N ARG K 327 41.59 17.81 28.09
CA ARG K 327 42.35 16.64 28.56
C ARG K 327 43.26 15.96 27.54
N ASP K 328 43.01 16.18 26.26
CA ASP K 328 43.76 15.49 25.20
C ASP K 328 45.14 16.10 24.90
N ILE K 329 45.35 17.33 25.32
CA ILE K 329 46.67 17.93 25.22
C ILE K 329 47.28 18.12 26.60
N GLY K 330 46.87 17.26 27.53
CA GLY K 330 47.51 17.17 28.83
C GLY K 330 46.94 17.99 29.97
N GLY K 331 45.86 18.71 29.71
CA GLY K 331 45.16 19.45 30.75
C GLY K 331 44.11 18.59 31.40
N SER K 332 43.19 19.22 32.12
CA SER K 332 42.15 18.46 32.83
C SER K 332 40.80 19.21 32.86
N SER K 333 40.78 20.35 32.17
CA SER K 333 39.59 21.16 32.09
C SER K 333 38.59 20.68 31.03
N SER K 334 37.33 21.06 31.22
CA SER K 334 36.24 20.72 30.33
C SER K 334 36.27 21.64 29.10
N THR K 335 35.49 21.33 28.07
CA THR K 335 35.52 22.16 26.87
C THR K 335 34.99 23.56 27.25
N THR K 336 33.99 23.55 28.12
CA THR K 336 33.42 24.78 28.68
C THR K 336 34.44 25.66 29.42
N ASP K 337 35.28 25.05 30.24
CA ASP K 337 36.30 25.80 30.95
C ASP K 337 37.22 26.46 29.94
N PHE K 338 37.62 25.68 28.94
CA PHE K 338 38.55 26.12 27.90
C PHE K 338 37.94 27.31 27.16
N THR K 339 36.69 27.15 26.76
CA THR K 339 35.99 28.21 26.05
C THR K 339 35.96 29.50 26.87
N ASN K 340 35.58 29.38 28.14
CA ASN K 340 35.49 30.54 29.02
C ASN K 340 36.82 31.24 29.26
N GLU K 341 37.90 30.46 29.32
CA GLU K 341 39.26 31.05 29.41
C GLU K 341 39.59 31.87 28.17
N ILE K 342 39.20 31.38 27.00
CA ILE K 342 39.46 32.07 25.74
C ILE K 342 38.67 33.38 25.69
N ILE K 343 37.38 33.27 26.03
CA ILE K 343 36.51 34.43 26.08
C ILE K 343 37.06 35.47 27.06
N ASN K 344 37.65 34.97 28.14
CA ASN K 344 38.23 35.84 29.14
C ASN K 344 39.42 36.66 28.63
N LYS K 345 40.31 36.04 27.86
CA LYS K 345 41.47 36.76 27.34
C LYS K 345 41.04 37.71 26.24
N LEU K 346 39.85 37.46 25.70
CA LEU K 346 39.30 38.29 24.64
C LEU K 346 38.82 39.64 25.17
N SER K 347 38.11 39.63 26.30
CA SER K 347 37.58 40.87 26.87
C SER K 347 38.69 41.80 27.30
N THR K 348 39.76 41.23 27.85
CA THR K 348 40.90 42.03 28.27
C THR K 348 41.82 42.41 27.09
N MET K 349 41.45 41.99 25.88
CA MET K 349 42.26 42.29 24.67
C MET K 349 41.91 43.63 24.02
N GLN L 5 55.28 -22.73 14.06
CA GLN L 5 55.73 -22.61 12.66
C GLN L 5 54.56 -22.73 11.70
N PRO L 6 54.31 -21.68 10.89
CA PRO L 6 53.09 -21.60 10.05
C PRO L 6 52.91 -22.81 9.14
N SER L 7 51.73 -23.43 9.17
CA SER L 7 51.42 -24.55 8.28
C SER L 7 51.23 -24.11 6.83
N ILE L 8 50.96 -22.82 6.64
CA ILE L 8 50.61 -22.27 5.34
C ILE L 8 51.75 -22.39 4.32
N GLY L 9 52.88 -21.78 4.62
CA GLY L 9 54.00 -21.83 3.69
C GLY L 9 55.15 -22.62 4.25
N ARG L 10 54.81 -23.77 4.83
CA ARG L 10 55.79 -24.64 5.51
C ARG L 10 57.02 -25.00 4.68
N TYR L 11 58.19 -24.96 5.32
CA TYR L 11 59.43 -25.36 4.67
C TYR L 11 59.58 -26.88 4.64
N THR L 12 59.67 -27.44 3.44
CA THR L 12 59.93 -28.87 3.27
C THR L 12 61.42 -29.12 3.49
N GLY L 13 61.77 -29.67 4.66
CA GLY L 13 63.14 -29.75 5.12
C GLY L 13 64.16 -30.41 4.21
N LYS L 14 64.73 -31.53 4.68
CA LYS L 14 65.71 -32.29 3.92
C LYS L 14 67.05 -31.54 3.71
N PRO L 15 68.01 -31.77 4.62
CA PRO L 15 69.38 -31.33 4.37
C PRO L 15 69.97 -32.12 3.19
N ASN L 16 71.14 -31.71 2.69
CA ASN L 16 71.82 -32.48 1.65
C ASN L 16 72.13 -33.90 2.17
N PRO L 17 71.73 -34.95 1.40
CA PRO L 17 71.95 -36.33 1.83
C PRO L 17 73.41 -36.60 2.27
N SER L 18 74.36 -35.95 1.57
CA SER L 18 75.79 -36.13 1.82
C SER L 18 76.38 -35.14 2.85
N THR L 19 76.34 -33.85 2.53
CA THR L 19 77.02 -32.82 3.33
C THR L 19 76.36 -32.54 4.69
N GLY L 20 75.09 -32.93 4.83
CA GLY L 20 74.32 -32.63 6.03
C GLY L 20 74.02 -31.14 6.11
N LYS L 21 74.04 -30.50 4.93
CA LYS L 21 73.85 -29.06 4.79
C LYS L 21 72.68 -28.75 3.86
N TYR L 22 71.80 -27.87 4.32
CA TYR L 22 70.65 -27.43 3.53
C TYR L 22 71.08 -26.58 2.34
N THR L 23 70.42 -26.81 1.20
CA THR L 23 70.67 -26.03 0.00
C THR L 23 69.78 -24.78 -0.05
N VAL L 24 70.41 -23.64 -0.32
CA VAL L 24 69.73 -22.35 -0.35
C VAL L 24 70.21 -21.49 -1.51
N SER L 25 69.31 -21.19 -2.45
CA SER L 25 69.62 -20.31 -3.59
C SER L 25 70.03 -18.94 -3.10
N PHE L 26 70.80 -18.19 -3.90
CA PHE L 26 71.19 -16.88 -3.41
C PHE L 26 70.64 -15.72 -4.22
N ILE L 27 71.24 -15.42 -5.36
CA ILE L 27 70.94 -14.18 -6.08
C ILE L 27 71.56 -13.01 -5.30
N GLU L 28 72.82 -12.75 -5.54
CA GLU L 28 73.53 -11.71 -4.80
C GLU L 28 73.12 -10.32 -5.27
N GLY L 29 72.52 -10.24 -6.45
CA GLY L 29 72.10 -8.97 -6.98
C GLY L 29 73.30 -8.12 -7.34
N ASP L 30 73.08 -6.81 -7.44
CA ASP L 30 74.12 -5.90 -7.91
C ASP L 30 74.21 -4.62 -7.06
N GLY L 31 75.00 -3.65 -7.53
CA GLY L 31 75.29 -2.48 -6.72
C GLY L 31 76.04 -2.93 -5.49
N ILE L 32 75.48 -2.63 -4.32
CA ILE L 32 76.09 -3.07 -3.06
C ILE L 32 75.72 -4.51 -2.74
N GLY L 33 75.13 -5.20 -3.72
CA GLY L 33 74.70 -6.57 -3.54
C GLY L 33 75.82 -7.52 -3.21
N PRO L 34 76.84 -7.63 -4.08
CA PRO L 34 78.01 -8.48 -3.86
C PRO L 34 78.58 -8.38 -2.45
N GLU L 35 78.97 -7.18 -2.02
CA GLU L 35 79.64 -7.00 -0.72
C GLU L 35 78.78 -7.32 0.50
N ILE L 36 77.48 -7.17 0.34
CA ILE L 36 76.54 -7.48 1.42
C ILE L 36 76.29 -8.98 1.48
N SER L 37 76.28 -9.63 0.32
CA SER L 37 76.14 -11.09 0.28
C SER L 37 77.37 -11.72 0.88
N LYS L 38 78.54 -11.13 0.59
CA LYS L 38 79.82 -11.62 1.11
C LYS L 38 79.79 -11.63 2.62
N SER L 39 79.27 -10.56 3.20
CA SER L 39 79.14 -10.46 4.65
C SER L 39 78.20 -11.49 5.27
N VAL L 40 77.18 -11.91 4.52
CA VAL L 40 76.21 -12.88 5.02
C VAL L 40 76.81 -14.27 5.07
N LYS L 41 77.68 -14.56 4.10
CA LYS L 41 78.34 -15.86 3.99
C LYS L 41 79.40 -16.04 5.08
N LYS L 42 80.15 -14.98 5.35
CA LYS L 42 81.19 -14.99 6.38
C LYS L 42 80.62 -15.13 7.79
N ILE L 43 79.38 -14.70 7.98
CA ILE L 43 78.73 -14.79 9.30
C ILE L 43 77.94 -16.09 9.42
N PHE L 44 77.64 -16.70 8.27
CA PHE L 44 76.94 -17.98 8.24
C PHE L 44 77.94 -19.13 8.37
N SER L 45 79.15 -18.90 7.85
CA SER L 45 80.24 -19.84 8.01
C SER L 45 80.76 -19.77 9.46
N ALA L 46 81.04 -18.55 9.92
CA ALA L 46 81.60 -18.32 11.25
C ALA L 46 80.70 -18.74 12.42
N ALA L 47 79.41 -18.91 12.17
CA ALA L 47 78.49 -19.35 13.22
C ALA L 47 78.16 -20.82 12.98
N ASN L 48 78.82 -21.37 11.99
CA ASN L 48 78.63 -22.75 11.57
C ASN L 48 77.15 -23.10 11.46
N VAL L 49 76.55 -22.74 10.32
CA VAL L 49 75.17 -23.07 10.06
C VAL L 49 75.12 -24.01 8.86
N PRO L 50 74.19 -24.98 8.92
CA PRO L 50 73.98 -26.10 7.97
C PRO L 50 73.52 -25.66 6.58
N ILE L 51 74.28 -24.81 5.90
CA ILE L 51 73.80 -24.22 4.65
C ILE L 51 74.89 -24.07 3.62
N GLU L 52 74.63 -24.61 2.43
CA GLU L 52 75.47 -24.39 1.27
C GLU L 52 74.72 -23.55 0.23
N TRP L 53 75.36 -22.48 -0.24
CA TRP L 53 74.74 -21.53 -1.18
C TRP L 53 74.61 -22.08 -2.59
N GLU L 54 74.25 -21.23 -3.54
CA GLU L 54 74.03 -21.65 -4.93
C GLU L 54 73.67 -20.46 -5.81
N SER L 55 74.48 -19.41 -5.77
CA SER L 55 74.13 -18.12 -6.38
C SER L 55 73.42 -18.24 -7.74
N CYS L 56 72.24 -17.60 -7.83
CA CYS L 56 71.43 -17.61 -9.04
C CYS L 56 71.46 -16.27 -9.77
N ASP L 57 71.23 -16.32 -11.08
CA ASP L 57 71.06 -15.11 -11.84
C ASP L 57 69.60 -15.06 -12.27
N VAL L 58 68.99 -13.90 -12.04
CA VAL L 58 67.58 -13.70 -12.35
C VAL L 58 67.38 -12.61 -13.40
N SER L 59 68.47 -12.17 -14.03
CA SER L 59 68.39 -11.18 -15.10
C SER L 59 67.20 -11.47 -16.04
N PRO L 60 66.35 -10.45 -16.22
CA PRO L 60 65.09 -10.58 -16.96
C PRO L 60 65.29 -11.06 -18.40
N ILE L 61 64.98 -12.31 -18.66
CA ILE L 61 64.88 -12.78 -20.03
C ILE L 61 63.52 -12.34 -20.59
N PHE L 62 63.43 -12.11 -21.90
CA PHE L 62 62.15 -11.78 -22.52
C PHE L 62 61.63 -12.92 -23.44
N VAL L 63 60.40 -13.36 -23.19
CA VAL L 63 59.75 -14.41 -23.99
C VAL L 63 58.36 -13.96 -24.41
N ASN L 64 58.23 -13.54 -25.67
CA ASN L 64 56.99 -12.96 -26.20
C ASN L 64 56.75 -11.52 -25.72
N GLY L 65 57.84 -10.81 -25.39
CA GLY L 65 57.74 -9.45 -24.87
C GLY L 65 57.37 -9.44 -23.40
N LEU L 66 56.76 -10.53 -22.96
CA LEU L 66 56.43 -10.78 -21.55
C LEU L 66 57.71 -11.17 -20.80
N THR L 67 58.14 -10.35 -19.84
CA THR L 67 59.35 -10.62 -19.06
C THR L 67 59.26 -11.97 -18.32
N THR L 68 60.25 -12.83 -18.57
CA THR L 68 60.29 -14.16 -17.98
C THR L 68 61.58 -14.31 -17.15
N ILE L 69 61.54 -15.21 -16.17
CA ILE L 69 62.68 -15.45 -15.32
C ILE L 69 63.49 -16.63 -15.89
N PRO L 70 64.82 -16.47 -16.02
CA PRO L 70 65.75 -17.47 -16.56
C PRO L 70 65.56 -18.86 -15.95
N ASP L 71 65.61 -19.89 -16.80
CA ASP L 71 65.37 -21.25 -16.35
C ASP L 71 66.39 -21.80 -15.34
N PRO L 72 67.67 -21.38 -15.46
CA PRO L 72 68.69 -21.77 -14.48
C PRO L 72 68.26 -21.46 -13.04
N ALA L 73 67.85 -20.23 -12.83
CA ALA L 73 67.37 -19.79 -11.51
C ALA L 73 66.05 -20.47 -11.09
N VAL L 74 65.11 -20.59 -12.04
CA VAL L 74 63.81 -21.23 -11.75
C VAL L 74 63.99 -22.62 -11.14
N GLN L 75 64.77 -23.45 -11.82
CA GLN L 75 65.00 -24.83 -11.40
C GLN L 75 65.70 -24.88 -10.04
N SER L 76 66.67 -23.98 -9.88
CA SER L 76 67.42 -23.90 -8.65
C SER L 76 66.53 -23.59 -7.45
N ILE L 77 65.64 -22.61 -7.63
CA ILE L 77 64.79 -22.13 -6.55
C ILE L 77 63.60 -23.04 -6.30
N THR L 78 63.03 -23.59 -7.37
CA THR L 78 61.93 -24.55 -7.24
C THR L 78 62.38 -25.78 -6.45
N LYS L 79 63.66 -26.13 -6.63
CA LYS L 79 64.24 -27.28 -5.95
C LYS L 79 64.54 -26.99 -4.48
N ASN L 80 65.28 -25.90 -4.22
CA ASN L 80 65.72 -25.58 -2.86
C ASN L 80 64.60 -25.14 -1.93
N LEU L 81 63.54 -24.58 -2.52
CA LEU L 81 62.36 -24.09 -1.79
C LEU L 81 62.61 -22.79 -0.98
N VAL L 82 63.85 -22.31 -0.99
CA VAL L 82 64.22 -21.08 -0.30
C VAL L 82 65.26 -20.28 -1.09
N ALA L 83 65.18 -18.95 -0.99
CA ALA L 83 66.12 -18.05 -1.64
C ALA L 83 66.38 -16.83 -0.75
N LEU L 84 67.54 -16.19 -0.94
CA LEU L 84 67.88 -15.02 -0.16
C LEU L 84 68.50 -13.99 -1.06
N LYS L 85 67.70 -13.06 -1.60
CA LYS L 85 68.19 -12.11 -2.60
C LYS L 85 68.50 -10.73 -2.05
N GLY L 86 69.49 -10.08 -2.64
CA GLY L 86 69.83 -8.73 -2.27
C GLY L 86 69.24 -7.81 -3.30
N PRO L 87 69.63 -6.54 -3.27
CA PRO L 87 69.09 -5.50 -4.15
C PRO L 87 69.31 -5.83 -5.63
N LEU L 88 68.54 -5.18 -6.51
CA LEU L 88 68.84 -5.16 -7.94
C LEU L 88 68.23 -3.93 -8.63
N ALA L 89 68.95 -3.36 -9.60
CA ALA L 89 68.55 -2.10 -10.22
C ALA L 89 67.37 -2.24 -11.14
N THR L 90 66.88 -1.11 -11.65
CA THR L 90 65.67 -1.06 -12.44
C THR L 90 66.05 -0.98 -13.92
N PRO L 91 66.38 -2.13 -14.53
CA PRO L 91 67.02 -2.13 -15.86
C PRO L 91 66.18 -1.33 -16.82
N HIS L 96 60.95 -4.63 -19.30
CA HIS L 96 59.79 -3.99 -19.90
C HIS L 96 58.68 -3.92 -18.83
N ARG L 97 58.47 -5.05 -18.12
CA ARG L 97 57.61 -5.11 -16.94
C ARG L 97 58.45 -5.04 -15.64
N SER L 98 57.93 -5.56 -14.53
CA SER L 98 58.59 -5.40 -13.23
C SER L 98 59.31 -6.64 -12.78
N LEU L 99 60.58 -6.46 -12.39
CA LEU L 99 61.44 -7.56 -12.01
C LEU L 99 60.89 -8.27 -10.78
N ASN L 100 60.52 -7.48 -9.76
CA ASN L 100 59.94 -8.03 -8.53
C ASN L 100 58.56 -8.63 -8.76
N LEU L 101 57.82 -8.07 -9.71
CA LEU L 101 56.46 -8.54 -9.98
C LEU L 101 56.45 -9.94 -10.63
N THR L 102 57.34 -10.18 -11.59
CA THR L 102 57.40 -11.51 -12.23
C THR L 102 57.95 -12.55 -11.28
N LEU L 103 58.90 -12.13 -10.44
CA LEU L 103 59.44 -12.99 -9.39
C LEU L 103 58.33 -13.57 -8.52
N ARG L 104 57.39 -12.73 -8.09
CA ARG L 104 56.31 -13.18 -7.24
C ARG L 104 55.32 -14.05 -8.00
N LYS L 105 55.13 -13.75 -9.28
CA LYS L 105 54.17 -14.51 -10.08
C LYS L 105 54.67 -15.95 -10.33
N THR L 106 55.92 -16.09 -10.76
CA THR L 106 56.45 -17.41 -11.12
C THR L 106 56.52 -18.38 -9.92
N PHE L 107 56.84 -17.88 -8.72
CA PHE L 107 57.02 -18.74 -7.55
C PHE L 107 55.80 -18.83 -6.63
N GLY L 108 54.70 -18.22 -7.06
CA GLY L 108 53.47 -18.23 -6.30
C GLY L 108 53.55 -17.59 -4.93
N LEU L 109 54.29 -16.48 -4.84
CA LEU L 109 54.43 -15.74 -3.59
C LEU L 109 53.22 -14.86 -3.37
N PHE L 110 52.47 -15.15 -2.33
CA PHE L 110 51.21 -14.45 -2.10
C PHE L 110 51.21 -13.51 -0.88
N ALA L 111 52.18 -13.64 0.01
CA ALA L 111 52.22 -12.82 1.23
C ALA L 111 53.56 -12.15 1.41
N ASN L 112 53.54 -10.91 1.87
CA ASN L 112 54.76 -10.14 2.10
C ASN L 112 54.77 -9.80 3.58
N VAL L 113 55.82 -10.23 4.27
CA VAL L 113 55.92 -10.02 5.71
C VAL L 113 56.95 -8.97 5.98
N ARG L 114 56.51 -7.86 6.58
CA ARG L 114 57.35 -6.69 6.78
C ARG L 114 57.36 -6.31 8.25
N PRO L 115 58.42 -6.71 8.97
CA PRO L 115 58.62 -6.33 10.37
C PRO L 115 59.26 -4.97 10.45
N ALA L 116 58.91 -4.18 11.46
CA ALA L 116 59.63 -2.93 11.68
C ALA L 116 59.93 -2.78 13.16
N LYS L 117 61.20 -3.00 13.54
CA LYS L 117 61.59 -2.90 14.96
C LYS L 117 62.69 -1.88 15.22
N SER L 118 62.55 -1.20 16.36
CA SER L 118 63.60 -0.33 16.85
C SER L 118 64.86 -1.13 17.17
N ILE L 119 66.01 -0.50 17.03
CA ILE L 119 67.26 -1.13 17.45
C ILE L 119 67.61 -0.67 18.87
N GLU L 120 67.76 -1.64 19.78
CA GLU L 120 68.13 -1.36 21.16
C GLU L 120 69.51 -0.71 21.26
N GLY L 121 69.56 0.49 21.87
CA GLY L 121 70.80 1.21 22.04
C GLY L 121 71.11 2.21 20.93
N PHE L 122 70.30 2.19 19.87
CA PHE L 122 70.44 3.15 18.78
C PHE L 122 69.31 4.18 18.83
N LYS L 123 69.68 5.43 19.08
CA LYS L 123 68.73 6.52 19.22
C LYS L 123 68.12 6.93 17.86
N THR L 124 66.86 6.57 17.67
CA THR L 124 66.08 7.06 16.55
C THR L 124 64.94 7.92 17.07
N THR L 125 64.26 8.61 16.17
CA THR L 125 63.28 9.59 16.61
C THR L 125 62.05 8.94 17.27
N TYR L 126 61.66 7.74 16.82
CA TYR L 126 60.59 6.98 17.51
C TYR L 126 61.17 5.85 18.37
N GLU L 127 60.46 5.45 19.42
CA GLU L 127 61.01 4.47 20.34
C GLU L 127 60.04 3.35 20.68
N ASN L 128 60.60 2.15 20.89
CA ASN L 128 59.85 0.98 21.32
C ASN L 128 58.86 0.48 20.28
N VAL L 129 59.23 0.64 19.02
CA VAL L 129 58.37 0.19 17.97
C VAL L 129 58.74 -1.23 17.60
N ASP L 130 57.74 -2.10 17.60
CA ASP L 130 57.89 -3.46 17.12
C ASP L 130 56.63 -3.88 16.36
N LEU L 131 56.59 -3.54 15.08
CA LEU L 131 55.39 -3.72 14.27
C LEU L 131 55.56 -4.85 13.29
N VAL L 132 54.47 -5.57 13.06
CA VAL L 132 54.47 -6.59 12.03
C VAL L 132 53.29 -6.42 11.09
N LEU L 133 53.59 -6.29 9.79
CA LEU L 133 52.56 -6.09 8.78
C LEU L 133 52.62 -7.14 7.69
N ILE L 134 51.51 -7.84 7.48
CA ILE L 134 51.41 -8.81 6.37
C ILE L 134 50.47 -8.26 5.30
N ARG L 135 50.96 -8.14 4.08
CA ARG L 135 50.11 -7.67 3.01
C ARG L 135 49.96 -8.70 1.88
N GLU L 136 48.82 -8.67 1.20
CA GLU L 136 48.60 -9.46 0.01
C GLU L 136 49.53 -8.98 -1.13
N ASN L 137 49.98 -9.89 -1.99
CA ASN L 137 50.88 -9.55 -3.11
C ASN L 137 50.38 -9.91 -4.53
N THR L 138 49.35 -10.75 -4.58
CA THR L 138 48.80 -11.27 -5.82
C THR L 138 48.07 -10.21 -6.63
N GLU L 139 46.91 -9.81 -6.14
CA GLU L 139 45.99 -9.00 -6.90
C GLU L 139 46.12 -7.51 -6.55
N GLY L 140 45.00 -6.79 -6.49
CA GLY L 140 45.02 -5.36 -6.26
C GLY L 140 45.60 -4.59 -7.43
N GLU L 141 46.39 -3.57 -7.11
CA GLU L 141 46.93 -2.69 -8.14
C GLU L 141 48.08 -3.34 -8.89
N TYR L 142 48.49 -4.52 -8.43
CA TYR L 142 49.57 -5.25 -9.08
C TYR L 142 49.05 -5.95 -10.33
N SER L 143 47.87 -6.56 -10.23
CA SER L 143 47.17 -7.13 -11.38
C SER L 143 46.17 -6.12 -12.00
N GLY L 144 46.44 -4.84 -11.80
CA GLY L 144 45.55 -3.78 -12.26
C GLY L 144 45.68 -3.42 -13.72
N ILE L 145 44.57 -2.97 -14.31
CA ILE L 145 44.54 -2.51 -15.69
C ILE L 145 44.16 -1.02 -15.77
N GLU L 146 44.86 -0.27 -16.62
CA GLU L 146 44.52 1.12 -16.87
C GLU L 146 44.23 1.34 -18.34
N HIS L 147 43.17 2.07 -18.63
CA HIS L 147 42.99 2.53 -20.00
C HIS L 147 42.32 3.89 -20.14
N ILE L 148 42.43 4.44 -21.34
CA ILE L 148 41.81 5.69 -21.66
C ILE L 148 40.41 5.40 -22.17
N VAL L 149 39.41 5.96 -21.50
CA VAL L 149 38.00 5.77 -21.88
C VAL L 149 37.54 6.86 -22.84
N CYS L 150 37.43 8.08 -22.34
CA CYS L 150 37.23 9.27 -23.19
C CYS L 150 38.57 10.05 -23.23
N PRO L 151 38.69 11.04 -24.13
CA PRO L 151 40.00 11.66 -24.39
C PRO L 151 40.87 12.13 -23.20
N GLY L 152 40.32 12.67 -22.12
CA GLY L 152 41.20 12.99 -21.00
C GLY L 152 40.93 12.16 -19.75
N VAL L 153 40.46 10.94 -19.93
CA VAL L 153 39.96 10.18 -18.80
C VAL L 153 40.60 8.78 -18.65
N VAL L 154 41.35 8.60 -17.58
CA VAL L 154 41.93 7.30 -17.31
C VAL L 154 41.10 6.52 -16.31
N GLN L 155 40.76 5.30 -16.68
CA GLN L 155 39.98 4.45 -15.81
C GLN L 155 40.87 3.35 -15.30
N SER L 156 40.75 3.01 -14.02
CA SER L 156 41.55 1.97 -13.39
C SER L 156 40.64 0.81 -13.03
N ILE L 157 41.09 -0.40 -13.30
CA ILE L 157 40.32 -1.58 -12.94
C ILE L 157 41.17 -2.43 -12.02
N LYS L 158 40.63 -2.78 -10.87
CA LYS L 158 41.39 -3.47 -9.83
C LYS L 158 40.54 -4.60 -9.25
N LEU L 159 41.20 -5.69 -8.88
CA LEU L 159 40.46 -6.88 -8.53
C LEU L 159 40.81 -7.36 -7.15
N ILE L 160 39.82 -7.78 -6.40
CA ILE L 160 40.11 -8.49 -5.17
C ILE L 160 39.27 -9.77 -5.08
N THR L 161 39.86 -10.88 -4.64
CA THR L 161 39.13 -12.15 -4.57
C THR L 161 39.09 -12.76 -3.16
N ARG L 162 38.01 -13.46 -2.85
CA ARG L 162 37.89 -14.24 -1.62
C ARG L 162 39.08 -15.21 -1.48
N ASP L 163 39.37 -15.96 -2.53
CA ASP L 163 40.48 -16.92 -2.46
C ASP L 163 41.81 -16.32 -2.01
N ALA L 164 42.26 -15.27 -2.69
CA ALA L 164 43.57 -14.70 -2.37
C ALA L 164 43.60 -14.08 -0.98
N SER L 165 42.44 -13.59 -0.53
CA SER L 165 42.28 -12.94 0.75
C SER L 165 42.27 -13.93 1.91
N GLU L 166 41.56 -15.04 1.70
CA GLU L 166 41.58 -16.20 2.60
C GLU L 166 42.86 -17.00 2.34
N ARG L 167 43.98 -16.48 2.81
CA ARG L 167 45.27 -17.02 2.44
C ARG L 167 46.36 -16.09 2.96
N VAL L 168 46.22 -14.79 2.72
CA VAL L 168 47.03 -13.84 3.48
C VAL L 168 46.46 -13.83 4.87
N ILE L 169 45.15 -13.94 4.98
CA ILE L 169 44.53 -13.90 6.29
C ILE L 169 44.83 -15.15 7.14
N ARG L 170 44.67 -16.33 6.55
CA ARG L 170 45.14 -17.53 7.24
C ARG L 170 46.59 -17.35 7.69
N TYR L 171 47.45 -16.94 6.77
CA TYR L 171 48.88 -16.83 7.10
C TYR L 171 49.11 -15.87 8.27
N ALA L 172 48.36 -14.78 8.30
CA ALA L 172 48.55 -13.77 9.31
C ALA L 172 48.21 -14.37 10.66
N PHE L 173 47.15 -15.17 10.68
CA PHE L 173 46.77 -15.88 11.89
C PHE L 173 47.87 -16.86 12.35
N GLU L 174 48.28 -17.74 11.45
CA GLU L 174 49.29 -18.74 11.80
C GLU L 174 50.63 -18.09 12.13
N TYR L 175 50.86 -16.89 11.62
CA TYR L 175 52.11 -16.19 11.88
C TYR L 175 52.03 -15.47 13.23
N ALA L 176 50.83 -15.12 13.65
CA ALA L 176 50.65 -14.47 14.93
C ALA L 176 50.78 -15.49 16.05
N ARG L 177 50.19 -16.65 15.82
CA ARG L 177 50.37 -17.78 16.72
C ARG L 177 51.85 -18.18 16.80
N ALA L 178 52.51 -18.27 15.63
CA ALA L 178 53.93 -18.65 15.55
C ALA L 178 54.94 -17.70 16.20
N ILE L 179 54.57 -16.44 16.44
CA ILE L 179 55.50 -15.51 17.08
C ILE L 179 54.96 -15.05 18.43
N GLY L 180 53.85 -15.66 18.85
CA GLY L 180 53.24 -15.37 20.14
C GLY L 180 52.63 -13.99 20.29
N ARG L 181 51.68 -13.66 19.41
CA ARG L 181 50.94 -12.41 19.53
C ARG L 181 49.44 -12.70 19.61
N PRO L 182 48.78 -12.04 20.56
CA PRO L 182 47.34 -12.21 20.84
C PRO L 182 46.42 -11.75 19.70
N ARG L 183 46.61 -10.53 19.20
CA ARG L 183 45.68 -9.94 18.23
C ARG L 183 46.16 -9.93 16.79
N VAL L 184 45.26 -10.26 15.86
CA VAL L 184 45.50 -9.89 14.47
C VAL L 184 44.51 -8.81 14.10
N ILE L 185 45.03 -7.70 13.59
CA ILE L 185 44.21 -6.56 13.18
C ILE L 185 44.07 -6.51 11.66
N VAL L 186 42.85 -6.60 11.18
CA VAL L 186 42.58 -6.34 9.77
C VAL L 186 42.39 -4.83 9.56
N VAL L 187 43.21 -4.25 8.68
CA VAL L 187 43.15 -2.85 8.33
C VAL L 187 42.50 -2.66 6.97
N HIS L 188 41.50 -1.78 6.92
CA HIS L 188 40.65 -1.63 5.74
C HIS L 188 40.12 -0.20 5.67
N LYS L 189 39.49 0.16 4.55
CA LYS L 189 38.91 1.49 4.39
C LYS L 189 37.38 1.37 4.52
N SER L 190 36.71 2.49 4.75
CA SER L 190 35.26 2.49 5.08
C SER L 190 34.49 1.29 4.54
N THR L 191 34.18 0.35 5.43
CA THR L 191 33.56 -0.94 5.09
C THR L 191 32.20 -0.90 4.33
N ILE L 192 31.41 0.14 4.55
CA ILE L 192 30.07 0.22 3.94
C ILE L 192 30.05 0.94 2.57
N GLN L 193 31.06 1.77 2.31
CA GLN L 193 31.15 2.51 1.04
C GLN L 193 32.10 1.86 0.01
N ARG L 194 32.75 0.77 0.44
CA ARG L 194 33.50 -0.12 -0.44
C ARG L 194 33.31 -1.59 -0.06
N LEU L 195 32.49 -2.29 -0.83
CA LEU L 195 32.25 -3.72 -0.60
C LEU L 195 33.46 -4.60 -0.97
N ALA L 196 34.55 -3.99 -1.43
CA ALA L 196 35.81 -4.69 -1.60
C ALA L 196 36.48 -4.93 -0.24
N ASP L 197 36.43 -3.92 0.63
CA ASP L 197 36.93 -4.09 1.98
C ASP L 197 35.94 -4.92 2.78
N GLY L 198 34.67 -4.84 2.42
CA GLY L 198 33.67 -5.67 3.07
C GLY L 198 33.95 -7.15 2.86
N LEU L 199 34.47 -7.49 1.68
CA LEU L 199 34.78 -8.90 1.38
C LEU L 199 35.98 -9.36 2.20
N PHE L 200 36.98 -8.50 2.31
CA PHE L 200 38.19 -8.82 3.04
C PHE L 200 37.92 -9.01 4.53
N VAL L 201 37.06 -8.17 5.10
CA VAL L 201 36.73 -8.24 6.51
C VAL L 201 35.87 -9.46 6.79
N ASN L 202 34.93 -9.78 5.90
CA ASN L 202 34.10 -10.97 6.08
C ASN L 202 34.94 -12.21 6.06
N VAL L 203 35.89 -12.27 5.13
CA VAL L 203 36.77 -13.41 5.04
C VAL L 203 37.53 -13.58 6.34
N ALA L 204 37.90 -12.45 6.97
CA ALA L 204 38.67 -12.47 8.22
C ALA L 204 37.85 -12.98 9.38
N LYS L 205 36.57 -12.65 9.40
CA LYS L 205 35.68 -13.07 10.45
C LYS L 205 35.38 -14.57 10.34
N GLU L 206 35.39 -15.08 9.12
CA GLU L 206 35.11 -16.48 8.88
C GLU L 206 36.22 -17.35 9.43
N LEU L 207 37.45 -16.87 9.33
CA LEU L 207 38.62 -17.62 9.75
C LEU L 207 38.85 -17.40 11.25
N SER L 208 38.18 -16.39 11.79
CA SER L 208 38.33 -16.03 13.18
C SER L 208 38.02 -17.22 14.09
N LYS L 209 37.06 -18.04 13.66
CA LYS L 209 36.58 -19.16 14.49
C LYS L 209 37.52 -20.36 14.45
N GLU L 210 38.32 -20.46 13.40
CA GLU L 210 39.31 -21.54 13.32
C GLU L 210 40.58 -21.21 14.10
N TYR L 211 40.61 -20.04 14.72
CA TYR L 211 41.76 -19.63 15.53
C TYR L 211 41.28 -18.96 16.84
N PRO L 212 40.83 -19.78 17.79
CA PRO L 212 40.21 -19.32 19.04
C PRO L 212 41.24 -18.69 19.98
N ASP L 213 42.49 -19.13 19.87
CA ASP L 213 43.59 -18.57 20.68
C ASP L 213 43.93 -17.14 20.29
N LEU L 214 43.39 -16.70 19.16
CA LEU L 214 43.70 -15.38 18.61
C LEU L 214 42.47 -14.47 18.65
N THR L 215 42.69 -13.21 19.00
CA THR L 215 41.68 -12.16 18.96
C THR L 215 41.72 -11.35 17.65
N LEU L 216 40.59 -11.31 16.94
CA LEU L 216 40.49 -10.53 15.69
C LEU L 216 39.89 -9.15 15.92
N GLU L 217 40.68 -8.11 15.68
CA GLU L 217 40.17 -6.74 15.66
C GLU L 217 40.19 -6.20 14.24
N THR L 218 39.23 -5.34 13.91
CA THR L 218 39.24 -4.64 12.63
C THR L 218 39.43 -3.16 12.87
N GLU L 219 40.13 -2.48 11.98
CA GLU L 219 40.40 -1.05 12.19
C GLU L 219 40.43 -0.26 10.88
N LEU L 220 39.79 0.91 10.86
CA LEU L 220 39.86 1.78 9.69
C LEU L 220 41.29 2.23 9.50
N ILE L 221 41.78 2.20 8.26
CA ILE L 221 43.16 2.57 8.04
C ILE L 221 43.43 3.98 8.52
N ASP L 222 42.41 4.84 8.53
CA ASP L 222 42.56 6.21 9.09
C ASP L 222 43.00 6.18 10.54
N ASN L 223 42.26 5.46 11.37
CA ASN L 223 42.55 5.37 12.80
C ASN L 223 43.88 4.66 13.04
N SER L 224 44.13 3.58 12.29
CA SER L 224 45.39 2.89 12.42
C SER L 224 46.57 3.87 12.28
N VAL L 225 46.57 4.74 11.28
CA VAL L 225 47.79 5.55 11.13
C VAL L 225 47.86 6.68 12.14
N LEU L 226 46.71 7.10 12.65
CA LEU L 226 46.69 8.05 13.73
C LEU L 226 47.26 7.44 15.02
N LYS L 227 46.85 6.22 15.34
CA LYS L 227 47.28 5.55 16.56
C LYS L 227 48.75 5.19 16.51
N VAL L 228 49.13 4.45 15.47
CA VAL L 228 50.50 3.95 15.31
C VAL L 228 51.52 5.07 15.33
N VAL L 229 51.20 6.22 14.75
CA VAL L 229 52.16 7.32 14.77
C VAL L 229 52.27 8.02 16.12
N THR L 230 51.14 8.20 16.82
CA THR L 230 51.19 8.82 18.14
C THR L 230 51.87 7.87 19.15
N ASN L 231 51.63 6.56 19.00
CA ASN L 231 52.20 5.61 19.96
C ASN L 231 52.43 4.20 19.37
N PRO L 232 53.57 4.00 18.69
CA PRO L 232 53.89 2.72 18.02
C PRO L 232 53.79 1.49 18.92
N SER L 233 54.11 1.65 20.18
CA SER L 233 54.19 0.51 21.08
C SER L 233 52.87 -0.22 21.21
N ALA L 234 51.76 0.51 21.07
CA ALA L 234 50.42 -0.05 21.24
C ALA L 234 50.08 -1.21 20.27
N TYR L 235 50.99 -1.47 19.32
CA TYR L 235 50.74 -2.47 18.30
C TYR L 235 51.77 -3.57 18.33
N THR L 236 52.63 -3.57 19.35
CA THR L 236 53.68 -4.58 19.40
C THR L 236 53.16 -5.95 19.89
N ASP L 237 51.87 -6.00 20.24
CA ASP L 237 51.22 -7.26 20.58
C ASP L 237 50.26 -7.67 19.49
N ALA L 238 50.46 -7.14 18.30
CA ALA L 238 49.53 -7.42 17.23
C ALA L 238 50.21 -7.67 15.91
N VAL L 239 49.52 -8.43 15.09
CA VAL L 239 49.90 -8.61 13.69
C VAL L 239 48.83 -7.99 12.77
N SER L 240 49.21 -7.03 11.92
CA SER L 240 48.25 -6.41 11.00
C SER L 240 48.27 -7.10 9.63
N VAL L 241 47.10 -7.30 9.04
CA VAL L 241 47.02 -7.67 7.63
C VAL L 241 46.19 -6.64 6.90
N CYS L 242 46.51 -6.42 5.63
CA CYS L 242 45.71 -5.52 4.80
C CYS L 242 45.69 -5.99 3.37
N PRO L 243 44.72 -5.48 2.57
CA PRO L 243 44.62 -5.83 1.14
C PRO L 243 45.79 -5.21 0.42
N ASN L 244 46.14 -5.72 -0.76
CA ASN L 244 47.27 -5.18 -1.50
C ASN L 244 47.35 -3.64 -1.63
N LEU L 245 46.19 -2.99 -1.82
CA LEU L 245 46.08 -1.53 -1.98
C LEU L 245 46.89 -0.62 -1.02
N TYR L 246 46.75 -0.87 0.28
CA TYR L 246 47.41 -0.02 1.29
C TYR L 246 48.73 -0.61 1.80
N GLY L 247 49.06 -1.82 1.34
CA GLY L 247 50.28 -2.49 1.77
C GLY L 247 51.55 -1.66 1.59
N ASP L 248 51.81 -1.23 0.36
CA ASP L 248 52.97 -0.39 0.05
C ASP L 248 53.14 0.77 1.05
N ILE L 249 52.08 1.56 1.19
CA ILE L 249 52.06 2.73 2.04
C ILE L 249 52.30 2.40 3.52
N LEU L 250 51.50 1.51 4.09
CA LEU L 250 51.63 1.18 5.50
C LEU L 250 53.00 0.61 5.88
N SER L 251 53.53 -0.32 5.10
CA SER L 251 54.84 -0.90 5.44
C SER L 251 55.98 0.13 5.40
N ASP L 252 55.94 1.07 4.45
CA ASP L 252 56.93 2.15 4.40
C ASP L 252 56.75 3.19 5.52
N LEU L 253 55.52 3.33 6.00
CA LEU L 253 55.24 4.19 7.13
C LEU L 253 55.79 3.53 8.39
N ASN L 254 55.62 2.22 8.50
CA ASN L 254 56.16 1.46 9.62
C ASN L 254 57.70 1.56 9.70
N SER L 255 58.37 1.49 8.56
CA SER L 255 59.83 1.60 8.52
C SER L 255 60.29 2.99 8.83
N GLY L 256 59.43 3.97 8.58
CA GLY L 256 59.74 5.35 8.91
C GLY L 256 59.67 5.53 10.41
N LEU L 257 58.77 4.79 11.07
CA LEU L 257 58.68 4.82 12.52
C LEU L 257 59.89 4.18 13.21
N SER L 258 60.27 2.99 12.74
CA SER L 258 61.34 2.23 13.37
C SER L 258 62.73 2.75 13.07
N ALA L 259 62.95 3.33 11.89
CA ALA L 259 64.31 3.72 11.46
C ALA L 259 64.45 5.07 10.72
N GLY L 260 63.39 5.51 10.05
CA GLY L 260 63.49 6.74 9.29
C GLY L 260 63.94 6.47 7.87
N SER L 261 64.00 5.19 7.51
CA SER L 261 64.29 4.79 6.12
C SER L 261 64.13 3.28 5.93
N LEU L 262 64.32 2.83 4.69
CA LEU L 262 64.20 1.40 4.40
C LEU L 262 65.49 0.63 4.73
N GLY L 263 66.47 1.36 5.25
CA GLY L 263 67.83 0.87 5.37
C GLY L 263 68.07 -0.35 6.23
N LEU L 264 67.21 -0.54 7.22
CA LEU L 264 67.40 -1.60 8.20
C LEU L 264 66.27 -2.60 8.14
N THR L 265 65.55 -2.61 7.03
CA THR L 265 64.29 -3.36 6.96
C THR L 265 64.38 -4.67 6.16
N PRO L 266 64.03 -5.78 6.83
CA PRO L 266 63.93 -7.13 6.29
C PRO L 266 62.54 -7.34 5.74
N SER L 267 62.39 -8.23 4.78
CA SER L 267 61.09 -8.60 4.25
C SER L 267 61.10 -10.08 3.84
N ALA L 268 59.92 -10.68 3.90
CA ALA L 268 59.76 -12.07 3.54
C ALA L 268 58.65 -12.20 2.50
N ASN L 269 58.91 -12.92 1.42
CA ASN L 269 57.87 -13.19 0.43
C ASN L 269 57.48 -14.67 0.46
N ILE L 270 56.34 -14.97 1.08
CA ILE L 270 55.94 -16.35 1.31
C ILE L 270 55.00 -16.92 0.24
N GLY L 271 55.38 -18.06 -0.33
CA GLY L 271 54.53 -18.78 -1.26
C GLY L 271 54.16 -20.13 -0.70
N HIS L 272 53.33 -20.87 -1.43
CA HIS L 272 52.84 -22.17 -0.96
C HIS L 272 53.97 -23.15 -0.64
N LYS L 273 55.03 -23.10 -1.44
CA LYS L 273 56.22 -23.92 -1.19
C LYS L 273 57.52 -23.09 -1.14
N ILE L 274 57.76 -22.28 -2.17
CA ILE L 274 58.94 -21.43 -2.19
C ILE L 274 58.76 -20.21 -1.27
N SER L 275 59.87 -19.64 -0.81
CA SER L 275 59.86 -18.41 -0.02
C SER L 275 61.17 -17.65 -0.22
N ILE L 276 61.08 -16.38 -0.61
CA ILE L 276 62.25 -15.57 -0.87
C ILE L 276 62.38 -14.47 0.18
N PHE L 277 63.60 -14.22 0.62
CA PHE L 277 63.81 -13.27 1.69
C PHE L 277 64.76 -12.20 1.19
N GLU L 278 64.47 -10.94 1.49
CA GLU L 278 65.23 -9.85 0.90
C GLU L 278 65.21 -8.58 1.73
N ALA L 279 66.24 -7.76 1.56
CA ALA L 279 66.21 -6.41 2.08
C ALA L 279 65.39 -5.62 1.09
N VAL L 280 64.85 -4.47 1.50
CA VAL L 280 63.97 -3.73 0.61
C VAL L 280 64.60 -2.43 0.14
N HIS L 281 65.81 -2.14 0.62
CA HIS L 281 66.55 -0.98 0.12
C HIS L 281 67.06 -1.19 -1.32
N GLY L 282 67.64 -0.15 -1.89
CA GLY L 282 68.04 -0.15 -3.28
C GLY L 282 69.43 -0.71 -3.52
N SER L 283 69.86 -0.65 -4.78
CA SER L 283 71.19 -1.10 -5.19
C SER L 283 72.26 -0.14 -4.69
N ALA L 284 71.88 1.15 -4.66
CA ALA L 284 72.77 2.25 -4.29
C ALA L 284 74.15 2.11 -4.92
N PRO L 285 74.23 2.26 -6.25
CA PRO L 285 75.45 1.98 -7.03
C PRO L 285 76.57 2.98 -6.75
N ASP L 286 76.20 4.19 -6.38
CA ASP L 286 77.15 5.26 -6.11
C ASP L 286 77.90 5.09 -4.80
N ILE L 287 77.58 4.02 -4.08
CA ILE L 287 78.32 3.67 -2.87
C ILE L 287 78.87 2.25 -2.97
N ALA L 288 78.82 1.69 -4.18
CA ALA L 288 79.31 0.34 -4.44
C ALA L 288 80.85 0.31 -4.54
N GLY L 289 81.42 -0.81 -4.12
CA GLY L 289 82.85 -0.99 -4.13
C GLY L 289 83.54 -0.28 -2.98
N GLN L 290 83.02 0.88 -2.61
CA GLN L 290 83.64 1.71 -1.59
C GLN L 290 83.56 1.14 -0.17
N ASP L 291 82.98 -0.05 -0.03
CA ASP L 291 82.91 -0.76 1.25
C ASP L 291 82.14 -0.01 2.35
N LYS L 292 81.14 0.79 1.95
CA LYS L 292 80.34 1.54 2.92
C LYS L 292 78.95 0.94 3.15
N ALA L 293 78.63 -0.13 2.43
CA ALA L 293 77.30 -0.76 2.50
C ALA L 293 76.90 -1.21 3.90
N ASN L 294 75.61 -1.29 4.16
CA ASN L 294 75.12 -1.80 5.43
C ASN L 294 74.31 -3.11 5.30
N PRO L 295 74.91 -4.23 5.69
CA PRO L 295 74.37 -5.58 5.51
C PRO L 295 73.30 -5.95 6.54
N THR L 296 72.97 -5.02 7.44
CA THR L 296 72.04 -5.33 8.53
C THR L 296 70.70 -5.83 7.99
N ALA L 297 70.23 -5.15 6.93
CA ALA L 297 68.96 -5.45 6.30
C ALA L 297 68.97 -6.88 5.80
N LEU L 298 69.94 -7.16 4.92
CA LEU L 298 70.06 -8.51 4.39
C LEU L 298 70.30 -9.55 5.49
N LEU L 299 71.11 -9.19 6.48
CA LEU L 299 71.34 -10.04 7.65
C LEU L 299 70.05 -10.45 8.34
N LEU L 300 69.21 -9.45 8.62
CA LEU L 300 67.96 -9.68 9.33
C LEU L 300 66.97 -10.49 8.51
N SER L 301 67.09 -10.44 7.18
CA SER L 301 66.29 -11.30 6.32
C SER L 301 66.76 -12.73 6.44
N SER L 302 68.05 -12.89 6.71
CA SER L 302 68.65 -14.21 6.92
C SER L 302 68.03 -14.84 8.15
N VAL L 303 67.92 -14.06 9.21
CA VAL L 303 67.26 -14.54 10.42
C VAL L 303 65.85 -15.04 10.12
N MET L 304 65.07 -14.24 9.39
CA MET L 304 63.70 -14.62 9.03
C MET L 304 63.70 -15.91 8.23
N MET L 305 64.73 -16.07 7.39
CA MET L 305 64.91 -17.26 6.56
C MET L 305 65.21 -18.48 7.43
N LEU L 306 66.19 -18.32 8.32
CA LEU L 306 66.54 -19.36 9.26
C LEU L 306 65.29 -19.79 10.00
N ASN L 307 64.63 -18.85 10.67
CA ASN L 307 63.39 -19.15 11.41
C ASN L 307 62.32 -19.85 10.57
N HIS L 308 62.34 -19.63 9.25
CA HIS L 308 61.38 -20.26 8.35
C HIS L 308 61.80 -21.71 8.09
N MET L 309 63.09 -21.96 8.23
CA MET L 309 63.65 -23.28 7.97
C MET L 309 63.69 -24.16 9.21
N GLY L 310 63.62 -23.55 10.39
CA GLY L 310 63.58 -24.32 11.62
C GLY L 310 64.85 -24.20 12.44
N LEU L 311 65.90 -23.63 11.84
CA LEU L 311 67.16 -23.39 12.54
C LEU L 311 67.05 -22.26 13.57
N THR L 312 66.15 -22.42 14.53
CA THR L 312 65.87 -21.39 15.52
C THR L 312 67.12 -20.99 16.32
N ASN L 313 67.93 -21.99 16.64
CA ASN L 313 69.13 -21.77 17.47
C ASN L 313 70.12 -20.86 16.77
N HIS L 314 70.34 -21.12 15.49
CA HIS L 314 71.23 -20.29 14.67
C HIS L 314 70.59 -18.93 14.41
N ALA L 315 69.26 -18.89 14.29
CA ALA L 315 68.55 -17.64 14.05
C ALA L 315 68.81 -16.65 15.17
N ASP L 316 68.54 -17.07 16.41
CA ASP L 316 68.76 -16.23 17.58
C ASP L 316 70.24 -15.94 17.80
N GLN L 317 71.09 -16.93 17.54
CA GLN L 317 72.52 -16.72 17.61
C GLN L 317 72.94 -15.53 16.73
N ILE L 318 72.61 -15.61 15.44
CA ILE L 318 73.01 -14.60 14.46
C ILE L 318 72.20 -13.30 14.53
N GLN L 319 71.20 -13.25 15.43
CA GLN L 319 70.35 -12.06 15.55
C GLN L 319 70.46 -11.46 16.93
N ASN L 320 70.22 -12.32 17.93
CA ASN L 320 70.13 -11.96 19.35
C ASN L 320 71.35 -11.18 19.81
N ALA L 321 72.51 -11.85 19.76
CA ALA L 321 73.74 -11.15 20.02
C ALA L 321 74.02 -10.35 18.75
N VAL L 322 75.13 -10.66 18.10
CA VAL L 322 75.42 -10.16 16.75
C VAL L 322 75.07 -8.71 16.49
N LEU L 323 74.73 -8.46 15.23
CA LEU L 323 74.43 -7.14 14.68
C LEU L 323 73.48 -6.28 15.53
N SER L 324 72.51 -6.91 16.17
CA SER L 324 71.60 -6.18 17.05
C SER L 324 72.39 -5.46 18.15
N THR L 325 73.25 -6.21 18.82
CA THR L 325 74.05 -5.66 19.89
C THR L 325 75.29 -4.91 19.39
N ILE L 326 75.84 -5.34 18.24
CA ILE L 326 76.98 -4.62 17.66
C ILE L 326 76.58 -3.25 17.08
N ALA L 327 75.28 -3.06 16.87
CA ALA L 327 74.78 -1.75 16.45
C ALA L 327 74.82 -0.76 17.64
N SER L 328 75.34 -1.23 18.77
CA SER L 328 75.61 -0.37 19.93
C SER L 328 77.12 -0.03 20.10
N GLY L 329 77.43 1.26 19.98
CA GLY L 329 78.80 1.74 19.92
C GLY L 329 79.09 2.35 18.54
N PRO L 330 79.14 3.70 18.45
CA PRO L 330 79.28 4.50 17.22
C PRO L 330 80.47 4.17 16.30
N GLU L 331 81.55 3.61 16.84
CA GLU L 331 82.70 3.21 16.03
C GLU L 331 82.36 2.01 15.16
N ASN L 332 81.17 1.45 15.41
CA ASN L 332 80.57 0.47 14.52
C ASN L 332 79.55 1.17 13.62
N ARG L 333 78.33 0.61 13.52
CA ARG L 333 77.31 1.22 12.68
C ARG L 333 77.85 1.29 11.24
N THR L 334 77.44 2.32 10.51
CA THR L 334 77.95 2.60 9.18
C THR L 334 77.57 4.03 8.82
N GLY L 335 78.02 4.53 7.67
CA GLY L 335 77.80 5.93 7.30
C GLY L 335 76.35 6.40 7.37
N ASP L 336 75.44 5.47 7.10
CA ASP L 336 74.02 5.75 7.09
C ASP L 336 73.45 6.04 8.49
N LEU L 337 73.95 5.30 9.49
CA LEU L 337 73.50 5.46 10.87
C LEU L 337 74.42 6.38 11.67
N ALA L 338 75.00 7.40 11.01
CA ALA L 338 76.00 8.28 11.63
C ALA L 338 77.05 7.49 12.39
N GLY L 339 77.65 6.52 11.70
CA GLY L 339 78.68 5.66 12.26
C GLY L 339 79.97 5.82 11.48
N THR L 340 80.97 5.03 11.84
CA THR L 340 82.29 5.21 11.26
C THR L 340 82.82 3.92 10.67
N ALA L 341 82.19 2.80 11.05
CA ALA L 341 82.65 1.49 10.61
C ALA L 341 82.50 1.27 9.11
N THR L 342 83.10 0.19 8.65
CA THR L 342 83.10 -0.19 7.24
C THR L 342 82.37 -1.52 7.15
N THR L 343 81.91 -1.89 5.95
CA THR L 343 81.17 -3.13 5.81
C THR L 343 82.02 -4.33 6.24
N SER L 344 83.33 -4.23 6.03
CA SER L 344 84.25 -5.27 6.48
C SER L 344 84.39 -5.27 8.01
N SER L 345 84.68 -4.10 8.58
CA SER L 345 84.91 -3.98 10.02
C SER L 345 83.65 -4.36 10.79
N PHE L 346 82.51 -4.09 10.17
CA PHE L 346 81.21 -4.45 10.72
C PHE L 346 81.04 -5.99 10.79
N THR L 347 81.32 -6.68 9.69
CA THR L 347 81.07 -8.11 9.61
C THR L 347 81.72 -8.89 10.75
N GLU L 348 83.00 -8.59 11.00
CA GLU L 348 83.74 -9.31 12.02
C GLU L 348 83.48 -8.77 13.41
N ALA L 349 83.11 -7.49 13.50
CA ALA L 349 82.64 -6.92 14.77
C ALA L 349 81.38 -7.67 15.21
N VAL L 350 80.66 -8.22 14.24
CA VAL L 350 79.51 -9.07 14.50
C VAL L 350 79.94 -10.49 14.83
N ILE L 351 80.91 -11.00 14.08
CA ILE L 351 81.47 -12.32 14.37
C ILE L 351 82.11 -12.38 15.77
N LYS L 352 82.56 -11.22 16.26
CA LYS L 352 83.09 -11.12 17.62
C LYS L 352 82.09 -11.63 18.66
N ARG L 353 80.93 -10.97 18.77
CA ARG L 353 79.88 -11.34 19.73
C ARG L 353 78.93 -12.38 19.14
N LEU L 354 79.35 -12.99 18.03
CA LEU L 354 78.56 -13.99 17.29
C LEU L 354 78.18 -15.23 18.14
N ARG M 8 32.32 20.42 -33.27
CA ARG M 8 31.22 20.71 -34.22
C ARG M 8 30.68 22.18 -34.24
N THR M 9 31.54 23.13 -33.93
CA THR M 9 31.29 24.51 -34.30
C THR M 9 31.61 24.65 -35.80
N LEU M 10 31.99 23.54 -36.42
CA LEU M 10 32.61 23.54 -37.75
C LEU M 10 31.66 23.41 -38.94
N PRO M 11 32.11 23.90 -40.09
CA PRO M 11 31.39 23.83 -41.38
C PRO M 11 31.03 22.38 -41.72
N LYS M 12 29.76 22.09 -42.05
CA LYS M 12 29.33 20.76 -42.53
C LYS M 12 30.34 20.14 -43.53
N LYS M 13 30.87 18.96 -43.22
CA LYS M 13 31.80 18.37 -44.15
C LYS M 13 31.72 16.83 -44.22
N TYR M 14 31.73 16.31 -45.43
CA TYR M 14 31.71 14.86 -45.66
C TYR M 14 32.61 14.50 -46.83
N GLY M 15 33.37 13.44 -46.67
CA GLY M 15 34.20 12.96 -47.74
C GLY M 15 35.08 14.05 -48.32
N GLY M 16 35.40 15.05 -47.52
CA GLY M 16 36.30 16.11 -47.94
C GLY M 16 35.56 17.12 -48.78
N ARG M 17 34.23 17.08 -48.72
CA ARG M 17 33.42 18.03 -49.45
C ARG M 17 32.49 18.87 -48.55
N PHE M 18 32.87 20.15 -48.40
CA PHE M 18 32.15 21.12 -47.59
C PHE M 18 30.76 21.26 -48.15
N THR M 19 29.74 21.23 -47.32
CA THR M 19 28.41 21.63 -47.72
C THR M 19 28.21 23.11 -47.33
N VAL M 20 28.01 24.01 -48.30
CA VAL M 20 27.74 25.39 -47.97
C VAL M 20 26.40 25.88 -48.43
N THR M 21 25.73 26.67 -47.60
CA THR M 21 24.41 27.16 -47.95
C THR M 21 24.53 28.17 -49.08
N LEU M 22 23.61 28.07 -50.04
CA LEU M 22 23.59 28.98 -51.19
C LEU M 22 22.21 29.59 -51.27
N ILE M 23 22.16 30.92 -51.12
CA ILE M 23 20.89 31.64 -51.18
C ILE M 23 20.98 32.63 -52.33
N PRO M 24 20.46 32.24 -53.53
CA PRO M 24 20.79 32.97 -54.77
C PRO M 24 20.06 34.32 -54.82
N GLY M 25 18.81 34.37 -54.33
CA GLY M 25 18.09 35.63 -54.33
C GLY M 25 17.14 35.78 -55.50
N ASP M 26 16.99 37.01 -56.02
CA ASP M 26 16.07 37.26 -57.13
C ASP M 26 16.71 36.88 -58.48
N GLY M 27 16.15 37.41 -59.57
CA GLY M 27 16.61 37.09 -60.91
C GLY M 27 18.09 37.41 -61.15
N VAL M 28 18.51 38.62 -60.77
CA VAL M 28 19.90 39.03 -60.93
C VAL M 28 20.84 38.31 -59.94
N GLY M 29 20.36 38.11 -58.73
CA GLY M 29 21.10 37.30 -57.77
C GLY M 29 21.37 35.92 -58.37
N LYS M 30 20.36 35.35 -59.02
CA LYS M 30 20.53 34.02 -59.60
C LYS M 30 21.53 34.05 -60.74
N GLU M 31 21.53 35.10 -61.54
CA GLU M 31 22.51 35.20 -62.64
C GLU M 31 23.95 35.20 -62.09
N ILE M 32 24.25 36.15 -61.18
CA ILE M 32 25.61 36.24 -60.62
C ILE M 32 25.95 35.01 -59.72
N THR M 33 24.95 34.43 -59.05
CA THR M 33 25.14 33.19 -58.29
C THR M 33 25.61 32.06 -59.22
N ASP M 34 24.95 31.96 -60.37
CA ASP M 34 25.24 30.88 -61.30
C ASP M 34 26.63 31.07 -61.88
N SER M 35 27.03 32.32 -62.06
CA SER M 35 28.42 32.62 -62.46
C SER M 35 29.44 31.91 -61.54
N VAL M 36 29.21 32.02 -60.23
CA VAL M 36 30.07 31.39 -59.23
C VAL M 36 29.96 29.85 -59.28
N ARG M 37 28.73 29.33 -59.33
CA ARG M 37 28.50 27.88 -59.49
C ARG M 37 29.33 27.33 -60.63
N THR M 38 29.25 28.04 -61.77
CA THR M 38 29.90 27.65 -63.00
C THR M 38 31.42 27.67 -62.85
N ILE M 39 31.97 28.78 -62.37
CA ILE M 39 33.41 28.83 -62.16
C ILE M 39 33.89 27.73 -61.18
N PHE M 40 33.04 27.42 -60.20
CA PHE M 40 33.39 26.45 -59.16
C PHE M 40 33.44 25.01 -59.70
N GLU M 41 32.42 24.61 -60.46
CA GLU M 41 32.44 23.27 -61.07
C GLU M 41 33.62 23.15 -62.04
N ALA M 42 33.92 24.23 -62.75
CA ALA M 42 35.01 24.24 -63.72
C ALA M 42 36.37 24.04 -63.07
N GLU M 43 36.48 24.52 -61.83
CA GLU M 43 37.75 24.47 -61.12
C GLU M 43 37.76 23.18 -60.30
N ASN M 44 36.61 22.52 -60.30
CA ASN M 44 36.38 21.28 -59.56
C ASN M 44 36.73 21.39 -58.07
N ILE M 45 36.07 22.35 -57.42
CA ILE M 45 36.26 22.65 -56.01
C ILE M 45 35.35 21.75 -55.15
N PRO M 46 35.89 21.24 -54.02
CA PRO M 46 35.21 20.29 -53.13
C PRO M 46 34.07 20.95 -52.35
N ILE M 47 33.12 21.55 -53.06
CA ILE M 47 32.02 22.22 -52.39
C ILE M 47 30.69 21.74 -52.95
N ASP M 48 29.79 21.36 -52.07
CA ASP M 48 28.44 20.96 -52.45
C ASP M 48 27.52 22.06 -51.98
N TRP M 49 26.78 22.65 -52.91
CA TRP M 49 25.78 23.66 -52.55
C TRP M 49 24.55 23.01 -51.94
N GLU M 50 24.04 23.62 -50.88
CA GLU M 50 22.74 23.25 -50.35
C GLU M 50 21.97 24.48 -50.66
N THR M 51 21.41 24.52 -51.85
CA THR M 51 20.74 25.72 -52.34
C THR M 51 19.29 25.90 -51.78
N ILE M 52 19.02 27.12 -51.29
CA ILE M 52 17.76 27.43 -50.62
C ILE M 52 16.92 28.48 -51.37
N ASN M 53 15.62 28.20 -51.44
CA ASN M 53 14.62 29.16 -51.95
C ASN M 53 13.48 29.54 -50.95
N ILE M 54 13.10 30.82 -51.03
CA ILE M 54 12.61 31.62 -49.90
C ILE M 54 11.18 32.18 -50.08
N LYS M 60 8.24 33.57 -45.46
CA LYS M 60 8.56 33.14 -44.09
C LYS M 60 9.11 31.71 -43.99
N GLU M 61 8.64 30.82 -44.88
CA GLU M 61 9.11 29.41 -44.91
C GLU M 61 10.54 29.31 -45.47
N GLY M 62 10.90 30.27 -46.34
CA GLY M 62 12.20 30.30 -46.98
C GLY M 62 13.25 30.87 -46.04
N VAL M 63 12.87 31.90 -45.29
CA VAL M 63 13.76 32.47 -44.27
C VAL M 63 14.07 31.45 -43.14
N TYR M 64 13.03 30.79 -42.65
CA TYR M 64 13.24 29.70 -41.72
C TYR M 64 14.22 28.65 -42.28
N GLU M 65 14.05 28.26 -43.55
CA GLU M 65 14.86 27.21 -44.17
C GLU M 65 16.31 27.64 -44.38
N ALA M 66 16.52 28.96 -44.49
CA ALA M 66 17.88 29.48 -44.73
C ALA M 66 18.62 29.56 -43.41
N VAL M 67 17.88 29.96 -42.39
CA VAL M 67 18.44 30.01 -41.06
C VAL M 67 18.85 28.58 -40.64
N GLU M 68 17.89 27.67 -40.77
CA GLU M 68 18.13 26.27 -40.42
C GLU M 68 19.32 25.67 -41.18
N SER M 69 19.44 26.00 -42.48
CA SER M 69 20.56 25.55 -43.30
C SER M 69 21.88 26.11 -42.77
N LEU M 70 21.86 27.38 -42.39
CA LEU M 70 23.07 28.00 -41.88
C LEU M 70 23.47 27.40 -40.53
N LYS M 71 22.47 27.08 -39.72
CA LYS M 71 22.77 26.45 -38.43
C LYS M 71 23.53 25.12 -38.59
N ARG M 72 23.17 24.38 -39.65
CA ARG M 72 23.81 23.13 -39.93
C ARG M 72 25.14 23.33 -40.59
N ASN M 73 25.21 24.22 -41.58
CA ASN M 73 26.42 24.30 -42.39
C ASN M 73 27.43 25.32 -41.91
N LYS M 74 26.95 26.34 -41.21
CA LYS M 74 27.78 27.42 -40.65
C LYS M 74 28.32 28.43 -41.67
N ILE M 75 28.38 28.03 -42.95
CA ILE M 75 28.94 28.91 -44.00
C ILE M 75 27.95 29.10 -45.11
N GLY M 76 27.84 30.30 -45.63
CA GLY M 76 26.78 30.64 -46.58
C GLY M 76 27.27 31.63 -47.65
N LEU M 77 26.70 31.49 -48.86
CA LEU M 77 26.94 32.40 -49.98
C LEU M 77 25.58 32.89 -50.35
N LYS M 78 25.44 34.21 -50.42
CA LYS M 78 24.14 34.81 -50.54
C LYS M 78 24.15 35.88 -51.64
N GLY M 79 23.15 35.79 -52.51
CA GLY M 79 22.99 36.73 -53.61
C GLY M 79 22.17 37.94 -53.18
N LEU M 80 21.48 38.58 -54.14
CA LEU M 80 20.73 39.80 -53.84
C LEU M 80 19.23 39.68 -54.10
N TRP M 81 18.47 40.42 -53.29
CA TRP M 81 17.16 40.92 -53.72
C TRP M 81 17.30 42.42 -53.94
N HIS M 82 16.80 42.89 -55.08
CA HIS M 82 16.88 44.33 -55.36
C HIS M 82 15.58 45.06 -54.97
N THR M 83 14.90 44.52 -53.94
CA THR M 83 13.92 45.27 -53.17
C THR M 83 14.69 46.25 -52.26
N PRO M 84 14.03 47.33 -51.83
CA PRO M 84 14.73 48.32 -50.98
C PRO M 84 15.13 47.73 -49.61
N ALA M 85 14.34 46.76 -49.13
CA ALA M 85 14.64 46.11 -47.84
C ALA M 85 16.01 45.40 -47.82
N ASP M 86 16.25 44.46 -48.76
CA ASP M 86 17.55 43.75 -48.82
C ASP M 86 18.78 44.68 -48.91
N GLN M 87 18.66 45.74 -49.71
CA GLN M 87 19.78 46.68 -49.92
C GLN M 87 20.15 47.51 -48.68
N THR M 88 19.22 47.66 -47.74
CA THR M 88 19.47 48.49 -46.55
C THR M 88 19.86 47.67 -45.30
N GLY M 89 19.62 46.36 -45.35
CA GLY M 89 19.91 45.47 -44.24
C GLY M 89 18.68 45.02 -43.45
N HIS M 90 17.50 45.36 -43.95
CA HIS M 90 16.26 44.95 -43.28
C HIS M 90 15.60 43.83 -44.05
N GLY M 91 14.32 43.58 -43.78
CA GLY M 91 13.66 42.49 -44.46
C GLY M 91 14.04 41.16 -43.83
N SER M 92 13.08 40.22 -43.87
CA SER M 92 13.08 39.05 -43.01
C SER M 92 14.41 38.29 -42.91
N LEU M 93 15.10 38.10 -44.04
CA LEU M 93 16.33 37.31 -44.06
C LEU M 93 17.40 38.01 -43.20
N ASN M 94 17.63 39.29 -43.49
CA ASN M 94 18.66 40.03 -42.79
C ASN M 94 18.41 40.16 -41.27
N VAL M 95 17.15 40.20 -40.87
CA VAL M 95 16.92 40.32 -39.45
C VAL M 95 17.06 38.94 -38.81
N ALA M 96 16.64 37.90 -39.52
CA ALA M 96 16.82 36.55 -39.01
C ALA M 96 18.32 36.27 -38.77
N LEU M 97 19.15 36.62 -39.76
CA LEU M 97 20.59 36.39 -39.69
C LEU M 97 21.18 37.13 -38.49
N ARG M 98 20.62 38.30 -38.22
CA ARG M 98 21.14 39.16 -37.15
C ARG M 98 20.55 38.78 -35.78
N LYS M 99 19.26 38.45 -35.71
CA LYS M 99 18.62 38.09 -34.43
C LYS M 99 18.87 36.66 -34.03
N GLN M 100 18.76 35.74 -34.99
CA GLN M 100 18.91 34.32 -34.64
C GLN M 100 20.36 33.83 -34.72
N LEU M 101 21.12 34.35 -35.67
CA LEU M 101 22.47 33.83 -35.81
C LEU M 101 23.49 34.75 -35.17
N ASP M 102 23.02 35.89 -34.70
CA ASP M 102 23.92 36.87 -34.09
C ASP M 102 25.12 37.16 -34.98
N ILE M 103 24.85 37.46 -36.23
CA ILE M 103 25.92 37.85 -37.15
C ILE M 103 26.08 39.37 -37.04
N TYR M 104 27.19 39.80 -36.49
CA TYR M 104 27.24 41.16 -35.96
C TYR M 104 28.22 42.07 -36.67
N ALA M 105 29.01 41.51 -37.58
CA ALA M 105 30.01 42.31 -38.27
C ALA M 105 29.82 42.23 -39.77
N ASN M 106 29.52 43.37 -40.39
CA ASN M 106 29.48 43.43 -41.84
C ASN M 106 30.80 44.01 -42.35
N VAL M 107 31.45 43.33 -43.30
CA VAL M 107 32.70 43.83 -43.86
C VAL M 107 32.49 44.09 -45.35
N ALA M 108 32.95 45.27 -45.81
CA ALA M 108 32.98 45.56 -47.26
C ALA M 108 34.37 45.95 -47.71
N LEU M 109 34.82 45.35 -48.82
CA LEU M 109 36.18 45.62 -49.32
C LEU M 109 36.15 46.51 -50.57
N PHE M 110 36.78 47.68 -50.49
CA PHE M 110 36.79 48.62 -51.61
C PHE M 110 38.20 48.77 -52.14
N LYS M 111 38.59 47.81 -52.99
CA LYS M 111 39.85 47.90 -53.71
C LYS M 111 39.61 48.27 -55.17
N SER M 112 40.33 49.29 -55.63
CA SER M 112 40.32 49.74 -57.04
C SER M 112 40.86 48.64 -57.96
N LEU M 113 40.22 48.47 -59.12
CA LEU M 113 40.59 47.40 -60.08
C LEU M 113 41.43 47.90 -61.28
N LYS M 114 42.41 47.09 -61.70
CA LYS M 114 43.40 47.51 -62.69
C LYS M 114 42.84 48.12 -63.97
N GLY M 115 41.80 47.52 -64.55
CA GLY M 115 41.27 48.07 -65.79
C GLY M 115 39.94 48.82 -65.69
N VAL M 116 39.74 49.54 -64.58
CA VAL M 116 38.50 50.32 -64.45
C VAL M 116 38.73 51.85 -64.34
N LYS M 117 38.11 52.60 -65.26
CA LYS M 117 38.28 54.05 -65.32
C LYS M 117 37.60 54.73 -64.12
N THR M 118 38.43 55.18 -63.17
CA THR M 118 37.93 55.88 -61.98
C THR M 118 38.56 57.25 -61.82
N ARG M 119 37.75 58.20 -61.34
CA ARG M 119 38.22 59.56 -61.13
C ARG M 119 39.35 59.65 -60.10
N ILE M 120 39.34 58.77 -59.10
CA ILE M 120 40.46 58.67 -58.15
C ILE M 120 41.02 57.26 -58.14
N PRO M 121 42.32 57.15 -58.43
CA PRO M 121 43.00 55.86 -58.64
C PRO M 121 43.48 55.20 -57.34
N ASP M 122 43.71 53.89 -57.41
CA ASP M 122 44.42 53.15 -56.35
C ASP M 122 43.83 53.31 -54.95
N ILE M 123 42.55 52.95 -54.84
CA ILE M 123 41.87 53.02 -53.57
C ILE M 123 41.98 51.68 -52.84
N ASP M 124 42.17 51.75 -51.53
CA ASP M 124 42.17 50.52 -50.74
C ASP M 124 41.65 50.71 -49.33
N LEU M 125 40.33 50.80 -49.19
CA LEU M 125 39.73 50.88 -47.86
C LEU M 125 38.72 49.76 -47.58
N ILE M 126 38.63 49.49 -46.28
CA ILE M 126 37.76 48.46 -45.74
C ILE M 126 36.82 49.18 -44.77
N VAL M 127 35.53 48.93 -44.95
CA VAL M 127 34.53 49.45 -44.03
C VAL M 127 33.90 48.32 -43.22
N ILE M 128 34.09 48.35 -41.90
CA ILE M 128 33.48 47.34 -41.02
C ILE M 128 32.38 48.00 -40.23
N ARG M 129 31.17 47.45 -40.32
CA ARG M 129 30.05 48.07 -39.66
C ARG M 129 29.26 47.14 -38.71
N GLU M 130 28.89 47.67 -37.55
CA GLU M 130 28.15 46.94 -36.54
C GLU M 130 26.79 46.58 -37.07
N ASN M 131 26.33 45.38 -36.79
CA ASN M 131 25.11 44.90 -37.45
C ASN M 131 23.98 44.41 -36.53
N THR M 132 23.99 44.74 -35.24
CA THR M 132 22.94 44.18 -34.37
C THR M 132 22.17 45.21 -33.54
N GLU M 133 22.66 46.44 -33.61
CA GLU M 133 22.25 47.52 -32.70
C GLU M 133 22.00 48.81 -33.49
N GLY M 134 21.69 49.89 -32.76
CA GLY M 134 21.39 51.17 -33.38
C GLY M 134 20.19 51.07 -34.31
N GLU M 135 20.44 51.32 -35.59
CA GLU M 135 19.41 51.27 -36.61
C GLU M 135 18.67 49.92 -36.61
N PHE M 136 19.38 48.85 -36.30
CA PHE M 136 18.78 47.51 -36.42
C PHE M 136 18.07 46.95 -35.19
N SER M 137 17.99 47.73 -34.11
CA SER M 137 17.31 47.26 -32.90
C SER M 137 16.46 48.33 -32.20
N GLY M 138 16.10 49.38 -32.93
CA GLY M 138 15.32 50.41 -32.30
C GLY M 138 13.94 50.05 -31.74
N LEU M 139 13.17 51.09 -31.51
CA LEU M 139 11.72 51.01 -31.43
C LEU M 139 11.26 52.33 -32.04
N GLU M 140 10.18 52.31 -32.80
CA GLU M 140 9.65 53.57 -33.28
C GLU M 140 8.18 53.56 -32.94
N HIS M 141 7.65 54.72 -32.57
CA HIS M 141 6.22 54.80 -32.33
C HIS M 141 5.66 56.17 -32.64
N GLU M 142 4.40 56.17 -33.06
CA GLU M 142 3.62 57.39 -33.24
C GLU M 142 2.54 57.36 -32.17
N SER M 143 2.77 58.07 -31.07
CA SER M 143 1.85 58.00 -29.95
C SER M 143 0.87 59.18 -29.91
N VAL M 144 1.32 60.34 -30.37
CA VAL M 144 0.38 61.41 -30.70
C VAL M 144 0.52 61.60 -32.20
N PRO M 145 -0.62 61.76 -32.89
CA PRO M 145 -0.65 61.87 -34.35
C PRO M 145 0.26 62.98 -34.88
N GLY M 146 1.07 62.61 -35.87
CA GLY M 146 1.99 63.56 -36.50
C GLY M 146 3.32 63.67 -35.78
N VAL M 147 3.54 62.80 -34.80
CA VAL M 147 4.81 62.77 -34.06
C VAL M 147 5.42 61.38 -33.97
N VAL M 148 6.55 61.19 -34.63
CA VAL M 148 7.24 59.91 -34.59
C VAL M 148 8.48 59.95 -33.72
N GLU M 149 8.58 58.97 -32.82
CA GLU M 149 9.70 58.91 -31.88
C GLU M 149 10.51 57.64 -32.03
N SER M 150 11.83 57.78 -32.05
CA SER M 150 12.74 56.67 -32.21
C SER M 150 13.49 56.47 -30.90
N LEU M 151 13.58 55.23 -30.44
CA LEU M 151 14.39 54.86 -29.28
C LEU M 151 15.44 53.85 -29.66
N LYS M 152 16.70 54.26 -29.74
CA LYS M 152 17.75 53.36 -30.21
C LYS M 152 18.79 53.12 -29.11
N VAL M 153 19.42 51.94 -29.07
CA VAL M 153 20.46 51.69 -28.07
C VAL M 153 21.86 51.43 -28.64
N MET M 154 22.88 51.79 -27.87
CA MET M 154 24.28 51.55 -28.14
C MET M 154 24.78 50.99 -26.83
N THR M 155 25.37 49.81 -26.89
CA THR M 155 25.80 49.16 -25.66
C THR M 155 27.29 48.80 -25.68
N ARG M 156 27.91 48.77 -24.53
CA ARG M 156 29.34 48.57 -24.49
C ARG M 156 29.76 47.15 -24.94
N PRO M 157 28.99 46.11 -24.56
CA PRO M 157 29.44 44.79 -25.02
C PRO M 157 29.36 44.67 -26.55
N LYS M 158 28.29 45.15 -27.18
CA LYS M 158 28.24 45.06 -28.63
C LYS M 158 29.36 45.87 -29.23
N THR M 159 29.70 47.02 -28.65
CA THR M 159 30.73 47.83 -29.30
C THR M 159 32.14 47.33 -29.03
N GLU M 160 32.33 46.64 -27.91
CA GLU M 160 33.59 45.93 -27.67
C GLU M 160 33.83 44.83 -28.70
N ARG M 161 32.81 44.03 -29.00
CA ARG M 161 32.92 42.98 -30.05
C ARG M 161 33.38 43.60 -31.37
N ILE M 162 32.68 44.65 -31.79
CA ILE M 162 32.95 45.15 -33.12
C ILE M 162 34.35 45.75 -33.15
N ALA M 163 34.77 46.34 -32.03
CA ALA M 163 36.14 46.84 -31.92
C ALA M 163 37.15 45.72 -32.09
N ARG M 164 37.00 44.66 -31.30
CA ARG M 164 37.96 43.55 -31.36
C ARG M 164 37.92 42.93 -32.74
N PHE M 165 36.73 42.86 -33.31
CA PHE M 165 36.63 42.30 -34.63
C PHE M 165 37.47 43.09 -35.60
N ALA M 166 37.35 44.41 -35.54
CA ALA M 166 38.03 45.29 -36.50
C ALA M 166 39.52 45.19 -36.33
N PHE M 167 39.97 45.22 -35.09
CA PHE M 167 41.39 45.16 -34.83
C PHE M 167 41.95 43.80 -35.21
N ASP M 168 41.23 42.71 -34.90
CA ASP M 168 41.70 41.36 -35.27
C ASP M 168 41.83 41.22 -36.79
N PHE M 169 40.98 41.95 -37.50
CA PHE M 169 40.92 41.91 -38.94
C PHE M 169 42.08 42.70 -39.54
N ALA M 170 42.34 43.87 -38.96
CA ALA M 170 43.51 44.66 -39.33
C ALA M 170 44.78 43.84 -39.13
N LYS M 171 44.92 43.20 -37.96
CA LYS M 171 46.07 42.33 -37.65
C LYS M 171 46.22 41.24 -38.71
N LYS M 172 45.13 40.55 -39.01
CA LYS M 172 45.17 39.40 -39.91
C LYS M 172 45.55 39.76 -41.33
N TYR M 173 45.12 40.92 -41.80
CA TYR M 173 45.38 41.31 -43.20
C TYR M 173 46.42 42.45 -43.32
N ASN M 174 47.23 42.57 -42.26
CA ASN M 174 48.29 43.58 -42.19
C ASN M 174 47.86 44.98 -42.61
N ARG M 175 46.74 45.44 -42.04
CA ARG M 175 46.34 46.83 -42.16
C ARG M 175 46.95 47.56 -40.97
N LYS M 176 47.30 48.84 -41.15
CA LYS M 176 48.03 49.56 -40.11
C LYS M 176 47.21 50.63 -39.39
N SER M 177 46.07 50.98 -39.99
CA SER M 177 45.21 52.02 -39.44
C SER M 177 43.75 51.60 -39.26
N VAL M 178 43.24 51.86 -38.06
CA VAL M 178 41.82 51.68 -37.78
C VAL M 178 41.25 53.00 -37.32
N THR M 179 40.25 53.49 -38.03
CA THR M 179 39.63 54.74 -37.65
C THR M 179 38.16 54.52 -37.26
N ALA M 180 37.81 54.95 -36.05
CA ALA M 180 36.40 54.87 -35.64
C ALA M 180 35.65 56.10 -36.19
N VAL M 181 34.52 55.84 -36.83
CA VAL M 181 33.69 56.89 -37.41
C VAL M 181 32.44 57.04 -36.57
N HIS M 182 32.17 58.26 -36.09
CA HIS M 182 31.10 58.46 -35.13
C HIS M 182 30.55 59.88 -35.22
N LYS M 183 29.57 60.18 -34.39
CA LYS M 183 29.04 61.55 -34.29
C LYS M 183 29.04 62.02 -32.83
N ALA M 184 30.18 61.90 -32.15
CA ALA M 184 30.27 62.19 -30.72
C ALA M 184 30.16 63.68 -30.37
N ASN M 185 30.26 64.53 -31.40
CA ASN M 185 30.12 65.98 -31.19
C ASN M 185 28.68 66.35 -30.82
N ILE M 186 27.72 65.58 -31.33
CA ILE M 186 26.31 65.80 -31.00
C ILE M 186 25.76 64.75 -30.03
N MET M 187 25.90 63.48 -30.38
CA MET M 187 25.54 62.38 -29.48
C MET M 187 26.72 62.11 -28.55
N LYS M 188 26.94 62.99 -27.58
CA LYS M 188 28.15 62.95 -26.74
C LYS M 188 28.22 61.68 -25.89
N LEU M 189 27.06 61.14 -25.54
CA LEU M 189 27.00 59.98 -24.68
C LEU M 189 27.20 58.70 -25.49
N GLY M 190 26.28 58.46 -26.43
CA GLY M 190 26.25 57.23 -27.19
C GLY M 190 27.40 57.01 -28.18
N ASP M 191 27.65 58.00 -29.03
CA ASP M 191 28.77 57.92 -29.95
C ASP M 191 30.09 58.28 -29.23
N GLY M 192 29.98 58.94 -28.09
CA GLY M 192 31.12 59.12 -27.22
C GLY M 192 31.61 57.76 -26.76
N LEU M 193 30.68 56.95 -26.24
CA LEU M 193 30.96 55.59 -25.81
C LEU M 193 31.70 54.82 -26.90
N PHE M 194 31.20 54.95 -28.12
CA PHE M 194 31.72 54.22 -29.28
C PHE M 194 33.16 54.63 -29.55
N ARG M 195 33.40 55.92 -29.72
CA ARG M 195 34.75 56.43 -29.95
C ARG M 195 35.72 56.02 -28.84
N ASN M 196 35.29 56.13 -27.59
CA ASN M 196 36.16 55.81 -26.47
C ASN M 196 36.50 54.35 -26.44
N ILE M 197 35.49 53.48 -26.59
CA ILE M 197 35.74 52.04 -26.50
C ILE M 197 36.70 51.59 -27.60
N ILE M 198 36.52 52.13 -28.79
CA ILE M 198 37.39 51.72 -29.88
C ILE M 198 38.81 52.17 -29.59
N THR M 199 38.98 53.43 -29.18
CA THR M 199 40.35 53.94 -28.93
C THR M 199 41.05 53.26 -27.73
N GLU M 200 40.30 52.92 -26.67
CA GLU M 200 40.87 52.20 -25.51
C GLU M 200 41.30 50.78 -25.87
N ILE M 201 40.44 50.06 -26.59
CA ILE M 201 40.76 48.69 -26.96
C ILE M 201 41.97 48.71 -27.89
N GLY M 202 42.14 49.83 -28.58
CA GLY M 202 43.28 50.02 -29.47
C GLY M 202 44.61 50.15 -28.73
N GLN M 203 44.64 51.01 -27.72
CA GLN M 203 45.86 51.28 -26.97
C GLN M 203 46.27 50.14 -26.02
N LYS M 204 45.30 49.47 -25.40
CA LYS M 204 45.62 48.40 -24.46
C LYS M 204 45.85 47.04 -25.14
N GLU M 205 45.09 46.73 -26.18
CA GLU M 205 45.13 45.36 -26.73
C GLU M 205 45.82 45.22 -28.09
N TYR M 206 45.95 46.32 -28.83
CA TYR M 206 46.51 46.29 -30.19
C TYR M 206 47.41 47.51 -30.41
N PRO M 207 48.60 47.52 -29.78
CA PRO M 207 49.44 48.74 -29.75
C PRO M 207 50.12 48.97 -31.11
N ASP M 208 50.35 47.88 -31.84
CA ASP M 208 50.98 47.92 -33.16
C ASP M 208 50.10 48.56 -34.24
N ILE M 209 48.86 48.84 -33.87
CA ILE M 209 47.90 49.43 -34.80
C ILE M 209 47.52 50.86 -34.40
N ASP M 210 47.53 51.75 -35.39
CA ASP M 210 47.16 53.15 -35.18
C ASP M 210 45.65 53.30 -35.08
N VAL M 211 45.19 53.77 -33.93
CA VAL M 211 43.77 54.08 -33.75
C VAL M 211 43.58 55.57 -34.00
N SER M 212 42.38 55.94 -34.43
CA SER M 212 42.06 57.35 -34.65
C SER M 212 40.55 57.54 -34.71
N SER M 213 40.11 58.80 -34.71
CA SER M 213 38.68 59.10 -34.69
C SER M 213 38.38 60.14 -35.73
N ILE M 214 37.17 60.12 -36.23
CA ILE M 214 36.77 61.13 -37.16
C ILE M 214 35.25 61.26 -37.06
N ILE M 215 34.80 62.50 -37.03
CA ILE M 215 33.38 62.76 -37.04
C ILE M 215 32.84 62.37 -38.41
N VAL M 216 31.64 61.83 -38.44
CA VAL M 216 31.15 61.16 -39.65
C VAL M 216 30.94 62.09 -40.83
N ASP M 217 30.44 63.30 -40.58
CA ASP M 217 30.26 64.29 -41.65
C ASP M 217 31.61 64.67 -42.30
N ASN M 218 32.61 64.97 -41.47
CA ASN M 218 33.97 65.19 -41.96
C ASN M 218 34.51 63.97 -42.71
N ALA M 219 34.12 62.76 -42.28
CA ALA M 219 34.64 61.56 -42.92
C ALA M 219 34.03 61.39 -44.31
N SER M 220 32.77 61.78 -44.47
CA SER M 220 32.12 61.77 -45.78
C SER M 220 32.85 62.70 -46.75
N MET M 221 33.12 63.92 -46.29
CA MET M 221 33.86 64.89 -47.11
C MET M 221 35.25 64.34 -47.44
N GLN M 222 35.96 63.89 -46.41
CA GLN M 222 37.32 63.39 -46.57
C GLN M 222 37.38 62.14 -47.48
N ALA M 223 36.28 61.38 -47.55
CA ALA M 223 36.27 60.14 -48.33
C ALA M 223 36.16 60.40 -49.83
N VAL M 224 35.36 61.38 -50.21
CA VAL M 224 35.20 61.69 -51.64
C VAL M 224 36.36 62.55 -52.17
N ALA M 225 37.02 63.26 -51.27
CA ALA M 225 38.11 64.16 -51.65
C ALA M 225 39.52 63.55 -51.52
N LYS M 226 39.80 62.88 -50.41
CA LYS M 226 41.12 62.27 -50.21
C LYS M 226 41.01 60.89 -49.52
N PRO M 227 40.43 59.91 -50.25
CA PRO M 227 40.20 58.54 -49.78
C PRO M 227 41.47 57.83 -49.27
N HIS M 228 42.66 58.32 -49.65
CA HIS M 228 43.89 57.55 -49.44
C HIS M 228 44.37 57.55 -47.99
N GLN M 229 43.90 58.54 -47.24
CA GLN M 229 44.28 58.69 -45.84
C GLN M 229 43.62 57.60 -44.95
N PHE M 230 42.59 56.94 -45.47
CA PHE M 230 41.88 55.93 -44.69
C PHE M 230 42.38 54.53 -44.98
N ASP M 231 42.19 53.66 -44.00
CA ASP M 231 42.61 52.27 -44.13
C ASP M 231 41.43 51.39 -43.77
N VAL M 232 41.26 51.10 -42.49
CA VAL M 232 40.08 50.40 -42.00
C VAL M 232 39.17 51.38 -41.22
N LEU M 233 37.92 51.50 -41.67
CA LEU M 233 36.91 52.28 -40.97
C LEU M 233 35.93 51.38 -40.19
N VAL M 234 35.76 51.65 -38.89
CA VAL M 234 34.77 50.96 -38.08
C VAL M 234 33.66 51.93 -37.74
N THR M 235 32.41 51.54 -37.99
CA THR M 235 31.30 52.44 -37.73
C THR M 235 30.05 51.74 -37.23
N PRO M 236 29.22 52.46 -36.48
CA PRO M 236 27.90 51.97 -36.08
C PRO M 236 27.08 51.61 -37.31
N SER M 237 25.94 50.99 -37.09
CA SER M 237 25.04 50.66 -38.19
C SER M 237 24.68 51.84 -39.10
N MET M 238 24.30 52.97 -38.49
CA MET M 238 23.68 54.08 -39.23
C MET M 238 24.56 54.78 -40.26
N TYR M 239 25.89 54.76 -40.06
CA TYR M 239 26.80 55.48 -40.95
C TYR M 239 27.51 54.57 -41.93
N GLY M 240 27.32 53.27 -41.78
CA GLY M 240 28.08 52.31 -42.58
C GLY M 240 27.58 52.26 -44.01
N THR M 241 26.26 52.29 -44.16
CA THR M 241 25.64 52.35 -45.46
C THR M 241 26.12 53.56 -46.30
N ILE M 242 26.09 54.77 -45.72
CA ILE M 242 26.62 55.92 -46.40
C ILE M 242 28.12 55.79 -46.76
N LEU M 243 28.99 55.55 -45.79
CA LEU M 243 30.42 55.38 -46.13
C LEU M 243 30.64 54.31 -47.19
N GLY M 244 29.81 53.26 -47.17
CA GLY M 244 29.98 52.15 -48.07
C GLY M 244 29.62 52.55 -49.49
N ASN M 245 28.62 53.41 -49.62
CA ASN M 245 28.24 53.84 -50.98
C ASN M 245 29.24 54.82 -51.61
N ILE M 246 29.87 55.63 -50.77
CA ILE M 246 30.97 56.44 -51.25
C ILE M 246 32.09 55.51 -51.72
N GLY M 247 32.34 54.47 -50.93
CA GLY M 247 33.37 53.50 -51.27
C GLY M 247 33.08 52.87 -52.63
N ALA M 248 31.80 52.58 -52.90
CA ALA M 248 31.41 51.88 -54.12
C ALA M 248 31.61 52.80 -55.30
N ALA M 249 31.10 54.02 -55.19
CA ALA M 249 31.31 54.98 -56.26
C ALA M 249 32.83 55.13 -56.53
N LEU M 250 33.62 55.33 -55.49
CA LEU M 250 35.07 55.51 -55.64
C LEU M 250 35.83 54.50 -56.55
N ILE M 251 35.39 53.24 -56.56
CA ILE M 251 36.10 52.19 -57.30
C ILE M 251 35.37 51.73 -58.57
N GLY M 252 34.21 52.34 -58.87
CA GLY M 252 33.53 52.02 -60.11
C GLY M 252 32.20 51.32 -60.01
N GLY M 253 31.61 51.35 -58.81
CA GLY M 253 30.26 50.84 -58.66
C GLY M 253 30.15 49.57 -57.84
N PRO M 254 28.89 49.22 -57.46
CA PRO M 254 28.50 48.16 -56.54
C PRO M 254 28.92 46.79 -57.06
N GLY M 255 28.99 46.66 -58.38
CA GLY M 255 29.35 45.39 -58.99
C GLY M 255 30.78 44.95 -58.70
N LEU M 256 31.59 45.81 -58.07
CA LEU M 256 33.01 45.51 -57.84
C LEU M 256 33.42 45.28 -56.40
N VAL M 257 32.43 45.27 -55.51
CA VAL M 257 32.67 45.34 -54.06
C VAL M 257 32.43 44.02 -53.36
N ALA M 258 33.51 43.38 -52.91
CA ALA M 258 33.37 42.13 -52.16
C ALA M 258 32.76 42.42 -50.75
N GLY M 259 32.11 41.42 -50.17
CA GLY M 259 31.62 41.57 -48.82
C GLY M 259 31.62 40.29 -48.02
N ALA M 260 31.55 40.43 -46.70
CA ALA M 260 31.36 39.27 -45.81
C ALA M 260 30.63 39.70 -44.54
N ASN M 261 29.85 38.78 -43.99
CA ASN M 261 29.21 38.99 -42.70
C ASN M 261 29.57 37.90 -41.69
N PHE M 262 30.05 38.31 -40.52
CA PHE M 262 30.53 37.34 -39.54
C PHE M 262 29.77 37.40 -38.23
N GLY M 263 29.57 36.21 -37.68
CA GLY M 263 29.14 36.02 -36.30
C GLY M 263 30.22 35.21 -35.62
N ARG M 264 29.99 34.79 -34.38
CA ARG M 264 31.00 33.97 -33.73
C ARG M 264 31.04 32.56 -34.39
N ASP M 265 29.88 32.03 -34.71
CA ASP M 265 29.79 30.68 -35.22
C ASP M 265 29.44 30.59 -36.71
N TYR M 266 29.02 31.69 -37.31
CA TYR M 266 28.51 31.70 -38.68
C TYR M 266 29.20 32.73 -39.54
N ALA M 267 29.25 32.47 -40.83
CA ALA M 267 29.78 33.45 -41.78
C ALA M 267 28.89 33.39 -43.01
N VAL M 268 28.58 34.55 -43.57
CA VAL M 268 27.77 34.57 -44.77
C VAL M 268 28.40 35.55 -45.73
N PHE M 269 28.80 35.06 -46.91
CA PHE M 269 29.48 35.94 -47.86
C PHE M 269 28.51 36.49 -48.89
N GLU M 270 28.74 37.75 -49.29
CA GLU M 270 27.80 38.46 -50.15
C GLU M 270 28.38 39.81 -50.55
N PRO M 271 27.95 40.30 -51.73
CA PRO M 271 28.42 41.61 -52.24
C PRO M 271 28.22 42.72 -51.18
N GLY M 272 29.32 43.44 -50.96
CA GLY M 272 29.41 44.44 -49.92
C GLY M 272 28.49 45.65 -50.05
N SER M 273 27.93 45.87 -51.26
CA SER M 273 27.08 47.06 -51.47
C SER M 273 25.63 46.75 -51.69
N ARG M 274 25.29 45.47 -51.69
CA ARG M 274 23.91 45.05 -51.95
C ARG M 274 23.43 45.50 -53.34
N HIS M 275 24.40 45.76 -54.23
CA HIS M 275 24.14 46.16 -55.62
C HIS M 275 23.09 47.30 -55.70
N VAL M 276 23.15 48.28 -54.80
CA VAL M 276 22.09 49.32 -54.75
C VAL M 276 21.68 49.89 -56.14
N GLY M 277 22.65 50.50 -56.85
CA GLY M 277 22.42 51.07 -58.17
C GLY M 277 22.56 50.08 -59.32
N LEU M 278 22.87 48.83 -58.96
CA LEU M 278 22.88 47.66 -59.86
C LEU M 278 21.63 46.75 -59.67
N ASP M 279 20.44 47.37 -59.69
CA ASP M 279 19.17 46.64 -59.82
C ASP M 279 18.62 46.74 -61.26
N ILE M 280 19.39 47.45 -62.10
CA ILE M 280 19.15 47.58 -63.54
C ILE M 280 18.90 46.21 -64.19
N LYS M 281 17.63 45.96 -64.52
CA LYS M 281 17.23 44.66 -65.01
C LYS M 281 17.10 44.59 -66.54
N GLY M 282 18.19 44.20 -67.23
CA GLY M 282 18.14 43.56 -68.54
C GLY M 282 18.55 42.12 -68.27
N GLN M 283 18.36 41.22 -69.23
CA GLN M 283 18.75 39.82 -69.04
C GLN M 283 20.25 39.63 -69.31
N ASN M 284 20.88 38.84 -68.47
CA ASN M 284 22.30 38.49 -68.67
C ASN M 284 23.27 39.67 -68.90
N VAL M 285 23.08 40.78 -68.17
CA VAL M 285 23.97 41.95 -68.31
C VAL M 285 24.77 42.33 -67.02
N ALA M 286 24.32 41.79 -65.88
CA ALA M 286 24.83 42.16 -64.53
C ALA M 286 26.30 41.79 -64.27
N ASN M 287 27.03 42.61 -63.54
CA ASN M 287 28.41 42.31 -63.26
C ASN M 287 28.50 41.30 -62.09
N PRO M 288 29.14 40.13 -62.31
CA PRO M 288 29.17 39.10 -61.26
C PRO M 288 30.42 39.25 -60.39
N THR M 289 31.25 40.27 -60.65
CA THR M 289 32.56 40.37 -59.99
C THR M 289 32.47 40.41 -58.43
N ALA M 290 31.50 41.17 -57.93
CA ALA M 290 31.30 41.31 -56.48
C ALA M 290 30.96 39.93 -55.90
N MET M 291 29.97 39.26 -56.50
CA MET M 291 29.67 37.88 -56.08
C MET M 291 30.89 36.92 -56.09
N ILE M 292 31.69 36.98 -57.16
CA ILE M 292 32.81 36.06 -57.34
C ILE M 292 33.91 36.35 -56.34
N LEU M 293 34.24 37.64 -56.20
CA LEU M 293 35.22 38.06 -55.19
C LEU M 293 34.78 37.71 -53.75
N SER M 294 33.47 37.84 -53.47
CA SER M 294 32.93 37.45 -52.17
C SER M 294 33.14 35.95 -52.02
N SER M 295 32.84 35.25 -53.11
CA SER M 295 33.12 33.82 -53.22
C SER M 295 34.56 33.47 -52.80
N THR M 296 35.54 34.29 -53.16
CA THR M 296 36.92 33.95 -52.82
C THR M 296 37.27 34.23 -51.35
N LEU M 297 36.61 35.27 -50.79
CA LEU M 297 36.68 35.52 -49.35
C LEU M 297 36.15 34.27 -48.62
N MET M 298 35.06 33.69 -49.13
CA MET M 298 34.57 32.43 -48.58
C MET M 298 35.60 31.28 -48.68
N LEU M 299 36.22 31.12 -49.85
CA LEU M 299 37.25 30.09 -50.03
C LEU M 299 38.37 30.29 -49.01
N ASN M 300 38.89 31.52 -48.89
CA ASN M 300 39.93 31.83 -47.88
C ASN M 300 39.55 31.33 -46.50
N HIS M 301 38.29 31.58 -46.16
CA HIS M 301 37.75 31.25 -44.84
C HIS M 301 37.68 29.74 -44.66
N LEU M 302 37.27 29.04 -45.71
CA LEU M 302 37.15 27.59 -45.66
C LEU M 302 38.48 26.89 -45.64
N GLY M 303 39.56 27.63 -45.86
CA GLY M 303 40.90 27.04 -45.81
C GLY M 303 41.38 26.56 -47.17
N LEU M 304 40.51 26.69 -48.17
CA LEU M 304 40.89 26.42 -49.55
C LEU M 304 41.90 27.51 -49.93
N ASN M 305 41.53 28.41 -50.83
CA ASN M 305 42.34 29.62 -51.03
C ASN M 305 43.59 29.54 -51.94
N GLU M 306 44.06 28.32 -52.22
CA GLU M 306 44.89 28.12 -53.39
C GLU M 306 43.90 28.39 -54.53
N TYR M 307 42.75 27.72 -54.46
CA TYR M 307 41.67 27.99 -55.39
C TYR M 307 41.26 29.47 -55.41
N ALA M 308 41.41 30.12 -54.26
CA ALA M 308 40.96 31.52 -54.15
C ALA M 308 41.93 32.45 -54.86
N THR M 309 43.23 32.17 -54.72
CA THR M 309 44.24 32.97 -55.38
C THR M 309 44.10 32.89 -56.91
N ARG M 310 43.86 31.69 -57.42
CA ARG M 310 43.65 31.47 -58.86
C ARG M 310 42.41 32.19 -59.39
N ILE M 311 41.27 31.96 -58.76
CA ILE M 311 40.04 32.61 -59.21
C ILE M 311 40.15 34.15 -59.15
N SER M 312 40.86 34.62 -58.14
CA SER M 312 41.07 36.06 -57.96
C SER M 312 41.94 36.65 -59.07
N LYS M 313 43.04 35.96 -59.39
CA LYS M 313 43.92 36.36 -60.50
C LYS M 313 43.19 36.34 -61.86
N ALA M 314 42.43 35.28 -62.12
CA ALA M 314 41.59 35.20 -63.32
C ALA M 314 40.67 36.42 -63.48
N VAL M 315 39.94 36.81 -62.44
CA VAL M 315 38.98 37.91 -62.67
C VAL M 315 39.67 39.26 -62.79
N HIS M 316 40.79 39.42 -62.08
CA HIS M 316 41.58 40.68 -62.14
C HIS M 316 42.21 40.87 -63.52
N GLU M 317 42.72 39.75 -64.06
CA GLU M 317 43.30 39.70 -65.38
C GLU M 317 42.24 39.95 -66.45
N THR M 318 41.10 39.25 -66.35
CA THR M 318 39.98 39.44 -67.29
C THR M 318 39.45 40.88 -67.35
N ILE M 319 39.36 41.56 -66.21
CA ILE M 319 38.84 42.94 -66.24
C ILE M 319 39.96 43.94 -66.62
N ALA M 320 41.22 43.57 -66.39
CA ALA M 320 42.38 44.39 -66.75
C ALA M 320 42.50 44.61 -68.28
N GLU M 321 42.29 43.56 -69.07
CA GLU M 321 42.14 43.65 -70.52
C GLU M 321 40.67 43.94 -70.88
N GLY M 322 40.43 45.14 -71.42
CA GLY M 322 39.07 45.62 -71.68
C GLY M 322 38.11 44.73 -72.49
N LYS M 323 38.57 43.53 -72.86
CA LYS M 323 37.79 42.60 -73.66
C LYS M 323 36.96 41.68 -72.77
N HIS M 324 35.68 41.50 -73.13
CA HIS M 324 34.77 40.58 -72.42
C HIS M 324 34.24 41.14 -71.12
N THR M 325 34.70 42.34 -70.78
CA THR M 325 34.21 43.08 -69.63
C THR M 325 32.68 43.36 -69.74
N THR M 326 31.99 43.42 -68.62
CA THR M 326 30.53 43.59 -68.64
C THR M 326 30.18 45.10 -68.85
N ARG M 327 28.91 45.43 -69.14
CA ARG M 327 28.60 46.80 -69.62
C ARG M 327 28.80 47.96 -68.63
N ASP M 328 28.77 47.66 -67.32
CA ASP M 328 28.83 48.71 -66.29
C ASP M 328 30.26 49.24 -66.01
N ILE M 329 31.28 48.48 -66.42
CA ILE M 329 32.67 48.99 -66.37
C ILE M 329 33.22 49.28 -67.77
N GLY M 330 32.30 49.57 -68.71
CA GLY M 330 32.68 50.05 -70.04
C GLY M 330 32.76 49.01 -71.16
N GLY M 331 32.52 47.74 -70.84
CA GLY M 331 32.51 46.70 -71.86
C GLY M 331 31.12 46.58 -72.49
N SER M 332 30.88 45.46 -73.17
CA SER M 332 29.60 45.26 -73.82
C SER M 332 29.17 43.79 -73.79
N SER M 333 29.99 42.97 -73.13
CA SER M 333 29.73 41.54 -72.97
C SER M 333 28.70 41.22 -71.87
N SER M 334 28.02 40.10 -72.07
CA SER M 334 27.03 39.59 -71.10
C SER M 334 27.78 39.00 -69.89
N THR M 335 27.03 38.70 -68.82
CA THR M 335 27.66 38.14 -67.63
C THR M 335 28.24 36.76 -68.01
N THR M 336 27.49 36.03 -68.84
CA THR M 336 27.91 34.72 -69.35
C THR M 336 29.25 34.79 -70.11
N ASP M 337 29.39 35.79 -70.99
CA ASP M 337 30.65 35.98 -71.73
C ASP M 337 31.80 36.18 -70.77
N PHE M 338 31.57 37.05 -69.79
CA PHE M 338 32.55 37.39 -68.77
C PHE M 338 32.99 36.15 -67.97
N THR M 339 32.01 35.38 -67.49
CA THR M 339 32.25 34.14 -66.76
C THR M 339 33.13 33.18 -67.57
N ASN M 340 32.74 32.97 -68.84
CA ASN M 340 33.43 32.03 -69.72
C ASN M 340 34.87 32.46 -70.02
N GLU M 341 35.10 33.78 -70.10
CA GLU M 341 36.45 34.31 -70.30
C GLU M 341 37.33 33.98 -69.09
N ILE M 342 36.74 34.11 -67.90
CA ILE M 342 37.44 33.81 -66.64
C ILE M 342 37.75 32.33 -66.57
N ILE M 343 36.74 31.49 -66.79
CA ILE M 343 36.94 30.04 -66.83
C ILE M 343 38.03 29.64 -67.82
N ASN M 344 38.09 30.39 -68.93
CA ASN M 344 39.08 30.19 -69.98
C ASN M 344 40.53 30.47 -69.52
N LYS M 345 40.74 31.57 -68.80
CA LYS M 345 42.08 31.86 -68.28
C LYS M 345 42.48 30.88 -67.19
N LEU M 346 41.47 30.25 -66.60
CA LEU M 346 41.67 29.28 -65.52
C LEU M 346 42.24 27.95 -66.02
N SER M 347 41.69 27.42 -67.11
CA SER M 347 42.17 26.16 -67.68
C SER M 347 43.62 26.26 -68.16
N THR M 348 43.96 27.41 -68.77
CA THR M 348 45.34 27.67 -69.23
C THR M 348 46.27 28.13 -68.09
N MET M 349 45.70 28.50 -66.92
CA MET M 349 46.50 28.98 -65.79
C MET M 349 47.45 27.92 -65.23
N GLN N 5 10.45 84.48 -55.59
CA GLN N 5 10.87 84.19 -54.21
C GLN N 5 9.73 83.59 -53.33
N PRO N 6 10.04 82.48 -52.62
CA PRO N 6 9.19 81.59 -51.81
C PRO N 6 8.23 82.31 -50.86
N SER N 7 6.96 81.90 -50.86
CA SER N 7 5.97 82.47 -49.95
C SER N 7 6.19 82.06 -48.48
N ILE N 8 6.91 80.96 -48.27
CA ILE N 8 7.11 80.36 -46.95
C ILE N 8 7.83 81.29 -45.98
N GLY N 9 9.07 81.65 -46.32
CA GLY N 9 9.86 82.51 -45.46
C GLY N 9 10.05 83.87 -46.08
N ARG N 10 8.97 84.44 -46.61
CA ARG N 10 8.98 85.71 -47.33
C ARG N 10 9.57 86.89 -46.55
N TYR N 11 10.45 87.64 -47.21
CA TYR N 11 11.01 88.83 -46.60
C TYR N 11 10.02 90.00 -46.59
N THR N 12 9.70 90.48 -45.38
CA THR N 12 8.91 91.71 -45.21
C THR N 12 9.78 92.93 -45.49
N GLY N 13 9.59 93.54 -46.66
CA GLY N 13 10.48 94.56 -47.18
C GLY N 13 10.70 95.77 -46.29
N LYS N 14 10.32 96.94 -46.80
CA LYS N 14 10.46 98.20 -46.06
C LYS N 14 11.92 98.65 -45.90
N PRO N 15 12.41 99.49 -46.83
CA PRO N 15 13.69 100.16 -46.64
C PRO N 15 13.57 101.17 -45.49
N ASN N 16 14.69 101.71 -45.04
CA ASN N 16 14.65 102.77 -44.03
C ASN N 16 13.85 103.96 -44.57
N PRO N 17 12.82 104.40 -43.81
CA PRO N 17 11.96 105.52 -44.24
C PRO N 17 12.78 106.73 -44.72
N SER N 18 13.90 107.00 -44.06
CA SER N 18 14.76 108.16 -44.37
C SER N 18 15.87 107.87 -45.41
N THR N 19 16.77 106.94 -45.09
CA THR N 19 17.96 106.68 -45.90
C THR N 19 17.66 105.99 -47.24
N GLY N 20 16.49 105.35 -47.33
CA GLY N 20 16.14 104.54 -48.50
C GLY N 20 16.99 103.27 -48.53
N LYS N 21 17.49 102.89 -47.35
CA LYS N 21 18.40 101.77 -47.21
C LYS N 21 17.82 100.74 -46.25
N TYR N 22 17.79 99.48 -46.71
CA TYR N 22 17.38 98.37 -45.87
C TYR N 22 18.34 98.14 -44.69
N THR N 23 17.76 97.89 -43.52
CA THR N 23 18.52 97.53 -42.30
C THR N 23 18.82 96.03 -42.22
N VAL N 24 20.08 95.69 -41.95
CA VAL N 24 20.52 94.29 -41.92
C VAL N 24 21.50 94.02 -40.78
N SER N 25 21.08 93.24 -39.77
CA SER N 25 21.95 92.84 -38.66
C SER N 25 23.18 92.10 -39.15
N PHE N 26 24.29 92.20 -38.41
CA PHE N 26 25.50 91.55 -38.90
C PHE N 26 25.98 90.35 -38.08
N ILE N 27 26.64 90.62 -36.95
CA ILE N 27 27.33 89.55 -36.20
C ILE N 27 28.58 89.15 -36.95
N GLU N 28 29.63 89.93 -36.80
CA GLU N 28 30.84 89.67 -37.57
C GLU N 28 31.53 88.39 -37.09
N GLY N 29 31.17 87.94 -35.89
CA GLY N 29 31.83 86.80 -35.27
C GLY N 29 33.30 87.05 -34.99
N ASP N 30 34.09 85.97 -34.91
CA ASP N 30 35.49 86.06 -34.48
C ASP N 30 36.44 85.21 -35.32
N GLY N 31 37.69 85.12 -34.88
CA GLY N 31 38.74 84.52 -35.69
C GLY N 31 38.94 85.34 -36.96
N ILE N 32 38.71 84.71 -38.11
CA ILE N 32 38.81 85.43 -39.38
C ILE N 32 37.50 86.16 -39.68
N GLY N 33 36.60 86.20 -38.70
CA GLY N 33 35.33 86.89 -38.84
C GLY N 33 35.45 88.35 -39.26
N PRO N 34 36.09 89.18 -38.40
CA PRO N 34 36.28 90.60 -38.66
C PRO N 34 36.72 90.91 -40.08
N GLU N 35 37.83 90.31 -40.54
CA GLU N 35 38.40 90.63 -41.86
C GLU N 35 37.56 90.19 -43.05
N ILE N 36 36.76 89.15 -42.85
CA ILE N 36 35.85 88.67 -43.88
C ILE N 36 34.59 89.55 -43.95
N SER N 37 34.13 90.02 -42.80
CA SER N 37 33.01 90.96 -42.74
C SER N 37 33.41 92.29 -43.38
N LYS N 38 34.66 92.69 -43.15
CA LYS N 38 35.17 93.95 -43.70
C LYS N 38 35.11 93.92 -45.22
N SER N 39 35.47 92.77 -45.78
CA SER N 39 35.46 92.58 -47.22
C SER N 39 34.04 92.65 -47.82
N VAL N 40 33.06 92.20 -47.05
CA VAL N 40 31.67 92.16 -47.52
C VAL N 40 31.07 93.56 -47.60
N LYS N 41 31.44 94.40 -46.64
CA LYS N 41 30.99 95.78 -46.59
C LYS N 41 31.62 96.63 -47.71
N LYS N 42 32.92 96.41 -47.96
CA LYS N 42 33.64 97.13 -49.02
C LYS N 42 33.12 96.80 -50.43
N ILE N 43 32.54 95.62 -50.56
CA ILE N 43 31.97 95.18 -51.83
C ILE N 43 30.49 95.55 -51.93
N PHE N 44 29.86 95.74 -50.77
CA PHE N 44 28.45 96.15 -50.74
C PHE N 44 28.30 97.66 -50.93
N SER N 45 29.31 98.39 -50.47
CA SER N 45 29.39 99.82 -50.69
C SER N 45 29.84 100.11 -52.12
N ALA N 46 30.90 99.43 -52.56
CA ALA N 46 31.45 99.62 -53.90
C ALA N 46 30.49 99.24 -55.04
N ALA N 47 29.48 98.45 -54.74
CA ALA N 47 28.47 98.06 -55.74
C ALA N 47 27.19 98.82 -55.50
N ASN N 48 27.27 99.76 -54.54
CA ASN N 48 26.14 100.59 -54.15
C ASN N 48 24.86 99.79 -53.96
N VAL N 49 24.77 99.14 -52.81
CA VAL N 49 23.57 98.39 -52.48
C VAL N 49 22.87 99.05 -51.28
N PRO N 50 21.52 99.08 -51.33
CA PRO N 50 20.57 99.69 -50.38
C PRO N 50 20.60 99.07 -48.97
N ILE N 51 21.76 99.03 -48.34
CA ILE N 51 21.90 98.31 -47.08
C ILE N 51 22.81 99.01 -46.08
N GLU N 52 22.25 99.23 -44.89
CA GLU N 52 23.01 99.72 -43.74
C GLU N 52 23.11 98.63 -42.68
N TRP N 53 24.34 98.39 -42.22
CA TRP N 53 24.62 97.30 -41.26
C TRP N 53 24.13 97.63 -39.85
N GLU N 54 24.53 96.82 -38.87
CA GLU N 54 24.10 96.99 -37.49
C GLU N 54 24.71 95.92 -36.60
N SER N 55 26.03 95.75 -36.66
CA SER N 55 26.73 94.64 -36.01
C SER N 55 26.14 94.23 -34.64
N CYS N 56 25.78 92.94 -34.52
CA CYS N 56 25.23 92.38 -33.29
C CYS N 56 26.24 91.49 -32.56
N ASP N 57 26.07 91.38 -31.25
CA ASP N 57 26.83 90.43 -30.46
C ASP N 57 25.87 89.38 -29.97
N VAL N 58 26.24 88.13 -30.18
CA VAL N 58 25.42 86.99 -29.82
C VAL N 58 26.09 86.11 -28.76
N SER N 59 27.19 86.60 -28.17
CA SER N 59 27.88 85.87 -27.10
C SER N 59 26.84 85.25 -26.17
N PRO N 60 26.99 83.96 -25.92
CA PRO N 60 26.01 83.15 -25.18
C PRO N 60 25.83 83.61 -23.74
N ILE N 61 24.72 84.29 -23.46
CA ILE N 61 24.35 84.58 -22.08
C ILE N 61 23.71 83.32 -21.49
N PHE N 62 23.81 83.12 -20.17
CA PHE N 62 23.20 81.94 -19.54
C PHE N 62 22.08 82.34 -18.60
N VAL N 63 20.92 81.74 -18.81
CA VAL N 63 19.75 82.06 -18.01
C VAL N 63 19.10 80.80 -17.52
N ASN N 64 19.33 80.47 -16.26
CA ASN N 64 18.87 79.20 -15.66
C ASN N 64 19.73 78.03 -16.12
N GLY N 65 20.99 78.33 -16.47
CA GLY N 65 21.90 77.33 -17.00
C GLY N 65 21.62 77.02 -18.46
N LEU N 66 20.39 77.29 -18.88
CA LEU N 66 19.96 77.17 -20.28
C LEU N 66 20.51 78.34 -21.10
N THR N 67 21.33 78.03 -22.10
CA THR N 67 21.98 79.08 -22.90
C THR N 67 20.95 79.94 -23.62
N THR N 68 21.04 81.26 -23.41
CA THR N 68 20.12 82.20 -24.02
C THR N 68 20.89 83.21 -24.84
N ILE N 69 20.19 83.80 -25.80
CA ILE N 69 20.81 84.78 -26.69
C ILE N 69 20.56 86.22 -26.17
N PRO N 70 21.63 87.03 -26.09
CA PRO N 70 21.56 88.42 -25.61
C PRO N 70 20.40 89.24 -26.21
N ASP N 71 19.70 90.00 -25.36
CA ASP N 71 18.57 90.80 -25.80
C ASP N 71 18.88 91.91 -26.83
N PRO N 72 20.08 92.51 -26.76
CA PRO N 72 20.52 93.48 -27.79
C PRO N 72 20.41 92.90 -29.19
N ALA N 73 21.00 91.73 -29.38
CA ALA N 73 20.95 91.04 -30.67
C ALA N 73 19.55 90.52 -31.03
N VAL N 74 18.83 89.95 -30.07
CA VAL N 74 17.45 89.50 -30.31
C VAL N 74 16.57 90.58 -30.96
N GLN N 75 16.48 91.74 -30.30
CA GLN N 75 15.64 92.86 -30.76
C GLN N 75 16.06 93.37 -32.12
N SER N 76 17.37 93.52 -32.32
CA SER N 76 17.96 93.93 -33.59
C SER N 76 17.50 93.05 -34.77
N ILE N 77 17.63 91.73 -34.57
CA ILE N 77 17.35 90.75 -35.61
C ILE N 77 15.85 90.49 -35.81
N THR N 78 15.09 90.49 -34.72
CA THR N 78 13.63 90.38 -34.81
C THR N 78 13.03 91.55 -35.61
N LYS N 79 13.67 92.72 -35.49
CA LYS N 79 13.22 93.92 -36.17
C LYS N 79 13.61 93.89 -37.63
N ASN N 80 14.90 93.68 -37.89
CA ASN N 80 15.44 93.70 -39.25
C ASN N 80 14.96 92.55 -40.13
N LEU N 81 14.65 91.41 -39.51
CA LEU N 81 14.15 90.23 -40.23
C LEU N 81 15.22 89.49 -41.06
N VAL N 82 16.43 90.04 -41.11
CA VAL N 82 17.55 89.42 -41.82
C VAL N 82 18.87 89.64 -41.07
N ALA N 83 19.75 88.65 -41.10
CA ALA N 83 21.07 88.74 -40.51
C ALA N 83 22.08 88.03 -41.39
N LEU N 84 23.36 88.38 -41.24
CA LEU N 84 24.41 87.76 -42.02
C LEU N 84 25.64 87.53 -41.14
N LYS N 85 25.70 86.35 -40.52
CA LYS N 85 26.77 86.05 -39.56
C LYS N 85 27.95 85.29 -40.16
N GLY N 86 29.13 85.58 -39.61
CA GLY N 86 30.33 84.86 -39.97
C GLY N 86 30.56 83.80 -38.92
N PRO N 87 31.77 83.19 -38.95
CA PRO N 87 32.17 82.09 -38.06
C PRO N 87 32.20 82.51 -36.61
N LEU N 88 32.15 81.53 -35.71
CA LEU N 88 32.37 81.77 -34.28
C LEU N 88 32.81 80.50 -33.54
N ALA N 89 33.78 80.66 -32.63
CA ALA N 89 34.38 79.52 -31.93
C ALA N 89 33.43 78.79 -30.97
N THR N 90 33.93 77.69 -30.40
CA THR N 90 33.11 76.74 -29.63
C THR N 90 33.24 76.77 -28.09
N PRO N 91 32.14 77.15 -27.41
CA PRO N 91 31.98 76.93 -25.95
C PRO N 91 31.49 75.50 -25.74
N ARG N 97 24.78 74.73 -24.81
CA ARG N 97 24.13 73.50 -25.20
C ARG N 97 24.42 73.39 -26.70
N SER N 98 24.47 74.56 -27.33
CA SER N 98 25.05 74.77 -28.66
C SER N 98 24.70 76.17 -29.14
N LEU N 99 25.73 76.94 -29.51
CA LEU N 99 25.54 78.31 -29.94
C LEU N 99 24.61 78.38 -31.15
N ASN N 100 24.91 77.54 -32.15
CA ASN N 100 24.11 77.47 -33.37
C ASN N 100 22.73 76.89 -33.12
N LEU N 101 22.60 76.01 -32.13
CA LEU N 101 21.30 75.38 -31.83
C LEU N 101 20.31 76.34 -31.18
N THR N 102 20.78 77.18 -30.26
CA THR N 102 19.89 78.17 -29.63
C THR N 102 19.51 79.26 -30.64
N LEU N 103 20.46 79.59 -31.50
CA LEU N 103 20.22 80.57 -32.56
C LEU N 103 19.00 80.16 -33.37
N ARG N 104 18.92 78.88 -33.75
CA ARG N 104 17.80 78.39 -34.55
C ARG N 104 16.50 78.24 -33.75
N LYS N 105 16.60 77.95 -32.46
CA LYS N 105 15.39 77.86 -31.66
C LYS N 105 14.73 79.23 -31.43
N THR N 106 15.53 80.24 -31.07
CA THR N 106 14.96 81.57 -30.72
C THR N 106 14.26 82.25 -31.91
N PHE N 107 14.86 82.14 -33.10
CA PHE N 107 14.34 82.85 -34.28
C PHE N 107 13.39 82.01 -35.16
N GLY N 108 13.05 80.81 -34.71
CA GLY N 108 12.17 79.90 -35.43
C GLY N 108 12.66 79.47 -36.81
N LEU N 109 13.97 79.27 -36.95
CA LEU N 109 14.57 78.79 -38.21
C LEU N 109 14.35 77.29 -38.37
N PHE N 110 13.62 76.91 -39.41
CA PHE N 110 13.23 75.51 -39.54
C PHE N 110 13.85 74.84 -40.77
N ALA N 111 14.35 75.63 -41.71
CA ALA N 111 14.99 75.06 -42.91
C ALA N 111 16.43 75.54 -43.12
N ASN N 112 17.29 74.65 -43.59
CA ASN N 112 18.69 75.00 -43.84
C ASN N 112 18.91 74.74 -45.30
N VAL N 113 19.30 75.76 -46.04
CA VAL N 113 19.54 75.60 -47.48
C VAL N 113 21.03 75.60 -47.78
N ARG N 114 21.48 74.51 -48.40
CA ARG N 114 22.91 74.26 -48.58
C ARG N 114 23.21 73.95 -50.04
N PRO N 115 23.60 74.98 -50.81
CA PRO N 115 24.03 74.83 -52.20
C PRO N 115 25.48 74.34 -52.26
N ALA N 116 25.79 73.55 -53.29
CA ALA N 116 27.17 73.20 -53.53
C ALA N 116 27.41 73.23 -55.03
N LYS N 117 28.05 74.31 -55.50
CA LYS N 117 28.35 74.44 -56.91
C LYS N 117 29.86 74.50 -57.19
N SER N 118 30.25 73.89 -58.33
CA SER N 118 31.61 74.01 -58.84
C SER N 118 31.90 75.46 -59.24
N ILE N 119 33.15 75.88 -59.10
CA ILE N 119 33.57 77.21 -59.57
C ILE N 119 34.12 77.13 -61.00
N GLU N 120 33.49 77.86 -61.92
CA GLU N 120 33.94 77.89 -63.32
C GLU N 120 35.38 78.43 -63.44
N GLY N 121 36.25 77.64 -64.06
CA GLY N 121 37.64 78.04 -64.25
C GLY N 121 38.60 77.61 -63.15
N PHE N 122 38.04 77.05 -62.08
CA PHE N 122 38.84 76.48 -61.00
C PHE N 122 38.81 74.95 -61.00
N LYS N 123 39.97 74.34 -61.26
CA LYS N 123 40.10 72.89 -61.37
C LYS N 123 39.99 72.18 -60.00
N THR N 124 38.84 71.55 -59.77
CA THR N 124 38.64 70.66 -58.62
C THR N 124 38.47 69.22 -59.13
N THR N 125 38.54 68.25 -58.21
CA THR N 125 38.52 66.85 -58.61
C THR N 125 37.19 66.41 -59.26
N TYR N 126 36.06 66.96 -58.79
CA TYR N 126 34.77 66.72 -59.44
C TYR N 126 34.37 67.92 -60.29
N GLU N 127 33.56 67.66 -61.33
CA GLU N 127 33.16 68.74 -62.22
C GLU N 127 31.65 68.81 -62.54
N ASN N 128 31.17 70.03 -62.77
CA ASN N 128 29.80 70.28 -63.19
C ASN N 128 28.77 69.92 -62.13
N VAL N 129 29.18 70.07 -60.88
CA VAL N 129 28.28 69.84 -59.77
C VAL N 129 27.51 71.14 -59.44
N ASP N 130 26.18 71.00 -59.36
CA ASP N 130 25.33 72.10 -58.92
C ASP N 130 24.17 71.55 -58.11
N LEU N 131 24.43 71.37 -56.82
CA LEU N 131 23.50 70.64 -55.97
C LEU N 131 22.85 71.58 -54.99
N VAL N 132 21.58 71.27 -54.70
CA VAL N 132 20.86 72.01 -53.69
C VAL N 132 20.15 71.07 -52.72
N LEU N 133 20.47 71.20 -51.43
CA LEU N 133 19.90 70.36 -50.39
C LEU N 133 19.26 71.21 -49.30
N ILE N 134 17.97 70.98 -49.08
CA ILE N 134 17.24 71.59 -47.96
C ILE N 134 17.02 70.55 -46.86
N ARG N 135 17.51 70.83 -45.65
CA ARG N 135 17.31 69.89 -44.54
C ARG N 135 16.53 70.51 -43.39
N GLU N 136 15.83 69.67 -42.64
CA GLU N 136 15.06 70.13 -41.49
C GLU N 136 16.04 70.48 -40.35
N ASN N 137 15.66 71.42 -39.49
CA ASN N 137 16.56 71.89 -38.41
C ASN N 137 15.99 71.84 -36.99
N THR N 138 14.67 71.83 -36.91
CA THR N 138 13.93 71.74 -35.65
C THR N 138 14.24 70.47 -34.85
N GLU N 139 13.70 69.36 -35.31
CA GLU N 139 13.66 68.13 -34.54
C GLU N 139 14.81 67.21 -34.88
N GLY N 140 14.55 65.90 -34.79
CA GLY N 140 15.56 64.88 -35.06
C GLY N 140 16.55 64.77 -33.92
N GLU N 141 17.82 64.60 -34.26
CA GLU N 141 18.88 64.42 -33.29
C GLU N 141 19.26 65.72 -32.60
N TYR N 142 18.72 66.83 -33.08
CA TYR N 142 18.91 68.13 -32.44
C TYR N 142 18.08 68.25 -31.15
N SER N 143 16.79 67.91 -31.24
CA SER N 143 15.92 67.81 -30.06
C SER N 143 15.99 66.42 -29.37
N GLY N 144 17.08 65.70 -29.59
CA GLY N 144 17.23 64.35 -29.09
C GLY N 144 17.64 64.23 -27.64
N ILE N 145 17.26 63.11 -27.03
CA ILE N 145 17.57 62.83 -25.63
C ILE N 145 18.34 61.51 -25.52
N GLU N 146 19.41 61.53 -24.74
CA GLU N 146 20.19 60.32 -24.45
C GLU N 146 20.18 59.97 -22.96
N HIS N 147 20.04 58.70 -22.62
CA HIS N 147 20.23 58.30 -21.24
C HIS N 147 20.73 56.89 -21.09
N ILE N 148 21.20 56.59 -19.88
CA ILE N 148 21.68 55.27 -19.55
C ILE N 148 20.59 54.43 -18.95
N VAL N 149 20.22 53.33 -19.62
CA VAL N 149 19.10 52.53 -19.20
C VAL N 149 19.56 51.48 -18.20
N CYS N 150 20.31 50.50 -18.66
CA CYS N 150 21.01 49.60 -17.75
C CYS N 150 22.48 50.03 -17.79
N PRO N 151 23.32 49.39 -16.98
CA PRO N 151 24.67 49.90 -16.74
C PRO N 151 25.60 50.11 -17.95
N GLY N 152 25.52 49.31 -19.00
CA GLY N 152 26.35 49.63 -20.16
C GLY N 152 25.59 49.99 -21.44
N VAL N 153 24.46 50.68 -21.30
CA VAL N 153 23.53 50.73 -22.38
C VAL N 153 22.98 52.14 -22.50
N VAL N 154 23.34 52.82 -23.60
CA VAL N 154 22.79 54.12 -23.88
C VAL N 154 21.61 54.03 -24.82
N GLN N 155 20.50 54.66 -24.44
CA GLN N 155 19.31 54.70 -25.27
C GLN N 155 19.16 56.14 -25.82
N SER N 156 18.83 56.27 -27.10
CA SER N 156 18.60 57.57 -27.75
C SER N 156 17.13 57.72 -28.05
N ILE N 157 16.62 58.92 -27.86
CA ILE N 157 15.23 59.21 -28.20
C ILE N 157 15.18 60.37 -29.19
N LYS N 158 14.54 60.16 -30.34
CA LYS N 158 14.52 61.14 -31.41
C LYS N 158 13.10 61.24 -31.92
N LEU N 159 12.73 62.45 -32.31
CA LEU N 159 11.36 62.75 -32.64
C LEU N 159 11.29 63.32 -34.04
N ILE N 160 10.22 62.98 -34.75
CA ILE N 160 9.91 63.62 -36.02
C ILE N 160 8.42 63.89 -35.98
N THR N 161 7.99 65.04 -36.50
CA THR N 161 6.56 65.38 -36.56
C THR N 161 6.09 65.73 -37.97
N ARG N 162 4.80 65.46 -38.22
CA ARG N 162 4.14 65.87 -39.46
C ARG N 162 4.28 67.39 -39.67
N ASP N 163 3.99 68.17 -38.63
CA ASP N 163 4.06 69.63 -38.71
C ASP N 163 5.41 70.15 -39.20
N ALA N 164 6.49 69.72 -38.57
CA ALA N 164 7.82 70.23 -38.93
C ALA N 164 8.25 69.75 -40.31
N SER N 165 7.71 68.60 -40.70
CA SER N 165 8.02 68.02 -42.01
C SER N 165 7.28 68.75 -43.17
N GLU N 166 5.99 69.02 -42.93
CA GLU N 166 5.17 69.77 -43.87
C GLU N 166 5.52 71.23 -43.70
N ARG N 167 6.71 71.59 -44.18
CA ARG N 167 7.22 72.92 -43.86
C ARG N 167 8.60 73.06 -44.44
N VAL N 168 9.48 72.09 -44.18
CA VAL N 168 10.71 72.01 -44.96
C VAL N 168 10.31 71.52 -46.32
N ILE N 169 9.23 70.74 -46.34
CA ILE N 169 8.82 70.15 -47.62
C ILE N 169 8.14 71.20 -48.47
N ARG N 170 7.14 71.89 -47.92
CA ARG N 170 6.61 73.09 -48.59
C ARG N 170 7.71 73.98 -49.10
N TYR N 171 8.66 74.29 -48.24
CA TYR N 171 9.73 75.22 -48.63
C TYR N 171 10.58 74.67 -49.75
N ALA N 172 10.76 73.36 -49.76
CA ALA N 172 11.61 72.73 -50.75
C ALA N 172 10.97 72.89 -52.14
N PHE N 173 9.64 72.77 -52.17
CA PHE N 173 8.85 72.94 -53.38
C PHE N 173 8.88 74.40 -53.89
N GLU N 174 8.51 75.33 -53.02
CA GLU N 174 8.52 76.74 -53.36
C GLU N 174 9.91 77.26 -53.72
N TYR N 175 10.96 76.64 -53.20
CA TYR N 175 12.32 77.03 -53.53
C TYR N 175 12.72 76.42 -54.88
N ALA N 176 12.14 75.28 -55.22
CA ALA N 176 12.46 74.64 -56.49
C ALA N 176 11.84 75.46 -57.64
N ARG N 177 10.55 75.73 -57.50
CA ARG N 177 9.87 76.72 -58.34
C ARG N 177 10.63 78.06 -58.44
N ALA N 178 10.99 78.65 -57.31
CA ALA N 178 11.72 79.91 -57.29
C ALA N 178 13.13 79.95 -57.95
N ILE N 179 13.76 78.80 -58.18
CA ILE N 179 15.06 78.80 -58.85
C ILE N 179 14.98 78.03 -60.16
N GLY N 180 13.76 77.71 -60.56
CA GLY N 180 13.51 77.03 -61.82
C GLY N 180 14.12 75.65 -61.94
N ARG N 181 13.72 74.75 -61.05
CA ARG N 181 14.09 73.34 -61.12
C ARG N 181 12.81 72.50 -61.10
N PRO N 182 12.73 71.52 -62.03
CA PRO N 182 11.58 70.63 -62.25
C PRO N 182 11.30 69.66 -61.10
N ARG N 183 12.33 68.96 -60.62
CA ARG N 183 12.18 67.89 -59.61
C ARG N 183 12.56 68.30 -58.18
N VAL N 184 11.72 67.92 -57.22
CA VAL N 184 12.19 67.82 -55.84
C VAL N 184 12.28 66.34 -55.43
N ILE N 185 13.47 65.95 -54.99
CA ILE N 185 13.73 64.58 -54.54
C ILE N 185 13.76 64.52 -53.01
N VAL N 186 12.78 63.83 -52.43
CA VAL N 186 12.82 63.46 -51.02
C VAL N 186 13.76 62.26 -50.79
N VAL N 187 14.83 62.47 -50.02
CA VAL N 187 15.75 61.39 -49.64
C VAL N 187 15.41 60.85 -48.25
N HIS N 188 15.34 59.51 -48.15
CA HIS N 188 14.90 58.84 -46.93
C HIS N 188 15.59 57.48 -46.84
N LYS N 189 15.39 56.78 -45.72
CA LYS N 189 15.93 55.41 -45.52
C LYS N 189 14.79 54.39 -45.54
N SER N 190 15.12 53.12 -45.78
CA SER N 190 14.13 52.07 -46.04
C SER N 190 12.73 52.39 -45.48
N THR N 191 11.85 52.88 -46.35
CA THR N 191 10.49 53.31 -46.00
C THR N 191 9.60 52.34 -45.18
N ILE N 192 9.75 51.04 -45.40
CA ILE N 192 8.91 50.04 -44.75
C ILE N 192 9.43 49.56 -43.37
N GLN N 193 10.74 49.67 -43.15
CA GLN N 193 11.37 49.26 -41.89
C GLN N 193 11.62 50.43 -40.91
N ARG N 194 11.31 51.64 -41.37
CA ARG N 194 11.19 52.81 -40.51
C ARG N 194 9.98 53.66 -40.91
N LEU N 195 8.93 53.60 -40.08
CA LEU N 195 7.74 54.41 -40.29
C LEU N 195 7.94 55.91 -39.92
N ALA N 196 9.17 56.28 -39.60
CA ALA N 196 9.52 57.69 -39.42
C ALA N 196 9.79 58.31 -40.78
N ASP N 197 10.45 57.56 -41.66
CA ASP N 197 10.64 58.02 -43.04
C ASP N 197 9.33 57.85 -43.84
N GLY N 198 8.51 56.88 -43.45
CA GLY N 198 7.20 56.71 -44.04
C GLY N 198 6.29 57.90 -43.79
N LEU N 199 6.47 58.57 -42.64
CA LEU N 199 5.70 59.80 -42.37
C LEU N 199 6.18 60.97 -43.20
N PHE N 200 7.51 61.10 -43.33
CA PHE N 200 8.13 62.14 -44.14
C PHE N 200 7.80 62.00 -45.63
N VAL N 201 7.81 60.77 -46.14
CA VAL N 201 7.44 60.53 -47.53
C VAL N 201 5.95 60.81 -47.78
N ASN N 202 5.07 60.31 -46.91
CA ASN N 202 3.63 60.59 -47.01
C ASN N 202 3.25 62.06 -47.02
N VAL N 203 3.93 62.85 -46.20
CA VAL N 203 3.69 64.28 -46.15
C VAL N 203 4.09 64.93 -47.49
N ALA N 204 5.14 64.39 -48.11
CA ALA N 204 5.68 64.93 -49.37
C ALA N 204 4.72 64.66 -50.53
N LYS N 205 4.05 63.53 -50.49
CA LYS N 205 3.10 63.13 -51.52
C LYS N 205 1.80 63.93 -51.40
N GLU N 206 1.49 64.34 -50.17
CA GLU N 206 0.30 65.13 -49.89
C GLU N 206 0.44 66.53 -50.48
N LEU N 207 1.65 67.07 -50.41
CA LEU N 207 1.95 68.40 -50.93
C LEU N 207 2.26 68.36 -52.42
N SER N 208 2.50 67.17 -52.94
CA SER N 208 2.81 66.98 -54.36
C SER N 208 1.73 67.60 -55.25
N LYS N 209 0.48 67.47 -54.81
CA LYS N 209 -0.68 67.92 -55.59
C LYS N 209 -0.89 69.44 -55.63
N GLU N 210 -0.45 70.13 -54.58
CA GLU N 210 -0.54 71.59 -54.58
C GLU N 210 0.59 72.24 -55.40
N TYR N 211 1.47 71.41 -55.99
CA TYR N 211 2.56 71.91 -56.82
C TYR N 211 2.70 71.06 -58.09
N PRO N 212 1.75 71.25 -59.02
CA PRO N 212 1.63 70.45 -60.25
C PRO N 212 2.79 70.71 -61.22
N ASP N 213 3.35 71.91 -61.17
CA ASP N 213 4.48 72.29 -62.01
C ASP N 213 5.78 71.57 -61.63
N LEU N 214 5.73 70.91 -60.48
CA LEU N 214 6.90 70.22 -59.93
C LEU N 214 6.71 68.72 -59.89
N THR N 215 7.78 68.02 -60.28
CA THR N 215 7.86 66.55 -60.23
C THR N 215 8.48 66.06 -58.91
N LEU N 216 7.70 65.28 -58.15
CA LEU N 216 8.19 64.64 -56.91
C LEU N 216 8.78 63.23 -57.14
N GLU N 217 10.08 63.08 -56.92
CA GLU N 217 10.68 61.75 -56.86
C GLU N 217 11.15 61.43 -55.44
N THR N 218 11.05 60.16 -55.06
CA THR N 218 11.62 59.68 -53.77
C THR N 218 12.81 58.74 -54.03
N GLU N 219 13.80 58.80 -53.15
CA GLU N 219 15.02 58.05 -53.38
C GLU N 219 15.62 57.56 -52.06
N LEU N 220 16.05 56.30 -52.04
CA LEU N 220 16.76 55.77 -50.88
C LEU N 220 18.08 56.49 -50.75
N ILE N 221 18.38 56.96 -49.54
CA ILE N 221 19.62 57.67 -49.32
C ILE N 221 20.83 56.87 -49.85
N ASP N 222 20.73 55.54 -49.80
CA ASP N 222 21.77 54.64 -50.33
C ASP N 222 22.02 54.96 -51.81
N ASN N 223 20.94 54.90 -52.60
CA ASN N 223 21.05 55.16 -54.05
C ASN N 223 21.50 56.58 -54.33
N SER N 224 20.93 57.53 -53.59
CA SER N 224 21.31 58.90 -53.77
C SER N 224 22.82 59.08 -53.68
N VAL N 225 23.49 58.51 -52.67
CA VAL N 225 24.91 58.85 -52.55
C VAL N 225 25.74 58.15 -53.62
N LEU N 226 25.22 57.02 -54.11
CA LEU N 226 25.90 56.23 -55.15
C LEU N 226 25.86 57.02 -56.47
N LYS N 227 24.65 57.43 -56.85
CA LYS N 227 24.45 58.24 -58.06
C LYS N 227 25.26 59.54 -57.98
N VAL N 228 24.92 60.41 -57.02
CA VAL N 228 25.54 61.73 -56.88
C VAL N 228 27.08 61.66 -56.93
N VAL N 229 27.70 60.62 -56.37
CA VAL N 229 29.17 60.59 -56.37
C VAL N 229 29.76 60.09 -57.70
N THR N 230 29.04 59.18 -58.37
CA THR N 230 29.47 58.72 -59.69
C THR N 230 29.28 59.86 -60.70
N ASN N 231 28.16 60.58 -60.56
CA ASN N 231 27.80 61.64 -61.53
C ASN N 231 26.99 62.85 -60.95
N PRO N 232 27.71 63.85 -60.39
CA PRO N 232 27.04 64.95 -59.66
C PRO N 232 26.02 65.70 -60.52
N SER N 233 26.33 65.83 -61.80
CA SER N 233 25.53 66.64 -62.72
C SER N 233 24.07 66.12 -62.84
N ALA N 234 23.87 64.82 -62.63
CA ALA N 234 22.54 64.21 -62.75
C ALA N 234 21.49 64.83 -61.82
N TYR N 235 21.94 65.68 -60.90
CA TYR N 235 21.07 66.28 -59.87
C TYR N 235 21.00 67.82 -59.94
N THR N 236 21.60 68.42 -60.96
CA THR N 236 21.59 69.87 -61.06
C THR N 236 20.24 70.41 -61.59
N ASP N 237 19.30 69.51 -61.83
CA ASP N 237 17.93 69.90 -62.18
C ASP N 237 16.95 69.53 -61.06
N ALA N 238 17.49 69.37 -59.86
CA ALA N 238 16.68 68.91 -58.74
C ALA N 238 17.03 69.56 -57.43
N VAL N 239 16.05 69.55 -56.53
CA VAL N 239 16.22 70.04 -55.19
C VAL N 239 15.91 68.90 -54.23
N SER N 240 16.91 68.50 -53.45
CA SER N 240 16.72 67.44 -52.44
C SER N 240 16.27 67.99 -51.07
N VAL N 241 15.28 67.35 -50.46
CA VAL N 241 14.98 67.52 -49.03
C VAL N 241 15.15 66.22 -48.27
N CYS N 242 15.62 66.30 -47.03
CA CYS N 242 15.71 65.12 -46.17
C CYS N 242 15.38 65.47 -44.73
N PRO N 243 15.11 64.44 -43.91
CA PRO N 243 14.85 64.67 -42.48
C PRO N 243 16.13 65.06 -41.80
N ASN N 244 16.04 65.67 -40.63
CA ASN N 244 17.20 66.21 -39.95
C ASN N 244 18.35 65.20 -39.82
N LEU N 245 18.00 63.92 -39.67
CA LEU N 245 18.95 62.82 -39.44
C LEU N 245 20.16 62.74 -40.42
N TYR N 246 19.89 62.81 -41.72
CA TYR N 246 20.92 62.65 -42.73
C TYR N 246 21.40 63.99 -43.25
N GLY N 247 20.72 65.07 -42.86
CA GLY N 247 21.08 66.40 -43.33
C GLY N 247 22.56 66.73 -43.18
N ASP N 248 23.08 66.63 -41.97
CA ASP N 248 24.50 66.90 -41.70
C ASP N 248 25.41 66.17 -42.70
N ILE N 249 25.24 64.86 -42.81
CA ILE N 249 26.09 64.00 -43.62
C ILE N 249 26.05 64.30 -45.13
N LEU N 250 24.84 64.42 -45.66
CA LEU N 250 24.63 64.72 -47.08
C LEU N 250 25.16 66.08 -47.50
N SER N 251 24.82 67.13 -46.75
CA SER N 251 25.32 68.46 -47.10
C SER N 251 26.86 68.54 -47.10
N ASP N 252 27.52 67.87 -46.17
CA ASP N 252 29.01 67.85 -46.13
C ASP N 252 29.61 66.99 -47.24
N LEU N 253 28.81 66.02 -47.70
CA LEU N 253 29.21 65.21 -48.84
C LEU N 253 29.12 66.05 -50.12
N ASN N 254 28.04 66.80 -50.27
CA ASN N 254 27.87 67.70 -51.41
C ASN N 254 29.03 68.72 -51.52
N SER N 255 29.47 69.28 -50.41
CA SER N 255 30.56 70.23 -50.43
C SER N 255 31.90 69.53 -50.69
N GLY N 256 31.95 68.23 -50.41
CA GLY N 256 33.12 67.45 -50.75
C GLY N 256 33.24 67.23 -52.25
N LEU N 257 32.07 67.14 -52.89
CA LEU N 257 31.99 67.02 -54.35
C LEU N 257 32.36 68.32 -55.07
N SER N 258 31.77 69.44 -54.62
CA SER N 258 31.96 70.74 -55.27
C SER N 258 33.36 71.35 -55.05
N ALA N 259 33.93 71.16 -53.86
CA ALA N 259 35.13 71.87 -53.49
C ALA N 259 36.20 70.99 -52.85
N GLY N 260 35.76 70.03 -52.03
CA GLY N 260 36.69 69.21 -51.25
C GLY N 260 36.89 69.76 -49.85
N SER N 261 36.01 70.68 -49.46
CA SER N 261 35.97 71.22 -48.09
C SER N 261 34.79 72.19 -47.91
N LEU N 262 34.63 72.69 -46.70
CA LEU N 262 33.53 73.63 -46.38
C LEU N 262 33.93 75.10 -46.69
N GLY N 263 35.15 75.26 -47.20
CA GLY N 263 35.73 76.57 -47.50
C GLY N 263 34.93 77.52 -48.39
N LEU N 264 34.22 77.01 -49.39
CA LEU N 264 33.53 77.85 -50.36
C LEU N 264 32.03 77.70 -50.27
N THR N 265 31.56 77.27 -49.10
CA THR N 265 30.15 76.90 -48.97
C THR N 265 29.31 77.91 -48.18
N PRO N 266 28.25 78.41 -48.83
CA PRO N 266 27.19 79.28 -48.28
C PRO N 266 26.09 78.45 -47.68
N SER N 267 25.32 79.03 -46.76
CA SER N 267 24.17 78.34 -46.21
C SER N 267 23.16 79.36 -45.79
N ALA N 268 21.90 78.96 -45.80
CA ALA N 268 20.81 79.84 -45.43
C ALA N 268 19.95 79.17 -44.36
N ASN N 269 19.59 79.92 -43.33
CA ASN N 269 18.75 79.38 -42.27
C ASN N 269 17.41 80.11 -42.23
N ILE N 270 16.41 79.55 -42.87
CA ILE N 270 15.15 80.21 -43.09
C ILE N 270 14.08 79.95 -42.03
N GLY N 271 13.55 81.03 -41.49
CA GLY N 271 12.48 80.94 -40.51
C GLY N 271 11.23 81.59 -41.05
N HIS N 272 10.14 81.50 -40.30
CA HIS N 272 8.86 82.02 -40.75
C HIS N 272 8.94 83.50 -41.10
N LYS N 273 9.71 84.25 -40.34
CA LYS N 273 9.94 85.66 -40.65
C LYS N 273 11.43 85.98 -40.75
N ILE N 274 12.21 85.64 -39.73
CA ILE N 274 13.65 85.94 -39.76
C ILE N 274 14.38 84.95 -40.66
N SER N 275 15.58 85.32 -41.10
CA SER N 275 16.41 84.43 -41.92
C SER N 275 17.89 84.78 -41.83
N ILE N 276 18.70 83.84 -41.39
CA ILE N 276 20.11 84.12 -41.16
C ILE N 276 20.96 83.46 -42.22
N PHE N 277 22.01 84.13 -42.64
CA PHE N 277 22.85 83.61 -43.72
C PHE N 277 24.28 83.58 -43.21
N GLU N 278 24.97 82.48 -43.50
CA GLU N 278 26.30 82.27 -42.93
C GLU N 278 27.16 81.33 -43.77
N ALA N 279 28.46 81.50 -43.65
CA ALA N 279 29.40 80.52 -44.18
C ALA N 279 29.42 79.39 -43.17
N VAL N 280 29.84 78.19 -43.60
CA VAL N 280 29.83 77.05 -42.69
C VAL N 280 31.22 76.59 -42.25
N HIS N 281 32.27 77.25 -42.74
CA HIS N 281 33.62 76.95 -42.27
C HIS N 281 33.84 77.45 -40.83
N GLY N 282 35.01 77.13 -40.25
CA GLY N 282 35.31 77.52 -38.88
C GLY N 282 35.87 78.92 -38.62
N SER N 283 36.21 79.21 -37.36
CA SER N 283 36.80 80.50 -37.02
C SER N 283 38.20 80.57 -37.61
N ALA N 284 38.88 79.42 -37.59
CA ALA N 284 40.30 79.29 -37.99
C ALA N 284 41.21 80.39 -37.40
N PRO N 285 41.39 80.37 -36.07
CA PRO N 285 42.04 81.45 -35.31
C PRO N 285 43.53 81.62 -35.64
N ASP N 286 44.17 80.51 -35.98
CA ASP N 286 45.59 80.45 -36.29
C ASP N 286 45.97 81.10 -37.64
N ILE N 287 44.96 81.60 -38.37
CA ILE N 287 45.18 82.35 -39.60
C ILE N 287 44.55 83.75 -39.53
N ALA N 288 44.11 84.13 -38.32
CA ALA N 288 43.49 85.42 -38.07
C ALA N 288 44.53 86.55 -38.00
N GLY N 289 44.14 87.71 -38.52
CA GLY N 289 45.02 88.86 -38.55
C GLY N 289 45.97 88.84 -39.73
N GLN N 290 46.43 87.64 -40.10
CA GLN N 290 47.45 87.45 -41.14
C GLN N 290 46.95 87.74 -42.56
N ASP N 291 45.69 88.17 -42.67
CA ASP N 291 45.10 88.60 -43.94
C ASP N 291 45.05 87.47 -44.98
N LYS N 292 44.93 86.23 -44.51
CA LYS N 292 44.92 85.07 -45.41
C LYS N 292 43.53 84.45 -45.60
N ALA N 293 42.55 85.00 -44.88
CA ALA N 293 41.17 84.49 -44.94
C ALA N 293 40.57 84.51 -46.36
N ASN N 294 39.56 83.66 -46.58
CA ASN N 294 38.85 83.63 -47.85
C ASN N 294 37.35 83.95 -47.70
N PRO N 295 36.94 85.16 -48.12
CA PRO N 295 35.59 85.71 -47.91
C PRO N 295 34.55 85.13 -48.86
N THR N 296 34.96 84.23 -49.75
CA THR N 296 34.07 83.74 -50.81
C THR N 296 32.80 83.15 -50.25
N ALA N 297 33.01 82.38 -49.19
CA ALA N 297 31.92 81.70 -48.51
C ALA N 297 30.91 82.71 -47.99
N LEU N 298 31.40 83.65 -47.18
CA LEU N 298 30.53 84.69 -46.64
C LEU N 298 29.91 85.55 -47.75
N LEU N 299 30.72 85.86 -48.76
CA LEU N 299 30.26 86.60 -49.93
C LEU N 299 29.05 85.96 -50.61
N LEU N 300 29.13 84.65 -50.83
CA LEU N 300 28.09 83.91 -51.53
C LEU N 300 26.82 83.79 -50.66
N SER N 301 27.00 83.87 -49.35
CA SER N 301 25.84 83.91 -48.43
C SER N 301 25.16 85.25 -48.55
N SER N 302 25.94 86.26 -48.89
CA SER N 302 25.40 87.60 -49.14
C SER N 302 24.47 87.56 -50.34
N VAL N 303 24.93 86.93 -51.43
CA VAL N 303 24.12 86.75 -52.63
C VAL N 303 22.79 86.10 -52.30
N MET N 304 22.84 85.05 -51.47
CA MET N 304 21.62 84.34 -51.07
C MET N 304 20.72 85.27 -50.27
N MET N 305 21.37 86.10 -49.45
CA MET N 305 20.65 87.08 -48.64
C MET N 305 19.97 88.12 -49.54
N LEU N 306 20.75 88.72 -50.43
CA LEU N 306 20.22 89.64 -51.43
C LEU N 306 18.98 89.03 -52.11
N ASN N 307 19.17 87.89 -52.78
CA ASN N 307 18.08 87.20 -53.48
C ASN N 307 16.86 86.94 -52.60
N HIS N 308 17.07 86.80 -51.29
CA HIS N 308 15.97 86.57 -50.35
C HIS N 308 15.23 87.88 -50.08
N MET N 309 15.94 88.99 -50.29
CA MET N 309 15.42 90.34 -50.03
C MET N 309 14.78 90.98 -51.27
N GLY N 310 15.12 90.44 -52.44
CA GLY N 310 14.55 90.90 -53.69
C GLY N 310 15.52 91.68 -54.55
N LEU N 311 16.68 92.02 -53.99
CA LEU N 311 17.69 92.81 -54.71
C LEU N 311 18.41 91.98 -55.76
N THR N 312 17.64 91.36 -56.66
CA THR N 312 18.14 90.41 -57.66
C THR N 312 19.25 90.98 -58.54
N ASN N 313 19.13 92.27 -58.88
CA ASN N 313 20.11 92.94 -59.72
C ASN N 313 21.47 93.04 -59.05
N HIS N 314 21.46 93.41 -57.77
CA HIS N 314 22.68 93.49 -56.95
C HIS N 314 23.25 92.11 -56.63
N ALA N 315 22.36 91.14 -56.44
CA ALA N 315 22.77 89.75 -56.22
C ALA N 315 23.63 89.25 -57.39
N ASP N 316 23.07 89.28 -58.60
CA ASP N 316 23.78 88.82 -59.79
C ASP N 316 25.05 89.66 -60.04
N GLN N 317 24.94 90.97 -59.83
CA GLN N 317 26.09 91.85 -59.97
C GLN N 317 27.25 91.32 -59.11
N ILE N 318 26.98 91.18 -57.81
CA ILE N 318 28.02 90.82 -56.85
C ILE N 318 28.37 89.34 -56.87
N GLN N 319 27.65 88.56 -57.69
CA GLN N 319 27.93 87.11 -57.80
C GLN N 319 28.42 86.76 -59.19
N ASN N 320 27.64 87.16 -60.19
CA ASN N 320 27.78 86.80 -61.61
C ASN N 320 29.18 87.11 -62.13
N ALA N 321 29.53 88.39 -62.16
CA ALA N 321 30.89 88.75 -62.42
C ALA N 321 31.67 88.43 -61.15
N VAL N 322 32.23 89.47 -60.52
CA VAL N 322 32.81 89.38 -59.18
C VAL N 322 33.61 88.11 -58.88
N LEU N 323 33.60 87.73 -57.61
CA LEU N 323 34.34 86.60 -57.06
C LEU N 323 34.27 85.28 -57.84
N SER N 324 33.12 85.01 -58.47
CA SER N 324 32.99 83.81 -59.32
C SER N 324 34.01 83.85 -60.46
N THR N 325 34.04 84.97 -61.18
CA THR N 325 34.98 85.17 -62.28
C THR N 325 36.42 85.54 -61.80
N ILE N 326 36.55 86.23 -60.66
CA ILE N 326 37.88 86.58 -60.13
C ILE N 326 38.62 85.37 -59.55
N ALA N 327 37.86 84.31 -59.25
CA ALA N 327 38.46 83.04 -58.80
C ALA N 327 39.12 82.34 -59.99
N SER N 328 39.13 83.01 -61.14
CA SER N 328 39.87 82.56 -62.32
C SER N 328 41.16 83.39 -62.55
N GLY N 329 42.30 82.72 -62.42
CA GLY N 329 43.61 83.36 -62.44
C GLY N 329 44.29 83.22 -61.08
N PRO N 330 45.32 82.34 -60.99
CA PRO N 330 46.03 81.90 -59.76
C PRO N 330 46.65 82.98 -58.88
N GLU N 331 46.96 84.14 -59.45
CA GLU N 331 47.47 85.29 -58.68
C GLU N 331 46.37 85.91 -57.79
N ASN N 332 45.14 85.42 -58.00
CA ASN N 332 44.04 85.71 -57.08
C ASN N 332 43.85 84.50 -56.15
N ARG N 333 42.61 84.02 -56.02
CA ARG N 333 42.32 82.90 -55.13
C ARG N 333 42.76 83.28 -53.70
N THR N 334 43.23 82.28 -52.95
CA THR N 334 43.86 82.49 -51.64
C THR N 334 44.70 81.26 -51.28
N GLY N 335 45.40 81.28 -50.14
CA GLY N 335 46.24 80.16 -49.74
C GLY N 335 45.58 78.78 -49.76
N ASP N 336 44.28 78.75 -49.45
CA ASP N 336 43.47 77.53 -49.42
C ASP N 336 43.26 76.89 -50.81
N LEU N 337 43.05 77.73 -51.81
CA LEU N 337 42.81 77.26 -53.19
C LEU N 337 44.09 77.23 -54.03
N ALA N 338 45.23 76.96 -53.38
CA ALA N 338 46.55 77.04 -54.02
C ALA N 338 46.68 78.35 -54.84
N GLY N 339 46.42 79.46 -54.16
CA GLY N 339 46.50 80.78 -54.76
C GLY N 339 47.57 81.58 -54.05
N THR N 340 47.69 82.85 -54.43
CA THR N 340 48.76 83.68 -53.92
C THR N 340 48.21 84.98 -53.33
N ALA N 341 46.97 85.30 -53.68
CA ALA N 341 46.34 86.56 -53.25
C ALA N 341 46.14 86.67 -51.72
N THR N 342 45.80 87.87 -51.27
CA THR N 342 45.54 88.15 -49.88
C THR N 342 44.06 88.53 -49.77
N THR N 343 43.51 88.54 -48.57
CA THR N 343 42.09 88.89 -48.43
C THR N 343 41.80 90.34 -48.87
N SER N 344 42.78 91.22 -48.70
CA SER N 344 42.66 92.59 -49.20
C SER N 344 42.73 92.64 -50.74
N SER N 345 43.78 92.05 -51.32
CA SER N 345 43.98 92.06 -52.77
C SER N 345 42.84 91.35 -53.50
N PHE N 346 42.22 90.40 -52.83
CA PHE N 346 41.06 89.68 -53.35
C PHE N 346 39.83 90.61 -53.41
N THR N 347 39.56 91.33 -52.32
CA THR N 347 38.35 92.15 -52.24
C THR N 347 38.24 93.15 -53.38
N GLU N 348 39.33 93.84 -53.69
CA GLU N 348 39.32 94.86 -54.75
C GLU N 348 39.48 94.26 -56.14
N ALA N 349 40.12 93.08 -56.22
CA ALA N 349 40.20 92.33 -57.47
C ALA N 349 38.79 91.94 -57.89
N VAL N 350 37.92 91.80 -56.89
CA VAL N 350 36.50 91.58 -57.12
C VAL N 350 35.79 92.89 -57.47
N ILE N 351 36.11 93.96 -56.74
CA ILE N 351 35.53 95.28 -57.04
C ILE N 351 35.90 95.71 -58.46
N LYS N 352 37.04 95.22 -58.96
CA LYS N 352 37.46 95.47 -60.35
C LYS N 352 36.38 95.09 -61.37
N ARG N 353 36.05 93.80 -61.44
CA ARG N 353 35.04 93.30 -62.38
C ARG N 353 33.62 93.43 -61.80
N LEU N 354 33.48 94.35 -60.85
CA LEU N 354 32.20 94.73 -60.28
C LEU N 354 31.69 96.02 -60.91
N GLY O 15 32.45 44.09 26.26
CA GLY O 15 32.44 44.71 24.93
C GLY O 15 33.06 46.12 24.77
N GLY O 16 32.71 46.78 23.65
CA GLY O 16 33.20 48.13 23.30
C GLY O 16 32.13 49.17 22.94
N ARG O 17 32.32 49.95 21.88
CA ARG O 17 31.31 50.97 21.49
C ARG O 17 31.09 51.13 20.00
N PHE O 18 29.83 51.12 19.58
CA PHE O 18 29.50 51.33 18.17
C PHE O 18 29.40 52.81 17.86
N THR O 19 29.95 53.22 16.71
CA THR O 19 29.66 54.56 16.23
C THR O 19 28.59 54.41 15.16
N VAL O 20 27.41 54.98 15.40
CA VAL O 20 26.39 55.01 14.34
C VAL O 20 26.03 56.42 13.86
N THR O 21 25.90 56.58 12.54
CA THR O 21 25.49 57.82 11.95
C THR O 21 24.11 58.23 12.43
N LEU O 22 23.95 59.51 12.77
CA LEU O 22 22.66 60.08 13.17
C LEU O 22 22.35 61.27 12.29
N ILE O 23 21.24 61.19 11.57
CA ILE O 23 20.82 62.25 10.69
C ILE O 23 19.45 62.71 11.15
N PRO O 24 19.40 63.78 11.98
CA PRO O 24 18.16 64.10 12.72
C PRO O 24 17.08 64.66 11.82
N GLY O 25 17.45 65.42 10.78
CA GLY O 25 16.44 66.00 9.91
C GLY O 25 16.03 67.42 10.28
N ASP O 26 14.77 67.75 10.05
CA ASP O 26 14.26 69.08 10.35
C ASP O 26 13.91 69.23 11.85
N GLY O 27 13.05 70.21 12.16
CA GLY O 27 12.67 70.50 13.53
C GLY O 27 11.99 69.36 14.27
N VAL O 28 10.95 68.80 13.67
CA VAL O 28 10.28 67.64 14.24
C VAL O 28 11.19 66.39 14.26
N GLY O 29 12.00 66.25 13.21
CA GLY O 29 12.96 65.16 13.15
C GLY O 29 13.92 65.24 14.32
N LYS O 30 14.33 66.47 14.64
CA LYS O 30 15.22 66.68 15.77
C LYS O 30 14.52 66.39 17.11
N GLU O 31 13.25 66.72 17.21
CA GLU O 31 12.48 66.41 18.43
C GLU O 31 12.43 64.91 18.71
N ILE O 32 11.99 64.12 17.71
CA ILE O 32 11.89 62.66 17.87
C ILE O 32 13.27 61.97 17.93
N THR O 33 14.23 62.50 17.20
CA THR O 33 15.61 62.06 17.33
C THR O 33 16.14 62.23 18.75
N ASP O 34 15.85 63.37 19.37
CA ASP O 34 16.33 63.63 20.72
C ASP O 34 15.66 62.74 21.74
N SER O 35 14.41 62.41 21.51
CA SER O 35 13.74 61.40 22.32
C SER O 35 14.59 60.10 22.38
N VAL O 36 15.07 59.63 21.22
CA VAL O 36 15.88 58.43 21.16
C VAL O 36 17.23 58.63 21.87
N ARG O 37 17.94 59.70 21.51
CA ARG O 37 19.17 60.06 22.21
C ARG O 37 19.02 60.02 23.74
N THR O 38 17.89 60.54 24.23
CA THR O 38 17.61 60.64 25.65
C THR O 38 17.38 59.28 26.28
N ILE O 39 16.51 58.48 25.66
CA ILE O 39 16.30 57.12 26.14
C ILE O 39 17.59 56.32 26.13
N PHE O 40 18.42 56.56 25.13
CA PHE O 40 19.65 55.79 24.95
C PHE O 40 20.67 56.09 26.05
N GLU O 41 20.89 57.36 26.35
CA GLU O 41 21.83 57.73 27.42
C GLU O 41 21.32 57.25 28.78
N ALA O 42 20.00 57.23 28.95
CA ALA O 42 19.36 56.77 30.18
C ALA O 42 19.56 55.28 30.43
N GLU O 43 19.62 54.53 29.34
CA GLU O 43 19.78 53.08 29.39
C GLU O 43 21.26 52.74 29.33
N ASN O 44 22.08 53.77 29.14
CA ASN O 44 23.53 53.69 29.05
C ASN O 44 24.01 52.68 28.00
N ILE O 45 23.55 52.88 26.78
CA ILE O 45 23.84 51.97 25.66
C ILE O 45 25.17 52.36 25.03
N PRO O 46 25.99 51.35 24.66
CA PRO O 46 27.35 51.56 24.13
C PRO O 46 27.34 52.10 22.70
N ILE O 47 26.62 53.19 22.49
CA ILE O 47 26.51 53.79 21.16
C ILE O 47 26.95 55.25 21.18
N ASP O 48 27.90 55.59 20.32
CA ASP O 48 28.33 56.95 20.10
C ASP O 48 27.74 57.50 18.79
N TRP O 49 26.95 58.56 18.91
CA TRP O 49 26.39 59.17 17.72
C TRP O 49 27.44 59.98 16.98
N GLU O 50 27.49 59.84 15.66
CA GLU O 50 28.28 60.72 14.81
C GLU O 50 27.22 61.47 14.07
N THR O 51 26.80 62.58 14.68
CA THR O 51 25.62 63.31 14.23
C THR O 51 25.94 64.23 13.05
N ILE O 52 25.14 64.14 12.00
CA ILE O 52 25.38 64.90 10.77
C ILE O 52 24.31 65.94 10.57
N ASN O 53 24.73 67.19 10.40
CA ASN O 53 23.81 68.26 10.02
C ASN O 53 23.74 68.42 8.51
N ILE O 54 22.57 68.14 7.94
CA ILE O 54 22.29 68.60 6.62
C ILE O 54 21.25 69.70 6.81
N LYS O 55 21.19 70.66 5.90
CA LYS O 55 20.08 71.64 5.95
C LYS O 55 18.73 71.04 5.47
N GLN O 56 18.53 70.97 4.16
CA GLN O 56 17.34 70.33 3.60
C GLN O 56 17.75 68.93 3.14
N THR O 57 16.79 68.15 2.63
CA THR O 57 17.10 66.87 1.98
C THR O 57 17.83 67.15 0.65
N ASP O 58 18.23 68.41 0.46
CA ASP O 58 18.83 68.93 -0.80
C ASP O 58 20.25 69.48 -0.60
N HIS O 59 20.62 69.75 0.66
CA HIS O 59 21.89 70.39 0.97
C HIS O 59 23.07 69.54 0.49
N LYS O 60 23.88 70.09 -0.40
CA LYS O 60 24.85 69.24 -1.10
C LYS O 60 26.05 68.82 -0.24
N GLU O 61 26.49 69.68 0.66
CA GLU O 61 27.65 69.37 1.49
C GLU O 61 27.24 68.43 2.61
N GLY O 62 25.97 68.53 3.00
CA GLY O 62 25.43 67.71 4.08
C GLY O 62 25.15 66.28 3.61
N VAL O 63 24.58 66.16 2.42
CA VAL O 63 24.35 64.85 1.84
C VAL O 63 25.66 64.12 1.62
N TYR O 64 26.68 64.83 1.15
CA TYR O 64 28.00 64.22 0.97
C TYR O 64 28.57 63.74 2.31
N GLU O 65 28.35 64.51 3.36
CA GLU O 65 28.90 64.16 4.67
C GLU O 65 28.18 62.97 5.31
N ALA O 66 26.90 62.81 4.96
CA ALA O 66 26.08 61.73 5.49
C ALA O 66 26.46 60.43 4.80
N VAL O 67 26.58 60.49 3.48
CA VAL O 67 27.02 59.33 2.73
C VAL O 67 28.39 58.90 3.22
N GLU O 68 29.28 59.84 3.44
CA GLU O 68 30.64 59.51 3.84
C GLU O 68 30.66 58.91 5.24
N SER O 69 29.76 59.38 6.09
CA SER O 69 29.66 58.86 7.44
C SER O 69 29.11 57.43 7.41
N LEU O 70 28.14 57.17 6.54
CA LEU O 70 27.58 55.84 6.45
C LEU O 70 28.61 54.87 5.89
N LYS O 71 29.44 55.32 4.95
CA LYS O 71 30.48 54.45 4.40
C LYS O 71 31.41 54.00 5.50
N ARG O 72 31.66 54.86 6.46
CA ARG O 72 32.57 54.51 7.54
C ARG O 72 31.87 53.65 8.59
N ASN O 73 30.65 54.05 8.98
CA ASN O 73 29.96 53.41 10.12
C ASN O 73 29.04 52.25 9.76
N LYS O 74 28.55 52.25 8.51
CA LYS O 74 27.71 51.18 7.98
C LYS O 74 26.24 51.20 8.51
N ILE O 75 26.05 51.71 9.72
CA ILE O 75 24.70 51.78 10.31
C ILE O 75 24.26 53.24 10.61
N GLY O 76 23.00 53.55 10.36
CA GLY O 76 22.51 54.91 10.51
C GLY O 76 21.12 54.95 11.10
N LEU O 77 20.84 56.03 11.84
CA LEU O 77 19.50 56.34 12.33
C LEU O 77 19.13 57.72 11.77
N LYS O 78 17.98 57.80 11.13
CA LYS O 78 17.64 58.94 10.32
C LYS O 78 16.24 59.43 10.64
N GLY O 79 16.11 60.75 10.87
CA GLY O 79 14.86 61.39 11.19
C GLY O 79 14.15 61.84 9.93
N LEU O 80 13.29 62.85 10.04
CA LEU O 80 12.50 63.27 8.89
C LEU O 80 12.77 64.68 8.43
N TRP O 81 12.55 64.91 7.14
CA TRP O 81 12.19 66.22 6.63
C TRP O 81 10.76 66.12 6.16
N HIS O 82 9.95 67.09 6.55
CA HIS O 82 8.56 67.06 6.14
C HIS O 82 8.32 67.92 4.89
N THR O 83 9.35 67.98 4.04
CA THR O 83 9.21 68.44 2.67
C THR O 83 8.55 67.29 1.91
N PRO O 84 7.87 67.58 0.81
CA PRO O 84 7.25 66.50 0.03
C PRO O 84 8.30 65.51 -0.55
N ALA O 85 9.50 66.01 -0.83
CA ALA O 85 10.59 65.17 -1.35
C ALA O 85 10.98 64.00 -0.41
N ASP O 86 11.35 64.31 0.84
CA ASP O 86 11.72 63.25 1.80
C ASP O 86 10.62 62.18 2.04
N GLN O 87 9.36 62.61 2.07
CA GLN O 87 8.23 61.71 2.32
C GLN O 87 7.94 60.72 1.18
N THR O 88 8.38 61.05 -0.04
CA THR O 88 8.13 60.19 -1.21
C THR O 88 9.32 59.30 -1.61
N GLY O 89 10.50 59.61 -1.07
CA GLY O 89 11.71 58.85 -1.34
C GLY O 89 12.68 59.53 -2.30
N HIS O 90 12.36 60.77 -2.67
CA HIS O 90 13.25 61.54 -3.53
C HIS O 90 14.02 62.58 -2.72
N GLY O 91 14.61 63.54 -3.41
CA GLY O 91 15.40 64.52 -2.67
C GLY O 91 16.79 63.96 -2.41
N SER O 92 17.77 64.84 -2.38
CA SER O 92 19.17 64.45 -2.49
C SER O 92 19.65 63.30 -1.59
N LEU O 93 19.19 63.25 -0.34
CA LEU O 93 19.68 62.27 0.61
C LEU O 93 19.27 60.87 0.15
N ASN O 94 17.97 60.70 -0.06
CA ASN O 94 17.42 59.41 -0.48
C ASN O 94 18.00 58.91 -1.79
N VAL O 95 18.31 59.80 -2.72
CA VAL O 95 18.86 59.29 -3.98
C VAL O 95 20.33 58.93 -3.76
N ALA O 96 21.03 59.67 -2.91
CA ALA O 96 22.41 59.32 -2.59
C ALA O 96 22.47 57.92 -1.93
N LEU O 97 21.59 57.68 -0.96
CA LEU O 97 21.56 56.43 -0.25
C LEU O 97 21.25 55.29 -1.23
N ARG O 98 20.43 55.60 -2.22
CA ARG O 98 20.06 54.58 -3.19
C ARG O 98 21.08 54.39 -4.34
N LYS O 99 21.64 55.48 -4.88
CA LYS O 99 22.64 55.40 -5.95
C LYS O 99 24.04 55.05 -5.45
N GLN O 100 24.50 55.72 -4.40
CA GLN O 100 25.86 55.51 -3.93
C GLN O 100 26.01 54.35 -2.96
N LEU O 101 25.00 54.11 -2.14
CA LEU O 101 25.12 53.05 -1.14
C LEU O 101 24.38 51.77 -1.58
N ASP O 102 23.65 51.86 -2.69
CA ASP O 102 22.88 50.74 -3.16
C ASP O 102 22.03 50.12 -2.03
N ILE O 103 21.31 50.95 -1.30
CA ILE O 103 20.35 50.47 -0.34
C ILE O 103 19.03 50.21 -1.05
N TYR O 104 18.70 48.93 -1.21
CA TYR O 104 17.69 48.55 -2.21
C TYR O 104 16.38 48.08 -1.63
N ALA O 105 16.32 47.92 -0.31
CA ALA O 105 15.14 47.35 0.29
C ALA O 105 14.62 48.21 1.41
N ASN O 106 13.40 48.70 1.23
CA ASN O 106 12.73 49.45 2.26
C ASN O 106 11.73 48.55 2.99
N VAL O 107 11.83 48.47 4.31
CA VAL O 107 10.91 47.70 5.11
C VAL O 107 10.09 48.57 6.05
N ALA O 108 8.77 48.38 6.04
CA ALA O 108 7.88 49.05 6.99
C ALA O 108 7.05 48.04 7.81
N LEU O 109 7.04 48.23 9.13
CA LEU O 109 6.33 47.32 10.01
C LEU O 109 5.02 47.94 10.54
N PHE O 110 3.90 47.33 10.17
CA PHE O 110 2.62 47.80 10.64
C PHE O 110 2.00 46.86 11.66
N LYS O 111 2.46 46.97 12.90
CA LYS O 111 1.84 46.26 14.01
C LYS O 111 0.89 47.18 14.85
N SER O 112 -0.35 46.72 15.06
CA SER O 112 -1.31 47.41 15.91
C SER O 112 -0.80 47.48 17.36
N LEU O 113 -1.07 48.60 18.04
CA LEU O 113 -0.59 48.79 19.41
C LEU O 113 -1.68 48.63 20.44
N LYS O 114 -1.32 48.10 21.61
CA LYS O 114 -2.31 47.72 22.63
C LYS O 114 -3.30 48.82 23.03
N GLY O 115 -2.83 50.03 23.30
CA GLY O 115 -3.73 51.08 23.71
C GLY O 115 -4.15 52.12 22.67
N VAL O 116 -4.31 51.72 21.41
CA VAL O 116 -4.70 52.68 20.36
C VAL O 116 -6.03 52.32 19.69
N LYS O 117 -7.00 53.21 19.82
CA LYS O 117 -8.31 53.03 19.23
C LYS O 117 -8.25 52.99 17.70
N THR O 118 -8.45 51.80 17.15
CA THR O 118 -8.46 51.61 15.68
C THR O 118 -9.73 50.89 15.22
N ARG O 119 -10.18 51.24 14.03
CA ARG O 119 -11.40 50.68 13.49
C ARG O 119 -11.28 49.17 13.19
N ILE O 120 -10.07 48.73 12.84
CA ILE O 120 -9.79 47.29 12.70
C ILE O 120 -8.63 46.90 13.61
N PRO O 121 -8.88 45.96 14.51
CA PRO O 121 -7.93 45.58 15.57
C PRO O 121 -6.89 44.56 15.10
N ASP O 122 -5.81 44.46 15.87
CA ASP O 122 -4.83 43.37 15.74
C ASP O 122 -4.27 43.18 14.34
N ILE O 123 -3.61 44.22 13.85
CA ILE O 123 -3.03 44.17 12.54
C ILE O 123 -1.57 43.79 12.64
N ASP O 124 -1.10 42.99 11.69
CA ASP O 124 0.31 42.65 11.67
C ASP O 124 0.85 42.38 10.28
N LEU O 125 1.08 43.45 9.51
CA LEU O 125 1.65 43.27 8.20
C LEU O 125 2.97 43.99 8.02
N ILE O 126 3.73 43.49 7.07
CA ILE O 126 5.05 43.96 6.73
C ILE O 126 5.03 44.26 5.25
N VAL O 127 5.44 45.48 4.89
CA VAL O 127 5.51 45.85 3.49
C VAL O 127 6.99 46.01 3.14
N ILE O 128 7.46 45.28 2.13
CA ILE O 128 8.85 45.36 1.69
C ILE O 128 8.81 45.90 0.27
N ARG O 129 9.54 46.99 0.02
CA ARG O 129 9.46 47.62 -1.29
C ARG O 129 10.80 47.84 -1.94
N GLU O 130 10.85 47.60 -3.24
CA GLU O 130 12.09 47.74 -3.99
C GLU O 130 12.44 49.22 -4.09
N ASN O 131 13.69 49.54 -3.87
CA ASN O 131 14.06 50.93 -3.75
C ASN O 131 15.09 51.49 -4.76
N THR O 132 15.33 50.84 -5.90
CA THR O 132 16.40 51.36 -6.79
C THR O 132 15.97 51.53 -8.23
N GLU O 133 14.76 51.10 -8.52
CA GLU O 133 14.34 50.94 -9.91
C GLU O 133 12.93 51.49 -10.03
N GLY O 134 12.30 51.25 -11.17
CA GLY O 134 10.98 51.77 -11.42
C GLY O 134 10.90 53.28 -11.25
N GLU O 135 10.07 53.69 -10.30
CA GLU O 135 9.86 55.09 -9.99
C GLU O 135 11.18 55.83 -9.72
N PHE O 136 12.15 55.15 -9.13
CA PHE O 136 13.41 55.79 -8.71
C PHE O 136 14.57 55.82 -9.73
N SER O 137 14.34 55.40 -10.96
CA SER O 137 15.43 55.34 -11.93
C SER O 137 14.93 55.67 -13.32
N GLY O 138 13.74 56.26 -13.41
CA GLY O 138 13.23 56.55 -14.74
C GLY O 138 14.02 57.52 -15.62
N LEU O 139 13.30 58.03 -16.63
CA LEU O 139 13.70 59.21 -17.37
C LEU O 139 12.37 59.80 -17.75
N GLU O 140 12.25 61.11 -17.65
CA GLU O 140 11.06 61.77 -18.14
C GLU O 140 11.45 62.92 -19.05
N HIS O 141 10.70 63.10 -20.12
CA HIS O 141 11.00 64.20 -21.01
C HIS O 141 9.74 64.75 -21.64
N GLU O 142 9.82 66.05 -21.94
CA GLU O 142 8.80 66.72 -22.75
C GLU O 142 9.47 67.13 -24.05
N SER O 143 9.27 66.34 -25.11
CA SER O 143 10.01 66.56 -26.34
C SER O 143 9.18 67.33 -27.38
N VAL O 144 7.88 67.10 -27.38
CA VAL O 144 6.97 68.02 -28.05
C VAL O 144 6.10 68.66 -26.97
N PRO O 145 5.84 69.96 -27.10
CA PRO O 145 5.14 70.71 -26.05
C PRO O 145 3.77 70.12 -25.68
N GLY O 146 3.51 69.95 -24.38
CA GLY O 146 2.26 69.40 -23.91
C GLY O 146 2.22 67.87 -23.88
N VAL O 147 3.37 67.22 -24.10
CA VAL O 147 3.43 65.77 -24.04
C VAL O 147 4.58 65.29 -23.18
N VAL O 148 4.23 64.68 -22.05
CA VAL O 148 5.27 64.11 -21.19
C VAL O 148 5.37 62.58 -21.31
N GLU O 149 6.61 62.10 -21.48
CA GLU O 149 6.84 60.67 -21.65
C GLU O 149 7.74 60.12 -20.54
N SER O 150 7.34 59.00 -19.96
CA SER O 150 8.13 58.32 -18.92
C SER O 150 8.72 57.04 -19.47
N LEU O 151 9.99 56.81 -19.13
CA LEU O 151 10.66 55.58 -19.50
C LEU O 151 11.22 54.94 -18.25
N LYS O 152 10.60 53.86 -17.79
CA LYS O 152 11.01 53.18 -16.55
C LYS O 152 11.51 51.76 -16.82
N VAL O 153 12.47 51.28 -16.03
CA VAL O 153 12.93 49.89 -16.18
C VAL O 153 12.64 48.99 -14.98
N MET O 154 12.44 47.71 -15.28
CA MET O 154 12.27 46.67 -14.29
C MET O 154 13.25 45.60 -14.78
N THR O 155 14.20 45.19 -13.93
CA THR O 155 15.21 44.22 -14.35
C THR O 155 15.26 43.01 -13.47
N ARG O 156 15.65 41.87 -14.05
CA ARG O 156 15.58 40.61 -13.31
C ARG O 156 16.54 40.53 -12.12
N PRO O 157 17.78 40.98 -12.29
CA PRO O 157 18.67 40.97 -11.10
C PRO O 157 18.16 41.82 -9.92
N LYS O 158 17.64 43.02 -10.18
CA LYS O 158 17.07 43.81 -9.09
C LYS O 158 15.87 43.14 -8.47
N THR O 159 15.03 42.50 -9.29
CA THR O 159 13.87 41.87 -8.69
C THR O 159 14.20 40.54 -7.96
N GLU O 160 15.25 39.85 -8.40
CA GLU O 160 15.74 38.69 -7.68
C GLU O 160 16.24 39.05 -6.28
N ARG O 161 17.04 40.11 -6.17
CA ARG O 161 17.49 40.64 -4.87
C ARG O 161 16.34 40.88 -3.92
N ILE O 162 15.32 41.59 -4.39
CA ILE O 162 14.23 41.99 -3.53
C ILE O 162 13.41 40.79 -3.12
N ALA O 163 13.25 39.84 -4.05
CA ALA O 163 12.65 38.52 -3.73
C ALA O 163 13.37 37.80 -2.62
N ARG O 164 14.68 37.59 -2.77
CA ARG O 164 15.44 36.88 -1.75
C ARG O 164 15.44 37.61 -0.44
N PHE O 165 15.55 38.94 -0.51
CA PHE O 165 15.46 39.77 0.68
C PHE O 165 14.15 39.51 1.43
N ALA O 166 13.03 39.56 0.71
CA ALA O 166 11.73 39.36 1.32
C ALA O 166 11.59 37.95 1.95
N PHE O 167 11.99 36.92 1.21
CA PHE O 167 11.94 35.55 1.70
C PHE O 167 12.88 35.32 2.88
N ASP O 168 14.10 35.84 2.79
CA ASP O 168 15.04 35.76 3.91
C ASP O 168 14.49 36.41 5.16
N PHE O 169 13.65 37.44 4.97
CA PHE O 169 13.11 38.22 6.06
C PHE O 169 11.97 37.45 6.70
N ALA O 170 11.12 36.88 5.85
CA ALA O 170 10.07 35.98 6.30
C ALA O 170 10.63 34.84 7.17
N LYS O 171 11.66 34.17 6.66
CA LYS O 171 12.35 33.10 7.37
C LYS O 171 12.83 33.59 8.74
N LYS O 172 13.51 34.72 8.77
CA LYS O 172 14.16 35.17 10.00
C LYS O 172 13.15 35.56 11.07
N TYR O 173 12.01 36.08 10.66
CA TYR O 173 11.05 36.55 11.64
C TYR O 173 9.80 35.67 11.68
N ASN O 174 9.96 34.44 11.21
CA ASN O 174 8.90 33.44 11.25
C ASN O 174 7.58 33.92 10.71
N ARG O 175 7.63 34.56 9.56
CA ARG O 175 6.42 34.88 8.82
C ARG O 175 6.16 33.73 7.87
N LYS O 176 4.89 33.47 7.56
CA LYS O 176 4.56 32.26 6.81
C LYS O 176 4.04 32.53 5.41
N SER O 177 3.73 33.78 5.13
CA SER O 177 3.20 34.17 3.82
C SER O 177 3.93 35.36 3.21
N VAL O 178 4.30 35.21 1.95
CA VAL O 178 4.85 36.29 1.17
C VAL O 178 3.97 36.50 -0.07
N THR O 179 3.37 37.67 -0.19
CA THR O 179 2.55 37.97 -1.36
C THR O 179 3.22 39.04 -2.22
N ALA O 180 3.42 38.76 -3.51
CA ALA O 180 3.90 39.75 -4.45
C ALA O 180 2.75 40.59 -4.96
N VAL O 181 2.89 41.91 -4.85
CA VAL O 181 1.86 42.85 -5.30
C VAL O 181 2.31 43.48 -6.60
N HIS O 182 1.50 43.43 -7.63
CA HIS O 182 1.94 43.83 -8.96
C HIS O 182 0.73 44.22 -9.82
N LYS O 183 1.00 44.69 -11.03
CA LYS O 183 -0.06 45.03 -11.97
C LYS O 183 0.16 44.27 -13.28
N ALA O 184 0.36 42.96 -13.18
CA ALA O 184 0.67 42.16 -14.39
C ALA O 184 -0.49 42.02 -15.41
N ASN O 185 -1.71 42.34 -14.98
CA ASN O 185 -2.87 42.29 -15.86
C ASN O 185 -2.76 43.31 -17.00
N ILE O 186 -2.13 44.44 -16.72
CA ILE O 186 -1.94 45.49 -17.72
C ILE O 186 -0.48 45.53 -18.24
N MET O 187 0.48 45.62 -17.32
CA MET O 187 1.91 45.56 -17.65
C MET O 187 2.34 44.09 -17.67
N LYS O 188 1.92 43.36 -18.69
CA LYS O 188 2.08 41.92 -18.73
C LYS O 188 3.55 41.50 -18.73
N LEU O 189 4.39 42.35 -19.31
CA LEU O 189 5.81 42.07 -19.46
C LEU O 189 6.58 42.38 -18.17
N GLY O 190 6.53 43.64 -17.74
CA GLY O 190 7.34 44.15 -16.65
C GLY O 190 6.87 43.68 -15.29
N ASP O 191 5.57 43.75 -15.05
CA ASP O 191 5.03 43.33 -13.77
C ASP O 191 4.79 41.83 -13.80
N GLY O 192 4.75 41.27 -15.02
CA GLY O 192 4.71 39.85 -15.20
C GLY O 192 6.03 39.26 -14.73
N LEU O 193 7.12 39.88 -15.17
CA LEU O 193 8.47 39.50 -14.74
C LEU O 193 8.54 39.45 -13.22
N PHE O 194 8.05 40.51 -12.60
CA PHE O 194 8.05 40.65 -11.15
C PHE O 194 7.33 39.50 -10.48
N ARG O 195 6.07 39.28 -10.86
CA ARG O 195 5.25 38.22 -10.29
C ARG O 195 5.93 36.85 -10.44
N ASN O 196 6.41 36.58 -11.64
CA ASN O 196 7.07 35.31 -11.94
C ASN O 196 8.33 35.07 -11.13
N ILE O 197 9.25 36.02 -11.13
CA ILE O 197 10.46 35.85 -10.38
C ILE O 197 10.18 35.61 -8.89
N ILE O 198 9.22 36.35 -8.32
CA ILE O 198 8.95 36.18 -6.90
C ILE O 198 8.41 34.78 -6.66
N THR O 199 7.45 34.33 -7.47
CA THR O 199 6.86 33.01 -7.27
C THR O 199 7.83 31.85 -7.54
N GLU O 200 8.73 31.98 -8.51
CA GLU O 200 9.74 30.97 -8.78
C GLU O 200 10.75 30.82 -7.66
N ILE O 201 11.29 31.94 -7.20
CA ILE O 201 12.27 31.92 -6.12
C ILE O 201 11.62 31.36 -4.88
N GLY O 202 10.31 31.50 -4.79
CA GLY O 202 9.57 30.95 -3.66
C GLY O 202 9.53 29.44 -3.65
N GLN O 203 9.21 28.85 -4.80
CA GLN O 203 9.02 27.42 -4.94
C GLN O 203 10.32 26.65 -4.93
N LYS O 204 11.34 27.17 -5.59
CA LYS O 204 12.65 26.53 -5.60
C LYS O 204 13.51 26.77 -4.36
N GLU O 205 13.50 27.97 -3.78
CA GLU O 205 14.47 28.26 -2.71
C GLU O 205 13.86 28.37 -1.33
N TYR O 206 12.55 28.52 -1.23
CA TYR O 206 11.90 28.75 0.07
C TYR O 206 10.56 28.01 0.11
N PRO O 207 10.61 26.68 0.21
CA PRO O 207 9.39 25.89 0.04
C PRO O 207 8.49 25.98 1.26
N ASP O 208 9.08 26.17 2.43
CA ASP O 208 8.37 26.29 3.70
C ASP O 208 7.54 27.57 3.80
N ILE O 209 7.68 28.45 2.80
CA ILE O 209 6.96 29.70 2.77
C ILE O 209 5.92 29.77 1.67
N ASP O 210 4.70 30.18 2.04
CA ASP O 210 3.61 30.34 1.07
C ASP O 210 3.81 31.58 0.19
N VAL O 211 3.92 31.37 -1.10
CA VAL O 211 4.01 32.46 -2.06
C VAL O 211 2.65 32.66 -2.66
N SER O 212 2.35 33.89 -3.08
CA SER O 212 1.06 34.22 -3.70
C SER O 212 1.18 35.53 -4.46
N SER O 213 0.13 35.87 -5.19
CA SER O 213 0.16 37.05 -6.04
C SER O 213 -1.15 37.77 -5.89
N ILE O 214 -1.10 39.10 -6.01
CA ILE O 214 -2.33 39.85 -5.97
C ILE O 214 -2.14 41.09 -6.81
N ILE O 215 -3.14 41.38 -7.62
CA ILE O 215 -3.12 42.59 -8.42
C ILE O 215 -3.28 43.78 -7.47
N VAL O 216 -2.58 44.87 -7.75
CA VAL O 216 -2.39 45.94 -6.76
C VAL O 216 -3.70 46.65 -6.41
N ASP O 217 -4.57 46.83 -7.40
CA ASP O 217 -5.86 47.45 -7.12
C ASP O 217 -6.71 46.61 -6.18
N ASN O 218 -6.78 45.31 -6.46
CA ASN O 218 -7.42 44.37 -5.56
C ASN O 218 -6.76 44.35 -4.17
N ALA O 219 -5.45 44.50 -4.11
CA ALA O 219 -4.74 44.49 -2.82
C ALA O 219 -5.11 45.70 -1.99
N SER O 220 -5.30 46.84 -2.66
CA SER O 220 -5.72 48.06 -1.97
C SER O 220 -7.08 47.83 -1.30
N MET O 221 -8.03 47.34 -2.09
CA MET O 221 -9.36 47.06 -1.59
C MET O 221 -9.29 46.09 -0.43
N GLN O 222 -8.59 44.99 -0.67
CA GLN O 222 -8.42 43.95 0.32
C GLN O 222 -7.73 44.46 1.59
N ALA O 223 -6.83 45.42 1.46
CA ALA O 223 -6.08 45.91 2.62
C ALA O 223 -6.92 46.77 3.57
N VAL O 224 -7.84 47.57 3.03
CA VAL O 224 -8.68 48.38 3.91
C VAL O 224 -9.88 47.60 4.46
N ALA O 225 -10.29 46.56 3.73
CA ALA O 225 -11.45 45.76 4.13
C ALA O 225 -11.11 44.53 4.99
N LYS O 226 -10.08 43.78 4.61
CA LYS O 226 -9.69 42.55 5.34
C LYS O 226 -8.15 42.38 5.43
N PRO O 227 -7.50 43.27 6.19
CA PRO O 227 -6.05 43.32 6.36
C PRO O 227 -5.41 42.03 6.90
N HIS O 228 -6.23 41.15 7.50
CA HIS O 228 -5.68 40.05 8.26
C HIS O 228 -5.18 38.92 7.37
N GLN O 229 -5.69 38.88 6.15
CA GLN O 229 -5.30 37.88 5.18
C GLN O 229 -3.85 38.04 4.70
N PHE O 230 -3.27 39.21 4.93
CA PHE O 230 -1.91 39.48 4.49
C PHE O 230 -0.88 39.25 5.57
N ASP O 231 0.34 38.98 5.13
CA ASP O 231 1.44 38.78 6.05
C ASP O 231 2.62 39.67 5.62
N VAL O 232 3.43 39.20 4.68
CA VAL O 232 4.49 40.02 4.11
C VAL O 232 4.15 40.37 2.67
N LEU O 233 4.06 41.65 2.38
CA LEU O 233 3.83 42.12 1.01
C LEU O 233 5.15 42.58 0.38
N VAL O 234 5.43 42.15 -0.85
CA VAL O 234 6.62 42.60 -1.57
C VAL O 234 6.15 43.30 -2.82
N THR O 235 6.60 44.54 -3.03
CA THR O 235 6.12 45.33 -4.16
C THR O 235 7.20 46.16 -4.80
N PRO O 236 7.01 46.48 -6.07
CA PRO O 236 7.86 47.46 -6.77
C PRO O 236 7.77 48.80 -6.08
N SER O 237 8.68 49.71 -6.43
CA SER O 237 8.69 51.08 -5.88
C SER O 237 7.33 51.76 -5.93
N MET O 238 6.67 51.70 -7.09
CA MET O 238 5.48 52.51 -7.33
C MET O 238 4.26 52.23 -6.48
N TYR O 239 4.12 50.99 -5.99
CA TYR O 239 2.92 50.65 -5.21
C TYR O 239 3.16 50.61 -3.73
N GLY O 240 4.41 50.81 -3.31
CA GLY O 240 4.78 50.56 -1.93
C GLY O 240 4.30 51.69 -1.06
N THR O 241 4.37 52.89 -1.60
CA THR O 241 3.95 54.10 -0.90
C THR O 241 2.45 54.02 -0.60
N ILE O 242 1.66 53.63 -1.60
CA ILE O 242 0.22 53.46 -1.42
C ILE O 242 -0.12 52.39 -0.40
N LEU O 243 0.45 51.18 -0.55
CA LEU O 243 0.22 50.13 0.44
C LEU O 243 0.65 50.53 1.83
N GLY O 244 1.77 51.21 1.94
CA GLY O 244 2.24 51.61 3.24
C GLY O 244 1.35 52.65 3.92
N ASN O 245 0.69 53.49 3.14
CA ASN O 245 -0.15 54.49 3.78
C ASN O 245 -1.46 53.91 4.28
N ILE O 246 -1.99 52.90 3.57
CA ILE O 246 -3.12 52.14 4.07
C ILE O 246 -2.71 51.48 5.38
N GLY O 247 -1.52 50.90 5.37
CA GLY O 247 -0.94 50.30 6.57
C GLY O 247 -0.88 51.25 7.74
N ALA O 248 -0.40 52.47 7.48
CA ALA O 248 -0.29 53.47 8.53
C ALA O 248 -1.66 53.86 9.09
N ALA O 249 -2.61 54.16 8.21
CA ALA O 249 -3.96 54.44 8.66
C ALA O 249 -4.53 53.28 9.53
N LEU O 250 -4.36 52.04 9.07
CA LEU O 250 -4.91 50.87 9.77
C LEU O 250 -4.51 50.74 11.23
N ILE O 251 -3.31 51.20 11.59
CA ILE O 251 -2.82 51.04 12.96
C ILE O 251 -2.82 52.33 13.80
N GLY O 252 -3.35 53.42 13.24
CA GLY O 252 -3.47 54.68 13.95
C GLY O 252 -2.53 55.82 13.57
N GLY O 253 -1.92 55.73 12.39
CA GLY O 253 -1.12 56.82 11.87
C GLY O 253 0.37 56.57 11.78
N PRO O 254 1.04 57.42 11.00
CA PRO O 254 2.46 57.34 10.63
C PRO O 254 3.36 57.35 11.88
N GLY O 255 2.87 57.94 12.96
CA GLY O 255 3.65 58.06 14.19
C GLY O 255 3.94 56.75 14.89
N LEU O 256 3.35 55.66 14.37
CA LEU O 256 3.44 54.37 15.03
C LEU O 256 4.16 53.30 14.21
N VAL O 257 4.72 53.70 13.08
CA VAL O 257 5.26 52.79 12.07
C VAL O 257 6.78 52.70 12.04
N ALA O 258 7.34 51.58 12.50
CA ALA O 258 8.79 51.37 12.44
C ALA O 258 9.24 51.09 11.02
N GLY O 259 10.51 51.30 10.72
CA GLY O 259 10.99 51.17 9.36
C GLY O 259 12.48 50.93 9.34
N ALA O 260 12.95 50.36 8.23
CA ALA O 260 14.37 50.10 8.04
C ALA O 260 14.66 49.99 6.55
N ASN O 261 15.89 50.36 6.19
CA ASN O 261 16.33 50.34 4.81
C ASN O 261 17.65 49.58 4.74
N PHE O 262 17.69 48.55 3.89
CA PHE O 262 18.87 47.72 3.80
C PHE O 262 19.48 47.70 2.43
N GLY O 263 20.81 47.66 2.43
CA GLY O 263 21.61 47.30 1.28
C GLY O 263 22.46 46.12 1.70
N ARG O 264 23.36 45.68 0.83
CA ARG O 264 24.25 44.60 1.23
C ARG O 264 25.13 45.03 2.42
N ASP O 265 25.75 46.21 2.32
CA ASP O 265 26.75 46.58 3.29
C ASP O 265 26.24 47.57 4.32
N TYR O 266 25.06 48.15 4.07
CA TYR O 266 24.61 49.29 4.87
C TYR O 266 23.21 49.08 5.35
N ALA O 267 22.86 49.72 6.45
CA ALA O 267 21.51 49.70 6.94
C ALA O 267 21.22 51.06 7.54
N VAL O 268 20.07 51.62 7.17
CA VAL O 268 19.63 52.89 7.72
C VAL O 268 18.23 52.75 8.31
N PHE O 269 18.07 53.05 9.59
CA PHE O 269 16.78 52.92 10.24
C PHE O 269 16.03 54.23 10.34
N GLU O 270 14.72 54.20 10.12
CA GLU O 270 13.93 55.41 10.02
C GLU O 270 12.44 55.07 9.95
N PRO O 271 11.58 55.96 10.47
CA PRO O 271 10.12 55.73 10.45
C PRO O 271 9.67 55.30 9.07
N GLY O 272 8.79 54.32 9.04
CA GLY O 272 8.46 53.64 7.80
C GLY O 272 7.44 54.34 6.96
N SER O 273 6.82 55.39 7.49
CA SER O 273 5.85 56.15 6.70
C SER O 273 6.30 57.56 6.35
N ARG O 274 7.50 57.93 6.80
CA ARG O 274 8.03 59.26 6.55
C ARG O 274 7.14 60.34 7.16
N HIS O 275 6.35 59.93 8.16
CA HIS O 275 5.46 60.84 8.90
C HIS O 275 4.53 61.65 8.01
N VAL O 276 3.89 61.00 7.03
CA VAL O 276 3.00 61.71 6.11
C VAL O 276 2.14 62.83 6.79
N GLY O 277 1.23 62.46 7.69
CA GLY O 277 0.54 63.43 8.58
C GLY O 277 1.46 63.72 9.77
N LYS O 281 1.41 70.50 12.97
CA LYS O 281 2.56 70.89 13.79
C LYS O 281 2.32 71.91 14.93
N GLY O 282 3.31 71.93 15.83
CA GLY O 282 3.39 72.76 17.02
C GLY O 282 4.69 72.33 17.67
N GLN O 283 5.12 73.00 18.74
CA GLN O 283 6.36 72.64 19.43
C GLN O 283 6.13 71.48 20.40
N ASN O 284 7.06 70.54 20.41
CA ASN O 284 7.03 69.43 21.36
C ASN O 284 5.72 68.63 21.44
N VAL O 285 5.09 68.38 20.28
CA VAL O 285 3.83 67.62 20.25
C VAL O 285 3.88 66.30 19.45
N ALA O 286 4.92 66.10 18.66
CA ALA O 286 5.02 64.96 17.75
C ALA O 286 5.21 63.61 18.44
N ASN O 287 4.63 62.55 17.86
CA ASN O 287 4.82 61.20 18.39
C ASN O 287 6.18 60.63 18.04
N PRO O 288 7.01 60.31 19.05
CA PRO O 288 8.35 59.77 18.81
C PRO O 288 8.36 58.24 18.64
N THR O 289 7.20 57.59 18.72
CA THR O 289 7.11 56.13 18.76
C THR O 289 7.79 55.44 17.56
N ALA O 290 7.48 55.92 16.36
CA ALA O 290 8.05 55.35 15.14
C ALA O 290 9.57 55.42 15.14
N MET O 291 10.11 56.56 15.57
CA MET O 291 11.54 56.73 15.66
C MET O 291 12.14 55.80 16.69
N ILE O 292 11.47 55.65 17.83
CA ILE O 292 11.99 54.83 18.91
C ILE O 292 11.98 53.35 18.52
N LEU O 293 10.85 52.89 17.96
CA LEU O 293 10.72 51.53 17.46
C LEU O 293 11.73 51.20 16.34
N SER O 294 11.94 52.16 15.44
CA SER O 294 12.97 52.02 14.43
C SER O 294 14.30 51.88 15.12
N SER O 295 14.46 52.64 16.18
CA SER O 295 15.64 52.60 17.00
C SER O 295 15.92 51.21 17.52
N THR O 296 14.87 50.45 17.82
CA THR O 296 15.04 49.12 18.38
C THR O 296 15.35 48.08 17.29
N LEU O 297 14.74 48.22 16.11
CA LEU O 297 15.18 47.47 14.95
C LEU O 297 16.71 47.62 14.79
N MET O 298 17.22 48.84 14.92
CA MET O 298 18.64 49.05 14.81
C MET O 298 19.43 48.33 15.91
N LEU O 299 18.88 48.33 17.13
CA LEU O 299 19.51 47.61 18.23
C LEU O 299 19.63 46.10 17.95
N ASN O 300 18.50 45.48 17.58
CA ASN O 300 18.49 44.11 17.10
C ASN O 300 19.61 43.84 16.10
N HIS O 301 19.70 44.70 15.10
CA HIS O 301 20.65 44.49 14.03
C HIS O 301 22.05 44.58 14.53
N LEU O 302 22.29 45.44 15.50
CA LEU O 302 23.65 45.63 16.00
C LEU O 302 24.06 44.49 16.92
N GLY O 303 23.10 43.63 17.27
CA GLY O 303 23.39 42.52 18.17
C GLY O 303 23.13 42.81 19.64
N LEU O 304 22.79 44.06 19.95
CA LEU O 304 22.38 44.42 21.31
C LEU O 304 21.07 43.70 21.57
N ASN O 305 19.97 44.43 21.63
CA ASN O 305 18.64 43.76 21.58
C ASN O 305 18.11 43.13 22.88
N GLU O 306 18.97 42.99 23.89
CA GLU O 306 18.49 42.89 25.25
C GLU O 306 17.95 44.27 25.55
N TYR O 307 18.77 45.28 25.26
CA TYR O 307 18.34 46.66 25.30
C TYR O 307 17.11 46.93 24.43
N ALA O 308 17.01 46.24 23.30
CA ALA O 308 15.87 46.47 22.40
C ALA O 308 14.57 45.94 22.99
N THR O 309 14.65 44.81 23.70
CA THR O 309 13.46 44.18 24.25
C THR O 309 12.90 45.07 25.34
N ARG O 310 13.80 45.62 26.15
CA ARG O 310 13.42 46.51 27.25
C ARG O 310 12.76 47.80 26.76
N ILE O 311 13.43 48.50 25.85
CA ILE O 311 12.92 49.74 25.31
C ILE O 311 11.60 49.50 24.61
N SER O 312 11.47 48.36 23.94
CA SER O 312 10.25 48.04 23.25
C SER O 312 9.10 47.82 24.23
N LYS O 313 9.39 47.16 25.36
CA LYS O 313 8.37 46.85 26.34
C LYS O 313 7.90 48.16 26.99
N ALA O 314 8.89 48.97 27.37
CA ALA O 314 8.60 50.29 27.91
C ALA O 314 7.63 51.09 27.03
N VAL O 315 7.87 51.19 25.72
CA VAL O 315 6.99 52.07 24.96
C VAL O 315 5.62 51.45 24.75
N HIS O 316 5.57 50.12 24.68
CA HIS O 316 4.28 49.44 24.48
C HIS O 316 3.42 49.58 25.73
N GLU O 317 4.10 49.54 26.88
CA GLU O 317 3.45 49.65 28.18
C GLU O 317 2.94 51.07 28.40
N THR O 318 3.81 52.04 28.12
CA THR O 318 3.45 53.45 28.21
C THR O 318 2.24 53.82 27.33
N ILE O 319 2.17 53.29 26.10
CA ILE O 319 1.05 53.68 25.26
C ILE O 319 -0.23 52.89 25.60
N ALA O 320 -0.03 51.72 26.21
CA ALA O 320 -1.14 50.86 26.64
C ALA O 320 -2.00 51.52 27.74
N GLU O 321 -1.32 52.14 28.71
CA GLU O 321 -1.99 52.97 29.71
C GLU O 321 -2.14 54.39 29.15
N GLY O 322 -3.38 54.81 28.92
CA GLY O 322 -3.65 56.07 28.23
C GLY O 322 -3.05 57.36 28.79
N LYS O 323 -2.25 57.24 29.86
CA LYS O 323 -1.61 58.37 30.53
C LYS O 323 -0.27 58.68 29.89
N HIS O 324 0.00 59.98 29.67
CA HIS O 324 1.29 60.44 29.10
C HIS O 324 1.44 60.20 27.60
N THR O 325 0.41 59.61 27.02
CA THR O 325 0.33 59.42 25.59
C THR O 325 0.32 60.75 24.85
N THR O 326 0.89 60.79 23.66
CA THR O 326 1.00 62.03 22.87
C THR O 326 -0.36 62.35 22.17
N ARG O 327 -0.54 63.54 21.60
CA ARG O 327 -1.89 63.99 21.21
C ARG O 327 -2.53 63.31 19.99
N ASP O 328 -1.72 62.64 19.17
CA ASP O 328 -2.22 62.01 17.94
C ASP O 328 -2.87 60.63 18.16
N ILE O 329 -2.57 60.01 19.31
CA ILE O 329 -3.23 58.76 19.67
C ILE O 329 -4.16 58.99 20.87
N GLY O 330 -4.66 60.22 20.99
CA GLY O 330 -5.70 60.55 21.94
C GLY O 330 -5.27 61.06 23.30
N GLY O 331 -3.97 61.17 23.53
CA GLY O 331 -3.46 61.74 24.78
C GLY O 331 -3.35 63.25 24.67
N SER O 332 -2.63 63.86 25.60
CA SER O 332 -2.50 65.32 25.58
C SER O 332 -1.12 65.74 26.04
N SER O 333 -0.25 64.75 26.25
CA SER O 333 1.11 65.02 26.68
C SER O 333 2.06 65.43 25.52
N SER O 334 3.14 66.12 25.90
CA SER O 334 4.17 66.53 24.95
C SER O 334 5.10 65.33 24.66
N THR O 335 5.93 65.45 23.63
CA THR O 335 6.82 64.34 23.28
C THR O 335 7.78 64.10 24.43
N THR O 336 8.14 65.19 25.11
CA THR O 336 9.01 65.15 26.27
C THR O 336 8.40 64.40 27.44
N ASP O 337 7.11 64.60 27.67
CA ASP O 337 6.41 63.91 28.76
C ASP O 337 6.42 62.42 28.51
N PHE O 338 6.08 62.08 27.27
CA PHE O 338 6.02 60.70 26.80
C PHE O 338 7.39 60.06 27.01
N THR O 339 8.45 60.74 26.56
CA THR O 339 9.81 60.22 26.66
C THR O 339 10.16 59.93 28.11
N ASN O 340 9.89 60.90 28.97
CA ASN O 340 10.19 60.77 30.40
C ASN O 340 9.42 59.64 31.08
N GLU O 341 8.17 59.42 30.65
CA GLU O 341 7.38 58.30 31.17
C GLU O 341 8.06 56.98 30.80
N ILE O 342 8.56 56.88 29.57
CA ILE O 342 9.22 55.67 29.09
C ILE O 342 10.49 55.44 29.89
N ILE O 343 11.29 56.48 30.03
CA ILE O 343 12.54 56.39 30.80
C ILE O 343 12.25 55.99 32.24
N ASN O 344 11.12 56.45 32.75
CA ASN O 344 10.70 56.11 34.09
C ASN O 344 10.39 54.60 34.29
N LYS O 345 9.68 53.99 33.35
CA LYS O 345 9.36 52.57 33.45
C LYS O 345 10.63 51.75 33.25
N LEU O 346 11.65 52.39 32.67
CA LEU O 346 12.91 51.73 32.35
C LEU O 346 13.78 51.52 33.60
N SER O 347 13.87 52.56 34.44
CA SER O 347 14.65 52.47 35.67
C SER O 347 14.07 51.47 36.65
N THR O 348 12.75 51.41 36.73
CA THR O 348 12.10 50.44 37.61
C THR O 348 12.06 49.05 36.98
N MET O 349 12.59 48.97 35.76
CA MET O 349 12.74 47.72 35.00
C MET O 349 14.16 47.14 35.16
N THR P 23 -34.87 55.45 -26.47
CA THR P 23 -34.09 54.28 -26.90
C THR P 23 -32.74 54.13 -26.15
N VAL P 24 -32.52 52.94 -25.60
CA VAL P 24 -31.34 52.66 -24.80
C VAL P 24 -30.74 51.29 -25.08
N SER P 25 -29.56 51.24 -25.70
CA SER P 25 -28.84 49.98 -25.95
C SER P 25 -28.61 49.21 -24.64
N PHE P 26 -28.52 47.88 -24.71
CA PHE P 26 -28.33 47.14 -23.48
C PHE P 26 -26.98 46.43 -23.35
N ILE P 27 -26.81 45.29 -24.02
CA ILE P 27 -25.65 44.43 -23.79
C ILE P 27 -25.80 43.75 -22.43
N GLU P 28 -26.57 42.67 -22.39
CA GLU P 28 -26.84 42.01 -21.11
C GLU P 28 -25.62 41.27 -20.57
N GLY P 29 -24.65 41.02 -21.47
CA GLY P 29 -23.45 40.30 -21.10
C GLY P 29 -23.78 38.87 -20.72
N ASP P 30 -22.90 38.24 -19.96
CA ASP P 30 -23.02 36.81 -19.64
C ASP P 30 -22.78 36.49 -18.18
N GLY P 31 -22.69 35.19 -17.86
CA GLY P 31 -22.64 34.76 -16.48
C GLY P 31 -23.94 35.13 -15.79
N ILE P 32 -23.85 35.93 -14.75
CA ILE P 32 -25.04 36.42 -14.05
C ILE P 32 -25.65 37.62 -14.81
N GLY P 33 -25.11 37.89 -16.00
CA GLY P 33 -25.57 39.02 -16.80
C GLY P 33 -27.05 38.99 -17.07
N PRO P 34 -27.52 37.95 -17.77
CA PRO P 34 -28.94 37.78 -18.12
C PRO P 34 -29.90 38.07 -16.96
N GLU P 35 -29.76 37.38 -15.82
CA GLU P 35 -30.70 37.50 -14.69
C GLU P 35 -30.69 38.86 -13.99
N ILE P 36 -29.56 39.54 -14.07
CA ILE P 36 -29.43 40.87 -13.50
C ILE P 36 -30.04 41.89 -14.45
N SER P 37 -29.91 41.65 -15.75
CA SER P 37 -30.54 42.51 -16.76
C SER P 37 -32.06 42.38 -16.68
N LYS P 38 -32.52 41.15 -16.44
CA LYS P 38 -33.94 40.87 -16.31
C LYS P 38 -34.54 41.68 -15.17
N SER P 39 -33.84 41.72 -14.04
CA SER P 39 -34.29 42.48 -12.89
C SER P 39 -34.40 43.99 -13.15
N VAL P 40 -33.52 44.51 -14.00
CA VAL P 40 -33.49 45.95 -14.28
C VAL P 40 -34.69 46.35 -15.13
N LYS P 41 -35.06 45.47 -16.07
CA LYS P 41 -36.20 45.71 -16.94
C LYS P 41 -37.53 45.65 -16.18
N LYS P 42 -37.63 44.70 -15.26
CA LYS P 42 -38.83 44.51 -14.43
C LYS P 42 -39.07 45.68 -13.46
N ILE P 43 -37.99 46.38 -13.12
CA ILE P 43 -38.08 47.52 -12.23
C ILE P 43 -38.22 48.82 -13.02
N PHE P 44 -37.82 48.80 -14.28
CA PHE P 44 -37.95 49.96 -15.17
C PHE P 44 -39.35 50.02 -15.78
N SER P 45 -39.94 48.84 -15.98
CA SER P 45 -41.34 48.73 -16.41
C SER P 45 -42.29 49.01 -15.24
N ALA P 46 -42.03 48.39 -14.08
CA ALA P 46 -42.85 48.57 -12.88
C ALA P 46 -42.87 49.99 -12.32
N ALA P 47 -41.87 50.80 -12.66
CA ALA P 47 -41.82 52.20 -12.21
C ALA P 47 -42.23 53.11 -13.35
N ASN P 48 -42.64 52.49 -14.46
CA ASN P 48 -43.04 53.19 -15.67
C ASN P 48 -42.06 54.29 -16.04
N VAL P 49 -40.95 53.88 -16.66
CA VAL P 49 -39.96 54.82 -17.16
C VAL P 49 -39.92 54.78 -18.68
N PRO P 50 -39.77 55.97 -19.31
CA PRO P 50 -39.79 56.25 -20.76
C PRO P 50 -38.64 55.62 -21.55
N ILE P 51 -38.48 54.30 -21.46
CA ILE P 51 -37.32 53.63 -22.03
C ILE P 51 -37.66 52.30 -22.67
N GLU P 52 -37.25 52.16 -23.93
CA GLU P 52 -37.32 50.89 -24.65
C GLU P 52 -35.89 50.38 -24.90
N TRP P 53 -35.65 49.12 -24.55
CA TRP P 53 -34.32 48.50 -24.68
C TRP P 53 -33.94 48.19 -26.13
N GLU P 54 -32.85 47.44 -26.31
CA GLU P 54 -32.34 47.12 -27.64
C GLU P 54 -31.08 46.27 -27.54
N SER P 55 -31.17 45.17 -26.80
CA SER P 55 -29.99 44.37 -26.46
C SER P 55 -28.95 44.25 -27.59
N CYS P 56 -27.70 44.61 -27.30
CA CYS P 56 -26.60 44.53 -28.26
C CYS P 56 -25.66 43.38 -27.94
N ASP P 57 -24.95 42.92 -28.95
CA ASP P 57 -23.86 41.98 -28.76
C ASP P 57 -22.56 42.67 -29.13
N VAL P 58 -21.60 42.55 -28.21
CA VAL P 58 -20.32 43.20 -28.38
C VAL P 58 -19.20 42.17 -28.48
N SER P 59 -19.55 40.89 -28.62
CA SER P 59 -18.55 39.84 -28.77
C SER P 59 -17.43 40.32 -29.70
N PRO P 60 -16.17 40.19 -29.23
CA PRO P 60 -14.98 40.72 -29.91
C PRO P 60 -14.76 40.13 -31.31
N ILE P 61 -15.09 40.88 -32.34
CA ILE P 61 -14.69 40.54 -33.70
C ILE P 61 -13.21 40.93 -33.89
N PHE P 62 -12.50 40.19 -34.74
CA PHE P 62 -11.10 40.52 -35.00
C PHE P 62 -10.91 41.00 -36.42
N VAL P 63 -10.29 42.16 -36.57
CA VAL P 63 -10.05 42.74 -37.87
C VAL P 63 -8.59 43.19 -37.98
N ASN P 64 -7.78 42.40 -38.68
CA ASN P 64 -6.34 42.62 -38.77
C ASN P 64 -5.61 42.21 -37.48
N GLY P 65 -6.22 41.29 -36.73
CA GLY P 65 -5.68 40.87 -35.44
C GLY P 65 -6.00 41.86 -34.32
N LEU P 66 -6.24 43.11 -34.72
CA LEU P 66 -6.68 44.19 -33.84
C LEU P 66 -8.15 43.98 -33.47
N THR P 67 -8.43 43.77 -32.19
CA THR P 67 -9.80 43.51 -31.75
C THR P 67 -10.73 44.67 -32.09
N THR P 68 -11.82 44.37 -32.79
CA THR P 68 -12.79 45.38 -33.20
C THR P 68 -14.18 45.03 -32.68
N ILE P 69 -15.01 46.06 -32.51
CA ILE P 69 -16.34 45.87 -31.97
C ILE P 69 -17.35 45.68 -33.11
N PRO P 70 -18.21 44.64 -33.02
CA PRO P 70 -19.23 44.32 -34.04
C PRO P 70 -20.02 45.55 -34.52
N ASP P 71 -20.26 45.65 -35.83
CA ASP P 71 -20.98 46.79 -36.40
C ASP P 71 -22.45 46.93 -35.96
N PRO P 72 -23.15 45.80 -35.71
CA PRO P 72 -24.52 45.83 -35.17
C PRO P 72 -24.61 46.68 -33.89
N ALA P 73 -23.74 46.37 -32.94
CA ALA P 73 -23.67 47.12 -31.68
C ALA P 73 -23.18 48.57 -31.85
N VAL P 74 -22.13 48.77 -32.68
CA VAL P 74 -21.60 50.12 -32.94
C VAL P 74 -22.72 51.07 -33.35
N GLN P 75 -23.45 50.70 -34.40
CA GLN P 75 -24.52 51.52 -34.95
C GLN P 75 -25.63 51.80 -33.93
N SER P 76 -26.00 50.76 -33.20
CA SER P 76 -27.03 50.84 -32.18
C SER P 76 -26.68 51.88 -31.11
N ILE P 77 -25.46 51.81 -30.61
CA ILE P 77 -24.99 52.66 -29.52
C ILE P 77 -24.65 54.09 -29.98
N THR P 78 -24.06 54.22 -31.18
CA THR P 78 -23.76 55.54 -31.74
C THR P 78 -25.06 56.33 -31.94
N LYS P 79 -26.13 55.59 -32.25
CA LYS P 79 -27.45 56.19 -32.47
C LYS P 79 -28.11 56.57 -31.13
N ASN P 80 -28.21 55.61 -30.22
CA ASN P 80 -28.92 55.82 -28.97
C ASN P 80 -28.22 56.79 -28.02
N LEU P 81 -26.89 56.85 -28.13
CA LEU P 81 -26.06 57.74 -27.32
C LEU P 81 -25.92 57.29 -25.85
N VAL P 82 -26.64 56.24 -25.48
CA VAL P 82 -26.56 55.67 -24.13
C VAL P 82 -26.60 54.12 -24.18
N ALA P 83 -25.87 53.48 -23.27
CA ALA P 83 -25.86 52.02 -23.13
C ALA P 83 -25.79 51.65 -21.65
N LEU P 84 -26.19 50.43 -21.31
CA LEU P 84 -26.14 49.95 -19.94
C LEU P 84 -25.72 48.50 -19.92
N LYS P 85 -24.43 48.24 -19.84
CA LYS P 85 -23.90 46.88 -19.92
C LYS P 85 -23.68 46.20 -18.56
N GLY P 86 -23.86 44.89 -18.56
CA GLY P 86 -23.54 44.09 -17.40
C GLY P 86 -22.19 43.46 -17.61
N PRO P 87 -21.85 42.49 -16.74
CA PRO P 87 -20.53 41.84 -16.74
C PRO P 87 -20.27 41.06 -18.02
N LEU P 88 -19.01 40.74 -18.27
CA LEU P 88 -18.64 39.85 -19.36
C LEU P 88 -17.24 39.22 -19.14
N ALA P 89 -17.12 37.93 -19.45
CA ALA P 89 -15.88 37.17 -19.18
C ALA P 89 -14.66 37.55 -20.05
N THR P 90 -13.51 36.94 -19.76
CA THR P 90 -12.23 37.39 -20.27
C THR P 90 -11.50 36.54 -21.31
N ARG P 97 -6.86 41.11 -27.00
CA ARG P 97 -6.67 42.52 -26.68
C ARG P 97 -7.54 42.71 -25.43
N SER P 98 -7.98 43.93 -25.11
CA SER P 98 -8.88 44.09 -23.97
C SER P 98 -10.29 44.51 -24.40
N LEU P 99 -11.28 43.74 -23.96
CA LEU P 99 -12.68 43.99 -24.35
C LEU P 99 -13.12 45.37 -23.92
N ASN P 100 -12.88 45.67 -22.65
CA ASN P 100 -13.21 46.98 -22.09
C ASN P 100 -12.37 48.11 -22.70
N LEU P 101 -11.14 47.81 -23.10
CA LEU P 101 -10.25 48.83 -23.67
C LEU P 101 -10.67 49.28 -25.08
N THR P 102 -11.11 48.34 -25.90
CA THR P 102 -11.59 48.70 -27.24
C THR P 102 -12.94 49.39 -27.15
N LEU P 103 -13.74 48.97 -26.18
CA LEU P 103 -15.02 49.61 -25.92
C LEU P 103 -14.82 51.13 -25.71
N ARG P 104 -13.83 51.50 -24.90
CA ARG P 104 -13.55 52.90 -24.60
C ARG P 104 -12.92 53.65 -25.77
N LYS P 105 -12.13 52.95 -26.57
CA LYS P 105 -11.53 53.62 -27.72
C LYS P 105 -12.54 53.96 -28.82
N THR P 106 -13.42 53.00 -29.15
CA THR P 106 -14.35 53.21 -30.27
C THR P 106 -15.38 54.31 -30.00
N PHE P 107 -15.86 54.40 -28.77
CA PHE P 107 -16.92 55.37 -28.44
C PHE P 107 -16.42 56.70 -27.86
N GLY P 108 -15.10 56.88 -27.80
CA GLY P 108 -14.49 58.10 -27.27
C GLY P 108 -14.79 58.39 -25.80
N LEU P 109 -14.85 57.33 -24.98
CA LEU P 109 -15.06 57.48 -23.55
C LEU P 109 -13.76 57.90 -22.87
N PHE P 110 -13.75 59.08 -22.26
CA PHE P 110 -12.50 59.59 -21.72
C PHE P 110 -12.52 59.68 -20.20
N ALA P 111 -13.69 59.59 -19.60
CA ALA P 111 -13.80 59.70 -18.15
C ALA P 111 -14.55 58.52 -17.53
N ASN P 112 -14.08 58.08 -16.37
CA ASN P 112 -14.72 57.02 -15.63
C ASN P 112 -15.14 57.58 -14.30
N VAL P 113 -16.43 57.48 -13.99
CA VAL P 113 -16.95 58.00 -12.73
C VAL P 113 -17.29 56.87 -11.79
N ARG P 114 -16.70 56.90 -10.60
CA ARG P 114 -16.76 55.77 -9.68
C ARG P 114 -17.16 56.23 -8.28
N PRO P 115 -18.45 56.20 -7.98
CA PRO P 115 -18.97 56.52 -6.65
C PRO P 115 -18.79 55.36 -5.69
N ALA P 116 -18.64 55.65 -4.41
CA ALA P 116 -18.59 54.60 -3.43
C ALA P 116 -19.29 55.09 -2.19
N LYS P 117 -20.54 54.67 -2.03
CA LYS P 117 -21.31 55.12 -0.87
C LYS P 117 -21.73 53.97 0.03
N SER P 118 -21.69 54.21 1.34
CA SER P 118 -22.24 53.30 2.35
C SER P 118 -23.74 53.10 2.14
N ILE P 119 -24.23 51.92 2.47
CA ILE P 119 -25.67 51.64 2.40
C ILE P 119 -26.27 51.89 3.79
N GLU P 120 -27.25 52.78 3.87
CA GLU P 120 -27.94 53.09 5.12
C GLU P 120 -28.68 51.87 5.66
N GLY P 121 -28.36 51.48 6.90
CA GLY P 121 -29.00 50.34 7.53
C GLY P 121 -28.29 49.00 7.34
N PHE P 122 -27.24 49.00 6.52
CA PHE P 122 -26.40 47.81 6.34
C PHE P 122 -25.03 47.99 7.00
N LYS P 123 -24.77 47.19 8.02
CA LYS P 123 -23.55 47.30 8.81
C LYS P 123 -22.32 46.78 8.04
N THR P 124 -21.48 47.71 7.58
CA THR P 124 -20.17 47.39 7.02
C THR P 124 -19.09 47.92 7.96
N THR P 125 -17.85 47.53 7.71
CA THR P 125 -16.78 47.86 8.64
C THR P 125 -16.46 49.37 8.70
N TYR P 126 -16.58 50.06 7.56
CA TYR P 126 -16.44 51.53 7.53
C TYR P 126 -17.80 52.18 7.43
N GLU P 127 -17.93 53.40 7.97
CA GLU P 127 -19.22 54.10 8.00
C GLU P 127 -19.21 55.53 7.48
N ASN P 128 -20.34 55.92 6.88
CA ASN P 128 -20.54 57.30 6.43
C ASN P 128 -19.61 57.69 5.32
N VAL P 129 -19.28 56.72 4.48
CA VAL P 129 -18.45 57.00 3.32
C VAL P 129 -19.32 57.39 2.13
N ASP P 130 -18.97 58.51 1.50
CA ASP P 130 -19.62 58.91 0.27
C ASP P 130 -18.59 59.56 -0.64
N LEU P 131 -17.90 58.73 -1.42
CA LEU P 131 -16.76 59.18 -2.19
C LEU P 131 -17.07 59.19 -3.66
N VAL P 132 -16.51 60.16 -4.37
CA VAL P 132 -16.66 60.23 -5.82
C VAL P 132 -15.30 60.43 -6.44
N LEU P 133 -14.94 59.54 -7.35
CA LEU P 133 -13.62 59.60 -8.02
C LEU P 133 -13.78 59.55 -9.53
N ILE P 134 -13.26 60.57 -10.21
CA ILE P 134 -13.26 60.59 -11.67
C ILE P 134 -11.84 60.33 -12.13
N ARG P 135 -11.64 59.35 -13.00
CA ARG P 135 -10.30 59.07 -13.48
C ARG P 135 -10.22 59.12 -14.99
N GLU P 136 -9.08 59.53 -15.51
CA GLU P 136 -8.85 59.54 -16.96
C GLU P 136 -8.80 58.09 -17.54
N ASN P 137 -9.25 57.89 -18.78
CA ASN P 137 -9.31 56.54 -19.35
C ASN P 137 -8.55 56.35 -20.65
N THR P 138 -8.27 57.47 -21.30
CA THR P 138 -7.59 57.49 -22.60
C THR P 138 -6.16 56.93 -22.55
N GLU P 139 -5.27 57.71 -21.95
CA GLU P 139 -3.84 57.47 -22.01
C GLU P 139 -3.36 56.76 -20.73
N GLY P 140 -2.13 57.08 -20.34
CA GLY P 140 -1.50 56.41 -19.21
C GLY P 140 -1.02 55.01 -19.57
N GLU P 141 -1.21 54.09 -18.63
CA GLU P 141 -0.78 52.71 -18.81
C GLU P 141 -1.69 51.94 -19.77
N TYR P 142 -2.81 52.55 -20.15
CA TYR P 142 -3.73 51.95 -21.10
C TYR P 142 -3.16 52.04 -22.52
N SER P 143 -2.64 53.22 -22.87
CA SER P 143 -1.95 53.40 -24.15
C SER P 143 -0.43 53.15 -24.03
N GLY P 144 -0.03 52.41 -22.99
CA GLY P 144 1.37 52.12 -22.73
C GLY P 144 2.04 51.05 -23.58
N ILE P 145 3.36 51.17 -23.72
CA ILE P 145 4.15 50.26 -24.53
C ILE P 145 5.26 49.67 -23.70
N GLU P 146 5.45 48.35 -23.81
CA GLU P 146 6.53 47.67 -23.08
C GLU P 146 7.49 47.01 -24.06
N HIS P 147 8.78 47.07 -23.77
CA HIS P 147 9.69 46.27 -24.56
C HIS P 147 10.97 45.93 -23.83
N ILE P 148 11.67 44.94 -24.39
CA ILE P 148 12.91 44.48 -23.84
C ILE P 148 14.07 45.24 -24.42
N VAL P 149 14.79 45.97 -23.57
CA VAL P 149 15.89 46.83 -24.04
C VAL P 149 17.18 46.04 -24.12
N CYS P 150 17.71 45.65 -22.96
CA CYS P 150 18.79 44.66 -22.92
C CYS P 150 18.21 43.37 -22.35
N PRO P 151 19.03 42.33 -22.27
CA PRO P 151 18.47 40.98 -22.08
C PRO P 151 17.61 40.77 -20.83
N GLY P 152 17.87 41.44 -19.71
CA GLY P 152 16.99 41.24 -18.57
C GLY P 152 16.25 42.50 -18.13
N VAL P 153 15.93 43.35 -19.09
CA VAL P 153 15.50 44.70 -18.77
C VAL P 153 14.25 45.13 -19.54
N VAL P 154 13.14 45.28 -18.83
CA VAL P 154 11.93 45.73 -19.47
C VAL P 154 11.75 47.21 -19.28
N GLN P 155 11.54 47.94 -20.37
CA GLN P 155 11.31 49.38 -20.30
C GLN P 155 9.85 49.71 -20.60
N SER P 156 9.23 50.55 -19.79
CA SER P 156 7.83 50.94 -20.01
C SER P 156 7.78 52.36 -20.55
N ILE P 157 6.85 52.61 -21.45
CA ILE P 157 6.64 53.93 -22.00
C ILE P 157 5.18 54.32 -21.78
N LYS P 158 4.97 55.45 -21.12
CA LYS P 158 3.63 55.91 -20.79
C LYS P 158 3.52 57.38 -21.14
N LEU P 159 2.32 57.75 -21.58
CA LEU P 159 2.08 59.07 -22.13
C LEU P 159 0.99 59.80 -21.37
N ILE P 160 1.19 61.08 -21.14
CA ILE P 160 0.11 61.93 -20.63
C ILE P 160 0.09 63.20 -21.46
N THR P 161 -1.10 63.66 -21.84
CA THR P 161 -1.25 64.91 -22.61
C THR P 161 -2.10 65.98 -21.92
N ARG P 162 -1.78 67.25 -22.22
CA ARG P 162 -2.59 68.38 -21.79
C ARG P 162 -4.03 68.22 -22.24
N ASP P 163 -4.23 67.87 -23.52
CA ASP P 163 -5.57 67.73 -24.07
C ASP P 163 -6.45 66.77 -23.28
N ALA P 164 -5.95 65.55 -23.05
CA ALA P 164 -6.76 64.53 -22.37
C ALA P 164 -7.02 64.92 -20.93
N SER P 165 -6.06 65.64 -20.35
CA SER P 165 -6.18 66.06 -18.95
C SER P 165 -7.21 67.20 -18.77
N GLU P 166 -7.16 68.16 -19.69
CA GLU P 166 -8.12 69.26 -19.71
C GLU P 166 -9.38 68.71 -20.33
N ARG P 167 -10.09 67.92 -19.58
CA ARG P 167 -11.21 67.21 -20.14
C ARG P 167 -11.78 66.30 -19.10
N VAL P 168 -10.94 65.50 -18.46
CA VAL P 168 -11.37 64.83 -17.24
C VAL P 168 -11.48 65.91 -16.21
N ILE P 169 -10.59 66.89 -16.31
CA ILE P 169 -10.58 67.91 -15.28
C ILE P 169 -11.78 68.84 -15.42
N ARG P 170 -12.05 69.31 -16.63
CA ARG P 170 -13.31 70.01 -16.92
C ARG P 170 -14.49 69.26 -16.40
N TYR P 171 -14.57 67.96 -16.75
CA TYR P 171 -15.71 67.13 -16.39
C TYR P 171 -15.84 67.00 -14.87
N ALA P 172 -14.70 66.94 -14.20
CA ALA P 172 -14.68 66.80 -12.75
C ALA P 172 -15.33 68.01 -12.08
N PHE P 173 -15.02 69.19 -12.62
CA PHE P 173 -15.61 70.45 -12.16
C PHE P 173 -17.12 70.50 -12.42
N GLU P 174 -17.51 70.31 -13.69
CA GLU P 174 -18.91 70.32 -14.05
C GLU P 174 -19.74 69.27 -13.34
N TYR P 175 -19.10 68.17 -12.95
CA TYR P 175 -19.77 67.11 -12.23
C TYR P 175 -19.89 67.50 -10.74
N ALA P 176 -18.93 68.25 -10.23
CA ALA P 176 -18.98 68.66 -8.81
C ALA P 176 -20.11 69.66 -8.61
N ARG P 177 -20.12 70.67 -9.47
CA ARG P 177 -21.21 71.60 -9.57
C ARG P 177 -22.55 70.85 -9.73
N ALA P 178 -22.63 69.91 -10.67
CA ALA P 178 -23.89 69.18 -10.95
C ALA P 178 -24.43 68.29 -9.81
N ILE P 179 -23.61 67.97 -8.82
CA ILE P 179 -24.10 67.17 -7.68
C ILE P 179 -23.95 67.95 -6.38
N GLY P 180 -23.63 69.23 -6.51
CA GLY P 180 -23.56 70.14 -5.36
C GLY P 180 -22.45 69.84 -4.37
N ARG P 181 -21.22 69.80 -4.86
CA ARG P 181 -20.07 69.66 -3.98
C ARG P 181 -19.14 70.83 -4.21
N PRO P 182 -18.65 71.43 -3.11
CA PRO P 182 -17.77 72.61 -3.09
C PRO P 182 -16.37 72.35 -3.68
N ARG P 183 -15.69 71.29 -3.25
CA ARG P 183 -14.28 71.05 -3.61
C ARG P 183 -14.07 70.01 -4.70
N VAL P 184 -13.17 70.29 -5.62
CA VAL P 184 -12.59 69.21 -6.42
C VAL P 184 -11.11 69.07 -6.03
N ILE P 185 -10.74 67.84 -5.65
CA ILE P 185 -9.38 67.55 -5.25
C ILE P 185 -8.65 66.79 -6.35
N VAL P 186 -7.57 67.40 -6.86
CA VAL P 186 -6.67 66.73 -7.80
C VAL P 186 -5.64 65.94 -7.00
N VAL P 187 -5.64 64.62 -7.21
CA VAL P 187 -4.69 63.72 -6.56
C VAL P 187 -3.56 63.37 -7.52
N HIS P 188 -2.33 63.52 -7.04
CA HIS P 188 -1.15 63.35 -7.88
C HIS P 188 0.00 62.83 -7.01
N LYS P 189 1.14 62.51 -7.64
CA LYS P 189 2.36 62.12 -6.93
C LYS P 189 3.43 63.23 -6.98
N SER P 190 4.43 63.17 -6.08
CA SER P 190 5.40 64.26 -5.89
C SER P 190 5.55 65.16 -7.11
N THR P 191 4.90 66.32 -7.09
CA THR P 191 4.84 67.28 -8.21
C THR P 191 6.19 67.75 -8.82
N ILE P 192 7.24 67.83 -8.00
CA ILE P 192 8.54 68.35 -8.46
C ILE P 192 9.48 67.26 -9.04
N GLN P 193 9.28 66.01 -8.63
CA GLN P 193 10.10 64.89 -9.10
C GLN P 193 9.44 64.11 -10.25
N ARG P 194 8.22 64.50 -10.59
CA ARG P 194 7.55 64.05 -11.83
C ARG P 194 6.80 65.22 -12.49
N LEU P 195 7.36 65.72 -13.58
CA LEU P 195 6.72 66.79 -14.32
C LEU P 195 5.52 66.30 -15.15
N ALA P 196 5.16 65.01 -15.01
CA ALA P 196 3.93 64.49 -15.60
C ALA P 196 2.75 64.87 -14.72
N ASP P 197 2.97 64.86 -13.41
CA ASP P 197 1.93 65.28 -12.47
C ASP P 197 1.92 66.80 -12.39
N GLY P 198 3.07 67.42 -12.66
CA GLY P 198 3.11 68.86 -12.75
C GLY P 198 2.28 69.38 -13.91
N LEU P 199 2.16 68.61 -14.99
CA LEU P 199 1.34 69.02 -16.13
C LEU P 199 -0.16 68.90 -15.82
N PHE P 200 -0.51 67.81 -15.14
CA PHE P 200 -1.88 67.57 -14.70
C PHE P 200 -2.35 68.62 -13.68
N VAL P 201 -1.48 68.95 -12.72
CA VAL P 201 -1.82 69.97 -11.74
C VAL P 201 -1.96 71.37 -12.37
N ASN P 202 -1.03 71.74 -13.25
CA ASN P 202 -1.09 73.01 -13.96
C ASN P 202 -2.34 73.20 -14.79
N VAL P 203 -2.78 72.13 -15.46
CA VAL P 203 -4.01 72.18 -16.23
C VAL P 203 -5.20 72.45 -15.32
N ALA P 204 -5.16 71.89 -14.12
CA ALA P 204 -6.27 72.00 -13.18
C ALA P 204 -6.38 73.41 -12.63
N LYS P 205 -5.25 74.07 -12.44
CA LYS P 205 -5.20 75.43 -11.93
C LYS P 205 -5.68 76.43 -12.99
N GLU P 206 -5.48 76.09 -14.25
CA GLU P 206 -5.89 76.89 -15.38
C GLU P 206 -7.41 76.93 -15.48
N LEU P 207 -8.03 75.79 -15.18
CA LEU P 207 -9.47 75.67 -15.30
C LEU P 207 -10.11 76.15 -14.03
N SER P 208 -9.30 76.32 -13.00
CA SER P 208 -9.81 76.73 -11.68
C SER P 208 -10.60 78.03 -11.78
N LYS P 209 -10.12 78.92 -12.65
CA LYS P 209 -10.67 80.27 -12.78
C LYS P 209 -12.00 80.29 -13.54
N GLU P 210 -12.23 79.33 -14.43
CA GLU P 210 -13.52 79.24 -15.12
C GLU P 210 -14.64 78.65 -14.25
N TYR P 211 -14.29 78.26 -13.02
CA TYR P 211 -15.27 77.65 -12.11
C TYR P 211 -15.07 78.25 -10.71
N PRO P 212 -15.48 79.51 -10.54
CA PRO P 212 -15.27 80.29 -9.32
C PRO P 212 -16.09 79.75 -8.14
N ASP P 213 -17.22 79.10 -8.44
CA ASP P 213 -18.09 78.51 -7.41
C ASP P 213 -17.47 77.28 -6.76
N LEU P 214 -16.37 76.81 -7.35
CA LEU P 214 -15.71 75.58 -6.90
C LEU P 214 -14.32 75.86 -6.35
N THR P 215 -14.02 75.23 -5.23
CA THR P 215 -12.71 75.27 -4.60
C THR P 215 -11.80 74.14 -5.12
N LEU P 216 -10.64 74.50 -5.67
CA LEU P 216 -9.64 73.53 -6.10
C LEU P 216 -8.57 73.27 -5.04
N GLU P 217 -8.50 72.04 -4.52
CA GLU P 217 -7.39 71.61 -3.66
C GLU P 217 -6.55 70.58 -4.40
N THR P 218 -5.25 70.57 -4.13
CA THR P 218 -4.40 69.48 -4.62
C THR P 218 -3.86 68.67 -3.46
N GLU P 219 -3.67 67.37 -3.67
CA GLU P 219 -3.23 66.50 -2.57
C GLU P 219 -2.31 65.39 -3.09
N LEU P 220 -1.25 65.12 -2.34
CA LEU P 220 -0.38 63.97 -2.62
C LEU P 220 -1.18 62.68 -2.41
N ILE P 221 -1.11 61.79 -3.39
CA ILE P 221 -1.81 60.53 -3.29
C ILE P 221 -1.49 59.80 -1.98
N ASP P 222 -0.26 59.93 -1.49
CA ASP P 222 0.12 59.44 -0.16
C ASP P 222 -0.86 59.94 0.91
N ASN P 223 -0.99 61.26 1.05
CA ASN P 223 -1.82 61.86 2.09
C ASN P 223 -3.28 61.49 1.86
N SER P 224 -3.69 61.47 0.61
CA SER P 224 -5.06 61.15 0.32
C SER P 224 -5.43 59.80 0.90
N VAL P 225 -4.60 58.77 0.69
CA VAL P 225 -5.02 57.46 1.17
C VAL P 225 -4.96 57.38 2.68
N LEU P 226 -4.06 58.12 3.29
CA LEU P 226 -3.94 58.11 4.74
C LEU P 226 -5.21 58.72 5.35
N LYS P 227 -5.62 59.87 4.82
CA LYS P 227 -6.78 60.57 5.32
C LYS P 227 -8.05 59.74 5.09
N VAL P 228 -8.34 59.44 3.82
CA VAL P 228 -9.57 58.74 3.44
C VAL P 228 -9.78 57.45 4.23
N VAL P 229 -8.72 56.73 4.57
CA VAL P 229 -8.87 55.47 5.29
C VAL P 229 -9.07 55.69 6.79
N THR P 230 -8.42 56.71 7.34
CA THR P 230 -8.65 57.03 8.76
C THR P 230 -10.05 57.62 8.94
N ASN P 231 -10.53 58.38 7.95
CA ASN P 231 -11.83 59.04 8.06
C ASN P 231 -12.49 59.36 6.71
N PRO P 232 -13.24 58.40 6.16
CA PRO P 232 -13.81 58.54 4.80
C PRO P 232 -14.77 59.72 4.63
N SER P 233 -15.45 60.09 5.71
CA SER P 233 -16.45 61.16 5.67
C SER P 233 -15.85 62.51 5.26
N ALA P 234 -14.59 62.74 5.65
CA ALA P 234 -13.91 63.99 5.37
C ALA P 234 -13.85 64.33 3.87
N TYR P 235 -14.33 63.42 3.00
CA TYR P 235 -14.24 63.62 1.56
C TYR P 235 -15.60 63.59 0.88
N THR P 236 -16.67 63.56 1.67
CA THR P 236 -18.02 63.46 1.10
C THR P 236 -18.53 64.82 0.61
N ASP P 237 -17.71 65.86 0.77
CA ASP P 237 -18.00 67.18 0.20
C ASP P 237 -17.05 67.49 -0.95
N ALA P 238 -16.47 66.45 -1.54
CA ALA P 238 -15.47 66.65 -2.60
C ALA P 238 -15.56 65.63 -3.70
N VAL P 239 -14.99 65.99 -4.83
CA VAL P 239 -14.87 65.13 -5.98
C VAL P 239 -13.40 65.07 -6.37
N SER P 240 -12.83 63.86 -6.33
CA SER P 240 -11.42 63.68 -6.68
C SER P 240 -11.25 63.37 -8.16
N VAL P 241 -10.22 63.92 -8.77
CA VAL P 241 -9.75 63.50 -10.09
C VAL P 241 -8.29 63.11 -10.03
N CYS P 242 -7.92 62.12 -10.82
CA CYS P 242 -6.51 61.72 -10.90
C CYS P 242 -6.16 61.28 -12.30
N PRO P 243 -4.85 61.22 -12.59
CA PRO P 243 -4.41 60.73 -13.90
C PRO P 243 -4.68 59.22 -13.97
N ASN P 244 -4.68 58.66 -15.18
CA ASN P 244 -5.01 57.26 -15.38
C ASN P 244 -4.23 56.28 -14.47
N LEU P 245 -2.96 56.59 -14.22
CA LEU P 245 -2.02 55.79 -13.40
C LEU P 245 -2.54 55.25 -12.05
N TYR P 246 -3.12 56.12 -11.23
CA TYR P 246 -3.59 55.73 -9.90
C TYR P 246 -5.10 55.44 -9.85
N GLY P 247 -5.77 55.68 -10.98
CA GLY P 247 -7.21 55.51 -11.04
C GLY P 247 -7.67 54.14 -10.58
N ASP P 248 -7.14 53.09 -11.22
CA ASP P 248 -7.45 51.71 -10.86
C ASP P 248 -7.35 51.50 -9.34
N ILE P 249 -6.18 51.77 -8.79
CA ILE P 249 -5.92 51.55 -7.38
C ILE P 249 -6.84 52.31 -6.40
N LEU P 250 -7.00 53.62 -6.64
CA LEU P 250 -7.83 54.46 -5.78
C LEU P 250 -9.32 54.07 -5.83
N SER P 251 -9.87 53.87 -7.02
CA SER P 251 -11.29 53.50 -7.10
C SER P 251 -11.62 52.18 -6.39
N ASP P 252 -10.71 51.19 -6.48
CA ASP P 252 -10.88 49.91 -5.78
C ASP P 252 -10.69 50.06 -4.27
N LEU P 253 -9.89 51.04 -3.86
CA LEU P 253 -9.70 51.33 -2.44
C LEU P 253 -10.95 51.97 -1.85
N ASN P 254 -11.57 52.83 -2.63
CA ASN P 254 -12.82 53.45 -2.23
C ASN P 254 -13.95 52.42 -2.03
N SER P 255 -14.10 51.49 -2.98
CA SER P 255 -15.10 50.43 -2.89
C SER P 255 -14.81 49.49 -1.73
N GLY P 256 -13.54 49.38 -1.34
CA GLY P 256 -13.18 48.62 -0.16
C GLY P 256 -13.62 49.30 1.13
N LEU P 257 -13.63 50.63 1.11
CA LEU P 257 -14.12 51.42 2.26
C LEU P 257 -15.64 51.35 2.40
N SER P 258 -16.34 51.50 1.25
CA SER P 258 -17.80 51.52 1.24
C SER P 258 -18.46 50.16 1.49
N ALA P 259 -17.90 49.10 0.93
CA ALA P 259 -18.54 47.77 0.90
C ALA P 259 -17.64 46.60 1.35
N GLY P 260 -16.36 46.65 0.98
CA GLY P 260 -15.45 45.55 1.21
C GLY P 260 -15.33 44.68 -0.04
N SER P 261 -15.83 45.19 -1.17
CA SER P 261 -15.71 44.52 -2.47
C SER P 261 -16.33 45.35 -3.59
N LEU P 262 -16.24 44.86 -4.83
CA LEU P 262 -16.78 45.55 -6.00
C LEU P 262 -18.25 45.22 -6.24
N GLY P 263 -18.81 44.43 -5.33
CA GLY P 263 -20.18 43.94 -5.44
C GLY P 263 -21.30 44.95 -5.55
N LEU P 264 -21.20 46.08 -4.85
CA LEU P 264 -22.27 47.07 -4.85
C LEU P 264 -21.87 48.36 -5.58
N THR P 265 -20.93 48.24 -6.50
CA THR P 265 -20.32 49.44 -7.11
C THR P 265 -20.74 49.69 -8.57
N PRO P 266 -21.33 50.88 -8.80
CA PRO P 266 -21.71 51.46 -10.09
C PRO P 266 -20.55 52.18 -10.72
N SER P 267 -20.55 52.30 -12.04
CA SER P 267 -19.53 53.08 -12.71
C SER P 267 -20.08 53.67 -13.99
N ALA P 268 -19.52 54.80 -14.39
CA ALA P 268 -20.01 55.49 -15.57
C ALA P 268 -18.83 55.79 -16.46
N ASN P 269 -19.00 55.54 -17.75
CA ASN P 269 -17.93 55.82 -18.70
C ASN P 269 -18.38 56.87 -19.70
N ILE P 270 -18.00 58.12 -19.43
CA ILE P 270 -18.52 59.26 -20.19
C ILE P 270 -17.66 59.65 -21.40
N GLY P 271 -18.32 59.73 -22.55
CA GLY P 271 -17.66 60.17 -23.78
C GLY P 271 -18.28 61.47 -24.26
N HIS P 272 -17.72 62.05 -25.31
CA HIS P 272 -18.19 63.35 -25.79
C HIS P 272 -19.67 63.34 -26.13
N LYS P 273 -20.12 62.22 -26.68
CA LYS P 273 -21.54 62.04 -26.97
C LYS P 273 -22.09 60.76 -26.30
N ILE P 274 -21.44 59.61 -26.56
CA ILE P 274 -21.91 58.34 -25.99
C ILE P 274 -21.51 58.23 -24.52
N SER P 275 -22.25 57.42 -23.77
CA SER P 275 -21.95 57.18 -22.36
C SER P 275 -22.46 55.83 -21.88
N ILE P 276 -21.55 54.96 -21.44
CA ILE P 276 -21.89 53.59 -21.05
C ILE P 276 -21.88 53.43 -19.53
N PHE P 277 -22.84 52.69 -19.01
CA PHE P 277 -22.96 52.55 -17.56
C PHE P 277 -22.92 51.06 -17.24
N GLU P 278 -22.19 50.69 -16.19
CA GLU P 278 -21.93 49.29 -15.91
C GLU P 278 -21.57 49.07 -14.47
N ALA P 279 -21.88 47.87 -13.98
CA ALA P 279 -21.36 47.43 -12.71
C ALA P 279 -19.91 47.00 -12.97
N VAL P 280 -19.10 46.95 -11.93
CA VAL P 280 -17.68 46.61 -12.11
C VAL P 280 -17.28 45.23 -11.57
N HIS P 281 -18.24 44.50 -11.01
CA HIS P 281 -17.99 43.13 -10.59
C HIS P 281 -17.88 42.19 -11.81
N GLY P 282 -17.51 40.93 -11.55
CA GLY P 282 -17.27 39.97 -12.62
C GLY P 282 -18.48 39.25 -13.17
N SER P 283 -18.24 38.28 -14.07
CA SER P 283 -19.32 37.46 -14.61
C SER P 283 -19.84 36.54 -13.53
N ALA P 284 -18.93 36.04 -12.70
CA ALA P 284 -19.20 35.03 -11.66
C ALA P 284 -20.04 33.84 -12.16
N PRO P 285 -19.48 33.04 -13.08
CA PRO P 285 -20.22 31.99 -13.83
C PRO P 285 -20.72 30.84 -12.94
N ASP P 286 -19.96 30.57 -11.88
CA ASP P 286 -20.26 29.50 -10.94
C ASP P 286 -21.46 29.79 -10.03
N ILE P 287 -22.07 30.96 -10.19
CA ILE P 287 -23.31 31.31 -9.48
C ILE P 287 -24.43 31.69 -10.47
N ALA P 288 -24.18 31.44 -11.76
CA ALA P 288 -25.14 31.71 -12.83
C ALA P 288 -26.27 30.68 -12.88
N GLY P 289 -27.48 31.14 -13.22
CA GLY P 289 -28.65 30.30 -13.26
C GLY P 289 -29.28 30.05 -11.91
N GLN P 290 -28.43 29.92 -10.88
CA GLN P 290 -28.87 29.56 -9.51
C GLN P 290 -29.67 30.68 -8.82
N ASP P 291 -29.89 31.78 -9.53
CA ASP P 291 -30.72 32.89 -9.04
C ASP P 291 -30.16 33.52 -7.75
N LYS P 292 -28.84 33.53 -7.62
CA LYS P 292 -28.21 34.09 -6.42
C LYS P 292 -27.55 35.45 -6.67
N ALA P 293 -27.58 35.92 -7.92
CA ALA P 293 -26.96 37.18 -8.31
C ALA P 293 -27.48 38.40 -7.53
N ASN P 294 -26.68 39.46 -7.46
CA ASN P 294 -27.11 40.70 -6.82
C ASN P 294 -27.11 41.89 -7.77
N PRO P 295 -28.32 42.33 -8.19
CA PRO P 295 -28.52 43.34 -9.23
C PRO P 295 -28.26 44.77 -8.76
N THR P 296 -27.92 44.94 -7.48
CA THR P 296 -27.80 46.27 -6.89
C THR P 296 -26.83 47.15 -7.65
N ALA P 297 -25.70 46.54 -8.03
CA ALA P 297 -24.65 47.22 -8.76
C ALA P 297 -25.20 47.70 -10.10
N LEU P 298 -25.75 46.79 -10.89
CA LEU P 298 -26.28 47.20 -12.18
C LEU P 298 -27.43 48.19 -12.01
N LEU P 299 -28.28 47.96 -11.01
CA LEU P 299 -29.37 48.88 -10.66
C LEU P 299 -28.91 50.34 -10.44
N LEU P 300 -27.85 50.49 -9.65
CA LEU P 300 -27.34 51.82 -9.30
C LEU P 300 -26.66 52.49 -10.49
N SER P 301 -26.16 51.70 -11.44
CA SER P 301 -25.64 52.24 -12.70
C SER P 301 -26.80 52.78 -13.53
N SER P 302 -27.97 52.18 -13.34
CA SER P 302 -29.20 52.63 -14.00
C SER P 302 -29.53 54.04 -13.52
N VAL P 303 -29.50 54.21 -12.19
CA VAL P 303 -29.74 55.51 -11.58
C VAL P 303 -28.83 56.58 -12.17
N MET P 304 -27.54 56.23 -12.29
CA MET P 304 -26.56 57.15 -12.90
C MET P 304 -26.93 57.43 -14.34
N MET P 305 -27.44 56.40 -15.03
CA MET P 305 -27.85 56.53 -16.41
C MET P 305 -29.06 57.45 -16.54
N LEU P 306 -30.10 57.17 -15.75
CA LEU P 306 -31.26 58.05 -15.67
C LEU P 306 -30.82 59.51 -15.47
N ASN P 307 -30.15 59.77 -14.34
CA ASN P 307 -29.64 61.11 -14.04
C ASN P 307 -28.85 61.76 -15.19
N HIS P 308 -28.20 60.95 -16.01
CA HIS P 308 -27.43 61.48 -17.14
C HIS P 308 -28.38 61.84 -18.29
N MET P 309 -29.55 61.22 -18.30
CA MET P 309 -30.56 61.44 -19.33
C MET P 309 -31.56 62.54 -18.97
N GLY P 310 -31.66 62.87 -17.68
CA GLY P 310 -32.53 63.94 -17.22
C GLY P 310 -33.75 63.45 -16.46
N LEU P 311 -33.99 62.14 -16.49
CA LEU P 311 -35.13 61.53 -15.80
C LEU P 311 -34.91 61.49 -14.29
N THR P 312 -34.66 62.66 -13.71
CA THR P 312 -34.32 62.80 -12.28
C THR P 312 -35.37 62.22 -11.34
N ASN P 313 -36.64 62.39 -11.71
CA ASN P 313 -37.75 61.89 -10.91
C ASN P 313 -37.73 60.37 -10.80
N HIS P 314 -37.52 59.72 -11.94
CA HIS P 314 -37.42 58.26 -12.02
C HIS P 314 -36.14 57.75 -11.35
N ALA P 315 -35.06 58.52 -11.49
CA ALA P 315 -33.78 58.18 -10.86
C ALA P 315 -33.95 58.05 -9.35
N ASP P 316 -34.44 59.10 -8.71
CA ASP P 316 -34.66 59.11 -7.26
C ASP P 316 -35.70 58.08 -6.84
N GLN P 317 -36.76 57.95 -7.64
CA GLN P 317 -37.76 56.92 -7.37
C GLN P 317 -37.09 55.56 -7.26
N ILE P 318 -36.37 55.15 -8.31
CA ILE P 318 -35.76 53.83 -8.38
C ILE P 318 -34.51 53.65 -7.51
N GLN P 319 -34.07 54.74 -6.87
CA GLN P 319 -32.88 54.69 -6.02
C GLN P 319 -33.24 55.00 -4.58
N ASN P 320 -33.92 56.14 -4.40
CA ASN P 320 -34.23 56.73 -3.09
C ASN P 320 -34.93 55.75 -2.17
N ALA P 321 -36.13 55.35 -2.53
CA ALA P 321 -36.78 54.25 -1.84
C ALA P 321 -36.06 52.99 -2.30
N VAL P 322 -36.78 52.11 -2.97
CA VAL P 322 -36.20 50.94 -3.67
C VAL P 322 -35.05 50.23 -2.96
N LEU P 323 -34.16 49.65 -3.77
CA LEU P 323 -33.03 48.85 -3.32
C LEU P 323 -32.21 49.42 -2.17
N SER P 324 -32.05 50.75 -2.13
CA SER P 324 -31.35 51.39 -1.00
C SER P 324 -32.03 51.07 0.34
N THR P 325 -33.34 51.26 0.40
CA THR P 325 -34.14 50.96 1.59
C THR P 325 -34.47 49.45 1.76
N ILE P 326 -34.63 48.72 0.64
CA ILE P 326 -34.89 47.28 0.72
C ILE P 326 -33.65 46.49 1.18
N ALA P 327 -32.47 47.09 1.04
CA ALA P 327 -31.25 46.48 1.54
C ALA P 327 -31.22 46.56 3.07
N SER P 328 -32.33 47.04 3.65
CA SER P 328 -32.55 47.01 5.10
C SER P 328 -33.58 45.95 5.53
N GLY P 329 -33.11 44.95 6.30
CA GLY P 329 -33.85 43.75 6.65
C GLY P 329 -33.23 42.50 6.01
N PRO P 330 -32.56 41.65 6.81
CA PRO P 330 -31.74 40.47 6.42
C PRO P 330 -32.42 39.40 5.54
N GLU P 331 -33.74 39.30 5.60
CA GLU P 331 -34.50 38.37 4.74
C GLU P 331 -34.52 38.83 3.28
N ASN P 332 -34.00 40.04 3.05
CA ASN P 332 -33.69 40.53 1.71
C ASN P 332 -32.20 40.36 1.47
N ARG P 333 -31.53 41.41 1.00
CA ARG P 333 -30.10 41.32 0.69
C ARG P 333 -29.87 40.20 -0.34
N THR P 334 -28.73 39.51 -0.23
CA THR P 334 -28.44 38.33 -1.04
C THR P 334 -27.31 37.54 -0.35
N GLY P 335 -26.92 36.40 -0.92
CA GLY P 335 -25.89 35.56 -0.32
C GLY P 335 -24.59 36.28 -0.01
N ASP P 336 -24.25 37.24 -0.86
CA ASP P 336 -23.03 38.05 -0.71
C ASP P 336 -23.03 38.97 0.53
N LEU P 337 -24.19 39.58 0.81
CA LEU P 337 -24.34 40.50 1.94
C LEU P 337 -24.87 39.79 3.20
N ALA P 338 -24.50 38.53 3.38
CA ALA P 338 -25.04 37.68 4.45
C ALA P 338 -26.55 37.84 4.57
N GLY P 339 -27.22 37.68 3.42
CA GLY P 339 -28.66 37.74 3.34
C GLY P 339 -29.23 36.38 2.97
N THR P 340 -30.54 36.34 2.74
CA THR P 340 -31.23 35.09 2.47
C THR P 340 -32.05 35.15 1.17
N ALA P 341 -32.34 36.36 0.71
CA ALA P 341 -33.18 36.55 -0.47
C ALA P 341 -32.57 35.97 -1.75
N THR P 342 -33.39 35.96 -2.79
CA THR P 342 -32.97 35.46 -4.10
C THR P 342 -33.04 36.65 -5.05
N THR P 343 -32.45 36.53 -6.23
CA THR P 343 -32.48 37.65 -7.18
C THR P 343 -33.91 37.97 -7.63
N SER P 344 -34.78 36.96 -7.68
CA SER P 344 -36.19 37.19 -7.96
C SER P 344 -36.92 37.86 -6.80
N SER P 345 -36.78 37.30 -5.60
CA SER P 345 -37.44 37.84 -4.40
C SER P 345 -36.98 39.25 -4.05
N PHE P 346 -35.75 39.56 -4.45
CA PHE P 346 -35.16 40.91 -4.30
C PHE P 346 -35.84 41.92 -5.25
N THR P 347 -35.95 41.57 -6.54
CA THR P 347 -36.49 42.48 -7.55
C THR P 347 -37.86 43.05 -7.19
N GLU P 348 -38.76 42.18 -6.73
CA GLU P 348 -40.11 42.60 -6.38
C GLU P 348 -40.19 43.20 -4.98
N ALA P 349 -39.28 42.77 -4.09
CA ALA P 349 -39.15 43.39 -2.77
C ALA P 349 -38.80 44.86 -2.96
N VAL P 350 -38.12 45.15 -4.07
CA VAL P 350 -37.82 46.52 -4.47
C VAL P 350 -39.03 47.17 -5.12
N ILE P 351 -39.71 46.44 -6.00
CA ILE P 351 -40.93 46.95 -6.64
C ILE P 351 -42.01 47.29 -5.57
N LYS P 352 -41.94 46.62 -4.42
CA LYS P 352 -42.83 46.90 -3.29
C LYS P 352 -42.78 48.37 -2.86
N ARG P 353 -41.62 48.82 -2.39
CA ARG P 353 -41.42 50.22 -1.97
C ARG P 353 -41.05 51.17 -3.12
N LEU P 354 -41.40 50.78 -4.36
CA LEU P 354 -41.10 51.55 -5.58
C LEU P 354 -41.81 52.91 -5.66
#